data_7NSH
#
_entry.id   7NSH
#
_cell.length_a   1.00
_cell.length_b   1.00
_cell.length_c   1.00
_cell.angle_alpha   90.00
_cell.angle_beta   90.00
_cell.angle_gamma   90.00
#
_symmetry.space_group_name_H-M   'P 1'
#
loop_
_entity.id
_entity.type
_entity.pdbx_description
1 polymer 'Mitochondrial ribosomal protein L27'
2 polymer uL24m
3 polymer 'Mitochondrial ribosomal protein L37'
4 polymer 'Mitochondrial ribosomal protein L35'
5 polymer 'Mitochondrial ribosomal protein L38'
6 polymer 'Mitochondrial ribosomal protein L39'
7 polymer 'Mitochondrial ribosomal protein L40'
8 polymer 'Mitochondrial ribosomal protein L41'
9 polymer mL42
10 polymer 'Mitochondrial ribosomal protein L43'
11 polymer mL44
12 polymer 'Mitochondrial ribosomal protein L45'
13 polymer 'Mitochondrial ribosomal protein L46'
14 polymer '39S ribosomal protein L48, mitochondrial'
15 polymer Mrpl34
16 polymer 'Mitochondrial ribosomal protein L50'
17 polymer 'Mitochondrial ribosomal protein L51'
18 polymer mL52
19 polymer mL53
20 polymer mL54
21 polymer 'Mitochondrial ribosomal protein L57'
22 polymer 'mL62 (ICT1)'
23 polymer mL64
24 polymer '39S ribosomal protein S30, mitochondrial'
25 polymer 'Mitochondrial ribosomal protein S18A'
26 polymer 'Mitochondrial ribosomal protein L12'
27 polymer 'Mitochondrial ribosomal protein L28'
28 polymer 'Ribosomal protein'
29 polymer '16S rRNA'
30 polymer 'Mitochondrial ribosomal protein L47'
31 polymer uL30m
32 polymer bL31m
33 polymer bL32m
34 polymer bL33m
35 polymer 'Mitochondrial ribosomal protein L34'
36 polymer 'CP tRNAPhe'
37 polymer 'Ribosome-releasing factor 2, mitochondrial'
38 polymer uL2m
39 polymer 'Ribosome-recycling factor, mitochondrial'
40 polymer uL16m
41 polymer ICT1
42 polymer 'Mitochondrial ribosomal protein L4'
43 polymer 'Mitochondrial ribosomal protein L9'
44 polymer 'Mitochondrial ribosomal protein L10'
45 polymer 'Mitochondrial ribosomal protein L11'
46 polymer uL13m
47 polymer uL14m
48 polymer uL15m
49 polymer bL17m
50 polymer 'Mitochondrial ribosomal protein L18'
51 polymer 'Mitochondrial ribosomal protein L19'
52 polymer 'Mitochondrial ribosomal protein L20'
53 polymer 'Mitochondrial ribosomal protein L21'
54 polymer uL22m
55 polymer uL23m
56 non-polymer 'MAGNESIUM ION'
57 non-polymer 'ZINC ION'
58 non-polymer "GUANOSINE-5'-MONOPHOSPHATE"
59 non-polymer SPERMINE
60 non-polymer 'PHOSPHOAMINOPHOSPHONIC ACID-GUANYLATE ESTER'
61 water water
#
loop_
_entity_poly.entity_id
_entity_poly.type
_entity_poly.pdbx_seq_one_letter_code
_entity_poly.pdbx_strand_id
1 'polypeptide(L)'
;MALAVLALRTRAAVTALLSPPQAAALAVRYASKKTGGSSKNLGGKSPGKRFGIKKMEGHYVHAGNILATQRHFRWHPGAH
VGLGKNKCLYALEEGVVRYTKEVYVPNPSNSEAVDLVTRLPQGAVLYKTFVHVVPAKPEGTFKLVAML
;
B0
2 'polypeptide(L)'
;MRLSALLALASKVTLPPNYRYGMSRPGSLSDKRKNPPGTRRRRVPVEPISDEDWHLFCGDKVEILEGKDAGKQGKVVQVI
RQRNWVVVEGLNTHYRYVGKTVDYRGTMIPSEAPLLHNQVKLVDPTDRKPTDVEWRFTEAGERVRVSTRSGRIIPKPEFP
RADGIVPETWIDGPKDTSVEDALEKTYVPRLKTLEEEVMEAMGIQETRRHKKVYWY
;
BY
3 'polypeptide(L)'
;MALASGPARRALARLGRLGLGGCGAPRRGAYEWGVRSTRKPEPPPLDRVYEIPGLEPITYAGKMHFMPGLARPVFPPWDP
GWTHPKFRRLPPLHEHPLYKDQACYVFHQRCRLLEGVKQALWLTKTQLIEGLPEKVLRLADDPRNHIENQDERVLNAISH
ARLWHSTEDIPKRETYCPVIVDSLIQLCKSQILKHPSLARRICAQNNTLSATWNRESILLQVHGSSGARLNAKDPLPPVA
SQEEVEATKNHVLETFYPISPTMGLQECNVYDVNDDTGFQEGYPYPCPHTLYFLESANLRPRRFQPDQLRAKMILFAFGS
ALAQARLLYGNDSKVLEQPVVVQSVGTDGRLFQFLVLQLNTTDLASDEGVKNLAWVDSDQLLYQHFWCLPVIKKKVVVEP
VGPIGFQPETFRKFLALYLHGAV
;
Ba
4 'polypeptide(L)'
;MAASAFAGAVRAATGILRPLHILASSAYQNCAKNACLSSVLSSRHFSHIQTSALLSAPRLITSVRNLMCGPTAPVLNRVA
PLLPHVLKPPVRTVTYFSSRKGKRKTVKAVIYRFLRLHSGLWLRRKAGYKKKLWKKTAARKRRLREFVFCNKTQSKLLDK
MTTSFWKRRNWYADDPYQKYQDRTNLKV
;
B8
5 'polypeptide(L)'
;MAAPWWRAALCASRRWRGFSTSAALSRRAAPLGPMPNEDIDVSDLERLKKYRSFDRYRRRAEQEARKPHWWRTYREHFGE
ESGPKDRVDIGLPPPKVSRTQQLLERKQALRELRANVEEERAARLQTARIPLEAVRAEWERTCGPYHKQRLAEYCGLYRD
LFHGATFVPRVPLHVAYAVGEDDLMPVYHGNEVTPTEAAQAPEVTYEADEGSLWTLLLTNLDGHLLEPDAEYVHWLVTNI
PGNRVTEGQETCPYLPPFPARGSGFHRFAFLLFKQDKRIDFSGDTRPSPCYQLAQRTFHTFDFYKKHQDAMTPAGLAFFQ
CRWDDSVTRVFHQLLDMREPVFEFVRPPPYHPKQKRFPHRQPLRYLDRYRDSHEPTYGIY
;
Bb
6 'polypeptide(L)'
;MAMGAWGLRLWRAVPRGEAGWRLIATSPASQLSPTELIEMQNDLFNKEKNRQLSLTPRTEKIEVKHVGKTDPGTVFVMNK
NISTPYSCAMHLSEWYCRKSILALVDGQPWDMYKPLTKSCEIKFLTFKDDDPGEVNKAYWRSCAMMMGCVIERAFKDEYV
VSLVRAPEVPVIAGAFCYDVVLDKRLDEWMPTKENLHSFTKDARALIYKDLPFETLEVEAKVALEIFQHNKYKLDFIEEK
ASQNPERIVKLHRFGDFIDVSEGPLIPRTSICFQYEVSAVHNLQTQSSLVRRFQGLSLPVHLRAHFTIWNKLLERSRKMV
TEDKTKPTEESAST
;
Bc
7 'polypeptide(L)'
;MAAAALGAASRTLRPASRLVGAWPTQTRDAHERGSLFSFWGLVPMRAEPLRKKKKVDPKKDQAAKDRLKKRIRRLEKASQ
ELIPIEDFITPVKFLNKERQRPPVELPFEESERRALLLKRWSLYKQREHEMERSAIRSLLEAQEEALQELRLSSPELHAE
ATKRDPSLFPFERQGPDYTPPISDYQPPEGRYQDITKVYTQVEFKK
;
Bd
8 'polypeptide(L)'
;MGLLSGAARALVRGADRMSKWTSKRGPRTFCKGRGAKGTGFHGRDGKFVQIKEMIPELVVPELAGFKLKPYVNYRAPEGT
DTPLTAKQLFLETAAPAIEKDFKAGTFDPEHLEKYGFEPTQEGKLFQLYPKNFPR
;
Be
9 'polypeptide(L)'
;MALAAVKWVISSRTILKHLFPIQNSASYCVCHKSTYSSLPDDYNCKVELALTSDGRTIVCYHPSVDIPYEHTKPIPRPDP
VHNIEETHDLVLKTRLEEKGEHLEQGPMIEQLSKMFFTTKHRWYPRGQYHRRRRKPNPPKDR
;
Bf
10 'polypeptide(L)'
;MTARGTASRFLTSVLHNGLGRYVQQLQRLSFSLSRDAPSSRGAREFVEREVTDFARRNPGVVIYVNPRPCCVPRVVAEYL
NGAVREESIHCKSVEEIAALVQKLADQSGLDVIRIRKPFHTDSPSIQGQWHPFTNKPTTLGGLRPREVQDPAPAQVQAQ
;
Bg
11 'polypeptide(L)'
;MASGLVRLLQWGPRRLLAPAAPTLAPPVRGAKKGFRAAYRFQKELERWRLLRCPPPPVRRSEKPNWDYHAEIQAFGHRLQ
ETFSLDLLKTAFVNSCYIKSEEAKRQKLGIDKEAALLNLKDNQELSEQGISFSQTCLTQFFEDAFPDLPTEGVTSLVDFL
TSEEVVCHVARNLAVEQLALSAEFPVPPPVLRQTFFAVIGALLQSSGPERTALFIRDFLITQMTGKELFEMWTITNPMGL
LVEELKKRKISAPESRLTRQSGSTTALPVYFVGLYCDRKLIAEGPGETVLVAEEEAARVALRKLFGFTENRRPWDYSKPK
EHVRAEKTITAS
;
Bh
12 'polypeptide(L)'
;MAAPVTRGLSCLPRVLGWWSRQPVLVTQSTAVVPVRTKKRFTPPTYQPKYKSEKEFVEHARKAGLVIPHERLERPIHLAC
TAGIFDAYVPPEGDARISSLSKEGLAQRAERLKKNVASQLSIRKIRESDPNFKIKDFPEKAKDIFIEAHLCLNNSDHDRL
HTLVTENCFPDMVWDIRYKTVRWSFVESLEPPQVVQVRCSSLMNQGNIYGQVTVRMHTRQTLAIYDRFGRLMYGQEDVPR
DVLEYVVFEKHLVDPYGSWRMHGKIIPPWAPPKQPILKTVMIPGPQLKPWEEFEEPQGEVHKPQPA
;
Bi
13 'polypeptide(L)'
;MAAPVRRTMLRVVRGWRRFEGPWAHSLGSRNLALAVAPSSSSSPWRLLGALCLQRPPLVTKPLTPLQEEMADLLQQIEIE
RSLYSDHELRALDEAQQLAKKKSDLYEEEDEQNILLAQDLEDMWEQKFLHFKLGARLTEADKKDDRTSLHRKLDRNLILL
VREKLGDQDIWMLPQSDWQPGETLRQTAERTLATLSENNMEAKFLGNAPCGHYKFKFPQAMRTETSLGAKVFFFKALLLT
GDFSQAGKKGHHVWVSKEELGDYLKPKYLAQVRRFLLDL
;
Bj
14 'polypeptide(L)'
;MSEAAGTKVLRELNASRSDIVTGPDQGRSVSIFRPPGIAAAWADLQLARLHTTRQQRMNGALGKALCLRNDTVLKQALSL
IRVRASGESPICSAGGILLSTSRHYRSKPTHGIGRYKHLVKAQEPKKKKGKVEVRPINLGTDYEYGVLNIHLIAYDMALA
ESYAQYVHNLCNHLAIKVEESYAMPTKTMEVLQLQEQGSKMFLDAVLTTHERVVQISGLSATFAEIFLEIIHSNLPEGVK
LSVREHTEEDFKGRFKARPELEELLAKLN
;
Bk
15 'polypeptide(L)'
;MAATVLCGVLRAWRTGVPLGCGLRRLSQTQGTPEYPSFVESVDEYHFVERLLPPASIPRPPKHEHYPTPSGWQPPRDPAP
SLPYFVRRSRMHNIPVYRDITHGNRQMTVIRKVEGDIWALQKDVEDFLSPLLGKTPVTQVNEVTGTLRVKGYFDQQLKAW
LLEKGF
;
Bl
16 'polypeptide(L)'
;MVRLRGKRECLTLSLRLIGWSWRVTAGGGRCFVSKFSSKMAARWVSGLARRSLTCAVSGAPRREFWSPFRKEKQPVVAET
VEEVKKEPILVCPPIQSRTYIPPEDLQSRLESHVKEVFGSSVPSNWQDISLEDVHLKFSFLARLANDLRHAVPNSRLHQM
CRVRDVLDFYNVPVQDRSKFDELIASNLPHNLKITWGY
;
Bm
17 'polypeptide(L)'
;MAGSLSWVTGRGLWGRLPLTCRSFSLGIPRLFHVRVTLPPRKVVDRWNEKRAMFGVYDNIGILGNFEKHPKELIKGPIWL
RGWKGNELQRCIRKKRMVGNRMFIDDLHNLNKRISYLYKHFNRHGKYR
;
Bn
18 'polypeptide(L)'
;MAAWGILLSTGVRRLHCGTAAQAGSQWRLQQGFAANPSGYGPLTELPDWSYADGRPAPPMKGQLRRKAQREKFARRVVLL
SQEMDAGLQAWQLRQQEKLQEEEGKQKNALKSKGALLQNPQPSQ
;
Bo
19 'polypeptide(L)'
;MAAALARLGLRAVKQVRVQFCPFEKNVESTRTFLQAVSSEKVRCTNLNCSVIADVRHDGSEPCVDVLFGDGHRLIMRGAH
LTAQEMLTAFASHIQARGAAGSGDKPSASTGR
;
Bp
20 'polypeptide(L)'
;MAARRLFGAARSWAAWRAWELSDAAVSGRLHVRNYAKRPVIKGGKGGKGAVVGEALKDPEVCTDPFRLTTHAMGVNIYKE
GQDVVLKPDSEYPEWLFEMNVGPPKKLEELDPETREYWRLLRKHNIWRHNRLSKNRKF
;
Bq
21 'polypeptide(L)'
;MFLTALLRRNRIPGRQWIGKHRRPRPVSAQAKQNMIRRLETEAENQYWLSRPFLTAEQERGHAAVRRAAAFQALKAAQAA
RFPAHRRLEEQLGHLLVTRKWS
;
Bt
22 'polypeptide(L)'
;MAAARCLRWGLNRAGAWLLPSPTRYPRRALHKQVEGTEFQSIYSLDKLYPESRGSDTAWRLPDDAKQANDIPVDRLTISY
CRSSGPGGQNVNKVNSKAEVRFHLASADWIAEPVRLKLAVKHKNRINRSGELILTSECSRYQFRNLADCLQKLRDMIAEA
SQPAKEPSREDAELRRSRIENMNRERLRKKRISSAIKTSRRVDVD
;
Bu
23 'polypeptide(L)'
;MAAPVQQARTLLRLVTTLGQGSRGYRARPPPRRSQEPRWPDPDDPLTPRWQLSPRYAAKQFARHGAASGVAAGSLWPSQE
QLRELEAEEREWYPSLAAMQESLRVQQLAEEQKRQAREQLIEECMAKMPQMIENWRQQQQERREKEQADKDRRARLQAEA
QERLGYHVDPRSARFQELLQDMEKQHRKRLKEEKQRKKKEARAAAMAAAAAQDPADSETPSS
;
Bv
24 'polypeptide(L)'
;MAAARCWRFPLRGAGLSLHTAAKAAVTAPEVTGPDVPATPVARYPPIVASLTAKSKAARQRRVEQWQATVHAAKSVDEKL
RILTKMQFMKYVVYPQTFALNADNWYQSFTKTVFLSGLPPTPAKLEPEPTLDITALREAVCDCLLQEHFFLRRKKRAPVI
QDREAIASPFLDQLVASLTGLLSVHNPVLAAAALDCKRPVHFFWLRGEEIIPRGHRKGRVDALRYQINDKPHNQIRISRQ
LPEFVPLDYSIPIEVPVMSCKPDKLPLFKRQYENTIFIGSKTADPLCYGHTQFHLLPDKLKREKLLKQNCADQIEVVFRA
NAIASLFAWTGAQAMYQGFWSEADVTRPFVSQGVITDGKYFSFFCYQLNTLALTAQADQNNPRKNICWGTQSKPLYETIE
DNNVKGFNDDVLLQLVQFLLNRPKEDKSQLLEN
;
Bw
25 'polypeptide(L)'
;MVGLNVLVSGCGRLLRGLLAGPAATSWARPPSRGFREVVEILDGKTTIIEGRITETPQESPNPPNPTGQCPICRWNLKHK
YNYEDVLLLSQFIRPHGGMLPRRITGLCQEEHLKIEECVKMAHRAGLLPNHRPKLPEGFVPKSKPRLNRYLTRWSPRSVK
PIYNKGHRWNKVRMPVGSPLLKDNVSYSGRPLLLYH
;
Bx
26 'polypeptide(L)'
;MLPAAASSLWGPCFGLRAAALRVARHQGPRLCGVRLMRCSSHRKGEALAGAPLDNAPKEYPPKIQQLVQDIASLTLLEIS
DLNELLKKTLKIQDVGFMPMGAVAPGAPPAAAAPEAAEEDLPKRKEQTHFTVRLTEAKPVDKVKLIKEIKSHIQGINLVQ
AKKLVESLPQEIKANVPKAEAEKIKAALEAVGGTVVLE
;
CL,DL,EL,FL,GL,HL,LL
27 'polypeptide(L)'
;MPLHKVPVGLWKQLRLWEGIYSRLPRHYLRSLEEARTPTPVHYRPHGAKFKINPKNWQRERVEDVPIPVHYPPESQLGLW
GGEGWVLGHRYVNNDKLSKRVRKVWKPQLFQRELYSEILDKRFTVTVTMRTLDLIDQACGFDFYILKTPKEDLCSKFGMD
LKRGMLLRLARQDPQLHPDDPARRAAIYDRYKAFVIPEAEAEWVGLTLDEAVEKQRLLEEKDPIPLFKIFVEELLGQLQQ
QALSEPAVVQTRASRK
;
B1
28 'polypeptide(L)'
;MATAFLRTVLSAVGPLLHLGGRPLSTFAAGPPRAALAVGAQPSPAAALLSARPLLGPQPALGFKTKGVLKKRCRDCYLVK
RRGRWFIYCKTNPKHKQRQM
;
B9
29 'polyribonucleotide'
;ACCAAAGCUAGCUCAACAUACUAAACAAAUACAAAAAUACACCAAAAUAAAAUAAAACAUUCACCUAACAUUAAAGUAUA
GGAGAUAGAAAUUUUUAUCCUGACGCUAUAGAGAUAGUACCGUAAGGGAAAGAUGAAAGAAUAAAAUAAAAGUAAAAAAA
AGCAAAGAUUACCCCUUCUACCUUUUGCAUAAUGGUUUAACCAGAAAAAAUCUAACAAAGAGAACUUUAGCUAGAUACCC
CGAAACCAGACGAGCUACCCAUGAGCAGUUUAAAAGAACCAACUCAUCUAUGUGGCAAAAUAGUGAGAAGACUUGUAGGU
AGAGGUGAAAAGCCUAACGAGCCUGGUGAUAGCUGGUUGUCCGAGAAAGAAUUUUAGUUCAACCUUAAAAAUACCCCAAA
AACCCUAAAUUCCAAUGUAUUUUUAAGAGAUAGUCUAAAAAGGUACAGCUUUUUAGAAACGGAUACAACCUUGACUAGAG
AGUAAAAUCUUAAUACUACCAUAGUAGGCCUAAAAGCAGCCAUCAAUUGAGAAAGCGUUAAAGCUCAACAAAUUCACCAA
CAUAAUCCCAAAAACUAAUAACAAACUCCUAGCCCAAUACCGGACUAAUCUAUUGAAACAUAGAAGCAAUAAUGUUAAUA
UGAGUAACAAGAAGCCUUUCUCCUCGCACACGCUUACAUCAGUAACUAAUAAUAUACUGAUAAUUAACAACCAAUAAACC
AAAACAACACUAAAACGUUUAUUAAUUACAUUGUUAACCCAACACAGGAGUGCACCAAGGAAAGAUUAAAAGAAGUAAAA
GGAACUCGGCAAACACAAACCCCGCCUGUUUACCAAAAACAUCACCUCUAGCAUUACUAGUAUUAGAGGCAAUGCCUGCC
CAGUGACACCAGUUUAACGGCCGCGGUAUUCUGACCGUGCAAAGGUAGCAUAAUCACUUGUUCUCCAAAUAAGGACUUGU
AUGAAUGGCCACACGAGGGUUUUACUGUCUCUUACUUCCAAUCAGUGAAAUUAACCUUCCCGUGAAGAGGCGGGAAUAAA
AAAAUAAGACGAGAAGACCCUAUGGAGCUUUAAUUAACUAUUCCAAAAGUUAAACAACUCAACCACAAAGGGAUAAAACA
UAACUUAACAUGGACUAGCAAUUUCGGUUGGGGUGACCUCGGAGUACAAAAAACCCUCCGAGUGAUUUUAAUCUAGACAA
ACCAGUCAAAAUAACCAUAACAUCACUUAUUGAUCCAAAAUUUUGAUCAACGGAACAAGUUACCCUAGGGAUAACAGCGC
AAUCCUGUUCUAGAGUUCCUAUCGACAAUAGGGUUUACGACCUCGAUGUUGGAUCAGGACACCCAAAUGGUGCAACCGCU
AUUAAAGGUUCGUUUGUUCAACGAUUAAAGUCCUACGUGAUCUGAGUUCAGACCGGAGCAAUCCAGGUCGGUUUCUAUCU
AUUAUAAAUUUCUCCCAGUACGAAAGGACAAGAGAAAUGGGACCAACCUCACAAACGCGUCUCAGAGAUAAUUAAUGAUU
UAAUCUUAACCUAAUUAACUCAUAAUAAAUCCAGCCCUAGAACAGGGCACA
;
BA
30 'polypeptide(L)'
;MAAAGLAVFCRRVSAALKACRLLIRPQAPPSTSCRFSPSLLPKNTPNVTSFHQFRIFHTTFSRRGLEEFFDDPKNWGEEK
VKSGASWTCQQLRNKSNEDLHKLWYVLLKERNMLLTLEQEAKRQRLPMPSPERLEKVVDSMDALDKVVQEREDALRLLQT
GQEKARPGAWRRDIFGRIIWHKFKQWPIPWYLNKKYNRKRFFAMPYVERFVRMRIEKQARIKARKRSLERKKEKFLQEKF
PHLSETQKSSHV
;
B2
31 'polypeptide(L)'
;HPPRQDFLVRRQPHRNRTVTKGMESLICTDWIRHKFTRSRIPDKVFQPSPEDHEKYGGDPQYPHKLHIVTRIKSTKRRPY
WEKDIIKMLGLEKAHTPQVHKNIPSVNAKLKVVKHLIRIKPLKLPQGLPTEEDMANTCLKSNGELVVRWLLNPANQEARK
S
;
B3
32 'polypeptide(L)'
;MAAKGSLLRLLWQRVVTGAAPESCRHLYTSSWRADCNRALLTRLHRQTYARLYPVLLVKQDGSTIHIRYREPRRMLTMPV
DLDSLSPEERRARFRKREAKFKEKKEEPELSDDFDVEQYKRFWTKK
;
B4
33 'polypeptide(L)'
;MASAMLVLVVPPWPAARGLLRNWWEQLQRKLQHNRLGLPLHPWGPALAVQGPAICTEPANDTNGSKAISSLLDSVFWMAA
PKNRRSIEVNRCRRRNPQKLIKVKNNIDVCPECGHLKQKHILCGYCYEKVRKETAEIRRQMGKQEGGPFRAPTTETVVLY
SGETPSEQDQGKRIIERERKRPSWFTQN
;
B5
34 'polypeptide(L)' MFLSAVTFAKSKSKTILVKMMSQAGTGFSFNTKRSRLREKLTLLHYDPVVKKKVLFVEQKKIRSL B6
35 'polypeptide(L)'
;MAFLARSVGRLLDPVSRSAALVGGRWLQPQAWLGFPDTWGLPAMQQTRGKARGNEYQPSNIKRKHKHGWVRRLRTPTGVQ
VILRRMHKGRKSLSH
;
B7
36 'polyribonucleotide' GUUAAUGUAGCUUAAAUUAUCAAAGCAAGGCACUGAAAAUGCCUAGAUGAGCCUCACAGCUCCAUAAACACCA BB
37 'polypeptide(L)'
;MHHHHHHENLYFQSGGSGSGCSSLPGLIGNDIKSLHSIINPPIAKIRNIGIMAHIDAGKTTTTERILYYSGYTRSLGDVD
DGDTVTDFMAQERERGITIQSAAVTFDWKGYRVNLIDTPGHVDFTLEVERCLRVLDGAVAVFDASAGVEAQTLTVWRQAD
KHNIPRICFLNKMDKTGASFKYAVESIREKLKAKPLLLQLPIGEAKTFKGVVDVVMKEKLLWNCNSNDGKDFERKPLLEM
NDPELLKETTEARNALIEQVADLDDEFADLVLEEFSENFDLLPAEKLQTAIHRVTLAQTAVPVLCGSALKNKGIQPLLDA
VTMYLPSPEERNYEFLQWYKDDLCALAFKVLHDKQRGPLVFMRIYSGTIKPQLAIHNINGNCTERISRLLLPFADQHVEI
PSLTAGNIALTVGLKHTATGDTIVSSKSSALAAARRAEREGEKKHRQNNEAERLLLAGVEIPEPVFFCTIEPPSLSKQPD
LEHALKCLQREDPSLKVRLDPDSGQTVLCGMGELHIEIIHDRIKREYGLETYLGPLQVAYRETILNSVRATDTLDRTLGD
KRHLVTVEVEARPIETSSVMPVIEFEYAESINEGLLKVSQEAIENGIHSACLQGPLLGSPIQDVAITLHSLTIHPGTSTT
MISACVSRCVQKALKKADKQVLEPLMNLEVTVARDYLSPVLADLAQRRGNIQEIQTRQDNKVVIGFVPLAEIMGYSTVLR
TLTSGSATFALELSTYQAMNPQDQNTLLNRRSGLT
;
BC
38 'polypeptide(L)'
;MALRVLTRALSSLSLTPRIAVAPGLNLLPAVQVTNNVLLTLPSGLMSLPCRPILTSVALSATSVSWKSRTKYTVMPVKMR
KSGGRNHTGQIQVHGIGGGHKQRYRMIDFLRFRPEHESKPGPFEEKVIAVRYDPCRSADIALVAGGNRKRWIIATENMKA
GDTVLNSDHIGRMAVAAREGDAHPLGALPVGTLINNVESEPGRGAQYIRAAGTCGVLLRKVNGTAIIQLPSKRQMQVLET
CIATVGRVSNVDHNKRVIGKAGRNRWLGKRPNSGLWQRKGGWAGRKIRPLPPMKSYVKLPSAAAQS
;
BD
39 'polypeptide(L)'
;MHHHHHHENLYFQSGGSGSGVSEVTLKTVHERQHGHRQYMAYSAVPVRHFATKKAKAKGKGQSQTRVNINAALVEDIINL
EEVNEEMKSVIEALKDNFNKTLNIRTSPGSLDKIAVVTADGKLALNQISQISMKSPQLILVNMASFPECTAAAIKAIRES
GMNLNPEVEGTLIRVPIPQVTREHREMLVKLAKQNTNKAKDSLRKVRTNSMNKLKKSKDTVSEDTIRLIEKQISQMADDT
VAELDRHLAVKTKELLG
;
BG
40 'polypeptide(L)'
;MWRLLARACAPLLRAPLSDSWAAPSATAGFKTLLPVPTFEDVAIPEKPKLRFVERVPLVPKVRRERKNLSDIRGPSTEAT
EFTEGRFAILALGGGYLHWGHFEMMRLTINRSMDPKNMFALWRVPAPFKPITRKGMGQRMGGGKGAIDHYVTPVKAGRLI
VEMGGRCEFKEVQGFLDLVAHKLPFPAKAVSRETLEKMRKDQEERERNNQNPWTFERIATANMLGIRKVLSPYDLTHKGR
YWGKFYTPERV
;
BQ
41 'polypeptide(L)'
;MAPAALLPSWGQRGAAAGGGGKAWEGRRRNALKAEWRGAQRCSGRALLGLTMPGWGLLGRAGARVLGCGADGLGASRGLG
NRTDICLLVRSLHGKSVTWWDEHLSEENVPFVKQLVSDENKAQLASKLCPLKDEPWPIHPWEPGSSRVGLIALKLGMMPL
WTKDGQKHVVTLLQVQDCHVLKYTPKENHNGRMAALTVGGKTVSHFHKSASILEFYQELGLPPKQKVKIFNVTENAVIKP
GTPLYAAHFRPGQYVDVTAKTIGKGFQGVMRRWGFKGQPATHGQTKTHRRPGAISTGDVARVWPGTKMPGQLGNIDRTAF
GLKVWRINTKHNIIYVNGSVPGHKNCLVKIKDSKLPAYKDFCKNLPFPTYFPDGDEEALPEDLYDENVCQPGAPSITFT
;
BE
42 'polypeptide(L)'
;MLQLVRAGARTWFRPSGCRGLNTLAEEAVQQAEKPESVASLGLQPPVLRKCELPVPAHRRPVQAWIESLRGYEQERVGLT
ELHPDVFSTAPRLDILHQVAIWQKNFKRISYAKTKTRAEVRGGGRKPWVQKGSGRARHGSIRSPIWRGGGVAHGPRGPTS
YYYMLPMKVRVQGLKVALTVKLAQDDLHIVDSLELPTADPQYLIELARYRRWGDSVLLVDLEHEDMPQNVVAATSGLKTF
NLVPAVGLNVHSMLKHQTLVLTLPTVAFLEEKLLWHNSRYTPLYPFRLPYCDFP
;
BF
43 'polypeptide(L)'
;MAAAACTAAGGGLLRAGLERLLRGGVRALLRPRLEGVTPRSERAFSLSLSRSTVIVERWWKVPLAGEGRKPRLHRRHRVY
KLVEDTKHRPKDNLELVLTQSVEELGVRGDLVSVKKSVGRNRLLPQGLAVYASPENKKLFEEEKLLRQEGKLEKLQTKAG
EATVKFLRRCHLEVGMKNNVKWELNPEIVARHFLRNLGVVVAPHALKLPEEPITQRGEYWCEVTVNGLDTVRVPMSVVNF
ERPKTKRYKYWLAQQAAKGDVPTSSQMI
;
BI
44 'polypeptide(L)'
;MAAVVAGMLRGGLLPQAGRLPTFQTVRYGSKAVTRHRRVMHFERQKLMAVTEYIPPKPTINPRCLPPPPTPPQEETGLVR
LLRREIAAVFRDNRMIAVCQHVALSAEDKLLLRHQLRKHKILMKIFPNQVLKPFLEESKYQNLLPLFVGHNLLLVSEEPK
VKEMVRILKGIPFLPLLGGCIDDTILSRQGFINYSKLPSLALVQGELVGGLTFLTAQTYSMLQHQPRQLTALLDQYVKQQ
QEGHPAVPASGQPEPPDPVPDP
;
BJ
45 'polypeptide(L)'
;MSKLSRATRALKKPEASGMIRAIVRAGQARPGPPLGPILGQRGVSINQFCKEFNEKTKDIKEGIPLPTKIFVKPDRTFEI
KIGQPTVSYFLKAAAGIEKGARHTGKEVAGLVTLKHVYEIARVKAQDDAFALQDVPLSSVVRSIIGSARSLGIRVVKDLS
SEELAAFQKERALFLAAQREADLAAQAEAAKK
;
BK
46 'polypeptide(L)'
;MSSFSKAPQQWATFARVWYLLDGKMQPPGKLAAMASVKLQGLHKPVYHQLSDCGDHVVIMNTRHIAFSGNKWEQKVYSSH
TGYPGGFRQVTAAQLHQKDPVAIVKLAIYGMLPKNLHRRTMMQRLHLFPDEDIPEDILKNLVEELPQPRKVPRRLDEYTQ
EEIEAFPRVWSPPEDYRL
;
BN
47 'polypeptide(L)'
;MAFCTGLRGPFAQVSRALSQRCFSTTGSLSAIQKMTRVRVVDNSALGTTPYHRPPRCIHVYNKTGVGKVGDRILLAIRGQ
KKKALIVGHRMPGPRMTPRFDSNNVVLLEDNGNPVGTRIKTPIPSSLRQREGEFSKVLAIAQNFV
;
BO
48 'polypeptide(L)'
;MGGPVQGGGPRALDLLRALPRVSLANLKPNPGSRKPERRPRGRRRGRKCGRGHKGERQRGTRPRLGFEGGQTPFYLRIPK
YGFNEGHSFRHQYQPLSLNRLQYLIDLGRVDPTQPIDLTQLVNGRGVTIQPSKRDYGVQLVEEGADTFKAKVNIEVQMAS
ELAIAAIEKNGGVVTTAFYDPRSLEILCKPVPFFLRGQPIPKRMLPPEALVPYYTDAKNRGYLADPARFPEARLELARKY
GYVLPDITKDELFKMLSTRKDPRQIFFGLAPGWVVNMADKKILKPTDENLLKYYSS
;
BP
49 'polypeptide(L)'
;MRLSVAAAISHGRVFRRLGLGPESRIHLLQNLLTGLVRHERIEASWARVDELRGYAEKLIDYGKLGDTNERAMRMADFWL
TEKDLIPKLFQVLAPRFQGQNGGYTRMLQIPNRNEQDRAKMAVIEYKGNCLPPLPLPRRDSNLTLLNQLLQGLRQDQEAS
SHTAQTPAV
;
BR
50 'polypeptide(L)'
;MALRSRFWALLSICRNPGCRAAALSTSCKPATNPETDPVENEAVAPEFTNRNPRNLELLAVARKERGWGTVWPSREFWHR
LRVIRTQHHIEALVEHRNGQVVVSASTREWAIKKHLYSTRNVVACESVGRVLAERCLEAGINFMVYHPTPWEAASDSIKR
LQHAMTEGGVVLREPRRIYE
;
BS
51 'polypeptide(L)'
;MAASITRGSWAAVGLGQSFPPTRALLPAPASVICRTLAGSGRQQVTGSSEPGAFQPPPKPVIVDKRRPQRPETRFLSPEF
IPPRGRTNPLKFQIERKDMLERRKILHIPEFYVGSILRVTTADPYASAKTSQFLGICIQRSGSGLGATFILRNTIEGQGV
EICFELYNPRIQEIQVVKLEKRLDNSLLYLRDALPEYSTFDVNMKPITQEFNQEVPVNQLKVKMKPKPWSKRWERPKFNI
KGIRFDLCLTEEQMREAQKWSQPWLEFDMMREYDTSKIEAAIWDEIEASKNS
;
BT
52 'polypeptide(L)'
;MVFLTVPLWLRSRVTDRYWRVQEVLKHARHFRGRKNRCYRLAVRAVTRAFVKCTRARRLKKRSLRTLWINRITAASQEHG
LKYPAFIINLIKCQVELNRKVLADLAIYEPKTFKSLAALAKRRREEGFAAALGDGKEPDGIFSRVVQHR
;
BU
53 'polypeptide(L)'
;MAAAVAASVLQGTFGRLVSAYSRSVLRTSRPGTAPPWSAPRRLSSQHTSSLRGCVPKTSLGSPPWPDIVLPDPVEETRHH
AEVVGQVNELIAAGRYGRLFAVVHFAGHQWKVTAEDLILIENELDVACGERIRLEKVLLVGADNFTLLGKPLLGKELVRV
EATVIEKTESWPKINMKFQKRKNYQRKRITVNPQTVLRINSIEIAPCLC
;
BV
54 'polypeptide(L)'
;MAAAVLERLGGLWMQNLRGKLALRLLSSHSILPQSHIHTSASVEISRKWEKKNKIVYPPQLPGEPRRPAEIYHCRRQIKY
SKDKMWYLAKLIRGMSIDQALAQLEFSDKKGAQIIKEVLLEAQDMAVRDHNVEFRSNLYVAESTSGRGQYLKRIRYHGRG
RFGIMEKVFCHYFVKLVEGPPPPREAPKTAVAHAREYIQELRNRTITHAL
;
BW
55 'polypeptide(L)'
;MARNVLYPLYQLGNPQLRVFRTNFFIQLVRPGTAQPEDTVQFRIPMEMTRVDLRNYLERIYNVPVAAVRTRVQYGSNRRR
DHRNIRIKKPDYKVAYVQLALGQTFTFPDLFPERKGASVDVDVRDQVLEDQRQKHSPDPRRGGVPGWFGL
;
BX
#
loop_
_chem_comp.id
_chem_comp.type
_chem_comp.name
_chem_comp.formula
5GP non-polymer GUANOSINE-5'-MONOPHOSPHATE 'C10 H14 N5 O8 P'
A RNA linking ADENOSINE-5'-MONOPHOSPHATE 'C10 H14 N5 O7 P'
C RNA linking CYTIDINE-5'-MONOPHOSPHATE 'C9 H14 N3 O8 P'
G RNA linking GUANOSINE-5'-MONOPHOSPHATE 'C10 H14 N5 O8 P'
GNP non-polymer 'PHOSPHOAMINOPHOSPHONIC ACID-GUANYLATE ESTER' 'C10 H17 N6 O13 P3'
MG non-polymer 'MAGNESIUM ION' 'Mg 2'
SPM non-polymer SPERMINE 'C10 H26 N4'
U RNA linking URIDINE-5'-MONOPHOSPHATE 'C9 H13 N2 O9 P'
ZN non-polymer 'ZINC ION' 'Zn 2'
#
# COMPACT_ATOMS: atom_id res chain seq x y z
N SER A 39 -3.58 -8.83 34.30
CA SER A 39 -4.84 -8.36 34.85
C SER A 39 -5.05 -8.90 36.26
N LYS A 40 -5.91 -9.91 36.39
CA LYS A 40 -6.18 -10.53 37.68
C LYS A 40 -5.31 -11.76 37.94
N ASN A 41 -4.84 -12.43 36.90
CA ASN A 41 -4.00 -13.62 37.04
C ASN A 41 -2.54 -13.24 36.79
N LEU A 42 -1.69 -13.49 37.78
CA LEU A 42 -0.29 -13.12 37.71
C LEU A 42 0.58 -14.29 38.17
N GLY A 43 1.81 -14.31 37.67
CA GLY A 43 2.79 -15.28 38.11
C GLY A 43 2.67 -16.66 37.51
N GLY A 44 1.77 -16.87 36.56
CA GLY A 44 1.59 -18.19 35.99
C GLY A 44 2.74 -18.68 35.15
N LYS A 45 3.73 -17.84 34.89
CA LYS A 45 4.87 -18.20 34.06
C LYS A 45 5.99 -18.75 34.93
N SER A 46 6.48 -19.93 34.59
CA SER A 46 7.59 -20.57 35.28
C SER A 46 8.11 -21.72 34.43
N PRO A 47 9.42 -21.79 34.18
CA PRO A 47 9.95 -22.85 33.31
C PRO A 47 9.76 -24.23 33.92
N GLY A 48 9.63 -25.22 33.04
CA GLY A 48 9.56 -26.59 33.50
C GLY A 48 10.85 -27.03 34.16
N LYS A 49 10.71 -27.91 35.15
CA LYS A 49 11.85 -28.34 35.96
C LYS A 49 12.54 -29.56 35.39
N ARG A 50 12.10 -30.06 34.22
CA ARG A 50 12.67 -31.24 33.58
C ARG A 50 12.56 -32.47 34.48
N PHE A 51 11.52 -32.52 35.32
CA PHE A 51 11.29 -33.65 36.20
C PHE A 51 10.85 -34.84 35.36
N GLY A 52 11.76 -35.79 35.16
CA GLY A 52 11.47 -36.92 34.33
C GLY A 52 12.49 -38.03 34.52
N ILE A 53 12.47 -38.96 33.56
CA ILE A 53 13.32 -40.14 33.60
C ILE A 53 14.53 -39.91 32.70
N LYS A 54 15.72 -40.24 33.20
CA LYS A 54 16.96 -40.00 32.49
C LYS A 54 17.53 -41.26 31.85
N LYS A 55 17.54 -42.37 32.59
CA LYS A 55 18.05 -43.64 32.08
C LYS A 55 16.91 -44.66 32.05
N MET A 56 16.68 -45.26 30.90
CA MET A 56 15.62 -46.23 30.72
C MET A 56 16.13 -47.64 31.05
N GLU A 57 15.26 -48.62 30.86
CA GLU A 57 15.65 -50.01 31.11
C GLU A 57 16.67 -50.48 30.09
N GLY A 58 17.68 -51.20 30.57
CA GLY A 58 18.73 -51.72 29.72
C GLY A 58 19.90 -50.79 29.52
N HIS A 59 19.81 -49.54 29.97
CA HIS A 59 20.90 -48.61 29.81
C HIS A 59 22.03 -48.93 30.77
N TYR A 60 23.26 -48.91 30.26
CA TYR A 60 24.46 -49.17 31.06
C TYR A 60 24.88 -47.87 31.72
N VAL A 61 24.77 -47.81 33.05
CA VAL A 61 25.10 -46.62 33.80
C VAL A 61 26.34 -46.90 34.65
N HIS A 62 27.00 -45.81 35.04
CA HIS A 62 28.12 -45.86 35.97
C HIS A 62 27.68 -45.34 37.33
N ALA A 63 28.59 -45.42 38.29
CA ALA A 63 28.27 -45.00 39.65
C ALA A 63 28.02 -43.50 39.70
N GLY A 64 26.94 -43.09 40.38
CA GLY A 64 26.60 -41.70 40.52
C GLY A 64 25.69 -41.13 39.46
N ASN A 65 25.41 -41.88 38.39
CA ASN A 65 24.53 -41.38 37.35
C ASN A 65 23.12 -41.19 37.88
N ILE A 66 22.51 -40.05 37.53
CA ILE A 66 21.14 -39.76 37.94
C ILE A 66 20.20 -40.55 37.04
N LEU A 67 19.53 -41.56 37.61
CA LEU A 67 18.65 -42.40 36.80
C LEU A 67 17.36 -41.67 36.46
N ALA A 68 16.77 -40.96 37.43
CA ALA A 68 15.52 -40.25 37.20
C ALA A 68 15.31 -39.24 38.30
N THR A 69 14.76 -38.08 37.95
CA THR A 69 14.41 -37.04 38.90
C THR A 69 12.90 -36.86 38.92
N GLN A 70 12.37 -36.45 40.08
CA GLN A 70 10.93 -36.42 40.26
C GLN A 70 10.57 -35.39 41.31
N ARG A 71 9.33 -34.93 41.26
CA ARG A 71 8.78 -34.00 42.24
C ARG A 71 8.06 -34.72 43.37
N HIS A 72 7.27 -35.73 43.05
CA HIS A 72 6.68 -36.64 44.03
C HIS A 72 7.21 -38.05 43.77
N PHE A 73 6.96 -38.95 44.72
CA PHE A 73 7.49 -40.30 44.59
C PHE A 73 6.74 -41.07 43.51
N ARG A 74 7.29 -41.08 42.30
CA ARG A 74 6.75 -41.86 41.19
C ARG A 74 7.47 -43.17 41.00
N TRP A 75 8.81 -43.14 41.00
CA TRP A 75 9.63 -44.34 40.94
C TRP A 75 10.35 -44.49 42.27
N HIS A 76 10.33 -45.69 42.84
CA HIS A 76 11.05 -45.86 44.09
C HIS A 76 12.39 -46.55 43.84
N PRO A 77 13.43 -46.16 44.57
CA PRO A 77 14.72 -46.83 44.41
C PRO A 77 14.67 -48.27 44.93
N GLY A 78 15.49 -49.12 44.31
CA GLY A 78 15.61 -50.48 44.74
C GLY A 78 17.06 -50.86 44.98
N ALA A 79 17.48 -52.00 44.44
CA ALA A 79 18.84 -52.47 44.68
C ALA A 79 19.85 -51.57 43.98
N HIS A 80 20.87 -51.14 44.73
CA HIS A 80 21.98 -50.34 44.20
C HIS A 80 21.51 -49.00 43.62
N VAL A 81 20.37 -48.50 44.08
CA VAL A 81 19.86 -47.20 43.68
C VAL A 81 19.64 -46.37 44.94
N GLY A 82 20.39 -45.29 45.07
CA GLY A 82 20.23 -44.41 46.22
C GLY A 82 19.30 -43.26 45.94
N LEU A 83 18.76 -42.71 47.03
CA LEU A 83 17.76 -41.65 46.99
C LEU A 83 18.39 -40.37 47.53
N GLY A 84 18.33 -39.30 46.74
CA GLY A 84 18.82 -38.01 47.17
C GLY A 84 17.80 -37.26 48.01
N LYS A 85 18.23 -36.08 48.48
CA LYS A 85 17.35 -35.27 49.31
C LYS A 85 16.18 -34.71 48.51
N ASN A 86 16.33 -34.56 47.19
CA ASN A 86 15.28 -34.04 46.33
C ASN A 86 14.55 -35.14 45.56
N LYS A 87 14.46 -36.34 46.16
CA LYS A 87 13.72 -37.47 45.61
C LYS A 87 14.31 -38.01 44.31
N CYS A 88 15.49 -37.54 43.91
CA CYS A 88 16.15 -38.06 42.73
C CYS A 88 16.77 -39.42 43.02
N LEU A 89 16.90 -40.23 41.98
CA LEU A 89 17.43 -41.59 42.11
C LEU A 89 18.75 -41.68 41.35
N TYR A 90 19.80 -42.12 42.03
CA TYR A 90 21.12 -42.22 41.42
C TYR A 90 21.69 -43.61 41.63
N ALA A 91 22.35 -44.13 40.59
CA ALA A 91 22.97 -45.44 40.69
C ALA A 91 24.16 -45.40 41.64
N LEU A 92 24.29 -46.45 42.46
CA LEU A 92 25.43 -46.58 43.36
C LEU A 92 26.51 -47.50 42.81
N GLU A 93 26.16 -48.39 41.88
CA GLU A 93 27.11 -49.29 41.26
C GLU A 93 26.97 -49.20 39.75
N GLU A 94 28.04 -49.58 39.05
CA GLU A 94 28.03 -49.58 37.59
C GLU A 94 27.35 -50.85 37.10
N GLY A 95 26.30 -50.69 36.30
CA GLY A 95 25.55 -51.82 35.82
C GLY A 95 24.46 -51.48 34.82
N VAL A 96 23.37 -52.25 34.84
CA VAL A 96 22.28 -52.12 33.89
C VAL A 96 21.00 -51.76 34.65
N VAL A 97 20.29 -50.76 34.14
CA VAL A 97 19.09 -50.27 34.81
C VAL A 97 17.90 -51.16 34.45
N ARG A 98 17.10 -51.51 35.46
CA ARG A 98 15.91 -52.32 35.30
C ARG A 98 14.75 -51.69 36.06
N TYR A 99 13.53 -51.97 35.60
CA TYR A 99 12.32 -51.46 36.24
C TYR A 99 11.40 -52.63 36.54
N THR A 100 10.90 -52.69 37.77
CA THR A 100 10.11 -53.82 38.23
C THR A 100 8.91 -53.32 39.02
N LYS A 101 7.90 -54.19 39.16
CA LYS A 101 6.76 -53.93 40.01
C LYS A 101 6.85 -54.83 41.22
N GLU A 102 6.90 -54.25 42.42
CA GLU A 102 7.16 -55.03 43.62
C GLU A 102 6.26 -54.57 44.75
N VAL A 103 6.14 -55.42 45.77
CA VAL A 103 5.33 -55.09 46.94
C VAL A 103 5.97 -53.95 47.71
N TYR A 104 5.14 -53.22 48.44
CA TYR A 104 5.57 -52.03 49.17
C TYR A 104 5.29 -52.22 50.66
N VAL A 105 6.35 -52.40 51.43
CA VAL A 105 6.28 -52.46 52.88
C VAL A 105 6.90 -51.17 53.44
N PRO A 106 6.10 -50.24 53.94
CA PRO A 106 6.66 -48.96 54.36
C PRO A 106 7.39 -49.06 55.69
N ASN A 107 8.14 -48.00 55.99
CA ASN A 107 8.81 -47.91 57.27
C ASN A 107 7.78 -47.83 58.40
N PRO A 108 7.91 -48.63 59.45
CA PRO A 108 6.92 -48.59 60.54
C PRO A 108 6.83 -47.25 61.24
N SER A 109 7.87 -46.41 61.13
CA SER A 109 7.81 -45.08 61.72
C SER A 109 7.03 -44.09 60.87
N ASN A 110 6.75 -44.43 59.62
CA ASN A 110 5.99 -43.56 58.72
C ASN A 110 4.51 -43.67 59.09
N SER A 111 4.00 -42.67 59.80
CA SER A 111 2.65 -42.75 60.35
C SER A 111 1.59 -42.80 59.25
N GLU A 112 1.73 -41.98 58.21
CA GLU A 112 0.74 -41.94 57.15
C GLU A 112 0.66 -43.28 56.41
N ALA A 113 1.82 -43.81 56.02
CA ALA A 113 1.83 -45.08 55.29
C ALA A 113 1.37 -46.23 56.18
N VAL A 114 1.73 -46.20 57.47
CA VAL A 114 1.28 -47.23 58.38
C VAL A 114 -0.24 -47.18 58.53
N ASP A 115 -0.81 -45.98 58.60
CA ASP A 115 -2.26 -45.85 58.67
C ASP A 115 -2.92 -46.37 57.40
N LEU A 116 -2.35 -46.06 56.24
CA LEU A 116 -2.88 -46.59 54.98
C LEU A 116 -2.86 -48.11 54.98
N VAL A 117 -1.74 -48.69 55.41
CA VAL A 117 -1.62 -50.15 55.46
C VAL A 117 -2.64 -50.75 56.40
N THR A 118 -2.77 -50.19 57.60
CA THR A 118 -3.71 -50.72 58.57
C THR A 118 -5.16 -50.53 58.14
N ARG A 119 -5.43 -49.58 57.24
CA ARG A 119 -6.76 -49.42 56.69
C ARG A 119 -6.99 -50.24 55.43
N LEU A 120 -5.94 -50.83 54.85
CA LEU A 120 -6.12 -51.68 53.70
C LEU A 120 -6.93 -52.93 54.05
N PRO A 121 -7.70 -53.45 53.11
CA PRO A 121 -8.47 -54.68 53.38
C PRO A 121 -7.55 -55.90 53.46
N GLN A 122 -8.18 -57.05 53.76
CA GLN A 122 -7.42 -58.26 54.11
C GLN A 122 -6.56 -58.74 52.95
N GLY A 123 -7.12 -58.79 51.75
CA GLY A 123 -6.39 -59.36 50.62
C GLY A 123 -5.59 -58.38 49.78
N ALA A 124 -5.46 -57.14 50.22
CA ALA A 124 -4.83 -56.10 49.41
C ALA A 124 -3.36 -55.96 49.77
N VAL A 125 -2.50 -55.92 48.75
CA VAL A 125 -1.07 -55.69 48.92
C VAL A 125 -0.68 -54.55 48.01
N LEU A 126 0.03 -53.56 48.56
CA LEU A 126 0.48 -52.42 47.78
C LEU A 126 1.56 -52.84 46.79
N TYR A 127 1.58 -52.18 45.63
CA TYR A 127 2.60 -52.40 44.62
C TYR A 127 3.15 -51.06 44.15
N LYS A 128 4.44 -51.03 43.86
CA LYS A 128 5.11 -49.83 43.41
C LYS A 128 6.12 -50.19 42.32
N THR A 129 6.48 -49.19 41.52
CA THR A 129 7.46 -49.34 40.45
C THR A 129 8.83 -48.98 41.00
N PHE A 130 9.70 -49.97 41.10
CA PHE A 130 11.05 -49.79 41.62
C PHE A 130 12.07 -49.84 40.50
N VAL A 131 13.08 -48.98 40.59
CA VAL A 131 14.19 -48.96 39.64
C VAL A 131 15.42 -49.55 40.32
N HIS A 132 16.04 -50.51 39.64
CA HIS A 132 17.18 -51.25 40.15
C HIS A 132 18.37 -51.07 39.22
N VAL A 133 19.57 -51.27 39.76
CA VAL A 133 20.79 -51.34 38.99
C VAL A 133 21.41 -52.71 39.23
N VAL A 134 21.55 -53.50 38.17
CA VAL A 134 22.12 -54.84 38.26
C VAL A 134 23.62 -54.71 38.00
N PRO A 135 24.47 -54.97 39.00
CA PRO A 135 25.91 -54.77 38.81
C PRO A 135 26.46 -55.69 37.71
N ALA A 136 27.40 -55.17 36.94
CA ALA A 136 28.01 -55.91 35.84
C ALA A 136 29.42 -56.39 36.16
N LYS A 137 30.30 -55.46 36.53
CA LYS A 137 31.67 -55.83 36.83
C LYS A 137 31.76 -56.53 38.19
N PRO A 138 32.69 -57.45 38.37
CA PRO A 138 32.87 -58.07 39.69
C PRO A 138 33.47 -57.08 40.68
N GLU A 139 33.38 -57.45 41.96
CA GLU A 139 33.89 -56.59 43.02
C GLU A 139 35.40 -56.37 42.87
N GLY A 140 36.14 -57.41 42.52
CA GLY A 140 37.57 -57.29 42.36
C GLY A 140 38.16 -58.60 41.89
N THR A 141 39.48 -58.60 41.74
CA THR A 141 40.21 -59.73 41.21
C THR A 141 41.41 -60.04 42.11
N PHE A 142 41.76 -61.31 42.19
CA PHE A 142 42.94 -61.77 42.92
C PHE A 142 44.09 -61.93 41.94
N LYS A 143 45.06 -61.03 42.02
CA LYS A 143 46.20 -61.02 41.11
C LYS A 143 47.48 -61.36 41.86
N LEU A 144 48.32 -62.18 41.25
CA LEU A 144 49.61 -62.51 41.83
C LEU A 144 50.55 -61.31 41.73
N VAL A 145 51.25 -61.02 42.82
CA VAL A 145 52.16 -59.89 42.89
C VAL A 145 53.61 -60.32 42.96
N ALA A 146 53.92 -61.32 43.79
CA ALA A 146 55.29 -61.77 43.95
C ALA A 146 55.31 -63.14 44.60
N MET A 147 56.33 -63.93 44.27
CA MET A 147 56.58 -65.23 44.89
C MET A 147 57.62 -65.03 45.99
N LEU A 148 57.20 -65.21 47.24
CA LEU A 148 58.12 -65.14 48.37
C LEU A 148 58.31 -66.49 49.03
N SER B 11 58.52 49.84 -27.89
CA SER B 11 57.48 49.07 -27.23
C SER B 11 57.58 47.59 -27.59
N LYS B 12 57.14 46.73 -26.68
CA LYS B 12 57.17 45.28 -26.88
C LYS B 12 55.79 44.70 -26.61
N VAL B 13 55.52 43.55 -27.22
CA VAL B 13 54.25 42.86 -27.05
C VAL B 13 54.45 41.70 -26.08
N THR B 14 53.38 41.37 -25.34
CA THR B 14 53.40 40.26 -24.40
C THR B 14 52.75 39.04 -25.04
N LEU B 15 53.26 37.86 -24.71
CA LEU B 15 52.78 36.63 -25.30
C LEU B 15 52.48 35.60 -24.22
N PRO B 16 51.41 34.81 -24.39
CA PRO B 16 51.14 33.73 -23.44
C PRO B 16 52.21 32.67 -23.50
N PRO B 17 52.45 31.94 -22.42
CA PRO B 17 53.45 30.85 -22.47
C PRO B 17 53.11 29.79 -23.49
N ASN B 18 51.83 29.51 -23.73
CA ASN B 18 51.41 28.54 -24.73
C ASN B 18 51.21 29.25 -26.08
N TYR B 19 52.33 29.70 -26.63
CA TYR B 19 52.35 30.45 -27.89
C TYR B 19 53.13 29.68 -28.94
N ARG B 20 52.55 29.59 -30.13
CA ARG B 20 53.17 28.92 -31.26
C ARG B 20 53.64 29.96 -32.27
N TYR B 21 54.88 29.81 -32.75
CA TYR B 21 55.49 30.77 -33.66
C TYR B 21 55.33 30.28 -35.09
N GLY B 22 54.78 31.15 -35.95
CA GLY B 22 54.48 30.77 -37.32
C GLY B 22 55.06 31.68 -38.38
N MET B 23 56.31 32.10 -38.19
CA MET B 23 57.02 32.97 -39.12
C MET B 23 56.33 34.32 -39.29
N SER B 24 55.46 34.70 -38.36
CA SER B 24 54.74 35.96 -38.44
C SER B 24 55.03 36.78 -37.20
N ARG B 25 54.99 38.09 -37.36
CA ARG B 25 55.22 38.99 -36.23
C ARG B 25 54.12 38.79 -35.19
N PRO B 26 54.46 38.65 -33.90
CA PRO B 26 53.43 38.35 -32.89
C PRO B 26 52.32 39.36 -32.83
N GLY B 27 52.59 40.63 -33.11
CA GLY B 27 51.56 41.64 -33.08
C GLY B 27 50.94 41.94 -34.43
N SER B 28 51.26 41.12 -35.43
CA SER B 28 50.78 41.36 -36.79
C SER B 28 49.34 40.89 -36.94
N LEU B 29 48.66 41.46 -37.94
CA LEU B 29 47.27 41.11 -38.20
C LEU B 29 47.13 39.65 -38.63
N SER B 30 48.06 39.16 -39.46
CA SER B 30 48.00 37.77 -39.88
C SER B 30 48.16 36.82 -38.70
N ASP B 31 49.11 37.11 -37.80
CA ASP B 31 49.28 36.26 -36.62
C ASP B 31 48.06 36.35 -35.71
N LYS B 32 47.49 37.55 -35.56
CA LYS B 32 46.30 37.70 -34.74
C LYS B 32 45.13 36.90 -35.29
N ARG B 33 44.95 36.90 -36.61
CA ARG B 33 43.86 36.13 -37.19
C ARG B 33 44.15 34.63 -37.16
N LYS B 34 45.42 34.24 -37.22
CA LYS B 34 45.75 32.82 -37.12
C LYS B 34 45.49 32.29 -35.72
N ASN B 35 45.97 32.99 -34.71
CA ASN B 35 45.77 32.59 -33.31
C ASN B 35 45.13 33.73 -32.52
N PRO B 36 43.83 33.64 -32.23
CA PRO B 36 43.17 34.66 -31.42
C PRO B 36 43.73 34.67 -30.02
N PRO B 37 43.46 35.73 -29.23
CA PRO B 37 44.05 35.82 -27.89
C PRO B 37 43.58 34.72 -26.94
N GLY B 38 42.52 34.00 -27.32
CA GLY B 38 41.97 32.98 -26.45
C GLY B 38 42.34 31.55 -26.79
N THR B 39 43.40 31.36 -27.59
CA THR B 39 43.80 30.02 -28.01
C THR B 39 45.08 29.60 -27.29
N ARG B 40 45.22 28.29 -27.11
CA ARG B 40 46.40 27.71 -26.46
C ARG B 40 46.59 26.32 -27.05
N ARG B 41 47.49 26.21 -28.02
CA ARG B 41 47.66 24.99 -28.78
C ARG B 41 48.68 24.06 -28.11
N ARG B 42 48.78 22.86 -28.66
CA ARG B 42 49.71 21.87 -28.14
C ARG B 42 51.15 22.31 -28.36
N ARG B 43 52.00 22.05 -27.37
CA ARG B 43 53.38 22.48 -27.41
C ARG B 43 54.22 21.52 -28.26
N VAL B 44 55.01 22.08 -29.17
CA VAL B 44 55.91 21.28 -30.01
C VAL B 44 57.25 21.15 -29.31
N PRO B 45 57.92 20.00 -29.41
CA PRO B 45 59.24 19.85 -28.78
C PRO B 45 60.31 20.58 -29.58
N VAL B 46 61.03 21.48 -28.90
CA VAL B 46 62.08 22.28 -29.50
C VAL B 46 63.39 21.92 -28.82
N GLU B 47 64.39 21.53 -29.62
CA GLU B 47 65.67 21.15 -29.07
C GLU B 47 66.36 22.38 -28.47
N PRO B 48 66.78 22.33 -27.20
CA PRO B 48 67.40 23.50 -26.58
C PRO B 48 68.79 23.78 -27.13
N ILE B 49 68.94 24.91 -27.83
CA ILE B 49 70.24 25.35 -28.34
C ILE B 49 70.49 26.76 -27.80
N SER B 50 71.63 26.94 -27.15
CA SER B 50 71.94 28.20 -26.51
C SER B 50 72.45 29.22 -27.53
N ASP B 51 72.51 30.48 -27.09
CA ASP B 51 73.07 31.54 -27.93
C ASP B 51 74.54 31.29 -28.25
N GLU B 52 75.27 30.64 -27.35
CA GLU B 52 76.68 30.32 -27.57
C GLU B 52 76.88 29.11 -28.47
N ASP B 53 75.81 28.39 -28.81
CA ASP B 53 75.92 27.21 -29.66
C ASP B 53 75.10 27.34 -30.93
N TRP B 54 74.36 28.44 -31.08
CA TRP B 54 73.59 28.70 -32.31
C TRP B 54 74.55 29.29 -33.34
N HIS B 55 75.00 28.46 -34.28
CA HIS B 55 75.97 28.86 -35.27
C HIS B 55 75.34 29.24 -36.62
N LEU B 56 74.03 29.22 -36.73
CA LEU B 56 73.33 29.54 -37.98
C LEU B 56 72.86 30.99 -37.91
N PHE B 57 73.52 31.86 -38.69
CA PHE B 57 73.18 33.27 -38.73
C PHE B 57 72.42 33.59 -40.01
N CYS B 58 72.07 34.86 -40.17
CA CYS B 58 71.25 35.32 -41.29
C CYS B 58 72.15 36.00 -42.33
N GLY B 59 72.09 35.51 -43.57
CA GLY B 59 72.86 36.08 -44.66
C GLY B 59 73.95 35.18 -45.20
N ASP B 60 74.17 34.01 -44.61
CA ASP B 60 75.22 33.11 -45.05
C ASP B 60 74.65 32.02 -45.95
N LYS B 61 75.52 31.45 -46.78
CA LYS B 61 75.13 30.40 -47.70
C LYS B 61 75.12 29.06 -46.98
N VAL B 62 74.07 28.28 -47.19
CA VAL B 62 73.90 26.97 -46.56
C VAL B 62 73.45 25.98 -47.62
N GLU B 63 73.55 24.69 -47.27
CA GLU B 63 73.12 23.61 -48.13
C GLU B 63 71.96 22.86 -47.50
N ILE B 64 71.15 22.22 -48.34
CA ILE B 64 69.95 21.52 -47.88
C ILE B 64 70.26 20.03 -47.83
N LEU B 65 69.96 19.40 -46.69
CA LEU B 65 70.27 17.98 -46.50
C LEU B 65 69.15 17.08 -47.03
N GLU B 66 67.94 17.23 -46.49
CA GLU B 66 66.81 16.43 -46.92
C GLU B 66 65.66 17.33 -47.34
N GLY B 67 64.83 16.81 -48.24
CA GLY B 67 63.74 17.53 -48.83
C GLY B 67 63.69 17.26 -50.32
N LYS B 68 62.78 17.95 -51.01
CA LYS B 68 62.69 17.78 -52.45
C LYS B 68 63.92 18.35 -53.15
N ASP B 69 64.48 19.45 -52.62
CA ASP B 69 65.67 20.08 -53.18
C ASP B 69 66.92 19.61 -52.42
N ALA B 70 67.17 18.31 -52.51
CA ALA B 70 68.32 17.72 -51.84
C ALA B 70 69.61 18.19 -52.53
N GLY B 71 70.55 18.69 -51.73
CA GLY B 71 71.84 19.11 -52.24
C GLY B 71 71.90 20.53 -52.78
N LYS B 72 70.81 21.26 -52.75
CA LYS B 72 70.81 22.63 -53.25
C LYS B 72 71.23 23.62 -52.16
N GLN B 73 71.87 24.70 -52.59
CA GLN B 73 72.43 25.70 -51.70
C GLN B 73 71.68 27.02 -51.87
N GLY B 74 71.48 27.72 -50.75
CA GLY B 74 70.76 28.97 -50.75
C GLY B 74 71.21 29.87 -49.62
N LYS B 75 70.79 31.13 -49.70
CA LYS B 75 71.17 32.15 -48.73
C LYS B 75 70.09 32.28 -47.67
N VAL B 76 70.52 32.30 -46.40
CA VAL B 76 69.59 32.42 -45.28
C VAL B 76 69.05 33.84 -45.23
N VAL B 77 67.73 33.97 -45.12
CA VAL B 77 67.09 35.28 -45.06
C VAL B 77 66.46 35.57 -43.70
N GLN B 78 66.12 34.55 -42.91
CA GLN B 78 65.56 34.78 -41.59
C GLN B 78 65.81 33.57 -40.71
N VAL B 79 65.90 33.83 -39.41
CA VAL B 79 66.10 32.80 -38.39
C VAL B 79 65.16 33.09 -37.23
N ILE B 80 64.52 32.03 -36.72
CA ILE B 80 63.61 32.11 -35.59
C ILE B 80 64.17 31.21 -34.50
N ARG B 81 64.68 31.82 -33.43
CA ARG B 81 65.31 31.05 -32.37
C ARG B 81 64.31 30.30 -31.50
N GLN B 82 63.05 30.74 -31.45
CA GLN B 82 62.07 30.09 -30.59
C GLN B 82 61.77 28.67 -31.05
N ARG B 83 61.66 28.45 -32.37
CA ARG B 83 61.37 27.13 -32.91
C ARG B 83 62.57 26.51 -33.61
N ASN B 84 63.77 27.10 -33.46
CA ASN B 84 64.99 26.61 -34.10
C ASN B 84 64.81 26.52 -35.62
N TRP B 85 64.21 27.56 -36.21
CA TRP B 85 63.92 27.59 -37.63
C TRP B 85 64.92 28.47 -38.36
N VAL B 86 65.32 28.02 -39.55
CA VAL B 86 66.12 28.83 -40.47
C VAL B 86 65.47 28.73 -41.84
N VAL B 87 65.33 29.86 -42.53
CA VAL B 87 64.64 29.88 -43.80
C VAL B 87 65.58 30.45 -44.86
N VAL B 88 65.58 29.83 -46.04
CA VAL B 88 66.37 30.28 -47.18
C VAL B 88 65.40 30.77 -48.26
N GLU B 89 65.91 31.65 -49.12
CA GLU B 89 65.07 32.32 -50.11
C GLU B 89 64.90 31.43 -51.33
N GLY B 90 63.68 30.95 -51.55
CA GLY B 90 63.32 30.29 -52.79
C GLY B 90 63.98 28.96 -53.06
N LEU B 91 64.14 28.11 -52.05
CA LEU B 91 64.62 26.75 -52.26
C LEU B 91 63.56 25.72 -51.91
N ASN B 92 63.06 25.72 -50.69
CA ASN B 92 62.00 24.80 -50.25
C ASN B 92 60.69 25.56 -50.31
N THR B 93 60.01 25.46 -51.45
CA THR B 93 58.91 26.36 -51.77
C THR B 93 57.62 25.59 -52.05
N HIS B 94 56.53 26.14 -51.54
CA HIS B 94 55.18 25.78 -51.94
C HIS B 94 54.52 27.02 -52.54
N TYR B 95 53.61 26.81 -53.49
CA TYR B 95 53.06 27.89 -54.29
C TYR B 95 51.70 28.31 -53.74
N ARG B 96 51.52 29.62 -53.55
CA ARG B 96 50.30 30.15 -52.94
C ARG B 96 49.85 31.39 -53.69
N TYR B 97 48.54 31.62 -53.68
CA TYR B 97 47.96 32.80 -54.29
C TYR B 97 47.82 33.92 -53.26
N VAL B 98 48.33 35.10 -53.60
CA VAL B 98 48.27 36.24 -52.69
C VAL B 98 47.21 37.25 -53.09
N GLY B 99 46.90 37.40 -54.37
CA GLY B 99 45.85 38.29 -54.80
C GLY B 99 44.53 37.57 -54.94
N LYS B 100 43.68 37.67 -53.93
CA LYS B 100 42.40 36.97 -53.90
C LYS B 100 41.27 38.00 -53.83
N THR B 101 40.32 37.89 -54.75
CA THR B 101 39.15 38.76 -54.75
C THR B 101 37.88 37.95 -55.01
N VAL B 102 36.76 38.63 -55.19
CA VAL B 102 35.49 37.93 -55.36
C VAL B 102 35.43 37.21 -56.70
N ASP B 103 35.94 37.84 -57.76
CA ASP B 103 35.87 37.25 -59.10
C ASP B 103 37.16 37.45 -59.88
N TYR B 104 38.31 37.45 -59.19
CA TYR B 104 39.60 37.57 -59.87
C TYR B 104 40.67 36.94 -59.00
N ARG B 105 41.64 36.32 -59.64
CA ARG B 105 42.78 35.71 -58.96
C ARG B 105 44.03 35.90 -59.80
N GLY B 106 45.18 35.81 -59.15
CA GLY B 106 46.44 35.94 -59.85
C GLY B 106 47.58 36.09 -58.87
N THR B 107 48.75 36.42 -59.43
CA THR B 107 49.97 36.63 -58.65
C THR B 107 50.28 35.42 -57.76
N MET B 108 50.26 34.24 -58.37
CA MET B 108 50.58 33.00 -57.66
C MET B 108 52.08 32.95 -57.44
N ILE B 109 52.51 33.20 -56.20
CA ILE B 109 53.93 33.31 -55.89
C ILE B 109 54.39 32.09 -55.10
N PRO B 110 55.64 31.66 -55.27
CA PRO B 110 56.18 30.59 -54.43
C PRO B 110 56.70 31.12 -53.11
N SER B 111 55.97 30.81 -52.03
CA SER B 111 56.49 31.06 -50.69
C SER B 111 57.34 29.87 -50.28
N GLU B 112 58.16 30.07 -49.25
CA GLU B 112 59.10 29.04 -48.83
C GLU B 112 58.89 28.69 -47.36
N ALA B 113 58.95 27.39 -47.08
CA ALA B 113 58.73 26.82 -45.76
C ALA B 113 60.01 26.87 -44.92
N PRO B 114 59.87 26.91 -43.59
CA PRO B 114 61.07 26.95 -42.74
C PRO B 114 61.74 25.59 -42.66
N LEU B 115 63.00 25.61 -42.22
CA LEU B 115 63.81 24.41 -42.13
C LEU B 115 64.54 24.39 -40.80
N LEU B 116 64.88 23.19 -40.34
CA LEU B 116 65.52 23.00 -39.04
C LEU B 116 67.04 23.01 -39.17
N HIS B 117 67.70 23.19 -38.02
CA HIS B 117 69.16 23.18 -37.99
C HIS B 117 69.72 21.80 -38.32
N ASN B 118 68.95 20.74 -38.04
CA ASN B 118 69.38 19.40 -38.43
C ASN B 118 69.28 19.19 -39.94
N GLN B 119 68.48 20.00 -40.62
CA GLN B 119 68.32 19.89 -42.07
C GLN B 119 69.16 20.91 -42.83
N VAL B 120 69.62 21.97 -42.17
CA VAL B 120 70.42 23.02 -42.79
C VAL B 120 71.75 23.12 -42.05
N LYS B 121 72.85 22.97 -42.78
CA LYS B 121 74.18 23.12 -42.21
C LYS B 121 74.98 24.12 -43.03
N LEU B 122 75.89 24.82 -42.35
CA LEU B 122 76.66 25.88 -42.98
C LEU B 122 77.68 25.29 -43.96
N VAL B 123 77.98 26.07 -45.01
CA VAL B 123 78.96 25.68 -46.02
C VAL B 123 80.03 26.76 -46.11
N ASP B 124 81.29 26.34 -46.12
CA ASP B 124 82.39 27.27 -46.25
C ASP B 124 82.52 27.76 -47.69
N PRO B 125 82.94 29.00 -47.90
CA PRO B 125 83.03 29.55 -49.25
C PRO B 125 84.23 29.07 -50.06
N THR B 126 85.13 28.27 -49.47
CA THR B 126 86.33 27.87 -50.18
C THR B 126 86.05 26.74 -51.17
N ASP B 127 85.58 25.60 -50.67
CA ASP B 127 85.30 24.45 -51.52
C ASP B 127 83.81 24.27 -51.80
N ARG B 128 82.95 25.05 -51.15
CA ARG B 128 81.50 24.97 -51.35
C ARG B 128 80.99 23.55 -51.12
N LYS B 129 81.43 22.94 -50.02
CA LYS B 129 81.01 21.62 -49.62
C LYS B 129 80.55 21.65 -48.16
N PRO B 130 79.59 20.81 -47.80
CA PRO B 130 79.04 20.88 -46.44
C PRO B 130 80.09 20.58 -45.38
N THR B 131 80.05 21.37 -44.30
CA THR B 131 80.98 21.24 -43.19
C THR B 131 80.22 21.33 -41.88
N ASP B 132 80.90 20.93 -40.80
CA ASP B 132 80.37 21.06 -39.44
C ASP B 132 81.07 22.22 -38.75
N VAL B 133 80.28 23.08 -38.10
CA VAL B 133 80.78 24.32 -37.52
C VAL B 133 80.93 24.15 -36.02
N GLU B 134 82.11 24.48 -35.51
CA GLU B 134 82.38 24.47 -34.08
C GLU B 134 82.96 25.81 -33.66
N TRP B 135 82.48 26.34 -32.53
CA TRP B 135 82.93 27.63 -32.05
C TRP B 135 84.32 27.51 -31.42
N ARG B 136 85.20 28.43 -31.77
CA ARG B 136 86.56 28.46 -31.25
C ARG B 136 86.91 29.86 -30.79
N PHE B 137 87.81 29.94 -29.81
CA PHE B 137 88.30 31.21 -29.27
C PHE B 137 89.67 31.49 -29.85
N THR B 138 89.77 32.57 -30.62
CA THR B 138 91.03 32.94 -31.24
C THR B 138 91.95 33.62 -30.22
N GLU B 139 93.24 33.63 -30.55
CA GLU B 139 94.25 34.27 -29.71
C GLU B 139 94.13 35.79 -29.71
N ALA B 140 93.35 36.36 -30.62
CA ALA B 140 93.16 37.80 -30.71
C ALA B 140 91.99 38.30 -29.87
N GLY B 141 91.35 37.42 -29.09
CA GLY B 141 90.21 37.81 -28.29
C GLY B 141 88.89 37.79 -29.01
N GLU B 142 88.81 37.17 -30.18
CA GLU B 142 87.58 37.12 -30.97
C GLU B 142 87.06 35.70 -31.02
N ARG B 143 85.74 35.56 -31.12
CA ARG B 143 85.05 34.28 -31.22
C ARG B 143 84.47 34.17 -32.63
N VAL B 144 85.13 33.41 -33.49
CA VAL B 144 84.72 33.23 -34.87
C VAL B 144 84.50 31.74 -35.11
N ARG B 145 83.47 31.42 -35.90
CA ARG B 145 83.18 30.03 -36.20
C ARG B 145 84.31 29.42 -37.03
N VAL B 146 84.71 28.20 -36.65
CA VAL B 146 85.79 27.49 -37.31
C VAL B 146 85.26 26.15 -37.80
N SER B 147 85.44 25.88 -39.09
CA SER B 147 85.03 24.60 -39.64
C SER B 147 85.93 23.48 -39.15
N THR B 148 85.37 22.27 -39.10
CA THR B 148 86.11 21.10 -38.66
C THR B 148 86.48 20.14 -39.79
N ARG B 149 85.65 20.06 -40.84
CA ARG B 149 85.96 19.19 -41.96
C ARG B 149 87.21 19.65 -42.70
N SER B 150 87.35 20.96 -42.90
CA SER B 150 88.50 21.53 -43.59
C SER B 150 89.46 22.26 -42.67
N GLY B 151 88.94 22.93 -41.64
CA GLY B 151 89.80 23.65 -40.72
C GLY B 151 90.03 25.10 -41.10
N ARG B 152 88.94 25.82 -41.42
CA ARG B 152 89.02 27.20 -41.81
C ARG B 152 87.93 28.00 -41.09
N ILE B 153 88.19 29.29 -40.92
CA ILE B 153 87.25 30.18 -40.24
C ILE B 153 86.24 30.71 -41.26
N ILE B 154 85.02 30.93 -40.79
CA ILE B 154 83.93 31.40 -41.64
C ILE B 154 83.61 32.83 -41.22
N PRO B 155 83.74 33.80 -42.11
CA PRO B 155 83.46 35.20 -41.74
C PRO B 155 81.98 35.40 -41.40
N LYS B 156 81.74 36.39 -40.56
CA LYS B 156 80.38 36.70 -40.11
C LYS B 156 79.56 37.21 -41.29
N PRO B 157 78.40 36.61 -41.57
CA PRO B 157 77.60 37.05 -42.73
C PRO B 157 76.86 38.36 -42.48
N GLU B 158 77.52 39.48 -42.72
CA GLU B 158 76.88 40.78 -42.52
C GLU B 158 75.62 40.88 -43.37
N PHE B 159 74.52 41.31 -42.75
CA PHE B 159 73.21 41.37 -43.38
C PHE B 159 72.57 42.73 -43.12
N PRO B 160 71.87 43.29 -44.11
CA PRO B 160 71.20 44.57 -43.89
C PRO B 160 70.09 44.44 -42.86
N ARG B 161 69.88 45.51 -42.09
CA ARG B 161 68.87 45.50 -41.05
C ARG B 161 67.47 45.67 -41.66
N ALA B 162 66.46 45.45 -40.82
CA ALA B 162 65.08 45.52 -41.29
C ALA B 162 64.63 46.95 -41.57
N ASP B 163 65.34 47.95 -41.06
CA ASP B 163 64.94 49.34 -41.30
C ASP B 163 65.02 49.69 -42.78
N GLY B 164 66.05 49.22 -43.47
CA GLY B 164 66.20 49.44 -44.89
C GLY B 164 67.13 50.57 -45.28
N ILE B 165 67.87 51.15 -44.33
CA ILE B 165 68.78 52.25 -44.61
C ILE B 165 70.20 51.80 -44.31
N VAL B 166 71.13 52.13 -45.21
CA VAL B 166 72.53 51.76 -45.09
C VAL B 166 73.32 53.02 -44.76
N PRO B 167 74.25 52.98 -43.80
CA PRO B 167 74.95 54.21 -43.40
C PRO B 167 75.79 54.84 -44.50
N GLU B 168 76.15 54.09 -45.55
CA GLU B 168 77.03 54.65 -46.58
C GLU B 168 76.33 55.77 -47.36
N THR B 169 75.01 55.67 -47.54
CA THR B 169 74.24 56.65 -48.28
C THR B 169 73.13 57.19 -47.37
N TRP B 170 73.46 58.23 -46.60
CA TRP B 170 72.48 58.87 -45.72
C TRP B 170 72.63 60.37 -45.84
N ILE B 171 71.51 61.07 -45.94
CA ILE B 171 71.47 62.52 -46.05
C ILE B 171 70.71 63.08 -44.86
N ASP B 172 71.33 64.01 -44.14
CA ASP B 172 70.71 64.60 -42.96
C ASP B 172 69.50 65.44 -43.33
N GLY B 173 68.43 65.27 -42.56
CA GLY B 173 67.25 66.09 -42.71
C GLY B 173 67.33 67.36 -41.89
N PRO B 174 66.26 68.15 -41.89
CA PRO B 174 66.25 69.37 -41.08
C PRO B 174 66.35 69.12 -39.59
N LYS B 175 66.01 67.92 -39.12
CA LYS B 175 65.96 67.60 -37.69
C LYS B 175 66.96 66.52 -37.33
N ASP B 176 68.14 66.55 -37.95
CA ASP B 176 69.21 65.62 -37.64
C ASP B 176 70.48 66.39 -37.30
N THR B 177 71.16 65.96 -36.24
CA THR B 177 72.42 66.58 -35.87
C THR B 177 73.54 66.12 -36.79
N SER B 178 74.48 67.02 -37.04
CA SER B 178 75.67 66.66 -37.78
C SER B 178 76.56 65.77 -36.93
N VAL B 179 77.41 65.00 -37.61
CA VAL B 179 78.26 64.03 -36.91
C VAL B 179 79.22 64.75 -35.97
N GLU B 180 79.81 65.86 -36.41
CA GLU B 180 80.74 66.59 -35.56
C GLU B 180 80.05 67.18 -34.34
N ASP B 181 78.83 67.69 -34.51
CA ASP B 181 78.09 68.22 -33.36
C ASP B 181 77.68 67.11 -32.40
N ALA B 182 77.32 65.94 -32.93
CA ALA B 182 76.94 64.82 -32.08
C ALA B 182 78.13 64.27 -31.31
N LEU B 183 79.30 64.24 -31.92
CA LEU B 183 80.50 63.70 -31.29
C LEU B 183 81.32 64.75 -30.54
N GLU B 184 80.92 66.01 -30.59
CA GLU B 184 81.63 67.05 -29.86
C GLU B 184 81.49 66.83 -28.36
N LYS B 185 82.61 66.88 -27.65
CA LYS B 185 82.64 66.68 -26.20
C LYS B 185 82.75 68.04 -25.53
N THR B 186 81.76 68.39 -24.70
CA THR B 186 81.76 69.65 -23.98
C THR B 186 81.51 69.47 -22.49
N TYR B 187 81.53 68.23 -21.99
CA TYR B 187 81.27 67.97 -20.58
C TYR B 187 82.49 68.31 -19.75
N VAL B 188 82.29 69.14 -18.72
CA VAL B 188 83.35 69.44 -17.75
C VAL B 188 82.94 68.80 -16.44
N PRO B 189 83.56 67.68 -16.04
CA PRO B 189 83.07 66.95 -14.86
C PRO B 189 83.40 67.63 -13.55
N ARG B 190 82.56 68.58 -13.14
CA ARG B 190 82.71 69.24 -11.85
C ARG B 190 81.69 68.67 -10.87
N LEU B 191 81.65 69.25 -9.67
CA LEU B 191 80.83 68.75 -8.57
C LEU B 191 79.57 69.58 -8.35
N LYS B 192 78.97 70.06 -9.43
CA LYS B 192 77.74 70.84 -9.36
C LYS B 192 76.60 70.08 -10.04
N THR B 193 75.40 70.20 -9.47
CA THR B 193 74.24 69.56 -10.05
C THR B 193 73.82 70.29 -11.33
N LEU B 194 73.00 69.60 -12.13
CA LEU B 194 72.44 70.23 -13.33
C LEU B 194 71.64 71.47 -12.96
N GLU B 195 70.89 71.41 -11.86
CA GLU B 195 70.11 72.55 -11.41
C GLU B 195 70.99 73.74 -11.07
N GLU B 196 72.05 73.50 -10.30
CA GLU B 196 72.95 74.59 -9.92
C GLU B 196 73.66 75.17 -11.13
N GLU B 197 74.09 74.31 -12.05
CA GLU B 197 74.77 74.80 -13.24
C GLU B 197 73.83 75.63 -14.12
N VAL B 198 72.59 75.18 -14.28
CA VAL B 198 71.63 75.96 -15.07
C VAL B 198 71.33 77.29 -14.40
N MET B 199 71.17 77.29 -13.07
CA MET B 199 70.92 78.53 -12.36
C MET B 199 72.08 79.51 -12.53
N GLU B 200 73.31 79.01 -12.41
CA GLU B 200 74.47 79.88 -12.60
C GLU B 200 74.56 80.40 -14.02
N ALA B 201 74.28 79.53 -15.00
CA ALA B 201 74.38 79.92 -16.40
C ALA B 201 73.35 81.00 -16.75
N MET B 202 72.11 80.83 -16.28
CA MET B 202 71.05 81.77 -16.59
C MET B 202 70.98 82.94 -15.62
N GLY B 203 71.83 82.97 -14.60
CA GLY B 203 71.88 84.11 -13.71
C GLY B 203 70.71 84.23 -12.76
N ILE B 204 70.02 83.12 -12.49
CA ILE B 204 68.90 83.16 -11.55
C ILE B 204 69.46 83.21 -10.14
N GLN B 205 69.16 84.28 -9.42
CA GLN B 205 69.68 84.50 -8.07
C GLN B 205 68.60 84.16 -7.05
N GLU B 206 68.92 83.24 -6.14
CA GLU B 206 68.03 82.87 -5.05
C GLU B 206 68.81 82.95 -3.75
N THR B 207 68.35 83.81 -2.85
CA THR B 207 69.04 84.06 -1.57
C THR B 207 68.46 83.23 -0.43
N ARG B 208 67.14 83.25 -0.27
CA ARG B 208 66.51 82.52 0.82
C ARG B 208 66.63 81.01 0.61
N ARG B 209 66.63 80.28 1.72
CA ARG B 209 66.82 78.83 1.71
C ARG B 209 65.66 78.14 2.41
N HIS B 210 65.55 76.84 2.17
CA HIS B 210 64.45 76.06 2.72
C HIS B 210 64.55 75.97 4.24
N LYS B 211 63.39 75.81 4.88
CA LYS B 211 63.31 75.66 6.32
C LYS B 211 63.57 74.21 6.69
N LYS B 212 63.41 73.87 7.97
CA LYS B 212 63.60 72.51 8.44
C LYS B 212 62.38 71.66 8.09
N VAL B 213 62.62 70.53 7.44
CA VAL B 213 61.57 69.61 7.02
C VAL B 213 61.85 68.26 7.65
N TYR B 214 60.85 67.72 8.35
CA TYR B 214 60.98 66.43 9.02
C TYR B 214 60.54 65.30 8.10
N TRP B 215 61.31 64.21 8.09
CA TRP B 215 61.00 63.04 7.30
C TRP B 215 60.70 61.87 8.21
N TYR B 216 59.54 61.26 8.03
CA TYR B 216 59.15 60.06 8.79
C TYR B 216 57.94 59.38 8.16
N ALA C 30 31.18 71.65 46.06
CA ALA C 30 30.19 72.07 45.08
C ALA C 30 30.05 71.02 43.98
N TYR C 31 29.30 71.37 42.93
CA TYR C 31 29.07 70.48 41.80
C TYR C 31 29.84 71.03 40.60
N GLU C 32 30.92 70.35 40.25
CA GLU C 32 31.71 70.75 39.08
C GLU C 32 30.94 70.45 37.80
N TRP C 33 31.15 71.30 36.79
CA TRP C 33 30.42 71.21 35.54
C TRP C 33 31.18 70.43 34.46
N GLY C 34 32.27 69.77 34.82
CA GLY C 34 33.03 68.96 33.88
C GLY C 34 32.85 67.48 34.16
N VAL C 35 32.46 66.74 33.13
CA VAL C 35 32.28 65.30 33.22
C VAL C 35 33.60 64.61 32.90
N ARG C 36 34.00 63.66 33.75
CA ARG C 36 35.32 63.06 33.64
C ARG C 36 35.53 62.38 32.29
N SER C 37 34.51 61.68 31.79
CA SER C 37 34.64 61.00 30.51
C SER C 37 34.72 61.96 29.34
N THR C 38 34.37 63.24 29.54
CA THR C 38 34.40 64.23 28.47
C THR C 38 35.55 65.22 28.59
N ARG C 39 36.20 65.30 29.75
CA ARG C 39 37.39 66.13 29.88
C ARG C 39 38.56 65.50 29.13
N LYS C 40 39.63 66.27 29.00
CA LYS C 40 40.84 65.76 28.37
C LYS C 40 41.43 64.69 29.29
N PRO C 41 41.59 63.45 28.82
CA PRO C 41 42.07 62.38 29.70
C PRO C 41 43.49 62.66 30.19
N GLU C 42 43.75 62.26 31.43
CA GLU C 42 45.07 62.41 32.01
C GLU C 42 46.07 61.54 31.25
N PRO C 43 47.31 61.99 31.12
CA PRO C 43 48.31 61.19 30.41
C PRO C 43 48.53 59.87 31.11
N PRO C 44 48.81 58.81 30.36
CA PRO C 44 49.04 57.51 30.99
C PRO C 44 50.25 57.56 31.89
N PRO C 45 50.28 56.75 32.94
CA PRO C 45 51.41 56.79 33.87
C PRO C 45 52.71 56.40 33.18
N LEU C 46 53.79 57.05 33.60
CA LEU C 46 55.10 56.78 33.02
C LEU C 46 55.53 55.36 33.34
N ASP C 47 56.38 54.81 32.46
CA ASP C 47 56.86 53.45 32.65
C ASP C 47 57.69 53.35 33.92
N ARG C 48 57.70 52.15 34.51
CA ARG C 48 58.41 51.95 35.77
C ARG C 48 59.92 52.16 35.64
N VAL C 49 60.46 52.06 34.43
CA VAL C 49 61.89 52.27 34.23
C VAL C 49 62.28 53.71 34.53
N TYR C 50 61.35 54.65 34.36
CA TYR C 50 61.66 56.06 34.60
C TYR C 50 61.83 56.39 36.07
N GLU C 51 61.39 55.52 36.98
CA GLU C 51 61.49 55.76 38.41
C GLU C 51 62.77 55.23 39.02
N ILE C 52 63.62 54.56 38.24
CA ILE C 52 64.86 53.97 38.76
C ILE C 52 65.96 55.02 38.59
N PRO C 53 66.57 55.49 39.67
CA PRO C 53 67.66 56.47 39.53
C PRO C 53 68.86 55.89 38.81
N GLY C 54 69.52 56.72 38.02
CA GLY C 54 70.72 56.30 37.31
C GLY C 54 70.49 55.19 36.30
N LEU C 55 69.37 55.23 35.59
CA LEU C 55 69.03 54.22 34.61
C LEU C 55 68.39 54.88 33.41
N GLU C 56 69.05 54.79 32.26
CA GLU C 56 68.50 55.39 31.05
C GLU C 56 67.50 54.42 30.41
N PRO C 57 66.27 54.86 30.13
CA PRO C 57 65.29 53.97 29.53
C PRO C 57 65.57 53.72 28.06
N ILE C 58 65.19 52.53 27.60
CA ILE C 58 65.27 52.16 26.20
C ILE C 58 63.89 52.36 25.59
N THR C 59 63.74 53.40 24.78
CA THR C 59 62.47 53.78 24.17
C THR C 59 62.52 53.55 22.67
N TYR C 60 61.41 53.87 22.01
CA TYR C 60 61.29 53.69 20.56
C TYR C 60 61.42 55.02 19.81
N ALA C 61 62.02 56.04 20.43
CA ALA C 61 62.20 57.31 19.74
C ALA C 61 63.17 57.19 18.57
N GLY C 62 64.10 56.23 18.63
CA GLY C 62 65.06 56.09 17.55
C GLY C 62 64.51 55.51 16.28
N LYS C 63 63.43 54.74 16.36
CA LYS C 63 62.81 54.13 15.19
C LYS C 63 61.64 54.93 14.64
N MET C 64 61.29 56.05 15.28
CA MET C 64 60.28 56.99 14.77
C MET C 64 58.90 56.36 14.62
N HIS C 65 58.61 55.32 15.40
CA HIS C 65 57.26 54.77 15.44
C HIS C 65 57.09 54.00 16.74
N PHE C 66 55.84 53.84 17.15
CA PHE C 66 55.54 53.12 18.37
C PHE C 66 55.68 51.62 18.16
N MET C 67 56.26 50.94 19.15
CA MET C 67 56.36 49.49 19.15
C MET C 67 56.14 49.01 20.57
N PRO C 68 55.33 47.98 20.78
CA PRO C 68 55.14 47.45 22.14
C PRO C 68 56.41 46.80 22.65
N GLY C 69 56.57 46.84 23.98
CA GLY C 69 57.72 46.29 24.64
C GLY C 69 58.80 47.30 24.99
N LEU C 70 58.78 48.47 24.36
CA LEU C 70 59.73 49.54 24.66
C LEU C 70 59.03 50.64 25.45
N ALA C 71 59.80 51.33 26.29
CA ALA C 71 59.25 52.39 27.13
C ALA C 71 58.79 53.56 26.28
N ARG C 72 57.80 54.28 26.81
CA ARG C 72 57.26 55.44 26.11
C ARG C 72 58.22 56.62 26.26
N PRO C 73 58.74 57.17 25.16
CA PRO C 73 59.67 58.29 25.28
C PRO C 73 58.94 59.57 25.65
N VAL C 74 59.58 60.36 26.51
CA VAL C 74 59.05 61.66 26.92
C VAL C 74 59.77 62.74 26.11
N PHE C 75 58.99 63.68 25.58
CA PHE C 75 59.59 64.71 24.73
C PHE C 75 59.39 66.08 25.35
N PRO C 76 60.38 66.96 25.22
CA PRO C 76 60.19 68.35 25.61
C PRO C 76 59.21 69.04 24.67
N PRO C 77 58.58 70.13 25.10
CA PRO C 77 57.64 70.83 24.20
C PRO C 77 58.36 71.25 22.92
N TRP C 78 57.67 71.06 21.79
CA TRP C 78 58.28 71.31 20.51
C TRP C 78 58.55 72.79 20.31
N ASP C 79 59.73 73.12 19.77
CA ASP C 79 60.13 74.50 19.55
C ASP C 79 60.33 74.74 18.06
N PRO C 80 59.34 75.28 17.36
CA PRO C 80 59.56 75.67 15.96
C PRO C 80 60.39 76.95 15.88
N GLY C 81 61.71 76.81 15.89
CA GLY C 81 62.65 77.92 15.96
C GLY C 81 62.28 79.15 15.15
N TRP C 82 61.66 78.96 14.00
CA TRP C 82 61.11 80.06 13.22
C TRP C 82 59.61 80.12 13.46
N THR C 83 59.11 81.31 13.80
CA THR C 83 57.70 81.47 14.13
C THR C 83 56.85 81.45 12.86
N HIS C 84 55.67 80.82 12.98
CA HIS C 84 54.70 80.79 11.91
C HIS C 84 53.42 81.48 12.38
N PRO C 85 52.86 82.40 11.59
CA PRO C 85 51.67 83.14 12.06
C PRO C 85 50.46 82.25 12.30
N LYS C 86 50.08 81.43 11.32
CA LYS C 86 48.86 80.65 11.45
C LYS C 86 49.02 79.51 12.44
N PHE C 87 50.18 78.85 12.45
CA PHE C 87 50.38 77.62 13.21
C PHE C 87 51.17 77.82 14.49
N ARG C 88 50.93 78.93 15.19
CA ARG C 88 51.53 79.16 16.50
C ARG C 88 50.44 79.26 17.54
N ARG C 89 50.80 78.95 18.79
CA ARG C 89 49.86 79.08 19.89
C ARG C 89 49.49 80.54 20.10
N LEU C 90 48.23 80.79 20.44
CA LEU C 90 47.76 82.15 20.63
C LEU C 90 48.53 82.83 21.77
N PRO C 91 49.07 84.02 21.55
CA PRO C 91 49.79 84.69 22.63
C PRO C 91 48.85 84.99 23.78
N PRO C 92 49.36 84.93 25.02
CA PRO C 92 48.49 85.19 26.17
C PRO C 92 48.06 86.64 26.23
N LEU C 93 46.95 86.86 26.94
CA LEU C 93 46.38 88.21 27.05
C LEU C 93 47.33 89.16 27.77
N HIS C 94 47.99 88.68 28.84
CA HIS C 94 48.87 89.56 29.61
C HIS C 94 50.14 89.91 28.85
N GLU C 95 50.41 89.25 27.73
CA GLU C 95 51.58 89.58 26.93
C GLU C 95 51.35 90.78 26.02
N HIS C 96 50.10 91.17 25.82
CA HIS C 96 49.80 92.30 24.94
C HIS C 96 50.35 93.59 25.53
N PRO C 97 50.89 94.48 24.70
CA PRO C 97 51.39 95.76 25.22
C PRO C 97 50.31 96.65 25.81
N LEU C 98 49.05 96.45 25.43
CA LEU C 98 47.95 97.28 25.91
C LEU C 98 47.30 96.72 27.17
N TYR C 99 47.81 95.62 27.71
CA TYR C 99 47.20 95.01 28.90
C TYR C 99 47.34 95.93 30.10
N LYS C 100 46.25 96.07 30.85
CA LYS C 100 46.21 96.92 32.03
C LYS C 100 45.69 96.11 33.22
N ASP C 101 46.24 96.40 34.40
CA ASP C 101 45.79 95.70 35.60
C ASP C 101 44.35 96.04 35.94
N GLN C 102 43.98 97.32 35.83
CA GLN C 102 42.62 97.73 36.15
C GLN C 102 41.66 97.23 35.07
N ALA C 103 40.53 96.67 35.50
CA ALA C 103 39.55 96.13 34.58
C ALA C 103 38.71 97.26 33.98
N CYS C 104 38.48 97.21 32.68
CA CYS C 104 37.64 98.16 31.99
C CYS C 104 36.33 97.48 31.59
N TYR C 105 35.22 98.15 31.84
CA TYR C 105 33.90 97.64 31.47
C TYR C 105 33.50 98.26 30.15
N VAL C 106 33.53 97.46 29.09
CA VAL C 106 33.28 97.90 27.74
C VAL C 106 31.85 97.59 27.36
N PHE C 107 31.16 98.57 26.79
CA PHE C 107 29.84 98.40 26.19
C PHE C 107 30.01 98.47 24.68
N HIS C 108 29.71 97.36 24.01
CA HIS C 108 29.73 97.30 22.56
C HIS C 108 28.31 97.17 22.03
N GLN C 109 28.19 96.95 20.72
CA GLN C 109 26.89 97.05 20.06
C GLN C 109 25.87 96.06 20.63
N ARG C 110 26.30 94.82 20.88
CA ARG C 110 25.38 93.75 21.29
C ARG C 110 25.49 93.44 22.78
N CYS C 111 25.66 94.44 23.63
CA CYS C 111 25.64 94.23 25.08
C CYS C 111 24.25 94.52 25.62
N ARG C 112 23.77 93.66 26.49
CA ARG C 112 22.43 93.77 27.07
C ARG C 112 22.53 94.21 28.53
N LEU C 113 21.69 95.16 28.91
CA LEU C 113 21.63 95.66 30.27
C LEU C 113 20.41 95.06 30.97
N LEU C 114 20.60 94.63 32.22
CA LEU C 114 19.52 93.99 32.95
C LEU C 114 18.39 94.98 33.25
N GLU C 115 18.70 96.03 34.02
CA GLU C 115 17.75 97.11 34.26
C GLU C 115 18.10 98.24 33.29
N GLY C 116 17.67 98.06 32.04
CA GLY C 116 18.16 98.84 30.92
C GLY C 116 18.21 100.35 31.08
N VAL C 117 17.06 101.00 31.18
CA VAL C 117 17.04 102.46 31.26
C VAL C 117 17.69 102.93 32.55
N LYS C 118 17.38 102.28 33.66
CA LYS C 118 17.97 102.70 34.94
C LYS C 118 19.48 102.57 34.92
N GLN C 119 19.98 101.44 34.43
CA GLN C 119 21.43 101.24 34.37
C GLN C 119 22.09 102.24 33.44
N ALA C 120 21.47 102.51 32.28
CA ALA C 120 22.03 103.48 31.35
C ALA C 120 22.07 104.88 31.96
N LEU C 121 20.99 105.28 32.64
CA LEU C 121 20.97 106.58 33.28
C LEU C 121 22.03 106.68 34.36
N TRP C 122 22.21 105.62 35.16
CA TRP C 122 23.24 105.66 36.19
C TRP C 122 24.63 105.73 35.58
N LEU C 123 24.89 104.95 34.53
CA LEU C 123 26.23 104.93 33.95
C LEU C 123 26.57 106.21 33.22
N THR C 124 25.59 106.88 32.62
CA THR C 124 25.84 108.10 31.86
C THR C 124 25.53 109.37 32.64
N LYS C 125 25.05 109.27 33.88
CA LYS C 125 24.70 110.42 34.71
C LYS C 125 23.74 111.35 33.97
N THR C 126 22.59 110.79 33.62
CA THR C 126 21.57 111.51 32.87
C THR C 126 20.22 111.38 33.55
N GLN C 127 19.34 112.35 33.28
CA GLN C 127 18.00 112.38 33.82
C GLN C 127 17.00 112.08 32.71
N LEU C 128 16.08 111.16 32.98
CA LEU C 128 15.10 110.71 32.00
C LEU C 128 13.91 111.67 31.95
N ILE C 129 13.43 111.94 30.75
CA ILE C 129 12.22 112.72 30.53
C ILE C 129 11.33 111.95 29.55
N GLU C 130 10.03 111.93 29.82
CA GLU C 130 9.10 111.13 29.03
C GLU C 130 8.88 111.75 27.65
N GLY C 131 8.35 112.97 27.61
CA GLY C 131 8.04 113.59 26.35
C GLY C 131 9.27 113.99 25.56
N LEU C 132 9.07 114.13 24.26
CA LEU C 132 10.12 114.65 23.39
C LEU C 132 10.30 116.15 23.66
N PRO C 133 11.45 116.72 23.27
CA PRO C 133 11.64 118.15 23.48
C PRO C 133 10.56 118.97 22.77
N GLU C 134 10.20 120.09 23.39
CA GLU C 134 9.10 120.90 22.87
C GLU C 134 9.40 121.44 21.48
N LYS C 135 10.69 121.70 21.18
CA LYS C 135 11.06 122.15 19.85
C LYS C 135 10.73 121.08 18.80
N VAL C 136 11.13 119.84 19.07
CA VAL C 136 10.82 118.75 18.14
C VAL C 136 9.31 118.54 18.06
N LEU C 137 8.62 118.66 19.19
CA LEU C 137 7.17 118.45 19.20
C LEU C 137 6.47 119.49 18.33
N ARG C 138 6.86 120.76 18.44
CA ARG C 138 6.23 121.78 17.60
C ARG C 138 6.63 121.63 16.14
N LEU C 139 7.87 121.20 15.89
CA LEU C 139 8.30 120.96 14.51
C LEU C 139 7.45 119.87 13.87
N ALA C 140 7.12 118.83 14.64
CA ALA C 140 6.23 117.78 14.14
C ALA C 140 4.81 118.32 13.96
N ASP C 141 4.28 119.02 14.97
CA ASP C 141 2.90 119.47 14.95
C ASP C 141 2.65 120.54 13.90
N ASP C 142 3.67 121.22 13.43
CA ASP C 142 3.50 122.24 12.40
C ASP C 142 3.12 121.56 11.09
N PRO C 143 1.97 121.87 10.49
CA PRO C 143 1.57 121.24 9.23
C PRO C 143 2.31 121.73 8.00
N ARG C 144 3.13 122.77 8.11
CA ARG C 144 3.88 123.30 6.98
C ARG C 144 5.20 122.58 6.75
N ASN C 145 5.60 121.68 7.64
CA ASN C 145 6.81 120.91 7.49
C ASN C 145 6.58 119.54 6.89
N HIS C 146 5.33 119.19 6.58
CA HIS C 146 5.01 117.88 6.05
C HIS C 146 5.36 117.79 4.58
N ILE C 147 5.53 116.55 4.10
CA ILE C 147 5.79 116.28 2.70
C ILE C 147 4.47 116.31 1.94
N GLU C 148 4.53 116.29 0.61
CA GLU C 148 3.37 116.54 -0.23
C GLU C 148 2.21 115.60 0.11
N ASN C 149 2.39 114.31 -0.12
CA ASN C 149 1.38 113.30 0.22
C ASN C 149 1.96 112.41 1.30
N GLN C 150 1.86 112.87 2.55
CA GLN C 150 2.53 112.17 3.65
C GLN C 150 1.89 110.83 3.93
N ASP C 151 0.56 110.79 4.07
CA ASP C 151 -0.11 109.54 4.40
C ASP C 151 0.11 108.50 3.31
N GLU C 152 -0.17 108.86 2.06
CA GLU C 152 -0.02 107.89 0.98
C GLU C 152 1.42 107.45 0.82
N ARG C 153 2.37 108.38 0.93
CA ARG C 153 3.77 108.01 0.77
C ARG C 153 4.26 107.10 1.90
N VAL C 154 3.82 107.35 3.13
CA VAL C 154 4.26 106.51 4.24
C VAL C 154 3.63 105.12 4.15
N LEU C 155 2.34 105.06 3.80
CA LEU C 155 1.73 103.74 3.59
C LEU C 155 2.42 102.98 2.46
N ASN C 156 2.78 103.69 1.37
CA ASN C 156 3.50 103.03 0.28
C ASN C 156 4.86 102.52 0.75
N ALA C 157 5.57 103.32 1.54
CA ALA C 157 6.87 102.89 2.05
C ALA C 157 6.74 101.67 2.95
N ILE C 158 5.73 101.67 3.83
CA ILE C 158 5.52 100.53 4.72
C ILE C 158 5.20 99.28 3.91
N SER C 159 4.31 99.41 2.91
CA SER C 159 3.96 98.27 2.09
C SER C 159 5.14 97.76 1.29
N HIS C 160 5.95 98.66 0.74
CA HIS C 160 7.12 98.25 -0.02
C HIS C 160 8.13 97.53 0.86
N ALA C 161 8.36 98.04 2.06
CA ALA C 161 9.31 97.41 2.96
C ALA C 161 8.83 96.03 3.40
N ARG C 162 7.56 95.93 3.81
CA ARG C 162 7.06 94.69 4.38
C ARG C 162 6.78 93.63 3.32
N LEU C 163 6.30 94.00 2.14
CA LEU C 163 5.91 93.04 1.13
C LEU C 163 6.63 93.20 -0.20
N TRP C 164 6.69 94.42 -0.75
CA TRP C 164 7.05 94.59 -2.16
C TRP C 164 8.55 94.50 -2.43
N HIS C 165 9.40 94.79 -1.44
CA HIS C 165 10.82 94.94 -1.72
C HIS C 165 11.48 93.65 -2.18
N SER C 166 10.90 92.49 -1.88
CA SER C 166 11.50 91.22 -2.23
C SER C 166 10.48 90.35 -2.97
N THR C 167 11.00 89.43 -3.78
CA THR C 167 10.18 88.51 -4.54
C THR C 167 9.61 87.38 -3.69
N GLU C 168 10.06 87.23 -2.45
CA GLU C 168 9.52 86.22 -1.56
C GLU C 168 8.10 86.59 -1.12
N ASP C 169 7.34 85.57 -0.73
CA ASP C 169 5.99 85.81 -0.25
C ASP C 169 5.98 86.52 1.09
N ILE C 170 6.81 86.06 2.02
CA ILE C 170 6.89 86.63 3.37
C ILE C 170 8.32 87.07 3.62
N PRO C 171 8.63 88.36 3.42
CA PRO C 171 9.98 88.85 3.70
C PRO C 171 10.31 88.79 5.19
N LYS C 172 11.61 88.68 5.47
CA LYS C 172 12.12 88.52 6.82
C LYS C 172 12.53 89.85 7.43
N ARG C 173 12.63 89.87 8.76
CA ARG C 173 12.93 91.11 9.47
C ARG C 173 14.30 91.64 9.10
N GLU C 174 15.29 90.75 8.96
CA GLU C 174 16.63 91.18 8.57
C GLU C 174 16.64 91.87 7.23
N THR C 175 15.62 91.66 6.40
CA THR C 175 15.50 92.36 5.14
C THR C 175 14.65 93.61 5.24
N TYR C 176 13.52 93.57 5.96
CA TYR C 176 12.61 94.70 5.92
C TYR C 176 12.86 95.75 7.00
N CYS C 177 13.79 95.52 7.93
CA CYS C 177 14.07 96.59 8.89
C CYS C 177 14.96 97.65 8.25
N PRO C 178 16.14 97.30 7.70
CA PRO C 178 16.93 98.32 7.03
C PRO C 178 16.22 98.94 5.85
N VAL C 179 15.40 98.18 5.14
CA VAL C 179 14.68 98.72 3.99
C VAL C 179 13.70 99.79 4.44
N ILE C 180 12.94 99.53 5.51
CA ILE C 180 11.97 100.52 5.96
C ILE C 180 12.69 101.75 6.52
N VAL C 181 13.82 101.54 7.21
CA VAL C 181 14.56 102.68 7.74
C VAL C 181 15.10 103.54 6.59
N ASP C 182 15.63 102.91 5.55
CA ASP C 182 16.13 103.65 4.40
C ASP C 182 15.01 104.37 3.66
N SER C 183 13.83 103.72 3.56
CA SER C 183 12.70 104.37 2.91
C SER C 183 12.25 105.61 3.69
N LEU C 184 12.19 105.51 5.01
CA LEU C 184 11.83 106.68 5.82
C LEU C 184 12.90 107.77 5.71
N ILE C 185 14.17 107.38 5.67
CA ILE C 185 15.25 108.36 5.52
C ILE C 185 15.14 109.08 4.18
N GLN C 186 14.81 108.35 3.12
CA GLN C 186 14.62 108.98 1.81
C GLN C 186 13.40 109.88 1.80
N LEU C 187 12.32 109.47 2.46
CA LEU C 187 11.15 110.33 2.55
C LEU C 187 11.48 111.63 3.26
N CYS C 188 12.26 111.56 4.33
CA CYS C 188 12.68 112.77 5.03
C CYS C 188 13.67 113.59 4.21
N LYS C 189 14.52 112.93 3.42
CA LYS C 189 15.48 113.63 2.57
C LYS C 189 14.80 114.32 1.40
N SER C 190 13.61 113.88 1.03
CA SER C 190 12.82 114.55 -0.01
C SER C 190 12.30 115.92 0.42
N GLN C 191 12.70 116.38 1.61
CA GLN C 191 12.31 117.67 2.16
C GLN C 191 13.29 118.78 1.79
N ILE C 192 14.41 118.43 1.15
CA ILE C 192 15.50 119.36 0.95
C ILE C 192 15.13 120.47 -0.03
N LEU C 193 14.17 120.21 -0.93
CA LEU C 193 13.86 121.21 -1.95
C LEU C 193 13.31 122.49 -1.32
N LYS C 194 12.48 122.39 -0.28
CA LYS C 194 11.99 123.57 0.41
C LYS C 194 12.57 123.73 1.81
N HIS C 195 13.51 122.88 2.21
CA HIS C 195 14.43 123.17 3.32
C HIS C 195 15.86 123.00 2.81
N PRO C 196 16.42 124.03 2.14
CA PRO C 196 17.77 123.93 1.56
C PRO C 196 18.89 123.99 2.60
N SER C 197 18.78 123.16 3.63
CA SER C 197 19.80 123.07 4.67
C SER C 197 20.12 121.64 5.06
N LEU C 198 19.46 120.65 4.46
CA LEU C 198 19.73 119.25 4.75
C LEU C 198 20.88 118.69 3.94
N ALA C 199 21.48 119.48 3.06
CA ALA C 199 22.64 119.04 2.29
C ALA C 199 23.93 119.15 3.06
N ARG C 200 23.91 119.74 4.27
CA ARG C 200 25.08 119.85 5.12
C ARG C 200 25.35 118.57 5.91
N ARG C 201 24.72 117.46 5.52
CA ARG C 201 24.81 116.21 6.24
C ARG C 201 25.36 115.10 5.34
N ILE C 202 25.79 114.02 5.99
CA ILE C 202 26.33 112.86 5.29
C ILE C 202 26.03 111.64 6.14
N CYS C 203 26.14 110.46 5.55
CA CYS C 203 25.86 109.20 6.23
C CYS C 203 27.14 108.40 6.38
N ALA C 204 27.27 107.73 7.51
CA ALA C 204 28.43 106.89 7.80
C ALA C 204 27.96 105.53 8.32
N GLN C 205 28.66 104.49 7.90
CA GLN C 205 28.33 103.12 8.27
C GLN C 205 29.56 102.41 8.80
N ASN C 206 29.41 101.76 9.96
CA ASN C 206 30.42 100.88 10.53
C ASN C 206 31.74 101.63 10.77
N ASN C 207 31.69 102.61 11.66
CA ASN C 207 32.87 103.34 12.11
C ASN C 207 33.12 103.07 13.59
N THR C 208 34.38 103.10 13.99
CA THR C 208 34.76 102.70 15.34
C THR C 208 34.69 103.91 16.28
N LEU C 209 33.81 103.83 17.27
CA LEU C 209 33.69 104.83 18.31
C LEU C 209 34.25 104.28 19.61
N SER C 210 34.96 105.13 20.35
CA SER C 210 35.55 104.74 21.63
C SER C 210 35.55 105.95 22.55
N ALA C 211 34.81 105.85 23.66
CA ALA C 211 34.74 106.92 24.65
C ALA C 211 34.75 106.31 26.04
N THR C 212 35.75 106.64 26.84
CA THR C 212 35.90 106.07 28.17
C THR C 212 35.76 107.17 29.22
N TRP C 213 35.26 106.77 30.39
CA TRP C 213 35.10 107.71 31.49
C TRP C 213 35.04 106.94 32.81
N ASN C 214 35.35 107.64 33.90
CA ASN C 214 35.29 107.09 35.23
C ASN C 214 33.96 107.45 35.88
N ARG C 215 33.28 106.45 36.42
CA ARG C 215 31.96 106.64 37.03
C ARG C 215 31.97 105.94 38.39
N GLU C 216 32.32 106.68 39.44
CA GLU C 216 32.42 106.17 40.81
C GLU C 216 33.42 105.00 40.85
N SER C 217 34.67 105.34 40.56
CA SER C 217 35.79 104.40 40.59
C SER C 217 35.62 103.23 39.63
N ILE C 218 34.82 103.41 38.58
CA ILE C 218 34.58 102.38 37.57
C ILE C 218 35.01 102.92 36.22
N LEU C 219 35.88 102.18 35.52
CA LEU C 219 36.40 102.61 34.23
C LEU C 219 35.50 102.05 33.14
N LEU C 220 34.49 102.84 32.76
CA LEU C 220 33.55 102.46 31.73
C LEU C 220 34.07 102.93 30.38
N GLN C 221 33.67 102.22 29.32
CA GLN C 221 34.09 102.57 27.97
C GLN C 221 33.06 102.10 26.97
N VAL C 222 32.41 103.04 26.30
CA VAL C 222 31.56 102.71 25.16
C VAL C 222 32.44 102.58 23.93
N HIS C 223 32.53 101.37 23.39
CA HIS C 223 33.47 101.09 22.32
C HIS C 223 32.84 100.10 21.34
N GLY C 224 32.89 100.43 20.08
CA GLY C 224 32.39 99.53 19.06
C GLY C 224 31.90 100.30 17.84
N SER C 225 30.75 99.89 17.32
CA SER C 225 30.16 100.51 16.15
C SER C 225 28.64 100.36 16.21
N SER C 226 27.94 101.38 15.74
CA SER C 226 26.48 101.37 15.71
C SER C 226 26.00 100.95 14.31
N GLY C 227 24.70 101.01 14.10
CA GLY C 227 24.14 100.68 12.80
C GLY C 227 24.49 101.70 11.74
N ALA C 228 23.95 102.91 11.87
CA ALA C 228 24.25 103.99 10.95
C ALA C 228 24.37 105.29 11.72
N ARG C 229 25.08 106.26 11.14
CA ARG C 229 25.21 107.56 11.79
C ARG C 229 25.06 108.66 10.75
N LEU C 230 24.49 109.78 11.18
CA LEU C 230 24.38 110.98 10.38
C LEU C 230 25.33 112.03 10.92
N ASN C 231 26.20 112.56 10.07
CA ASN C 231 27.11 113.62 10.43
C ASN C 231 26.64 114.92 9.78
N ALA C 232 26.94 116.05 10.43
CA ALA C 232 26.52 117.34 9.96
C ALA C 232 27.64 118.35 10.13
N LYS C 233 27.61 119.38 9.30
CA LYS C 233 28.58 120.46 9.42
C LYS C 233 28.27 121.36 10.61
N ASP C 234 27.00 121.67 10.83
CA ASP C 234 26.55 122.61 11.85
C ASP C 234 26.19 121.89 13.14
N PRO C 235 26.64 122.40 14.28
CA PRO C 235 26.26 121.80 15.56
C PRO C 235 24.76 121.90 15.81
N LEU C 236 24.23 120.89 16.48
CA LEU C 236 22.82 120.89 16.83
C LEU C 236 22.62 121.77 18.06
N PRO C 237 21.74 122.77 18.00
CA PRO C 237 21.59 123.68 19.14
C PRO C 237 20.99 122.96 20.34
N PRO C 238 21.30 123.41 21.56
CA PRO C 238 20.74 122.75 22.74
C PRO C 238 19.23 122.90 22.82
N VAL C 239 18.60 121.89 23.42
CA VAL C 239 17.15 121.88 23.57
C VAL C 239 16.69 122.05 25.01
N ALA C 240 17.58 121.93 25.98
CA ALA C 240 17.19 122.05 27.38
C ALA C 240 17.29 123.50 27.84
N SER C 241 16.27 123.94 28.56
CA SER C 241 16.27 125.29 29.12
C SER C 241 17.14 125.35 30.37
N GLN C 242 17.56 126.56 30.71
CA GLN C 242 18.39 126.76 31.90
C GLN C 242 17.65 126.36 33.17
N GLU C 243 16.34 126.60 33.22
CA GLU C 243 15.55 126.18 34.37
C GLU C 243 15.57 124.66 34.52
N GLU C 244 15.40 123.93 33.42
CA GLU C 244 15.44 122.47 33.48
C GLU C 244 16.84 121.97 33.87
N VAL C 245 17.88 122.59 33.33
CA VAL C 245 19.24 122.19 33.66
C VAL C 245 19.50 122.41 35.15
N GLU C 246 19.07 123.54 35.69
CA GLU C 246 19.25 123.80 37.12
C GLU C 246 18.44 122.85 37.97
N ALA C 247 17.19 122.56 37.58
CA ALA C 247 16.37 121.62 38.33
C ALA C 247 16.91 120.21 38.25
N THR C 248 17.71 119.91 37.24
CA THR C 248 18.36 118.60 37.16
C THR C 248 19.30 118.36 38.34
N LYS C 249 19.84 119.44 38.91
CA LYS C 249 20.78 119.30 40.03
C LYS C 249 20.11 118.63 41.23
N ASN C 250 18.87 119.01 41.54
CA ASN C 250 18.17 118.43 42.68
C ASN C 250 17.72 117.00 42.45
N HIS C 251 17.82 116.50 41.22
CA HIS C 251 17.41 115.13 40.92
C HIS C 251 18.46 114.15 41.42
N VAL C 252 18.00 113.06 42.03
CA VAL C 252 18.87 112.00 42.54
C VAL C 252 18.64 110.76 41.70
N LEU C 253 19.73 110.21 41.16
CA LEU C 253 19.63 109.05 40.30
C LEU C 253 19.16 107.83 41.09
N GLU C 254 18.24 107.07 40.50
CA GLU C 254 17.75 105.85 41.14
C GLU C 254 18.86 104.82 41.26
N THR C 255 18.96 104.21 42.44
CA THR C 255 19.97 103.20 42.71
C THR C 255 19.31 101.86 42.98
N PHE C 256 19.81 100.83 42.32
CA PHE C 256 19.37 99.45 42.53
C PHE C 256 20.49 98.68 43.22
N TYR C 257 20.21 98.17 44.41
CA TYR C 257 21.23 97.63 45.29
C TYR C 257 21.74 96.24 44.89
N PRO C 258 20.88 95.24 44.70
CA PRO C 258 21.41 93.87 44.49
C PRO C 258 22.29 93.73 43.26
N ILE C 259 22.04 94.51 42.21
CA ILE C 259 22.73 94.37 40.93
C ILE C 259 23.75 95.49 40.80
N SER C 260 24.98 95.13 40.43
CA SER C 260 26.01 96.13 40.21
C SER C 260 25.70 96.92 38.95
N PRO C 261 26.12 98.19 38.89
CA PRO C 261 25.86 98.99 37.68
C PRO C 261 26.54 98.46 36.43
N THR C 262 27.59 97.64 36.57
CA THR C 262 28.34 97.15 35.44
C THR C 262 27.82 95.82 34.90
N MET C 263 26.63 95.40 35.33
CA MET C 263 26.07 94.14 34.85
C MET C 263 25.71 94.25 33.37
N GLY C 264 26.15 93.26 32.59
CA GLY C 264 25.87 93.21 31.18
C GLY C 264 27.00 93.68 30.28
N LEU C 265 27.98 94.39 30.84
CA LEU C 265 29.12 94.87 30.07
C LEU C 265 30.24 93.83 30.06
N GLN C 266 31.18 94.00 29.15
CA GLN C 266 32.31 93.08 29.01
C GLN C 266 33.46 93.56 29.88
N GLU C 267 33.90 92.72 30.81
CA GLU C 267 35.03 93.02 31.69
C GLU C 267 36.31 92.60 30.97
N CYS C 268 37.09 93.57 30.51
CA CYS C 268 38.29 93.30 29.75
C CYS C 268 39.50 93.96 30.41
N ASN C 269 40.68 93.60 29.93
CA ASN C 269 41.93 94.15 30.41
C ASN C 269 42.80 94.73 29.31
N VAL C 270 42.52 94.42 28.05
CA VAL C 270 43.25 94.97 26.91
C VAL C 270 42.38 96.06 26.30
N TYR C 271 42.76 97.31 26.53
CA TYR C 271 41.95 98.44 26.09
C TYR C 271 42.85 99.67 25.99
N ASP C 272 42.35 100.67 25.28
CA ASP C 272 43.05 101.94 25.10
C ASP C 272 42.21 103.06 25.71
N VAL C 273 42.79 103.79 26.67
CA VAL C 273 42.10 104.93 27.29
C VAL C 273 42.44 106.15 26.44
N ASN C 274 41.68 106.30 25.35
CA ASN C 274 41.87 107.42 24.44
C ASN C 274 40.54 107.70 23.75
N ASP C 275 40.06 108.94 23.88
CA ASP C 275 38.78 109.34 23.31
C ASP C 275 38.96 109.50 21.80
N ASP C 276 38.93 108.38 21.10
CA ASP C 276 39.07 108.36 19.65
C ASP C 276 37.68 108.25 19.02
N THR C 277 37.27 109.32 18.34
CA THR C 277 35.97 109.32 17.67
C THR C 277 36.05 108.48 16.40
N GLY C 278 34.94 108.45 15.67
CA GLY C 278 34.86 107.60 14.49
C GLY C 278 35.62 108.11 13.29
N PHE C 279 36.09 109.35 13.32
CA PHE C 279 36.71 109.98 12.17
C PHE C 279 38.03 110.62 12.58
N GLN C 280 38.85 110.93 11.58
CA GLN C 280 40.13 111.59 11.80
C GLN C 280 39.92 113.10 11.90
N GLU C 281 41.02 113.82 12.13
CA GLU C 281 40.95 115.26 12.28
C GLU C 281 40.68 115.94 10.95
N GLY C 282 39.94 117.04 11.00
CA GLY C 282 39.62 117.80 9.80
C GLY C 282 38.42 117.30 9.03
N TYR C 283 37.55 116.53 9.66
CA TYR C 283 36.37 116.01 8.96
C TYR C 283 35.41 117.16 8.64
N PRO C 284 34.94 117.28 7.41
CA PRO C 284 34.03 118.39 7.06
C PRO C 284 32.67 118.30 7.73
N TYR C 285 32.29 117.14 8.26
CA TYR C 285 30.98 116.95 8.90
C TYR C 285 31.20 116.50 10.33
N PRO C 286 31.62 117.41 11.22
CA PRO C 286 32.05 116.97 12.55
C PRO C 286 30.91 116.56 13.46
N CYS C 287 29.82 117.31 13.51
CA CYS C 287 28.86 117.15 14.59
C CYS C 287 27.93 115.97 14.31
N PRO C 288 27.85 114.98 15.19
CA PRO C 288 26.84 113.92 15.02
C PRO C 288 25.44 114.49 15.16
N HIS C 289 24.51 113.94 14.38
CA HIS C 289 23.12 114.39 14.39
C HIS C 289 22.16 113.30 14.83
N THR C 290 22.22 112.13 14.21
CA THR C 290 21.27 111.07 14.51
C THR C 290 21.93 109.72 14.31
N LEU C 291 21.90 108.88 15.34
CA LEU C 291 22.27 107.48 15.23
C LEU C 291 21.05 106.64 14.88
N TYR C 292 21.27 105.58 14.12
CA TYR C 292 20.21 104.68 13.71
C TYR C 292 20.59 103.26 14.13
N PHE C 293 19.77 102.67 14.99
CA PHE C 293 19.95 101.31 15.47
C PHE C 293 18.82 100.44 14.95
N LEU C 294 19.16 99.27 14.43
CA LEU C 294 18.19 98.36 13.82
C LEU C 294 18.26 97.02 14.52
N GLU C 295 17.10 96.50 14.92
CA GLU C 295 17.01 95.12 15.40
C GLU C 295 16.49 94.22 14.27
N SER C 296 17.36 94.03 13.28
CA SER C 296 17.04 93.25 12.09
C SER C 296 17.50 91.80 12.30
N ALA C 297 16.81 91.12 13.21
CA ALA C 297 17.07 89.72 13.50
C ALA C 297 15.77 88.93 13.42
N ASN C 298 15.84 87.74 12.84
CA ASN C 298 14.65 86.92 12.62
C ASN C 298 14.20 86.17 13.87
N LEU C 299 14.97 86.23 14.96
CA LEU C 299 14.64 85.52 16.18
C LEU C 299 14.40 86.50 17.32
N ARG C 300 13.32 86.29 18.06
CA ARG C 300 13.04 87.12 19.22
C ARG C 300 14.15 87.08 20.26
N PRO C 301 14.69 85.91 20.66
CA PRO C 301 15.83 85.94 21.59
C PRO C 301 17.04 86.65 21.04
N ARG C 302 17.26 86.62 19.73
CA ARG C 302 18.40 87.33 19.14
C ARG C 302 18.16 88.83 19.11
N ARG C 303 16.91 89.26 19.02
CA ARG C 303 16.60 90.69 19.04
C ARG C 303 16.71 91.24 20.45
N PHE C 304 16.91 92.55 20.53
CA PHE C 304 16.92 93.26 21.80
C PHE C 304 15.50 93.46 22.31
N GLN C 305 15.35 93.39 23.62
CA GLN C 305 14.12 93.87 24.23
C GLN C 305 14.07 95.38 24.14
N PRO C 306 12.87 95.98 24.17
CA PRO C 306 12.81 97.44 24.07
C PRO C 306 13.59 98.17 25.15
N ASP C 307 13.57 97.68 26.39
CA ASP C 307 14.32 98.32 27.46
C ASP C 307 15.82 98.30 27.16
N GLN C 308 16.33 97.15 26.74
CA GLN C 308 17.74 97.04 26.38
C GLN C 308 18.06 97.93 25.19
N LEU C 309 17.11 98.09 24.27
CA LEU C 309 17.34 98.95 23.11
C LEU C 309 17.46 100.41 23.52
N ARG C 310 16.57 100.89 24.38
CA ARG C 310 16.72 102.25 24.91
C ARG C 310 18.05 102.40 25.63
N ALA C 311 18.45 101.40 26.42
CA ALA C 311 19.73 101.50 27.11
C ALA C 311 20.88 101.62 26.12
N LYS C 312 20.86 100.83 25.05
CA LYS C 312 21.93 100.86 24.05
C LYS C 312 21.97 102.20 23.33
N MET C 313 20.80 102.74 22.94
CA MET C 313 20.79 104.05 22.30
C MET C 313 21.30 105.13 23.24
N ILE C 314 20.89 105.09 24.51
CA ILE C 314 21.35 106.08 25.47
C ILE C 314 22.87 106.02 25.60
N LEU C 315 23.41 104.81 25.72
CA LEU C 315 24.85 104.67 25.92
C LEU C 315 25.63 105.14 24.70
N PHE C 316 25.20 104.75 23.50
CA PHE C 316 25.95 105.18 22.31
C PHE C 316 25.80 106.68 22.06
N ALA C 317 24.61 107.24 22.29
CA ALA C 317 24.45 108.68 22.14
C ALA C 317 25.32 109.44 23.13
N PHE C 318 25.38 108.97 24.37
CA PHE C 318 26.25 109.60 25.35
C PHE C 318 27.72 109.47 24.95
N GLY C 319 28.12 108.31 24.42
CA GLY C 319 29.49 108.14 23.98
C GLY C 319 29.86 109.08 22.85
N SER C 320 28.97 109.22 21.87
CA SER C 320 29.23 110.15 20.78
C SER C 320 29.29 111.59 21.27
N ALA C 321 28.36 111.97 22.15
CA ALA C 321 28.37 113.34 22.68
C ALA C 321 29.63 113.60 23.49
N LEU C 322 30.07 112.62 24.29
CA LEU C 322 31.28 112.79 25.09
C LEU C 322 32.51 112.90 24.21
N ALA C 323 32.59 112.08 23.15
CA ALA C 323 33.71 112.19 22.22
C ALA C 323 33.73 113.56 21.54
N GLN C 324 32.57 114.04 21.11
CA GLN C 324 32.50 115.36 20.49
C GLN C 324 32.91 116.45 21.46
N ALA C 325 32.44 116.38 22.70
CA ALA C 325 32.78 117.40 23.70
C ALA C 325 34.27 117.39 24.03
N ARG C 326 34.86 116.20 24.14
CA ARG C 326 36.29 116.13 24.45
C ARG C 326 37.14 116.56 23.26
N LEU C 327 36.65 116.35 22.04
CA LEU C 327 37.37 116.85 20.88
C LEU C 327 37.24 118.37 20.76
N LEU C 328 36.12 118.94 21.18
CA LEU C 328 35.90 120.37 21.03
C LEU C 328 36.60 121.16 22.13
N TYR C 329 36.31 120.85 23.39
CA TYR C 329 36.78 121.65 24.51
C TYR C 329 38.08 121.13 25.13
N GLY C 330 38.13 119.87 25.51
CA GLY C 330 39.33 119.32 26.11
C GLY C 330 39.00 118.14 27.00
N ASN C 331 40.07 117.52 27.51
CA ASN C 331 39.95 116.32 28.32
C ASN C 331 39.67 116.63 29.80
N ASP C 332 39.66 117.89 30.20
CA ASP C 332 39.38 118.23 31.58
C ASP C 332 37.92 117.95 31.92
N SER C 333 37.69 117.40 33.10
CA SER C 333 36.35 117.05 33.55
C SER C 333 35.68 118.29 34.13
N LYS C 334 34.76 118.88 33.37
CA LYS C 334 34.10 120.11 33.78
C LYS C 334 32.71 120.16 33.20
N VAL C 335 31.87 121.01 33.79
CA VAL C 335 30.52 121.22 33.29
C VAL C 335 30.59 122.10 32.05
N LEU C 336 30.02 121.63 30.94
CA LEU C 336 30.09 122.35 29.68
C LEU C 336 29.17 123.57 29.70
N GLU C 337 29.71 124.72 29.30
CA GLU C 337 28.89 125.90 29.14
C GLU C 337 28.03 125.83 27.89
N GLN C 338 28.46 125.06 26.89
CA GLN C 338 27.70 124.83 25.67
C GLN C 338 27.38 123.34 25.57
N PRO C 339 26.14 122.93 25.83
CA PRO C 339 25.80 121.51 25.81
C PRO C 339 25.89 120.93 24.41
N VAL C 340 26.04 119.61 24.35
CA VAL C 340 26.12 118.87 23.09
C VAL C 340 24.94 117.91 23.02
N VAL C 341 24.10 118.08 22.00
CA VAL C 341 22.86 117.31 21.88
C VAL C 341 22.97 116.38 20.68
N VAL C 342 22.59 115.11 20.89
CA VAL C 342 22.61 114.08 19.87
C VAL C 342 21.26 113.40 19.86
N GLN C 343 20.91 112.78 18.74
CA GLN C 343 19.65 112.07 18.58
C GLN C 343 19.91 110.62 18.23
N SER C 344 18.92 109.77 18.53
CA SER C 344 19.00 108.36 18.20
C SER C 344 17.61 107.82 17.89
N VAL C 345 17.55 106.90 16.93
CA VAL C 345 16.31 106.23 16.54
C VAL C 345 16.59 104.74 16.50
N GLY C 346 15.83 103.98 17.31
CA GLY C 346 15.92 102.53 17.34
C GLY C 346 14.67 101.91 16.76
N THR C 347 14.86 101.05 15.76
CA THR C 347 13.77 100.47 14.99
C THR C 347 13.80 98.97 15.11
N ASP C 348 12.68 98.38 15.55
CA ASP C 348 12.49 96.94 15.57
C ASP C 348 11.93 96.42 14.25
N GLY C 349 11.52 97.31 13.36
CA GLY C 349 10.85 96.92 12.13
C GLY C 349 9.46 97.53 12.06
N ARG C 350 8.76 97.52 13.20
CA ARG C 350 7.48 98.20 13.33
C ARG C 350 7.38 99.07 14.57
N LEU C 351 8.28 98.90 15.54
CA LEU C 351 8.28 99.67 16.77
C LEU C 351 9.48 100.63 16.75
N PHE C 352 9.22 101.90 17.05
CA PHE C 352 10.22 102.94 16.97
C PHE C 352 10.42 103.56 18.35
N GLN C 353 11.68 103.81 18.71
CA GLN C 353 12.04 104.49 19.94
C GLN C 353 12.94 105.67 19.61
N PHE C 354 12.61 106.83 20.17
CA PHE C 354 13.31 108.07 19.87
C PHE C 354 14.05 108.58 21.10
N LEU C 355 15.26 109.09 20.88
CA LEU C 355 16.13 109.59 21.93
C LEU C 355 16.69 110.95 21.54
N VAL C 356 16.61 111.92 22.45
CA VAL C 356 17.31 113.18 22.33
C VAL C 356 18.11 113.36 23.62
N LEU C 357 19.43 113.20 23.54
CA LEU C 357 20.29 113.24 24.70
C LEU C 357 21.14 114.50 24.64
N GLN C 358 21.07 115.31 25.70
CA GLN C 358 21.85 116.53 25.82
C GLN C 358 22.88 116.34 26.92
N LEU C 359 24.15 116.32 26.54
CA LEU C 359 25.27 116.24 27.46
C LEU C 359 25.63 117.64 27.93
N ASN C 360 25.61 117.85 29.24
CA ASN C 360 25.94 119.14 29.84
C ASN C 360 27.23 119.11 30.65
N THR C 361 27.68 117.95 31.10
CA THR C 361 28.83 117.87 31.99
C THR C 361 29.76 116.75 31.52
N THR C 362 31.03 116.90 31.88
CA THR C 362 32.04 115.87 31.62
C THR C 362 32.56 115.22 32.89
N ASP C 363 32.54 115.93 34.03
CA ASP C 363 32.90 115.32 35.30
C ASP C 363 31.77 114.39 35.78
N LEU C 364 32.05 113.09 35.77
CA LEU C 364 31.04 112.09 36.07
C LEU C 364 31.38 111.20 37.25
N ALA C 365 32.58 111.33 37.82
CA ALA C 365 32.92 110.52 38.99
C ALA C 365 32.01 110.83 40.17
N SER C 366 31.75 112.11 40.40
CA SER C 366 30.83 112.51 41.47
C SER C 366 29.39 112.37 41.00
N ASP C 367 28.49 112.24 41.97
CA ASP C 367 27.06 112.07 41.70
C ASP C 367 26.23 113.24 42.23
N GLU C 368 26.86 114.37 42.54
CA GLU C 368 26.17 115.50 43.14
C GLU C 368 26.02 116.71 42.23
N GLY C 369 26.83 116.81 41.18
CA GLY C 369 26.80 117.97 40.30
C GLY C 369 25.60 118.00 39.38
N VAL C 370 25.78 118.66 38.24
CA VAL C 370 24.72 118.76 37.24
C VAL C 370 24.75 117.52 36.36
N LYS C 371 23.57 116.97 36.09
CA LYS C 371 23.44 115.77 35.27
C LYS C 371 22.98 116.13 33.86
N ASN C 372 23.30 115.26 32.92
CA ASN C 372 22.84 115.42 31.54
C ASN C 372 21.34 115.14 31.47
N LEU C 373 20.76 115.37 30.29
CA LEU C 373 19.33 115.17 30.10
C LEU C 373 19.10 114.20 28.94
N ALA C 374 17.98 113.49 28.99
CA ALA C 374 17.65 112.56 27.92
C ALA C 374 16.13 112.45 27.80
N TRP C 375 15.57 112.98 26.71
CA TRP C 375 14.17 112.80 26.39
C TRP C 375 14.01 111.51 25.61
N VAL C 376 13.18 110.59 26.10
CA VAL C 376 13.01 109.27 25.51
C VAL C 376 11.54 109.07 25.19
N ASP C 377 11.23 108.95 23.90
CA ASP C 377 9.89 108.60 23.43
C ASP C 377 9.88 107.09 23.15
N SER C 378 8.99 106.38 23.84
CA SER C 378 9.04 104.93 23.89
C SER C 378 7.77 104.32 23.29
N ASP C 379 7.94 103.15 22.69
CA ASP C 379 6.84 102.33 22.17
C ASP C 379 5.96 103.11 21.20
N GLN C 380 6.61 103.67 20.18
CA GLN C 380 5.93 104.41 19.12
C GLN C 380 5.65 103.44 17.98
N LEU C 381 4.39 103.06 17.84
CA LEU C 381 3.98 102.06 16.85
C LEU C 381 3.70 102.73 15.52
N LEU C 382 4.52 102.42 14.51
CA LEU C 382 4.24 102.90 13.17
C LEU C 382 3.01 102.22 12.58
N TYR C 383 2.82 100.94 12.88
CA TYR C 383 1.64 100.21 12.45
C TYR C 383 1.45 99.00 13.36
N GLN C 384 0.20 98.63 13.60
CA GLN C 384 -0.09 97.52 14.51
C GLN C 384 0.34 96.19 13.90
N HIS C 385 -0.04 95.92 12.66
CA HIS C 385 0.25 94.65 12.02
C HIS C 385 0.17 94.82 10.50
N PHE C 386 0.80 93.90 9.79
CA PHE C 386 0.81 93.88 8.33
C PHE C 386 0.43 92.49 7.84
N TRP C 387 -0.55 92.42 6.96
CA TRP C 387 -0.96 91.17 6.33
C TRP C 387 -0.33 91.11 4.94
N CYS C 388 0.63 90.19 4.77
CA CYS C 388 1.28 90.03 3.47
C CYS C 388 0.44 89.19 2.51
N LEU C 389 -0.55 88.46 3.02
CA LEU C 389 -1.46 87.67 2.22
C LEU C 389 -2.89 87.91 2.69
N PRO C 390 -3.86 87.85 1.79
CA PRO C 390 -5.25 88.05 2.21
C PRO C 390 -5.75 86.87 3.05
N VAL C 391 -6.50 87.19 4.08
CA VAL C 391 -7.06 86.18 4.97
C VAL C 391 -8.47 85.83 4.51
N ILE C 392 -8.74 84.54 4.38
CA ILE C 392 -10.04 84.03 3.93
C ILE C 392 -10.66 83.24 5.07
N LYS C 393 -11.84 83.66 5.51
CA LYS C 393 -12.60 82.96 6.53
C LYS C 393 -13.99 82.66 5.99
N LYS C 394 -14.35 81.38 5.97
CA LYS C 394 -15.64 80.92 5.45
C LYS C 394 -15.87 81.39 4.01
N LYS C 395 -14.86 81.14 3.16
CA LYS C 395 -14.95 81.36 1.72
C LYS C 395 -15.18 82.84 1.37
N VAL C 396 -14.63 83.75 2.16
CA VAL C 396 -14.69 85.18 1.84
C VAL C 396 -13.51 85.87 2.51
N VAL C 397 -12.96 86.86 1.82
CA VAL C 397 -11.83 87.62 2.34
C VAL C 397 -12.36 88.63 3.35
N VAL C 398 -11.86 88.54 4.59
CA VAL C 398 -12.35 89.40 5.66
C VAL C 398 -11.43 90.59 5.94
N GLU C 399 -10.15 90.50 5.57
CA GLU C 399 -9.26 91.62 5.74
C GLU C 399 -8.27 91.60 4.59
N PRO C 400 -8.13 92.71 3.85
CA PRO C 400 -7.26 92.71 2.66
C PRO C 400 -5.79 92.88 3.02
N VAL C 401 -4.96 92.84 1.98
CA VAL C 401 -3.52 93.00 2.15
C VAL C 401 -3.21 94.45 2.49
N GLY C 402 -2.36 94.65 3.50
CA GLY C 402 -1.97 95.98 3.90
C GLY C 402 -1.72 96.08 5.39
N PRO C 403 -1.14 97.20 5.82
CA PRO C 403 -0.86 97.38 7.25
C PRO C 403 -2.13 97.67 8.04
N ILE C 404 -2.36 96.89 9.09
CA ILE C 404 -3.54 97.03 9.92
C ILE C 404 -3.25 98.04 11.02
N GLY C 405 -3.99 99.15 11.03
CA GLY C 405 -3.73 100.18 12.01
C GLY C 405 -2.54 101.01 11.62
N PHE C 406 -2.68 102.34 11.66
CA PHE C 406 -1.59 103.21 11.23
C PHE C 406 -1.58 104.45 12.09
N GLN C 407 -0.42 104.77 12.66
CA GLN C 407 -0.23 105.96 13.47
C GLN C 407 0.71 106.91 12.74
N PRO C 408 0.21 107.95 12.06
CA PRO C 408 1.11 108.89 11.38
C PRO C 408 1.93 109.75 12.33
N GLU C 409 1.57 109.78 13.62
CA GLU C 409 2.32 110.60 14.57
C GLU C 409 3.75 110.09 14.73
N THR C 410 3.96 108.78 14.62
CA THR C 410 5.33 108.25 14.72
C THR C 410 6.19 108.75 13.57
N PHE C 411 5.67 108.74 12.34
CA PHE C 411 6.44 109.30 11.24
C PHE C 411 6.57 110.80 11.35
N ARG C 412 5.58 111.47 11.95
CA ARG C 412 5.72 112.90 12.20
C ARG C 412 6.89 113.17 13.14
N LYS C 413 7.03 112.35 14.19
CA LYS C 413 8.16 112.48 15.10
C LYS C 413 9.48 112.16 14.39
N PHE C 414 9.47 111.16 13.51
CA PHE C 414 10.67 110.82 12.75
C PHE C 414 11.10 112.00 11.88
N LEU C 415 10.15 112.63 11.19
CA LEU C 415 10.45 113.78 10.35
C LEU C 415 10.92 114.96 11.19
N ALA C 416 10.31 115.17 12.36
CA ALA C 416 10.75 116.25 13.23
C ALA C 416 12.17 116.04 13.70
N LEU C 417 12.52 114.81 14.07
CA LEU C 417 13.90 114.52 14.47
C LEU C 417 14.86 114.73 13.31
N TYR C 418 14.46 114.35 12.10
CA TYR C 418 15.33 114.56 10.94
C TYR C 418 15.52 116.04 10.65
N LEU C 419 14.46 116.85 10.82
CA LEU C 419 14.49 118.26 10.48
C LEU C 419 14.91 119.15 11.66
N HIS C 420 15.22 118.57 12.82
CA HIS C 420 15.61 119.38 13.97
C HIS C 420 16.87 120.20 13.69
N GLY C 421 17.74 119.70 12.81
CA GLY C 421 18.94 120.46 12.49
C GLY C 421 18.65 121.75 11.75
N ALA C 422 17.70 121.71 10.82
CA ALA C 422 17.35 122.89 10.03
C ALA C 422 16.06 123.53 10.52
N VAL D 94 37.74 -3.26 22.49
CA VAL D 94 39.13 -3.58 22.19
C VAL D 94 39.68 -2.64 21.13
N THR D 95 40.89 -2.14 21.38
CA THR D 95 41.57 -1.26 20.43
C THR D 95 42.45 -2.11 19.54
N TYR D 96 41.99 -2.36 18.30
CA TYR D 96 42.75 -3.20 17.39
C TYR D 96 44.02 -2.51 16.91
N PHE D 97 43.98 -1.19 16.75
CA PHE D 97 45.15 -0.41 16.35
C PHE D 97 45.25 0.80 17.28
N SER D 98 46.28 0.82 18.12
CA SER D 98 46.48 1.93 19.03
C SER D 98 46.89 3.19 18.26
N SER D 99 46.68 4.34 18.90
CA SER D 99 47.00 5.61 18.28
C SER D 99 48.45 6.04 18.48
N ARG D 100 49.13 5.45 19.46
CA ARG D 100 50.54 5.79 19.69
C ARG D 100 51.47 4.83 18.94
N LYS D 101 51.41 3.54 19.29
CA LYS D 101 52.31 2.56 18.73
C LYS D 101 51.75 1.85 17.51
N GLY D 102 50.44 1.91 17.29
CA GLY D 102 49.83 1.15 16.23
C GLY D 102 49.64 -0.32 16.53
N LYS D 103 49.86 -0.74 17.78
CA LYS D 103 49.76 -2.13 18.17
C LYS D 103 48.32 -2.46 18.58
N ARG D 104 48.10 -3.66 19.09
CA ARG D 104 46.80 -4.11 19.56
C ARG D 104 46.79 -4.09 21.08
N LYS D 105 45.75 -3.49 21.66
CA LYS D 105 45.66 -3.34 23.11
C LYS D 105 44.86 -4.49 23.72
N THR D 106 44.94 -4.59 25.05
CA THR D 106 44.21 -5.60 25.80
C THR D 106 43.40 -4.94 26.89
N VAL D 107 42.25 -5.52 27.19
CA VAL D 107 41.39 -5.04 28.26
C VAL D 107 41.86 -5.65 29.58
N LYS D 108 42.00 -4.80 30.61
CA LYS D 108 42.57 -5.24 31.86
C LYS D 108 41.60 -6.02 32.73
N ALA D 109 40.29 -5.90 32.48
CA ALA D 109 39.32 -6.65 33.28
C ALA D 109 39.51 -8.15 33.09
N VAL D 110 39.79 -8.58 31.86
CA VAL D 110 39.96 -10.01 31.58
C VAL D 110 41.12 -10.58 32.39
N ILE D 111 42.25 -9.88 32.41
CA ILE D 111 43.39 -10.40 33.15
C ILE D 111 43.19 -10.23 34.65
N TYR D 112 42.40 -9.24 35.07
CA TYR D 112 42.18 -9.07 36.49
C TYR D 112 41.27 -10.15 37.07
N ARG D 113 40.35 -10.68 36.27
CA ARG D 113 39.42 -11.69 36.78
C ARG D 113 39.50 -13.02 36.05
N PHE D 114 40.59 -13.29 35.32
CA PHE D 114 40.74 -14.54 34.61
C PHE D 114 42.20 -14.97 34.63
N LEU D 115 42.41 -16.28 34.45
CA LEU D 115 43.74 -16.86 34.34
C LEU D 115 43.76 -17.83 33.18
N ARG D 116 44.79 -17.73 32.35
CA ARG D 116 44.92 -18.58 31.18
C ARG D 116 46.08 -19.55 31.36
N LEU D 117 45.80 -20.84 31.24
CA LEU D 117 46.85 -21.85 31.19
C LEU D 117 47.42 -21.91 29.77
N HIS D 118 48.70 -22.28 29.68
CA HIS D 118 49.37 -22.28 28.39
C HIS D 118 48.76 -23.26 27.40
N SER D 119 48.04 -24.27 27.89
CA SER D 119 47.37 -25.21 27.00
C SER D 119 46.18 -24.58 26.28
N GLY D 120 45.78 -23.38 26.66
CA GLY D 120 44.67 -22.68 26.04
C GLY D 120 43.45 -22.53 26.93
N LEU D 121 43.39 -23.25 28.05
CA LEU D 121 42.24 -23.16 28.94
C LEU D 121 42.27 -21.87 29.74
N TRP D 122 41.09 -21.41 30.14
CA TRP D 122 40.94 -20.21 30.95
C TRP D 122 40.27 -20.60 32.26
N LEU D 123 40.83 -20.12 33.37
CA LEU D 123 40.35 -20.44 34.71
C LEU D 123 39.74 -19.21 35.34
N ARG D 124 38.61 -19.40 36.03
CA ARG D 124 37.86 -18.29 36.62
C ARG D 124 37.22 -18.74 37.92
N ARG D 125 36.78 -17.76 38.71
CA ARG D 125 36.09 -18.01 39.97
C ARG D 125 34.58 -17.91 39.75
N LYS D 126 33.84 -18.75 40.47
CA LYS D 126 32.39 -18.75 40.35
C LYS D 126 31.82 -17.44 40.88
N ALA D 127 30.87 -16.88 40.13
CA ALA D 127 30.28 -15.59 40.49
C ALA D 127 29.41 -15.72 41.73
N GLY D 128 29.52 -14.75 42.62
CA GLY D 128 28.72 -14.75 43.84
C GLY D 128 29.26 -15.61 44.96
N TYR D 129 30.55 -15.92 44.96
CA TYR D 129 31.14 -16.79 45.98
C TYR D 129 31.42 -16.06 47.29
N LYS D 130 31.23 -14.74 47.34
CA LYS D 130 31.41 -13.97 48.56
C LYS D 130 30.12 -13.27 49.00
N LYS D 131 29.00 -13.55 48.35
CA LYS D 131 27.75 -12.84 48.58
C LYS D 131 26.80 -13.71 49.39
N LYS D 132 26.37 -13.20 50.54
CA LYS D 132 25.30 -13.81 51.35
C LYS D 132 25.60 -15.27 51.66
N LEU D 133 26.78 -15.52 52.25
CA LEU D 133 27.17 -16.88 52.59
C LEU D 133 26.31 -17.46 53.71
N TRP D 134 25.69 -16.61 54.54
CA TRP D 134 24.81 -17.11 55.59
C TRP D 134 23.52 -17.69 55.03
N LYS D 135 23.18 -17.36 53.78
CA LYS D 135 21.94 -17.79 53.17
C LYS D 135 22.08 -19.04 52.31
N LYS D 136 23.28 -19.62 52.22
CA LYS D 136 23.54 -20.70 51.29
C LYS D 136 23.96 -21.96 52.02
N THR D 137 23.59 -23.10 51.42
CA THR D 137 23.94 -24.41 51.96
C THR D 137 25.44 -24.65 51.80
N ALA D 138 25.98 -25.56 52.62
CA ALA D 138 27.40 -25.85 52.58
C ALA D 138 27.83 -26.38 51.21
N ALA D 139 27.01 -27.22 50.59
CA ALA D 139 27.33 -27.73 49.26
C ALA D 139 27.36 -26.60 48.24
N ARG D 140 26.40 -25.68 48.31
CA ARG D 140 26.39 -24.55 47.40
C ARG D 140 27.61 -23.65 47.62
N LYS D 141 27.98 -23.43 48.89
CA LYS D 141 29.15 -22.62 49.18
C LYS D 141 30.41 -23.26 48.64
N ARG D 142 30.54 -24.59 48.78
CA ARG D 142 31.69 -25.28 48.21
C ARG D 142 31.72 -25.17 46.70
N ARG D 143 30.56 -25.33 46.06
CA ARG D 143 30.50 -25.22 44.60
C ARG D 143 30.92 -23.82 44.15
N LEU D 144 30.48 -22.79 44.88
CA LEU D 144 30.89 -21.43 44.55
C LEU D 144 32.39 -21.24 44.77
N ARG D 145 32.95 -21.85 45.82
CA ARG D 145 34.36 -21.69 46.10
C ARG D 145 35.24 -22.37 45.04
N GLU D 146 34.76 -23.46 44.44
CA GLU D 146 35.56 -24.18 43.47
C GLU D 146 35.89 -23.32 42.26
N PHE D 147 37.10 -23.51 41.72
CA PHE D 147 37.49 -22.90 40.45
C PHE D 147 36.84 -23.65 39.30
N VAL D 148 36.57 -22.93 38.22
CA VAL D 148 35.91 -23.50 37.05
C VAL D 148 36.62 -23.02 35.78
N PHE D 149 36.42 -23.77 34.70
CA PHE D 149 36.99 -23.47 33.40
C PHE D 149 35.99 -22.69 32.55
N CYS D 150 36.37 -22.47 31.30
CA CYS D 150 35.53 -21.78 30.32
C CYS D 150 35.42 -22.64 29.07
N ASN D 151 34.32 -22.45 28.33
CA ASN D 151 34.10 -23.21 27.11
C ASN D 151 34.85 -22.58 25.94
N LYS D 152 34.66 -23.15 24.75
CA LYS D 152 35.42 -22.71 23.59
C LYS D 152 35.10 -21.28 23.20
N THR D 153 33.82 -20.91 23.21
CA THR D 153 33.43 -19.56 22.82
C THR D 153 34.03 -18.51 23.73
N GLN D 154 33.91 -18.72 25.04
CA GLN D 154 34.47 -17.76 26.00
C GLN D 154 35.99 -17.73 25.93
N SER D 155 36.63 -18.90 25.73
CA SER D 155 38.07 -18.93 25.61
C SER D 155 38.54 -18.14 24.40
N LYS D 156 37.87 -18.30 23.26
CA LYS D 156 38.25 -17.56 22.06
C LYS D 156 37.99 -16.07 22.24
N LEU D 157 36.90 -15.72 22.91
CA LEU D 157 36.62 -14.31 23.19
C LEU D 157 37.73 -13.69 24.03
N LEU D 158 38.11 -14.36 25.12
CA LEU D 158 39.18 -13.83 25.97
C LEU D 158 40.51 -13.79 25.25
N ASP D 159 40.78 -14.75 24.37
CA ASP D 159 41.98 -14.71 23.55
C ASP D 159 41.97 -13.49 22.64
N LYS D 160 40.81 -13.16 22.07
CA LYS D 160 40.72 -11.96 21.24
C LYS D 160 40.94 -10.70 22.07
N MET D 161 40.40 -10.65 23.29
CA MET D 161 40.56 -9.46 24.11
C MET D 161 42.00 -9.28 24.59
N THR D 162 42.69 -10.37 24.92
CA THR D 162 44.06 -10.28 25.42
C THR D 162 45.05 -10.26 24.26
N THR D 163 46.29 -9.93 24.59
CA THR D 163 47.37 -9.86 23.61
C THR D 163 48.24 -11.11 23.73
N SER D 164 49.35 -11.14 22.98
CA SER D 164 50.24 -12.30 22.97
C SER D 164 51.16 -12.37 24.19
N PHE D 165 51.24 -11.30 24.98
CA PHE D 165 52.07 -11.35 26.18
C PHE D 165 51.46 -12.25 27.24
N TRP D 166 50.14 -12.43 27.21
CA TRP D 166 49.45 -13.23 28.22
C TRP D 166 49.27 -14.68 27.80
N LYS D 167 49.68 -15.04 26.58
CA LYS D 167 49.63 -16.41 26.11
C LYS D 167 51.01 -17.06 26.09
N ARG D 168 52.01 -16.40 26.67
CA ARG D 168 53.37 -16.92 26.67
C ARG D 168 53.55 -17.98 27.75
N ARG D 169 54.69 -18.66 27.68
CA ARG D 169 55.03 -19.70 28.64
C ARG D 169 55.79 -19.08 29.81
N ASN D 170 55.21 -19.17 31.00
CA ASN D 170 55.79 -18.59 32.21
C ASN D 170 56.35 -19.69 33.09
N TRP D 171 57.58 -19.50 33.56
CA TRP D 171 58.23 -20.42 34.49
C TRP D 171 58.41 -19.68 35.81
N TYR D 172 57.36 -19.67 36.63
CA TYR D 172 57.42 -18.94 37.88
C TYR D 172 58.10 -19.78 38.97
N ALA D 173 58.50 -19.10 40.04
CA ALA D 173 59.08 -19.78 41.19
C ALA D 173 57.95 -20.28 42.09
N ASP D 174 57.86 -21.61 42.23
CA ASP D 174 56.79 -22.25 43.00
C ASP D 174 55.42 -21.85 42.48
N ASP D 175 55.21 -22.07 41.18
CA ASP D 175 53.93 -21.73 40.55
C ASP D 175 52.87 -22.75 40.95
N PRO D 176 51.74 -22.34 41.50
CA PRO D 176 50.69 -23.31 41.84
C PRO D 176 50.13 -24.05 40.63
N TYR D 177 50.06 -23.41 39.47
CA TYR D 177 49.44 -23.98 38.28
C TYR D 177 50.45 -24.49 37.26
N GLN D 178 51.72 -24.61 37.63
CA GLN D 178 52.72 -25.10 36.69
C GLN D 178 52.42 -26.52 36.26
N LYS D 179 51.86 -27.34 37.16
CA LYS D 179 51.48 -28.70 36.78
C LYS D 179 50.29 -28.70 35.83
N TYR D 180 49.43 -27.69 35.90
CA TYR D 180 48.26 -27.58 35.04
C TYR D 180 48.55 -26.81 33.75
N GLN D 181 49.75 -26.25 33.61
CA GLN D 181 50.06 -25.48 32.41
C GLN D 181 49.98 -26.32 31.14
N ASP D 182 50.18 -27.63 31.25
CA ASP D 182 50.21 -28.51 30.09
C ASP D 182 49.07 -29.52 30.16
N ARG D 183 48.73 -30.05 28.99
CA ARG D 183 47.63 -31.01 28.84
C ARG D 183 48.20 -32.37 28.47
N THR D 184 47.70 -33.42 29.12
CA THR D 184 48.20 -34.78 28.92
C THR D 184 47.05 -35.72 28.58
N ASN D 185 47.35 -36.70 27.74
CA ASN D 185 46.42 -37.79 27.41
C ASN D 185 45.11 -37.25 26.81
N LEU D 186 45.22 -36.26 25.94
CA LEU D 186 44.08 -35.70 25.23
C LEU D 186 44.00 -36.37 23.86
N LYS D 187 43.04 -37.27 23.70
CA LYS D 187 42.86 -38.04 22.47
C LYS D 187 41.76 -37.38 21.65
N VAL D 188 42.17 -36.61 20.65
CA VAL D 188 41.22 -35.95 19.76
C VAL D 188 41.57 -36.25 18.31
N ARG E 27 -3.80 -45.40 24.20
CA ARG E 27 -3.85 -46.83 23.96
C ARG E 27 -3.78 -47.61 25.28
N ARG E 28 -4.38 -48.79 25.30
CA ARG E 28 -4.38 -49.66 26.46
C ARG E 28 -4.04 -51.08 26.04
N ALA E 29 -3.45 -51.82 26.97
CA ALA E 29 -3.12 -53.22 26.75
C ALA E 29 -3.74 -54.08 27.84
N ALA E 30 -4.32 -55.21 27.42
CA ALA E 30 -4.96 -56.10 28.38
C ALA E 30 -3.90 -56.77 29.27
N PRO E 31 -4.19 -56.97 30.55
CA PRO E 31 -3.22 -57.63 31.42
C PRO E 31 -2.93 -59.04 30.95
N LEU E 32 -1.67 -59.45 31.09
CA LEU E 32 -1.23 -60.78 30.70
C LEU E 32 -1.35 -61.78 31.85
N GLY E 33 -2.52 -61.82 32.47
CA GLY E 33 -2.75 -62.66 33.62
C GLY E 33 -3.56 -61.97 34.69
N PRO E 34 -3.71 -62.62 35.84
CA PRO E 34 -4.54 -62.03 36.91
C PRO E 34 -3.84 -60.86 37.60
N MET E 35 -4.62 -59.81 37.84
CA MET E 35 -4.09 -58.65 38.56
C MET E 35 -3.98 -58.98 40.05
N PRO E 36 -3.09 -58.29 40.77
CA PRO E 36 -2.90 -58.63 42.19
C PRO E 36 -4.12 -58.38 43.05
N ASN E 37 -4.72 -57.19 42.98
CA ASN E 37 -5.83 -56.82 43.85
C ASN E 37 -7.16 -56.85 43.12
N GLU E 38 -7.33 -57.75 42.16
CA GLU E 38 -8.57 -57.86 41.41
C GLU E 38 -9.52 -58.92 41.97
N ASP E 39 -9.12 -59.62 43.03
CA ASP E 39 -9.99 -60.65 43.60
C ASP E 39 -10.97 -60.06 44.60
N ILE E 40 -10.50 -59.20 45.50
CA ILE E 40 -11.37 -58.62 46.51
C ILE E 40 -12.31 -57.60 45.87
N ASP E 41 -13.49 -57.44 46.47
CA ASP E 41 -14.52 -56.58 45.91
C ASP E 41 -14.29 -55.13 46.33
N VAL E 42 -14.29 -54.24 45.33
CA VAL E 42 -14.08 -52.82 45.61
C VAL E 42 -15.27 -52.26 46.39
N SER E 43 -16.49 -52.60 45.97
CA SER E 43 -17.68 -52.07 46.62
C SER E 43 -17.88 -52.72 47.98
N ASP E 44 -18.56 -51.99 48.86
CA ASP E 44 -18.88 -52.45 50.22
C ASP E 44 -17.60 -52.82 50.98
N LEU E 45 -16.75 -51.82 51.17
CA LEU E 45 -15.51 -52.04 51.91
C LEU E 45 -15.76 -52.15 53.41
N GLU E 46 -16.83 -51.54 53.90
CA GLU E 46 -17.11 -51.56 55.33
C GLU E 46 -17.35 -52.98 55.84
N ARG E 47 -18.09 -53.78 55.08
CA ARG E 47 -18.37 -55.16 55.47
C ARG E 47 -17.23 -56.11 55.14
N LEU E 48 -16.17 -55.63 54.50
CA LEU E 48 -15.02 -56.45 54.15
C LEU E 48 -14.00 -56.40 55.28
N LYS E 49 -13.50 -57.57 55.67
CA LYS E 49 -12.58 -57.66 56.80
C LYS E 49 -11.24 -57.01 56.47
N LYS E 50 -10.66 -56.33 57.44
CA LYS E 50 -9.40 -55.62 57.28
C LYS E 50 -8.44 -56.04 58.37
N TYR E 51 -7.15 -56.09 58.04
CA TYR E 51 -6.12 -56.26 59.06
C TYR E 51 -5.73 -54.91 59.63
N ARG E 52 -5.43 -54.89 60.93
CA ARG E 52 -5.02 -53.68 61.61
C ARG E 52 -3.58 -53.75 62.09
N SER E 53 -2.79 -54.70 61.58
CA SER E 53 -1.48 -55.01 62.13
C SER E 53 -0.43 -54.90 61.04
N PHE E 54 0.58 -54.05 61.28
CA PHE E 54 1.65 -53.87 60.30
C PHE E 54 2.43 -55.15 60.09
N ASP E 55 2.70 -55.91 61.15
CA ASP E 55 3.43 -57.16 60.99
C ASP E 55 2.61 -58.19 60.22
N ARG E 56 1.28 -58.18 60.41
CA ARG E 56 0.42 -59.06 59.62
C ARG E 56 0.49 -58.70 58.14
N TYR E 57 0.43 -57.40 57.83
CA TYR E 57 0.59 -56.98 56.44
C TYR E 57 1.97 -57.37 55.92
N ARG E 58 2.99 -57.29 56.77
CA ARG E 58 4.33 -57.67 56.35
C ARG E 58 4.39 -59.14 55.99
N ARG E 59 3.78 -60.01 56.79
CA ARG E 59 3.73 -61.43 56.45
C ARG E 59 3.02 -61.63 55.13
N ARG E 60 1.88 -60.95 54.93
CA ARG E 60 1.15 -61.10 53.67
C ARG E 60 2.01 -60.64 52.48
N ALA E 61 2.70 -59.51 52.63
CA ALA E 61 3.50 -58.98 51.54
C ALA E 61 4.69 -59.87 51.20
N GLU E 62 5.37 -60.42 52.22
CA GLU E 62 6.47 -61.33 51.94
C GLU E 62 5.98 -62.64 51.35
N GLN E 63 4.78 -63.09 51.71
CA GLN E 63 4.22 -64.25 51.03
C GLN E 63 3.93 -63.96 49.57
N GLU E 64 3.38 -62.77 49.28
CA GLU E 64 3.07 -62.42 47.89
C GLU E 64 4.34 -62.24 47.07
N ALA E 65 5.40 -61.68 47.66
CA ALA E 65 6.60 -61.37 46.91
C ALA E 65 7.34 -62.61 46.40
N ARG E 66 7.07 -63.78 46.97
CA ARG E 66 7.75 -65.00 46.56
C ARG E 66 7.05 -65.73 45.43
N LYS E 67 5.86 -65.29 45.03
CA LYS E 67 5.11 -65.97 43.99
C LYS E 67 5.65 -65.61 42.60
N PRO E 68 5.53 -66.52 41.63
CA PRO E 68 6.01 -66.23 40.27
C PRO E 68 5.06 -65.34 39.49
N HIS E 69 5.17 -64.03 39.67
CA HIS E 69 4.32 -63.10 38.95
C HIS E 69 4.70 -63.04 37.47
N TRP E 70 3.75 -62.58 36.66
CA TRP E 70 3.95 -62.49 35.22
C TRP E 70 4.63 -61.21 34.77
N TRP E 71 4.83 -60.25 35.67
CA TRP E 71 5.54 -59.03 35.36
C TRP E 71 7.00 -59.14 35.81
N ARG E 72 7.79 -58.13 35.42
CA ARG E 72 9.20 -58.11 35.80
C ARG E 72 9.34 -57.94 37.31
N THR E 73 10.13 -58.81 37.92
CA THR E 73 10.31 -58.82 39.37
C THR E 73 11.79 -58.68 39.71
N TYR E 74 12.05 -58.47 41.00
CA TYR E 74 13.42 -58.31 41.46
C TYR E 74 14.21 -59.61 41.33
N ARG E 75 13.60 -60.74 41.68
CA ARG E 75 14.32 -62.01 41.69
C ARG E 75 14.75 -62.42 40.28
N GLU E 76 13.89 -62.20 39.29
CA GLU E 76 14.23 -62.58 37.92
C GLU E 76 15.47 -61.86 37.44
N HIS E 77 15.59 -60.57 37.74
CA HIS E 77 16.76 -59.80 37.33
C HIS E 77 17.97 -60.09 38.19
N PHE E 78 17.78 -60.37 39.48
CA PHE E 78 18.88 -60.57 40.41
C PHE E 78 19.12 -62.04 40.72
N GLY E 79 18.77 -62.91 39.79
CA GLY E 79 19.29 -64.27 39.82
C GLY E 79 18.68 -65.21 40.82
N GLU E 80 17.41 -65.57 40.61
CA GLU E 80 16.79 -66.64 41.39
C GLU E 80 17.35 -68.02 41.06
N GLU E 81 18.39 -68.09 40.22
CA GLU E 81 19.04 -69.34 39.84
C GLU E 81 18.07 -70.26 39.10
N SER E 82 17.50 -69.71 38.02
CA SER E 82 16.54 -70.41 37.16
C SER E 82 15.29 -70.85 37.93
N GLY E 83 15.01 -70.22 39.06
CA GLY E 83 13.87 -70.56 39.87
C GLY E 83 13.92 -71.99 40.36
N PRO E 84 12.82 -72.73 40.20
CA PRO E 84 12.81 -74.13 40.63
C PRO E 84 13.71 -74.99 39.76
N LYS E 85 14.43 -75.91 40.41
CA LYS E 85 15.30 -76.85 39.73
C LYS E 85 15.08 -78.24 40.29
N ASP E 86 14.93 -79.22 39.40
CA ASP E 86 14.72 -80.61 39.80
C ASP E 86 16.08 -81.24 40.06
N ARG E 87 16.60 -81.03 41.27
CA ARG E 87 17.91 -81.55 41.63
C ARG E 87 17.89 -83.06 41.66
N VAL E 88 18.93 -83.68 41.09
CA VAL E 88 19.06 -85.14 41.08
C VAL E 88 19.58 -85.58 42.43
N ASP E 89 18.86 -86.49 43.08
CA ASP E 89 19.22 -86.97 44.40
C ASP E 89 20.01 -88.27 44.26
N ILE E 90 21.27 -88.24 44.69
CA ILE E 90 22.13 -89.43 44.71
C ILE E 90 22.51 -89.67 46.17
N GLY E 91 21.70 -90.44 46.87
CA GLY E 91 21.93 -90.62 48.29
C GLY E 91 21.07 -91.73 48.85
N LEU E 92 21.30 -92.00 50.14
CA LEU E 92 20.59 -93.08 50.80
C LEU E 92 19.11 -92.71 50.97
N PRO E 93 18.20 -93.68 50.85
CA PRO E 93 16.79 -93.39 51.11
C PRO E 93 16.61 -92.94 52.54
N PRO E 94 15.60 -92.09 52.81
CA PRO E 94 15.34 -91.67 54.17
C PRO E 94 14.91 -92.87 55.02
N PRO E 95 15.23 -92.86 56.31
CA PRO E 95 14.79 -93.95 57.18
C PRO E 95 13.28 -94.06 57.22
N LYS E 96 12.79 -95.29 57.28
CA LYS E 96 11.35 -95.57 57.30
C LYS E 96 10.87 -95.61 58.74
N VAL E 97 9.96 -94.72 59.09
CA VAL E 97 9.40 -94.66 60.44
C VAL E 97 7.88 -94.67 60.33
N SER E 98 7.24 -95.16 61.40
CA SER E 98 5.78 -95.23 61.45
C SER E 98 5.25 -93.86 61.86
N ARG E 99 4.52 -93.21 60.95
CA ARG E 99 3.99 -91.88 61.23
C ARG E 99 3.03 -91.90 62.41
N THR E 100 2.11 -92.87 62.44
CA THR E 100 1.11 -92.92 63.50
C THR E 100 1.77 -93.17 64.86
N GLN E 101 2.70 -94.12 64.91
CA GLN E 101 3.39 -94.41 66.17
C GLN E 101 4.22 -93.23 66.63
N GLN E 102 4.93 -92.57 65.70
CA GLN E 102 5.72 -91.41 66.07
C GLN E 102 4.84 -90.29 66.61
N LEU E 103 3.71 -90.03 65.96
CA LEU E 103 2.80 -89.00 66.46
C LEU E 103 2.24 -89.36 67.83
N LEU E 104 1.87 -90.63 68.03
CA LEU E 104 1.35 -91.04 69.33
C LEU E 104 2.39 -90.84 70.43
N GLU E 105 3.63 -91.25 70.19
CA GLU E 105 4.67 -91.08 71.20
C GLU E 105 4.95 -89.60 71.46
N ARG E 106 4.93 -88.78 70.40
CA ARG E 106 5.20 -87.36 70.59
C ARG E 106 4.10 -86.68 71.40
N LYS E 107 2.83 -86.99 71.11
CA LYS E 107 1.74 -86.44 71.92
C LYS E 107 1.80 -86.94 73.35
N GLN E 108 2.17 -88.21 73.54
CA GLN E 108 2.31 -88.73 74.90
C GLN E 108 3.40 -88.00 75.67
N ALA E 109 4.55 -87.76 75.02
CA ALA E 109 5.63 -87.02 75.66
C ALA E 109 5.21 -85.59 75.99
N LEU E 110 4.52 -84.93 75.06
CA LEU E 110 4.05 -83.58 75.32
C LEU E 110 3.08 -83.54 76.49
N ARG E 111 2.16 -84.52 76.56
CA ARG E 111 1.22 -84.57 77.67
C ARG E 111 1.92 -84.82 79.00
N GLU E 112 2.88 -85.75 79.03
CA GLU E 112 3.56 -86.04 80.29
C GLU E 112 4.42 -84.87 80.73
N LEU E 113 4.95 -84.09 79.78
CA LEU E 113 5.69 -82.89 80.16
C LEU E 113 4.75 -81.82 80.69
N ARG E 114 3.63 -81.59 80.02
CA ARG E 114 2.69 -80.55 80.45
C ARG E 114 2.00 -80.90 81.76
N ALA E 115 1.93 -82.18 82.11
CA ALA E 115 1.31 -82.57 83.37
C ALA E 115 2.09 -82.07 84.58
N ASN E 116 3.38 -81.77 84.42
CA ASN E 116 4.20 -81.31 85.53
C ASN E 116 3.77 -79.91 85.97
N VAL E 117 4.06 -79.61 87.25
CA VAL E 117 3.79 -78.30 87.79
C VAL E 117 5.07 -77.50 88.04
N GLU E 118 6.20 -78.17 88.29
CA GLU E 118 7.46 -77.44 88.41
C GLU E 118 7.87 -76.82 87.09
N GLU E 119 7.60 -77.51 85.99
CA GLU E 119 7.84 -76.93 84.67
C GLU E 119 6.98 -75.69 84.46
N GLU E 120 5.71 -75.75 84.88
CA GLU E 120 4.84 -74.58 84.78
C GLU E 120 5.37 -73.42 85.61
N ARG E 121 5.81 -73.70 86.84
CA ARG E 121 6.35 -72.63 87.68
C ARG E 121 7.60 -72.02 87.07
N ALA E 122 8.49 -72.86 86.53
CA ALA E 122 9.69 -72.35 85.88
C ALA E 122 9.33 -71.49 84.66
N ALA E 123 8.36 -71.96 83.87
CA ALA E 123 7.95 -71.21 82.69
C ALA E 123 7.38 -69.84 83.06
N ARG E 124 6.55 -69.79 84.11
CA ARG E 124 5.94 -68.51 84.47
C ARG E 124 6.96 -67.59 85.11
N LEU E 125 7.94 -68.15 85.84
CA LEU E 125 8.97 -67.34 86.46
C LEU E 125 10.11 -67.02 85.51
N GLN E 126 10.05 -67.53 84.27
CA GLN E 126 11.02 -67.23 83.22
C GLN E 126 12.43 -67.69 83.57
N THR E 127 12.55 -68.67 84.47
CA THR E 127 13.84 -69.22 84.90
C THR E 127 13.83 -70.71 84.57
N ALA E 128 14.23 -71.05 83.35
CA ALA E 128 14.31 -72.44 82.92
C ALA E 128 15.41 -72.57 81.89
N ARG E 129 16.26 -73.58 82.06
CA ARG E 129 17.39 -73.81 81.17
C ARG E 129 17.07 -74.92 80.17
N ILE E 130 17.98 -75.13 79.24
CA ILE E 130 17.76 -76.05 78.13
C ILE E 130 18.95 -77.01 78.01
N PRO E 131 18.72 -78.30 77.83
CA PRO E 131 19.83 -79.22 77.53
C PRO E 131 20.32 -79.07 76.10
N LEU E 132 21.23 -78.12 75.89
CA LEU E 132 21.69 -77.79 74.54
C LEU E 132 22.32 -78.99 73.85
N GLU E 133 23.14 -79.75 74.57
CA GLU E 133 23.78 -80.92 73.99
C GLU E 133 22.73 -81.95 73.55
N ALA E 134 21.73 -82.18 74.39
CA ALA E 134 20.65 -83.09 74.02
C ALA E 134 19.95 -82.59 72.76
N VAL E 135 19.53 -81.34 72.76
CA VAL E 135 18.79 -80.77 71.63
C VAL E 135 19.59 -80.93 70.34
N ARG E 136 20.90 -80.69 70.42
CA ARG E 136 21.75 -80.91 69.25
C ARG E 136 21.75 -82.38 68.85
N ALA E 137 21.75 -83.29 69.83
CA ALA E 137 21.75 -84.72 69.50
C ALA E 137 20.50 -85.12 68.72
N GLU E 138 19.32 -84.79 69.26
CA GLU E 138 18.10 -85.12 68.50
C GLU E 138 18.00 -84.35 67.19
N TRP E 139 18.50 -83.12 67.12
CA TRP E 139 18.46 -82.39 65.87
C TRP E 139 19.28 -83.11 64.81
N GLU E 140 20.51 -83.49 65.16
CA GLU E 140 21.35 -84.21 64.21
C GLU E 140 20.78 -85.58 63.89
N ARG E 141 20.02 -86.17 64.81
CA ARG E 141 19.42 -87.48 64.55
C ARG E 141 18.28 -87.37 63.54
N THR E 142 17.39 -86.40 63.71
CA THR E 142 16.14 -86.40 62.94
C THR E 142 16.13 -85.42 61.77
N CYS E 143 16.66 -84.20 61.93
CA CYS E 143 16.53 -83.19 60.90
C CYS E 143 17.84 -82.48 60.56
N GLY E 144 18.96 -82.88 61.19
CA GLY E 144 20.26 -82.35 60.86
C GLY E 144 20.69 -82.54 59.41
N PRO E 145 20.47 -83.71 58.81
CA PRO E 145 20.89 -83.89 57.41
C PRO E 145 20.31 -82.87 56.45
N TYR E 146 19.05 -82.47 56.63
CA TYR E 146 18.45 -81.53 55.68
C TYR E 146 19.04 -80.13 55.83
N HIS E 147 19.25 -79.69 57.07
CA HIS E 147 19.91 -78.40 57.29
C HIS E 147 21.34 -78.43 56.74
N LYS E 148 22.05 -79.54 56.94
CA LYS E 148 23.40 -79.67 56.39
C LYS E 148 23.38 -79.62 54.87
N GLN E 149 22.39 -80.27 54.25
CA GLN E 149 22.29 -80.25 52.79
C GLN E 149 22.01 -78.85 52.28
N ARG E 150 21.12 -78.11 52.94
CA ARG E 150 20.84 -76.75 52.49
C ARG E 150 22.04 -75.82 52.74
N LEU E 151 22.82 -76.09 53.79
CA LEU E 151 24.04 -75.30 54.00
C LEU E 151 25.08 -75.62 52.94
N ALA E 152 25.17 -76.88 52.52
CA ALA E 152 26.04 -77.24 51.40
C ALA E 152 25.58 -76.56 50.11
N GLU E 153 24.26 -76.48 49.91
CA GLU E 153 23.73 -75.75 48.76
C GLU E 153 24.13 -74.28 48.82
N TYR E 154 24.02 -73.66 49.99
CA TYR E 154 24.37 -72.25 50.13
C TYR E 154 25.86 -72.02 49.92
N CYS E 155 26.70 -72.92 50.43
CA CYS E 155 28.14 -72.79 50.25
C CYS E 155 28.62 -73.28 48.90
N GLY E 156 27.75 -73.88 48.09
CA GLY E 156 28.11 -74.25 46.75
C GLY E 156 28.97 -75.49 46.61
N LEU E 157 28.85 -76.44 47.54
CA LEU E 157 29.64 -77.66 47.44
C LEU E 157 29.17 -78.54 46.30
N TYR E 158 27.85 -78.75 46.19
CA TYR E 158 27.33 -79.64 45.16
C TYR E 158 27.61 -79.09 43.76
N ARG E 159 27.48 -77.77 43.59
CA ARG E 159 27.69 -77.15 42.29
C ARG E 159 29.11 -77.36 41.77
N ASP E 160 30.09 -77.48 42.67
CA ASP E 160 31.47 -77.67 42.27
C ASP E 160 31.95 -79.12 42.37
N LEU E 161 31.21 -79.98 43.07
CA LEU E 161 31.59 -81.38 43.20
C LEU E 161 30.91 -82.26 42.16
N PHE E 162 29.63 -82.03 41.87
CA PHE E 162 28.90 -82.79 40.87
C PHE E 162 28.23 -81.95 39.81
N HIS E 163 27.90 -80.69 40.10
CA HIS E 163 27.40 -79.70 39.15
C HIS E 163 25.95 -79.97 38.73
N GLY E 164 25.43 -81.15 39.07
CA GLY E 164 24.07 -81.48 38.70
C GLY E 164 23.32 -82.32 39.72
N ALA E 165 23.98 -82.65 40.83
CA ALA E 165 23.44 -83.62 41.76
C ALA E 165 23.54 -83.09 43.18
N THR E 166 22.59 -83.51 44.02
CA THR E 166 22.57 -83.20 45.44
C THR E 166 22.37 -84.49 46.23
N PHE E 167 22.97 -84.55 47.41
CA PHE E 167 22.77 -85.68 48.31
C PHE E 167 22.56 -85.17 49.73
N VAL E 168 21.78 -85.93 50.49
CA VAL E 168 21.50 -85.63 51.89
C VAL E 168 22.46 -86.43 52.75
N PRO E 169 23.22 -85.78 53.63
CA PRO E 169 24.13 -86.54 54.51
C PRO E 169 23.37 -87.27 55.61
N ARG E 170 22.86 -88.46 55.28
CA ARG E 170 22.00 -89.20 56.21
C ARG E 170 22.74 -89.55 57.49
N VAL E 171 23.99 -90.00 57.38
CA VAL E 171 24.76 -90.41 58.54
C VAL E 171 25.63 -89.26 59.04
N PRO E 172 25.50 -88.87 60.31
CA PRO E 172 26.43 -87.87 60.87
C PRO E 172 27.88 -88.29 60.70
N LEU E 173 28.74 -87.29 60.54
CA LEU E 173 30.18 -87.51 60.44
C LEU E 173 30.88 -86.49 61.31
N HIS E 174 31.47 -86.94 62.42
CA HIS E 174 32.14 -86.05 63.36
C HIS E 174 33.65 -86.08 63.08
N VAL E 175 34.19 -84.94 62.68
CA VAL E 175 35.62 -84.79 62.40
C VAL E 175 36.22 -83.87 63.44
N ALA E 176 37.40 -84.23 63.94
CA ALA E 176 38.05 -83.39 64.95
C ALA E 176 39.55 -83.46 64.79
N TYR E 177 40.20 -82.30 64.85
CA TYR E 177 41.65 -82.22 64.90
C TYR E 177 42.11 -82.16 66.35
N ALA E 178 43.33 -82.63 66.59
CA ALA E 178 43.94 -82.58 67.91
C ALA E 178 45.01 -81.49 67.90
N VAL E 179 44.75 -80.40 68.63
CA VAL E 179 45.68 -79.28 68.65
C VAL E 179 46.52 -79.24 69.92
N GLY E 180 46.42 -80.26 70.77
CA GLY E 180 47.21 -80.34 71.98
C GLY E 180 47.05 -81.69 72.65
N GLU E 181 47.25 -81.75 73.95
CA GLU E 181 47.04 -82.99 74.70
C GLU E 181 45.60 -83.17 75.16
N ASP E 182 44.89 -82.08 75.43
CA ASP E 182 43.48 -82.15 75.81
C ASP E 182 42.64 -81.17 74.99
N ASP E 183 43.18 -80.65 73.89
CA ASP E 183 42.53 -79.62 73.11
C ASP E 183 42.12 -80.19 71.75
N LEU E 184 40.81 -80.17 71.47
CA LEU E 184 40.23 -80.75 70.27
C LEU E 184 39.47 -79.67 69.51
N MET E 185 39.78 -79.54 68.22
CA MET E 185 39.09 -78.59 67.36
C MET E 185 38.08 -79.34 66.51
N PRO E 186 36.78 -79.20 66.76
CA PRO E 186 35.79 -79.85 65.91
C PRO E 186 35.70 -79.20 64.54
N VAL E 187 35.29 -79.98 63.55
CA VAL E 187 35.12 -79.52 62.18
C VAL E 187 33.66 -79.75 61.82
N TYR E 188 32.83 -78.72 62.00
CA TYR E 188 31.42 -78.81 61.64
C TYR E 188 31.25 -78.43 60.18
N HIS E 189 30.01 -78.21 59.77
CA HIS E 189 29.69 -77.77 58.42
C HIS E 189 29.87 -76.26 58.34
N GLY E 190 30.86 -75.81 57.56
CA GLY E 190 31.10 -74.39 57.37
C GLY E 190 31.95 -73.72 58.43
N ASN E 191 32.60 -74.48 59.30
CA ASN E 191 33.44 -73.90 60.34
C ASN E 191 34.71 -73.32 59.73
N GLU E 192 35.43 -72.55 60.54
CA GLU E 192 36.72 -71.97 60.15
C GLU E 192 37.81 -72.62 60.98
N VAL E 193 38.79 -73.23 60.33
CA VAL E 193 39.85 -73.98 60.98
C VAL E 193 41.20 -73.46 60.51
N THR E 194 42.09 -73.17 61.45
CA THR E 194 43.41 -72.67 61.13
C THR E 194 44.27 -73.80 60.55
N PRO E 195 45.10 -73.51 59.53
CA PRO E 195 46.01 -74.55 59.01
C PRO E 195 46.96 -75.09 60.06
N THR E 196 47.39 -74.28 61.01
CA THR E 196 48.21 -74.79 62.11
C THR E 196 47.44 -75.81 62.92
N GLU E 197 46.16 -75.57 63.16
CA GLU E 197 45.32 -76.53 63.87
C GLU E 197 45.05 -77.76 63.02
N ALA E 198 45.06 -77.62 61.69
CA ALA E 198 44.74 -78.72 60.78
C ALA E 198 45.97 -79.37 60.18
N ALA E 199 47.17 -79.08 60.70
CA ALA E 199 48.38 -79.69 60.17
C ALA E 199 48.37 -81.21 60.33
N GLN E 200 47.94 -81.68 61.50
CA GLN E 200 47.88 -83.11 61.75
C GLN E 200 46.62 -83.72 61.12
N ALA E 201 46.67 -85.03 60.90
CA ALA E 201 45.50 -85.73 60.38
C ALA E 201 44.41 -85.77 61.46
N PRO E 202 43.14 -85.68 61.08
CA PRO E 202 42.06 -85.65 62.07
C PRO E 202 41.54 -87.04 62.40
N GLU E 203 40.68 -87.09 63.41
CA GLU E 203 39.95 -88.29 63.79
C GLU E 203 38.50 -88.14 63.37
N VAL E 204 37.97 -89.17 62.71
CA VAL E 204 36.62 -89.14 62.15
C VAL E 204 35.82 -90.29 62.76
N THR E 205 34.58 -89.98 63.17
CA THR E 205 33.69 -90.96 63.77
C THR E 205 32.32 -90.89 63.11
N TYR E 206 31.72 -92.05 62.90
CA TYR E 206 30.37 -92.12 62.35
C TYR E 206 29.80 -93.50 62.67
N GLU E 207 28.53 -93.52 63.10
CA GLU E 207 27.89 -94.77 63.46
C GLU E 207 27.72 -95.66 62.24
N ALA E 208 28.16 -96.90 62.35
CA ALA E 208 28.08 -97.85 61.25
C ALA E 208 28.23 -99.26 61.80
N ASP E 209 27.49 -100.20 61.21
CA ASP E 209 27.58 -101.59 61.59
C ASP E 209 28.85 -102.22 61.02
N GLU E 210 29.25 -103.34 61.61
CA GLU E 210 30.44 -104.06 61.16
C GLU E 210 30.12 -105.01 60.02
N GLY E 211 29.47 -104.49 58.98
CA GLY E 211 29.17 -105.26 57.79
C GLY E 211 29.27 -104.45 56.52
N SER E 212 29.65 -103.19 56.64
CA SER E 212 29.67 -102.26 55.53
C SER E 212 31.05 -101.66 55.34
N LEU E 213 31.28 -101.09 54.16
CA LEU E 213 32.55 -100.48 53.80
C LEU E 213 32.33 -99.01 53.46
N TRP E 214 33.30 -98.17 53.82
CA TRP E 214 33.20 -96.74 53.61
C TRP E 214 34.50 -96.20 53.05
N THR E 215 34.40 -95.06 52.36
CA THR E 215 35.56 -94.33 51.86
C THR E 215 35.42 -92.87 52.27
N LEU E 216 36.53 -92.25 52.65
CA LEU E 216 36.55 -90.86 53.05
C LEU E 216 37.51 -90.08 52.16
N LEU E 217 37.08 -88.90 51.73
CA LEU E 217 37.82 -88.04 50.81
C LEU E 217 37.84 -86.63 51.34
N LEU E 218 39.04 -86.08 51.52
CA LEU E 218 39.20 -84.66 51.82
C LEU E 218 39.63 -83.95 50.54
N THR E 219 38.80 -83.03 50.08
CA THR E 219 39.03 -82.33 48.83
C THR E 219 39.10 -80.83 49.06
N ASN E 220 40.13 -80.21 48.51
CA ASN E 220 40.33 -78.76 48.54
C ASN E 220 39.63 -78.21 47.30
N LEU E 221 38.49 -77.55 47.51
CA LEU E 221 37.70 -77.07 46.37
C LEU E 221 38.38 -75.89 45.69
N ASP E 222 38.83 -74.91 46.47
CA ASP E 222 39.38 -73.67 45.95
C ASP E 222 40.82 -73.52 46.43
N GLY E 223 41.74 -73.30 45.49
CA GLY E 223 43.13 -73.20 45.85
C GLY E 223 44.06 -73.78 44.80
N HIS E 224 43.49 -74.43 43.79
CA HIS E 224 44.29 -74.90 42.66
C HIS E 224 44.83 -73.69 41.90
N LEU E 225 46.16 -73.59 41.82
CA LEU E 225 46.78 -72.41 41.22
C LEU E 225 46.51 -72.34 39.72
N LEU E 226 46.49 -73.49 39.04
CA LEU E 226 46.43 -73.50 37.58
C LEU E 226 44.99 -73.56 37.06
N GLU E 227 44.25 -74.62 37.40
CA GLU E 227 42.96 -74.87 36.79
C GLU E 227 41.85 -74.38 37.69
N PRO E 228 41.06 -73.40 37.26
CA PRO E 228 39.95 -72.93 38.11
C PRO E 228 38.91 -73.99 38.40
N ASP E 229 38.67 -74.92 37.48
CA ASP E 229 37.60 -75.89 37.62
C ASP E 229 38.04 -77.18 38.29
N ALA E 230 39.30 -77.30 38.68
CA ALA E 230 39.82 -78.49 39.32
C ALA E 230 39.95 -78.29 40.81
N GLU E 231 40.25 -79.39 41.52
CA GLU E 231 40.34 -79.38 42.96
C GLU E 231 41.50 -80.28 43.40
N TYR E 232 41.95 -80.07 44.62
CA TYR E 232 43.08 -80.81 45.16
C TYR E 232 42.60 -81.95 46.07
N VAL E 233 43.42 -82.98 46.18
CA VAL E 233 43.20 -84.05 47.15
C VAL E 233 44.05 -83.77 48.39
N HIS E 234 43.57 -84.18 49.53
CA HIS E 234 44.38 -84.07 50.74
C HIS E 234 44.47 -85.38 51.51
N TRP E 235 43.39 -86.16 51.56
CA TRP E 235 43.36 -87.37 52.37
C TRP E 235 42.29 -88.29 51.82
N LEU E 236 42.70 -89.38 51.18
CA LEU E 236 41.76 -90.36 50.62
C LEU E 236 42.02 -91.71 51.27
N VAL E 237 41.05 -92.18 52.06
CA VAL E 237 41.12 -93.50 52.68
C VAL E 237 39.97 -94.33 52.13
N THR E 238 40.27 -95.58 51.74
CA THR E 238 39.29 -96.42 51.09
C THR E 238 39.16 -97.75 51.82
N ASN E 239 38.02 -98.39 51.62
CA ASN E 239 37.71 -99.70 52.19
C ASN E 239 37.82 -99.68 53.72
N ILE E 240 37.14 -98.70 54.31
CA ILE E 240 37.10 -98.55 55.77
C ILE E 240 36.14 -99.58 56.33
N PRO E 241 36.59 -100.49 57.19
CA PRO E 241 35.66 -101.45 57.81
C PRO E 241 34.88 -100.78 58.93
N GLY E 242 33.60 -100.50 58.68
CA GLY E 242 32.76 -99.86 59.67
C GLY E 242 33.23 -98.49 60.07
N ASN E 243 33.72 -98.36 61.31
CA ASN E 243 34.15 -97.08 61.84
C ASN E 243 35.66 -96.94 61.98
N ARG E 244 36.41 -98.04 62.03
CA ARG E 244 37.85 -97.97 62.22
C ARG E 244 38.55 -97.48 60.96
N VAL E 245 38.65 -96.17 60.81
CA VAL E 245 39.27 -95.58 59.63
C VAL E 245 40.77 -95.84 59.59
N THR E 246 41.43 -95.82 60.75
CA THR E 246 42.87 -96.06 60.78
C THR E 246 43.23 -97.45 60.25
N GLU E 247 42.35 -98.43 60.45
CA GLU E 247 42.61 -99.77 59.94
C GLU E 247 42.53 -99.83 58.42
N GLY E 248 41.65 -99.03 57.81
CA GLY E 248 41.52 -99.03 56.37
C GLY E 248 42.74 -98.44 55.68
N GLN E 249 42.98 -98.90 54.47
CA GLN E 249 44.13 -98.43 53.70
C GLN E 249 43.91 -97.01 53.21
N GLU E 250 44.97 -96.22 53.20
CA GLU E 250 44.92 -94.84 52.74
C GLU E 250 45.45 -94.76 51.31
N THR E 251 44.61 -94.27 50.40
CA THR E 251 45.04 -94.11 49.01
C THR E 251 45.93 -92.88 48.83
N CYS E 252 45.61 -91.79 49.54
CA CYS E 252 46.36 -90.55 49.44
C CYS E 252 46.84 -90.13 50.82
N PRO E 253 48.13 -89.90 51.02
CA PRO E 253 48.60 -89.45 52.34
C PRO E 253 48.08 -88.06 52.65
N TYR E 254 47.90 -87.79 53.95
CA TYR E 254 47.35 -86.51 54.38
C TYR E 254 48.32 -85.37 54.05
N LEU E 255 47.76 -84.27 53.56
CA LEU E 255 48.50 -83.06 53.29
C LEU E 255 47.82 -81.89 53.99
N PRO E 256 48.53 -81.12 54.80
CA PRO E 256 47.89 -80.02 55.50
C PRO E 256 47.41 -78.96 54.53
N PRO E 257 46.35 -78.23 54.88
CA PRO E 257 45.86 -77.17 54.00
C PRO E 257 46.93 -76.12 53.73
N PHE E 258 46.98 -75.66 52.47
CA PHE E 258 47.93 -74.62 52.06
C PHE E 258 47.23 -73.57 51.21
N PRO E 259 46.33 -72.79 51.82
CA PRO E 259 45.72 -71.68 51.07
C PRO E 259 46.71 -70.55 50.85
N ALA E 260 46.59 -69.91 49.69
CA ALA E 260 47.51 -68.83 49.34
C ALA E 260 47.29 -67.63 50.26
N ARG E 261 48.34 -66.80 50.38
CA ARG E 261 48.29 -65.67 51.29
C ARG E 261 47.24 -64.65 50.87
N GLY E 262 47.16 -64.36 49.57
CA GLY E 262 46.22 -63.37 49.09
C GLY E 262 44.78 -63.85 49.11
N SER E 263 44.47 -64.87 48.32
CA SER E 263 43.13 -65.42 48.28
C SER E 263 42.88 -66.22 49.56
N GLY E 264 41.95 -65.75 50.39
CA GLY E 264 41.67 -66.37 51.66
C GLY E 264 40.35 -67.15 51.65
N PHE E 265 40.13 -67.86 52.75
CA PHE E 265 38.89 -68.58 53.01
C PHE E 265 38.57 -69.59 51.91
N HIS E 266 39.47 -70.56 51.77
CA HIS E 266 39.22 -71.70 50.90
C HIS E 266 38.31 -72.70 51.61
N ARG E 267 37.74 -73.61 50.82
CA ARG E 267 36.84 -74.64 51.36
C ARG E 267 37.46 -76.02 51.20
N PHE E 268 37.37 -76.81 52.27
CA PHE E 268 37.83 -78.19 52.29
C PHE E 268 36.67 -79.06 52.73
N ALA E 269 36.32 -80.04 51.91
CA ALA E 269 35.14 -80.86 52.11
C ALA E 269 35.53 -82.30 52.41
N PHE E 270 34.90 -82.87 53.44
CA PHE E 270 35.04 -84.29 53.75
C PHE E 270 33.81 -85.02 53.21
N LEU E 271 34.02 -85.82 52.18
CA LEU E 271 32.97 -86.62 51.56
C LEU E 271 33.10 -88.06 52.00
N LEU E 272 32.01 -88.62 52.53
CA LEU E 272 31.97 -90.01 52.98
C LEU E 272 31.06 -90.79 52.05
N PHE E 273 31.56 -91.90 51.52
CA PHE E 273 30.81 -92.76 50.62
C PHE E 273 30.64 -94.13 51.26
N LYS E 274 29.41 -94.64 51.23
CA LYS E 274 29.12 -96.00 51.66
C LYS E 274 29.07 -96.90 50.43
N GLN E 275 29.80 -98.01 50.46
CA GLN E 275 29.91 -98.88 49.32
C GLN E 275 29.53 -100.31 49.71
N ASP E 276 28.97 -101.04 48.75
CA ASP E 276 28.59 -102.42 48.96
C ASP E 276 29.75 -103.38 48.69
N LYS E 277 30.34 -103.29 47.50
CA LYS E 277 31.46 -104.14 47.13
C LYS E 277 32.77 -103.55 47.63
N ARG E 278 33.81 -104.39 47.61
CA ARG E 278 35.16 -103.95 47.97
C ARG E 278 35.81 -103.37 46.71
N ILE E 279 35.77 -102.05 46.59
CA ILE E 279 36.30 -101.39 45.42
C ILE E 279 37.82 -101.42 45.46
N ASP E 280 38.44 -101.86 44.37
CA ASP E 280 39.89 -101.89 44.22
C ASP E 280 40.26 -101.19 42.93
N PHE E 281 41.23 -100.27 43.01
CA PHE E 281 41.64 -99.49 41.86
C PHE E 281 43.14 -99.26 41.91
N SER E 282 43.71 -98.93 40.74
CA SER E 282 45.13 -98.60 40.63
C SER E 282 45.39 -97.23 40.01
N GLY E 283 44.41 -96.65 39.30
CA GLY E 283 44.65 -95.36 38.68
C GLY E 283 44.56 -94.19 39.64
N ASP E 284 43.78 -94.33 40.70
CA ASP E 284 43.63 -93.28 41.69
C ASP E 284 44.66 -93.36 42.82
N THR E 285 45.51 -94.38 42.82
CA THR E 285 46.49 -94.53 43.88
C THR E 285 47.61 -93.51 43.72
N ARG E 286 48.08 -92.97 44.85
CA ARG E 286 49.13 -91.99 44.89
C ARG E 286 50.40 -92.58 45.52
N PRO E 287 51.58 -92.06 45.17
CA PRO E 287 52.82 -92.58 45.76
C PRO E 287 52.94 -92.19 47.22
N SER E 288 53.97 -92.74 47.87
CA SER E 288 54.17 -92.49 49.29
C SER E 288 54.43 -91.02 49.61
N PRO E 289 55.36 -90.31 48.94
CA PRO E 289 55.51 -88.87 49.24
C PRO E 289 54.28 -88.07 48.87
N CYS E 290 53.87 -88.15 47.61
CA CYS E 290 52.71 -87.46 47.08
C CYS E 290 52.77 -85.96 47.39
N TYR E 291 53.86 -85.33 46.96
CA TYR E 291 54.08 -83.91 47.16
C TYR E 291 54.05 -83.13 45.86
N GLN E 292 53.48 -83.70 44.79
CA GLN E 292 53.41 -83.06 43.50
C GLN E 292 51.98 -82.54 43.28
N LEU E 293 51.87 -81.24 43.01
CA LEU E 293 50.56 -80.66 42.74
C LEU E 293 49.98 -81.17 41.43
N ALA E 294 50.84 -81.52 40.48
CA ALA E 294 50.35 -82.11 39.22
C ALA E 294 49.70 -83.46 39.47
N GLN E 295 50.29 -84.27 40.35
CA GLN E 295 49.68 -85.55 40.69
C GLN E 295 48.46 -85.37 41.59
N ARG E 296 48.46 -84.36 42.44
CA ARG E 296 47.34 -84.12 43.35
C ARG E 296 46.29 -83.21 42.70
N THR E 297 45.87 -83.58 41.49
CA THR E 297 44.81 -82.88 40.76
C THR E 297 43.62 -83.81 40.66
N PHE E 298 42.45 -83.31 41.05
CA PHE E 298 41.30 -84.16 41.26
C PHE E 298 40.05 -83.59 40.61
N HIS E 299 39.09 -84.47 40.37
CA HIS E 299 37.75 -84.10 39.91
C HIS E 299 36.77 -85.06 40.55
N THR E 300 36.01 -84.56 41.52
CA THR E 300 35.05 -85.43 42.22
C THR E 300 33.97 -85.93 41.27
N PHE E 301 33.59 -85.13 40.28
CA PHE E 301 32.62 -85.58 39.29
C PHE E 301 33.15 -86.79 38.53
N ASP E 302 34.41 -86.71 38.08
CA ASP E 302 35.00 -87.83 37.36
C ASP E 302 35.17 -89.05 38.26
N PHE E 303 35.55 -88.83 39.52
CA PHE E 303 35.70 -89.93 40.46
C PHE E 303 34.38 -90.66 40.67
N TYR E 304 33.30 -89.91 40.88
CA TYR E 304 31.99 -90.52 41.09
C TYR E 304 31.46 -91.14 39.80
N LYS E 305 31.80 -90.57 38.64
CA LYS E 305 31.41 -91.21 37.39
C LYS E 305 32.12 -92.55 37.21
N LYS E 306 33.39 -92.61 37.61
CA LYS E 306 34.15 -93.85 37.48
C LYS E 306 33.63 -94.92 38.43
N HIS E 307 33.35 -94.54 39.68
CA HIS E 307 32.92 -95.49 40.70
C HIS E 307 31.50 -95.23 41.20
N GLN E 308 30.59 -94.94 40.27
CA GLN E 308 29.22 -94.58 40.62
C GLN E 308 28.38 -95.78 41.03
N ASP E 309 28.69 -96.97 40.52
CA ASP E 309 27.80 -98.12 40.72
C ASP E 309 27.78 -98.57 42.18
N ALA E 310 28.92 -98.47 42.89
CA ALA E 310 29.03 -99.02 44.23
C ALA E 310 28.84 -97.96 45.32
N MET E 311 29.65 -96.90 45.29
CA MET E 311 29.60 -95.93 46.38
C MET E 311 28.40 -95.00 46.24
N THR E 312 27.89 -94.57 47.40
CA THR E 312 26.82 -93.59 47.49
C THR E 312 27.19 -92.61 48.60
N PRO E 313 27.16 -91.31 48.34
CA PRO E 313 27.57 -90.34 49.38
C PRO E 313 26.55 -90.26 50.51
N ALA E 314 27.05 -90.34 51.74
CA ALA E 314 26.20 -90.29 52.92
C ALA E 314 26.71 -89.38 54.02
N GLY E 315 27.93 -88.86 53.92
CA GLY E 315 28.47 -87.99 54.95
C GLY E 315 29.11 -86.76 54.36
N LEU E 316 28.99 -85.65 55.08
CA LEU E 316 29.52 -84.37 54.62
C LEU E 316 30.07 -83.59 55.80
N ALA E 317 31.26 -83.01 55.62
CA ALA E 317 31.88 -82.17 56.64
C ALA E 317 32.85 -81.23 55.94
N PHE E 318 32.52 -79.95 55.89
CA PHE E 318 33.32 -78.96 55.18
C PHE E 318 33.62 -77.78 56.10
N PHE E 319 34.83 -77.24 55.97
CA PHE E 319 35.26 -76.11 56.78
C PHE E 319 35.98 -75.10 55.90
N GLN E 320 35.93 -73.83 56.33
CA GLN E 320 36.66 -72.76 55.68
C GLN E 320 38.05 -72.64 56.30
N CYS E 321 39.00 -72.17 55.48
CA CYS E 321 40.39 -72.12 55.91
C CYS E 321 41.10 -70.98 55.21
N ARG E 322 41.82 -70.17 55.99
CA ARG E 322 42.56 -69.02 55.48
C ARG E 322 44.05 -69.19 55.77
N TRP E 323 44.85 -68.35 55.15
CA TRP E 323 46.30 -68.43 55.29
C TRP E 323 46.73 -68.06 56.71
N ASP E 324 47.78 -68.72 57.19
CA ASP E 324 48.38 -68.41 58.48
C ASP E 324 49.89 -68.60 58.37
N ASP E 325 50.58 -68.58 59.51
CA ASP E 325 52.03 -68.63 59.52
C ASP E 325 52.60 -70.00 59.20
N SER E 326 51.77 -71.05 59.18
CA SER E 326 52.24 -72.39 58.88
C SER E 326 52.14 -72.73 57.40
N VAL E 327 51.37 -71.97 56.62
CA VAL E 327 51.21 -72.26 55.20
C VAL E 327 52.52 -72.03 54.47
N THR E 328 53.30 -71.02 54.87
CA THR E 328 54.60 -70.80 54.24
C THR E 328 55.53 -71.97 54.50
N ARG E 329 55.51 -72.51 55.73
CA ARG E 329 56.33 -73.69 56.02
C ARG E 329 55.88 -74.89 55.20
N VAL E 330 54.56 -75.06 55.04
CA VAL E 330 54.05 -76.15 54.22
C VAL E 330 54.51 -75.99 52.77
N PHE E 331 54.44 -74.77 52.25
CA PHE E 331 54.90 -74.52 50.88
C PHE E 331 56.38 -74.79 50.72
N HIS E 332 57.20 -74.36 51.70
CA HIS E 332 58.65 -74.45 51.55
C HIS E 332 59.15 -75.87 51.79
N GLN E 333 58.92 -76.42 52.98
CA GLN E 333 59.51 -77.70 53.34
C GLN E 333 58.88 -78.84 52.56
N LEU E 334 57.55 -78.90 52.51
CA LEU E 334 56.86 -80.05 51.92
C LEU E 334 56.76 -79.94 50.41
N LEU E 335 56.09 -78.89 49.92
CA LEU E 335 55.85 -78.76 48.49
C LEU E 335 57.11 -78.37 47.72
N ASP E 336 58.12 -77.82 48.39
CA ASP E 336 59.40 -77.44 47.78
C ASP E 336 59.17 -76.46 46.63
N MET E 337 58.63 -75.29 46.98
CA MET E 337 58.36 -74.23 46.03
C MET E 337 58.45 -72.88 46.74
N ARG E 338 58.17 -71.82 46.01
CA ARG E 338 58.10 -70.47 46.56
C ARG E 338 56.65 -70.13 46.86
N GLU E 339 56.42 -69.57 48.04
CA GLU E 339 55.06 -69.23 48.46
C GLU E 339 54.49 -68.14 47.56
N PRO E 340 53.37 -68.39 46.89
CA PRO E 340 52.76 -67.34 46.07
C PRO E 340 51.92 -66.39 46.92
N VAL E 341 51.98 -65.10 46.57
CA VAL E 341 51.26 -64.06 47.28
C VAL E 341 50.34 -63.35 46.30
N PHE E 342 49.07 -63.26 46.65
CA PHE E 342 48.06 -62.58 45.85
C PHE E 342 47.57 -61.35 46.59
N GLU E 343 46.72 -60.57 45.93
CA GLU E 343 46.04 -59.45 46.57
C GLU E 343 44.72 -59.20 45.85
N PHE E 344 43.80 -58.57 46.57
CA PHE E 344 42.48 -58.25 46.03
C PHE E 344 42.55 -56.89 45.37
N VAL E 345 42.84 -56.88 44.06
CA VAL E 345 42.92 -55.64 43.31
C VAL E 345 41.52 -55.23 42.87
N ARG E 346 41.35 -53.94 42.63
CA ARG E 346 40.06 -53.40 42.22
C ARG E 346 40.17 -52.74 40.85
N PRO E 347 39.10 -52.72 40.08
CA PRO E 347 39.15 -52.10 38.76
C PRO E 347 39.48 -50.63 38.87
N PRO E 348 40.19 -50.06 37.90
CA PRO E 348 40.52 -48.65 37.97
C PRO E 348 39.27 -47.81 37.88
N PRO E 349 39.26 -46.64 38.51
CA PRO E 349 38.05 -45.79 38.47
C PRO E 349 37.74 -45.35 37.04
N TYR E 350 36.46 -45.28 36.74
CA TYR E 350 36.01 -44.91 35.40
C TYR E 350 36.01 -43.39 35.26
N HIS E 351 36.52 -42.90 34.13
CA HIS E 351 36.50 -41.49 33.82
C HIS E 351 36.01 -41.29 32.39
N PRO E 352 35.22 -40.27 32.13
CA PRO E 352 34.73 -40.03 30.77
C PRO E 352 35.85 -39.60 29.85
N LYS E 353 35.54 -39.56 28.56
CA LYS E 353 36.50 -39.08 27.57
C LYS E 353 36.88 -37.63 27.88
N GLN E 354 38.18 -37.35 27.86
CA GLN E 354 38.66 -36.01 28.19
C GLN E 354 38.22 -35.02 27.12
N LYS E 355 37.74 -33.86 27.55
CA LYS E 355 37.27 -32.83 26.64
C LYS E 355 38.36 -31.80 26.41
N ARG E 356 38.35 -31.21 25.21
CA ARG E 356 39.30 -30.14 24.90
C ARG E 356 39.04 -28.93 25.78
N PHE E 357 37.77 -28.59 25.99
CA PHE E 357 37.37 -27.46 26.84
C PHE E 357 36.35 -27.96 27.86
N PRO E 358 36.82 -28.45 29.02
CA PRO E 358 35.87 -28.91 30.04
C PRO E 358 35.11 -27.76 30.68
N HIS E 359 33.85 -27.60 30.32
CA HIS E 359 33.07 -26.44 30.74
C HIS E 359 32.63 -26.60 32.20
N ARG E 360 32.90 -25.56 33.00
CA ARG E 360 32.46 -25.49 34.40
C ARG E 360 32.98 -26.66 35.22
N GLN E 361 34.10 -27.22 34.84
CA GLN E 361 34.67 -28.30 35.62
C GLN E 361 35.71 -27.74 36.59
N PRO E 362 35.92 -28.40 37.73
CA PRO E 362 36.90 -27.91 38.69
C PRO E 362 38.31 -27.97 38.12
N LEU E 363 39.23 -27.26 38.78
CA LEU E 363 40.62 -27.24 38.35
C LEU E 363 41.24 -28.63 38.42
N ARG E 364 40.77 -29.47 39.34
CA ARG E 364 41.26 -30.84 39.48
C ARG E 364 40.81 -31.75 38.34
N TYR E 365 40.11 -31.23 37.33
CA TYR E 365 39.73 -32.06 36.20
C TYR E 365 40.94 -32.58 35.46
N LEU E 366 41.99 -31.76 35.34
CA LEU E 366 43.20 -32.19 34.65
C LEU E 366 43.96 -33.25 35.42
N ASP E 367 43.71 -33.38 36.73
CA ASP E 367 44.40 -34.39 37.54
C ASP E 367 43.79 -35.77 37.39
N ARG E 368 42.57 -35.88 36.87
CA ARG E 368 41.95 -37.18 36.68
C ARG E 368 42.57 -37.97 35.54
N TYR E 369 43.24 -37.29 34.61
CA TYR E 369 43.83 -37.94 33.45
C TYR E 369 45.35 -37.81 33.44
N ARG E 370 45.96 -37.58 34.59
CA ARG E 370 47.40 -37.47 34.72
C ARG E 370 47.99 -38.84 34.97
N ASP E 371 49.03 -39.20 34.20
CA ASP E 371 49.66 -40.49 34.38
C ASP E 371 50.41 -40.57 35.70
N SER E 372 51.22 -39.56 36.01
CA SER E 372 52.02 -39.55 37.22
C SER E 372 52.10 -38.12 37.75
N HIS E 373 52.28 -38.02 39.07
CA HIS E 373 52.36 -36.72 39.74
C HIS E 373 53.79 -36.22 39.78
N GLU E 374 54.40 -36.15 38.60
CA GLU E 374 55.76 -35.68 38.42
C GLU E 374 55.80 -34.66 37.30
N PRO E 375 56.68 -33.66 37.39
CA PRO E 375 56.76 -32.66 36.33
C PRO E 375 57.68 -33.04 35.19
N THR E 376 57.12 -33.17 33.99
CA THR E 376 57.87 -33.53 32.80
C THR E 376 58.18 -32.28 31.99
N TYR E 377 59.46 -32.06 31.73
CA TYR E 377 59.93 -30.96 30.88
C TYR E 377 60.36 -31.56 29.55
N GLY E 378 59.52 -31.41 28.52
CA GLY E 378 59.73 -32.07 27.26
C GLY E 378 61.02 -31.72 26.56
N ILE E 379 61.27 -30.42 26.38
CA ILE E 379 62.47 -29.97 25.66
C ILE E 379 63.39 -29.13 26.54
N TYR E 380 62.96 -28.72 27.72
CA TYR E 380 63.77 -27.89 28.59
C TYR E 380 64.60 -28.74 29.53
N SER F 30 -1.74 -4.58 -105.46
CA SER F 30 -0.47 -4.74 -104.78
C SER F 30 -0.66 -5.38 -103.41
N GLN F 31 -0.16 -6.62 -103.26
CA GLN F 31 -0.30 -7.36 -102.02
C GLN F 31 0.66 -6.79 -100.98
N LEU F 32 0.12 -5.99 -100.06
CA LEU F 32 0.91 -5.40 -98.99
C LEU F 32 0.02 -5.22 -97.78
N SER F 33 0.41 -5.84 -96.66
CA SER F 33 -0.35 -5.70 -95.43
C SER F 33 -0.26 -4.26 -94.92
N PRO F 34 -1.32 -3.76 -94.26
CA PRO F 34 -1.24 -2.40 -93.71
C PRO F 34 -0.10 -2.21 -92.72
N THR F 35 0.19 -3.23 -91.90
CA THR F 35 1.31 -3.13 -90.99
C THR F 35 2.63 -3.03 -91.74
N GLU F 36 2.79 -3.81 -92.81
CA GLU F 36 4.00 -3.72 -93.62
C GLU F 36 4.12 -2.35 -94.28
N LEU F 37 2.99 -1.80 -94.76
CA LEU F 37 3.03 -0.48 -95.37
C LEU F 37 3.42 0.59 -94.36
N ILE F 38 2.88 0.52 -93.15
CA ILE F 38 3.25 1.47 -92.11
C ILE F 38 4.73 1.33 -91.77
N GLU F 39 5.22 0.10 -91.66
CA GLU F 39 6.62 -0.14 -91.34
C GLU F 39 7.54 0.43 -92.42
N MET F 40 7.19 0.21 -93.70
CA MET F 40 8.03 0.71 -94.77
C MET F 40 7.96 2.24 -94.87
N GLN F 41 6.80 2.82 -94.59
CA GLN F 41 6.71 4.28 -94.54
C GLN F 41 7.58 4.85 -93.44
N ASN F 42 7.57 4.22 -92.27
CA ASN F 42 8.42 4.68 -91.17
C ASN F 42 9.90 4.51 -91.53
N ASP F 43 10.24 3.40 -92.20
CA ASP F 43 11.62 3.17 -92.60
C ASP F 43 12.11 4.24 -93.57
N LEU F 44 11.28 4.57 -94.57
CA LEU F 44 11.67 5.61 -95.52
C LEU F 44 11.76 6.97 -94.85
N PHE F 45 10.84 7.26 -93.91
CA PHE F 45 10.91 8.53 -93.18
C PHE F 45 12.20 8.60 -92.37
N ASN F 46 12.57 7.52 -91.70
CA ASN F 46 13.82 7.50 -90.93
C ASN F 46 15.03 7.65 -91.84
N LYS F 47 14.99 7.01 -93.02
CA LYS F 47 16.10 7.17 -93.97
C LYS F 47 16.23 8.62 -94.42
N GLU F 48 15.11 9.27 -94.72
CA GLU F 48 15.15 10.67 -95.12
C GLU F 48 15.68 11.56 -94.00
N LYS F 49 15.24 11.30 -92.77
CA LYS F 49 15.73 12.08 -91.63
C LYS F 49 17.22 11.87 -91.43
N ASN F 50 17.70 10.64 -91.57
CA ASN F 50 19.13 10.37 -91.46
C ASN F 50 19.92 11.09 -92.54
N ARG F 51 19.39 11.11 -93.76
CA ARG F 51 20.03 11.85 -94.84
C ARG F 51 20.09 13.34 -94.49
N GLN F 52 19.00 13.89 -93.96
CA GLN F 52 18.98 15.31 -93.61
C GLN F 52 20.02 15.63 -92.54
N LEU F 53 20.11 14.80 -91.50
CA LEU F 53 21.11 15.04 -90.46
C LEU F 53 22.52 14.87 -91.00
N SER F 54 22.76 13.87 -91.84
CA SER F 54 24.10 13.65 -92.38
C SER F 54 24.49 14.70 -93.39
N LEU F 55 23.53 15.45 -93.93
CA LEU F 55 23.87 16.53 -94.86
C LEU F 55 24.76 17.58 -94.21
N THR F 56 24.66 17.75 -92.89
CA THR F 56 25.52 18.67 -92.18
C THR F 56 26.54 17.87 -91.38
N PRO F 57 27.80 17.80 -91.80
CA PRO F 57 28.78 16.95 -91.09
C PRO F 57 29.31 17.59 -89.82
N ARG F 58 29.46 18.93 -89.83
CA ARG F 58 30.01 19.64 -88.70
C ARG F 58 28.89 20.23 -87.84
N THR F 59 29.28 20.83 -86.71
CA THR F 59 28.34 21.45 -85.78
C THR F 59 28.64 22.94 -85.75
N GLU F 60 27.82 23.71 -86.45
CA GLU F 60 27.94 25.16 -86.48
C GLU F 60 27.13 25.78 -85.35
N LYS F 61 27.58 26.95 -84.89
CA LYS F 61 26.92 27.68 -83.82
C LYS F 61 26.18 28.88 -84.39
N ILE F 62 24.91 29.01 -84.02
CA ILE F 62 24.07 30.13 -84.45
C ILE F 62 23.68 30.94 -83.23
N GLU F 63 23.51 32.24 -83.43
CA GLU F 63 23.13 33.17 -82.38
C GLU F 63 21.67 33.55 -82.59
N VAL F 64 20.79 33.07 -81.72
CA VAL F 64 19.36 33.30 -81.82
C VAL F 64 18.95 34.29 -80.74
N LYS F 65 18.47 35.45 -81.15
CA LYS F 65 17.96 36.42 -80.19
C LYS F 65 16.54 36.04 -79.78
N HIS F 66 16.12 36.52 -78.62
CA HIS F 66 14.77 36.35 -78.12
C HIS F 66 14.08 37.70 -78.11
N VAL F 67 13.02 37.85 -78.90
CA VAL F 67 12.33 39.13 -79.03
C VAL F 67 11.02 39.13 -78.24
N GLY F 68 10.87 38.24 -77.27
CA GLY F 68 9.67 38.21 -76.47
C GLY F 68 9.52 39.42 -75.59
N LYS F 69 8.28 39.72 -75.22
CA LYS F 69 8.00 40.85 -74.35
C LYS F 69 8.41 40.58 -72.91
N THR F 70 8.47 39.30 -72.52
CA THR F 70 8.74 38.97 -71.13
C THR F 70 10.21 39.16 -70.77
N ASP F 71 11.10 38.47 -71.49
CA ASP F 71 12.53 38.46 -71.19
C ASP F 71 13.26 38.87 -72.47
N PRO F 72 13.35 40.16 -72.76
CA PRO F 72 14.02 40.60 -73.98
C PRO F 72 15.54 40.67 -73.80
N GLY F 73 16.23 40.68 -74.93
CA GLY F 73 17.67 40.79 -74.95
C GLY F 73 18.42 39.49 -74.74
N THR F 74 17.72 38.38 -74.54
CA THR F 74 18.39 37.10 -74.36
C THR F 74 18.96 36.59 -75.67
N VAL F 75 20.15 36.01 -75.62
CA VAL F 75 20.81 35.44 -76.78
C VAL F 75 21.14 33.98 -76.48
N PHE F 76 20.78 33.10 -77.41
CA PHE F 76 21.04 31.67 -77.29
C PHE F 76 22.08 31.27 -78.33
N VAL F 77 23.12 30.58 -77.89
CA VAL F 77 24.14 30.04 -78.78
C VAL F 77 23.74 28.59 -79.05
N MET F 78 22.96 28.39 -80.10
CA MET F 78 22.38 27.11 -80.43
C MET F 78 23.18 26.40 -81.52
N ASN F 79 22.88 25.11 -81.69
CA ASN F 79 23.51 24.29 -82.73
C ASN F 79 22.67 24.35 -84.01
N LYS F 80 23.35 24.40 -85.14
CA LYS F 80 22.67 24.47 -86.43
C LYS F 80 22.09 23.11 -86.79
N ASN F 81 20.83 23.09 -87.21
CA ASN F 81 20.11 21.92 -87.68
C ASN F 81 19.94 20.84 -86.61
N ILE F 82 20.23 21.16 -85.35
CA ILE F 82 20.05 20.24 -84.23
C ILE F 82 19.18 20.86 -83.15
N SER F 83 19.53 22.07 -82.71
CA SER F 83 18.78 22.76 -81.68
C SER F 83 17.40 23.15 -82.20
N THR F 84 16.45 23.27 -81.28
CA THR F 84 15.06 23.56 -81.58
C THR F 84 14.56 24.72 -80.74
N PRO F 85 13.49 25.39 -81.17
CA PRO F 85 12.86 26.38 -80.29
C PRO F 85 12.39 25.79 -78.98
N TYR F 86 12.07 24.49 -78.95
CA TYR F 86 11.81 23.84 -77.67
C TYR F 86 13.07 23.77 -76.82
N SER F 87 14.23 23.59 -77.43
CA SER F 87 15.48 23.68 -76.67
C SER F 87 15.70 25.08 -76.14
N CYS F 88 15.35 26.10 -76.93
CA CYS F 88 15.42 27.48 -76.44
C CYS F 88 14.49 27.68 -75.25
N ALA F 89 13.29 27.13 -75.32
CA ALA F 89 12.35 27.22 -74.21
C ALA F 89 12.89 26.50 -72.97
N MET F 90 13.54 25.35 -73.17
CA MET F 90 14.17 24.64 -72.06
C MET F 90 15.25 25.49 -71.42
N HIS F 91 16.04 26.18 -72.24
CA HIS F 91 17.05 27.09 -71.69
C HIS F 91 16.39 28.22 -70.90
N LEU F 92 15.26 28.73 -71.40
CA LEU F 92 14.61 29.86 -70.74
C LEU F 92 13.98 29.45 -69.41
N SER F 93 12.99 28.57 -69.45
CA SER F 93 12.26 28.16 -68.25
C SER F 93 11.30 27.05 -68.61
N GLU F 94 10.92 26.25 -67.60
CA GLU F 94 9.92 25.22 -67.81
C GLU F 94 8.55 25.81 -68.11
N TRP F 95 8.28 27.02 -67.62
CA TRP F 95 7.02 27.68 -67.96
C TRP F 95 6.93 27.94 -69.46
N TYR F 96 8.04 28.32 -70.09
CA TYR F 96 8.05 28.48 -71.54
C TYR F 96 7.76 27.17 -72.25
N CYS F 97 8.34 26.07 -71.79
CA CYS F 97 8.08 24.78 -72.40
C CYS F 97 6.61 24.40 -72.26
N ARG F 98 6.02 24.67 -71.09
CA ARG F 98 4.63 24.28 -70.86
C ARG F 98 3.66 25.15 -71.66
N LYS F 99 3.92 26.45 -71.74
CA LYS F 99 2.94 27.37 -72.30
C LYS F 99 3.15 27.63 -73.78
N SER F 100 4.39 27.87 -74.21
CA SER F 100 4.66 28.23 -75.59
C SER F 100 4.26 27.10 -76.53
N ILE F 101 3.29 27.36 -77.38
CA ILE F 101 2.77 26.37 -78.32
C ILE F 101 3.45 26.49 -79.68
N LEU F 102 3.67 27.71 -80.16
CA LEU F 102 4.26 27.94 -81.47
C LEU F 102 5.42 28.91 -81.34
N ALA F 103 6.19 29.03 -82.41
CA ALA F 103 7.31 29.96 -82.45
C ALA F 103 7.25 30.79 -83.73
N LEU F 104 7.69 32.03 -83.62
CA LEU F 104 7.84 32.95 -84.75
C LEU F 104 9.34 33.17 -84.92
N VAL F 105 9.92 32.51 -85.92
CA VAL F 105 11.34 32.70 -86.25
C VAL F 105 11.39 33.80 -87.30
N ASP F 106 11.25 35.04 -86.84
CA ASP F 106 11.59 36.26 -87.58
C ASP F 106 10.78 36.49 -88.84
N GLY F 107 10.06 35.48 -89.34
CA GLY F 107 9.25 35.70 -90.51
C GLY F 107 7.99 34.88 -90.66
N GLN F 108 7.73 33.94 -89.74
CA GLN F 108 6.71 32.94 -89.99
C GLN F 108 6.49 32.05 -88.77
N PRO F 109 5.36 31.36 -88.69
CA PRO F 109 5.18 30.38 -87.61
C PRO F 109 6.19 29.25 -87.73
N TRP F 110 6.57 28.70 -86.58
CA TRP F 110 7.60 27.67 -86.50
C TRP F 110 7.24 26.73 -85.37
N ASP F 111 6.99 25.47 -85.70
CA ASP F 111 6.66 24.50 -84.65
C ASP F 111 7.90 24.16 -83.83
N MET F 112 7.65 23.73 -82.58
CA MET F 112 8.72 23.66 -81.59
C MET F 112 9.77 22.61 -81.92
N TYR F 113 9.36 21.49 -82.50
CA TYR F 113 10.28 20.37 -82.75
C TYR F 113 10.87 20.40 -84.16
N LYS F 114 11.07 21.59 -84.71
CA LYS F 114 11.75 21.75 -85.99
C LYS F 114 13.10 22.40 -85.78
N PRO F 115 14.19 21.76 -86.18
CA PRO F 115 15.52 22.34 -85.94
C PRO F 115 15.69 23.68 -86.65
N LEU F 116 16.38 24.60 -85.98
CA LEU F 116 16.67 25.90 -86.55
C LEU F 116 17.79 25.80 -87.58
N THR F 117 17.76 26.71 -88.55
CA THR F 117 18.68 26.68 -89.67
C THR F 117 19.78 27.73 -89.58
N LYS F 118 19.41 28.99 -89.34
CA LYS F 118 20.36 30.09 -89.34
C LYS F 118 20.11 30.98 -88.13
N SER F 119 21.02 31.94 -87.93
CA SER F 119 20.85 32.93 -86.88
C SER F 119 19.61 33.76 -87.15
N CYS F 120 18.84 34.01 -86.10
CA CYS F 120 17.50 34.58 -86.25
C CYS F 120 17.06 35.15 -84.91
N GLU F 121 15.78 35.50 -84.83
CA GLU F 121 15.15 35.92 -83.58
C GLU F 121 13.85 35.14 -83.41
N ILE F 122 13.57 34.76 -82.16
CA ILE F 122 12.45 33.89 -81.84
C ILE F 122 11.48 34.64 -80.93
N LYS F 123 10.19 34.51 -81.22
CA LYS F 123 9.12 34.96 -80.33
C LYS F 123 8.18 33.80 -80.09
N PHE F 124 7.98 33.43 -78.83
CA PHE F 124 7.11 32.31 -78.49
C PHE F 124 5.66 32.75 -78.41
N LEU F 125 4.76 31.88 -78.86
CA LEU F 125 3.34 32.17 -78.93
C LEU F 125 2.56 31.10 -78.17
N THR F 126 1.66 31.55 -77.30
CA THR F 126 0.79 30.71 -76.50
C THR F 126 -0.65 30.84 -76.97
N PHE F 127 -1.54 30.12 -76.28
CA PHE F 127 -2.96 30.16 -76.64
C PHE F 127 -3.62 31.48 -76.24
N LYS F 128 -3.17 32.08 -75.14
CA LYS F 128 -3.79 33.28 -74.59
C LYS F 128 -3.06 34.55 -75.04
N ASP F 129 -2.47 34.53 -76.23
CA ASP F 129 -1.76 35.67 -76.77
C ASP F 129 -2.75 36.72 -77.28
N ASP F 130 -2.24 37.92 -77.56
CA ASP F 130 -3.08 38.97 -78.12
C ASP F 130 -3.61 38.58 -79.50
N ASP F 131 -2.76 37.96 -80.33
CA ASP F 131 -3.14 37.49 -81.66
C ASP F 131 -2.83 36.00 -81.75
N PRO F 132 -3.68 35.16 -81.16
CA PRO F 132 -3.41 33.71 -81.14
C PRO F 132 -3.93 32.99 -82.37
N GLY F 133 -4.19 33.72 -83.45
CA GLY F 133 -4.75 33.09 -84.64
C GLY F 133 -3.89 31.99 -85.21
N GLU F 134 -2.57 32.22 -85.30
CA GLU F 134 -1.68 31.20 -85.84
C GLU F 134 -1.61 29.98 -84.93
N VAL F 135 -1.61 30.19 -83.61
CA VAL F 135 -1.60 29.06 -82.69
C VAL F 135 -2.90 28.27 -82.81
N ASN F 136 -4.03 28.98 -82.96
CA ASN F 136 -5.30 28.30 -83.16
C ASN F 136 -5.30 27.49 -84.45
N LYS F 137 -4.73 28.05 -85.51
CA LYS F 137 -4.62 27.30 -86.76
C LYS F 137 -3.77 26.05 -86.58
N ALA F 138 -2.63 26.18 -85.89
CA ALA F 138 -1.75 25.03 -85.69
C ALA F 138 -2.45 23.93 -84.91
N TYR F 139 -3.13 24.31 -83.82
CA TYR F 139 -3.92 23.34 -83.06
C TYR F 139 -4.99 22.71 -83.93
N TRP F 140 -5.57 23.50 -84.84
CA TRP F 140 -6.67 23.04 -85.67
C TRP F 140 -6.19 21.96 -86.64
N ARG F 141 -5.07 22.23 -87.32
CA ARG F 141 -4.48 21.20 -88.19
C ARG F 141 -4.02 19.99 -87.40
N SER F 142 -3.48 20.20 -86.19
CA SER F 142 -3.04 19.05 -85.40
C SER F 142 -4.23 18.15 -85.05
N CYS F 143 -5.35 18.74 -84.65
CA CYS F 143 -6.53 17.95 -84.34
C CYS F 143 -7.07 17.25 -85.59
N ALA F 144 -7.06 17.95 -86.72
CA ALA F 144 -7.51 17.33 -87.96
C ALA F 144 -6.64 16.13 -88.33
N MET F 145 -5.32 16.25 -88.16
CA MET F 145 -4.43 15.16 -88.51
C MET F 145 -4.59 13.98 -87.55
N MET F 146 -4.81 14.26 -86.26
CA MET F 146 -5.12 13.18 -85.32
C MET F 146 -6.40 12.46 -85.71
N MET F 147 -7.43 13.20 -86.11
CA MET F 147 -8.66 12.58 -86.56
C MET F 147 -8.43 11.73 -87.80
N GLY F 148 -7.61 12.23 -88.73
CA GLY F 148 -7.27 11.42 -89.90
C GLY F 148 -6.59 10.12 -89.53
N CYS F 149 -5.65 10.17 -88.58
CA CYS F 149 -4.97 8.97 -88.14
C CYS F 149 -5.95 7.98 -87.52
N VAL F 150 -6.86 8.46 -86.67
CA VAL F 150 -7.79 7.54 -86.02
C VAL F 150 -8.76 6.96 -87.04
N ILE F 151 -9.17 7.74 -88.05
CA ILE F 151 -10.01 7.21 -89.12
C ILE F 151 -9.27 6.11 -89.86
N GLU F 152 -8.00 6.34 -90.19
CA GLU F 152 -7.25 5.33 -90.93
C GLU F 152 -7.10 4.04 -90.14
N ARG F 153 -6.83 4.14 -88.83
CA ARG F 153 -6.53 2.95 -88.04
C ARG F 153 -7.73 2.38 -87.29
N ALA F 154 -8.93 2.94 -87.45
CA ALA F 154 -10.08 2.41 -86.74
C ALA F 154 -11.04 1.64 -87.64
N PHE F 155 -10.67 1.36 -88.89
CA PHE F 155 -11.53 0.64 -89.81
C PHE F 155 -11.02 -0.79 -90.03
N LYS F 156 -11.83 -1.57 -90.73
CA LYS F 156 -11.46 -2.94 -91.04
C LYS F 156 -10.29 -2.97 -92.03
N ASP F 157 -9.43 -3.96 -91.85
CA ASP F 157 -8.30 -4.13 -92.77
C ASP F 157 -8.76 -4.55 -94.15
N GLU F 158 -9.84 -5.35 -94.24
CA GLU F 158 -10.35 -5.77 -95.54
C GLU F 158 -10.91 -4.60 -96.33
N TYR F 159 -11.37 -3.56 -95.66
CA TYR F 159 -11.97 -2.41 -96.32
C TYR F 159 -10.89 -1.40 -96.73
N VAL F 160 -11.14 -0.73 -97.84
CA VAL F 160 -10.22 0.27 -98.35
C VAL F 160 -10.57 1.63 -97.74
N VAL F 161 -9.58 2.27 -97.13
CA VAL F 161 -9.72 3.59 -96.52
C VAL F 161 -8.59 4.45 -97.06
N SER F 162 -8.95 5.59 -97.66
CA SER F 162 -7.95 6.48 -98.27
C SER F 162 -8.23 7.92 -97.86
N LEU F 163 -7.31 8.51 -97.10
CA LEU F 163 -7.47 9.89 -96.68
C LEU F 163 -7.15 10.83 -97.84
N VAL F 164 -8.05 11.78 -98.09
CA VAL F 164 -7.85 12.73 -99.18
C VAL F 164 -6.99 13.91 -98.72
N ARG F 165 -7.49 14.68 -97.76
CA ARG F 165 -6.80 15.86 -97.25
C ARG F 165 -7.51 16.33 -95.99
N ALA F 166 -6.98 17.40 -95.41
CA ALA F 166 -7.59 18.07 -94.26
C ALA F 166 -7.96 19.49 -94.67
N PRO F 167 -9.24 19.76 -94.97
CA PRO F 167 -9.61 21.11 -95.44
C PRO F 167 -9.31 22.18 -94.40
N GLU F 168 -8.90 23.35 -94.90
CA GLU F 168 -8.51 24.47 -94.04
C GLU F 168 -9.75 25.29 -93.72
N VAL F 169 -10.61 24.73 -92.88
CA VAL F 169 -11.81 25.43 -92.42
C VAL F 169 -11.42 26.37 -91.29
N PRO F 170 -11.99 27.58 -91.22
CA PRO F 170 -11.59 28.53 -90.18
C PRO F 170 -12.03 28.07 -88.80
N VAL F 171 -11.35 28.62 -87.79
CA VAL F 171 -11.68 28.30 -86.40
C VAL F 171 -13.09 28.74 -86.05
N ILE F 172 -13.59 29.79 -86.72
CA ILE F 172 -14.95 30.26 -86.47
C ILE F 172 -15.98 29.20 -86.81
N ALA F 173 -15.62 28.26 -87.69
CA ALA F 173 -16.47 27.11 -87.94
C ALA F 173 -16.50 26.20 -86.71
N GLY F 174 -17.60 25.48 -86.55
CA GLY F 174 -17.82 24.74 -85.32
C GLY F 174 -16.98 23.49 -85.13
N ALA F 175 -16.32 22.99 -86.17
CA ALA F 175 -15.60 21.73 -86.07
C ALA F 175 -14.51 21.67 -87.13
N PHE F 176 -13.49 20.85 -86.87
CA PHE F 176 -12.44 20.59 -87.84
C PHE F 176 -12.77 19.33 -88.63
N CYS F 177 -12.47 19.36 -89.92
CA CYS F 177 -12.93 18.34 -90.85
C CYS F 177 -11.75 17.57 -91.43
N TYR F 178 -12.01 16.31 -91.76
CA TYR F 178 -11.06 15.48 -92.50
C TYR F 178 -11.81 14.74 -93.59
N ASP F 179 -11.24 14.74 -94.80
CA ASP F 179 -11.86 14.10 -95.96
C ASP F 179 -11.29 12.69 -96.12
N VAL F 180 -12.17 11.71 -96.25
CA VAL F 180 -11.76 10.32 -96.44
C VAL F 180 -12.62 9.70 -97.53
N VAL F 181 -12.11 8.63 -98.12
CA VAL F 181 -12.83 7.84 -99.12
C VAL F 181 -12.84 6.39 -98.67
N LEU F 182 -14.03 5.80 -98.64
CA LEU F 182 -14.22 4.43 -98.19
C LEU F 182 -14.40 3.50 -99.37
N ASP F 183 -14.31 2.19 -99.08
CA ASP F 183 -14.57 1.18 -100.09
C ASP F 183 -15.97 1.34 -100.69
N LYS F 184 -16.14 0.79 -101.89
CA LYS F 184 -17.41 0.92 -102.59
C LYS F 184 -18.55 0.25 -101.81
N ARG F 185 -18.32 -0.97 -101.33
CA ARG F 185 -19.33 -1.69 -100.57
C ARG F 185 -19.61 -1.06 -99.21
N LEU F 186 -19.01 0.10 -98.93
CA LEU F 186 -19.29 0.87 -97.73
C LEU F 186 -20.06 2.15 -98.06
N ASP F 187 -20.64 2.24 -99.25
CA ASP F 187 -21.35 3.43 -99.68
C ASP F 187 -22.81 3.48 -99.21
N GLU F 188 -23.26 2.46 -98.49
CA GLU F 188 -24.66 2.38 -98.09
C GLU F 188 -24.90 2.64 -96.62
N TRP F 189 -23.88 2.59 -95.78
CA TRP F 189 -24.05 2.74 -94.34
C TRP F 189 -23.31 3.99 -93.85
N MET F 190 -23.84 4.58 -92.78
CA MET F 190 -23.28 5.75 -92.14
C MET F 190 -22.96 5.45 -90.68
N PRO F 191 -21.90 6.06 -90.13
CA PRO F 191 -21.53 5.77 -88.74
C PRO F 191 -22.60 6.22 -87.77
N THR F 192 -22.77 5.45 -86.71
CA THR F 192 -23.79 5.71 -85.70
C THR F 192 -23.14 6.25 -84.43
N LYS F 193 -23.96 6.45 -83.40
CA LYS F 193 -23.46 7.01 -82.15
C LYS F 193 -22.40 6.13 -81.52
N GLU F 194 -22.62 4.81 -81.52
CA GLU F 194 -21.64 3.90 -80.92
C GLU F 194 -20.33 3.93 -81.67
N ASN F 195 -20.37 3.96 -83.00
CA ASN F 195 -19.14 4.03 -83.78
C ASN F 195 -18.41 5.34 -83.54
N LEU F 196 -19.14 6.45 -83.49
CA LEU F 196 -18.50 7.74 -83.23
C LEU F 196 -17.90 7.78 -81.83
N HIS F 197 -18.57 7.18 -80.84
CA HIS F 197 -18.03 7.18 -79.49
C HIS F 197 -16.81 6.26 -79.39
N SER F 198 -16.78 5.17 -80.17
CA SER F 198 -15.59 4.34 -80.23
C SER F 198 -14.43 5.08 -80.88
N PHE F 199 -14.73 5.88 -81.92
CA PHE F 199 -13.70 6.73 -82.51
C PHE F 199 -13.17 7.73 -81.50
N THR F 200 -14.06 8.31 -80.69
CA THR F 200 -13.63 9.23 -79.63
C THR F 200 -12.77 8.51 -78.60
N LYS F 201 -13.14 7.28 -78.24
CA LYS F 201 -12.33 6.49 -77.33
C LYS F 201 -10.92 6.28 -77.88
N ASP F 202 -10.82 5.93 -79.16
CA ASP F 202 -9.52 5.72 -79.78
C ASP F 202 -8.72 7.02 -79.82
N ALA F 203 -9.38 8.14 -80.11
CA ALA F 203 -8.69 9.43 -80.13
C ALA F 203 -8.18 9.80 -78.75
N ARG F 204 -8.97 9.54 -77.70
CA ARG F 204 -8.51 9.82 -76.34
C ARG F 204 -7.36 8.90 -75.94
N ALA F 205 -7.39 7.64 -76.39
CA ALA F 205 -6.27 6.75 -76.15
C ALA F 205 -5.01 7.26 -76.83
N LEU F 206 -5.14 7.78 -78.05
CA LEU F 206 -4.01 8.38 -78.74
C LEU F 206 -3.51 9.61 -78.00
N ILE F 207 -4.42 10.39 -77.43
CA ILE F 207 -4.04 11.56 -76.63
C ILE F 207 -3.26 11.13 -75.40
N TYR F 208 -3.68 10.04 -74.76
CA TYR F 208 -3.10 9.66 -73.48
C TYR F 208 -1.60 9.44 -73.58
N LYS F 209 -1.15 8.76 -74.64
CA LYS F 209 0.28 8.58 -74.85
C LYS F 209 0.86 9.82 -75.53
N ASP F 210 1.95 10.33 -74.99
CA ASP F 210 2.58 11.55 -75.50
C ASP F 210 3.30 11.22 -76.80
N LEU F 211 2.78 11.72 -77.92
CA LEU F 211 3.35 11.48 -79.24
C LEU F 211 3.76 12.82 -79.85
N PRO F 212 5.05 13.15 -79.85
CA PRO F 212 5.47 14.43 -80.42
C PRO F 212 5.24 14.49 -81.93
N PHE F 213 4.98 15.69 -82.42
CA PHE F 213 4.82 15.95 -83.85
C PHE F 213 6.16 16.39 -84.42
N GLU F 214 6.78 15.55 -85.23
CA GLU F 214 8.04 15.89 -85.88
C GLU F 214 7.80 16.12 -87.37
N THR F 215 8.38 17.20 -87.90
CA THR F 215 8.20 17.60 -89.28
C THR F 215 9.48 17.39 -90.07
N LEU F 216 9.33 17.36 -91.40
CA LEU F 216 10.46 17.15 -92.29
C LEU F 216 10.17 17.86 -93.61
N GLU F 217 11.17 18.58 -94.11
CA GLU F 217 11.07 19.25 -95.40
C GLU F 217 11.64 18.31 -96.46
N VAL F 218 10.76 17.70 -97.25
CA VAL F 218 11.18 16.73 -98.25
C VAL F 218 10.82 17.24 -99.63
N GLU F 219 11.15 16.48 -100.65
CA GLU F 219 10.86 16.84 -102.04
C GLU F 219 9.71 16.00 -102.57
N ALA F 220 9.17 16.44 -103.71
CA ALA F 220 8.11 15.68 -104.36
C ALA F 220 8.62 14.30 -104.80
N LYS F 221 9.88 14.22 -105.26
CA LYS F 221 10.41 12.96 -105.73
C LYS F 221 10.36 11.88 -104.65
N VAL F 222 10.52 12.27 -103.38
CA VAL F 222 10.45 11.30 -102.30
C VAL F 222 9.05 11.23 -101.69
N ALA F 223 8.25 12.29 -101.81
CA ALA F 223 6.85 12.22 -101.36
C ALA F 223 6.06 11.21 -102.18
N LEU F 224 6.25 11.23 -103.50
CA LEU F 224 5.63 10.24 -104.37
C LEU F 224 5.94 8.82 -103.91
N GLU F 225 7.22 8.54 -103.62
CA GLU F 225 7.59 7.19 -103.24
C GLU F 225 7.17 6.83 -101.82
N ILE F 226 7.08 7.82 -100.92
CA ILE F 226 6.66 7.49 -99.56
C ILE F 226 5.17 7.16 -99.53
N PHE F 227 4.34 7.91 -100.27
CA PHE F 227 2.90 7.61 -100.24
C PHE F 227 2.56 6.51 -101.25
N GLN F 228 2.72 6.81 -102.54
CA GLN F 228 2.72 5.81 -103.60
C GLN F 228 1.44 4.98 -103.72
N HIS F 229 0.46 5.22 -102.89
CA HIS F 229 -0.74 4.38 -102.93
C HIS F 229 -2.04 5.16 -102.98
N ASN F 230 -2.11 6.29 -102.30
CA ASN F 230 -3.34 7.08 -102.19
C ASN F 230 -3.38 8.11 -103.32
N LYS F 231 -4.19 7.86 -104.35
CA LYS F 231 -4.21 8.73 -105.50
C LYS F 231 -4.59 10.17 -105.11
N TYR F 232 -5.57 10.30 -104.20
CA TYR F 232 -5.96 11.63 -103.75
C TYR F 232 -4.83 12.31 -103.00
N LYS F 233 -4.08 11.55 -102.17
CA LYS F 233 -2.97 12.13 -101.45
C LYS F 233 -1.86 12.57 -102.39
N LEU F 234 -1.57 11.78 -103.42
CA LEU F 234 -0.56 12.18 -104.41
C LEU F 234 -1.00 13.40 -105.20
N ASP F 235 -2.30 13.50 -105.53
CA ASP F 235 -2.81 14.72 -106.15
C ASP F 235 -2.63 15.93 -105.23
N PHE F 236 -2.91 15.76 -103.93
CA PHE F 236 -2.70 16.83 -102.97
C PHE F 236 -1.23 17.23 -102.90
N ILE F 237 -0.33 16.24 -102.91
CA ILE F 237 1.10 16.53 -102.86
C ILE F 237 1.53 17.28 -104.12
N GLU F 238 1.03 16.87 -105.28
CA GLU F 238 1.36 17.57 -106.52
C GLU F 238 0.85 19.01 -106.48
N GLU F 239 -0.37 19.21 -105.97
CA GLU F 239 -0.90 20.56 -105.86
C GLU F 239 -0.05 21.42 -104.92
N LYS F 240 0.38 20.85 -103.80
CA LYS F 240 1.22 21.59 -102.86
C LYS F 240 2.58 21.91 -103.46
N ALA F 241 3.17 20.98 -104.22
CA ALA F 241 4.49 21.20 -104.80
C ALA F 241 4.46 22.09 -106.03
N SER F 242 3.29 22.25 -106.66
CA SER F 242 3.19 23.12 -107.83
C SER F 242 3.50 24.57 -107.48
N GLN F 243 2.98 25.04 -106.35
CA GLN F 243 3.20 26.42 -105.94
C GLN F 243 4.59 26.65 -105.34
N ASN F 244 5.34 25.58 -105.10
CA ASN F 244 6.68 25.72 -104.53
C ASN F 244 7.71 25.69 -105.65
N PRO F 245 8.49 26.75 -105.85
CA PRO F 245 9.53 26.72 -106.90
C PRO F 245 10.55 25.61 -106.71
N GLU F 246 10.86 25.25 -105.47
CA GLU F 246 11.82 24.20 -105.17
C GLU F 246 11.17 22.82 -105.07
N ARG F 247 9.85 22.73 -105.26
CA ARG F 247 9.11 21.48 -105.16
C ARG F 247 9.32 20.84 -103.79
N ILE F 248 9.29 21.65 -102.75
CA ILE F 248 9.51 21.23 -101.38
C ILE F 248 8.16 21.14 -100.68
N VAL F 249 7.92 20.02 -100.00
CA VAL F 249 6.68 19.78 -99.27
C VAL F 249 7.03 19.43 -97.83
N LYS F 250 6.07 19.65 -96.94
CA LYS F 250 6.25 19.39 -95.51
C LYS F 250 5.53 18.11 -95.14
N LEU F 251 6.25 17.18 -94.53
CA LEU F 251 5.68 15.93 -94.04
C LEU F 251 5.72 15.92 -92.52
N HIS F 252 4.57 15.69 -91.90
CA HIS F 252 4.45 15.67 -90.46
C HIS F 252 4.16 14.25 -90.00
N ARG F 253 4.74 13.86 -88.87
CA ARG F 253 4.58 12.50 -88.38
C ARG F 253 4.58 12.49 -86.85
N PHE F 254 3.66 11.74 -86.28
CA PHE F 254 3.66 11.45 -84.85
C PHE F 254 3.40 9.96 -84.67
N GLY F 255 4.18 9.32 -83.79
CA GLY F 255 4.11 7.88 -83.65
C GLY F 255 4.52 7.17 -84.92
N ASP F 256 3.64 6.30 -85.43
CA ASP F 256 3.88 5.57 -86.67
C ASP F 256 3.07 6.12 -87.84
N PHE F 257 2.40 7.25 -87.65
CA PHE F 257 1.49 7.80 -88.66
C PHE F 257 2.18 8.96 -89.38
N ILE F 258 2.14 8.93 -90.71
CA ILE F 258 2.76 9.94 -91.56
C ILE F 258 1.68 10.58 -92.41
N ASP F 259 1.73 11.90 -92.52
CA ASP F 259 0.76 12.64 -93.32
C ASP F 259 1.39 13.95 -93.80
N VAL F 260 0.74 14.56 -94.79
CA VAL F 260 1.17 15.84 -95.34
C VAL F 260 0.14 16.89 -94.95
N SER F 261 0.62 18.04 -94.48
CA SER F 261 -0.25 19.11 -94.04
C SER F 261 0.45 20.45 -94.24
N GLU F 262 -0.34 21.51 -94.24
CA GLU F 262 0.18 22.86 -94.42
C GLU F 262 0.40 23.53 -93.08
N GLY F 263 1.53 24.22 -92.96
CA GLY F 263 1.85 24.97 -91.75
C GLY F 263 2.39 24.08 -90.64
N PRO F 264 2.67 24.69 -89.50
CA PRO F 264 3.23 23.95 -88.36
C PRO F 264 2.12 23.22 -87.58
N LEU F 265 2.56 22.48 -86.56
CA LEU F 265 1.67 21.74 -85.68
C LEU F 265 2.07 21.99 -84.23
N ILE F 266 1.22 21.57 -83.31
CA ILE F 266 1.51 21.66 -81.88
C ILE F 266 2.63 20.69 -81.55
N PRO F 267 3.43 20.95 -80.51
CA PRO F 267 4.58 20.07 -80.23
C PRO F 267 4.20 18.67 -79.77
N ARG F 268 3.25 18.57 -78.85
CA ARG F 268 2.88 17.30 -78.24
C ARG F 268 1.42 16.99 -78.47
N THR F 269 1.10 15.70 -78.49
CA THR F 269 -0.29 15.26 -78.60
C THR F 269 -1.06 15.56 -77.33
N SER F 270 -0.43 15.36 -76.17
CA SER F 270 -1.10 15.53 -74.88
C SER F 270 -1.63 16.94 -74.66
N ILE F 271 -1.33 17.88 -75.54
CA ILE F 271 -1.91 19.21 -75.45
C ILE F 271 -3.42 19.15 -75.63
N CYS F 272 -3.91 18.24 -76.48
CA CYS F 272 -5.34 18.09 -76.72
C CYS F 272 -5.98 17.47 -75.49
N PHE F 273 -6.79 18.25 -74.78
CA PHE F 273 -7.45 17.75 -73.57
C PHE F 273 -8.84 17.20 -73.88
N GLN F 274 -9.73 18.05 -74.38
CA GLN F 274 -11.08 17.63 -74.74
C GLN F 274 -11.11 17.29 -76.23
N TYR F 275 -11.59 16.10 -76.56
CA TYR F 275 -11.63 15.64 -77.93
C TYR F 275 -12.91 14.84 -78.14
N GLU F 276 -13.58 15.09 -79.26
CA GLU F 276 -14.80 14.36 -79.59
C GLU F 276 -14.94 14.29 -81.10
N VAL F 277 -15.41 13.16 -81.60
CA VAL F 277 -15.72 13.00 -83.02
C VAL F 277 -17.19 13.35 -83.20
N SER F 278 -17.45 14.58 -83.67
CA SER F 278 -18.81 15.09 -83.69
C SER F 278 -19.70 14.31 -84.65
N ALA F 279 -19.34 14.29 -85.93
CA ALA F 279 -20.26 13.71 -86.92
C ALA F 279 -19.50 13.28 -88.17
N VAL F 280 -20.23 12.60 -89.05
CA VAL F 280 -19.76 12.20 -90.37
C VAL F 280 -20.81 12.61 -91.39
N HIS F 281 -20.37 13.23 -92.48
CA HIS F 281 -21.27 13.70 -93.52
C HIS F 281 -20.74 13.26 -94.87
N ASN F 282 -21.59 12.66 -95.69
CA ASN F 282 -21.20 12.20 -97.01
C ASN F 282 -21.53 13.25 -98.07
N LEU F 283 -20.56 13.56 -98.91
CA LEU F 283 -20.74 14.49 -100.03
C LEU F 283 -20.45 13.74 -101.33
N GLN F 284 -21.45 13.66 -102.20
CA GLN F 284 -21.33 12.92 -103.45
C GLN F 284 -21.06 13.89 -104.59
N THR F 285 -19.98 13.65 -105.32
CA THR F 285 -19.58 14.47 -106.46
C THR F 285 -19.69 13.65 -107.74
N GLN F 286 -19.29 14.28 -108.85
CA GLN F 286 -19.34 13.60 -110.14
C GLN F 286 -18.37 12.43 -110.21
N SER F 287 -17.18 12.58 -109.62
CA SER F 287 -16.16 11.54 -109.67
C SER F 287 -16.37 10.47 -108.60
N SER F 288 -16.45 10.88 -107.34
CA SER F 288 -16.63 9.96 -106.23
C SER F 288 -17.16 10.72 -105.03
N LEU F 289 -17.57 9.97 -104.02
CA LEU F 289 -18.08 10.55 -102.78
C LEU F 289 -16.98 10.59 -101.72
N VAL F 290 -17.06 11.60 -100.87
CA VAL F 290 -16.09 11.79 -99.79
C VAL F 290 -16.84 11.92 -98.47
N ARG F 291 -16.33 11.25 -97.44
CA ARG F 291 -16.85 11.39 -96.09
C ARG F 291 -16.05 12.48 -95.37
N ARG F 292 -16.74 13.54 -94.99
CA ARG F 292 -16.18 14.59 -94.13
C ARG F 292 -16.45 14.19 -92.69
N PHE F 293 -15.40 13.82 -91.97
CA PHE F 293 -15.47 13.57 -90.54
C PHE F 293 -15.21 14.88 -89.82
N GLN F 294 -16.18 15.34 -89.03
CA GLN F 294 -16.07 16.57 -88.28
C GLN F 294 -15.88 16.23 -86.80
N GLY F 295 -14.93 16.91 -86.16
CA GLY F 295 -14.66 16.71 -84.75
C GLY F 295 -14.43 18.04 -84.05
N LEU F 296 -14.49 17.99 -82.73
CA LEU F 296 -14.28 19.16 -81.89
C LEU F 296 -13.21 18.85 -80.84
N SER F 297 -12.46 19.88 -80.47
CA SER F 297 -11.40 19.70 -79.49
C SER F 297 -11.08 21.03 -78.83
N LEU F 298 -10.57 20.95 -77.61
CA LEU F 298 -10.10 22.08 -76.83
C LEU F 298 -8.84 21.67 -76.07
N PRO F 299 -7.88 22.56 -75.92
CA PRO F 299 -6.61 22.22 -75.29
C PRO F 299 -6.74 22.18 -73.78
N VAL F 300 -5.64 21.81 -73.12
CA VAL F 300 -5.60 21.84 -71.66
C VAL F 300 -5.72 23.27 -71.16
N HIS F 301 -5.06 24.21 -71.85
CA HIS F 301 -5.01 25.59 -71.40
C HIS F 301 -6.34 26.32 -71.58
N LEU F 302 -7.28 25.76 -72.34
CA LEU F 302 -8.54 26.44 -72.63
C LEU F 302 -9.73 25.48 -72.51
N ARG F 303 -9.67 24.53 -71.58
CA ARG F 303 -10.79 23.62 -71.39
C ARG F 303 -12.00 24.37 -70.86
N ALA F 304 -13.17 24.02 -71.37
CA ALA F 304 -14.42 24.71 -71.06
C ALA F 304 -15.28 23.86 -70.13
N HIS F 305 -16.35 24.50 -69.65
CA HIS F 305 -17.28 23.83 -68.74
C HIS F 305 -18.07 22.76 -69.49
N PHE F 306 -18.79 21.94 -68.72
CA PHE F 306 -19.57 20.85 -69.30
C PHE F 306 -20.66 21.39 -70.22
N THR F 307 -21.41 22.39 -69.76
CA THR F 307 -22.52 22.92 -70.56
C THR F 307 -22.01 23.65 -71.79
N ILE F 308 -20.95 24.44 -71.65
CA ILE F 308 -20.38 25.14 -72.80
C ILE F 308 -19.84 24.13 -73.81
N TRP F 309 -19.19 23.07 -73.34
CA TRP F 309 -18.69 22.04 -74.23
C TRP F 309 -19.84 21.35 -74.96
N ASN F 310 -20.95 21.07 -74.26
CA ASN F 310 -22.09 20.46 -74.92
C ASN F 310 -22.69 21.38 -75.97
N LYS F 311 -22.78 22.68 -75.67
CA LYS F 311 -23.28 23.63 -76.67
C LYS F 311 -22.38 23.68 -77.89
N LEU F 312 -21.05 23.69 -77.68
CA LEU F 312 -20.13 23.71 -78.80
C LEU F 312 -20.21 22.42 -79.61
N LEU F 313 -20.43 21.28 -78.94
CA LEU F 313 -20.59 20.02 -79.64
C LEU F 313 -21.86 20.02 -80.48
N GLU F 314 -22.95 20.57 -79.94
CA GLU F 314 -24.18 20.69 -80.72
C GLU F 314 -23.97 21.59 -81.94
N ARG F 315 -23.18 22.66 -81.77
CA ARG F 315 -22.80 23.49 -82.91
C ARG F 315 -22.03 22.69 -83.94
N SER F 316 -21.07 21.87 -83.48
CA SER F 316 -20.20 21.14 -84.37
C SER F 316 -20.92 20.01 -85.10
N ARG F 317 -22.03 19.53 -84.55
CA ARG F 317 -22.80 18.49 -85.22
C ARG F 317 -23.29 18.94 -86.60
N LYS F 318 -23.49 20.26 -86.78
CA LYS F 318 -24.08 20.77 -88.01
C LYS F 318 -23.09 20.67 -89.17
N MET F 319 -23.61 20.93 -90.37
CA MET F 319 -22.81 20.94 -91.58
C MET F 319 -21.95 22.19 -91.65
N VAL F 320 -20.67 22.01 -91.96
CA VAL F 320 -19.77 23.11 -92.24
C VAL F 320 -19.16 22.90 -93.63
N THR F 321 -19.24 23.92 -94.47
CA THR F 321 -18.77 23.86 -95.85
C THR F 321 -17.84 25.04 -96.10
N GLU F 322 -16.54 24.79 -96.09
CA GLU F 322 -15.54 25.83 -96.34
C GLU F 322 -14.40 25.20 -97.13
N ASP F 323 -14.36 25.47 -98.43
CA ASP F 323 -13.30 25.00 -99.30
C ASP F 323 -12.45 26.12 -99.86
N LYS F 324 -13.09 27.17 -100.40
CA LYS F 324 -12.36 28.32 -100.92
C LYS F 324 -13.24 29.56 -100.91
N ASP G 61 -38.45 -1.70 64.09
CA ASP G 61 -39.38 -2.67 63.54
C ASP G 61 -38.66 -3.63 62.58
N GLN G 62 -38.26 -3.11 61.43
CA GLN G 62 -37.54 -3.92 60.44
C GLN G 62 -36.05 -4.02 60.75
N ALA G 63 -35.44 -2.94 61.21
CA ALA G 63 -34.02 -2.98 61.58
C ALA G 63 -33.77 -3.94 62.73
N ALA G 64 -34.66 -3.93 63.73
CA ALA G 64 -34.51 -4.85 64.86
C ALA G 64 -34.61 -6.30 64.39
N LYS G 65 -35.56 -6.58 63.49
CA LYS G 65 -35.67 -7.92 62.94
C LYS G 65 -34.42 -8.33 62.17
N ASP G 66 -33.87 -7.40 61.39
CA ASP G 66 -32.66 -7.70 60.64
C ASP G 66 -31.49 -8.01 61.57
N ARG G 67 -31.32 -7.20 62.63
CA ARG G 67 -30.26 -7.45 63.59
C ARG G 67 -30.47 -8.78 64.31
N LEU G 68 -31.73 -9.09 64.66
CA LEU G 68 -32.02 -10.35 65.33
C LEU G 68 -31.68 -11.54 64.45
N LYS G 69 -32.05 -11.47 63.17
CA LYS G 69 -31.72 -12.55 62.23
C LYS G 69 -30.21 -12.68 62.05
N LYS G 70 -29.49 -11.56 61.99
CA LYS G 70 -28.04 -11.61 61.88
C LYS G 70 -27.42 -12.28 63.10
N ARG G 71 -27.89 -11.93 64.30
CA ARG G 71 -27.38 -12.55 65.51
C ARG G 71 -27.71 -14.05 65.55
N ILE G 72 -28.92 -14.41 65.10
CA ILE G 72 -29.31 -15.83 65.06
C ILE G 72 -28.39 -16.60 64.12
N ARG G 73 -28.11 -16.03 62.94
CA ARG G 73 -27.23 -16.69 61.99
C ARG G 73 -25.82 -16.82 62.54
N ARG G 74 -25.32 -15.77 63.20
CA ARG G 74 -23.98 -15.82 63.79
C ARG G 74 -23.90 -16.90 64.88
N LEU G 75 -24.93 -17.01 65.71
CA LEU G 75 -24.95 -18.04 66.73
C LEU G 75 -25.03 -19.43 66.12
N GLU G 76 -25.80 -19.58 65.04
CA GLU G 76 -25.92 -20.87 64.37
C GLU G 76 -24.60 -21.28 63.71
N LYS G 77 -23.84 -20.31 63.20
CA LYS G 77 -22.57 -20.61 62.57
C LYS G 77 -21.48 -21.00 63.57
N ALA G 78 -21.74 -20.87 64.87
CA ALA G 78 -20.75 -21.19 65.89
C ALA G 78 -20.59 -22.70 66.00
N SER G 79 -19.77 -23.14 66.95
CA SER G 79 -19.48 -24.55 67.15
C SER G 79 -20.57 -25.22 67.95
N GLN G 80 -20.49 -26.55 68.02
CA GLN G 80 -21.46 -27.40 68.72
C GLN G 80 -20.74 -28.43 69.59
N GLU G 81 -19.78 -27.96 70.38
CA GLU G 81 -19.00 -28.86 71.22
C GLU G 81 -19.89 -29.54 72.26
N LEU G 82 -19.49 -30.75 72.65
CA LEU G 82 -20.25 -31.53 73.62
C LEU G 82 -19.86 -31.14 75.05
N ILE G 83 -20.70 -31.53 75.99
CA ILE G 83 -20.42 -31.28 77.41
C ILE G 83 -19.27 -32.18 77.86
N PRO G 84 -18.22 -31.65 78.47
CA PRO G 84 -17.15 -32.50 78.99
C PRO G 84 -17.69 -33.43 80.08
N ILE G 85 -17.16 -34.65 80.10
CA ILE G 85 -17.64 -35.69 81.02
C ILE G 85 -16.77 -35.65 82.27
N GLU G 86 -17.42 -35.50 83.42
CA GLU G 86 -16.71 -35.46 84.69
C GLU G 86 -16.10 -36.81 85.05
N ASP G 87 -16.56 -37.89 84.42
CA ASP G 87 -16.06 -39.23 84.75
C ASP G 87 -14.61 -39.39 84.30
N PHE G 88 -14.29 -38.95 83.08
CA PHE G 88 -12.97 -39.18 82.51
C PHE G 88 -11.90 -38.22 83.03
N ILE G 89 -12.28 -37.17 83.74
CA ILE G 89 -11.33 -36.19 84.26
C ILE G 89 -11.24 -36.37 85.77
N THR G 90 -10.01 -36.47 86.28
CA THR G 90 -9.80 -36.67 87.71
C THR G 90 -9.95 -35.35 88.45
N PRO G 91 -10.81 -35.27 89.47
CA PRO G 91 -10.94 -34.03 90.24
C PRO G 91 -9.66 -33.73 91.01
N VAL G 92 -9.48 -32.44 91.30
CA VAL G 92 -8.29 -31.98 92.02
C VAL G 92 -8.26 -32.46 93.47
N LYS G 93 -9.35 -33.03 93.97
CA LYS G 93 -9.38 -33.55 95.33
C LYS G 93 -8.45 -34.75 95.51
N PHE G 94 -8.10 -35.44 94.44
CA PHE G 94 -7.28 -36.64 94.51
C PHE G 94 -5.79 -36.37 94.30
N LEU G 95 -5.39 -35.11 94.19
CA LEU G 95 -3.98 -34.77 94.01
C LEU G 95 -3.27 -34.53 95.34
N ASN G 96 -3.95 -34.70 96.47
CA ASN G 96 -3.36 -34.47 97.78
C ASN G 96 -3.21 -35.73 98.61
N LYS G 97 -3.45 -36.91 98.03
CA LYS G 97 -3.41 -38.16 98.76
C LYS G 97 -2.48 -39.21 98.14
N GLU G 98 -1.85 -38.90 97.01
CA GLU G 98 -1.05 -39.91 96.31
C GLU G 98 0.29 -40.18 97.00
N ARG G 99 0.82 -39.20 97.74
CA ARG G 99 2.17 -39.32 98.28
C ARG G 99 2.24 -40.17 99.55
N GLN G 100 1.10 -40.49 100.16
CA GLN G 100 1.09 -41.20 101.43
C GLN G 100 0.74 -42.68 101.30
N ARG G 101 0.59 -43.21 100.09
CA ARG G 101 0.08 -44.57 99.94
C ARG G 101 1.17 -45.58 100.26
N PRO G 102 0.95 -46.49 101.22
CA PRO G 102 1.94 -47.53 101.52
C PRO G 102 1.88 -48.64 100.49
N PRO G 103 2.97 -49.39 100.31
CA PRO G 103 2.96 -50.49 99.34
C PRO G 103 2.22 -51.71 99.86
N VAL G 104 2.08 -52.73 99.01
CA VAL G 104 1.37 -53.96 99.39
C VAL G 104 2.35 -55.11 99.63
N GLU G 105 3.47 -55.14 98.90
CA GLU G 105 4.49 -56.17 99.03
C GLU G 105 3.87 -57.57 98.85
N LEU G 106 3.38 -57.81 97.63
CA LEU G 106 2.71 -59.08 97.33
C LEU G 106 3.68 -60.25 97.43
N PRO G 107 3.35 -61.30 98.17
CA PRO G 107 4.31 -62.40 98.37
C PRO G 107 4.21 -63.51 97.32
N PHE G 108 5.12 -64.48 97.44
CA PHE G 108 5.32 -65.47 96.38
C PHE G 108 4.15 -66.44 96.26
N GLU G 109 3.68 -66.98 97.39
CA GLU G 109 2.58 -67.94 97.35
C GLU G 109 1.30 -67.28 96.83
N GLU G 110 1.03 -66.06 97.28
CA GLU G 110 -0.12 -65.32 96.77
C GLU G 110 0.01 -65.01 95.29
N SER G 111 1.22 -64.70 94.82
CA SER G 111 1.43 -64.51 93.39
C SER G 111 1.13 -65.80 92.61
N GLU G 112 1.59 -66.93 93.13
CA GLU G 112 1.30 -68.23 92.50
C GLU G 112 -0.20 -68.47 92.42
N ARG G 113 -0.90 -68.23 93.54
CA ARG G 113 -2.33 -68.46 93.58
C ARG G 113 -3.08 -67.53 92.63
N ARG G 114 -2.66 -66.27 92.56
CA ARG G 114 -3.30 -65.32 91.64
C ARG G 114 -3.09 -65.73 90.18
N ALA G 115 -1.86 -66.16 89.84
CA ALA G 115 -1.59 -66.58 88.47
C ALA G 115 -2.41 -67.79 88.09
N LEU G 116 -2.48 -68.79 88.97
CA LEU G 116 -3.29 -69.96 88.69
C LEU G 116 -4.76 -69.61 88.57
N LEU G 117 -5.25 -68.70 89.42
CA LEU G 117 -6.64 -68.28 89.36
C LEU G 117 -6.94 -67.58 88.04
N LEU G 118 -6.04 -66.72 87.58
CA LEU G 118 -6.25 -66.05 86.29
C LEU G 118 -6.25 -67.04 85.14
N LYS G 119 -5.35 -68.03 85.17
CA LYS G 119 -5.35 -69.03 84.10
C LYS G 119 -6.65 -69.83 84.09
N ARG G 120 -7.13 -70.24 85.27
CA ARG G 120 -8.38 -70.98 85.35
C ARG G 120 -9.55 -70.13 84.86
N TRP G 121 -9.56 -68.84 85.23
CA TRP G 121 -10.62 -67.95 84.78
C TRP G 121 -10.58 -67.76 83.27
N SER G 122 -9.39 -67.67 82.69
CA SER G 122 -9.28 -67.55 81.24
C SER G 122 -9.86 -68.78 80.55
N LEU G 123 -9.51 -69.98 81.05
CA LEU G 123 -10.06 -71.19 80.46
C LEU G 123 -11.58 -71.24 80.60
N TYR G 124 -12.10 -70.88 81.77
CA TYR G 124 -13.55 -70.87 81.98
C TYR G 124 -14.24 -69.86 81.07
N LYS G 125 -13.63 -68.68 80.89
CA LYS G 125 -14.19 -67.67 80.02
C LYS G 125 -14.23 -68.16 78.57
N GLN G 126 -13.16 -68.83 78.13
CA GLN G 126 -13.18 -69.39 76.77
C GLN G 126 -14.28 -70.43 76.63
N ARG G 127 -14.44 -71.31 77.62
CA ARG G 127 -15.48 -72.33 77.53
C ARG G 127 -16.87 -71.72 77.50
N GLU G 128 -17.14 -70.75 78.37
CA GLU G 128 -18.46 -70.14 78.40
C GLU G 128 -18.74 -69.32 77.14
N HIS G 129 -17.70 -68.67 76.58
CA HIS G 129 -17.87 -67.99 75.31
C HIS G 129 -18.21 -68.98 74.21
N GLU G 130 -17.54 -70.12 74.17
CA GLU G 130 -17.86 -71.13 73.17
C GLU G 130 -19.29 -71.61 73.31
N MET G 131 -19.73 -71.84 74.55
CA MET G 131 -21.12 -72.26 74.78
C MET G 131 -22.11 -71.20 74.32
N GLU G 132 -21.82 -69.93 74.60
CA GLU G 132 -22.76 -68.86 74.28
C GLU G 132 -22.84 -68.63 72.77
N ARG G 133 -21.70 -68.67 72.07
CA ARG G 133 -21.75 -68.62 70.61
C ARG G 133 -22.44 -69.84 70.02
N SER G 134 -22.28 -71.02 70.63
CA SER G 134 -23.02 -72.18 70.16
C SER G 134 -24.53 -71.97 70.29
N ALA G 135 -24.95 -71.37 71.41
CA ALA G 135 -26.36 -71.07 71.60
C ALA G 135 -26.86 -70.08 70.55
N ILE G 136 -26.07 -69.03 70.28
CA ILE G 136 -26.48 -68.05 69.27
C ILE G 136 -26.59 -68.71 67.90
N ARG G 137 -25.64 -69.57 67.55
CA ARG G 137 -25.67 -70.21 66.23
C ARG G 137 -26.84 -71.18 66.12
N SER G 138 -27.17 -71.90 67.20
CA SER G 138 -28.33 -72.77 67.19
C SER G 138 -29.62 -71.95 67.00
N LEU G 139 -29.73 -70.83 67.72
CA LEU G 139 -30.90 -69.98 67.55
C LEU G 139 -31.00 -69.44 66.13
N LEU G 140 -29.87 -69.02 65.56
CA LEU G 140 -29.88 -68.50 64.20
C LEU G 140 -30.29 -69.57 63.20
N GLU G 141 -29.79 -70.79 63.38
CA GLU G 141 -30.19 -71.88 62.50
C GLU G 141 -31.67 -72.18 62.61
N ALA G 142 -32.20 -72.17 63.84
CA ALA G 142 -33.63 -72.39 64.02
C ALA G 142 -34.45 -71.31 63.33
N GLN G 143 -34.05 -70.04 63.50
CA GLN G 143 -34.78 -68.95 62.89
C GLN G 143 -34.71 -69.03 61.36
N GLU G 144 -33.53 -69.36 60.81
CA GLU G 144 -33.40 -69.48 59.37
C GLU G 144 -34.27 -70.62 58.83
N GLU G 145 -34.29 -71.75 59.52
CA GLU G 145 -35.12 -72.87 59.09
C GLU G 145 -36.60 -72.50 59.14
N ALA G 146 -37.02 -71.81 60.21
CA ALA G 146 -38.42 -71.39 60.30
C ALA G 146 -38.79 -70.42 59.19
N LEU G 147 -37.91 -69.45 58.90
CA LEU G 147 -38.19 -68.50 57.84
C LEU G 147 -38.27 -69.18 56.48
N GLN G 148 -37.35 -70.11 56.21
CA GLN G 148 -37.39 -70.84 54.95
C GLN G 148 -38.64 -71.69 54.82
N GLU G 149 -39.05 -72.34 55.92
CA GLU G 149 -40.27 -73.13 55.90
C GLU G 149 -41.49 -72.26 55.61
N LEU G 150 -41.57 -71.09 56.26
CA LEU G 150 -42.72 -70.22 56.03
C LEU G 150 -42.70 -69.63 54.62
N ARG G 151 -41.52 -69.33 54.09
CA ARG G 151 -41.41 -68.85 52.71
C ARG G 151 -41.87 -69.92 51.73
N LEU G 152 -41.49 -71.18 51.98
CA LEU G 152 -41.96 -72.28 51.13
C LEU G 152 -43.48 -72.42 51.24
N SER G 153 -44.03 -72.22 52.44
CA SER G 153 -45.47 -72.37 52.63
C SER G 153 -46.25 -71.27 51.92
N SER G 154 -46.02 -70.01 52.29
CA SER G 154 -46.75 -68.89 51.72
C SER G 154 -45.89 -67.64 51.73
N PRO G 155 -45.87 -66.87 50.63
CA PRO G 155 -44.99 -65.70 50.55
C PRO G 155 -45.56 -64.44 51.18
N GLU G 156 -46.89 -64.32 51.24
CA GLU G 156 -47.51 -63.13 51.81
C GLU G 156 -47.19 -63.02 53.30
N LEU G 157 -47.28 -64.14 54.03
CA LEU G 157 -46.91 -64.12 55.44
C LEU G 157 -45.43 -63.79 55.62
N HIS G 158 -44.59 -64.28 54.71
CA HIS G 158 -43.16 -63.96 54.78
C HIS G 158 -42.93 -62.46 54.61
N ALA G 159 -43.63 -61.85 53.64
CA ALA G 159 -43.49 -60.41 53.42
C ALA G 159 -44.00 -59.63 54.62
N GLU G 160 -45.12 -60.05 55.20
CA GLU G 160 -45.66 -59.33 56.36
C GLU G 160 -44.91 -59.63 57.65
N ALA G 161 -44.06 -60.66 57.67
CA ALA G 161 -43.28 -60.99 58.86
C ALA G 161 -41.85 -60.50 58.83
N THR G 162 -41.28 -60.26 57.65
CA THR G 162 -39.91 -59.79 57.55
C THR G 162 -39.76 -58.29 57.82
N LYS G 163 -40.78 -57.66 58.40
CA LYS G 163 -40.74 -56.25 58.74
C LYS G 163 -40.64 -56.08 60.26
N ARG G 164 -40.59 -54.83 60.70
CA ARG G 164 -40.47 -54.50 62.11
C ARG G 164 -41.78 -53.91 62.63
N ASP G 165 -42.16 -54.32 63.84
CA ASP G 165 -43.37 -53.82 64.46
C ASP G 165 -43.19 -52.36 64.89
N PRO G 166 -44.28 -51.58 64.92
CA PRO G 166 -44.19 -50.18 65.36
C PRO G 166 -44.11 -50.00 66.87
N SER G 167 -44.12 -51.09 67.64
CA SER G 167 -44.12 -51.00 69.10
C SER G 167 -42.76 -51.37 69.71
N LEU G 168 -41.70 -51.44 68.91
CA LEU G 168 -40.39 -51.81 69.40
C LEU G 168 -39.45 -50.63 69.57
N PHE G 169 -39.81 -49.44 69.08
CA PHE G 169 -38.93 -48.28 69.23
C PHE G 169 -38.68 -47.91 70.69
N PRO G 170 -39.71 -47.72 71.55
CA PRO G 170 -39.40 -47.37 72.95
C PRO G 170 -39.24 -48.61 73.84
N PHE G 171 -38.19 -49.38 73.57
CA PHE G 171 -37.93 -50.60 74.33
C PHE G 171 -37.17 -50.25 75.60
N GLU G 172 -37.82 -50.39 76.75
CA GLU G 172 -37.21 -50.17 78.05
C GLU G 172 -37.09 -51.49 78.78
N ARG G 173 -35.97 -51.69 79.46
CA ARG G 173 -35.67 -52.96 80.09
C ARG G 173 -34.90 -52.73 81.38
N GLN G 174 -35.16 -53.57 82.38
CA GLN G 174 -34.47 -53.52 83.66
C GLN G 174 -34.01 -54.92 84.04
N GLY G 175 -32.79 -55.01 84.59
CA GLY G 175 -32.23 -56.28 84.98
C GLY G 175 -32.74 -56.75 86.31
N PRO G 176 -32.22 -57.90 86.75
CA PRO G 176 -32.66 -58.47 88.04
C PRO G 176 -32.12 -57.72 89.24
N ASP G 177 -32.41 -58.22 90.43
CA ASP G 177 -31.99 -57.59 91.68
C ASP G 177 -31.43 -58.64 92.62
N TYR G 178 -30.72 -58.18 93.64
CA TYR G 178 -30.10 -59.11 94.60
C TYR G 178 -31.15 -59.79 95.47
N THR G 179 -32.26 -59.13 95.74
CA THR G 179 -33.36 -59.71 96.49
C THR G 179 -34.69 -59.42 95.79
N PRO G 180 -35.66 -60.31 95.92
CA PRO G 180 -36.98 -60.06 95.33
C PRO G 180 -37.68 -58.89 96.03
N PRO G 181 -38.60 -58.22 95.32
CA PRO G 181 -39.29 -57.08 95.94
C PRO G 181 -40.10 -57.51 97.16
N ILE G 182 -40.14 -56.62 98.15
CA ILE G 182 -40.82 -56.87 99.42
C ILE G 182 -42.22 -56.26 99.34
N SER G 183 -43.24 -57.09 99.55
CA SER G 183 -44.61 -56.60 99.53
C SER G 183 -44.90 -55.75 100.76
N ASP G 184 -45.84 -54.82 100.61
CA ASP G 184 -46.24 -53.90 101.68
C ASP G 184 -45.05 -53.14 102.24
N TYR G 185 -44.18 -52.67 101.34
CA TYR G 185 -43.01 -51.89 101.71
C TYR G 185 -43.27 -50.42 101.40
N GLN G 186 -43.05 -49.56 102.38
CA GLN G 186 -43.32 -48.14 102.25
C GLN G 186 -42.14 -47.32 102.75
N PRO G 187 -41.60 -46.42 101.93
CA PRO G 187 -40.54 -45.52 102.40
C PRO G 187 -41.12 -44.48 103.35
N PRO G 188 -40.37 -44.10 104.39
CA PRO G 188 -40.89 -43.11 105.35
C PRO G 188 -41.23 -41.78 104.70
N GLU G 189 -40.22 -41.11 104.13
CA GLU G 189 -40.39 -39.83 103.46
C GLU G 189 -39.03 -39.41 102.89
N GLY G 190 -39.06 -38.43 102.00
CA GLY G 190 -37.84 -37.84 101.48
C GLY G 190 -37.98 -37.24 100.10
N ARG G 191 -37.43 -36.05 99.91
CA ARG G 191 -37.53 -35.33 98.65
C ARG G 191 -36.22 -35.45 97.88
N TYR G 192 -36.20 -34.87 96.67
CA TYR G 192 -35.04 -34.94 95.79
C TYR G 192 -34.77 -33.57 95.19
N GLN G 193 -33.51 -33.39 94.77
CA GLN G 193 -33.09 -32.16 94.12
C GLN G 193 -31.96 -32.50 93.16
N ASP G 194 -31.76 -31.62 92.18
CA ASP G 194 -30.72 -31.78 91.18
C ASP G 194 -29.51 -30.93 91.56
N ILE G 195 -28.36 -31.57 91.69
CA ILE G 195 -27.11 -30.89 92.03
C ILE G 195 -26.09 -31.01 90.89
N THR G 196 -26.54 -31.42 89.71
CA THR G 196 -25.62 -31.55 88.57
C THR G 196 -25.21 -30.17 88.07
N LYS G 197 -24.04 -30.12 87.43
CA LYS G 197 -23.51 -28.88 86.91
C LYS G 197 -24.16 -28.53 85.58
N VAL G 198 -23.87 -27.32 85.11
CA VAL G 198 -24.39 -26.83 83.83
C VAL G 198 -23.23 -26.26 83.03
N TYR G 199 -23.35 -26.32 81.70
CA TYR G 199 -22.35 -25.78 80.80
C TYR G 199 -23.05 -25.09 79.64
N THR G 200 -22.49 -23.96 79.20
CA THR G 200 -23.05 -23.20 78.10
C THR G 200 -22.13 -23.21 76.89
N GLY H 14 25.12 44.19 -6.31
CA GLY H 14 25.87 45.09 -5.46
C GLY H 14 26.80 46.00 -6.24
N ALA H 15 27.51 46.87 -5.53
CA ALA H 15 28.46 47.77 -6.16
C ALA H 15 29.71 46.99 -6.56
N ASP H 16 30.53 47.62 -7.38
CA ASP H 16 31.76 46.98 -7.85
C ASP H 16 32.85 47.08 -6.81
N ARG H 17 33.84 46.19 -6.93
CA ARG H 17 35.03 46.24 -6.09
C ARG H 17 36.32 46.33 -6.89
N MET H 18 36.34 45.86 -8.14
CA MET H 18 37.54 45.94 -8.96
C MET H 18 37.75 47.35 -9.52
N SER H 19 36.68 48.12 -9.69
CA SER H 19 36.80 49.45 -10.26
C SER H 19 37.52 50.39 -9.30
N LYS H 20 38.18 51.39 -9.87
CA LYS H 20 38.93 52.35 -9.05
C LYS H 20 37.98 53.31 -8.35
N TRP H 21 38.34 53.68 -7.12
CA TRP H 21 37.51 54.55 -6.29
C TRP H 21 37.93 55.99 -6.52
N THR H 22 37.44 56.58 -7.61
CA THR H 22 37.75 57.93 -7.98
C THR H 22 36.67 58.88 -7.46
N SER H 23 36.85 60.18 -7.74
CA SER H 23 35.94 61.20 -7.26
C SER H 23 34.62 61.23 -8.01
N LYS H 24 34.51 60.54 -9.14
CA LYS H 24 33.26 60.48 -9.89
C LYS H 24 32.28 59.47 -9.33
N ARG H 25 32.72 58.58 -8.44
CA ARG H 25 31.92 57.45 -7.98
C ARG H 25 31.31 57.66 -6.60
N GLY H 26 31.39 58.87 -6.05
CA GLY H 26 30.90 59.11 -4.72
C GLY H 26 29.84 60.20 -4.68
N PRO H 27 29.44 60.59 -3.46
CA PRO H 27 28.47 61.69 -3.32
C PRO H 27 29.10 63.06 -3.61
N ARG H 28 28.33 64.13 -3.38
CA ARG H 28 28.87 65.46 -3.56
C ARG H 28 29.99 65.75 -2.57
N THR H 29 29.86 65.25 -1.34
CA THR H 29 30.84 65.51 -0.30
C THR H 29 32.15 64.77 -0.53
N PHE H 30 32.22 63.85 -1.48
CA PHE H 30 33.44 63.13 -1.80
C PHE H 30 34.08 63.80 -3.02
N CYS H 31 35.06 64.66 -2.77
CA CYS H 31 35.78 65.39 -3.81
C CYS H 31 37.26 65.05 -3.67
N LYS H 32 37.67 63.94 -4.27
CA LYS H 32 39.04 63.47 -4.17
C LYS H 32 39.88 64.00 -5.32
N GLY H 33 41.10 64.43 -5.01
CA GLY H 33 41.99 64.91 -6.05
C GLY H 33 42.46 63.80 -6.96
N ARG H 34 42.87 64.20 -8.16
CA ARG H 34 43.32 63.27 -9.18
C ARG H 34 44.83 63.10 -9.20
N GLY H 35 45.55 63.70 -8.26
CA GLY H 35 47.00 63.58 -8.18
C GLY H 35 47.77 64.86 -8.41
N ALA H 36 47.11 65.97 -8.73
CA ALA H 36 47.81 67.24 -8.91
C ALA H 36 48.23 67.82 -7.57
N LYS H 37 49.42 68.43 -7.57
CA LYS H 37 49.96 69.03 -6.35
C LYS H 37 49.20 70.29 -5.99
N GLY H 38 49.08 70.54 -4.68
CA GLY H 38 48.43 71.75 -4.22
C GLY H 38 49.24 72.98 -4.54
N THR H 39 48.54 74.12 -4.64
CA THR H 39 49.17 75.38 -5.01
C THR H 39 48.84 76.52 -4.07
N GLY H 40 48.26 76.25 -2.90
CA GLY H 40 47.93 77.31 -1.98
C GLY H 40 47.17 76.80 -0.78
N PHE H 41 46.44 77.69 -0.14
CA PHE H 41 45.66 77.38 1.05
C PHE H 41 44.32 78.10 0.95
N HIS H 42 43.58 78.11 2.05
CA HIS H 42 42.29 78.78 2.13
C HIS H 42 42.42 80.05 2.95
N GLY H 43 41.96 81.16 2.39
CA GLY H 43 42.13 82.46 3.02
C GLY H 43 41.14 82.74 4.13
N ARG H 44 40.64 83.97 4.19
CA ARG H 44 39.82 84.41 5.31
C ARG H 44 38.32 84.26 5.01
N ASP H 45 37.83 84.89 3.95
CA ASP H 45 36.42 84.87 3.62
C ASP H 45 35.98 83.61 2.88
N GLY H 46 36.81 82.56 2.90
CA GLY H 46 36.47 81.30 2.27
C GLY H 46 37.08 81.08 0.90
N LYS H 47 37.71 82.09 0.32
CA LYS H 47 38.31 81.93 -1.00
C LYS H 47 39.61 81.13 -0.89
N PHE H 48 40.18 80.80 -2.04
CA PHE H 48 41.43 80.07 -2.11
C PHE H 48 42.56 81.04 -2.42
N VAL H 49 43.55 81.12 -1.54
CA VAL H 49 44.70 81.98 -1.71
C VAL H 49 45.83 81.13 -2.30
N GLN H 50 46.24 81.47 -3.51
CA GLN H 50 47.29 80.74 -4.21
C GLN H 50 48.65 81.33 -3.88
N ILE H 51 49.59 80.48 -3.51
CA ILE H 51 50.94 80.90 -3.17
C ILE H 51 51.81 80.83 -4.42
N LYS H 52 52.48 81.93 -4.75
CA LYS H 52 53.29 81.99 -5.96
C LYS H 52 54.46 81.01 -5.88
N GLU H 53 55.08 80.89 -4.71
CA GLU H 53 56.24 80.01 -4.57
C GLU H 53 55.89 78.54 -4.70
N MET H 54 54.64 78.15 -4.41
CA MET H 54 54.24 76.76 -4.57
C MET H 54 54.02 76.36 -6.02
N ILE H 55 53.73 77.32 -6.88
CA ILE H 55 53.55 77.02 -8.31
C ILE H 55 54.93 76.82 -8.95
N PRO H 56 55.16 75.70 -9.63
CA PRO H 56 56.47 75.50 -10.27
C PRO H 56 56.73 76.56 -11.33
N GLU H 57 57.98 76.97 -11.44
CA GLU H 57 58.43 77.91 -12.46
C GLU H 57 59.34 77.17 -13.42
N LEU H 58 58.90 77.04 -14.67
CA LEU H 58 59.67 76.29 -15.66
C LEU H 58 60.89 77.09 -16.08
N VAL H 59 62.07 76.52 -15.84
CA VAL H 59 63.33 77.16 -16.22
C VAL H 59 63.64 76.70 -17.64
N VAL H 60 63.17 77.46 -18.61
CA VAL H 60 63.30 77.11 -20.03
C VAL H 60 64.45 77.91 -20.62
N PRO H 61 65.43 77.26 -21.25
CA PRO H 61 66.57 77.99 -21.81
C PRO H 61 66.21 78.63 -23.15
N GLU H 62 67.21 79.22 -23.78
CA GLU H 62 67.05 79.87 -25.08
C GLU H 62 67.56 78.93 -26.16
N LEU H 63 66.66 78.52 -27.04
CA LEU H 63 66.97 77.56 -28.11
C LEU H 63 67.16 78.22 -29.46
N ALA H 64 67.30 79.55 -29.50
CA ALA H 64 67.43 80.23 -30.78
C ALA H 64 68.75 79.87 -31.46
N GLY H 65 69.85 79.92 -30.73
CA GLY H 65 71.15 79.65 -31.30
C GLY H 65 71.67 78.25 -31.04
N PHE H 66 70.77 77.33 -30.67
CA PHE H 66 71.16 75.98 -30.31
C PHE H 66 71.32 75.14 -31.57
N LYS H 67 72.52 74.62 -31.80
CA LYS H 67 72.81 73.82 -32.98
C LYS H 67 72.83 72.33 -32.64
N LEU H 68 71.67 71.84 -32.21
CA LEU H 68 71.43 70.41 -32.01
C LEU H 68 69.96 70.11 -32.29
N LYS H 69 69.70 68.89 -32.73
CA LYS H 69 68.42 68.44 -33.24
C LYS H 69 67.97 67.19 -32.49
N PRO H 70 66.66 66.90 -32.48
CA PRO H 70 66.19 65.73 -31.72
C PRO H 70 66.73 64.40 -32.21
N TYR H 71 67.22 64.30 -33.44
CA TYR H 71 67.76 63.07 -33.98
C TYR H 71 69.22 63.26 -34.36
N VAL H 72 70.00 62.19 -34.26
CA VAL H 72 71.40 62.22 -34.62
C VAL H 72 71.58 61.70 -36.04
N ASN H 73 72.74 61.98 -36.61
CA ASN H 73 73.07 61.44 -37.91
C ASN H 73 73.15 59.92 -37.83
N TYR H 74 72.74 59.24 -38.91
CA TYR H 74 72.69 57.80 -38.88
C TYR H 74 74.07 57.17 -38.97
N ARG H 75 75.02 57.83 -39.63
CA ARG H 75 76.38 57.31 -39.76
C ARG H 75 77.27 57.64 -38.57
N ALA H 76 76.78 58.45 -37.63
CA ALA H 76 77.60 58.81 -36.48
C ALA H 76 77.83 57.59 -35.60
N PRO H 77 79.08 57.26 -35.28
CA PRO H 77 79.34 56.08 -34.45
C PRO H 77 78.93 56.32 -33.01
N GLU H 78 78.54 55.23 -32.34
CA GLU H 78 78.24 55.25 -30.92
C GLU H 78 79.51 54.89 -30.14
N GLY H 79 79.36 54.66 -28.84
CA GLY H 79 80.49 54.29 -28.01
C GLY H 79 80.12 53.15 -27.07
N THR H 80 81.17 52.51 -26.55
CA THR H 80 80.97 51.45 -25.58
C THR H 80 80.34 52.02 -24.31
N ASP H 81 79.34 51.32 -23.79
CA ASP H 81 78.59 51.79 -22.63
C ASP H 81 79.50 51.82 -21.40
N THR H 82 79.82 53.02 -20.93
CA THR H 82 80.64 53.23 -19.73
C THR H 82 79.88 54.16 -18.80
N PRO H 83 78.95 53.62 -18.01
CA PRO H 83 78.19 54.46 -17.08
C PRO H 83 79.11 55.17 -16.10
N LEU H 84 78.76 56.43 -15.80
CA LEU H 84 79.58 57.23 -14.92
C LEU H 84 79.40 56.76 -13.47
N THR H 85 80.52 56.53 -12.79
CA THR H 85 80.52 56.07 -11.42
C THR H 85 81.14 57.13 -10.51
N ALA H 86 81.00 56.91 -9.20
CA ALA H 86 81.57 57.84 -8.23
C ALA H 86 83.09 57.88 -8.34
N LYS H 87 83.71 56.72 -8.58
CA LYS H 87 85.17 56.68 -8.75
C LYS H 87 85.61 57.52 -9.93
N GLN H 88 84.94 57.35 -11.07
CA GLN H 88 85.31 58.13 -12.25
C GLN H 88 85.06 59.61 -12.05
N LEU H 89 83.94 59.97 -11.40
CA LEU H 89 83.67 61.38 -11.14
C LEU H 89 84.72 61.99 -10.24
N PHE H 90 85.13 61.27 -9.19
CA PHE H 90 86.17 61.76 -8.30
C PHE H 90 87.49 61.91 -9.04
N LEU H 91 87.85 60.92 -9.85
CA LEU H 91 89.10 61.01 -10.62
C LEU H 91 89.07 62.21 -11.55
N GLU H 92 87.91 62.52 -12.12
CA GLU H 92 87.83 63.62 -13.06
C GLU H 92 87.82 64.99 -12.36
N THR H 93 87.24 65.09 -11.17
CA THR H 93 87.04 66.41 -10.58
C THR H 93 88.02 66.77 -9.47
N ALA H 94 88.59 65.79 -8.76
CA ALA H 94 89.35 66.11 -7.56
C ALA H 94 90.73 65.48 -7.54
N ALA H 95 90.90 64.37 -8.25
CA ALA H 95 92.20 63.67 -8.23
C ALA H 95 93.35 64.54 -8.72
N PRO H 96 93.25 65.25 -9.87
CA PRO H 96 94.38 66.12 -10.26
C PRO H 96 94.70 67.20 -9.24
N ALA H 97 93.67 67.83 -8.66
CA ALA H 97 93.92 68.87 -7.67
C ALA H 97 94.59 68.31 -6.43
N ILE H 98 94.12 67.14 -5.95
CA ILE H 98 94.71 66.52 -4.78
C ILE H 98 96.17 66.15 -5.06
N GLU H 99 96.43 65.57 -6.24
CA GLU H 99 97.79 65.18 -6.57
C GLU H 99 98.72 66.40 -6.65
N LYS H 100 98.25 67.46 -7.30
CA LYS H 100 99.08 68.67 -7.42
C LYS H 100 99.35 69.28 -6.06
N ASP H 101 98.33 69.36 -5.20
CA ASP H 101 98.51 69.94 -3.88
C ASP H 101 99.43 69.09 -3.02
N PHE H 102 99.33 67.76 -3.13
CA PHE H 102 100.22 66.89 -2.36
C PHE H 102 101.66 67.00 -2.83
N LYS H 103 101.87 67.12 -4.14
CA LYS H 103 103.22 67.35 -4.65
C LYS H 103 103.77 68.68 -4.17
N ALA H 104 102.92 69.72 -4.14
CA ALA H 104 103.37 71.03 -3.66
C ALA H 104 103.64 71.00 -2.17
N GLY H 105 102.94 70.16 -1.41
CA GLY H 105 103.15 70.06 0.02
C GLY H 105 102.25 70.93 0.88
N THR H 106 101.21 71.51 0.30
CA THR H 106 100.29 72.38 1.02
C THR H 106 98.99 71.66 1.37
N PHE H 107 98.89 70.37 1.04
CA PHE H 107 97.65 69.62 1.24
C PHE H 107 97.26 69.62 2.72
N ASP H 108 95.99 69.91 2.98
CA ASP H 108 95.43 69.95 4.33
C ASP H 108 94.29 68.95 4.43
N PRO H 109 94.50 67.79 5.06
CA PRO H 109 93.41 66.80 5.17
C PRO H 109 92.19 67.32 5.93
N GLU H 110 92.37 68.20 6.91
CA GLU H 110 91.25 68.67 7.70
C GLU H 110 90.26 69.47 6.86
N HIS H 111 90.75 70.35 6.00
CA HIS H 111 89.91 71.23 5.20
C HIS H 111 89.81 70.67 3.78
N LEU H 112 88.60 70.30 3.38
CA LEU H 112 88.33 69.78 2.04
C LEU H 112 87.24 70.56 1.32
N GLU H 113 86.70 71.62 1.95
CA GLU H 113 85.63 72.39 1.34
C GLU H 113 86.07 73.13 0.08
N LYS H 114 87.37 73.41 -0.05
CA LYS H 114 87.88 74.09 -1.22
C LYS H 114 87.91 73.20 -2.46
N TYR H 115 87.69 71.90 -2.30
CA TYR H 115 87.78 70.95 -3.40
C TYR H 115 86.41 70.52 -3.92
N GLY H 116 85.33 71.12 -3.42
CA GLY H 116 83.98 70.75 -3.80
C GLY H 116 83.26 69.89 -2.79
N PHE H 117 83.94 69.42 -1.76
CA PHE H 117 83.33 68.60 -0.73
C PHE H 117 82.42 69.46 0.14
N GLU H 118 81.21 68.97 0.39
CA GLU H 118 80.26 69.67 1.25
C GLU H 118 80.06 68.88 2.53
N PRO H 119 80.62 69.30 3.66
CA PRO H 119 80.44 68.53 4.90
C PRO H 119 79.00 68.42 5.34
N THR H 120 78.20 69.47 5.12
CA THR H 120 76.80 69.49 5.52
C THR H 120 75.96 70.00 4.36
N GLN H 121 74.86 69.31 4.06
CA GLN H 121 73.96 69.71 2.99
C GLN H 121 72.91 70.72 3.43
N GLU H 122 72.82 71.00 4.72
CA GLU H 122 71.77 71.91 5.22
C GLU H 122 72.01 73.37 4.84
N GLY H 123 73.19 73.70 4.32
CA GLY H 123 73.49 75.08 3.98
C GLY H 123 73.06 75.49 2.60
N LYS H 124 73.34 74.67 1.60
CA LYS H 124 73.12 75.05 0.22
C LYS H 124 71.66 74.91 -0.17
N LEU H 125 71.33 75.40 -1.37
CA LEU H 125 69.95 75.42 -1.84
C LEU H 125 69.50 74.06 -2.33
N PHE H 126 70.19 73.51 -3.33
CA PHE H 126 69.83 72.21 -3.90
C PHE H 126 70.58 71.13 -3.12
N GLN H 127 69.89 70.51 -2.16
CA GLN H 127 70.48 69.45 -1.35
C GLN H 127 70.32 68.11 -2.06
N LEU H 128 71.26 67.20 -1.76
CA LEU H 128 71.34 65.94 -2.49
C LEU H 128 70.59 64.80 -1.80
N TYR H 129 70.83 64.60 -0.51
CA TYR H 129 70.16 63.50 0.19
C TYR H 129 68.70 63.84 0.49
N PRO H 130 68.39 65.00 1.09
CA PRO H 130 66.97 65.34 1.25
C PRO H 130 66.25 65.56 -0.07
N LYS H 131 66.97 65.83 -1.16
CA LYS H 131 66.39 66.01 -2.49
C LYS H 131 65.34 67.13 -2.47
N ASN H 132 65.83 68.34 -2.23
CA ASN H 132 64.98 69.52 -2.18
C ASN H 132 64.43 69.93 -3.55
N PHE H 133 64.95 69.36 -4.63
CA PHE H 133 64.47 69.77 -5.94
C PHE H 133 63.76 68.63 -6.65
N PRO H 134 62.61 68.90 -7.29
CA PRO H 134 61.90 67.84 -8.00
C PRO H 134 62.68 67.28 -9.18
N ARG H 135 63.09 68.15 -10.10
CA ARG H 135 63.81 67.74 -11.30
C ARG H 135 64.80 68.81 -11.73
N THR I 35 -15.71 -61.61 -50.44
CA THR I 35 -14.94 -60.38 -50.34
C THR I 35 -15.16 -59.68 -48.99
N TYR I 36 -14.16 -58.92 -48.56
CA TYR I 36 -14.26 -58.20 -47.30
C TYR I 36 -13.27 -57.05 -47.32
N SER I 37 -13.66 -55.94 -46.67
CA SER I 37 -12.80 -54.78 -46.55
C SER I 37 -13.29 -53.93 -45.39
N SER I 38 -12.38 -53.55 -44.50
CA SER I 38 -12.76 -52.72 -43.37
C SER I 38 -13.26 -51.35 -43.83
N LEU I 39 -12.57 -50.76 -44.79
CA LEU I 39 -12.96 -49.47 -45.36
C LEU I 39 -13.52 -49.66 -46.76
N PRO I 40 -14.45 -48.81 -47.19
CA PRO I 40 -14.97 -48.89 -48.56
C PRO I 40 -13.88 -48.68 -49.58
N ASP I 41 -13.98 -49.40 -50.70
CA ASP I 41 -13.02 -49.32 -51.78
C ASP I 41 -13.44 -48.35 -52.87
N ASP I 42 -14.18 -47.30 -52.52
CA ASP I 42 -14.74 -46.37 -53.49
C ASP I 42 -13.90 -45.13 -53.68
N TYR I 43 -12.98 -44.82 -52.77
CA TYR I 43 -12.24 -43.55 -52.80
C TYR I 43 -10.72 -43.79 -52.89
N ASN I 44 -10.26 -43.88 -54.14
CA ASN I 44 -8.92 -43.72 -54.66
C ASN I 44 -7.97 -44.90 -54.42
N CYS I 45 -8.33 -45.89 -53.60
CA CYS I 45 -7.46 -47.06 -53.51
C CYS I 45 -8.27 -48.25 -53.00
N LYS I 46 -7.77 -49.45 -53.32
CA LYS I 46 -8.42 -50.69 -52.95
C LYS I 46 -7.49 -51.44 -51.98
N VAL I 47 -7.83 -51.38 -50.70
CA VAL I 47 -6.97 -51.96 -49.66
C VAL I 47 -7.29 -53.44 -49.50
N GLU I 48 -6.25 -54.27 -49.57
CA GLU I 48 -6.36 -55.70 -49.29
C GLU I 48 -5.28 -56.06 -48.28
N LEU I 49 -5.68 -56.35 -47.05
CA LEU I 49 -4.74 -56.65 -45.98
C LEU I 49 -4.47 -58.15 -45.91
N ALA I 50 -3.30 -58.51 -45.40
CA ALA I 50 -2.93 -59.90 -45.24
C ALA I 50 -1.81 -60.00 -44.23
N LEU I 51 -1.62 -61.20 -43.69
CA LEU I 51 -0.58 -61.49 -42.72
C LEU I 51 0.30 -62.60 -43.27
N THR I 52 1.62 -62.46 -43.12
CA THR I 52 2.52 -63.49 -43.62
C THR I 52 2.35 -64.77 -42.80
N SER I 53 2.76 -65.89 -43.40
CA SER I 53 2.63 -67.18 -42.74
C SER I 53 3.39 -67.21 -41.43
N ASP I 54 4.56 -66.57 -41.38
CA ASP I 54 5.30 -66.46 -40.12
C ASP I 54 4.51 -65.67 -39.08
N GLY I 55 3.66 -64.75 -39.52
CA GLY I 55 2.88 -63.94 -38.62
C GLY I 55 3.55 -62.67 -38.14
N ARG I 56 4.81 -62.47 -38.50
CA ARG I 56 5.58 -61.32 -38.04
C ARG I 56 5.50 -60.12 -38.98
N THR I 57 4.76 -60.22 -40.08
CA THR I 57 4.70 -59.13 -41.05
C THR I 57 3.27 -59.00 -41.56
N ILE I 58 2.79 -57.76 -41.63
CA ILE I 58 1.49 -57.43 -42.19
C ILE I 58 1.73 -56.78 -43.55
N VAL I 59 1.20 -57.41 -44.60
CA VAL I 59 1.31 -56.88 -45.94
C VAL I 59 -0.04 -56.30 -46.33
N CYS I 60 -0.02 -55.34 -47.25
CA CYS I 60 -1.27 -54.77 -47.74
C CYS I 60 -1.05 -54.29 -49.17
N TYR I 61 -1.93 -54.73 -50.06
CA TYR I 61 -1.91 -54.35 -51.46
C TYR I 61 -2.99 -53.29 -51.67
N HIS I 62 -2.57 -52.09 -52.09
CA HIS I 62 -3.49 -50.96 -52.27
C HIS I 62 -3.28 -50.36 -53.65
N PRO I 63 -3.78 -51.01 -54.70
CA PRO I 63 -3.76 -50.38 -56.02
C PRO I 63 -4.68 -49.17 -56.07
N SER I 64 -4.27 -48.18 -56.87
CA SER I 64 -5.05 -46.96 -57.01
C SER I 64 -6.33 -47.24 -57.79
N VAL I 65 -7.30 -46.34 -57.60
CA VAL I 65 -8.62 -46.45 -58.23
C VAL I 65 -8.82 -45.26 -59.15
N ASP I 66 -9.16 -45.52 -60.40
CA ASP I 66 -9.44 -44.48 -61.36
C ASP I 66 -10.92 -44.09 -61.32
N ILE I 67 -11.18 -42.82 -61.61
CA ILE I 67 -12.55 -42.30 -61.65
C ILE I 67 -13.24 -42.85 -62.89
N PRO I 68 -14.38 -43.53 -62.75
CA PRO I 68 -15.05 -44.09 -63.93
C PRO I 68 -15.59 -42.99 -64.84
N TYR I 69 -15.73 -43.33 -66.12
CA TYR I 69 -16.21 -42.37 -67.11
C TYR I 69 -17.63 -41.92 -66.80
N GLU I 70 -18.44 -42.78 -66.18
CA GLU I 70 -19.82 -42.45 -65.86
C GLU I 70 -19.95 -41.48 -64.69
N HIS I 71 -18.87 -41.22 -63.96
CA HIS I 71 -18.88 -40.33 -62.81
C HIS I 71 -18.33 -38.95 -63.13
N THR I 72 -18.24 -38.60 -64.41
CA THR I 72 -17.71 -37.32 -64.85
C THR I 72 -18.74 -36.62 -65.73
N LYS I 73 -18.51 -35.35 -65.99
CA LYS I 73 -19.36 -34.55 -66.85
C LYS I 73 -18.53 -33.85 -67.91
N PRO I 74 -19.12 -33.55 -69.06
CA PRO I 74 -18.33 -32.91 -70.13
C PRO I 74 -17.87 -31.52 -69.73
N ILE I 75 -16.73 -31.13 -70.29
CA ILE I 75 -16.14 -29.82 -69.98
C ILE I 75 -17.03 -28.72 -70.57
N PRO I 76 -17.40 -27.72 -69.77
CA PRO I 76 -18.18 -26.60 -70.33
C PRO I 76 -17.28 -25.63 -71.08
N ARG I 77 -17.77 -25.18 -72.23
CA ARG I 77 -17.04 -24.27 -73.09
C ARG I 77 -17.73 -22.91 -73.09
N PRO I 78 -16.96 -21.86 -72.80
CA PRO I 78 -17.46 -20.48 -72.77
C PRO I 78 -16.73 -19.67 -73.84
N ASP I 79 -17.43 -19.37 -74.93
CA ASP I 79 -16.86 -18.60 -76.03
C ASP I 79 -17.96 -17.70 -76.59
N PRO I 80 -17.85 -16.40 -76.31
CA PRO I 80 -18.83 -15.43 -76.78
C PRO I 80 -18.13 -14.12 -77.06
N VAL I 81 -18.25 -13.63 -78.30
CA VAL I 81 -17.66 -12.36 -78.73
C VAL I 81 -18.82 -11.45 -79.13
N HIS I 82 -19.38 -10.75 -78.14
CA HIS I 82 -20.51 -9.86 -78.39
C HIS I 82 -20.09 -8.44 -78.76
N ASN I 83 -18.79 -8.13 -78.70
CA ASN I 83 -18.31 -6.80 -79.03
C ASN I 83 -17.93 -6.65 -80.50
N ILE I 84 -18.12 -7.70 -81.30
CA ILE I 84 -17.77 -7.62 -82.72
C ILE I 84 -18.73 -6.68 -83.45
N GLU I 85 -18.18 -5.90 -84.38
CA GLU I 85 -18.95 -4.97 -85.19
C GLU I 85 -18.74 -5.29 -86.65
N GLU I 86 -19.84 -5.26 -87.42
CA GLU I 86 -19.79 -5.60 -88.83
C GLU I 86 -19.16 -4.50 -89.68
N THR I 87 -18.93 -3.32 -89.12
CA THR I 87 -18.39 -2.19 -89.87
C THR I 87 -16.90 -1.96 -89.66
N HIS I 88 -16.41 -2.14 -88.43
CA HIS I 88 -15.00 -1.88 -88.12
C HIS I 88 -14.52 -2.91 -87.11
N ASP I 89 -13.81 -3.93 -87.60
CA ASP I 89 -13.30 -4.98 -86.71
C ASP I 89 -12.21 -4.45 -85.80
N LEU I 90 -11.39 -3.51 -86.27
CA LEU I 90 -10.39 -2.91 -85.40
C LEU I 90 -11.04 -2.17 -84.23
N VAL I 91 -12.09 -1.40 -84.51
CA VAL I 91 -12.83 -0.74 -83.44
C VAL I 91 -13.54 -1.75 -82.55
N LEU I 92 -14.02 -2.85 -83.12
CA LEU I 92 -14.65 -3.89 -82.31
C LEU I 92 -13.65 -4.50 -81.33
N LYS I 93 -12.43 -4.79 -81.80
CA LYS I 93 -11.40 -5.31 -80.91
C LYS I 93 -10.99 -4.28 -79.87
N THR I 94 -10.90 -3.01 -80.27
CA THR I 94 -10.53 -1.95 -79.33
C THR I 94 -11.58 -1.80 -78.23
N ARG I 95 -12.86 -1.91 -78.58
CA ARG I 95 -13.91 -1.80 -77.57
C ARG I 95 -13.81 -2.90 -76.53
N LEU I 96 -13.54 -4.13 -76.98
CA LEU I 96 -13.42 -5.26 -76.07
C LEU I 96 -12.11 -5.27 -75.30
N GLU I 97 -11.07 -4.59 -75.80
CA GLU I 97 -9.78 -4.58 -75.13
C GLU I 97 -9.53 -3.36 -74.26
N GLU I 98 -10.34 -2.30 -74.40
CA GLU I 98 -10.14 -1.07 -73.65
C GLU I 98 -11.05 -0.96 -72.42
N LYS I 99 -11.34 -2.07 -71.76
CA LYS I 99 -12.16 -2.05 -70.56
C LYS I 99 -11.31 -1.62 -69.37
N GLY I 100 -11.71 -0.54 -68.70
CA GLY I 100 -10.98 -0.02 -67.56
C GLY I 100 -11.97 0.53 -66.54
N GLU I 101 -11.54 0.55 -65.28
CA GLU I 101 -12.37 1.04 -64.19
C GLU I 101 -11.47 1.46 -63.03
N HIS I 102 -11.89 2.50 -62.31
CA HIS I 102 -11.12 3.00 -61.18
C HIS I 102 -12.06 3.28 -60.02
N LEU I 103 -11.59 3.01 -58.80
CA LEU I 103 -12.37 3.19 -57.58
C LEU I 103 -11.46 3.72 -56.48
N GLU I 104 -12.09 4.29 -55.45
CA GLU I 104 -11.36 4.76 -54.29
C GLU I 104 -10.83 3.57 -53.48
N GLN I 105 -9.96 3.88 -52.52
CA GLN I 105 -9.37 2.83 -51.69
C GLN I 105 -10.43 2.08 -50.90
N GLY I 106 -11.40 2.80 -50.33
CA GLY I 106 -12.45 2.20 -49.55
C GLY I 106 -13.29 1.20 -50.31
N PRO I 107 -13.99 1.67 -51.35
CA PRO I 107 -14.77 0.73 -52.18
C PRO I 107 -13.94 -0.34 -52.85
N MET I 108 -12.70 -0.03 -53.25
CA MET I 108 -11.85 -1.04 -53.87
C MET I 108 -11.51 -2.15 -52.89
N ILE I 109 -11.16 -1.80 -51.66
CA ILE I 109 -10.87 -2.81 -50.65
C ILE I 109 -12.12 -3.59 -50.29
N GLU I 110 -13.27 -2.91 -50.25
CA GLU I 110 -14.53 -3.63 -50.00
C GLU I 110 -14.81 -4.64 -51.10
N GLN I 111 -14.60 -4.27 -52.36
CA GLN I 111 -14.79 -5.19 -53.47
C GLN I 111 -13.82 -6.36 -53.39
N LEU I 112 -12.55 -6.09 -53.06
CA LEU I 112 -11.58 -7.17 -52.96
C LEU I 112 -11.95 -8.13 -51.83
N SER I 113 -12.38 -7.60 -50.69
CA SER I 113 -12.77 -8.46 -49.58
C SER I 113 -13.99 -9.29 -49.93
N LYS I 114 -14.98 -8.69 -50.61
CA LYS I 114 -16.16 -9.44 -51.02
C LYS I 114 -15.80 -10.52 -52.03
N MET I 115 -14.86 -10.23 -52.93
CA MET I 115 -14.51 -11.18 -53.97
C MET I 115 -13.67 -12.34 -53.44
N PHE I 116 -12.78 -12.10 -52.49
CA PHE I 116 -11.93 -13.14 -51.94
C PHE I 116 -12.40 -13.68 -50.60
N PHE I 117 -13.59 -13.27 -50.14
CA PHE I 117 -14.16 -13.74 -48.88
C PHE I 117 -13.21 -13.52 -47.70
N THR I 118 -12.62 -12.34 -47.65
CA THR I 118 -11.76 -11.93 -46.54
C THR I 118 -12.33 -10.67 -45.89
N THR I 119 -11.58 -10.10 -44.96
CA THR I 119 -11.95 -8.85 -44.31
C THR I 119 -11.19 -7.69 -44.97
N LYS I 120 -11.69 -6.48 -44.72
CA LYS I 120 -11.09 -5.29 -45.32
C LYS I 120 -9.72 -4.99 -44.76
N HIS I 121 -9.38 -5.53 -43.59
CA HIS I 121 -8.13 -5.16 -42.93
C HIS I 121 -6.91 -5.78 -43.59
N ARG I 122 -7.09 -6.83 -44.38
CA ARG I 122 -5.96 -7.50 -45.01
C ARG I 122 -5.32 -6.63 -46.09
N TRP I 123 -6.11 -5.82 -46.79
CA TRP I 123 -5.65 -5.10 -47.96
C TRP I 123 -5.00 -3.75 -47.65
N TYR I 124 -5.03 -3.31 -46.41
CA TYR I 124 -4.40 -2.03 -46.10
C TYR I 124 -2.90 -2.18 -46.05
N PRO I 125 -2.14 -1.18 -46.52
CA PRO I 125 -0.68 -1.31 -46.58
C PRO I 125 -0.02 -1.30 -45.20
N ARG I 126 1.31 -1.32 -45.18
CA ARG I 126 2.07 -1.29 -43.93
C ARG I 126 3.20 -0.27 -44.07
N GLY I 127 3.70 0.19 -42.92
CA GLY I 127 4.68 1.24 -42.90
C GLY I 127 6.08 0.78 -43.23
N GLN I 128 7.02 1.72 -43.15
CA GLN I 128 8.40 1.44 -43.49
C GLN I 128 9.02 0.44 -42.52
N TYR I 129 8.70 0.55 -41.23
CA TYR I 129 9.30 -0.34 -40.24
C TYR I 129 8.98 -1.80 -40.56
N HIS I 130 7.78 -2.07 -41.06
CA HIS I 130 7.40 -3.43 -41.40
C HIS I 130 7.79 -3.81 -42.83
N ARG I 131 7.91 -2.83 -43.72
CA ARG I 131 8.30 -3.13 -45.10
C ARG I 131 9.79 -3.47 -45.20
N ARG I 132 10.64 -2.76 -44.47
CA ARG I 132 12.08 -2.96 -44.58
C ARG I 132 12.60 -4.15 -43.79
N ARG I 133 11.80 -4.72 -42.89
CA ARG I 133 12.26 -5.86 -42.11
C ARG I 133 11.90 -7.20 -42.75
N ARG I 134 11.26 -7.20 -43.92
CA ARG I 134 11.04 -8.44 -44.64
C ARG I 134 12.35 -8.95 -45.23
N LYS I 135 12.53 -10.26 -45.20
CA LYS I 135 13.76 -10.85 -45.71
C LYS I 135 13.82 -10.70 -47.23
N PRO I 136 14.89 -10.14 -47.77
CA PRO I 136 14.98 -10.01 -49.24
C PRO I 136 15.08 -11.35 -49.95
N ASN I 137 15.75 -12.33 -49.34
CA ASN I 137 15.97 -13.65 -49.96
C ASN I 137 15.55 -14.72 -48.97
N PRO I 138 14.25 -15.01 -48.88
CA PRO I 138 13.80 -16.07 -47.99
C PRO I 138 14.33 -17.42 -48.43
N PRO I 139 14.59 -18.33 -47.50
CA PRO I 139 15.05 -19.67 -47.88
C PRO I 139 13.98 -20.43 -48.65
N LYS I 140 14.45 -21.32 -49.52
CA LYS I 140 13.56 -22.15 -50.32
C LYS I 140 13.97 -23.60 -50.18
N ASP I 141 12.98 -24.49 -50.06
CA ASP I 141 13.21 -25.92 -49.94
C ASP I 141 13.10 -26.57 -51.32
N ARG I 142 13.23 -27.90 -51.34
CA ARG I 142 13.13 -28.69 -52.56
C ARG I 142 14.12 -28.24 -53.62
N THR J 2 19.40 -16.70 -30.66
CA THR J 2 17.98 -16.56 -30.95
C THR J 2 17.69 -16.82 -32.43
N ALA J 3 16.74 -17.72 -32.69
CA ALA J 3 16.41 -18.07 -34.07
C ALA J 3 15.82 -16.88 -34.82
N ARG J 4 14.96 -16.10 -34.17
CA ARG J 4 14.37 -14.94 -34.82
C ARG J 4 15.37 -13.82 -35.04
N GLY J 5 16.46 -13.78 -34.27
CA GLY J 5 17.45 -12.73 -34.41
C GLY J 5 18.51 -13.02 -35.45
N THR J 6 18.79 -14.30 -35.68
CA THR J 6 19.82 -14.71 -36.62
C THR J 6 19.20 -15.19 -37.92
N ALA J 7 20.05 -15.66 -38.82
CA ALA J 7 19.61 -16.16 -40.11
C ALA J 7 19.23 -17.63 -40.01
N SER J 8 18.89 -18.23 -41.14
CA SER J 8 18.47 -19.63 -41.18
C SER J 8 18.69 -20.18 -42.58
N ARG J 9 18.65 -21.51 -42.68
CA ARG J 9 18.78 -22.19 -43.95
C ARG J 9 18.20 -23.59 -43.82
N PHE J 10 17.92 -24.21 -44.95
CA PHE J 10 17.44 -25.57 -44.98
C PHE J 10 18.61 -26.54 -45.08
N LEU J 11 18.38 -27.76 -44.60
CA LEU J 11 19.41 -28.79 -44.69
C LEU J 11 19.70 -29.10 -46.16
N THR J 12 20.97 -29.10 -46.52
CA THR J 12 21.35 -29.32 -47.91
C THR J 12 22.78 -29.82 -47.96
N SER J 13 23.14 -30.38 -49.11
CA SER J 13 24.48 -30.88 -49.37
C SER J 13 25.06 -30.14 -50.57
N VAL J 14 26.39 -30.02 -50.58
CA VAL J 14 27.07 -29.28 -51.64
C VAL J 14 27.18 -30.16 -52.87
N LEU J 15 26.55 -29.73 -53.97
CA LEU J 15 26.65 -30.41 -55.26
C LEU J 15 26.23 -31.87 -55.17
N HIS J 16 25.19 -32.13 -54.38
CA HIS J 16 24.69 -33.49 -54.16
C HIS J 16 25.81 -34.41 -53.69
N ASN J 17 26.55 -33.94 -52.69
CA ASN J 17 27.67 -34.71 -52.15
C ASN J 17 27.17 -36.03 -51.57
N GLY J 18 27.95 -37.09 -51.79
CA GLY J 18 27.63 -38.39 -51.25
C GLY J 18 26.61 -39.18 -52.03
N LEU J 19 26.07 -38.64 -53.12
CA LEU J 19 25.07 -39.35 -53.90
C LEU J 19 25.73 -40.36 -54.84
N GLY J 20 26.53 -39.87 -55.79
CA GLY J 20 27.30 -40.76 -56.64
C GLY J 20 28.61 -41.14 -56.00
N ARG J 21 29.31 -40.14 -55.46
CA ARG J 21 30.53 -40.37 -54.71
C ARG J 21 30.67 -39.27 -53.67
N TYR J 22 31.46 -39.55 -52.63
CA TYR J 22 31.72 -38.57 -51.58
C TYR J 22 33.00 -37.82 -51.88
N VAL J 23 32.90 -36.49 -51.95
CA VAL J 23 34.04 -35.62 -52.20
C VAL J 23 34.26 -34.78 -50.94
N GLN J 24 35.47 -34.84 -50.40
CA GLN J 24 35.80 -34.06 -49.22
C GLN J 24 35.71 -32.57 -49.56
N GLN J 25 35.03 -31.82 -48.69
CA GLN J 25 34.77 -30.41 -48.94
C GLN J 25 35.89 -29.49 -48.48
N LEU J 26 36.83 -29.99 -47.69
CA LEU J 26 37.96 -29.17 -47.27
C LEU J 26 38.97 -29.08 -48.41
N GLN J 27 39.19 -27.87 -48.92
CA GLN J 27 40.09 -27.67 -50.05
C GLN J 27 41.50 -27.33 -49.59
N ARG J 28 41.64 -26.32 -48.72
CA ARG J 28 42.97 -25.96 -48.24
C ARG J 28 42.91 -25.60 -46.77
N LEU J 29 44.05 -25.78 -46.10
CA LEU J 29 44.19 -25.54 -44.67
C LEU J 29 45.51 -24.80 -44.46
N SER J 30 45.44 -23.54 -44.04
CA SER J 30 46.61 -22.69 -43.88
C SER J 30 46.82 -22.40 -42.41
N PHE J 31 47.94 -22.88 -41.86
CA PHE J 31 48.33 -22.57 -40.49
C PHE J 31 49.28 -21.38 -40.51
N SER J 32 49.00 -20.38 -39.67
CA SER J 32 49.88 -19.25 -39.46
C SER J 32 50.29 -19.25 -38.00
N LEU J 33 51.59 -19.49 -37.76
CA LEU J 33 52.09 -19.65 -36.40
C LEU J 33 53.37 -18.85 -36.25
N SER J 34 53.99 -18.97 -35.08
CA SER J 34 55.23 -18.27 -34.77
C SER J 34 56.25 -19.27 -34.23
N ARG J 35 57.52 -19.01 -34.54
CA ARG J 35 58.60 -19.91 -34.15
C ARG J 35 59.09 -19.69 -32.73
N ASP J 36 58.72 -18.57 -32.09
CA ASP J 36 59.22 -18.28 -30.75
C ASP J 36 58.16 -17.79 -29.77
N ALA J 37 56.97 -17.40 -30.23
CA ALA J 37 55.96 -16.92 -29.32
C ALA J 37 55.47 -18.06 -28.42
N PRO J 38 55.35 -17.83 -27.11
CA PRO J 38 54.86 -18.91 -26.23
C PRO J 38 53.44 -19.36 -26.54
N SER J 39 52.62 -18.50 -27.14
CA SER J 39 51.26 -18.87 -27.48
C SER J 39 51.17 -19.80 -28.68
N SER J 40 52.24 -19.92 -29.46
CA SER J 40 52.26 -20.78 -30.63
C SER J 40 52.88 -22.14 -30.36
N ARG J 41 53.10 -22.48 -29.09
CA ARG J 41 53.77 -23.74 -28.76
C ARG J 41 52.95 -24.93 -29.20
N GLY J 42 51.63 -24.90 -28.98
CA GLY J 42 50.78 -25.98 -29.42
C GLY J 42 50.79 -26.17 -30.92
N ALA J 43 50.73 -25.06 -31.66
CA ALA J 43 50.79 -25.13 -33.12
C ALA J 43 52.13 -25.68 -33.58
N ARG J 44 53.22 -25.26 -32.93
CA ARG J 44 54.54 -25.77 -33.30
C ARG J 44 54.63 -27.27 -33.07
N GLU J 45 54.13 -27.75 -31.93
CA GLU J 45 54.16 -29.18 -31.67
C GLU J 45 53.28 -29.94 -32.65
N PHE J 46 52.12 -29.38 -33.00
CA PHE J 46 51.26 -30.00 -34.00
C PHE J 46 51.98 -30.13 -35.33
N VAL J 47 52.64 -29.07 -35.78
CA VAL J 47 53.36 -29.11 -37.05
C VAL J 47 54.52 -30.09 -36.98
N GLU J 48 55.23 -30.14 -35.85
CA GLU J 48 56.33 -31.07 -35.70
C GLU J 48 55.86 -32.51 -35.78
N ARG J 49 54.75 -32.83 -35.12
CA ARG J 49 54.35 -34.22 -34.91
C ARG J 49 53.38 -34.73 -35.97
N GLU J 50 52.22 -34.12 -36.12
CA GLU J 50 51.09 -34.78 -36.76
C GLU J 50 50.43 -33.97 -37.87
N VAL J 51 51.12 -32.97 -38.43
CA VAL J 51 50.60 -32.35 -39.65
C VAL J 51 50.86 -33.25 -40.85
N THR J 52 51.98 -33.96 -40.86
CA THR J 52 52.29 -34.88 -41.95
C THR J 52 51.32 -36.05 -41.98
N ASP J 53 50.96 -36.58 -40.81
CA ASP J 53 50.00 -37.67 -40.75
C ASP J 53 48.64 -37.22 -41.26
N PHE J 54 48.20 -36.02 -40.89
CA PHE J 54 46.94 -35.49 -41.39
C PHE J 54 46.99 -35.28 -42.90
N ALA J 55 48.11 -34.78 -43.41
CA ALA J 55 48.25 -34.58 -44.86
C ALA J 55 48.19 -35.91 -45.60
N ARG J 56 48.83 -36.95 -45.06
CA ARG J 56 48.78 -38.26 -45.70
C ARG J 56 47.39 -38.87 -45.61
N ARG J 57 46.68 -38.64 -44.50
CA ARG J 57 45.33 -39.19 -44.37
C ARG J 57 44.36 -38.49 -45.30
N ASN J 58 44.55 -37.19 -45.53
CA ASN J 58 43.66 -36.40 -46.40
C ASN J 58 44.47 -35.85 -47.57
N PRO J 59 44.56 -36.59 -48.67
CA PRO J 59 45.32 -36.09 -49.83
C PRO J 59 44.59 -35.05 -50.66
N GLY J 60 43.30 -34.85 -50.42
CA GLY J 60 42.53 -33.89 -51.18
C GLY J 60 42.55 -32.47 -50.65
N VAL J 61 43.35 -32.19 -49.61
CA VAL J 61 43.43 -30.88 -49.01
C VAL J 61 44.89 -30.41 -49.08
N VAL J 62 45.09 -29.17 -49.51
CA VAL J 62 46.42 -28.58 -49.59
C VAL J 62 46.71 -27.87 -48.28
N ILE J 63 47.77 -28.28 -47.60
CA ILE J 63 48.12 -27.74 -46.29
C ILE J 63 49.33 -26.84 -46.42
N TYR J 64 49.16 -25.58 -46.01
CA TYR J 64 50.25 -24.62 -45.98
C TYR J 64 50.59 -24.29 -44.53
N VAL J 65 51.88 -24.10 -44.26
CA VAL J 65 52.36 -23.73 -42.93
C VAL J 65 53.23 -22.50 -43.08
N ASN J 66 52.93 -21.45 -42.30
CA ASN J 66 53.64 -20.18 -42.36
C ASN J 66 54.13 -19.78 -40.98
N PRO J 67 55.43 -19.97 -40.69
CA PRO J 67 56.02 -19.38 -39.48
C PRO J 67 56.36 -17.91 -39.72
N ARG J 68 55.61 -17.03 -39.10
CA ARG J 68 55.77 -15.59 -39.23
C ARG J 68 55.66 -14.96 -37.85
N PRO J 69 56.19 -13.76 -37.67
CA PRO J 69 56.10 -13.11 -36.35
C PRO J 69 54.69 -12.68 -36.01
N CYS J 70 53.86 -13.62 -35.56
CA CYS J 70 52.48 -13.35 -35.19
C CYS J 70 52.26 -13.66 -33.71
N CYS J 71 51.40 -12.87 -33.08
CA CYS J 71 51.09 -13.04 -31.66
C CYS J 71 50.05 -14.12 -31.41
N VAL J 72 49.03 -14.23 -32.27
CA VAL J 72 47.99 -15.23 -32.14
C VAL J 72 48.11 -16.20 -33.32
N PRO J 73 48.20 -17.50 -33.08
CA PRO J 73 48.23 -18.45 -34.20
C PRO J 73 46.84 -18.75 -34.72
N ARG J 74 46.73 -18.86 -36.05
CA ARG J 74 45.45 -19.03 -36.69
C ARG J 74 45.48 -20.18 -37.68
N VAL J 75 44.30 -20.72 -37.97
CA VAL J 75 44.11 -21.72 -39.01
C VAL J 75 42.97 -21.26 -39.91
N VAL J 76 43.21 -21.26 -41.21
CA VAL J 76 42.24 -20.83 -42.21
C VAL J 76 41.87 -22.03 -43.05
N ALA J 77 40.59 -22.41 -43.02
CA ALA J 77 40.09 -23.53 -43.79
C ALA J 77 39.24 -22.99 -44.93
N GLU J 78 39.68 -23.24 -46.16
CA GLU J 78 38.95 -22.81 -47.34
C GLU J 78 38.34 -24.04 -48.00
N TYR J 79 37.03 -23.97 -48.25
CA TYR J 79 36.26 -25.10 -48.76
C TYR J 79 35.99 -24.95 -50.25
N LEU J 80 35.41 -26.01 -50.83
CA LEU J 80 35.12 -26.02 -52.26
C LEU J 80 34.11 -24.96 -52.64
N ASN J 81 33.26 -24.55 -51.70
CA ASN J 81 32.29 -23.48 -51.96
C ASN J 81 32.93 -22.12 -52.07
N GLY J 82 34.22 -21.99 -51.75
CA GLY J 82 34.82 -20.70 -51.54
C GLY J 82 34.64 -20.16 -50.14
N ALA J 83 33.98 -20.90 -49.27
CA ALA J 83 33.78 -20.47 -47.89
C ALA J 83 35.10 -20.52 -47.14
N VAL J 84 35.33 -19.51 -46.31
CA VAL J 84 36.54 -19.38 -45.51
C VAL J 84 36.15 -19.39 -44.05
N ARG J 85 36.74 -20.29 -43.27
CA ARG J 85 36.53 -20.38 -41.83
C ARG J 85 37.86 -20.12 -41.14
N GLU J 86 37.92 -19.07 -40.35
CA GLU J 86 39.14 -18.67 -39.66
C GLU J 86 38.98 -18.97 -38.18
N GLU J 87 39.85 -19.81 -37.64
CA GLU J 87 39.84 -20.19 -36.24
C GLU J 87 41.15 -19.82 -35.59
N SER J 88 41.11 -19.62 -34.28
CA SER J 88 42.29 -19.26 -33.50
C SER J 88 42.74 -20.48 -32.72
N ILE J 89 44.02 -20.83 -32.85
CA ILE J 89 44.59 -21.97 -32.14
C ILE J 89 45.48 -21.43 -31.03
N HIS J 90 45.13 -20.24 -30.54
CA HIS J 90 45.91 -19.55 -29.52
C HIS J 90 45.87 -20.33 -28.20
N CYS J 91 47.04 -20.79 -27.76
CA CYS J 91 47.21 -21.45 -26.47
C CYS J 91 46.28 -22.66 -26.33
N LYS J 92 46.50 -23.65 -27.19
CA LYS J 92 45.75 -24.88 -27.17
C LYS J 92 46.71 -26.06 -27.24
N SER J 93 46.30 -27.17 -26.61
CA SER J 93 47.13 -28.37 -26.59
C SER J 93 47.14 -29.02 -27.97
N VAL J 94 48.09 -29.94 -28.15
CA VAL J 94 48.21 -30.64 -29.43
C VAL J 94 46.95 -31.44 -29.72
N GLU J 95 46.37 -32.06 -28.69
CA GLU J 95 45.13 -32.80 -28.87
C GLU J 95 43.99 -31.87 -29.28
N GLU J 96 43.93 -30.68 -28.70
CA GLU J 96 42.91 -29.72 -29.10
C GLU J 96 43.10 -29.26 -30.54
N ILE J 97 44.36 -29.04 -30.95
CA ILE J 97 44.62 -28.68 -32.34
C ILE J 97 44.18 -29.81 -33.28
N ALA J 98 44.49 -31.05 -32.91
CA ALA J 98 44.11 -32.19 -33.74
C ALA J 98 42.59 -32.29 -33.86
N ALA J 99 41.88 -32.12 -32.73
CA ALA J 99 40.43 -32.20 -32.76
C ALA J 99 39.83 -31.09 -33.61
N LEU J 100 40.35 -29.86 -33.48
CA LEU J 100 39.85 -28.76 -34.28
C LEU J 100 40.09 -28.98 -35.77
N VAL J 101 41.29 -29.47 -36.12
CA VAL J 101 41.62 -29.70 -37.52
C VAL J 101 40.74 -30.80 -38.10
N GLN J 102 40.52 -31.87 -37.33
CA GLN J 102 39.66 -32.95 -37.80
C GLN J 102 38.21 -32.47 -37.96
N LYS J 103 37.74 -31.63 -37.04
CA LYS J 103 36.40 -31.06 -37.17
C LYS J 103 36.29 -30.21 -38.44
N LEU J 104 37.31 -29.39 -38.71
CA LEU J 104 37.30 -28.58 -39.91
C LEU J 104 37.29 -29.45 -41.16
N ALA J 105 38.07 -30.54 -41.15
CA ALA J 105 38.10 -31.45 -42.30
C ALA J 105 36.75 -32.13 -42.49
N ASP J 106 36.08 -32.49 -41.39
CA ASP J 106 34.81 -33.20 -41.49
C ASP J 106 33.68 -32.28 -41.91
N GLN J 107 33.74 -30.99 -41.55
CA GLN J 107 32.66 -30.07 -41.87
C GLN J 107 32.52 -29.89 -43.37
N SER J 108 31.29 -29.59 -43.80
CA SER J 108 30.97 -29.42 -45.22
C SER J 108 31.23 -28.02 -45.74
N GLY J 109 31.56 -27.07 -44.86
CA GLY J 109 31.84 -25.71 -45.27
C GLY J 109 30.63 -24.81 -45.38
N LEU J 110 29.42 -25.35 -45.22
CA LEU J 110 28.22 -24.52 -45.25
C LEU J 110 28.13 -23.67 -43.98
N ASP J 111 27.32 -22.62 -44.06
CA ASP J 111 27.15 -21.72 -42.93
C ASP J 111 26.55 -22.46 -41.74
N VAL J 112 27.15 -22.25 -40.57
CA VAL J 112 26.69 -22.90 -39.34
C VAL J 112 25.65 -21.96 -38.74
N ILE J 113 24.39 -22.11 -39.18
CA ILE J 113 23.28 -21.31 -38.72
C ILE J 113 22.11 -22.25 -38.41
N ARG J 114 20.98 -21.67 -38.06
CA ARG J 114 19.80 -22.45 -37.71
C ARG J 114 19.34 -23.25 -38.93
N ILE J 115 19.19 -24.55 -38.74
CA ILE J 115 18.69 -25.43 -39.80
C ILE J 115 17.20 -25.64 -39.55
N ARG J 116 16.38 -25.30 -40.54
CA ARG J 116 14.93 -25.30 -40.35
C ARG J 116 14.40 -26.71 -40.10
N LYS J 117 14.89 -27.69 -40.86
CA LYS J 117 14.42 -29.06 -40.71
C LYS J 117 15.60 -30.01 -40.57
N PRO J 118 15.46 -31.06 -39.76
CA PRO J 118 16.53 -32.06 -39.63
C PRO J 118 16.62 -33.03 -40.80
N PHE J 119 15.97 -32.71 -41.92
CA PHE J 119 15.85 -33.62 -43.05
C PHE J 119 15.56 -32.83 -44.30
N HIS J 120 15.85 -33.44 -45.45
CA HIS J 120 15.59 -32.79 -46.74
C HIS J 120 15.54 -33.87 -47.81
N THR J 121 14.40 -33.99 -48.49
CA THR J 121 14.25 -34.91 -49.61
C THR J 121 13.56 -34.21 -50.76
N ASP J 122 13.85 -34.68 -51.96
CA ASP J 122 13.24 -34.17 -53.18
C ASP J 122 12.16 -35.13 -53.66
N SER J 123 10.99 -34.59 -53.97
CA SER J 123 9.82 -35.38 -54.36
C SER J 123 9.47 -36.38 -53.26
N PRO J 124 8.96 -35.92 -52.12
CA PRO J 124 8.56 -36.85 -51.05
C PRO J 124 7.13 -37.37 -51.18
N SER J 125 6.46 -37.11 -52.30
CA SER J 125 5.04 -37.38 -52.47
C SER J 125 4.80 -38.69 -53.22
N ILE J 126 5.60 -39.71 -52.96
CA ILE J 126 5.38 -41.03 -53.54
C ILE J 126 3.93 -41.44 -53.35
N GLN J 127 3.38 -42.13 -54.36
CA GLN J 127 1.99 -42.59 -54.40
C GLN J 127 0.99 -41.48 -54.12
N GLY J 128 1.37 -40.24 -54.39
CA GLY J 128 0.46 -39.11 -54.35
C GLY J 128 0.74 -38.19 -53.18
N GLN J 129 0.06 -37.05 -53.22
CA GLN J 129 0.06 -36.07 -52.13
C GLN J 129 -1.37 -35.70 -51.82
N TRP J 130 -1.64 -35.43 -50.54
CA TRP J 130 -3.01 -35.20 -50.11
C TRP J 130 -3.57 -33.91 -50.69
N HIS J 131 -4.74 -34.00 -51.29
CA HIS J 131 -5.58 -32.87 -51.68
C HIS J 131 -7.00 -33.20 -51.25
N PRO J 132 -7.84 -32.17 -51.04
CA PRO J 132 -9.18 -32.43 -50.47
C PRO J 132 -10.01 -33.41 -51.26
N PHE J 133 -9.65 -33.71 -52.50
CA PHE J 133 -10.39 -34.67 -53.32
C PHE J 133 -9.76 -36.06 -53.32
N THR J 134 -8.71 -36.28 -52.54
CA THR J 134 -8.04 -37.57 -52.56
C THR J 134 -8.79 -38.65 -51.81
N ASN J 135 -9.79 -38.29 -51.00
CA ASN J 135 -10.49 -39.27 -50.18
C ASN J 135 -12.00 -39.03 -50.20
N LYS J 136 -12.51 -38.49 -51.30
CA LYS J 136 -13.94 -38.22 -51.44
C LYS J 136 -14.53 -39.07 -52.55
N PRO J 137 -15.62 -39.79 -52.30
CA PRO J 137 -16.23 -40.61 -53.36
C PRO J 137 -16.85 -39.74 -54.44
N THR J 138 -16.88 -40.28 -55.66
CA THR J 138 -17.51 -39.60 -56.78
C THR J 138 -18.95 -40.08 -56.94
N THR J 139 -19.82 -39.15 -57.30
CA THR J 139 -21.23 -39.46 -57.54
C THR J 139 -21.48 -39.66 -59.03
N LEU J 140 -22.59 -40.33 -59.33
CA LEU J 140 -22.93 -40.64 -60.72
C LEU J 140 -23.27 -39.36 -61.48
N GLY J 141 -22.50 -39.08 -62.54
CA GLY J 141 -22.69 -37.88 -63.32
C GLY J 141 -21.99 -36.65 -62.77
N GLY J 142 -21.30 -36.77 -61.64
CA GLY J 142 -20.64 -35.62 -61.05
C GLY J 142 -21.58 -34.52 -60.62
N LEU J 143 -22.73 -34.89 -60.05
CA LEU J 143 -23.75 -33.91 -59.70
C LEU J 143 -23.44 -33.27 -58.34
N ARG J 144 -23.81 -32.00 -58.23
CA ARG J 144 -23.65 -31.27 -56.98
C ARG J 144 -24.68 -31.74 -55.96
N PRO J 145 -24.47 -31.44 -54.67
CA PRO J 145 -25.42 -31.92 -53.65
C PRO J 145 -26.87 -31.54 -53.89
N ARG J 146 -27.13 -30.33 -54.38
CA ARG J 146 -28.49 -29.87 -54.61
C ARG J 146 -28.71 -29.54 -56.08
N GLU J 147 -28.08 -30.32 -56.96
CA GLU J 147 -28.24 -30.15 -58.41
C GLU J 147 -29.07 -31.29 -58.95
N VAL J 148 -30.11 -30.97 -59.70
CA VAL J 148 -31.02 -31.95 -60.28
C VAL J 148 -30.73 -32.05 -61.78
N GLN J 149 -30.44 -33.26 -62.24
CA GLN J 149 -30.15 -33.48 -63.66
C GLN J 149 -31.42 -33.84 -64.43
N ALA K 31 42.51 10.62 -22.67
CA ALA K 31 43.47 9.69 -23.24
C ALA K 31 43.58 8.43 -22.39
N LYS K 32 43.16 7.30 -22.96
CA LYS K 32 43.23 6.00 -22.30
C LYS K 32 44.48 5.27 -22.77
N LYS K 33 45.33 4.89 -21.83
CA LYS K 33 46.57 4.19 -22.16
C LYS K 33 46.26 2.77 -22.61
N GLY K 34 46.84 2.37 -23.73
CA GLY K 34 46.61 1.03 -24.24
C GLY K 34 46.75 0.90 -25.74
N PHE K 35 47.13 -0.29 -26.19
CA PHE K 35 47.28 -0.60 -27.60
C PHE K 35 46.28 -1.63 -28.10
N ARG K 36 45.77 -2.49 -27.21
CA ARG K 36 44.83 -3.52 -27.62
C ARG K 36 43.54 -2.93 -28.16
N ALA K 37 43.01 -1.91 -27.49
CA ALA K 37 41.79 -1.26 -27.96
C ALA K 37 41.99 -0.60 -29.31
N ALA K 38 43.14 0.06 -29.50
CA ALA K 38 43.43 0.69 -30.79
C ALA K 38 43.52 -0.34 -31.90
N TYR K 39 44.21 -1.46 -31.65
CA TYR K 39 44.33 -2.50 -32.67
C TYR K 39 42.98 -3.12 -32.99
N ARG K 40 42.17 -3.39 -31.97
CA ARG K 40 40.85 -3.97 -32.19
C ARG K 40 39.96 -3.00 -32.98
N PHE K 41 40.02 -1.72 -32.67
CA PHE K 41 39.23 -0.76 -33.43
C PHE K 41 39.76 -0.58 -34.84
N GLN K 42 41.06 -0.78 -35.06
CA GLN K 42 41.58 -0.77 -36.42
C GLN K 42 41.01 -1.94 -37.22
N LYS K 43 40.91 -3.11 -36.59
CA LYS K 43 40.25 -4.24 -37.24
C LYS K 43 38.79 -3.91 -37.55
N GLU K 44 38.11 -3.26 -36.60
CA GLU K 44 36.72 -2.86 -36.82
C GLU K 44 36.59 -1.86 -37.97
N LEU K 45 37.51 -0.91 -38.06
CA LEU K 45 37.50 0.06 -39.15
C LEU K 45 37.74 -0.62 -40.49
N GLU K 46 38.66 -1.59 -40.54
CA GLU K 46 38.87 -2.35 -41.76
C GLU K 46 37.61 -3.11 -42.16
N ARG K 47 36.92 -3.70 -41.17
CA ARG K 47 35.67 -4.39 -41.46
C ARG K 47 34.62 -3.44 -42.03
N TRP K 48 34.50 -2.25 -41.43
CA TRP K 48 33.53 -1.27 -41.92
C TRP K 48 33.87 -0.82 -43.34
N ARG K 49 35.15 -0.59 -43.61
CA ARG K 49 35.55 -0.18 -44.95
C ARG K 49 35.26 -1.27 -45.98
N LEU K 50 35.53 -2.52 -45.63
CA LEU K 50 35.23 -3.62 -46.54
C LEU K 50 33.73 -3.75 -46.77
N LEU K 51 32.93 -3.55 -45.72
CA LEU K 51 31.48 -3.64 -45.88
C LEU K 51 30.94 -2.47 -46.71
N ARG K 52 31.55 -1.29 -46.60
CA ARG K 52 31.07 -0.13 -47.34
C ARG K 52 31.47 -0.20 -48.81
N CYS K 53 32.75 -0.50 -49.10
CA CYS K 53 33.27 -0.56 -50.45
C CYS K 53 33.83 -1.95 -50.69
N PRO K 54 33.03 -2.89 -51.17
CA PRO K 54 33.52 -4.24 -51.42
C PRO K 54 34.51 -4.25 -52.57
N PRO K 55 35.74 -4.72 -52.33
CA PRO K 55 36.73 -4.73 -53.41
C PRO K 55 36.33 -5.73 -54.48
N PRO K 56 36.70 -5.48 -55.74
CA PRO K 56 36.40 -6.45 -56.79
C PRO K 56 37.07 -7.77 -56.50
N PRO K 57 36.42 -8.89 -56.82
CA PRO K 57 37.00 -10.20 -56.50
C PRO K 57 38.32 -10.41 -57.23
N VAL K 58 39.27 -11.03 -56.53
CA VAL K 58 40.60 -11.28 -57.05
C VAL K 58 40.82 -12.79 -57.13
N ARG K 59 41.78 -13.17 -57.98
CA ARG K 59 42.05 -14.58 -58.21
C ARG K 59 42.64 -15.23 -56.97
N ARG K 60 42.23 -16.49 -56.73
CA ARG K 60 42.85 -17.25 -55.65
C ARG K 60 44.34 -17.44 -55.88
N SER K 61 44.77 -17.46 -57.15
CA SER K 61 46.20 -17.47 -57.44
C SER K 61 46.86 -16.18 -56.99
N GLU K 62 46.20 -15.04 -57.21
CA GLU K 62 46.73 -13.77 -56.74
C GLU K 62 46.70 -13.66 -55.22
N LYS K 63 45.84 -14.44 -54.56
CA LYS K 63 45.87 -14.51 -53.11
C LYS K 63 47.17 -15.16 -52.65
N PRO K 64 47.63 -14.86 -51.41
CA PRO K 64 49.00 -15.25 -51.01
C PRO K 64 49.27 -16.74 -51.01
N ASN K 65 48.47 -17.52 -50.28
CA ASN K 65 48.73 -18.95 -50.15
C ASN K 65 48.31 -19.66 -51.42
N TRP K 66 49.27 -19.96 -52.29
CA TRP K 66 48.98 -20.60 -53.56
C TRP K 66 50.18 -21.42 -54.02
N ASP K 67 49.90 -22.59 -54.58
CA ASP K 67 50.93 -23.47 -55.14
C ASP K 67 50.25 -24.31 -56.22
N TYR K 68 50.47 -23.94 -57.48
CA TYR K 68 49.66 -24.49 -58.58
C TYR K 68 49.82 -26.01 -58.69
N HIS K 69 51.05 -26.52 -58.54
CA HIS K 69 51.26 -27.96 -58.62
C HIS K 69 50.51 -28.70 -57.52
N ALA K 70 50.57 -28.18 -56.29
CA ALA K 70 49.85 -28.81 -55.19
C ALA K 70 48.35 -28.76 -55.41
N GLU K 71 47.85 -27.65 -55.93
CA GLU K 71 46.42 -27.54 -56.22
C GLU K 71 46.00 -28.54 -57.29
N ILE K 72 46.82 -28.71 -58.32
CA ILE K 72 46.50 -29.68 -59.38
C ILE K 72 46.46 -31.09 -58.81
N GLN K 73 47.47 -31.44 -58.00
CA GLN K 73 47.50 -32.79 -57.41
C GLN K 73 46.31 -33.01 -56.49
N ALA K 74 45.95 -32.01 -55.68
CA ALA K 74 44.79 -32.15 -54.79
C ALA K 74 43.50 -32.27 -55.58
N PHE K 75 43.36 -31.51 -56.67
CA PHE K 75 42.17 -31.62 -57.51
C PHE K 75 42.06 -33.01 -58.10
N GLY K 76 43.19 -33.58 -58.53
CA GLY K 76 43.17 -34.95 -59.02
C GLY K 76 42.81 -35.95 -57.94
N HIS K 77 43.35 -35.76 -56.72
CA HIS K 77 43.19 -36.75 -55.67
C HIS K 77 41.80 -36.74 -55.05
N ARG K 78 41.22 -35.56 -54.83
CA ARG K 78 39.96 -35.47 -54.10
C ARG K 78 38.79 -36.04 -54.88
N LEU K 79 38.90 -36.16 -56.20
CA LEU K 79 37.86 -36.76 -57.02
C LEU K 79 38.04 -38.26 -57.19
N GLN K 80 39.03 -38.86 -56.54
CA GLN K 80 39.31 -40.29 -56.60
C GLN K 80 39.60 -40.74 -58.04
N GLU K 81 40.25 -39.90 -58.81
CA GLU K 81 40.61 -40.21 -60.18
C GLU K 81 42.11 -39.98 -60.39
N THR K 82 42.68 -40.74 -61.30
CA THR K 82 44.11 -40.68 -61.60
C THR K 82 44.28 -39.92 -62.92
N PHE K 83 44.43 -38.60 -62.81
CA PHE K 83 44.66 -37.76 -63.98
C PHE K 83 46.13 -37.84 -64.40
N SER K 84 46.44 -37.19 -65.52
CA SER K 84 47.81 -36.94 -65.94
C SER K 84 48.11 -35.47 -65.71
N LEU K 85 49.23 -35.19 -65.05
CA LEU K 85 49.53 -33.82 -64.65
C LEU K 85 49.69 -32.91 -65.86
N ASP K 86 50.42 -33.37 -66.89
CA ASP K 86 50.59 -32.56 -68.09
C ASP K 86 49.27 -32.32 -68.79
N LEU K 87 48.43 -33.35 -68.87
CA LEU K 87 47.12 -33.19 -69.50
C LEU K 87 46.26 -32.19 -68.74
N LEU K 88 46.28 -32.23 -67.41
CA LEU K 88 45.52 -31.28 -66.63
C LEU K 88 46.04 -29.86 -66.81
N LYS K 89 47.37 -29.69 -66.85
CA LYS K 89 47.94 -28.37 -67.07
C LYS K 89 47.56 -27.82 -68.43
N THR K 90 47.55 -28.68 -69.45
CA THR K 90 47.13 -28.25 -70.78
C THR K 90 45.62 -28.04 -70.89
N ALA K 91 44.83 -28.69 -70.03
CA ALA K 91 43.39 -28.51 -70.06
C ALA K 91 42.92 -27.29 -69.29
N PHE K 92 43.67 -26.86 -68.28
CA PHE K 92 43.27 -25.71 -67.48
C PHE K 92 43.70 -24.38 -68.09
N VAL K 93 44.39 -24.39 -69.23
CA VAL K 93 44.85 -23.17 -69.90
C VAL K 93 43.90 -22.86 -71.06
N ASN K 94 43.50 -21.60 -71.17
CA ASN K 94 42.54 -21.16 -72.16
C ASN K 94 43.20 -20.25 -73.19
N SER K 95 42.49 -20.05 -74.30
CA SER K 95 43.01 -19.20 -75.38
C SER K 95 43.15 -17.75 -74.93
N CYS K 96 42.19 -17.26 -74.15
CA CYS K 96 42.24 -15.88 -73.69
C CYS K 96 43.47 -15.62 -72.82
N TYR K 97 43.81 -16.59 -71.97
CA TYR K 97 45.02 -16.47 -71.16
C TYR K 97 46.26 -16.38 -72.05
N ILE K 98 46.33 -17.20 -73.10
CA ILE K 98 47.48 -17.16 -73.99
C ILE K 98 47.57 -15.82 -74.71
N LYS K 99 46.43 -15.31 -75.18
CA LYS K 99 46.44 -14.01 -75.85
C LYS K 99 46.86 -12.89 -74.90
N SER K 100 46.38 -12.94 -73.65
CA SER K 100 46.77 -11.93 -72.68
C SER K 100 48.27 -12.02 -72.37
N GLU K 101 48.80 -13.23 -72.25
CA GLU K 101 50.23 -13.39 -72.02
C GLU K 101 51.04 -12.87 -73.19
N GLU K 102 50.58 -13.12 -74.42
CA GLU K 102 51.25 -12.58 -75.59
C GLU K 102 51.23 -11.06 -75.61
N ALA K 103 50.09 -10.47 -75.24
CA ALA K 103 49.99 -9.02 -75.17
C ALA K 103 50.94 -8.45 -74.11
N LYS K 104 51.01 -9.11 -72.95
CA LYS K 104 51.94 -8.66 -71.91
C LYS K 104 53.38 -8.77 -72.38
N ARG K 105 53.72 -9.85 -73.09
CA ARG K 105 55.07 -10.03 -73.61
C ARG K 105 55.42 -8.94 -74.61
N GLN K 106 54.50 -8.62 -75.52
CA GLN K 106 54.80 -7.61 -76.53
C GLN K 106 54.79 -6.21 -75.92
N LYS K 107 54.08 -6.01 -74.82
CA LYS K 107 54.13 -4.72 -74.14
C LYS K 107 55.43 -4.55 -73.37
N LEU K 108 55.90 -5.62 -72.74
CA LEU K 108 57.16 -5.54 -71.99
C LEU K 108 58.36 -5.45 -72.92
N GLY K 109 58.33 -6.18 -74.03
CA GLY K 109 59.41 -6.12 -74.99
C GLY K 109 60.47 -7.19 -74.86
N ILE K 110 60.10 -8.40 -74.42
CA ILE K 110 61.03 -9.50 -74.28
C ILE K 110 60.57 -10.65 -75.17
N ASP K 111 61.39 -11.70 -75.23
CA ASP K 111 61.14 -12.86 -76.07
C ASP K 111 60.62 -14.00 -75.20
N LYS K 112 59.43 -14.52 -75.55
CA LYS K 112 58.83 -15.64 -74.84
C LYS K 112 58.26 -16.68 -75.80
N GLU K 113 58.67 -16.64 -77.07
CA GLU K 113 58.14 -17.57 -78.06
C GLU K 113 58.73 -18.97 -77.92
N ALA K 114 59.84 -19.12 -77.20
CA ALA K 114 60.48 -20.42 -77.07
C ALA K 114 59.58 -21.41 -76.34
N ALA K 115 58.90 -20.97 -75.28
CA ALA K 115 58.08 -21.85 -74.46
C ALA K 115 56.59 -21.59 -74.58
N LEU K 116 56.18 -20.32 -74.68
CA LEU K 116 54.75 -20.00 -74.70
C LEU K 116 54.07 -20.43 -75.99
N LEU K 117 54.84 -20.68 -77.06
CA LEU K 117 54.23 -21.16 -78.30
C LEU K 117 53.69 -22.57 -78.15
N ASN K 118 54.29 -23.38 -77.28
CA ASN K 118 53.86 -24.75 -77.03
C ASN K 118 53.03 -24.86 -75.76
N LEU K 119 52.20 -23.84 -75.47
CA LEU K 119 51.36 -23.88 -74.28
C LEU K 119 50.28 -24.95 -74.36
N LYS K 120 49.96 -25.43 -75.55
CA LYS K 120 49.01 -26.54 -75.77
C LYS K 120 47.64 -26.19 -75.18
N ASP K 121 47.01 -25.20 -75.83
CA ASP K 121 45.67 -24.76 -75.48
C ASP K 121 44.69 -25.93 -75.43
N ASN K 122 43.60 -25.77 -74.67
CA ASN K 122 42.67 -26.86 -74.38
C ASN K 122 41.53 -26.95 -75.38
N GLN K 123 41.71 -26.50 -76.62
CA GLN K 123 40.62 -26.54 -77.60
C GLN K 123 40.26 -27.98 -77.95
N GLU K 124 41.25 -28.79 -78.31
CA GLU K 124 40.97 -30.17 -78.69
C GLU K 124 40.46 -30.98 -77.51
N LEU K 125 41.05 -30.78 -76.33
CA LEU K 125 40.57 -31.48 -75.14
C LEU K 125 39.12 -31.10 -74.83
N SER K 126 38.80 -29.81 -74.96
CA SER K 126 37.43 -29.36 -74.68
C SER K 126 36.44 -29.96 -75.67
N GLU K 127 36.79 -29.96 -76.96
CA GLU K 127 35.84 -30.51 -77.94
C GLU K 127 35.69 -32.01 -77.78
N GLN K 128 36.78 -32.73 -77.48
CA GLN K 128 36.67 -34.16 -77.21
C GLN K 128 35.81 -34.43 -75.99
N GLY K 129 35.99 -33.64 -74.93
CA GLY K 129 35.19 -33.81 -73.74
C GLY K 129 33.71 -33.52 -73.99
N ILE K 130 33.42 -32.47 -74.77
CA ILE K 130 32.03 -32.16 -75.09
C ILE K 130 31.39 -33.31 -75.86
N SER K 131 32.09 -33.82 -76.87
CA SER K 131 31.54 -34.92 -77.67
C SER K 131 31.30 -36.16 -76.81
N PHE K 132 32.29 -36.52 -75.99
CA PHE K 132 32.14 -37.71 -75.15
C PHE K 132 31.03 -37.53 -74.14
N SER K 133 30.92 -36.35 -73.52
CA SER K 133 29.87 -36.12 -72.53
C SER K 133 28.50 -36.20 -73.17
N GLN K 134 28.34 -35.60 -74.36
CA GLN K 134 27.05 -35.67 -75.04
C GLN K 134 26.69 -37.11 -75.38
N THR K 135 27.66 -37.86 -75.92
CA THR K 135 27.38 -39.25 -76.29
C THR K 135 27.05 -40.10 -75.07
N CYS K 136 27.81 -39.92 -73.98
CA CYS K 136 27.57 -40.70 -72.76
C CYS K 136 26.21 -40.37 -72.15
N LEU K 137 25.85 -39.09 -72.10
CA LEU K 137 24.55 -38.71 -71.55
C LEU K 137 23.41 -39.25 -72.42
N THR K 138 23.58 -39.20 -73.74
CA THR K 138 22.56 -39.75 -74.63
C THR K 138 22.41 -41.26 -74.40
N GLN K 139 23.53 -41.98 -74.28
CA GLN K 139 23.46 -43.40 -74.02
C GLN K 139 22.78 -43.69 -72.69
N PHE K 140 23.12 -42.93 -71.65
CA PHE K 140 22.50 -43.09 -70.35
C PHE K 140 20.98 -42.90 -70.44
N PHE K 141 20.55 -41.86 -71.14
CA PHE K 141 19.12 -41.56 -71.20
C PHE K 141 18.36 -42.59 -72.03
N GLU K 142 18.92 -43.02 -73.16
CA GLU K 142 18.25 -44.05 -73.95
C GLU K 142 18.24 -45.40 -73.24
N ASP K 143 19.22 -45.65 -72.37
CA ASP K 143 19.22 -46.89 -71.60
C ASP K 143 18.20 -46.82 -70.46
N ALA K 144 18.08 -45.66 -69.82
CA ALA K 144 17.23 -45.56 -68.64
C ALA K 144 15.76 -45.39 -69.01
N PHE K 145 15.46 -44.53 -69.98
CA PHE K 145 14.09 -44.23 -70.39
C PHE K 145 13.94 -44.55 -71.87
N PRO K 146 13.62 -45.80 -72.22
CA PRO K 146 13.45 -46.14 -73.65
C PRO K 146 12.31 -45.40 -74.31
N ASP K 147 11.28 -45.01 -73.57
CA ASP K 147 10.11 -44.37 -74.15
C ASP K 147 10.30 -42.88 -74.39
N LEU K 148 11.37 -42.29 -73.88
CA LEU K 148 11.62 -40.87 -74.11
C LEU K 148 12.01 -40.65 -75.57
N PRO K 149 11.37 -39.73 -76.27
CA PRO K 149 11.71 -39.50 -77.69
C PRO K 149 13.08 -38.85 -77.84
N THR K 150 13.55 -38.82 -79.09
CA THR K 150 14.85 -38.25 -79.37
C THR K 150 14.91 -36.77 -79.02
N GLU K 151 13.82 -36.05 -79.28
CA GLU K 151 13.77 -34.63 -78.91
C GLU K 151 13.90 -34.45 -77.40
N GLY K 152 13.20 -35.29 -76.62
CA GLY K 152 13.30 -35.19 -75.18
C GLY K 152 14.69 -35.54 -74.67
N VAL K 153 15.31 -36.58 -75.23
CA VAL K 153 16.65 -36.97 -74.81
C VAL K 153 17.64 -35.86 -75.13
N THR K 154 17.53 -35.26 -76.33
CA THR K 154 18.41 -34.16 -76.69
C THR K 154 18.20 -32.95 -75.78
N SER K 155 16.94 -32.68 -75.42
CA SER K 155 16.67 -31.58 -74.49
C SER K 155 17.30 -31.83 -73.13
N LEU K 156 17.19 -33.06 -72.63
CA LEU K 156 17.81 -33.39 -71.35
C LEU K 156 19.33 -33.25 -71.42
N VAL K 157 19.94 -33.72 -72.51
CA VAL K 157 21.39 -33.62 -72.66
C VAL K 157 21.82 -32.15 -72.73
N ASP K 158 21.07 -31.33 -73.48
CA ASP K 158 21.40 -29.91 -73.57
C ASP K 158 21.25 -29.24 -72.22
N PHE K 159 20.23 -29.61 -71.44
CA PHE K 159 20.08 -29.04 -70.10
C PHE K 159 21.25 -29.43 -69.20
N LEU K 160 21.66 -30.70 -69.26
CA LEU K 160 22.73 -31.15 -68.38
C LEU K 160 24.07 -30.54 -68.75
N THR K 161 24.35 -30.40 -70.05
CA THR K 161 25.58 -29.79 -70.51
C THR K 161 25.44 -28.30 -70.76
N SER K 162 24.36 -27.69 -70.27
CA SER K 162 24.08 -26.29 -70.54
C SER K 162 25.05 -25.38 -69.79
N GLU K 163 24.80 -24.08 -69.94
CA GLU K 163 25.66 -23.07 -69.33
C GLU K 163 25.59 -23.12 -67.81
N GLU K 164 24.37 -23.05 -67.26
CA GLU K 164 24.22 -22.86 -65.81
C GLU K 164 24.64 -24.10 -65.03
N VAL K 165 24.24 -25.28 -65.48
CA VAL K 165 24.52 -26.51 -64.75
C VAL K 165 26.03 -26.76 -64.72
N VAL K 166 26.68 -26.65 -65.88
CA VAL K 166 28.11 -26.90 -65.94
C VAL K 166 28.88 -25.84 -65.16
N CYS K 167 28.45 -24.58 -65.24
CA CYS K 167 29.12 -23.54 -64.48
C CYS K 167 28.99 -23.78 -62.97
N HIS K 168 27.81 -24.16 -62.50
CA HIS K 168 27.64 -24.46 -61.08
C HIS K 168 28.49 -25.64 -60.65
N VAL K 169 28.53 -26.69 -61.46
CA VAL K 169 29.34 -27.86 -61.11
C VAL K 169 30.82 -27.50 -61.05
N ALA K 170 31.30 -26.73 -62.03
CA ALA K 170 32.70 -26.32 -62.03
C ALA K 170 33.03 -25.45 -60.83
N ARG K 171 32.14 -24.50 -60.51
CA ARG K 171 32.39 -23.63 -59.38
C ARG K 171 32.45 -24.40 -58.07
N ASN K 172 31.53 -25.36 -57.89
CA ASN K 172 31.54 -26.15 -56.67
C ASN K 172 32.62 -27.22 -56.66
N LEU K 173 33.20 -27.55 -57.81
CA LEU K 173 34.33 -28.47 -57.89
C LEU K 173 35.67 -27.74 -57.95
N ALA K 174 35.66 -26.41 -57.85
CA ALA K 174 36.89 -25.60 -57.80
C ALA K 174 37.66 -25.65 -59.12
N VAL K 175 36.95 -25.85 -60.23
CA VAL K 175 37.58 -25.74 -61.54
C VAL K 175 37.96 -24.30 -61.83
N GLU K 176 37.13 -23.35 -61.36
CA GLU K 176 37.36 -21.94 -61.67
C GLU K 176 38.68 -21.44 -61.10
N GLN K 177 39.01 -21.85 -59.86
CA GLN K 177 40.25 -21.40 -59.25
C GLN K 177 41.47 -21.89 -60.01
N LEU K 178 41.45 -23.14 -60.48
CA LEU K 178 42.57 -23.72 -61.19
C LEU K 178 42.63 -23.32 -62.66
N ALA K 179 41.56 -22.74 -63.19
CA ALA K 179 41.53 -22.37 -64.61
C ALA K 179 42.38 -21.14 -64.85
N LEU K 180 43.31 -21.25 -65.79
CA LEU K 180 44.20 -20.15 -66.15
C LEU K 180 43.53 -19.33 -67.26
N SER K 181 43.02 -18.16 -66.90
CA SER K 181 42.37 -17.28 -67.86
C SER K 181 42.27 -15.88 -67.28
N ALA K 182 42.23 -14.89 -68.16
CA ALA K 182 41.98 -13.52 -67.73
C ALA K 182 40.52 -13.36 -67.33
N GLU K 183 40.20 -12.20 -66.76
CA GLU K 183 38.83 -11.88 -66.34
C GLU K 183 38.31 -12.92 -65.34
N PHE K 184 38.90 -12.87 -64.13
CA PHE K 184 38.74 -13.82 -63.04
C PHE K 184 37.28 -14.25 -62.88
N PRO K 185 36.28 -13.38 -63.11
CA PRO K 185 34.91 -13.91 -63.25
C PRO K 185 34.78 -15.14 -64.13
N VAL K 186 35.70 -15.37 -65.07
CA VAL K 186 35.72 -16.56 -65.92
C VAL K 186 34.35 -16.72 -66.59
N PRO K 187 34.07 -15.97 -67.64
CA PRO K 187 32.75 -16.01 -68.29
C PRO K 187 32.27 -17.44 -68.50
N PRO K 188 30.96 -17.65 -68.48
CA PRO K 188 30.40 -19.01 -68.48
C PRO K 188 30.85 -19.84 -69.67
N PRO K 189 31.01 -19.26 -70.87
CA PRO K 189 31.62 -20.06 -71.95
C PRO K 189 33.00 -20.58 -71.59
N VAL K 190 33.82 -19.76 -70.93
CA VAL K 190 35.15 -20.21 -70.53
C VAL K 190 35.05 -21.28 -69.46
N LEU K 191 34.12 -21.12 -68.51
CA LEU K 191 33.93 -22.15 -67.49
C LEU K 191 33.51 -23.49 -68.11
N ARG K 192 32.57 -23.45 -69.06
CA ARG K 192 32.15 -24.67 -69.73
C ARG K 192 33.30 -25.30 -70.50
N GLN K 193 34.08 -24.48 -71.21
CA GLN K 193 35.21 -25.00 -71.96
C GLN K 193 36.23 -25.65 -71.04
N THR K 194 36.53 -25.03 -69.90
CA THR K 194 37.49 -25.60 -68.97
C THR K 194 36.98 -26.90 -68.36
N PHE K 195 35.69 -26.93 -67.98
CA PHE K 195 35.13 -28.15 -67.39
C PHE K 195 35.16 -29.31 -68.38
N PHE K 196 34.79 -29.04 -69.64
CA PHE K 196 34.79 -30.13 -70.62
C PHE K 196 36.21 -30.49 -71.05
N ALA K 197 37.14 -29.55 -70.94
CA ALA K 197 38.55 -29.90 -71.16
C ALA K 197 39.06 -30.82 -70.06
N VAL K 198 38.64 -30.58 -68.82
CA VAL K 198 38.96 -31.50 -67.74
C VAL K 198 38.36 -32.87 -67.99
N ILE K 199 37.11 -32.90 -68.48
CA ILE K 199 36.48 -34.18 -68.82
C ILE K 199 37.27 -34.89 -69.91
N GLY K 200 37.70 -34.16 -70.94
CA GLY K 200 38.48 -34.77 -72.00
C GLY K 200 39.83 -35.27 -71.54
N ALA K 201 40.48 -34.53 -70.64
CA ALA K 201 41.74 -34.99 -70.06
C ALA K 201 41.54 -36.26 -69.27
N LEU K 202 40.45 -36.34 -68.48
CA LEU K 202 40.15 -37.56 -67.77
C LEU K 202 39.89 -38.72 -68.72
N LEU K 203 39.19 -38.44 -69.83
CA LEU K 203 38.93 -39.47 -70.83
C LEU K 203 40.22 -39.98 -71.45
N GLN K 204 41.16 -39.07 -71.74
CA GLN K 204 42.42 -39.47 -72.33
C GLN K 204 43.29 -40.23 -71.35
N SER K 205 43.25 -39.85 -70.07
CA SER K 205 44.10 -40.49 -69.07
C SER K 205 43.54 -41.85 -68.66
N SER K 206 42.34 -41.85 -68.08
CA SER K 206 41.71 -43.07 -67.62
C SER K 206 40.84 -43.67 -68.73
N GLY K 207 40.03 -44.66 -68.38
CA GLY K 207 39.22 -45.35 -69.36
C GLY K 207 37.88 -44.69 -69.62
N PRO K 208 37.26 -45.05 -70.74
CA PRO K 208 35.91 -44.53 -71.02
C PRO K 208 34.89 -44.91 -69.96
N GLU K 209 35.01 -46.10 -69.37
CA GLU K 209 34.08 -46.50 -68.31
C GLU K 209 34.24 -45.60 -67.08
N ARG K 210 35.48 -45.32 -66.68
CA ARG K 210 35.71 -44.44 -65.55
C ARG K 210 35.23 -43.02 -65.84
N THR K 211 35.46 -42.54 -67.08
CA THR K 211 34.96 -41.22 -67.43
C THR K 211 33.44 -41.18 -67.42
N ALA K 212 32.78 -42.26 -67.87
CA ALA K 212 31.33 -42.33 -67.80
C ALA K 212 30.84 -42.32 -66.36
N LEU K 213 31.55 -43.01 -65.47
CA LEU K 213 31.21 -42.96 -64.04
C LEU K 213 31.35 -41.55 -63.50
N PHE K 214 32.41 -40.84 -63.90
CA PHE K 214 32.57 -39.45 -63.48
C PHE K 214 31.43 -38.58 -63.97
N ILE K 215 31.03 -38.76 -65.24
CA ILE K 215 29.91 -38.00 -65.78
C ILE K 215 28.64 -38.30 -65.00
N ARG K 216 28.38 -39.57 -64.72
CA ARG K 216 27.19 -39.94 -63.96
C ARG K 216 27.21 -39.33 -62.58
N ASP K 217 28.38 -39.29 -61.94
CA ASP K 217 28.48 -38.81 -60.57
C ASP K 217 28.39 -37.29 -60.49
N PHE K 218 28.80 -36.56 -61.54
CA PHE K 218 28.88 -35.11 -61.44
C PHE K 218 27.99 -34.34 -62.40
N LEU K 219 27.20 -34.99 -63.23
CA LEU K 219 26.26 -34.25 -64.07
C LEU K 219 24.85 -34.79 -63.99
N ILE K 220 24.68 -36.10 -63.90
CA ILE K 220 23.33 -36.68 -63.79
C ILE K 220 22.72 -36.34 -62.44
N THR K 221 23.55 -36.17 -61.40
CA THR K 221 23.04 -35.80 -60.09
C THR K 221 22.38 -34.43 -60.10
N GLN K 222 22.66 -33.60 -61.11
CA GLN K 222 22.00 -32.32 -61.23
C GLN K 222 20.54 -32.45 -61.67
N MET K 223 20.10 -33.63 -62.07
CA MET K 223 18.71 -33.89 -62.37
C MET K 223 17.89 -34.26 -61.13
N THR K 224 18.53 -34.36 -59.97
CA THR K 224 17.84 -34.75 -58.76
C THR K 224 16.83 -33.68 -58.35
N GLY K 225 15.59 -34.08 -58.15
CA GLY K 225 14.54 -33.17 -57.75
C GLY K 225 13.92 -32.38 -58.89
N LYS K 226 14.36 -32.59 -60.13
CA LYS K 226 13.86 -31.85 -61.27
C LYS K 226 12.87 -32.71 -62.06
N GLU K 227 11.96 -32.03 -62.74
CA GLU K 227 10.93 -32.68 -63.55
C GLU K 227 11.39 -32.74 -65.00
N LEU K 228 10.57 -33.40 -65.84
CA LEU K 228 10.88 -33.53 -67.25
C LEU K 228 10.59 -32.25 -68.00
N PHE K 229 9.36 -31.73 -67.87
CA PHE K 229 8.98 -30.55 -68.64
C PHE K 229 9.64 -29.28 -68.13
N GLU K 230 10.19 -29.30 -66.91
CA GLU K 230 10.93 -28.15 -66.41
C GLU K 230 12.15 -27.87 -67.29
N MET K 231 12.81 -28.92 -67.77
CA MET K 231 13.94 -28.76 -68.68
C MET K 231 13.57 -28.96 -70.15
N TRP K 232 12.42 -29.56 -70.44
CA TRP K 232 12.02 -29.71 -71.84
C TRP K 232 11.35 -28.45 -72.38
N THR K 233 10.35 -27.92 -71.66
CA THR K 233 9.63 -26.70 -72.05
C THR K 233 8.99 -26.86 -73.43
N ILE K 234 8.03 -27.78 -73.52
CA ILE K 234 7.25 -27.96 -74.73
C ILE K 234 6.14 -26.92 -74.77
N THR K 235 5.51 -26.76 -75.94
CA THR K 235 4.51 -25.72 -76.15
C THR K 235 3.08 -26.26 -76.21
N ASN K 236 2.85 -27.40 -76.84
CA ASN K 236 1.52 -27.97 -77.03
C ASN K 236 1.51 -29.38 -76.44
N PRO K 237 1.33 -29.50 -75.12
CA PRO K 237 1.29 -30.83 -74.50
C PRO K 237 0.20 -31.72 -75.06
N MET K 238 -0.98 -31.16 -75.34
CA MET K 238 -2.07 -31.97 -75.90
C MET K 238 -1.72 -32.47 -77.29
N GLY K 239 -1.11 -31.63 -78.12
CA GLY K 239 -0.69 -32.07 -79.43
C GLY K 239 0.37 -33.16 -79.36
N LEU K 240 1.37 -32.98 -78.48
CA LEU K 240 2.38 -34.01 -78.31
C LEU K 240 1.77 -35.31 -77.83
N LEU K 241 0.82 -35.23 -76.90
CA LEU K 241 0.17 -36.43 -76.38
C LEU K 241 -0.63 -37.14 -77.47
N VAL K 242 -1.34 -36.38 -78.31
CA VAL K 242 -2.14 -37.02 -79.36
C VAL K 242 -1.24 -37.66 -80.40
N GLU K 243 -0.10 -37.02 -80.71
CA GLU K 243 0.85 -37.64 -81.63
C GLU K 243 1.44 -38.93 -81.05
N GLU K 244 1.79 -38.91 -79.76
CA GLU K 244 2.33 -40.11 -79.12
C GLU K 244 1.30 -41.21 -79.08
N LEU K 245 0.04 -40.88 -78.81
CA LEU K 245 -1.02 -41.89 -78.80
C LEU K 245 -1.27 -42.44 -80.20
N LYS K 246 -1.19 -41.59 -81.23
CA LYS K 246 -1.30 -42.08 -82.59
C LYS K 246 -0.17 -43.04 -82.91
N LYS K 247 1.05 -42.74 -82.45
CA LYS K 247 2.16 -43.67 -82.62
C LYS K 247 1.90 -44.99 -81.89
N ARG K 248 1.35 -44.91 -80.68
CA ARG K 248 1.07 -46.09 -79.87
C ARG K 248 -0.27 -46.74 -80.19
N LYS K 249 -0.93 -46.31 -81.27
CA LYS K 249 -2.17 -46.91 -81.76
C LYS K 249 -3.34 -46.66 -80.80
N ILE K 250 -3.46 -45.40 -80.37
CA ILE K 250 -4.61 -44.93 -79.59
C ILE K 250 -5.25 -43.79 -80.36
N SER K 251 -6.59 -43.80 -80.42
CA SER K 251 -7.30 -42.88 -81.29
C SER K 251 -7.14 -41.44 -80.82
N ALA K 252 -7.68 -41.12 -79.65
CA ALA K 252 -7.66 -39.76 -79.12
C ALA K 252 -8.13 -39.73 -77.67
N PRO K 253 -7.55 -38.86 -76.85
CA PRO K 253 -8.02 -38.72 -75.46
C PRO K 253 -9.17 -37.73 -75.37
N GLU K 254 -10.17 -38.09 -74.57
CA GLU K 254 -11.35 -37.26 -74.34
C GLU K 254 -11.23 -36.59 -72.98
N SER K 255 -11.43 -35.27 -72.95
CA SER K 255 -11.30 -34.50 -71.72
C SER K 255 -12.62 -34.47 -70.97
N ARG K 256 -12.60 -34.87 -69.71
CA ARG K 256 -13.79 -34.91 -68.87
C ARG K 256 -13.51 -34.24 -67.54
N LEU K 257 -14.45 -33.42 -67.08
CA LEU K 257 -14.31 -32.72 -65.81
C LEU K 257 -14.66 -33.70 -64.69
N THR K 258 -13.63 -34.23 -64.01
CA THR K 258 -13.87 -35.24 -62.98
C THR K 258 -14.35 -34.60 -61.68
N ARG K 259 -13.59 -33.64 -61.15
CA ARG K 259 -13.91 -33.00 -59.88
C ARG K 259 -13.72 -31.50 -60.00
N GLN K 260 -14.46 -30.76 -59.18
CA GLN K 260 -14.37 -29.31 -59.16
C GLN K 260 -14.84 -28.81 -57.81
N SER K 261 -14.38 -27.62 -57.43
CA SER K 261 -14.73 -27.00 -56.16
C SER K 261 -14.82 -25.49 -56.37
N GLY K 262 -16.03 -24.99 -56.55
CA GLY K 262 -16.23 -23.58 -56.78
C GLY K 262 -15.98 -23.22 -58.23
N SER K 263 -16.92 -22.51 -58.84
CA SER K 263 -16.77 -22.06 -60.22
C SER K 263 -17.10 -20.60 -60.42
N THR K 264 -17.90 -19.99 -59.55
CA THR K 264 -18.19 -18.58 -59.62
C THR K 264 -17.24 -17.73 -58.78
N THR K 265 -16.35 -18.37 -58.02
CA THR K 265 -15.42 -17.65 -57.16
C THR K 265 -14.18 -17.21 -57.94
N ALA K 266 -13.39 -16.36 -57.30
CA ALA K 266 -12.18 -15.84 -57.92
C ALA K 266 -11.03 -16.84 -57.95
N LEU K 267 -11.10 -17.88 -57.11
CA LEU K 267 -10.03 -18.88 -57.02
C LEU K 267 -10.64 -20.28 -57.08
N PRO K 268 -11.07 -20.70 -58.27
CA PRO K 268 -11.62 -22.04 -58.43
C PRO K 268 -10.52 -23.10 -58.50
N VAL K 269 -10.95 -24.36 -58.45
CA VAL K 269 -10.08 -25.49 -58.74
C VAL K 269 -10.86 -26.49 -59.57
N TYR K 270 -10.22 -27.00 -60.63
CA TYR K 270 -10.84 -27.97 -61.53
C TYR K 270 -9.90 -29.15 -61.72
N PHE K 271 -10.47 -30.34 -61.69
CA PHE K 271 -9.74 -31.57 -62.00
C PHE K 271 -10.26 -32.09 -63.34
N VAL K 272 -9.36 -32.19 -64.32
CA VAL K 272 -9.70 -32.64 -65.66
C VAL K 272 -8.95 -33.93 -65.94
N GLY K 273 -9.68 -34.96 -66.35
CA GLY K 273 -9.10 -36.25 -66.67
C GLY K 273 -9.18 -36.52 -68.16
N LEU K 274 -8.27 -37.35 -68.63
CA LEU K 274 -8.23 -37.75 -70.04
C LEU K 274 -8.55 -39.23 -70.13
N TYR K 275 -9.56 -39.56 -70.94
CA TYR K 275 -10.05 -40.93 -71.08
C TYR K 275 -9.79 -41.42 -72.49
N CYS K 276 -9.12 -42.56 -72.60
CA CYS K 276 -8.89 -43.24 -73.86
C CYS K 276 -9.71 -44.53 -73.86
N ASP K 277 -10.69 -44.61 -74.76
CA ASP K 277 -11.65 -45.71 -74.79
C ASP K 277 -12.35 -45.86 -73.44
N ARG K 278 -12.74 -44.73 -72.86
CA ARG K 278 -13.41 -44.67 -71.56
C ARG K 278 -12.53 -45.28 -70.45
N LYS K 279 -11.22 -45.11 -70.56
CA LYS K 279 -10.28 -45.55 -69.53
C LYS K 279 -9.40 -44.38 -69.15
N LEU K 280 -9.36 -44.06 -67.86
CA LEU K 280 -8.58 -42.92 -67.39
C LEU K 280 -7.09 -43.19 -67.56
N ILE K 281 -6.39 -42.24 -68.18
CA ILE K 281 -4.95 -42.34 -68.34
C ILE K 281 -4.20 -41.26 -67.57
N ALA K 282 -4.82 -40.10 -67.34
CA ALA K 282 -4.20 -39.05 -66.55
C ALA K 282 -5.28 -38.12 -66.03
N GLU K 283 -4.92 -37.37 -64.99
CA GLU K 283 -5.82 -36.39 -64.40
C GLU K 283 -4.97 -35.25 -63.85
N GLY K 284 -5.44 -34.02 -64.01
CA GLY K 284 -4.68 -32.87 -63.60
C GLY K 284 -5.54 -31.77 -63.02
N PRO K 285 -5.02 -31.10 -61.99
CA PRO K 285 -5.71 -29.96 -61.40
C PRO K 285 -5.25 -28.64 -61.99
N GLY K 286 -6.10 -27.64 -61.85
CA GLY K 286 -5.78 -26.31 -62.35
C GLY K 286 -6.72 -25.28 -61.80
N GLU K 287 -6.32 -24.00 -61.95
CA GLU K 287 -7.19 -22.91 -61.54
C GLU K 287 -8.33 -22.69 -62.53
N THR K 288 -8.12 -23.05 -63.80
CA THR K 288 -9.15 -22.96 -64.83
C THR K 288 -9.19 -24.28 -65.59
N VAL K 289 -10.23 -24.45 -66.41
CA VAL K 289 -10.43 -25.70 -67.11
C VAL K 289 -9.32 -25.93 -68.14
N LEU K 290 -8.92 -24.88 -68.86
CA LEU K 290 -7.85 -25.02 -69.84
C LEU K 290 -6.54 -25.39 -69.18
N VAL K 291 -6.22 -24.75 -68.05
CA VAL K 291 -4.98 -25.08 -67.33
C VAL K 291 -5.03 -26.50 -66.82
N ALA K 292 -6.18 -26.93 -66.29
CA ALA K 292 -6.32 -28.30 -65.80
C ALA K 292 -6.15 -29.30 -66.94
N GLU K 293 -6.72 -29.00 -68.11
CA GLU K 293 -6.58 -29.91 -69.25
C GLU K 293 -5.12 -29.98 -69.71
N GLU K 294 -4.43 -28.85 -69.75
CA GLU K 294 -3.02 -28.86 -70.13
C GLU K 294 -2.19 -29.66 -69.12
N GLU K 295 -2.48 -29.49 -67.83
CA GLU K 295 -1.76 -30.25 -66.81
C GLU K 295 -2.04 -31.74 -66.93
N ALA K 296 -3.29 -32.12 -67.24
CA ALA K 296 -3.61 -33.52 -67.46
C ALA K 296 -2.86 -34.08 -68.66
N ALA K 297 -2.75 -33.28 -69.73
CA ALA K 297 -1.97 -33.72 -70.88
C ALA K 297 -0.50 -33.91 -70.52
N ARG K 298 0.05 -33.00 -69.72
CA ARG K 298 1.44 -33.14 -69.28
C ARG K 298 1.63 -34.38 -68.42
N VAL K 299 0.65 -34.67 -67.54
CA VAL K 299 0.74 -35.86 -66.70
C VAL K 299 0.70 -37.12 -67.55
N ALA K 300 -0.18 -37.14 -68.57
CA ALA K 300 -0.24 -38.28 -69.47
C ALA K 300 1.07 -38.44 -70.24
N LEU K 301 1.66 -37.33 -70.68
CA LEU K 301 2.93 -37.40 -71.39
C LEU K 301 4.03 -37.94 -70.48
N ARG K 302 4.07 -37.50 -69.23
CA ARG K 302 5.06 -37.99 -68.29
C ARG K 302 4.88 -39.49 -68.02
N LYS K 303 3.63 -39.93 -67.87
CA LYS K 303 3.36 -41.34 -67.65
C LYS K 303 3.79 -42.17 -68.86
N LEU K 304 3.52 -41.67 -70.07
CA LEU K 304 3.93 -42.39 -71.28
C LEU K 304 5.45 -42.45 -71.39
N PHE K 305 6.14 -41.35 -71.10
CA PHE K 305 7.59 -41.30 -71.27
C PHE K 305 8.35 -41.89 -70.09
N GLY K 306 7.67 -42.25 -69.01
CA GLY K 306 8.32 -42.87 -67.88
C GLY K 306 8.91 -41.91 -66.87
N PHE K 307 8.69 -40.60 -67.02
CA PHE K 307 9.19 -39.62 -66.06
C PHE K 307 8.12 -39.33 -65.02
N THR K 308 7.68 -40.40 -64.35
CA THR K 308 6.77 -40.28 -63.23
C THR K 308 7.54 -39.91 -61.97
N GLU K 309 6.85 -39.23 -61.05
CA GLU K 309 7.51 -38.81 -59.82
C GLU K 309 7.86 -40.00 -58.93
N ASN K 310 7.11 -41.10 -59.07
CA ASN K 310 7.38 -42.33 -58.33
C ASN K 310 8.18 -43.34 -59.14
N ARG K 311 8.93 -42.88 -60.14
CA ARG K 311 9.71 -43.77 -60.97
C ARG K 311 10.91 -44.31 -60.19
N ARG K 312 11.63 -45.24 -60.82
CA ARG K 312 12.81 -45.82 -60.20
C ARG K 312 13.89 -44.76 -60.06
N PRO K 313 14.46 -44.57 -58.88
CA PRO K 313 15.57 -43.63 -58.73
C PRO K 313 16.79 -44.11 -59.50
N TRP K 314 17.61 -43.15 -59.91
CA TRP K 314 18.81 -43.47 -60.68
C TRP K 314 19.71 -44.41 -59.90
N ASP K 315 20.26 -45.40 -60.59
CA ASP K 315 21.13 -46.39 -59.97
C ASP K 315 22.54 -45.84 -59.86
N TYR K 316 23.02 -45.65 -58.63
CA TYR K 316 24.37 -45.18 -58.36
C TYR K 316 25.13 -46.33 -57.68
N SER K 317 25.71 -47.20 -58.49
CA SER K 317 26.46 -48.34 -57.99
C SER K 317 27.57 -48.68 -58.98
N LYS K 318 28.58 -49.37 -58.49
CA LYS K 318 29.71 -49.75 -59.33
C LYS K 318 29.39 -51.04 -60.07
N PRO K 319 29.37 -51.05 -61.41
CA PRO K 319 29.07 -52.25 -62.18
C PRO K 319 30.25 -53.20 -62.30
N LYS L 38 4.95 24.16 10.59
CA LYS L 38 5.95 25.16 10.29
C LYS L 38 5.84 25.63 8.83
N LYS L 39 6.13 26.91 8.59
CA LYS L 39 6.06 27.48 7.25
C LYS L 39 7.38 27.23 6.55
N ARG L 40 7.50 26.06 5.92
CA ARG L 40 8.71 25.69 5.20
C ARG L 40 8.60 26.14 3.75
N PHE L 41 9.62 26.88 3.30
CA PHE L 41 9.68 27.40 1.95
C PHE L 41 11.03 27.09 1.33
N THR L 42 11.04 26.79 0.04
CA THR L 42 12.28 26.45 -0.66
C THR L 42 12.69 27.59 -1.57
N PRO L 43 13.77 28.30 -1.28
CA PRO L 43 14.20 29.40 -2.15
C PRO L 43 14.80 28.88 -3.44
N PRO L 44 14.39 29.43 -4.58
CA PRO L 44 14.97 28.99 -5.85
C PRO L 44 16.44 29.36 -5.95
N THR L 45 17.20 28.50 -6.63
CA THR L 45 18.62 28.70 -6.84
C THR L 45 18.87 28.98 -8.31
N TYR L 46 19.55 30.09 -8.59
CA TYR L 46 19.78 30.51 -9.97
C TYR L 46 20.94 29.75 -10.58
N GLN L 47 20.81 29.43 -11.87
CA GLN L 47 21.89 28.79 -12.58
C GLN L 47 23.07 29.76 -12.72
N PRO L 48 24.30 29.25 -12.75
CA PRO L 48 25.45 30.14 -12.95
C PRO L 48 25.32 30.94 -14.25
N LYS L 49 25.73 32.20 -14.17
CA LYS L 49 25.55 33.12 -15.29
C LYS L 49 26.41 32.77 -16.50
N TYR L 50 27.49 32.01 -16.30
CA TYR L 50 28.41 31.75 -17.40
C TYR L 50 27.82 30.81 -18.45
N LYS L 51 26.94 29.89 -18.07
CA LYS L 51 26.28 29.03 -19.05
C LYS L 51 24.98 29.65 -19.54
N SER L 52 25.05 30.93 -19.88
CA SER L 52 23.93 31.62 -20.50
C SER L 52 24.35 32.65 -21.54
N GLU L 53 25.65 32.78 -21.83
CA GLU L 53 26.13 33.88 -22.67
C GLU L 53 27.18 33.39 -23.67
N LYS L 54 27.17 32.11 -24.01
CA LYS L 54 28.10 31.57 -24.98
C LYS L 54 27.73 32.06 -26.37
N GLU L 55 28.76 32.33 -27.18
CA GLU L 55 28.59 32.91 -28.50
C GLU L 55 29.29 32.06 -29.54
N PHE L 56 29.01 32.35 -30.81
CA PHE L 56 29.65 31.68 -31.93
C PHE L 56 31.01 32.30 -32.23
N VAL L 57 31.81 31.55 -32.98
CA VAL L 57 33.15 31.97 -33.36
C VAL L 57 33.38 31.67 -34.84
N GLU L 58 34.61 31.89 -35.31
CA GLU L 58 35.05 31.52 -36.65
C GLU L 58 34.23 32.23 -37.74
N HIS L 59 34.36 33.56 -37.76
CA HIS L 59 33.83 34.37 -38.85
C HIS L 59 34.97 34.63 -39.82
N ALA L 60 34.96 33.92 -40.95
CA ALA L 60 36.06 33.98 -41.91
C ALA L 60 35.98 35.29 -42.68
N ARG L 61 36.97 36.16 -42.47
CA ARG L 61 37.06 37.43 -43.16
C ARG L 61 38.49 37.63 -43.67
N LYS L 62 38.61 38.30 -44.82
CA LYS L 62 39.90 38.61 -45.41
C LYS L 62 39.98 40.13 -45.59
N ALA L 63 40.83 40.78 -44.79
CA ALA L 63 40.99 42.23 -44.84
C ALA L 63 42.46 42.55 -44.57
N GLY L 64 43.20 42.82 -45.64
CA GLY L 64 44.62 43.18 -45.54
C GLY L 64 44.80 44.67 -45.83
N LEU L 65 45.63 45.32 -45.02
CA LEU L 65 45.87 46.75 -45.12
C LEU L 65 47.29 47.01 -45.61
N VAL L 66 47.55 48.28 -45.90
CA VAL L 66 48.87 48.68 -46.41
C VAL L 66 49.95 48.47 -45.35
N ILE L 67 49.61 48.67 -44.07
CA ILE L 67 50.61 48.45 -43.01
C ILE L 67 51.06 47.00 -42.94
N PRO L 68 50.16 46.00 -42.88
CA PRO L 68 50.64 44.61 -42.95
C PRO L 68 51.17 44.21 -44.31
N HIS L 69 50.76 44.90 -45.39
CA HIS L 69 51.29 44.60 -46.71
C HIS L 69 52.68 45.18 -46.93
N GLU L 70 53.11 46.13 -46.11
CA GLU L 70 54.45 46.70 -46.21
C GLU L 70 55.34 46.43 -45.00
N ARG L 71 54.82 45.79 -43.94
CA ARG L 71 55.62 45.51 -42.75
C ARG L 71 56.30 44.15 -42.81
N LEU L 72 56.29 43.47 -43.94
CA LEU L 72 57.00 42.21 -44.06
C LEU L 72 58.50 42.44 -43.92
N GLU L 73 59.11 41.73 -42.97
CA GLU L 73 60.56 41.86 -42.77
C GLU L 73 61.33 41.41 -44.00
N ARG L 74 61.21 40.12 -44.34
CA ARG L 74 61.83 39.60 -45.55
C ARG L 74 60.93 39.85 -46.75
N PRO L 75 61.51 40.11 -47.92
CA PRO L 75 60.71 40.35 -49.12
C PRO L 75 60.36 39.05 -49.84
N ILE L 76 59.50 39.19 -50.84
CA ILE L 76 59.06 38.05 -51.65
C ILE L 76 60.12 37.76 -52.71
N HIS L 77 60.60 36.52 -52.74
CA HIS L 77 61.61 36.09 -53.71
C HIS L 77 60.89 35.47 -54.90
N LEU L 78 60.59 36.28 -55.91
CA LEU L 78 59.89 35.79 -57.08
C LEU L 78 60.80 34.93 -57.94
N ALA L 79 60.18 34.03 -58.71
CA ALA L 79 60.89 33.19 -59.65
C ALA L 79 60.58 33.54 -61.11
N CYS L 80 59.67 34.47 -61.35
CA CYS L 80 59.33 34.90 -62.70
C CYS L 80 58.92 36.36 -62.64
N THR L 81 58.27 36.84 -63.71
CA THR L 81 57.80 38.20 -63.81
C THR L 81 56.31 38.21 -64.08
N ALA L 82 55.71 39.40 -63.97
CA ALA L 82 54.26 39.53 -64.10
C ALA L 82 53.79 39.13 -65.49
N GLY L 83 54.49 39.58 -66.53
CA GLY L 83 54.08 39.27 -67.88
C GLY L 83 55.21 39.33 -68.89
N ILE L 84 54.89 39.14 -70.16
CA ILE L 84 55.89 39.11 -71.23
C ILE L 84 56.18 40.56 -71.61
N PHE L 85 57.35 41.06 -71.19
CA PHE L 85 57.78 42.39 -71.61
C PHE L 85 58.16 42.37 -73.09
N ASP L 86 57.80 43.44 -73.79
CA ASP L 86 58.02 43.54 -75.24
C ASP L 86 57.36 42.36 -75.96
N ALA L 87 56.05 42.28 -75.83
CA ALA L 87 55.30 41.16 -76.39
C ALA L 87 55.44 41.11 -77.90
N TYR L 88 55.66 39.91 -78.42
CA TYR L 88 55.83 39.72 -79.86
C TYR L 88 54.53 40.03 -80.61
N VAL L 89 54.67 40.71 -81.74
CA VAL L 89 53.53 40.97 -82.62
C VAL L 89 53.77 40.21 -83.91
N PRO L 90 53.12 39.06 -84.11
CA PRO L 90 53.36 38.28 -85.32
C PRO L 90 52.87 39.04 -86.53
N PRO L 91 53.49 38.83 -87.69
CA PRO L 91 53.07 39.54 -88.90
C PRO L 91 51.70 39.05 -89.36
N GLU L 92 50.99 39.94 -90.05
CA GLU L 92 49.62 39.66 -90.46
C GLU L 92 49.55 38.42 -91.35
N GLY L 93 50.55 38.23 -92.21
CA GLY L 93 50.57 37.08 -93.10
C GLY L 93 51.39 35.91 -92.58
N ASP L 94 50.73 34.90 -92.04
CA ASP L 94 51.41 33.70 -91.58
C ASP L 94 50.77 32.46 -92.16
N ALA L 95 49.46 32.52 -92.40
CA ALA L 95 48.74 31.35 -92.92
C ALA L 95 49.24 30.97 -94.31
N ARG L 96 49.48 31.96 -95.17
CA ARG L 96 49.95 31.68 -96.52
C ARG L 96 51.46 31.55 -96.62
N ILE L 97 52.20 31.86 -95.55
CA ILE L 97 53.64 31.66 -95.55
C ILE L 97 54.04 30.35 -94.88
N SER L 98 53.17 29.76 -94.05
CA SER L 98 53.44 28.46 -93.46
C SER L 98 53.31 27.33 -94.46
N SER L 99 52.74 27.58 -95.64
CA SER L 99 52.56 26.52 -96.62
C SER L 99 53.90 26.10 -97.24
N LEU L 100 54.75 27.06 -97.56
CA LEU L 100 56.04 26.80 -98.20
C LEU L 100 57.15 26.95 -97.17
N SER L 101 58.02 25.95 -97.09
CA SER L 101 59.04 25.92 -96.05
C SER L 101 60.07 27.02 -96.23
N LYS L 102 60.64 27.14 -97.43
CA LYS L 102 61.78 28.04 -97.63
C LYS L 102 61.38 29.50 -97.41
N GLU L 103 60.26 29.92 -98.00
CA GLU L 103 59.82 31.31 -97.89
C GLU L 103 59.33 31.65 -96.49
N GLY L 104 59.20 30.68 -95.60
CA GLY L 104 58.92 30.96 -94.20
C GLY L 104 60.18 30.95 -93.36
N LEU L 105 60.99 29.89 -93.52
CA LEU L 105 62.18 29.74 -92.70
C LEU L 105 63.20 30.83 -92.98
N ALA L 106 63.40 31.18 -94.26
CA ALA L 106 64.37 32.20 -94.60
C ALA L 106 63.99 33.55 -94.00
N GLN L 107 62.71 33.94 -94.11
CA GLN L 107 62.27 35.21 -93.57
C GLN L 107 62.30 35.20 -92.04
N ARG L 108 61.95 34.07 -91.41
CA ARG L 108 62.04 33.99 -89.96
C ARG L 108 63.47 34.15 -89.49
N ALA L 109 64.42 33.49 -90.15
CA ALA L 109 65.82 33.62 -89.79
C ALA L 109 66.32 35.04 -90.02
N GLU L 110 65.90 35.66 -91.12
CA GLU L 110 66.28 37.05 -91.38
C GLU L 110 65.77 37.99 -90.30
N ARG L 111 64.49 37.82 -89.90
CA ARG L 111 63.93 38.67 -88.85
C ARG L 111 64.64 38.44 -87.52
N LEU L 112 64.95 37.19 -87.19
CA LEU L 112 65.66 36.90 -85.95
C LEU L 112 67.06 37.51 -85.95
N LYS L 113 67.77 37.43 -87.09
CA LYS L 113 69.15 37.88 -87.15
C LYS L 113 69.29 39.40 -87.28
N LYS L 114 68.36 40.08 -87.94
CA LYS L 114 68.52 41.50 -88.19
C LYS L 114 68.01 42.38 -87.06
N ASN L 115 67.34 41.81 -86.06
CA ASN L 115 66.87 42.59 -84.92
C ASN L 115 68.05 42.86 -83.97
N VAL L 116 68.38 44.14 -83.78
CA VAL L 116 69.49 44.49 -82.90
C VAL L 116 69.13 44.18 -81.45
N ALA L 117 67.88 44.41 -81.07
CA ALA L 117 67.46 44.10 -79.70
C ALA L 117 67.57 42.61 -79.41
N SER L 118 67.15 41.77 -80.36
CA SER L 118 67.27 40.33 -80.18
C SER L 118 68.72 39.91 -80.10
N GLN L 119 69.59 40.53 -80.91
CA GLN L 119 71.00 40.18 -80.89
C GLN L 119 71.66 40.54 -79.57
N LEU L 120 71.39 41.74 -79.06
CA LEU L 120 71.96 42.11 -77.77
C LEU L 120 71.38 41.26 -76.65
N SER L 121 70.10 40.88 -76.76
CA SER L 121 69.50 40.03 -75.73
C SER L 121 70.12 38.65 -75.72
N ILE L 122 70.33 38.05 -76.89
CA ILE L 122 70.94 36.72 -76.93
C ILE L 122 72.39 36.79 -76.50
N ARG L 123 73.09 37.88 -76.82
CA ARG L 123 74.45 38.06 -76.31
C ARG L 123 74.47 38.15 -74.79
N LYS L 124 73.52 38.89 -74.21
CA LYS L 124 73.44 38.99 -72.75
C LYS L 124 73.14 37.64 -72.11
N ILE L 125 72.22 36.88 -72.71
CA ILE L 125 71.89 35.56 -72.18
C ILE L 125 73.11 34.64 -72.25
N ARG L 126 73.84 34.68 -73.38
CA ARG L 126 74.99 33.81 -73.53
C ARG L 126 76.10 34.17 -72.54
N GLU L 127 76.32 35.47 -72.31
CA GLU L 127 77.37 35.86 -71.38
C GLU L 127 76.96 35.62 -69.93
N SER L 128 75.66 35.66 -69.63
CA SER L 128 75.20 35.34 -68.29
C SER L 128 75.22 33.85 -68.01
N ASP L 129 74.96 33.03 -69.02
CA ASP L 129 74.99 31.58 -68.88
C ASP L 129 75.61 30.95 -70.13
N PRO L 130 76.77 30.31 -70.01
CA PRO L 130 77.43 29.72 -71.17
C PRO L 130 76.72 28.46 -71.64
N ASN L 131 77.24 27.88 -72.72
CA ASN L 131 76.69 26.65 -73.30
C ASN L 131 75.23 26.80 -73.67
N PHE L 132 74.87 27.98 -74.20
CA PHE L 132 73.51 28.24 -74.67
C PHE L 132 73.57 28.55 -76.16
N LYS L 133 72.76 27.83 -76.94
CA LYS L 133 72.72 28.02 -78.38
C LYS L 133 71.26 28.09 -78.84
N ILE L 134 71.03 28.88 -79.90
CA ILE L 134 69.70 29.00 -80.46
C ILE L 134 69.40 27.93 -81.51
N LYS L 135 70.41 27.15 -81.91
CA LYS L 135 70.18 26.11 -82.90
C LYS L 135 69.43 24.92 -82.31
N ASP L 136 69.82 24.49 -81.11
CA ASP L 136 69.17 23.38 -80.42
C ASP L 136 68.08 23.83 -79.47
N PHE L 137 67.88 25.14 -79.30
CA PHE L 137 66.82 25.62 -78.43
C PHE L 137 65.42 25.18 -78.86
N PRO L 138 65.04 25.21 -80.14
CA PRO L 138 63.67 24.78 -80.49
C PRO L 138 63.37 23.34 -80.09
N GLU L 139 64.35 22.44 -80.18
CA GLU L 139 64.12 21.06 -79.75
C GLU L 139 63.82 21.00 -78.26
N LYS L 140 64.58 21.73 -77.45
CA LYS L 140 64.34 21.76 -76.02
C LYS L 140 63.00 22.38 -75.69
N ALA L 141 62.63 23.44 -76.41
CA ALA L 141 61.32 24.07 -76.20
C ALA L 141 60.19 23.10 -76.53
N LYS L 142 60.33 22.36 -77.63
CA LYS L 142 59.32 21.37 -78.01
C LYS L 142 59.22 20.28 -76.95
N ASP L 143 60.36 19.81 -76.45
CA ASP L 143 60.35 18.78 -75.42
C ASP L 143 59.67 19.29 -74.15
N ILE L 144 59.96 20.53 -73.75
CA ILE L 144 59.34 21.10 -72.56
C ILE L 144 57.84 21.23 -72.75
N PHE L 145 57.42 21.70 -73.94
CA PHE L 145 55.99 21.82 -74.24
C PHE L 145 55.28 20.48 -74.12
N ILE L 146 55.84 19.45 -74.77
CA ILE L 146 55.22 18.13 -74.76
C ILE L 146 55.18 17.57 -73.35
N GLU L 147 56.28 17.70 -72.60
CA GLU L 147 56.33 17.17 -71.24
C GLU L 147 55.33 17.88 -70.33
N ALA L 148 55.21 19.21 -70.46
CA ALA L 148 54.26 19.95 -69.64
C ALA L 148 52.82 19.55 -69.97
N HIS L 149 52.51 19.38 -71.26
CA HIS L 149 51.16 18.97 -71.62
C HIS L 149 50.85 17.57 -71.13
N LEU L 150 51.84 16.66 -71.21
CA LEU L 150 51.63 15.32 -70.67
C LEU L 150 51.45 15.35 -69.15
N CYS L 151 52.19 16.23 -68.47
CA CYS L 151 52.04 16.37 -67.03
C CYS L 151 50.65 16.89 -66.66
N LEU L 152 50.14 17.85 -67.44
CA LEU L 152 48.78 18.33 -67.19
C LEU L 152 47.75 17.25 -67.51
N ASN L 153 48.03 16.40 -68.50
CA ASN L 153 47.17 15.26 -68.77
C ASN L 153 47.14 14.29 -67.59
N ASN L 154 48.30 14.01 -67.00
CA ASN L 154 48.43 13.01 -65.95
C ASN L 154 48.19 13.58 -64.55
N SER L 155 47.98 14.89 -64.42
CA SER L 155 47.80 15.55 -63.13
C SER L 155 49.00 15.33 -62.22
N ASP L 156 50.18 15.72 -62.72
CA ASP L 156 51.44 15.65 -61.96
C ASP L 156 51.85 17.08 -61.63
N HIS L 157 51.36 17.58 -60.50
CA HIS L 157 51.51 18.99 -60.17
C HIS L 157 52.96 19.36 -59.88
N ASP L 158 53.72 18.48 -59.22
CA ASP L 158 55.12 18.79 -58.91
C ASP L 158 55.94 18.95 -60.18
N ARG L 159 55.86 17.96 -61.08
CA ARG L 159 56.61 18.06 -62.33
C ARG L 159 56.09 19.19 -63.20
N LEU L 160 54.79 19.49 -63.13
CA LEU L 160 54.26 20.64 -63.86
C LEU L 160 54.85 21.94 -63.33
N HIS L 161 54.99 22.07 -62.01
CA HIS L 161 55.66 23.25 -61.45
C HIS L 161 57.11 23.34 -61.91
N THR L 162 57.79 22.19 -61.97
CA THR L 162 59.16 22.20 -62.47
C THR L 162 59.23 22.66 -63.92
N LEU L 163 58.25 22.25 -64.73
CA LEU L 163 58.31 22.53 -66.16
C LEU L 163 57.84 23.94 -66.49
N VAL L 164 56.58 24.27 -66.18
CA VAL L 164 56.04 25.60 -66.48
C VAL L 164 56.27 26.51 -65.29
N THR L 165 56.08 27.82 -65.48
CA THR L 165 56.37 28.80 -64.45
C THR L 165 55.11 29.18 -63.68
N GLU L 166 55.28 30.13 -62.75
CA GLU L 166 54.18 30.54 -61.88
C GLU L 166 53.14 31.39 -62.61
N ASN L 167 53.48 31.94 -63.77
CA ASN L 167 52.51 32.64 -64.60
C ASN L 167 51.82 31.71 -65.59
N CYS L 168 52.27 30.46 -65.70
CA CYS L 168 51.68 29.50 -66.62
C CYS L 168 50.88 28.42 -65.91
N PHE L 169 51.25 28.06 -64.69
CA PHE L 169 50.52 27.02 -63.96
C PHE L 169 49.05 27.39 -63.71
N PRO L 170 48.70 28.56 -63.18
CA PRO L 170 47.29 28.84 -62.90
C PRO L 170 46.41 28.78 -64.14
N ASP L 171 46.83 29.45 -65.23
CA ASP L 171 46.01 29.52 -66.44
C ASP L 171 45.74 28.15 -67.03
N MET L 172 46.53 27.14 -66.69
CA MET L 172 46.34 25.81 -67.22
C MET L 172 45.84 24.79 -66.21
N VAL L 173 45.75 25.13 -64.92
CA VAL L 173 45.28 24.16 -63.93
C VAL L 173 43.97 24.60 -63.28
N TRP L 174 43.77 25.91 -63.15
CA TRP L 174 42.66 26.44 -62.35
C TRP L 174 41.32 25.91 -62.82
N ASP L 175 41.04 26.03 -64.11
CA ASP L 175 39.77 25.62 -64.68
C ASP L 175 39.80 24.23 -65.30
N ILE L 176 40.76 23.39 -64.89
CA ILE L 176 40.87 22.04 -65.43
C ILE L 176 41.00 21.03 -64.29
N ARG L 177 41.16 21.52 -63.06
CA ARG L 177 41.35 20.61 -61.94
C ARG L 177 40.18 19.63 -61.76
N TYR L 178 38.97 20.01 -62.12
CA TYR L 178 37.80 19.17 -61.91
C TYR L 178 37.30 18.51 -63.19
N LYS L 179 38.17 18.35 -64.20
CA LYS L 179 37.82 17.70 -65.45
C LYS L 179 38.85 16.63 -65.76
N THR L 180 38.58 15.85 -66.80
CA THR L 180 39.50 14.83 -67.29
C THR L 180 39.97 15.21 -68.68
N VAL L 181 41.28 15.20 -68.89
CA VAL L 181 41.90 15.58 -70.15
C VAL L 181 42.62 14.38 -70.73
N ARG L 182 42.49 14.18 -72.04
CA ARG L 182 43.22 13.13 -72.76
C ARG L 182 43.93 13.82 -73.93
N TRP L 183 45.13 14.31 -73.65
CA TRP L 183 45.94 15.04 -74.62
C TRP L 183 47.05 14.15 -75.14
N SER L 184 47.22 14.14 -76.47
CA SER L 184 48.24 13.32 -77.10
C SER L 184 48.95 14.12 -78.18
N PHE L 185 50.20 13.77 -78.43
CA PHE L 185 51.01 14.35 -79.48
C PHE L 185 51.19 13.31 -80.58
N VAL L 186 50.91 13.70 -81.82
CA VAL L 186 50.87 12.78 -82.95
C VAL L 186 51.91 13.15 -84.01
N GLU L 187 52.02 14.42 -84.36
CA GLU L 187 52.89 14.83 -85.45
C GLU L 187 53.21 16.31 -85.30
N SER L 188 54.26 16.73 -86.02
CA SER L 188 54.66 18.14 -86.06
C SER L 188 55.11 18.43 -87.49
N LEU L 189 54.26 19.09 -88.26
CA LEU L 189 54.57 19.36 -89.67
C LEU L 189 55.74 20.33 -89.79
N GLU L 190 55.70 21.42 -89.04
CA GLU L 190 56.73 22.45 -89.11
C GLU L 190 57.50 22.47 -87.80
N PRO L 191 58.82 22.30 -87.80
CA PRO L 191 59.57 22.33 -86.55
C PRO L 191 59.47 23.70 -85.92
N PRO L 192 59.50 23.77 -84.59
CA PRO L 192 59.42 25.06 -83.91
C PRO L 192 60.60 25.95 -84.29
N GLN L 193 60.34 27.24 -84.42
CA GLN L 193 61.35 28.20 -84.83
C GLN L 193 61.43 29.35 -83.83
N VAL L 194 62.63 29.67 -83.38
CA VAL L 194 62.83 30.80 -82.48
C VAL L 194 62.57 32.09 -83.26
N VAL L 195 61.74 32.96 -82.71
CA VAL L 195 61.35 34.20 -83.36
C VAL L 195 62.15 35.38 -82.85
N GLN L 196 62.20 35.57 -81.54
CA GLN L 196 62.94 36.69 -80.97
C GLN L 196 63.39 36.33 -79.56
N VAL L 197 64.33 37.12 -79.04
CA VAL L 197 64.84 36.97 -77.68
C VAL L 197 64.81 38.36 -77.02
N ARG L 198 64.28 38.43 -75.81
CA ARG L 198 64.17 39.67 -75.08
C ARG L 198 64.75 39.51 -73.68
N CYS L 199 65.35 40.59 -73.18
CA CYS L 199 65.96 40.60 -71.86
C CYS L 199 65.49 41.84 -71.10
N SER L 200 65.21 41.66 -69.81
CA SER L 200 64.82 42.76 -68.94
C SER L 200 65.68 42.72 -67.69
N SER L 201 66.34 43.83 -67.39
CA SER L 201 67.20 43.96 -66.21
C SER L 201 66.59 44.95 -65.25
N LEU L 202 66.35 44.51 -64.01
CA LEU L 202 65.86 45.37 -62.95
C LEU L 202 66.99 45.58 -61.94
N MET L 203 67.38 46.85 -61.75
CA MET L 203 68.50 47.19 -60.89
C MET L 203 68.09 47.30 -59.42
N ASN L 204 66.79 47.32 -59.12
CA ASN L 204 66.35 47.37 -57.73
C ASN L 204 66.81 46.11 -56.98
N GLN L 205 66.72 44.95 -57.62
CA GLN L 205 67.22 43.71 -57.07
C GLN L 205 68.43 43.17 -57.81
N GLY L 206 68.85 43.82 -58.89
CA GLY L 206 69.96 43.34 -59.68
C GLY L 206 69.69 42.03 -60.38
N ASN L 207 68.51 41.89 -60.98
CA ASN L 207 68.09 40.62 -61.57
C ASN L 207 67.73 40.80 -63.04
N ILE L 208 68.13 39.83 -63.86
CA ILE L 208 67.93 39.87 -65.31
C ILE L 208 67.12 38.64 -65.70
N TYR L 209 66.02 38.87 -66.43
CA TYR L 209 65.17 37.80 -66.93
C TYR L 209 65.18 37.82 -68.45
N GLY L 210 65.39 36.65 -69.05
CA GLY L 210 65.43 36.51 -70.50
C GLY L 210 64.35 35.55 -70.97
N GLN L 211 63.49 36.04 -71.85
CA GLN L 211 62.41 35.26 -72.42
C GLN L 211 62.66 35.04 -73.91
N VAL L 212 62.47 33.81 -74.36
CA VAL L 212 62.64 33.45 -75.77
C VAL L 212 61.28 33.02 -76.31
N THR L 213 60.88 33.62 -77.42
CA THR L 213 59.62 33.29 -78.07
C THR L 213 59.89 32.30 -79.19
N VAL L 214 59.09 31.23 -79.24
CA VAL L 214 59.23 30.19 -80.25
C VAL L 214 57.88 29.98 -80.91
N ARG L 215 57.83 30.16 -82.21
CA ARG L 215 56.62 29.87 -82.98
C ARG L 215 56.56 28.38 -83.28
N MET L 216 55.41 27.77 -82.99
CA MET L 216 55.23 26.34 -83.15
C MET L 216 53.92 26.07 -83.88
N HIS L 217 54.01 25.37 -85.01
CA HIS L 217 52.85 24.90 -85.77
C HIS L 217 52.88 23.37 -85.70
N THR L 218 51.90 22.78 -85.02
CA THR L 218 51.93 21.35 -84.77
C THR L 218 50.53 20.81 -84.50
N ARG L 219 50.45 19.48 -84.41
CA ARG L 219 49.19 18.75 -84.43
C ARG L 219 49.03 17.96 -83.14
N GLN L 220 47.89 18.15 -82.46
CA GLN L 220 47.56 17.35 -81.28
C GLN L 220 46.23 16.64 -81.49
N THR L 221 45.79 15.93 -80.46
CA THR L 221 44.48 15.30 -80.39
C THR L 221 43.94 15.56 -78.98
N LEU L 222 43.07 16.56 -78.85
CA LEU L 222 42.59 17.01 -77.55
C LEU L 222 41.17 16.52 -77.30
N ALA L 223 40.93 15.98 -76.11
CA ALA L 223 39.60 15.55 -75.69
C ALA L 223 39.46 15.84 -74.22
N ILE L 224 38.67 16.86 -73.88
CA ILE L 224 38.44 17.28 -72.50
C ILE L 224 37.11 16.69 -72.05
N TYR L 225 37.14 15.91 -70.98
CA TYR L 225 35.97 15.26 -70.45
C TYR L 225 35.40 16.03 -69.25
N ASP L 226 34.21 15.65 -68.84
CA ASP L 226 33.54 16.27 -67.72
C ASP L 226 33.84 15.53 -66.42
N ARG L 227 33.43 16.13 -65.30
CA ARG L 227 33.57 15.47 -64.00
C ARG L 227 32.66 14.26 -63.86
N PHE L 228 31.63 14.14 -64.71
CA PHE L 228 30.75 13.00 -64.72
C PHE L 228 31.16 11.94 -65.73
N GLY L 229 32.23 12.16 -66.48
CA GLY L 229 32.73 11.19 -67.42
C GLY L 229 32.21 11.32 -68.84
N ARG L 230 31.52 12.41 -69.16
CA ARG L 230 30.99 12.63 -70.50
C ARG L 230 31.84 13.63 -71.25
N LEU L 231 31.87 13.48 -72.58
CA LEU L 231 32.68 14.35 -73.42
C LEU L 231 32.16 15.79 -73.36
N MET L 232 33.08 16.74 -73.32
CA MET L 232 32.71 18.15 -73.24
C MET L 232 33.21 18.99 -74.41
N TYR L 233 34.47 18.83 -74.82
CA TYR L 233 35.08 19.73 -75.81
C TYR L 233 35.12 19.11 -77.21
N GLY L 234 35.77 17.96 -77.35
CA GLY L 234 35.92 17.38 -78.68
C GLY L 234 36.35 15.93 -78.61
N GLN L 235 36.26 15.29 -79.77
CA GLN L 235 36.60 13.87 -79.87
C GLN L 235 38.11 13.67 -79.75
N GLU L 236 38.48 12.43 -79.41
CA GLU L 236 39.87 12.11 -79.08
C GLU L 236 40.75 11.85 -80.31
N ASP L 237 40.15 11.43 -81.42
CA ASP L 237 40.94 11.03 -82.59
C ASP L 237 41.05 12.12 -83.65
N VAL L 238 40.65 13.35 -83.36
CA VAL L 238 40.75 14.43 -84.35
C VAL L 238 42.11 15.09 -84.23
N PRO L 239 42.95 15.01 -85.27
CA PRO L 239 44.28 15.67 -85.26
C PRO L 239 44.25 17.10 -85.79
N ARG L 240 43.81 18.03 -84.96
CA ARG L 240 43.69 19.42 -85.38
C ARG L 240 45.04 20.12 -85.35
N ASP L 241 45.24 21.03 -86.30
CA ASP L 241 46.48 21.78 -86.44
C ASP L 241 46.37 23.10 -85.69
N VAL L 242 47.39 23.42 -84.90
CA VAL L 242 47.39 24.65 -84.10
C VAL L 242 48.73 25.36 -84.28
N LEU L 243 48.67 26.69 -84.41
CA LEU L 243 49.84 27.55 -84.46
C LEU L 243 49.82 28.45 -83.24
N GLU L 244 50.90 28.43 -82.46
CA GLU L 244 51.00 29.20 -81.24
C GLU L 244 52.40 29.79 -81.12
N TYR L 245 52.58 30.68 -80.14
CA TYR L 245 53.87 31.28 -79.85
C TYR L 245 54.15 31.06 -78.37
N VAL L 246 55.01 30.09 -78.05
CA VAL L 246 55.33 29.77 -76.66
C VAL L 246 56.52 30.62 -76.23
N VAL L 247 56.35 31.35 -75.13
CA VAL L 247 57.37 32.25 -74.62
C VAL L 247 57.91 31.62 -73.34
N PHE L 248 59.21 31.34 -73.32
CA PHE L 248 59.88 30.75 -72.17
C PHE L 248 60.65 31.82 -71.42
N GLU L 249 60.76 31.63 -70.10
CA GLU L 249 61.45 32.58 -69.23
C GLU L 249 62.49 31.84 -68.39
N LYS L 250 63.64 32.47 -68.21
CA LYS L 250 64.72 31.92 -67.39
C LYS L 250 65.32 33.03 -66.56
N HIS L 251 65.60 32.72 -65.29
CA HIS L 251 66.27 33.67 -64.40
C HIS L 251 67.77 33.43 -64.51
N LEU L 252 68.46 34.31 -65.25
CA LEU L 252 69.87 34.10 -65.52
C LEU L 252 70.73 34.28 -64.27
N VAL L 253 70.33 35.17 -63.37
CA VAL L 253 71.11 35.39 -62.14
C VAL L 253 71.02 34.17 -61.22
N ASP L 254 69.92 33.44 -61.25
CA ASP L 254 69.77 32.28 -60.41
C ASP L 254 70.78 31.21 -60.80
N PRO L 255 71.49 30.60 -59.84
CA PRO L 255 72.47 29.56 -60.20
C PRO L 255 71.87 28.36 -60.91
N TYR L 256 70.63 27.98 -60.56
CA TYR L 256 70.01 26.83 -61.19
C TYR L 256 69.39 27.20 -62.54
N GLY L 257 68.39 28.08 -62.51
CA GLY L 257 67.83 28.63 -63.73
C GLY L 257 67.34 27.62 -64.74
N SER L 258 66.24 26.93 -64.44
CA SER L 258 65.63 26.04 -65.39
C SER L 258 64.82 26.84 -66.41
N TRP L 259 64.80 26.35 -67.65
CA TRP L 259 64.01 26.98 -68.71
C TRP L 259 62.56 26.55 -68.56
N ARG L 260 61.68 27.52 -68.29
CA ARG L 260 60.29 27.25 -67.99
C ARG L 260 59.38 27.99 -68.97
N MET L 261 58.32 27.31 -69.40
CA MET L 261 57.31 27.96 -70.22
C MET L 261 56.63 29.06 -69.43
N HIS L 262 56.51 30.24 -70.05
CA HIS L 262 55.98 31.42 -69.37
C HIS L 262 54.65 31.87 -69.93
N GLY L 263 54.53 31.99 -71.25
CA GLY L 263 53.33 32.52 -71.87
C GLY L 263 53.00 31.81 -73.15
N LYS L 264 51.76 32.01 -73.59
CA LYS L 264 51.24 31.44 -74.84
C LYS L 264 50.54 32.56 -75.59
N ILE L 265 51.13 32.98 -76.72
CA ILE L 265 50.58 34.04 -77.55
C ILE L 265 49.86 33.42 -78.73
N ILE L 266 48.62 33.86 -78.96
CA ILE L 266 47.82 33.45 -80.10
C ILE L 266 47.60 34.66 -80.99
N PRO L 267 47.75 34.54 -82.31
CA PRO L 267 47.50 35.68 -83.19
C PRO L 267 46.06 36.12 -83.11
N PRO L 268 45.80 37.44 -83.18
CA PRO L 268 44.42 37.91 -83.21
C PRO L 268 43.62 37.41 -84.40
N TRP L 269 44.28 37.13 -85.52
CA TRP L 269 43.62 36.64 -86.72
C TRP L 269 43.54 35.12 -86.78
N ALA L 270 43.92 34.43 -85.69
CA ALA L 270 43.84 32.98 -85.68
C ALA L 270 42.39 32.53 -85.83
N PRO L 271 42.16 31.41 -86.50
CA PRO L 271 40.77 30.94 -86.67
C PRO L 271 40.15 30.62 -85.33
N PRO L 272 38.84 30.84 -85.17
CA PRO L 272 38.18 30.53 -83.90
C PRO L 272 38.29 29.05 -83.56
N LYS L 273 38.35 28.77 -82.27
CA LYS L 273 38.48 27.40 -81.80
C LYS L 273 37.26 26.58 -82.18
N GLN L 274 37.38 25.27 -82.08
CA GLN L 274 36.28 24.38 -82.43
C GLN L 274 35.08 24.64 -81.51
N PRO L 275 33.87 24.63 -82.05
CA PRO L 275 32.70 24.89 -81.20
C PRO L 275 32.50 23.81 -80.16
N ILE L 276 31.91 24.22 -79.03
CA ILE L 276 31.62 23.26 -77.96
C ILE L 276 30.44 22.39 -78.35
N LEU L 277 30.30 21.26 -77.66
CA LEU L 277 29.24 20.32 -77.99
C LEU L 277 27.87 20.80 -77.51
N LYS L 278 27.82 21.50 -76.39
CA LYS L 278 26.56 21.91 -75.78
C LYS L 278 26.19 23.32 -76.22
N THR L 279 24.96 23.71 -75.88
CA THR L 279 24.44 25.03 -76.18
C THR L 279 24.56 25.94 -74.95
N VAL L 280 24.62 27.24 -75.20
CA VAL L 280 24.85 28.23 -74.15
C VAL L 280 23.76 29.28 -74.21
N MET L 281 23.20 29.61 -73.05
CA MET L 281 22.26 30.71 -72.91
C MET L 281 22.98 31.94 -72.35
N ILE L 282 22.81 33.06 -73.03
CA ILE L 282 23.39 34.33 -72.57
C ILE L 282 22.26 35.24 -72.11
N PRO L 283 22.02 35.35 -70.80
CA PRO L 283 20.88 36.14 -70.33
C PRO L 283 21.07 37.62 -70.61
N GLY L 284 19.95 38.31 -70.79
CA GLY L 284 19.97 39.75 -70.95
C GLY L 284 20.16 40.46 -69.64
N PRO L 285 20.26 41.79 -69.71
CA PRO L 285 20.45 42.58 -68.49
C PRO L 285 19.25 42.42 -67.56
N GLN L 286 19.54 42.02 -66.31
CA GLN L 286 18.49 41.90 -65.30
C GLN L 286 17.96 43.28 -64.96
N LEU L 287 16.64 43.42 -64.99
CA LEU L 287 16.00 44.73 -64.87
C LEU L 287 15.24 44.83 -63.55
N LYS L 288 15.52 45.89 -62.80
CA LYS L 288 14.69 46.25 -61.67
C LYS L 288 13.36 46.80 -62.18
N PRO L 289 12.33 46.82 -61.33
CA PRO L 289 11.05 47.42 -61.77
C PRO L 289 11.20 48.86 -62.24
N TRP L 290 12.14 49.61 -61.68
CA TRP L 290 12.29 51.00 -62.09
C TRP L 290 13.15 51.18 -63.32
N GLU L 291 13.42 50.11 -64.07
CA GLU L 291 14.23 50.19 -65.28
C GLU L 291 13.45 49.61 -66.46
N GLU L 292 13.52 50.30 -67.59
CA GLU L 292 12.86 49.91 -68.83
C GLU L 292 13.90 49.40 -69.81
N PHE L 293 13.59 48.29 -70.47
CA PHE L 293 14.55 47.68 -71.38
C PHE L 293 14.80 48.60 -72.57
N GLU L 294 16.07 48.72 -72.95
CA GLU L 294 16.49 49.51 -74.10
C GLU L 294 17.03 48.55 -75.16
N GLU L 295 16.44 48.62 -76.36
CA GLU L 295 16.81 47.71 -77.43
C GLU L 295 17.97 48.30 -78.23
N PRO L 296 19.13 47.64 -78.27
CA PRO L 296 20.26 48.18 -79.02
C PRO L 296 20.14 47.87 -80.50
N GLN L 297 20.47 48.86 -81.33
CA GLN L 297 20.42 48.70 -82.77
C GLN L 297 21.73 49.15 -83.42
N SER M 43 -53.47 -82.08 48.58
CA SER M 43 -53.05 -82.20 49.97
C SER M 43 -53.47 -80.97 50.78
N PRO M 44 -54.50 -81.11 51.61
CA PRO M 44 -54.95 -79.99 52.44
C PRO M 44 -53.86 -79.54 53.42
N TRP M 45 -53.85 -78.24 53.68
CA TRP M 45 -52.86 -77.62 54.56
C TRP M 45 -53.57 -76.92 55.71
N ARG M 46 -53.04 -77.09 56.91
CA ARG M 46 -53.57 -76.44 58.11
C ARG M 46 -52.51 -75.55 58.72
N LEU M 47 -52.91 -74.37 59.17
CA LEU M 47 -52.02 -73.42 59.83
C LEU M 47 -52.39 -73.30 61.30
N LEU M 48 -51.38 -73.15 62.15
CA LEU M 48 -51.58 -73.20 63.58
C LEU M 48 -50.51 -72.36 64.27
N GLY M 49 -50.92 -71.58 65.28
CA GLY M 49 -50.01 -70.72 66.00
C GLY M 49 -49.86 -71.16 67.45
N ALA M 50 -48.72 -70.83 68.04
CA ALA M 50 -48.46 -71.16 69.43
C ALA M 50 -47.53 -70.12 70.02
N LEU M 51 -47.62 -69.95 71.33
CA LEU M 51 -46.90 -68.91 72.04
C LEU M 51 -45.89 -69.50 73.01
N CYS M 52 -44.69 -68.92 73.02
CA CYS M 52 -43.63 -69.23 73.97
C CYS M 52 -43.53 -68.02 74.88
N LEU M 53 -44.32 -68.04 75.95
CA LEU M 53 -44.51 -66.91 76.85
C LEU M 53 -43.56 -67.03 78.04
N GLN M 54 -42.56 -66.16 78.08
CA GLN M 54 -41.39 -66.33 78.96
C GLN M 54 -41.29 -65.19 79.95
N ARG M 55 -41.19 -65.54 81.23
CA ARG M 55 -41.01 -64.58 82.31
C ARG M 55 -39.57 -64.60 82.79
N PRO M 56 -38.89 -63.45 82.83
CA PRO M 56 -37.47 -63.43 83.21
C PRO M 56 -37.31 -63.60 84.71
N PRO M 57 -36.13 -64.03 85.17
CA PRO M 57 -35.89 -64.17 86.61
C PRO M 57 -35.85 -62.81 87.30
N LEU M 58 -36.20 -62.83 88.59
CA LEU M 58 -36.18 -61.62 89.40
C LEU M 58 -34.97 -61.52 90.33
N VAL M 59 -34.29 -62.63 90.61
CA VAL M 59 -33.09 -62.62 91.44
C VAL M 59 -31.99 -63.33 90.67
N THR M 60 -30.75 -62.99 91.00
CA THR M 60 -29.60 -63.52 90.28
C THR M 60 -29.28 -64.95 90.72
N LYS M 61 -28.60 -65.68 89.85
CA LYS M 61 -28.20 -67.04 90.16
C LYS M 61 -27.09 -67.04 91.21
N PRO M 62 -26.95 -68.13 91.97
CA PRO M 62 -25.82 -68.23 92.88
C PRO M 62 -24.51 -68.27 92.12
N LEU M 63 -23.46 -67.73 92.75
CA LEU M 63 -22.16 -67.62 92.11
C LEU M 63 -21.38 -68.91 92.21
N THR M 64 -20.76 -69.30 91.10
CA THR M 64 -19.83 -70.41 91.09
C THR M 64 -18.65 -70.09 92.01
N PRO M 65 -18.09 -71.08 92.72
CA PRO M 65 -16.92 -70.79 93.57
C PRO M 65 -15.76 -70.14 92.84
N LEU M 66 -15.52 -70.50 91.57
CA LEU M 66 -14.51 -69.81 90.79
C LEU M 66 -14.86 -68.34 90.61
N GLN M 67 -16.13 -68.05 90.36
CA GLN M 67 -16.58 -66.67 90.24
C GLN M 67 -16.40 -65.91 91.56
N GLU M 68 -16.67 -66.57 92.68
CA GLU M 68 -16.47 -65.94 93.98
C GLU M 68 -14.99 -65.67 94.23
N GLU M 69 -14.12 -66.61 93.84
CA GLU M 69 -12.69 -66.40 94.00
C GLU M 69 -12.23 -65.20 93.18
N MET M 70 -12.68 -65.10 91.93
CA MET M 70 -12.30 -63.95 91.12
C MET M 70 -12.90 -62.66 91.66
N ALA M 71 -14.12 -62.70 92.19
CA ALA M 71 -14.70 -61.49 92.78
C ALA M 71 -13.88 -61.01 93.97
N ASP M 72 -13.47 -61.94 94.84
CA ASP M 72 -12.64 -61.58 95.98
C ASP M 72 -11.28 -61.03 95.51
N LEU M 73 -10.67 -61.67 94.52
CA LEU M 73 -9.38 -61.21 94.02
C LEU M 73 -9.48 -59.83 93.39
N LEU M 74 -10.55 -59.59 92.61
CA LEU M 74 -10.76 -58.28 92.01
C LEU M 74 -11.00 -57.21 93.07
N GLN M 75 -11.76 -57.54 94.12
CA GLN M 75 -11.95 -56.59 95.21
C GLN M 75 -10.62 -56.29 95.90
N GLN M 76 -9.79 -57.31 96.11
CA GLN M 76 -8.50 -57.11 96.75
C GLN M 76 -7.61 -56.20 95.92
N ILE M 77 -7.52 -56.46 94.62
CA ILE M 77 -6.65 -55.64 93.77
C ILE M 77 -7.21 -54.23 93.62
N GLU M 78 -8.54 -54.07 93.59
CA GLU M 78 -9.13 -52.74 93.53
C GLU M 78 -8.83 -51.95 94.80
N ILE M 79 -8.92 -52.62 95.96
CA ILE M 79 -8.57 -51.96 97.22
C ILE M 79 -7.11 -51.56 97.22
N GLU M 80 -6.23 -52.45 96.76
CA GLU M 80 -4.80 -52.15 96.74
C GLU M 80 -4.47 -50.98 95.80
N ARG M 81 -5.07 -50.97 94.61
CA ARG M 81 -4.75 -49.94 93.63
C ARG M 81 -5.59 -48.68 93.79
N SER M 82 -6.54 -48.68 94.73
CA SER M 82 -7.28 -47.45 95.04
C SER M 82 -6.36 -46.44 95.71
N LEU M 83 -6.72 -45.17 95.59
CA LEU M 83 -5.87 -44.12 96.13
C LEU M 83 -6.00 -44.05 97.65
N TYR M 84 -7.17 -43.58 98.11
CA TYR M 84 -7.74 -43.42 99.45
C TYR M 84 -9.21 -43.08 99.32
N SER M 85 -9.98 -43.50 100.33
CA SER M 85 -11.37 -43.07 100.48
C SER M 85 -11.45 -42.06 101.62
N ASP M 86 -12.43 -41.17 101.53
CA ASP M 86 -12.55 -40.09 102.52
C ASP M 86 -12.76 -40.66 103.91
N HIS M 87 -13.53 -41.74 104.02
CA HIS M 87 -13.83 -42.33 105.33
C HIS M 87 -12.56 -42.82 106.02
N GLU M 88 -11.75 -43.61 105.30
CA GLU M 88 -10.51 -44.09 105.90
C GLU M 88 -9.53 -42.94 106.15
N LEU M 89 -9.54 -41.91 105.30
CA LEU M 89 -8.68 -40.76 105.53
C LEU M 89 -9.02 -40.08 106.85
N ARG M 90 -10.31 -39.78 107.07
CA ARG M 90 -10.68 -39.10 108.31
C ARG M 90 -10.52 -40.01 109.51
N ALA M 91 -10.74 -41.32 109.34
CA ALA M 91 -10.53 -42.25 110.45
C ALA M 91 -9.07 -42.25 110.88
N LEU M 92 -8.15 -42.32 109.91
CA LEU M 92 -6.73 -42.30 110.24
C LEU M 92 -6.33 -40.96 110.86
N ASP M 93 -6.85 -39.86 110.33
CA ASP M 93 -6.53 -38.55 110.91
C ASP M 93 -7.02 -38.43 112.35
N GLU M 94 -8.25 -38.88 112.61
CA GLU M 94 -8.79 -38.83 113.96
C GLU M 94 -7.99 -39.72 114.91
N ALA M 95 -7.61 -40.92 114.46
CA ALA M 95 -6.82 -41.81 115.30
C ALA M 95 -5.47 -41.17 115.62
N GLN M 96 -4.81 -40.58 114.62
CA GLN M 96 -3.51 -39.97 114.86
C GLN M 96 -3.60 -38.78 115.80
N GLN M 97 -4.62 -37.93 115.60
CA GLN M 97 -4.73 -36.75 116.47
C GLN M 97 -5.11 -37.14 117.88
N LEU M 98 -5.95 -38.16 118.05
CA LEU M 98 -6.26 -38.63 119.39
C LEU M 98 -5.02 -39.22 120.08
N ALA M 99 -4.22 -39.99 119.32
CA ALA M 99 -3.01 -40.58 119.89
C ALA M 99 -2.02 -39.50 120.30
N LYS M 100 -1.89 -38.45 119.47
CA LYS M 100 -0.97 -37.36 119.80
C LYS M 100 -1.49 -36.45 120.92
N LYS M 101 -2.81 -36.32 121.07
CA LYS M 101 -3.37 -35.49 122.12
C LYS M 101 -3.44 -36.20 123.46
N LYS M 102 -3.53 -37.53 123.47
CA LYS M 102 -3.53 -38.27 124.72
C LYS M 102 -2.21 -38.08 125.48
N SER M 103 -1.09 -38.15 124.76
CA SER M 103 0.22 -38.00 125.38
C SER M 103 0.64 -36.55 125.57
N ASP M 104 -0.14 -35.59 125.07
CA ASP M 104 0.19 -34.19 125.20
C ASP M 104 -0.50 -33.58 126.42
N LEU M 116 -17.30 -39.76 115.72
CA LEU M 116 -16.10 -40.21 115.01
C LEU M 116 -16.45 -41.23 113.94
N ALA M 117 -15.46 -41.61 113.13
CA ALA M 117 -15.67 -42.61 112.09
C ALA M 117 -16.05 -43.95 112.69
N GLN M 118 -15.46 -44.29 113.84
CA GLN M 118 -15.85 -45.52 114.53
C GLN M 118 -17.31 -45.48 114.94
N ASP M 119 -17.76 -44.35 115.48
CA ASP M 119 -19.17 -44.21 115.85
C ASP M 119 -20.07 -44.32 114.62
N LEU M 120 -19.66 -43.70 113.51
CA LEU M 120 -20.47 -43.77 112.30
C LEU M 120 -20.59 -45.20 111.79
N GLU M 121 -19.47 -45.95 111.76
CA GLU M 121 -19.53 -47.31 111.26
C GLU M 121 -20.30 -48.22 112.23
N ASP M 122 -20.20 -47.95 113.54
CA ASP M 122 -21.02 -48.70 114.49
C ASP M 122 -22.51 -48.46 114.26
N MET M 123 -22.89 -47.20 114.03
CA MET M 123 -24.29 -46.88 113.77
C MET M 123 -24.77 -47.55 112.48
N TRP M 124 -23.93 -47.52 111.44
CA TRP M 124 -24.31 -48.14 110.17
C TRP M 124 -24.45 -49.66 110.33
N GLU M 125 -23.54 -50.29 111.08
CA GLU M 125 -23.64 -51.72 111.32
C GLU M 125 -24.89 -52.07 112.12
N GLN M 126 -25.21 -51.27 113.14
CA GLN M 126 -26.43 -51.52 113.91
C GLN M 126 -27.68 -51.36 113.05
N LYS M 127 -27.71 -50.34 112.20
CA LYS M 127 -28.85 -50.16 111.31
C LYS M 127 -28.97 -51.33 110.33
N PHE M 128 -27.84 -51.80 109.80
CA PHE M 128 -27.87 -52.94 108.89
C PHE M 128 -28.39 -54.20 109.59
N LEU M 129 -27.94 -54.42 110.83
CA LEU M 129 -28.41 -55.57 111.59
C LEU M 129 -29.90 -55.47 111.88
N HIS M 130 -30.38 -54.27 112.25
CA HIS M 130 -31.80 -54.10 112.54
C HIS M 130 -32.65 -54.30 111.28
N PHE M 131 -32.20 -53.78 110.15
CA PHE M 131 -32.97 -53.91 108.91
C PHE M 131 -32.99 -55.37 108.44
N LYS M 132 -34.17 -55.87 108.12
CA LYS M 132 -34.34 -57.23 107.65
C LYS M 132 -34.76 -57.21 106.19
N LEU M 133 -34.04 -57.94 105.35
CA LEU M 133 -34.32 -58.02 103.93
C LEU M 133 -35.33 -59.14 103.65
N GLY M 134 -35.93 -59.07 102.47
CA GLY M 134 -36.88 -60.08 102.07
C GLY M 134 -36.21 -61.41 101.79
N ALA M 135 -36.99 -62.48 101.90
CA ALA M 135 -36.48 -63.82 101.68
C ALA M 135 -36.25 -64.05 100.19
N ARG M 136 -35.02 -64.37 99.83
CA ARG M 136 -34.70 -64.62 98.42
C ARG M 136 -35.34 -65.90 97.92
N LEU M 137 -35.54 -66.89 98.79
CA LEU M 137 -36.11 -68.17 98.42
C LEU M 137 -37.59 -68.17 98.77
N THR M 138 -38.43 -68.53 97.79
CA THR M 138 -39.86 -68.59 97.98
C THR M 138 -40.45 -69.95 97.61
N GLU M 139 -39.63 -70.90 97.17
CA GLU M 139 -40.11 -72.22 96.76
C GLU M 139 -39.68 -73.34 97.71
N ALA M 140 -38.50 -73.24 98.31
CA ALA M 140 -38.03 -74.27 99.23
C ALA M 140 -38.87 -74.34 100.50
N ASP M 141 -39.60 -73.28 100.83
CA ASP M 141 -40.48 -73.30 101.99
C ASP M 141 -41.87 -73.84 101.66
N LYS M 142 -42.37 -73.61 100.45
CA LYS M 142 -43.68 -74.14 100.07
C LYS M 142 -43.57 -75.59 99.62
N LYS M 143 -42.83 -75.83 98.53
CA LYS M 143 -42.64 -77.17 97.96
C LYS M 143 -43.95 -77.85 97.61
N ASP M 144 -45.04 -77.09 97.50
CA ASP M 144 -46.33 -77.65 97.12
C ASP M 144 -47.07 -76.85 96.06
N ASP M 145 -46.74 -75.58 95.86
CA ASP M 145 -47.37 -74.74 94.84
C ASP M 145 -46.37 -74.52 93.72
N ARG M 146 -46.67 -75.09 92.54
CA ARG M 146 -45.82 -74.96 91.37
C ARG M 146 -46.40 -74.03 90.33
N THR M 147 -47.68 -73.69 90.43
CA THR M 147 -48.34 -72.80 89.49
C THR M 147 -48.17 -71.34 89.83
N SER M 148 -47.54 -71.02 90.96
CA SER M 148 -47.39 -69.64 91.38
C SER M 148 -46.47 -68.88 90.44
N LEU M 149 -46.78 -67.60 90.22
CA LEU M 149 -45.93 -66.75 89.40
C LEU M 149 -44.56 -66.54 90.05
N HIS M 150 -44.52 -66.49 91.38
CA HIS M 150 -43.28 -66.33 92.13
C HIS M 150 -42.64 -67.66 92.50
N ARG M 151 -42.88 -68.71 91.72
CA ARG M 151 -42.30 -70.02 92.03
C ARG M 151 -40.78 -69.97 92.02
N LYS M 152 -40.20 -69.66 90.87
CA LYS M 152 -38.75 -69.55 90.72
C LYS M 152 -38.40 -68.11 90.38
N LEU M 153 -37.45 -67.55 91.12
CA LEU M 153 -37.00 -66.18 90.89
C LEU M 153 -35.58 -66.09 90.33
N ASP M 154 -34.80 -67.17 90.40
CA ASP M 154 -33.42 -67.15 89.94
C ASP M 154 -33.26 -67.55 88.48
N ARG M 155 -34.28 -68.15 87.87
CA ARG M 155 -34.23 -68.58 86.48
C ARG M 155 -35.44 -68.06 85.72
N ASN M 156 -35.31 -68.05 84.39
CA ASN M 156 -36.39 -67.65 83.51
C ASN M 156 -37.33 -68.83 83.28
N LEU M 157 -38.64 -68.55 83.32
CA LEU M 157 -39.65 -69.61 83.28
C LEU M 157 -40.58 -69.41 82.09
N ILE M 158 -41.33 -70.48 81.78
CA ILE M 158 -42.32 -70.49 80.72
C ILE M 158 -43.61 -71.05 81.28
N LEU M 159 -44.73 -70.67 80.66
CA LEU M 159 -46.05 -71.06 81.12
C LEU M 159 -46.60 -72.16 80.24
N LEU M 160 -47.05 -73.25 80.84
CA LEU M 160 -47.72 -74.32 80.11
C LEU M 160 -49.09 -74.59 80.72
N VAL M 161 -50.09 -74.72 79.85
CA VAL M 161 -51.48 -74.94 80.23
C VAL M 161 -51.87 -76.35 79.88
N ARG M 162 -52.86 -76.89 80.60
CA ARG M 162 -53.33 -78.25 80.39
C ARG M 162 -54.68 -78.27 79.69
N GLU M 163 -54.78 -79.09 78.64
CA GLU M 163 -56.00 -79.27 77.88
C GLU M 163 -56.12 -80.73 77.48
N LYS M 164 -57.34 -81.27 77.54
CA LYS M 164 -57.61 -82.65 77.17
C LYS M 164 -58.56 -82.67 75.98
N LEU M 165 -58.06 -83.11 74.83
CA LEU M 165 -58.85 -83.14 73.61
C LEU M 165 -59.60 -84.47 73.49
N GLY M 166 -60.51 -84.53 72.52
CA GLY M 166 -61.34 -85.72 72.37
C GLY M 166 -60.54 -86.95 71.97
N ASP M 167 -59.61 -86.79 71.03
CA ASP M 167 -58.82 -87.91 70.52
C ASP M 167 -57.38 -87.92 70.99
N GLN M 168 -56.82 -86.77 71.37
CA GLN M 168 -55.42 -86.67 71.74
C GLN M 168 -55.28 -86.10 73.14
N ASP M 169 -54.40 -86.69 73.93
CA ASP M 169 -54.03 -86.22 75.26
C ASP M 169 -52.57 -85.76 75.17
N ILE M 170 -52.39 -84.47 74.88
CA ILE M 170 -51.09 -83.92 74.54
C ILE M 170 -50.64 -82.95 75.63
N TRP M 171 -49.33 -82.80 75.77
CA TRP M 171 -48.72 -81.84 76.71
C TRP M 171 -48.38 -80.58 75.92
N MET M 172 -49.41 -79.85 75.50
CA MET M 172 -49.23 -78.77 74.53
C MET M 172 -48.92 -77.44 75.22
N LEU M 173 -48.25 -76.58 74.46
CA LEU M 173 -48.06 -75.19 74.85
C LEU M 173 -49.31 -74.38 74.51
N PRO M 174 -49.42 -73.15 75.01
CA PRO M 174 -50.53 -72.28 74.58
C PRO M 174 -50.57 -72.15 73.07
N GLN M 175 -51.77 -72.35 72.52
CA GLN M 175 -51.93 -72.68 71.11
C GLN M 175 -53.25 -72.10 70.62
N SER M 176 -53.33 -71.85 69.32
CA SER M 176 -54.53 -71.23 68.74
C SER M 176 -54.52 -71.38 67.23
N ASP M 177 -55.69 -71.08 66.64
CA ASP M 177 -55.88 -71.04 65.20
C ASP M 177 -56.30 -69.62 64.78
N TRP M 178 -56.20 -69.34 63.49
CA TRP M 178 -56.57 -68.04 62.97
C TRP M 178 -57.02 -68.14 61.53
N GLN M 179 -57.93 -67.27 61.14
CA GLN M 179 -58.42 -67.18 59.77
C GLN M 179 -57.36 -66.57 58.87
N PRO M 180 -57.44 -66.83 57.56
CA PRO M 180 -56.44 -66.27 56.64
C PRO M 180 -56.42 -64.75 56.62
N GLY M 181 -57.51 -64.09 57.00
CA GLY M 181 -57.53 -62.64 57.04
C GLY M 181 -56.82 -62.01 58.22
N GLU M 182 -56.44 -62.81 59.21
CA GLU M 182 -55.75 -62.33 60.40
C GLU M 182 -54.24 -62.54 60.24
N THR M 183 -53.48 -61.73 60.99
CA THR M 183 -52.03 -61.80 60.98
C THR M 183 -51.51 -62.55 62.20
N LEU M 184 -50.26 -62.98 62.12
CA LEU M 184 -49.66 -63.77 63.19
C LEU M 184 -49.58 -62.99 64.49
N ARG M 185 -49.21 -61.71 64.43
CA ARG M 185 -49.03 -60.93 65.66
C ARG M 185 -50.37 -60.63 66.32
N GLN M 186 -51.37 -60.26 65.53
CA GLN M 186 -52.71 -60.05 66.08
C GLN M 186 -53.26 -61.35 66.64
N THR M 187 -52.99 -62.47 65.97
CA THR M 187 -53.44 -63.77 66.48
C THR M 187 -52.81 -64.08 67.84
N ALA M 188 -51.50 -63.86 67.96
CA ALA M 188 -50.83 -64.10 69.23
C ALA M 188 -51.37 -63.18 70.33
N GLU M 189 -51.60 -61.91 69.99
CA GLU M 189 -52.15 -60.98 70.97
C GLU M 189 -53.53 -61.41 71.44
N ARG M 190 -54.39 -61.81 70.50
CA ARG M 190 -55.73 -62.28 70.88
C ARG M 190 -55.64 -63.55 71.72
N THR M 191 -54.72 -64.45 71.37
CA THR M 191 -54.55 -65.69 72.12
C THR M 191 -54.15 -65.40 73.56
N LEU M 192 -53.15 -64.55 73.76
CA LEU M 192 -52.73 -64.23 75.12
C LEU M 192 -53.80 -63.44 75.86
N ALA M 193 -54.62 -62.68 75.14
CA ALA M 193 -55.65 -61.88 75.79
C ALA M 193 -56.82 -62.75 76.28
N THR M 194 -57.27 -63.70 75.47
CA THR M 194 -58.48 -64.44 75.81
C THR M 194 -58.23 -65.83 76.40
N LEU M 195 -57.13 -66.50 76.02
CA LEU M 195 -56.88 -67.82 76.58
C LEU M 195 -56.49 -67.75 78.05
N SER M 196 -55.65 -66.78 78.42
CA SER M 196 -55.20 -66.68 79.80
C SER M 196 -56.28 -66.12 80.73
N GLU M 197 -57.24 -65.38 80.18
CA GLU M 197 -58.37 -64.86 80.95
C GLU M 197 -57.91 -63.99 82.12
N ASN M 198 -56.92 -63.14 81.86
CA ASN M 198 -56.42 -62.23 82.89
C ASN M 198 -55.85 -60.99 82.23
N ASN M 199 -55.71 -59.93 83.02
CA ASN M 199 -55.12 -58.67 82.55
C ASN M 199 -53.62 -58.71 82.82
N MET M 200 -52.86 -59.06 81.78
CA MET M 200 -51.41 -59.14 81.86
C MET M 200 -50.80 -58.39 80.68
N GLU M 201 -49.58 -57.88 80.86
CA GLU M 201 -48.87 -57.19 79.81
C GLU M 201 -47.69 -58.03 79.35
N ALA M 202 -47.59 -58.24 78.04
CA ALA M 202 -46.53 -59.02 77.44
C ALA M 202 -45.86 -58.20 76.35
N LYS M 203 -44.53 -58.30 76.28
CA LYS M 203 -43.73 -57.55 75.31
C LYS M 203 -43.32 -58.49 74.19
N PHE M 204 -43.57 -58.08 72.95
CA PHE M 204 -43.20 -58.85 71.78
C PHE M 204 -41.88 -58.36 71.21
N LEU M 205 -41.01 -59.31 70.88
CA LEU M 205 -39.66 -58.95 70.45
C LEU M 205 -39.59 -58.69 68.95
N GLY M 206 -40.05 -59.65 68.15
CA GLY M 206 -39.98 -59.51 66.70
C GLY M 206 -41.11 -60.23 66.01
N ASN M 207 -41.35 -59.82 64.76
CA ASN M 207 -42.38 -60.45 63.95
C ASN M 207 -41.91 -61.72 63.28
N ALA M 208 -40.61 -61.99 63.27
CA ALA M 208 -40.10 -63.19 62.64
C ALA M 208 -40.48 -64.44 63.44
N PRO M 209 -40.80 -65.54 62.77
CA PRO M 209 -41.12 -66.78 63.51
C PRO M 209 -39.93 -67.28 64.31
N CYS M 210 -40.22 -67.83 65.49
CA CYS M 210 -39.17 -68.36 66.36
C CYS M 210 -38.95 -69.85 66.13
N GLY M 211 -40.02 -70.62 65.95
CA GLY M 211 -39.88 -72.04 65.68
C GLY M 211 -40.97 -72.53 64.76
N HIS M 212 -40.67 -73.58 64.01
CA HIS M 212 -41.60 -74.13 63.04
C HIS M 212 -41.63 -75.65 63.16
N TYR M 213 -42.83 -76.23 63.08
CA TYR M 213 -42.96 -77.69 63.12
C TYR M 213 -44.10 -78.13 62.23
N LYS M 214 -43.80 -79.08 61.34
CA LYS M 214 -44.77 -79.61 60.40
C LYS M 214 -45.02 -81.09 60.66
N PHE M 215 -46.27 -81.51 60.51
CA PHE M 215 -46.62 -82.91 60.67
C PHE M 215 -47.73 -83.28 59.71
N LYS M 216 -47.59 -84.45 59.08
CA LYS M 216 -48.56 -84.94 58.10
C LYS M 216 -49.40 -86.04 58.72
N PHE M 217 -50.72 -85.97 58.50
CA PHE M 217 -51.63 -86.96 59.05
C PHE M 217 -51.68 -88.20 58.16
N LEU M 227 -52.86 -83.94 53.38
CA LEU M 227 -53.28 -83.76 54.77
C LEU M 227 -52.08 -83.44 55.66
N GLY M 228 -51.77 -82.16 55.80
CA GLY M 228 -50.65 -81.76 56.62
C GLY M 228 -50.97 -80.50 57.41
N ALA M 229 -50.24 -80.31 58.51
CA ALA M 229 -50.43 -79.17 59.37
C ALA M 229 -49.08 -78.59 59.75
N LYS M 230 -49.06 -77.28 59.95
CA LYS M 230 -47.87 -76.53 60.33
C LYS M 230 -48.18 -75.66 61.53
N VAL M 231 -47.25 -75.61 62.48
CA VAL M 231 -47.41 -74.84 63.70
C VAL M 231 -46.19 -73.92 63.85
N PHE M 232 -46.46 -72.66 64.14
CA PHE M 232 -45.43 -71.63 64.31
C PHE M 232 -45.43 -71.21 65.78
N PHE M 233 -44.28 -71.36 66.44
CA PHE M 233 -44.09 -70.92 67.81
C PHE M 233 -43.43 -69.54 67.79
N PHE M 234 -44.09 -68.58 68.42
CA PHE M 234 -43.58 -67.21 68.52
C PHE M 234 -43.29 -66.89 69.98
N LYS M 235 -42.11 -66.32 70.24
CA LYS M 235 -41.68 -66.05 71.60
C LYS M 235 -42.08 -64.64 72.04
N ALA M 236 -42.39 -64.51 73.33
CA ALA M 236 -42.78 -63.22 73.91
C ALA M 236 -42.30 -63.16 75.35
N LEU M 237 -42.15 -61.93 75.84
CA LEU M 237 -41.56 -61.66 77.15
C LEU M 237 -42.56 -60.98 78.06
N LEU M 238 -42.54 -61.36 79.34
CA LEU M 238 -43.44 -60.77 80.33
C LEU M 238 -42.97 -59.38 80.74
N LEU M 239 -43.95 -58.49 80.93
CA LEU M 239 -43.73 -57.21 81.58
C LEU M 239 -44.30 -57.22 83.00
N THR M 240 -45.59 -57.53 83.12
CA THR M 240 -46.21 -57.72 84.43
C THR M 240 -47.43 -58.62 84.28
N GLY M 241 -47.54 -59.61 85.18
CA GLY M 241 -48.64 -60.55 85.11
C GLY M 241 -49.58 -60.49 86.30
N ASP M 242 -50.81 -60.06 86.06
CA ASP M 242 -51.85 -60.01 87.08
C ASP M 242 -52.87 -61.08 86.74
N PHE M 243 -52.64 -62.29 87.24
CA PHE M 243 -53.47 -63.44 86.92
C PHE M 243 -54.66 -63.49 87.87
N SER M 244 -55.86 -63.41 87.32
CA SER M 244 -57.09 -63.52 88.09
C SER M 244 -57.67 -64.93 87.96
N GLN M 245 -58.52 -65.28 88.94
CA GLN M 245 -59.19 -66.58 88.97
C GLN M 245 -58.18 -67.72 88.98
N ALA M 246 -57.39 -67.76 90.05
CA ALA M 246 -56.31 -68.73 90.20
C ALA M 246 -56.79 -70.11 90.65
N GLY M 247 -58.02 -70.21 91.15
CA GLY M 247 -58.53 -71.48 91.61
C GLY M 247 -59.35 -72.21 90.55
N LYS M 248 -59.17 -71.81 89.29
CA LYS M 248 -59.93 -72.39 88.20
C LYS M 248 -59.46 -73.81 87.92
N LYS M 249 -60.32 -74.57 87.23
CA LYS M 249 -59.98 -75.95 86.87
C LYS M 249 -58.85 -75.99 85.83
N GLY M 250 -58.81 -75.04 84.91
CA GLY M 250 -57.72 -74.94 83.97
C GLY M 250 -56.39 -74.79 84.69
N HIS M 251 -55.46 -75.69 84.42
CA HIS M 251 -54.22 -75.76 85.19
C HIS M 251 -53.07 -75.23 84.33
N HIS M 252 -52.47 -74.13 84.76
CA HIS M 252 -51.30 -73.55 84.13
C HIS M 252 -50.17 -73.50 85.14
N VAL M 253 -48.95 -73.76 84.70
CA VAL M 253 -47.80 -73.80 85.60
C VAL M 253 -46.61 -73.10 84.96
N TRP M 254 -45.79 -72.47 85.79
CA TRP M 254 -44.52 -71.86 85.39
C TRP M 254 -43.40 -72.86 85.64
N VAL M 255 -42.66 -73.20 84.59
CA VAL M 255 -41.65 -74.25 84.62
C VAL M 255 -40.39 -73.80 83.90
N SER M 256 -39.28 -74.48 84.19
CA SER M 256 -37.98 -74.17 83.63
C SER M 256 -37.64 -75.14 82.50
N LYS M 257 -36.41 -75.03 81.98
CA LYS M 257 -35.98 -75.90 80.88
C LYS M 257 -35.88 -77.34 81.33
N GLU M 258 -35.39 -77.59 82.55
CA GLU M 258 -35.36 -78.95 83.08
C GLU M 258 -36.76 -79.53 83.18
N GLU M 259 -37.73 -78.71 83.61
CA GLU M 259 -39.10 -79.20 83.69
C GLU M 259 -39.70 -79.44 82.31
N LEU M 260 -39.33 -78.61 81.32
CA LEU M 260 -39.73 -78.90 79.95
C LEU M 260 -39.19 -80.24 79.48
N GLY M 261 -37.89 -80.48 79.73
CA GLY M 261 -37.32 -81.76 79.36
C GLY M 261 -37.96 -82.94 80.06
N ASP M 262 -38.37 -82.75 81.31
CA ASP M 262 -39.02 -83.83 82.05
C ASP M 262 -40.44 -84.09 81.56
N TYR M 263 -41.20 -83.03 81.29
CA TYR M 263 -42.63 -83.14 81.02
C TYR M 263 -42.95 -83.39 79.55
N LEU M 264 -42.34 -82.61 78.66
CA LEU M 264 -42.75 -82.59 77.25
C LEU M 264 -42.41 -83.95 76.62
N LYS M 265 -43.44 -84.78 76.43
CA LYS M 265 -43.26 -86.10 75.84
C LYS M 265 -43.20 -86.10 74.31
N PRO M 266 -44.01 -85.34 73.57
CA PRO M 266 -43.96 -85.45 72.10
C PRO M 266 -42.67 -84.87 71.54
N LYS M 267 -42.25 -85.43 70.40
CA LYS M 267 -41.00 -85.00 69.78
C LYS M 267 -41.10 -83.60 69.21
N TYR M 268 -42.27 -83.23 68.68
CA TYR M 268 -42.44 -81.88 68.14
C TYR M 268 -42.30 -80.83 69.23
N LEU M 269 -42.87 -81.08 70.41
CA LEU M 269 -42.81 -80.14 71.51
C LEU M 269 -41.58 -80.32 72.39
N ALA M 270 -40.79 -81.36 72.17
CA ALA M 270 -39.56 -81.56 72.92
C ALA M 270 -38.37 -80.81 72.33
N GLN M 271 -38.53 -80.19 71.17
CA GLN M 271 -37.47 -79.43 70.53
C GLN M 271 -37.58 -77.94 70.78
N VAL M 272 -38.44 -77.51 71.70
CA VAL M 272 -38.56 -76.09 72.02
C VAL M 272 -37.28 -75.58 72.67
N ARG M 273 -36.55 -76.44 73.39
CA ARG M 273 -35.30 -76.02 74.02
C ARG M 273 -34.24 -75.66 72.99
N ARG M 274 -34.44 -76.02 71.72
CA ARG M 274 -33.50 -75.62 70.68
C ARG M 274 -33.45 -74.10 70.52
N PHE M 275 -34.61 -73.44 70.55
CA PHE M 275 -34.66 -71.99 70.49
C PHE M 275 -34.91 -71.32 71.83
N LEU M 276 -35.15 -72.10 72.89
CA LEU M 276 -35.14 -71.55 74.23
C LEU M 276 -33.72 -71.56 74.80
N LEU M 277 -33.26 -70.41 75.25
CA LEU M 277 -31.91 -70.30 75.79
C LEU M 277 -31.77 -71.04 77.11
N ASP M 278 -30.59 -71.63 77.33
CA ASP M 278 -30.37 -72.39 78.55
C ASP M 278 -30.19 -71.48 79.77
N LEU M 279 -29.45 -70.38 79.59
CA LEU M 279 -29.04 -69.52 80.70
C LEU M 279 -28.31 -70.33 81.77
N TYR N 105 3.09 -47.64 33.11
CA TYR N 105 2.76 -46.79 31.98
C TYR N 105 1.39 -47.16 31.43
N ARG N 106 0.72 -46.18 30.79
CA ARG N 106 -0.67 -46.37 30.39
C ARG N 106 -0.83 -47.48 29.37
N SER N 107 0.09 -47.57 28.40
CA SER N 107 -0.01 -48.56 27.34
C SER N 107 0.57 -49.92 27.73
N LYS N 108 1.15 -50.04 28.92
CA LYS N 108 1.69 -51.34 29.28
C LYS N 108 0.62 -52.20 29.94
N PRO N 109 0.74 -53.53 29.84
CA PRO N 109 -0.24 -54.41 30.50
C PRO N 109 -0.27 -54.29 32.01
N THR N 110 0.80 -53.78 32.63
CA THR N 110 0.90 -53.68 34.08
C THR N 110 0.37 -52.35 34.61
N HIS N 111 -0.32 -51.56 33.79
CA HIS N 111 -0.86 -50.29 34.25
C HIS N 111 -1.92 -50.52 35.32
N GLY N 112 -1.92 -49.64 36.32
CA GLY N 112 -2.88 -49.75 37.40
C GLY N 112 -2.56 -50.80 38.44
N ILE N 113 -1.35 -51.35 38.42
CA ILE N 113 -0.97 -52.34 39.42
C ILE N 113 -0.82 -51.69 40.80
N GLY N 114 -0.40 -50.43 40.84
CA GLY N 114 -0.19 -49.71 42.06
C GLY N 114 -1.39 -48.94 42.60
N ARG N 115 -2.56 -49.14 42.01
CA ARG N 115 -3.75 -48.42 42.47
C ARG N 115 -4.18 -48.90 43.85
N TYR N 116 -4.40 -47.95 44.75
CA TYR N 116 -4.82 -48.28 46.11
C TYR N 116 -5.94 -47.42 46.66
N LYS N 117 -6.29 -46.31 46.01
CA LYS N 117 -7.32 -45.43 46.55
C LYS N 117 -8.71 -46.04 46.46
N HIS N 118 -8.89 -47.07 45.64
CA HIS N 118 -10.17 -47.77 45.59
C HIS N 118 -10.31 -48.81 46.69
N LEU N 119 -9.25 -49.07 47.45
CA LEU N 119 -9.28 -50.00 48.57
C LEU N 119 -9.51 -49.32 49.91
N VAL N 120 -9.33 -48.01 49.99
CA VAL N 120 -9.54 -47.24 51.22
C VAL N 120 -10.28 -45.96 50.86
N LYS N 121 -11.27 -45.60 51.67
CA LYS N 121 -12.03 -44.38 51.48
C LYS N 121 -11.72 -43.42 52.62
N ALA N 122 -11.17 -42.26 52.27
CA ALA N 122 -10.84 -41.23 53.26
C ALA N 122 -10.92 -39.88 52.56
N GLN N 123 -12.05 -39.19 52.70
CA GLN N 123 -12.24 -37.89 52.08
C GLN N 123 -12.36 -36.80 53.13
N VAL N 134 -28.79 -41.26 59.42
CA VAL N 134 -29.10 -42.33 58.49
C VAL N 134 -30.58 -42.69 58.57
N ARG N 135 -31.33 -42.34 57.52
CA ARG N 135 -32.74 -42.68 57.46
C ARG N 135 -32.93 -44.19 57.33
N PRO N 136 -33.99 -44.73 57.93
CA PRO N 136 -34.24 -46.17 57.80
C PRO N 136 -34.51 -46.58 56.36
N ILE N 137 -34.03 -47.76 56.00
CA ILE N 137 -34.22 -48.31 54.66
C ILE N 137 -35.16 -49.49 54.80
N ASN N 138 -36.43 -49.30 54.42
CA ASN N 138 -37.45 -50.33 54.51
C ASN N 138 -38.03 -50.58 53.12
N LEU N 139 -38.05 -51.85 52.72
CA LEU N 139 -38.64 -52.26 51.45
C LEU N 139 -39.65 -53.39 51.61
N GLY N 140 -40.12 -53.64 52.82
CA GLY N 140 -41.03 -54.74 53.09
C GLY N 140 -40.38 -56.03 53.53
N THR N 141 -39.38 -56.50 52.77
CA THR N 141 -38.68 -57.73 53.09
C THR N 141 -37.28 -57.50 53.64
N ASP N 142 -36.54 -56.53 53.11
CA ASP N 142 -35.22 -56.18 53.65
C ASP N 142 -35.35 -54.97 54.57
N TYR N 143 -35.98 -55.21 55.72
CA TYR N 143 -36.24 -54.15 56.70
C TYR N 143 -34.95 -53.86 57.49
N GLU N 144 -34.04 -53.15 56.82
CA GLU N 144 -32.79 -52.72 57.44
C GLU N 144 -32.93 -51.24 57.81
N TYR N 145 -33.50 -51.02 58.99
CA TYR N 145 -33.74 -49.66 59.45
C TYR N 145 -32.44 -48.99 59.87
N GLY N 146 -32.54 -47.71 60.19
CA GLY N 146 -31.37 -46.87 60.43
C GLY N 146 -30.62 -47.15 61.72
N VAL N 147 -29.85 -46.17 62.18
CA VAL N 147 -28.99 -46.36 63.33
C VAL N 147 -29.83 -46.42 64.61
N LEU N 148 -29.34 -47.19 65.58
CA LEU N 148 -30.02 -47.40 66.85
C LEU N 148 -29.05 -47.09 67.99
N ASN N 149 -29.60 -46.63 69.10
CA ASN N 149 -28.81 -46.29 70.29
C ASN N 149 -29.24 -47.19 71.45
N ILE N 150 -28.27 -47.87 72.05
CA ILE N 150 -28.49 -48.70 73.23
C ILE N 150 -27.87 -47.99 74.42
N HIS N 151 -28.69 -47.70 75.42
CA HIS N 151 -28.30 -46.93 76.59
C HIS N 151 -28.35 -47.82 77.82
N LEU N 152 -27.30 -47.76 78.62
CA LEU N 152 -27.23 -48.42 79.91
C LEU N 152 -27.19 -47.36 81.00
N ILE N 153 -28.17 -47.38 81.89
CA ILE N 153 -28.28 -46.44 83.00
C ILE N 153 -27.95 -47.18 84.28
N ALA N 154 -27.01 -46.66 85.07
CA ALA N 154 -26.55 -47.40 86.23
C ALA N 154 -25.99 -46.46 87.28
N TYR N 155 -25.88 -46.98 88.50
CA TYR N 155 -25.16 -46.30 89.57
C TYR N 155 -23.76 -46.86 89.77
N ASP N 156 -23.36 -47.86 88.99
CA ASP N 156 -22.08 -48.55 89.18
C ASP N 156 -21.18 -48.30 87.97
N MET N 157 -20.08 -47.60 88.19
CA MET N 157 -19.11 -47.34 87.12
C MET N 157 -18.59 -48.63 86.53
N ALA N 158 -18.12 -49.55 87.39
CA ALA N 158 -17.51 -50.79 86.91
C ALA N 158 -18.52 -51.63 86.14
N LEU N 159 -19.74 -51.79 86.69
CA LEU N 159 -20.74 -52.60 86.03
C LEU N 159 -21.16 -52.01 84.70
N ALA N 160 -21.39 -50.69 84.66
CA ALA N 160 -21.79 -50.04 83.41
C ALA N 160 -20.71 -50.17 82.34
N GLU N 161 -19.46 -49.86 82.71
CA GLU N 161 -18.37 -49.95 81.74
C GLU N 161 -18.15 -51.38 81.28
N SER N 162 -18.25 -52.35 82.20
CA SER N 162 -18.06 -53.74 81.84
C SER N 162 -19.13 -54.22 80.86
N TYR N 163 -20.39 -53.86 81.11
CA TYR N 163 -21.43 -54.35 80.22
C TYR N 163 -21.41 -53.61 78.89
N ALA N 164 -20.98 -52.35 78.88
CA ALA N 164 -20.76 -51.65 77.62
C ALA N 164 -19.65 -52.32 76.81
N GLN N 165 -18.56 -52.71 77.47
CA GLN N 165 -17.50 -53.44 76.79
C GLN N 165 -18.01 -54.77 76.26
N TYR N 166 -18.81 -55.48 77.04
CA TYR N 166 -19.35 -56.77 76.60
C TYR N 166 -20.25 -56.61 75.38
N VAL N 167 -21.13 -55.60 75.39
CA VAL N 167 -22.02 -55.42 74.24
C VAL N 167 -21.25 -54.96 73.02
N HIS N 168 -20.21 -54.14 73.20
CA HIS N 168 -19.37 -53.75 72.08
C HIS N 168 -18.66 -54.95 71.46
N ASN N 169 -18.12 -55.82 72.32
CA ASN N 169 -17.46 -57.03 71.81
C ASN N 169 -18.46 -57.95 71.11
N LEU N 170 -19.67 -58.05 71.66
CA LEU N 170 -20.70 -58.86 71.02
C LEU N 170 -21.06 -58.32 69.64
N CYS N 171 -21.20 -57.00 69.52
CA CYS N 171 -21.49 -56.39 68.22
C CYS N 171 -20.33 -56.63 67.25
N ASN N 172 -19.10 -56.49 67.72
CA ASN N 172 -17.95 -56.72 66.85
C ASN N 172 -17.91 -58.16 66.36
N HIS N 173 -18.23 -59.12 67.23
CA HIS N 173 -18.24 -60.52 66.81
C HIS N 173 -19.39 -60.80 65.87
N LEU N 174 -20.55 -60.18 66.10
CA LEU N 174 -21.73 -60.39 65.26
C LEU N 174 -21.73 -59.51 64.02
N ALA N 175 -20.66 -58.74 63.79
CA ALA N 175 -20.48 -57.94 62.58
C ALA N 175 -21.53 -56.84 62.45
N ILE N 176 -21.92 -56.25 63.58
CA ILE N 176 -22.81 -55.09 63.58
C ILE N 176 -21.93 -53.85 63.62
N LYS N 177 -22.07 -53.00 62.62
CA LYS N 177 -21.22 -51.82 62.49
C LYS N 177 -21.53 -50.85 63.62
N VAL N 178 -20.60 -50.73 64.57
CA VAL N 178 -20.78 -49.83 65.71
C VAL N 178 -20.45 -48.41 65.26
N GLU N 179 -21.49 -47.57 65.15
CA GLU N 179 -21.27 -46.20 64.71
C GLU N 179 -20.44 -45.41 65.71
N GLU N 180 -20.76 -45.55 67.00
CA GLU N 180 -20.05 -44.82 68.04
C GLU N 180 -20.25 -45.54 69.36
N SER N 181 -19.39 -45.22 70.32
CA SER N 181 -19.51 -45.75 71.69
C SER N 181 -19.03 -44.65 72.63
N TYR N 182 -19.98 -43.90 73.20
CA TYR N 182 -19.66 -42.76 74.05
C TYR N 182 -20.35 -42.88 75.40
N ALA N 183 -20.27 -41.83 76.21
CA ALA N 183 -20.87 -41.81 77.54
C ALA N 183 -21.65 -40.52 77.74
N MET N 184 -22.85 -40.64 78.30
CA MET N 184 -23.68 -39.49 78.65
C MET N 184 -23.07 -38.78 79.86
N PRO N 185 -23.10 -37.45 79.90
CA PRO N 185 -22.59 -36.74 81.07
C PRO N 185 -23.34 -37.14 82.34
N THR N 186 -22.60 -37.14 83.45
CA THR N 186 -23.11 -37.65 84.71
C THR N 186 -24.32 -36.87 85.19
N LYS N 187 -25.32 -37.58 85.70
CA LYS N 187 -26.51 -37.00 86.30
C LYS N 187 -26.49 -37.33 87.79
N THR N 188 -26.15 -36.34 88.61
CA THR N 188 -25.97 -36.54 90.04
C THR N 188 -27.22 -36.11 90.77
N MET N 189 -27.70 -36.97 91.67
CA MET N 189 -28.89 -36.70 92.47
C MET N 189 -28.52 -36.71 93.95
N GLU N 190 -29.11 -35.78 94.69
CA GLU N 190 -28.88 -35.63 96.13
C GLU N 190 -30.03 -36.27 96.90
N VAL N 191 -29.70 -37.12 97.86
CA VAL N 191 -30.70 -37.82 98.66
C VAL N 191 -30.95 -37.02 99.93
N LEU N 192 -32.19 -36.55 100.09
CA LEU N 192 -32.61 -35.81 101.27
C LEU N 192 -33.66 -36.64 102.00
N GLN N 193 -33.37 -37.03 103.24
CA GLN N 193 -34.27 -37.83 104.04
C GLN N 193 -34.94 -36.96 105.10
N LEU N 194 -36.19 -37.29 105.41
CA LEU N 194 -36.93 -36.60 106.47
C LEU N 194 -36.57 -37.19 107.82
N GLN N 195 -36.03 -36.35 108.70
CA GLN N 195 -35.66 -36.80 110.04
C GLN N 195 -36.90 -37.12 110.86
N GLU N 196 -36.72 -37.99 111.86
CA GLU N 196 -37.81 -38.36 112.74
C GLU N 196 -38.41 -37.11 113.40
N GLN N 197 -39.68 -37.24 113.78
CA GLN N 197 -40.55 -36.17 114.30
C GLN N 197 -40.93 -35.16 113.22
N GLY N 198 -40.41 -35.29 112.00
CA GLY N 198 -40.83 -34.44 110.90
C GLY N 198 -40.23 -33.04 110.96
N SER N 199 -40.62 -32.25 109.96
CA SER N 199 -40.24 -30.84 109.86
C SER N 199 -38.72 -30.67 109.82
N LYS N 200 -38.03 -31.60 109.18
CA LYS N 200 -36.58 -31.52 109.04
C LYS N 200 -36.12 -32.41 107.91
N MET N 201 -35.35 -31.82 106.99
CA MET N 201 -34.82 -32.54 105.83
C MET N 201 -33.31 -32.49 105.90
N PHE N 202 -32.66 -33.64 105.97
CA PHE N 202 -31.21 -33.71 106.08
C PHE N 202 -30.62 -34.60 104.99
N LEU N 203 -29.42 -34.26 104.55
CA LEU N 203 -28.76 -35.01 103.49
C LEU N 203 -28.33 -36.39 104.01
N ASP N 204 -28.67 -37.44 103.26
CA ASP N 204 -28.26 -38.80 103.60
C ASP N 204 -26.98 -39.19 102.88
N ALA N 205 -27.00 -39.14 101.55
CA ALA N 205 -25.83 -39.46 100.73
C ALA N 205 -26.07 -38.90 99.34
N VAL N 206 -25.09 -39.07 98.46
CA VAL N 206 -25.17 -38.62 97.08
C VAL N 206 -24.95 -39.80 96.16
N LEU N 207 -25.81 -39.94 95.16
CA LEU N 207 -25.73 -41.01 94.18
C LEU N 207 -25.54 -40.42 92.80
N THR N 208 -24.56 -40.95 92.06
CA THR N 208 -24.25 -40.48 90.72
C THR N 208 -24.76 -41.48 89.70
N THR N 209 -25.57 -41.00 88.76
CA THR N 209 -26.11 -41.85 87.70
C THR N 209 -25.30 -41.67 86.43
N HIS N 210 -24.98 -42.78 85.77
CA HIS N 210 -24.13 -42.79 84.59
C HIS N 210 -24.81 -43.57 83.48
N GLU N 211 -24.61 -43.10 82.25
CA GLU N 211 -25.21 -43.71 81.07
C GLU N 211 -24.15 -43.98 80.03
N ARG N 212 -24.09 -45.24 79.58
CA ARG N 212 -23.17 -45.67 78.53
C ARG N 212 -23.97 -45.98 77.27
N VAL N 213 -23.57 -45.41 76.15
CA VAL N 213 -24.32 -45.48 74.90
C VAL N 213 -23.47 -46.19 73.86
N VAL N 214 -24.06 -47.16 73.18
CA VAL N 214 -23.45 -47.81 72.02
C VAL N 214 -24.39 -47.64 70.84
N GLN N 215 -23.84 -47.20 69.71
CA GLN N 215 -24.63 -46.89 68.52
C GLN N 215 -24.34 -47.93 67.45
N ILE N 216 -25.40 -48.56 66.94
CA ILE N 216 -25.28 -49.55 65.88
C ILE N 216 -25.88 -49.00 64.61
N SER N 217 -25.37 -49.47 63.47
CA SER N 217 -25.72 -48.91 62.17
C SER N 217 -26.88 -49.65 61.51
N GLY N 218 -26.71 -50.94 61.23
CA GLY N 218 -27.69 -51.72 60.52
C GLY N 218 -28.08 -52.97 61.29
N LEU N 219 -29.33 -53.38 61.12
CA LEU N 219 -29.86 -54.51 61.88
C LEU N 219 -31.17 -54.97 61.26
N SER N 220 -31.28 -56.28 61.03
CA SER N 220 -32.48 -56.88 60.47
C SER N 220 -33.44 -57.28 61.60
N ALA N 221 -34.64 -57.71 61.21
CA ALA N 221 -35.67 -58.03 62.20
C ALA N 221 -35.29 -59.28 63.01
N THR N 222 -34.92 -60.36 62.33
CA THR N 222 -34.59 -61.60 63.03
C THR N 222 -33.33 -61.44 63.87
N PHE N 223 -32.31 -60.80 63.31
CA PHE N 223 -31.09 -60.56 64.07
C PHE N 223 -31.34 -59.63 65.24
N ALA N 224 -32.25 -58.66 65.07
CA ALA N 224 -32.62 -57.78 66.18
C ALA N 224 -33.30 -58.56 67.29
N GLU N 225 -34.21 -59.48 66.93
CA GLU N 225 -34.87 -60.29 67.95
C GLU N 225 -33.87 -61.14 68.71
N ILE N 226 -32.94 -61.78 67.98
CA ILE N 226 -31.93 -62.60 68.64
C ILE N 226 -31.03 -61.74 69.52
N PHE N 227 -30.64 -60.57 69.04
CA PHE N 227 -29.74 -59.69 69.75
C PHE N 227 -30.38 -59.16 71.04
N LEU N 228 -31.65 -58.77 70.97
CA LEU N 228 -32.37 -58.34 72.17
C LEU N 228 -32.55 -59.50 73.15
N GLU N 229 -32.83 -60.70 72.63
CA GLU N 229 -32.93 -61.87 73.48
C GLU N 229 -31.64 -62.09 74.26
N ILE N 230 -30.51 -62.04 73.56
CA ILE N 230 -29.21 -62.25 74.20
C ILE N 230 -28.95 -61.17 75.24
N ILE N 231 -29.23 -59.90 74.89
CA ILE N 231 -28.92 -58.80 75.80
C ILE N 231 -29.75 -58.92 77.07
N HIS N 232 -31.06 -59.14 76.95
CA HIS N 232 -31.88 -59.22 78.14
C HIS N 232 -31.67 -60.52 78.90
N SER N 233 -31.09 -61.54 78.27
CA SER N 233 -30.68 -62.73 79.03
C SER N 233 -29.42 -62.47 79.83
N ASN N 234 -28.49 -61.68 79.28
CA ASN N 234 -27.22 -61.40 79.92
C ASN N 234 -27.24 -60.12 80.75
N LEU N 235 -28.40 -59.49 80.90
CA LEU N 235 -28.50 -58.20 81.58
C LEU N 235 -28.13 -58.33 83.05
N PRO N 236 -27.14 -57.58 83.57
CA PRO N 236 -26.77 -57.68 84.99
C PRO N 236 -27.70 -56.93 85.92
N GLU N 237 -27.34 -56.88 87.20
CA GLU N 237 -28.17 -56.27 88.22
C GLU N 237 -28.14 -54.75 88.13
N GLY N 238 -29.26 -54.14 88.52
CA GLY N 238 -29.30 -52.71 88.79
C GLY N 238 -28.93 -51.83 87.63
N VAL N 239 -29.13 -52.29 86.40
CA VAL N 239 -28.80 -51.54 85.20
C VAL N 239 -30.01 -51.52 84.28
N LYS N 240 -30.31 -50.35 83.75
CA LYS N 240 -31.48 -50.13 82.91
C LYS N 240 -31.06 -50.11 81.45
N LEU N 241 -31.70 -50.95 80.64
CA LEU N 241 -31.45 -51.05 79.21
C LEU N 241 -32.50 -50.25 78.45
N SER N 242 -32.04 -49.48 77.45
CA SER N 242 -32.95 -48.68 76.63
C SER N 242 -32.45 -48.72 75.18
N VAL N 243 -33.13 -49.48 74.33
CA VAL N 243 -32.80 -49.56 72.91
C VAL N 243 -33.80 -48.70 72.16
N ARG N 244 -33.34 -47.57 71.63
CA ARG N 244 -34.21 -46.63 70.93
C ARG N 244 -33.60 -46.26 69.59
N GLU N 245 -34.36 -45.49 68.83
CA GLU N 245 -33.86 -44.91 67.59
C GLU N 245 -32.98 -43.72 67.90
N HIS N 246 -32.03 -43.45 67.01
CA HIS N 246 -31.17 -42.27 67.13
C HIS N 246 -31.92 -41.08 66.54
N THR N 247 -32.40 -40.20 67.40
CA THR N 247 -33.24 -39.07 67.00
C THR N 247 -32.50 -37.75 67.20
N GLU N 248 -33.14 -36.67 66.76
CA GLU N 248 -32.56 -35.34 66.93
C GLU N 248 -32.44 -34.98 68.40
N GLU N 249 -33.43 -35.34 69.21
CA GLU N 249 -33.36 -35.07 70.65
C GLU N 249 -32.20 -35.81 71.29
N ASP N 250 -32.00 -37.07 70.92
CA ASP N 250 -30.87 -37.83 71.44
C ASP N 250 -29.55 -37.23 70.99
N PHE N 251 -29.49 -36.78 69.73
CA PHE N 251 -28.27 -36.16 69.22
C PHE N 251 -27.94 -34.86 69.97
N LYS N 252 -28.95 -34.05 70.25
CA LYS N 252 -28.74 -32.78 70.92
C LYS N 252 -28.61 -32.91 72.44
N GLY N 253 -28.98 -34.07 73.01
CA GLY N 253 -28.85 -34.23 74.45
C GLY N 253 -27.41 -34.14 74.93
N ARG N 254 -26.48 -34.71 74.16
CA ARG N 254 -25.06 -34.66 74.52
C ARG N 254 -24.37 -33.45 73.91
N PHE N 255 -24.94 -32.27 74.10
CA PHE N 255 -24.42 -31.02 73.60
C PHE N 255 -24.56 -29.94 74.66
N LYS N 256 -23.97 -28.77 74.40
CA LYS N 256 -24.06 -27.65 75.31
C LYS N 256 -25.43 -26.99 75.21
N ALA N 257 -25.75 -26.20 76.23
CA ALA N 257 -27.00 -25.45 76.23
C ALA N 257 -26.91 -24.26 75.28
N ARG N 258 -28.07 -23.69 74.97
CA ARG N 258 -28.18 -22.56 74.04
C ARG N 258 -28.97 -21.44 74.71
N PRO N 259 -28.40 -20.79 75.73
CA PRO N 259 -29.12 -19.72 76.41
C PRO N 259 -29.39 -18.53 75.51
N GLU N 260 -28.37 -18.09 74.77
CA GLU N 260 -28.54 -16.97 73.86
C GLU N 260 -29.58 -17.29 72.79
N LEU N 261 -29.53 -18.50 72.23
CA LEU N 261 -30.46 -18.88 71.17
C LEU N 261 -31.89 -18.94 71.71
N GLU N 262 -32.08 -19.51 72.91
CA GLU N 262 -33.43 -19.61 73.43
C GLU N 262 -33.99 -18.25 73.83
N GLU N 263 -33.14 -17.35 74.36
CA GLU N 263 -33.59 -16.00 74.64
C GLU N 263 -33.95 -15.25 73.37
N LEU N 264 -33.15 -15.45 72.30
CA LEU N 264 -33.47 -14.81 71.03
C LEU N 264 -34.79 -15.34 70.46
N LEU N 265 -35.02 -16.64 70.57
CA LEU N 265 -36.29 -17.20 70.12
C LEU N 265 -37.46 -16.66 70.94
N ALA N 266 -37.27 -16.53 72.26
CA ALA N 266 -38.33 -16.00 73.11
C ALA N 266 -38.65 -14.56 72.77
N LYS N 267 -37.62 -13.73 72.53
CA LYS N 267 -37.89 -12.34 72.19
C LYS N 267 -38.44 -12.19 70.77
N LEU N 268 -38.10 -13.13 69.88
CA LEU N 268 -38.70 -13.11 68.54
C LEU N 268 -40.18 -13.48 68.59
N ASN N 269 -40.53 -14.47 69.41
CA ASN N 269 -41.93 -14.87 69.55
C ASN N 269 -42.60 -14.08 70.67
N GLU O 34 90.11 16.25 35.37
CA GLU O 34 89.93 15.44 36.57
C GLU O 34 89.75 13.97 36.22
N TYR O 35 90.26 13.57 35.05
CA TYR O 35 90.17 12.18 34.64
C TYR O 35 91.01 11.31 35.56
N PRO O 36 90.44 10.22 36.10
CA PRO O 36 91.24 9.31 36.92
C PRO O 36 92.25 8.55 36.08
N SER O 37 93.40 8.25 36.69
CA SER O 37 94.42 7.46 36.03
C SER O 37 93.97 6.01 35.91
N PHE O 38 94.38 5.36 34.83
CA PHE O 38 93.99 3.98 34.56
C PHE O 38 95.21 3.21 34.09
N VAL O 39 95.13 1.88 34.25
CA VAL O 39 96.20 0.97 33.87
C VAL O 39 95.74 0.18 32.65
N GLU O 40 96.57 0.17 31.61
CA GLU O 40 96.29 -0.54 30.37
C GLU O 40 97.06 -1.85 30.38
N SER O 41 96.34 -2.97 30.40
CA SER O 41 96.95 -4.29 30.48
C SER O 41 96.31 -5.24 29.48
N VAL O 42 97.07 -6.26 29.10
CA VAL O 42 96.63 -7.26 28.14
C VAL O 42 96.56 -8.66 28.73
N ASP O 43 97.14 -8.87 29.92
CA ASP O 43 97.23 -10.22 30.49
C ASP O 43 95.85 -10.82 30.75
N GLU O 44 94.92 -10.01 31.24
CA GLU O 44 93.60 -10.50 31.62
C GLU O 44 92.63 -10.62 30.44
N TYR O 45 93.05 -10.25 29.24
CA TYR O 45 92.15 -10.29 28.09
C TYR O 45 91.83 -11.71 27.62
N HIS O 46 92.60 -12.70 28.04
CA HIS O 46 92.28 -14.07 27.63
C HIS O 46 90.99 -14.59 28.26
N PHE O 47 90.48 -13.92 29.29
CA PHE O 47 89.19 -14.30 29.85
C PHE O 47 88.04 -13.87 28.94
N VAL O 48 88.24 -12.80 28.16
CA VAL O 48 87.21 -12.35 27.24
C VAL O 48 86.98 -13.34 26.10
N GLU O 49 87.97 -14.19 25.81
CA GLU O 49 87.81 -15.17 24.75
C GLU O 49 86.71 -16.19 25.06
N ARG O 50 86.54 -16.54 26.34
CA ARG O 50 85.49 -17.47 26.72
C ARG O 50 84.09 -16.89 26.51
N LEU O 51 83.97 -15.57 26.46
CA LEU O 51 82.67 -14.91 26.39
C LEU O 51 82.21 -14.68 24.95
N LEU O 52 82.96 -15.13 23.96
CA LEU O 52 82.60 -14.93 22.56
C LEU O 52 81.89 -16.17 22.05
N PRO O 53 80.58 -16.12 21.77
CA PRO O 53 79.89 -17.32 21.30
C PRO O 53 80.34 -17.69 19.91
N PRO O 54 80.30 -18.97 19.56
CA PRO O 54 80.65 -19.39 18.19
C PRO O 54 79.50 -19.17 17.24
N ALA O 55 79.82 -18.72 16.03
CA ALA O 55 78.81 -18.53 15.00
C ALA O 55 78.44 -19.83 14.31
N SER O 56 79.26 -20.87 14.42
CA SER O 56 79.04 -22.15 13.77
C SER O 56 78.79 -23.23 14.81
N ILE O 57 78.25 -24.35 14.35
CA ILE O 57 77.90 -25.49 15.19
C ILE O 57 79.12 -26.41 15.26
N PRO O 58 79.69 -26.65 16.44
CA PRO O 58 80.87 -27.51 16.51
C PRO O 58 80.51 -28.95 16.16
N ARG O 59 81.46 -29.64 15.54
CA ARG O 59 81.30 -31.05 15.26
C ARG O 59 81.29 -31.84 16.57
N PRO O 60 80.45 -32.87 16.68
CA PRO O 60 80.36 -33.61 17.94
C PRO O 60 81.67 -34.29 18.28
N PRO O 61 82.05 -34.30 19.55
CA PRO O 61 83.28 -34.99 19.95
C PRO O 61 83.18 -36.48 19.76
N LYS O 62 84.33 -37.10 19.50
CA LYS O 62 84.39 -38.56 19.34
C LYS O 62 84.36 -39.22 20.71
N HIS O 63 83.52 -40.24 20.85
CA HIS O 63 83.39 -41.00 22.08
C HIS O 63 83.95 -42.40 21.89
N GLU O 64 84.39 -43.00 23.00
CA GLU O 64 84.91 -44.35 22.97
C GLU O 64 83.82 -45.42 22.97
N HIS O 65 82.58 -45.05 23.30
CA HIS O 65 81.47 -46.00 23.35
C HIS O 65 80.23 -45.35 22.80
N TYR O 66 79.48 -46.11 22.00
CA TYR O 66 78.23 -45.65 21.42
C TYR O 66 77.13 -46.66 21.72
N PRO O 67 75.89 -46.20 21.93
CA PRO O 67 75.46 -44.80 21.87
C PRO O 67 75.88 -43.97 23.07
N THR O 68 75.86 -42.65 22.90
CA THR O 68 76.22 -41.75 23.98
C THR O 68 75.17 -41.80 25.09
N PRO O 69 75.52 -41.35 26.31
CA PRO O 69 74.54 -41.38 27.40
C PRO O 69 73.26 -40.62 27.09
N SER O 70 73.33 -39.62 26.20
CA SER O 70 72.13 -38.91 25.78
C SER O 70 71.37 -39.63 24.67
N GLY O 71 71.87 -40.76 24.20
CA GLY O 71 71.23 -41.50 23.13
C GLY O 71 71.67 -41.14 21.73
N TRP O 72 72.52 -40.12 21.58
CA TRP O 72 72.99 -39.73 20.27
C TRP O 72 73.94 -40.78 19.71
N GLN O 73 73.87 -40.99 18.39
CA GLN O 73 74.70 -41.98 17.73
C GLN O 73 75.09 -41.47 16.35
N PRO O 74 76.39 -41.45 16.04
CA PRO O 74 76.84 -40.90 14.75
C PRO O 74 76.51 -41.83 13.60
N PRO O 75 76.44 -41.31 12.38
CA PRO O 75 76.19 -42.17 11.22
C PRO O 75 77.38 -43.07 10.90
N ARG O 76 77.10 -44.12 10.16
CA ARG O 76 78.14 -45.05 9.73
C ARG O 76 79.14 -44.35 8.81
N ASP O 77 80.41 -44.75 8.93
CA ASP O 77 81.44 -44.20 8.06
C ASP O 77 81.16 -44.46 6.58
N PRO O 78 80.84 -45.67 6.13
CA PRO O 78 80.46 -45.87 4.73
C PRO O 78 78.96 -45.68 4.53
N ALA O 79 78.62 -45.08 3.39
CA ALA O 79 77.20 -44.87 3.14
C ALA O 79 76.53 -46.19 2.74
N PRO O 80 75.28 -46.40 3.14
CA PRO O 80 74.57 -47.62 2.73
C PRO O 80 74.32 -47.64 1.23
N SER O 81 74.17 -48.85 0.70
CA SER O 81 73.99 -49.08 -0.73
C SER O 81 72.57 -48.78 -1.20
N LEU O 82 71.69 -48.31 -0.32
CA LEU O 82 70.33 -48.02 -0.71
C LEU O 82 70.28 -46.85 -1.68
N PRO O 83 69.28 -46.80 -2.57
CA PRO O 83 69.21 -45.69 -3.53
C PRO O 83 68.53 -44.46 -2.96
N TYR O 84 68.87 -44.12 -1.72
CA TYR O 84 68.39 -42.89 -1.09
C TYR O 84 69.24 -42.63 0.14
N PHE O 85 69.32 -41.36 0.53
CA PHE O 85 70.14 -40.94 1.66
C PHE O 85 69.39 -39.88 2.45
N VAL O 86 69.20 -40.14 3.74
CA VAL O 86 68.54 -39.20 4.64
C VAL O 86 69.64 -38.40 5.33
N ARG O 87 69.91 -37.20 4.82
CA ARG O 87 70.97 -36.36 5.36
C ARG O 87 70.63 -35.93 6.78
N ARG O 88 71.65 -35.89 7.63
CA ARG O 88 71.46 -35.52 9.03
C ARG O 88 71.16 -34.02 9.15
N SER O 89 70.64 -33.64 10.31
CA SER O 89 70.36 -32.25 10.61
C SER O 89 71.64 -31.48 10.87
N ARG O 90 71.52 -30.15 10.89
CA ARG O 90 72.67 -29.30 11.21
C ARG O 90 73.13 -29.49 12.65
N MET O 91 72.27 -30.00 13.52
CA MET O 91 72.65 -30.36 14.88
C MET O 91 73.01 -31.83 15.01
N HIS O 92 73.16 -32.53 13.89
CA HIS O 92 73.52 -33.95 13.85
C HIS O 92 72.44 -34.80 14.54
N ASN O 93 71.22 -34.65 14.05
CA ASN O 93 70.07 -35.44 14.50
C ASN O 93 69.29 -35.90 13.29
N ILE O 94 68.48 -36.94 13.50
CA ILE O 94 67.70 -37.49 12.39
C ILE O 94 66.56 -36.53 12.03
N PRO O 95 66.37 -36.19 10.77
CA PRO O 95 65.28 -35.27 10.37
C PRO O 95 63.92 -35.97 10.31
N VAL O 96 63.47 -36.46 11.46
CA VAL O 96 62.13 -37.02 11.62
C VAL O 96 61.42 -36.21 12.69
N TYR O 97 60.28 -35.64 12.34
CA TYR O 97 59.57 -34.70 13.19
C TYR O 97 58.09 -35.07 13.23
N ARG O 98 57.37 -34.49 14.16
CA ARG O 98 55.93 -34.64 14.23
C ARG O 98 55.25 -33.32 13.92
N ASP O 99 54.06 -33.40 13.33
CA ASP O 99 53.32 -32.25 12.87
C ASP O 99 51.86 -32.39 13.29
N ILE O 100 51.24 -31.26 13.64
CA ILE O 100 49.85 -31.23 14.06
C ILE O 100 49.12 -30.19 13.22
N THR O 101 47.92 -30.53 12.77
CA THR O 101 47.12 -29.63 11.95
C THR O 101 45.66 -29.73 12.37
N HIS O 102 44.99 -28.58 12.43
CA HIS O 102 43.57 -28.49 12.83
C HIS O 102 43.36 -28.93 14.28
N GLY O 103 44.44 -29.27 14.98
CA GLY O 103 44.35 -29.71 16.36
C GLY O 103 44.11 -31.20 16.53
N ASN O 104 43.81 -31.94 15.47
CA ASN O 104 43.57 -33.37 15.57
C ASN O 104 44.26 -34.19 14.49
N ARG O 105 44.76 -33.55 13.42
CA ARG O 105 45.49 -34.27 12.37
C ARG O 105 46.94 -34.42 12.80
N GLN O 106 47.34 -35.66 13.08
CA GLN O 106 48.68 -35.98 13.56
C GLN O 106 49.46 -36.61 12.42
N MET O 107 50.67 -36.11 12.17
CA MET O 107 51.48 -36.55 11.05
C MET O 107 52.94 -36.65 11.47
N THR O 108 53.69 -37.44 10.70
CA THR O 108 55.14 -37.56 10.88
C THR O 108 55.82 -37.14 9.59
N VAL O 109 56.84 -36.29 9.70
CA VAL O 109 57.52 -35.70 8.56
C VAL O 109 58.96 -36.18 8.55
N ILE O 110 59.38 -36.80 7.45
CA ILE O 110 60.76 -37.21 7.23
C ILE O 110 61.34 -36.29 6.17
N ARG O 111 62.38 -35.54 6.53
CA ARG O 111 62.94 -34.50 5.67
C ARG O 111 64.35 -34.89 5.25
N LYS O 112 64.95 -34.01 4.44
CA LYS O 112 66.33 -34.14 3.99
C LYS O 112 66.58 -35.51 3.33
N VAL O 113 65.72 -35.84 2.36
CA VAL O 113 65.78 -37.11 1.66
C VAL O 113 66.32 -36.85 0.27
N GLU O 114 67.42 -37.52 -0.07
CA GLU O 114 68.04 -37.42 -1.38
C GLU O 114 68.10 -38.81 -2.00
N GLY O 115 67.61 -38.92 -3.23
CA GLY O 115 67.62 -40.19 -3.94
C GLY O 115 66.21 -40.63 -4.32
N ASP O 116 65.96 -41.93 -4.23
CA ASP O 116 64.69 -42.52 -4.62
C ASP O 116 63.72 -42.41 -3.45
N ILE O 117 63.05 -41.26 -3.38
CA ILE O 117 62.07 -41.05 -2.33
C ILE O 117 60.92 -42.03 -2.46
N TRP O 118 60.62 -42.50 -3.67
CA TRP O 118 59.62 -43.55 -3.84
C TRP O 118 60.07 -44.85 -3.18
N ALA O 119 61.35 -45.20 -3.33
CA ALA O 119 61.88 -46.36 -2.64
C ALA O 119 61.83 -46.18 -1.13
N LEU O 120 62.13 -44.97 -0.65
CA LEU O 120 62.02 -44.72 0.78
C LEU O 120 60.59 -44.87 1.27
N GLN O 121 59.62 -44.37 0.50
CA GLN O 121 58.22 -44.53 0.87
C GLN O 121 57.82 -46.00 0.89
N LYS O 122 58.27 -46.77 -0.10
CA LYS O 122 57.98 -48.20 -0.10
C LYS O 122 58.55 -48.90 1.13
N ASP O 123 59.81 -48.58 1.48
CA ASP O 123 60.42 -49.18 2.65
C ASP O 123 59.69 -48.78 3.93
N VAL O 124 59.29 -47.51 4.04
CA VAL O 124 58.59 -47.05 5.23
C VAL O 124 57.24 -47.74 5.36
N GLU O 125 56.49 -47.86 4.26
CA GLU O 125 55.19 -48.50 4.32
C GLU O 125 55.33 -49.99 4.63
N ASP O 126 56.36 -50.64 4.09
CA ASP O 126 56.59 -52.05 4.42
C ASP O 126 56.97 -52.22 5.89
N PHE O 127 57.74 -51.29 6.44
CA PHE O 127 58.12 -51.36 7.85
C PHE O 127 56.94 -51.10 8.77
N LEU O 128 56.04 -50.19 8.38
CA LEU O 128 54.94 -49.79 9.23
C LEU O 128 53.68 -50.63 9.04
N SER O 129 53.60 -51.45 7.99
CA SER O 129 52.41 -52.26 7.79
C SER O 129 52.16 -53.25 8.92
N PRO O 130 53.14 -54.04 9.39
CA PRO O 130 52.85 -54.95 10.52
C PRO O 130 52.44 -54.23 11.79
N LEU O 131 52.96 -53.02 12.02
CA LEU O 131 52.64 -52.30 13.24
C LEU O 131 51.18 -51.84 13.28
N LEU O 132 50.63 -51.45 12.15
CA LEU O 132 49.26 -50.92 12.09
C LEU O 132 48.24 -51.93 11.62
N GLY O 133 48.67 -53.02 10.98
CA GLY O 133 47.74 -53.95 10.37
C GLY O 133 47.22 -53.51 9.01
N LYS O 134 47.68 -52.37 8.49
CA LYS O 134 47.26 -51.87 7.20
C LYS O 134 48.36 -50.96 6.66
N THR O 135 48.31 -50.71 5.36
CA THR O 135 49.30 -49.86 4.72
C THR O 135 49.14 -48.43 5.23
N PRO O 136 50.18 -47.81 5.78
CA PRO O 136 50.05 -46.45 6.27
C PRO O 136 49.84 -45.46 5.14
N VAL O 137 49.15 -44.37 5.46
CA VAL O 137 48.89 -43.33 4.46
C VAL O 137 50.09 -42.41 4.37
N THR O 138 50.62 -42.24 3.17
CA THR O 138 51.83 -41.49 2.94
C THR O 138 51.65 -40.50 1.79
N GLN O 139 52.38 -39.41 1.86
CA GLN O 139 52.45 -38.42 0.81
C GLN O 139 53.92 -38.10 0.51
N VAL O 140 54.25 -38.04 -0.77
CA VAL O 140 55.63 -37.87 -1.21
C VAL O 140 55.75 -36.51 -1.89
N ASN O 141 56.66 -35.68 -1.39
CA ASN O 141 56.99 -34.39 -2.01
C ASN O 141 58.36 -34.57 -2.66
N GLU O 142 58.34 -34.87 -3.96
CA GLU O 142 59.57 -35.14 -4.69
C GLU O 142 60.33 -33.85 -4.99
N VAL O 143 59.63 -32.76 -5.26
CA VAL O 143 60.31 -31.50 -5.53
C VAL O 143 61.00 -30.99 -4.27
N THR O 144 60.46 -31.32 -3.10
CA THR O 144 61.06 -30.93 -1.83
C THR O 144 61.92 -32.05 -1.23
N GLY O 145 61.51 -33.29 -1.39
CA GLY O 145 62.23 -34.42 -0.83
C GLY O 145 61.73 -34.74 0.57
N THR O 146 60.41 -34.83 0.72
CA THR O 146 59.79 -35.01 2.02
C THR O 146 58.82 -36.18 1.98
N LEU O 147 58.83 -36.98 3.04
CA LEU O 147 57.84 -38.02 3.23
C LEU O 147 56.92 -37.61 4.38
N ARG O 148 55.62 -37.77 4.20
CA ARG O 148 54.65 -37.37 5.21
C ARG O 148 53.72 -38.54 5.48
N VAL O 149 53.88 -39.15 6.65
CA VAL O 149 53.08 -40.30 7.07
C VAL O 149 51.98 -39.82 7.99
N LYS O 150 50.83 -40.48 7.93
CA LYS O 150 49.69 -40.11 8.75
C LYS O 150 49.80 -40.77 10.12
N GLY O 151 50.11 -39.98 11.13
CA GLY O 151 50.24 -40.47 12.49
C GLY O 151 51.62 -40.20 13.08
N TYR O 152 51.69 -40.34 14.40
CA TYR O 152 52.93 -40.18 15.14
C TYR O 152 53.70 -41.50 15.13
N PHE O 153 54.73 -41.57 14.28
CA PHE O 153 55.68 -42.67 14.30
C PHE O 153 57.11 -42.12 14.36
N ASP O 154 57.29 -40.99 15.05
CA ASP O 154 58.57 -40.30 15.03
C ASP O 154 59.67 -41.11 15.69
N GLN O 155 59.42 -41.62 16.90
CA GLN O 155 60.45 -42.40 17.59
C GLN O 155 60.75 -43.71 16.88
N GLN O 156 59.71 -44.37 16.37
CA GLN O 156 59.90 -45.62 15.65
C GLN O 156 60.72 -45.40 14.38
N LEU O 157 60.42 -44.33 13.64
CA LEU O 157 61.18 -44.04 12.43
C LEU O 157 62.61 -43.59 12.75
N LYS O 158 62.80 -42.87 13.85
CA LYS O 158 64.15 -42.51 14.26
C LYS O 158 64.97 -43.76 14.56
N ALA O 159 64.39 -44.71 15.31
CA ALA O 159 65.09 -45.94 15.60
C ALA O 159 65.36 -46.75 14.33
N TRP O 160 64.39 -46.77 13.41
CA TRP O 160 64.56 -47.49 12.16
C TRP O 160 65.72 -46.90 11.35
N LEU O 161 65.80 -45.57 11.29
CA LEU O 161 66.87 -44.92 10.54
C LEU O 161 68.22 -45.10 11.22
N LEU O 162 68.25 -45.10 12.56
CA LEU O 162 69.50 -45.41 13.26
C LEU O 162 69.97 -46.82 12.94
N GLU O 163 69.05 -47.80 12.98
CA GLU O 163 69.44 -49.17 12.66
C GLU O 163 69.89 -49.30 11.22
N LYS O 164 69.21 -48.60 10.30
CA LYS O 164 69.58 -48.64 8.89
C LYS O 164 70.88 -47.89 8.60
N GLY O 165 71.30 -46.99 9.48
CA GLY O 165 72.59 -46.33 9.33
C GLY O 165 72.55 -44.97 8.67
N PHE O 166 71.70 -44.09 9.18
CA PHE O 166 71.64 -42.72 8.68
C PHE O 166 71.82 -41.72 9.82
N LEU P 90 94.19 -11.10 -34.15
CA LEU P 90 92.90 -11.32 -33.50
C LEU P 90 91.78 -11.44 -34.53
N VAL P 91 91.84 -12.49 -35.34
CA VAL P 91 90.83 -12.76 -36.36
C VAL P 91 89.88 -13.83 -35.83
N CYS P 92 88.60 -13.70 -36.19
CA CYS P 92 87.59 -14.62 -35.69
C CYS P 92 87.52 -15.86 -36.57
N PRO P 93 87.81 -17.04 -36.04
CA PRO P 93 87.63 -18.26 -36.84
C PRO P 93 86.16 -18.53 -37.08
N PRO P 94 85.81 -19.21 -38.17
CA PRO P 94 84.40 -19.53 -38.42
C PRO P 94 83.82 -20.39 -37.31
N ILE P 95 82.54 -20.16 -37.00
CA ILE P 95 81.87 -20.87 -35.92
C ILE P 95 81.53 -22.28 -36.40
N GLN P 96 81.90 -23.27 -35.59
CA GLN P 96 81.62 -24.66 -35.94
C GLN P 96 80.13 -24.95 -35.89
N SER P 97 79.71 -25.93 -36.69
CA SER P 97 78.31 -26.33 -36.74
C SER P 97 77.88 -27.18 -35.57
N ARG P 98 78.83 -27.71 -34.78
CA ARG P 98 78.54 -28.55 -33.63
C ARG P 98 77.71 -29.77 -34.01
N THR P 99 77.94 -30.31 -35.21
CA THR P 99 77.28 -31.53 -35.66
C THR P 99 78.28 -32.68 -35.54
N TYR P 100 77.99 -33.63 -34.66
CA TYR P 100 78.91 -34.71 -34.34
C TYR P 100 78.35 -36.03 -34.86
N ILE P 101 79.20 -36.76 -35.60
CA ILE P 101 78.86 -38.09 -36.09
C ILE P 101 79.96 -39.04 -35.64
N PRO P 102 79.66 -40.07 -34.85
CA PRO P 102 80.71 -40.96 -34.36
C PRO P 102 81.33 -41.76 -35.50
N PRO P 103 82.64 -41.71 -35.64
CA PRO P 103 83.31 -42.45 -36.72
C PRO P 103 83.47 -43.92 -36.39
N GLU P 104 83.88 -44.68 -37.41
CA GLU P 104 84.06 -46.12 -37.25
C GLU P 104 85.25 -46.43 -36.35
N ASP P 105 86.30 -45.61 -36.37
CA ASP P 105 87.53 -45.86 -35.64
C ASP P 105 87.50 -45.26 -34.23
N LEU P 106 86.32 -45.11 -33.64
CA LEU P 106 86.21 -44.49 -32.33
C LEU P 106 86.90 -45.33 -31.25
N GLN P 107 86.73 -46.65 -31.31
CA GLN P 107 87.37 -47.52 -30.32
C GLN P 107 88.90 -47.44 -30.41
N SER P 108 89.44 -47.45 -31.65
CA SER P 108 90.88 -47.36 -31.81
C SER P 108 91.40 -46.01 -31.35
N ARG P 109 90.67 -44.94 -31.65
CA ARG P 109 91.08 -43.61 -31.18
C ARG P 109 91.07 -43.54 -29.66
N LEU P 110 90.05 -44.12 -29.04
CA LEU P 110 89.98 -44.15 -27.58
C LEU P 110 91.15 -44.92 -26.99
N GLU P 111 91.47 -46.08 -27.57
CA GLU P 111 92.59 -46.87 -27.06
C GLU P 111 93.90 -46.12 -27.20
N SER P 112 94.13 -45.49 -28.36
CA SER P 112 95.37 -44.74 -28.57
C SER P 112 95.48 -43.57 -27.61
N HIS P 113 94.37 -42.85 -27.38
CA HIS P 113 94.41 -41.73 -26.45
C HIS P 113 94.62 -42.19 -25.01
N VAL P 114 94.02 -43.31 -24.63
CA VAL P 114 94.24 -43.85 -23.28
C VAL P 114 95.71 -44.21 -23.10
N LYS P 115 96.31 -44.84 -24.11
CA LYS P 115 97.75 -45.11 -24.03
C LYS P 115 98.55 -43.82 -23.89
N GLU P 116 98.30 -42.86 -24.78
CA GLU P 116 99.09 -41.63 -24.80
C GLU P 116 98.91 -40.82 -23.52
N VAL P 117 97.80 -40.99 -22.81
CA VAL P 117 97.57 -40.24 -21.58
C VAL P 117 98.15 -40.97 -20.37
N PHE P 118 97.80 -42.25 -20.18
CA PHE P 118 98.24 -42.95 -18.98
C PHE P 118 99.72 -43.30 -19.05
N GLY P 119 100.19 -43.80 -20.19
CA GLY P 119 101.59 -44.11 -20.33
C GLY P 119 102.09 -45.30 -19.52
N SER P 120 101.20 -46.22 -19.17
CA SER P 120 101.55 -47.41 -18.42
C SER P 120 101.09 -48.66 -19.18
N SER P 121 101.33 -49.82 -18.58
CA SER P 121 100.96 -51.08 -19.20
C SER P 121 99.45 -51.20 -19.30
N VAL P 122 98.97 -51.72 -20.43
CA VAL P 122 97.54 -51.87 -20.68
C VAL P 122 97.00 -53.05 -19.87
N PRO P 123 96.00 -52.85 -19.03
CA PRO P 123 95.40 -53.96 -18.29
C PRO P 123 94.50 -54.78 -19.20
N SER P 124 94.02 -55.91 -18.66
CA SER P 124 93.13 -56.77 -19.43
C SER P 124 91.82 -56.05 -19.77
N ASN P 125 91.28 -55.30 -18.81
CA ASN P 125 90.06 -54.52 -19.01
C ASN P 125 90.44 -53.04 -18.97
N TRP P 126 90.80 -52.50 -20.13
CA TRP P 126 91.21 -51.10 -20.24
C TRP P 126 90.04 -50.14 -20.24
N GLN P 127 88.81 -50.63 -20.38
CA GLN P 127 87.63 -49.77 -20.37
C GLN P 127 87.07 -49.54 -18.98
N ASP P 128 87.60 -50.22 -17.97
CA ASP P 128 87.11 -50.11 -16.60
C ASP P 128 88.02 -49.26 -15.71
N ILE P 129 88.97 -48.54 -16.31
CA ILE P 129 89.88 -47.71 -15.52
C ILE P 129 89.17 -46.44 -15.10
N SER P 130 89.26 -46.11 -13.82
CA SER P 130 88.60 -44.92 -13.30
C SER P 130 89.35 -43.66 -13.70
N LEU P 131 88.60 -42.57 -13.79
CA LEU P 131 89.15 -41.25 -14.12
C LEU P 131 89.24 -40.38 -12.87
N GLU P 132 89.58 -40.99 -11.74
CA GLU P 132 89.62 -40.27 -10.47
C GLU P 132 90.72 -39.21 -10.47
N ASP P 133 91.88 -39.52 -11.06
CA ASP P 133 92.97 -38.56 -11.10
C ASP P 133 92.58 -37.37 -11.96
N VAL P 134 92.63 -36.18 -11.36
CA VAL P 134 92.09 -35.00 -12.02
C VAL P 134 92.97 -34.59 -13.20
N HIS P 135 94.30 -34.66 -13.03
CA HIS P 135 95.20 -34.32 -14.12
C HIS P 135 94.99 -35.23 -15.32
N LEU P 136 94.95 -36.55 -15.07
CA LEU P 136 94.77 -37.50 -16.16
C LEU P 136 93.41 -37.34 -16.81
N LYS P 137 92.36 -37.13 -16.02
CA LYS P 137 91.03 -36.94 -16.59
C LYS P 137 90.99 -35.70 -17.47
N PHE P 138 91.56 -34.59 -17.00
CA PHE P 138 91.56 -33.37 -17.80
C PHE P 138 92.33 -33.56 -19.10
N SER P 139 93.51 -34.19 -19.01
CA SER P 139 94.32 -34.38 -20.22
C SER P 139 93.61 -35.28 -21.22
N PHE P 140 93.00 -36.38 -20.73
CA PHE P 140 92.29 -37.29 -21.62
C PHE P 140 91.11 -36.61 -22.29
N LEU P 141 90.31 -35.86 -21.51
CA LEU P 141 89.15 -35.19 -22.07
C LEU P 141 89.56 -34.11 -23.06
N ALA P 142 90.61 -33.34 -22.75
CA ALA P 142 91.07 -32.31 -23.66
C ALA P 142 91.60 -32.90 -24.96
N ARG P 143 92.36 -33.99 -24.87
CA ARG P 143 92.87 -34.64 -26.08
C ARG P 143 91.72 -35.18 -26.93
N LEU P 144 90.73 -35.79 -26.29
CA LEU P 144 89.57 -36.30 -27.03
C LEU P 144 88.81 -35.16 -27.70
N ALA P 145 88.62 -34.05 -26.99
CA ALA P 145 87.91 -32.92 -27.58
C ALA P 145 88.67 -32.36 -28.77
N ASN P 146 89.99 -32.23 -28.66
CA ASN P 146 90.78 -31.73 -29.77
C ASN P 146 90.75 -32.70 -30.95
N ASP P 147 90.75 -34.00 -30.67
CA ASP P 147 90.77 -34.99 -31.74
C ASP P 147 89.45 -35.06 -32.48
N LEU P 148 88.33 -35.06 -31.74
CA LEU P 148 87.02 -35.30 -32.33
C LEU P 148 86.22 -34.02 -32.58
N ARG P 149 86.77 -32.85 -32.27
CA ARG P 149 86.06 -31.58 -32.41
C ARG P 149 84.73 -31.60 -31.66
N HIS P 150 84.75 -32.23 -30.48
CA HIS P 150 83.54 -32.34 -29.66
C HIS P 150 83.97 -32.51 -28.21
N ALA P 151 83.53 -31.58 -27.36
CA ALA P 151 83.90 -31.58 -25.95
C ALA P 151 82.70 -31.95 -25.08
N VAL P 152 82.98 -32.54 -23.93
CA VAL P 152 81.92 -32.94 -23.01
C VAL P 152 81.31 -31.69 -22.38
N PRO P 153 79.99 -31.59 -22.29
CA PRO P 153 79.38 -30.42 -21.65
C PRO P 153 79.68 -30.38 -20.15
N ASN P 154 79.60 -29.16 -19.61
CA ASN P 154 79.97 -28.94 -18.21
C ASN P 154 79.11 -29.77 -17.26
N SER P 155 77.86 -30.03 -17.62
CA SER P 155 76.97 -30.79 -16.75
C SER P 155 77.31 -32.28 -16.73
N ARG P 156 77.91 -32.80 -17.80
CA ARG P 156 78.20 -34.23 -17.91
C ARG P 156 79.59 -34.60 -17.42
N LEU P 157 80.38 -33.64 -16.92
CA LEU P 157 81.71 -33.96 -16.42
C LEU P 157 81.64 -34.82 -15.17
N HIS P 158 80.65 -34.59 -14.30
CA HIS P 158 80.49 -35.44 -13.14
C HIS P 158 79.98 -36.82 -13.52
N GLN P 159 79.25 -36.92 -14.64
CA GLN P 159 78.81 -38.22 -15.13
C GLN P 159 79.94 -39.02 -15.76
N MET P 160 80.88 -38.35 -16.42
CA MET P 160 82.01 -39.03 -17.04
C MET P 160 82.94 -39.53 -15.94
N CYS P 161 82.81 -40.81 -15.59
CA CYS P 161 83.64 -41.43 -14.56
C CYS P 161 84.63 -42.44 -15.11
N ARG P 162 84.30 -43.13 -16.20
CA ARG P 162 85.14 -44.15 -16.77
C ARG P 162 85.21 -44.02 -18.29
N VAL P 163 86.18 -44.73 -18.87
CA VAL P 163 86.31 -44.77 -20.32
C VAL P 163 85.06 -45.37 -20.96
N ARG P 164 84.39 -46.28 -20.25
CA ARG P 164 83.12 -46.80 -20.75
C ARG P 164 82.08 -45.69 -20.83
N ASP P 165 82.02 -44.83 -19.82
CA ASP P 165 81.09 -43.70 -19.85
C ASP P 165 81.43 -42.73 -20.97
N VAL P 166 82.74 -42.48 -21.18
CA VAL P 166 83.14 -41.59 -22.27
C VAL P 166 82.75 -42.18 -23.62
N LEU P 167 82.93 -43.50 -23.78
CA LEU P 167 82.54 -44.16 -25.02
C LEU P 167 81.03 -44.09 -25.22
N ASP P 168 80.26 -44.26 -24.15
CA ASP P 168 78.81 -44.13 -24.26
C ASP P 168 78.43 -42.72 -24.67
N PHE P 169 79.11 -41.71 -24.12
CA PHE P 169 78.84 -40.34 -24.51
C PHE P 169 79.17 -40.08 -25.97
N TYR P 170 80.28 -40.63 -26.46
CA TYR P 170 80.71 -40.36 -27.82
C TYR P 170 80.06 -41.27 -28.86
N ASN P 171 79.34 -42.31 -28.43
CA ASN P 171 78.67 -43.18 -29.38
C ASN P 171 77.34 -42.64 -29.88
N VAL P 172 76.80 -41.60 -29.26
CA VAL P 172 75.52 -41.02 -29.65
C VAL P 172 75.77 -39.77 -30.49
N PRO P 173 75.10 -39.60 -31.62
CA PRO P 173 75.28 -38.39 -32.42
C PRO P 173 74.62 -37.19 -31.78
N VAL P 174 75.09 -36.01 -32.18
CA VAL P 174 74.54 -34.73 -31.73
C VAL P 174 74.10 -33.96 -32.96
N GLN P 175 72.84 -33.52 -32.96
CA GLN P 175 72.25 -32.80 -34.09
C GLN P 175 72.01 -31.35 -33.69
N ASP P 176 72.47 -30.43 -34.53
CA ASP P 176 72.27 -29.00 -34.29
C ASP P 176 71.00 -28.46 -34.94
N ARG P 177 70.49 -29.15 -35.97
CA ARG P 177 69.27 -28.69 -36.63
C ARG P 177 68.08 -28.78 -35.68
N SER P 178 67.13 -27.87 -35.87
CA SER P 178 65.97 -27.77 -35.00
C SER P 178 64.84 -28.68 -35.50
N LYS P 179 63.68 -28.61 -34.84
CA LYS P 179 62.54 -29.41 -35.25
C LYS P 179 62.05 -29.03 -36.63
N PHE P 180 62.02 -27.73 -36.93
CA PHE P 180 61.62 -27.29 -38.26
C PHE P 180 62.59 -27.78 -39.33
N ASP P 181 63.89 -27.71 -39.04
CA ASP P 181 64.88 -28.18 -40.00
C ASP P 181 64.77 -29.69 -40.22
N GLU P 182 64.48 -30.44 -39.16
CA GLU P 182 64.27 -31.88 -39.31
C GLU P 182 63.02 -32.16 -40.14
N LEU P 183 61.94 -31.42 -39.88
CA LEU P 183 60.70 -31.66 -40.63
C LEU P 183 60.84 -31.31 -42.10
N ILE P 184 61.64 -30.28 -42.41
CA ILE P 184 61.85 -29.91 -43.81
C ILE P 184 62.52 -31.04 -44.58
N ALA P 185 63.53 -31.67 -43.98
CA ALA P 185 64.31 -32.71 -44.63
C ALA P 185 63.76 -34.11 -44.36
N SER P 186 62.64 -34.21 -43.64
CA SER P 186 62.03 -35.50 -43.32
C SER P 186 61.01 -35.94 -44.36
N ASN P 187 61.19 -35.53 -45.62
CA ASN P 187 60.41 -36.02 -46.75
C ASN P 187 58.91 -35.71 -46.58
N LEU P 188 58.62 -34.41 -46.63
CA LEU P 188 57.24 -33.95 -46.53
C LEU P 188 56.41 -34.46 -47.71
N PRO P 189 55.11 -34.70 -47.50
CA PRO P 189 54.27 -35.17 -48.60
C PRO P 189 54.10 -34.12 -49.68
N HIS P 190 53.43 -34.53 -50.76
CA HIS P 190 53.23 -33.65 -51.91
C HIS P 190 52.29 -32.49 -51.61
N ASN P 191 51.27 -32.70 -50.79
CA ASN P 191 50.23 -31.70 -50.53
C ASN P 191 50.54 -30.87 -49.29
N LEU P 192 51.78 -30.90 -48.80
CA LEU P 192 52.17 -30.14 -47.62
C LEU P 192 53.28 -29.17 -48.04
N LYS P 193 52.97 -27.88 -48.06
CA LYS P 193 53.91 -26.84 -48.44
C LYS P 193 54.24 -25.99 -47.21
N ILE P 194 55.52 -25.90 -46.88
CA ILE P 194 55.99 -25.10 -45.76
C ILE P 194 57.02 -24.11 -46.28
N THR P 195 56.79 -22.82 -46.02
CA THR P 195 57.69 -21.76 -46.44
C THR P 195 58.17 -20.99 -45.23
N TRP P 196 59.50 -20.81 -45.12
CA TRP P 196 60.09 -20.08 -44.01
C TRP P 196 59.85 -18.59 -44.18
N GLY P 197 59.38 -17.94 -43.12
CA GLY P 197 59.06 -16.53 -43.18
C GLY P 197 59.91 -15.66 -42.26
N TYR P 198 61.17 -16.03 -42.10
CA TYR P 198 62.09 -15.27 -41.26
C TYR P 198 63.38 -14.94 -41.99
N PHE Q 32 31.90 5.33 -24.94
CA PHE Q 32 32.76 4.17 -25.19
C PHE Q 32 33.56 4.36 -26.47
N HIS Q 33 33.64 5.60 -26.93
CA HIS Q 33 34.37 5.90 -28.16
C HIS Q 33 35.86 5.67 -27.96
N VAL Q 34 36.47 4.95 -28.89
CA VAL Q 34 37.87 4.57 -28.78
C VAL Q 34 38.64 5.22 -29.93
N ARG Q 35 39.94 5.42 -29.71
CA ARG Q 35 40.75 6.20 -30.63
C ARG Q 35 40.85 5.54 -32.00
N VAL Q 36 41.00 6.37 -33.03
CA VAL Q 36 40.97 5.92 -34.42
C VAL Q 36 42.34 5.79 -35.04
N THR Q 37 43.41 6.09 -34.29
CA THR Q 37 44.75 6.06 -34.82
C THR Q 37 45.64 5.19 -33.93
N LEU Q 38 46.66 4.61 -34.54
CA LEU Q 38 47.61 3.79 -33.79
C LEU Q 38 48.43 4.68 -32.87
N PRO Q 39 48.52 4.36 -31.58
CA PRO Q 39 49.42 5.12 -30.72
C PRO Q 39 50.86 4.85 -31.08
N PRO Q 40 51.76 5.80 -30.84
CA PRO Q 40 53.18 5.56 -31.14
C PRO Q 40 53.73 4.43 -30.28
N ARG Q 41 54.15 3.36 -30.95
CA ARG Q 41 54.65 2.18 -30.24
C ARG Q 41 55.89 2.52 -29.44
N LYS Q 42 55.79 2.37 -28.12
CA LYS Q 42 56.91 2.69 -27.25
C LYS Q 42 58.04 1.70 -27.47
N VAL Q 43 59.21 2.20 -27.84
CA VAL Q 43 60.39 1.36 -28.05
C VAL Q 43 61.10 1.27 -26.70
N VAL Q 44 60.61 0.36 -25.88
CA VAL Q 44 61.20 0.12 -24.56
C VAL Q 44 62.28 -0.95 -24.69
N ASP Q 45 63.46 -0.66 -24.15
CA ASP Q 45 64.56 -1.60 -24.17
C ASP Q 45 64.73 -2.24 -22.80
N ARG Q 46 65.11 -3.51 -22.80
CA ARG Q 46 65.30 -4.27 -21.58
C ARG Q 46 66.74 -4.27 -21.11
N TRP Q 47 67.62 -3.54 -21.79
CA TRP Q 47 69.05 -3.58 -21.52
C TRP Q 47 69.60 -2.17 -21.31
N ASN Q 48 68.82 -1.31 -20.68
CA ASN Q 48 69.36 -0.03 -20.24
C ASN Q 48 70.09 -0.23 -18.92
N GLU Q 49 70.68 0.86 -18.40
CA GLU Q 49 71.51 0.74 -17.20
C GLU Q 49 70.69 0.28 -16.00
N LYS Q 50 69.52 0.88 -15.79
CA LYS Q 50 68.70 0.54 -14.63
C LYS Q 50 68.21 -0.90 -14.70
N ARG Q 51 67.73 -1.33 -15.86
CA ARG Q 51 67.22 -2.70 -15.98
C ARG Q 51 68.35 -3.71 -15.91
N ALA Q 52 69.55 -3.36 -16.38
CA ALA Q 52 70.67 -4.29 -16.32
C ALA Q 52 71.25 -4.41 -14.92
N MET Q 53 71.24 -3.32 -14.15
CA MET Q 53 71.76 -3.34 -12.78
C MET Q 53 70.65 -3.28 -11.73
N PHE Q 54 69.45 -3.74 -12.08
CA PHE Q 54 68.37 -3.75 -11.10
C PHE Q 54 68.68 -4.70 -9.95
N GLY Q 55 68.68 -4.15 -8.74
CA GLY Q 55 68.86 -4.95 -7.54
C GLY Q 55 70.15 -5.75 -7.53
N VAL Q 56 71.25 -5.15 -8.00
CA VAL Q 56 72.49 -5.90 -8.15
C VAL Q 56 73.07 -6.27 -6.80
N TYR Q 57 72.97 -5.39 -5.80
CA TYR Q 57 73.51 -5.65 -4.47
C TYR Q 57 72.44 -6.13 -3.48
N ASP Q 58 71.41 -6.82 -3.97
CA ASP Q 58 70.37 -7.31 -3.07
C ASP Q 58 70.93 -8.29 -2.05
N ASN Q 59 72.02 -8.99 -2.39
CA ASN Q 59 72.68 -9.91 -1.48
C ASN Q 59 73.98 -9.34 -0.92
N ILE Q 60 74.00 -8.03 -0.67
CA ILE Q 60 75.23 -7.38 -0.19
C ILE Q 60 75.63 -7.95 1.16
N GLY Q 61 74.67 -8.13 2.05
CA GLY Q 61 74.95 -8.74 3.34
C GLY Q 61 75.43 -10.16 3.18
N ILE Q 62 74.59 -11.01 2.59
CA ILE Q 62 74.86 -12.45 2.52
C ILE Q 62 76.21 -12.72 1.89
N LEU Q 63 76.53 -12.02 0.81
CA LEU Q 63 77.80 -12.18 0.12
C LEU Q 63 78.84 -11.16 0.54
N GLY Q 64 78.64 -10.47 1.67
CA GLY Q 64 79.57 -9.43 2.06
C GLY Q 64 79.98 -9.36 3.51
N ASN Q 65 79.96 -10.47 4.25
CA ASN Q 65 80.57 -10.54 5.58
C ASN Q 65 79.96 -9.49 6.52
N PHE Q 66 78.72 -9.75 6.92
CA PHE Q 66 77.67 -8.78 7.19
C PHE Q 66 78.18 -7.46 7.76
N GLU Q 67 77.90 -6.36 7.06
CA GLU Q 67 78.01 -5.03 7.64
C GLU Q 67 76.76 -4.22 7.32
N LYS Q 68 76.18 -4.45 6.15
CA LYS Q 68 75.08 -3.66 5.64
C LYS Q 68 73.87 -4.55 5.39
N HIS Q 69 72.73 -4.16 5.96
CA HIS Q 69 71.47 -4.83 5.64
C HIS Q 69 70.97 -4.36 4.28
N PRO Q 70 70.16 -5.17 3.60
CA PRO Q 70 69.46 -4.68 2.41
C PRO Q 70 68.50 -3.52 2.69
N LYS Q 71 68.29 -3.17 3.97
CA LYS Q 71 67.51 -1.98 4.29
C LYS Q 71 68.16 -0.73 3.75
N GLU Q 72 69.48 -0.62 3.87
CA GLU Q 72 70.20 0.59 3.50
C GLU Q 72 70.16 0.88 2.00
N LEU Q 73 69.78 -0.09 1.18
CA LEU Q 73 69.68 0.14 -0.25
C LEU Q 73 68.34 0.74 -0.67
N ILE Q 74 67.40 0.86 0.24
CA ILE Q 74 66.08 1.40 -0.08
C ILE Q 74 66.15 2.91 -0.10
N LYS Q 75 65.73 3.51 -1.21
CA LYS Q 75 65.68 4.96 -1.36
C LYS Q 75 64.23 5.40 -1.38
N GLY Q 76 63.89 6.37 -0.53
CA GLY Q 76 62.55 6.86 -0.44
C GLY Q 76 62.37 7.77 0.75
N PRO Q 77 61.12 7.93 1.19
CA PRO Q 77 60.85 8.78 2.36
C PRO Q 77 61.54 8.24 3.61
N ILE Q 78 61.92 9.16 4.50
CA ILE Q 78 62.69 8.80 5.68
C ILE Q 78 61.91 7.83 6.56
N TRP Q 79 60.59 8.02 6.66
CA TRP Q 79 59.77 7.20 7.53
C TRP Q 79 59.36 5.88 6.89
N LEU Q 80 59.88 5.54 5.72
CA LEU Q 80 59.50 4.31 5.04
C LEU Q 80 60.69 3.48 4.58
N ARG Q 81 61.90 3.79 5.04
CA ARG Q 81 63.08 3.02 4.66
C ARG Q 81 63.16 1.79 5.56
N GLY Q 82 63.00 0.61 4.98
CA GLY Q 82 63.03 -0.61 5.75
C GLY Q 82 61.90 -0.77 6.73
N TRP Q 83 60.68 -0.44 6.32
CA TRP Q 83 59.51 -0.55 7.20
C TRP Q 83 58.27 -0.72 6.35
N LYS Q 84 57.27 -1.38 6.90
CA LYS Q 84 56.03 -1.65 6.19
C LYS Q 84 54.87 -1.71 7.20
N GLY Q 85 53.78 -1.04 6.86
CA GLY Q 85 52.60 -1.05 7.72
C GLY Q 85 51.39 -0.59 6.93
N ASN Q 86 50.23 -0.73 7.55
CA ASN Q 86 48.99 -0.30 6.91
C ASN Q 86 48.89 1.23 6.98
N GLU Q 87 47.76 1.78 6.53
CA GLU Q 87 47.66 3.23 6.39
C GLU Q 87 47.75 3.94 7.74
N LEU Q 88 47.10 3.40 8.76
CA LEU Q 88 47.13 4.06 10.07
C LEU Q 88 48.55 4.05 10.65
N GLN Q 89 49.24 2.93 10.56
CA GLN Q 89 50.61 2.86 11.07
C GLN Q 89 51.53 3.77 10.28
N ARG Q 90 51.35 3.83 8.96
CA ARG Q 90 52.17 4.72 8.14
C ARG Q 90 51.94 6.18 8.51
N CYS Q 91 50.69 6.58 8.72
CA CYS Q 91 50.41 7.95 9.13
C CYS Q 91 51.00 8.26 10.49
N ILE Q 92 50.87 7.32 11.45
CA ILE Q 92 51.42 7.53 12.78
C ILE Q 92 52.92 7.70 12.71
N ARG Q 93 53.60 6.84 11.94
CA ARG Q 93 55.04 6.92 11.82
C ARG Q 93 55.48 8.21 11.14
N LYS Q 94 54.75 8.63 10.10
CA LYS Q 94 55.10 9.89 9.43
C LYS Q 94 54.96 11.07 10.37
N LYS Q 95 53.88 11.10 11.16
CA LYS Q 95 53.70 12.19 12.11
C LYS Q 95 54.78 12.19 13.18
N ARG Q 96 55.18 11.00 13.64
CA ARG Q 96 56.20 10.93 14.68
C ARG Q 96 57.57 11.32 14.15
N MET Q 97 57.89 10.95 12.91
CA MET Q 97 59.23 11.13 12.38
C MET Q 97 59.42 12.50 11.75
N VAL Q 98 58.60 12.83 10.75
CA VAL Q 98 58.77 14.08 10.00
C VAL Q 98 57.62 15.05 10.25
N GLY Q 99 56.86 14.84 11.33
CA GLY Q 99 55.73 15.71 11.62
C GLY Q 99 56.12 17.10 12.07
N ASN Q 100 57.36 17.28 12.53
CA ASN Q 100 57.84 18.58 12.97
C ASN Q 100 58.28 19.47 11.81
N ARG Q 101 58.33 18.95 10.59
CA ARG Q 101 58.72 19.71 9.42
C ARG Q 101 57.62 19.84 8.38
N MET Q 102 56.43 19.31 8.66
CA MET Q 102 55.32 19.40 7.72
C MET Q 102 54.72 20.81 7.71
N PHE Q 103 54.08 21.14 6.60
CA PHE Q 103 53.39 22.41 6.48
C PHE Q 103 52.11 22.39 7.33
N ILE Q 104 51.48 23.55 7.46
CA ILE Q 104 50.33 23.67 8.35
C ILE Q 104 49.17 22.81 7.86
N ASP Q 105 48.80 22.97 6.59
CA ASP Q 105 47.67 22.21 6.06
C ASP Q 105 48.01 20.74 5.94
N ASP Q 106 49.26 20.42 5.61
CA ASP Q 106 49.67 19.01 5.54
C ASP Q 106 49.57 18.35 6.91
N LEU Q 107 50.01 19.03 7.96
CA LEU Q 107 49.91 18.49 9.31
C LEU Q 107 48.45 18.36 9.74
N HIS Q 108 47.63 19.35 9.41
CA HIS Q 108 46.21 19.26 9.74
C HIS Q 108 45.54 18.07 9.03
N ASN Q 109 45.86 17.89 7.75
CA ASN Q 109 45.30 16.77 7.00
C ASN Q 109 45.77 15.44 7.57
N LEU Q 110 47.05 15.36 7.97
CA LEU Q 110 47.56 14.14 8.57
C LEU Q 110 46.86 13.84 9.88
N ASN Q 111 46.64 14.86 10.72
CA ASN Q 111 45.94 14.64 11.98
C ASN Q 111 44.51 14.17 11.74
N LYS Q 112 43.81 14.80 10.79
CA LYS Q 112 42.45 14.38 10.50
C LYS Q 112 42.40 12.97 9.93
N ARG Q 113 43.35 12.62 9.07
CA ARG Q 113 43.41 11.27 8.54
C ARG Q 113 43.69 10.25 9.64
N ILE Q 114 44.59 10.60 10.57
CA ILE Q 114 44.88 9.72 11.69
C ILE Q 114 43.62 9.49 12.53
N SER Q 115 42.88 10.56 12.81
CA SER Q 115 41.67 10.43 13.61
C SER Q 115 40.62 9.57 12.89
N TYR Q 116 40.42 9.81 11.60
CA TYR Q 116 39.44 9.04 10.84
C TYR Q 116 39.83 7.57 10.78
N LEU Q 117 41.11 7.29 10.53
CA LEU Q 117 41.56 5.91 10.45
C LEU Q 117 41.44 5.22 11.80
N TYR Q 118 41.77 5.91 12.89
CA TYR Q 118 41.60 5.34 14.22
C TYR Q 118 40.14 4.96 14.46
N LYS Q 119 39.23 5.90 14.18
CA LYS Q 119 37.82 5.62 14.43
C LYS Q 119 37.32 4.47 13.56
N HIS Q 120 37.68 4.46 12.27
CA HIS Q 120 37.21 3.42 11.37
C HIS Q 120 37.77 2.05 11.76
N PHE Q 121 39.05 1.98 12.09
CA PHE Q 121 39.66 0.69 12.37
C PHE Q 121 39.26 0.14 13.74
N ASN Q 122 39.01 1.02 14.72
CA ASN Q 122 38.68 0.56 16.06
C ASN Q 122 37.19 0.52 16.34
N ARG Q 123 36.35 1.01 15.44
CA ARG Q 123 34.92 1.02 15.67
C ARG Q 123 34.06 0.53 14.50
N HIS Q 124 34.65 0.29 13.33
CA HIS Q 124 33.87 -0.11 12.16
C HIS Q 124 34.45 -1.38 11.57
N GLY Q 125 33.59 -2.12 10.87
CA GLY Q 125 33.93 -3.38 10.27
C GLY Q 125 32.89 -4.44 10.54
N LYS Q 126 33.10 -5.61 9.98
CA LYS Q 126 32.18 -6.73 10.11
C LYS Q 126 32.70 -7.82 11.04
N TYR Q 127 33.94 -8.25 10.86
CA TYR Q 127 34.45 -9.40 11.61
C TYR Q 127 34.72 -9.06 13.07
N ARG Q 128 34.85 -7.78 13.40
CA ARG Q 128 35.07 -7.34 14.78
C ARG Q 128 36.31 -7.98 15.40
N ALA R 23 -0.96 -44.87 -27.01
CA ALA R 23 -0.48 -45.16 -25.67
C ALA R 23 -0.48 -46.66 -25.39
N GLY R 24 -1.59 -47.18 -24.88
CA GLY R 24 -1.76 -48.60 -24.68
C GLY R 24 -0.80 -49.23 -23.70
N SER R 25 -0.43 -48.48 -22.66
CA SER R 25 0.46 -49.03 -21.64
C SER R 25 -0.17 -50.19 -20.91
N GLN R 26 -1.47 -50.11 -20.60
CA GLN R 26 -2.15 -51.22 -19.93
C GLN R 26 -2.18 -52.45 -20.82
N TRP R 27 -2.44 -52.27 -22.12
CA TRP R 27 -2.43 -53.40 -23.03
C TRP R 27 -1.05 -54.04 -23.11
N ARG R 28 0.00 -53.20 -23.18
CA ARG R 28 1.35 -53.75 -23.24
C ARG R 28 1.72 -54.48 -21.97
N LEU R 29 1.30 -53.95 -20.81
CA LEU R 29 1.54 -54.64 -19.55
C LEU R 29 0.82 -55.97 -19.50
N GLN R 30 -0.42 -56.01 -20.00
CA GLN R 30 -1.17 -57.26 -20.05
C GLN R 30 -0.51 -58.28 -20.95
N GLN R 31 -0.03 -57.84 -22.12
CA GLN R 31 0.64 -58.73 -23.06
C GLN R 31 2.05 -59.11 -22.61
N GLY R 32 2.61 -58.40 -21.62
CA GLY R 32 3.92 -58.73 -21.10
C GLY R 32 5.04 -57.80 -21.54
N PHE R 33 4.79 -56.93 -22.51
CA PHE R 33 5.79 -55.98 -22.95
C PHE R 33 5.92 -54.85 -21.93
N ALA R 34 6.91 -53.99 -22.14
CA ALA R 34 7.09 -52.83 -21.29
C ALA R 34 5.98 -51.81 -21.55
N ALA R 35 5.63 -51.05 -20.52
CA ALA R 35 4.63 -50.00 -20.67
C ALA R 35 5.08 -48.94 -21.67
N ASN R 36 6.39 -48.76 -21.81
CA ASN R 36 6.98 -47.84 -22.77
C ASN R 36 7.64 -48.63 -23.88
N PRO R 37 7.36 -48.34 -25.15
CA PRO R 37 8.01 -49.07 -26.25
C PRO R 37 9.54 -49.01 -26.22
N SER R 38 10.12 -48.11 -25.43
CA SER R 38 11.57 -48.01 -25.29
C SER R 38 12.11 -48.85 -24.15
N GLY R 39 11.32 -49.78 -23.63
CA GLY R 39 11.76 -50.62 -22.52
C GLY R 39 12.11 -52.04 -22.93
N TYR R 40 13.41 -52.33 -22.99
CA TYR R 40 13.95 -53.68 -23.22
C TYR R 40 13.36 -54.36 -24.45
N GLY R 41 12.71 -53.62 -25.33
CA GLY R 41 12.16 -54.19 -26.54
C GLY R 41 13.23 -54.35 -27.61
N PRO R 42 12.94 -55.17 -28.62
CA PRO R 42 13.89 -55.30 -29.75
C PRO R 42 14.08 -54.01 -30.52
N LEU R 43 13.15 -53.06 -30.42
CA LEU R 43 13.30 -51.78 -31.11
C LEU R 43 14.48 -50.98 -30.57
N THR R 44 14.91 -51.24 -29.34
CA THR R 44 16.03 -50.52 -28.74
C THR R 44 17.20 -51.41 -28.37
N GLU R 45 16.96 -52.67 -28.03
CA GLU R 45 18.06 -53.55 -27.63
C GLU R 45 19.01 -53.83 -28.79
N LEU R 46 18.46 -54.06 -29.98
CA LEU R 46 19.29 -54.38 -31.13
C LEU R 46 20.07 -53.16 -31.60
N PRO R 47 21.23 -53.36 -32.23
CA PRO R 47 21.92 -52.23 -32.86
C PRO R 47 21.11 -51.70 -34.03
N ASP R 48 21.16 -50.39 -34.22
CA ASP R 48 20.37 -49.73 -35.26
C ASP R 48 21.14 -49.42 -36.52
N TRP R 49 22.44 -49.77 -36.59
CA TRP R 49 23.20 -49.56 -37.81
C TRP R 49 24.41 -50.48 -37.80
N SER R 50 24.92 -50.74 -39.00
CA SER R 50 26.13 -51.54 -39.19
C SER R 50 26.75 -51.16 -40.52
N TYR R 51 28.03 -51.51 -40.67
CA TYR R 51 28.74 -51.20 -41.90
C TYR R 51 28.16 -51.98 -43.07
N ALA R 52 28.23 -51.38 -44.26
CA ALA R 52 27.76 -52.06 -45.45
C ALA R 52 28.61 -53.29 -45.79
N ASP R 53 29.83 -53.36 -45.27
CA ASP R 53 30.67 -54.53 -45.47
C ASP R 53 30.18 -55.74 -44.67
N GLY R 54 29.32 -55.52 -43.68
CA GLY R 54 28.82 -56.59 -42.83
C GLY R 54 29.45 -56.65 -41.46
N ARG R 55 30.57 -55.96 -41.24
CA ARG R 55 31.18 -55.97 -39.92
C ARG R 55 30.30 -55.21 -38.93
N PRO R 56 30.24 -55.64 -37.68
CA PRO R 56 29.33 -55.00 -36.72
C PRO R 56 29.82 -53.63 -36.29
N ALA R 57 28.87 -52.79 -35.89
CA ALA R 57 29.16 -51.46 -35.39
C ALA R 57 29.60 -51.52 -33.93
N PRO R 58 30.33 -50.50 -33.46
CA PRO R 58 30.67 -50.45 -32.04
C PRO R 58 29.43 -50.38 -31.19
N PRO R 59 29.45 -50.97 -30.00
CA PRO R 59 28.25 -51.01 -29.16
C PRO R 59 27.82 -49.63 -28.70
N MET R 60 26.52 -49.48 -28.51
CA MET R 60 25.95 -48.21 -28.08
C MET R 60 26.18 -47.98 -26.59
N LYS R 61 26.44 -46.73 -26.22
CA LYS R 61 26.68 -46.39 -24.83
C LYS R 61 25.46 -46.67 -23.97
N GLY R 62 24.27 -46.35 -24.48
CA GLY R 62 23.06 -46.64 -23.73
C GLY R 62 22.86 -48.13 -23.50
N GLN R 63 23.12 -48.93 -24.52
CA GLN R 63 23.02 -50.38 -24.36
C GLN R 63 24.04 -50.90 -23.36
N LEU R 64 25.26 -50.36 -23.40
CA LEU R 64 26.28 -50.78 -22.43
C LEU R 64 25.86 -50.44 -21.01
N ARG R 65 25.32 -49.23 -20.80
CA ARG R 65 24.87 -48.84 -19.46
C ARG R 65 23.70 -49.71 -19.01
N ARG R 66 22.77 -50.02 -19.91
CA ARG R 66 21.65 -50.88 -19.56
C ARG R 66 22.13 -52.28 -19.20
N LYS R 67 23.10 -52.81 -19.93
CA LYS R 67 23.67 -54.11 -19.60
C LYS R 67 24.33 -54.09 -18.23
N ALA R 68 25.07 -53.01 -17.92
CA ALA R 68 25.69 -52.90 -16.61
C ALA R 68 24.65 -52.88 -15.49
N GLN R 69 23.58 -52.10 -15.68
CA GLN R 69 22.54 -52.04 -14.65
C GLN R 69 21.85 -53.39 -14.48
N ARG R 70 21.57 -54.09 -15.59
CA ARG R 70 20.95 -55.40 -15.49
C ARG R 70 21.85 -56.39 -14.78
N GLU R 71 23.16 -56.35 -15.08
CA GLU R 71 24.10 -57.23 -14.40
C GLU R 71 24.14 -56.94 -12.91
N LYS R 72 24.13 -55.66 -12.53
CA LYS R 72 24.12 -55.31 -11.11
C LYS R 72 22.85 -55.81 -10.44
N PHE R 73 21.70 -55.67 -11.11
CA PHE R 73 20.44 -56.15 -10.54
C PHE R 73 20.46 -57.66 -10.36
N ALA R 74 20.98 -58.40 -11.34
CA ALA R 74 21.06 -59.86 -11.22
C ALA R 74 21.99 -60.27 -10.09
N ARG R 75 23.14 -59.59 -9.97
CA ARG R 75 24.05 -59.89 -8.88
C ARG R 75 23.40 -59.64 -7.53
N ARG R 76 22.64 -58.54 -7.41
CA ARG R 76 21.95 -58.25 -6.15
C ARG R 76 20.90 -59.31 -5.85
N VAL R 77 20.17 -59.76 -6.86
CA VAL R 77 19.16 -60.80 -6.65
C VAL R 77 19.81 -62.08 -6.14
N VAL R 78 20.91 -62.48 -6.78
CA VAL R 78 21.61 -63.69 -6.37
C VAL R 78 22.13 -63.56 -4.95
N LEU R 79 22.70 -62.39 -4.62
CA LEU R 79 23.22 -62.18 -3.27
C LEU R 79 22.11 -62.25 -2.23
N LEU R 80 20.96 -61.64 -2.52
CA LEU R 80 19.84 -61.66 -1.56
C LEU R 80 19.33 -63.08 -1.36
N SER R 81 19.18 -63.84 -2.45
CA SER R 81 18.71 -65.21 -2.31
C SER R 81 19.71 -66.06 -1.51
N GLN R 82 21.00 -65.90 -1.79
CA GLN R 82 22.00 -66.67 -1.05
C GLN R 82 22.00 -66.29 0.42
N GLU R 83 21.87 -65.00 0.73
CA GLU R 83 21.83 -64.57 2.13
C GLU R 83 20.62 -65.13 2.86
N MET R 84 19.46 -65.12 2.20
CA MET R 84 18.26 -65.67 2.83
C MET R 84 18.42 -67.18 3.09
N ASP R 85 18.96 -67.91 2.11
CA ASP R 85 19.18 -69.34 2.30
C ASP R 85 20.16 -69.60 3.44
N ALA R 86 21.24 -68.81 3.48
CA ALA R 86 22.24 -68.99 4.55
C ALA R 86 21.64 -68.70 5.91
N GLY R 87 20.82 -67.65 6.01
CA GLY R 87 20.19 -67.34 7.28
C GLY R 87 19.23 -68.44 7.74
N LEU R 88 18.42 -68.97 6.82
CA LEU R 88 17.52 -70.05 7.18
C LEU R 88 18.29 -71.30 7.62
N GLN R 89 19.37 -71.63 6.90
CA GLN R 89 20.17 -72.78 7.27
C GLN R 89 20.83 -72.57 8.63
N ALA R 90 21.30 -71.35 8.91
CA ALA R 90 21.91 -71.07 10.20
C ALA R 90 20.90 -71.20 11.33
N TRP R 91 19.67 -70.72 11.12
CA TRP R 91 18.64 -70.87 12.15
C TRP R 91 18.31 -72.34 12.38
N GLN R 92 18.21 -73.13 11.30
CA GLN R 92 17.96 -74.55 11.45
C GLN R 92 19.08 -75.24 12.21
N LEU R 93 20.33 -74.89 11.89
CA LEU R 93 21.47 -75.46 12.60
C LEU R 93 21.46 -75.07 14.07
N ARG R 94 21.11 -73.82 14.37
CA ARG R 94 21.03 -73.40 15.77
C ARG R 94 19.97 -74.18 16.53
N GLN R 95 18.79 -74.37 15.93
CA GLN R 95 17.75 -75.16 16.59
C GLN R 95 18.20 -76.61 16.79
N GLN R 96 18.85 -77.19 15.79
CA GLN R 96 19.33 -78.56 15.92
C GLN R 96 20.38 -78.67 17.02
N GLU R 97 21.30 -77.71 17.09
CA GLU R 97 22.31 -77.71 18.15
C GLU R 97 21.67 -77.54 19.52
N LYS R 98 20.62 -76.73 19.61
CA LYS R 98 19.90 -76.60 20.87
C LYS R 98 19.28 -77.93 21.28
N LEU R 99 18.70 -78.66 20.32
CA LEU R 99 18.15 -79.98 20.61
C LEU R 99 19.26 -80.93 21.08
N GLN R 100 20.39 -80.91 20.39
CA GLN R 100 21.50 -81.81 20.77
C GLN R 100 22.04 -81.49 22.15
N GLU R 101 22.19 -80.21 22.49
CA GLU R 101 22.70 -79.86 23.81
C GLU R 101 21.67 -80.17 24.89
N GLU R 102 20.39 -80.02 24.58
CA GLU R 102 19.34 -80.43 25.54
C GLU R 102 19.40 -81.92 25.81
N GLU R 103 19.62 -82.72 24.76
CA GLU R 103 19.78 -84.16 24.96
C GLU R 103 21.07 -84.46 25.74
N GLY R 104 22.14 -83.75 25.45
CA GLY R 104 23.41 -83.99 26.13
C GLY R 104 23.39 -83.65 27.59
N LYS R 105 22.61 -82.63 27.98
CA LYS R 105 22.49 -82.30 29.39
C LYS R 105 21.89 -83.47 30.17
N GLN R 106 20.88 -84.13 29.61
CA GLN R 106 20.32 -85.31 30.25
C GLN R 106 21.27 -86.50 30.16
N LYS R 107 22.01 -86.62 29.06
CA LYS R 107 22.94 -87.74 28.89
C LYS R 107 24.10 -87.66 29.89
N ASN R 108 24.53 -86.45 30.25
CA ASN R 108 25.67 -86.27 31.13
C ASN R 108 25.27 -86.26 32.61
N ALA R 109 24.00 -86.46 32.93
CA ALA R 109 23.55 -86.46 34.30
C ALA R 109 23.98 -87.75 35.00
N LEU R 110 23.56 -87.89 36.25
CA LEU R 110 23.89 -89.05 37.08
C LEU R 110 22.65 -89.91 37.28
N LYS R 111 22.86 -91.09 37.87
CA LYS R 111 21.77 -92.01 38.15
C LYS R 111 21.16 -91.68 39.51
N SER R 112 19.85 -91.45 39.53
CA SER R 112 19.18 -91.10 40.77
C SER R 112 19.22 -92.26 41.76
N LYS R 113 19.48 -91.92 43.03
CA LYS R 113 19.54 -92.92 44.09
C LYS R 113 18.69 -92.57 45.31
N GLY R 114 18.09 -91.39 45.36
CA GLY R 114 17.37 -90.98 46.55
C GLY R 114 16.14 -91.79 46.88
N ALA R 115 15.11 -91.69 46.04
CA ALA R 115 13.87 -92.41 46.25
C ALA R 115 13.77 -93.71 45.46
N LEU R 116 14.82 -94.07 44.72
CA LEU R 116 14.80 -95.26 43.89
C LEU R 116 15.41 -96.49 44.57
N LEU R 117 16.28 -96.29 45.56
CA LEU R 117 16.89 -97.43 46.22
C LEU R 117 15.94 -98.12 47.17
N GLN R 118 15.03 -97.37 47.81
CA GLN R 118 14.08 -97.97 48.73
C GLN R 118 12.96 -98.71 48.00
N ASN R 119 12.76 -98.43 46.72
CA ASN R 119 11.73 -99.10 45.94
C ASN R 119 12.21 -100.45 45.42
N ALA S 2 -75.90 -39.34 -5.94
CA ALA S 2 -77.06 -38.85 -5.22
C ALA S 2 -76.92 -37.37 -4.88
N ALA S 3 -75.73 -36.98 -4.42
CA ALA S 3 -75.49 -35.59 -4.09
C ALA S 3 -75.54 -34.71 -5.33
N ALA S 4 -75.02 -35.21 -6.46
CA ALA S 4 -75.05 -34.44 -7.70
C ALA S 4 -76.47 -34.16 -8.15
N LEU S 5 -77.35 -35.17 -8.04
CA LEU S 5 -78.75 -34.97 -8.40
C LEU S 5 -79.45 -34.08 -7.38
N ALA S 6 -79.09 -34.19 -6.11
CA ALA S 6 -79.70 -33.36 -5.08
C ALA S 6 -79.37 -31.89 -5.30
N ARG S 7 -78.13 -31.59 -5.69
CA ARG S 7 -77.71 -30.22 -5.92
C ARG S 7 -78.08 -29.71 -7.32
N LEU S 8 -79.05 -30.35 -7.98
CA LEU S 8 -79.45 -29.95 -9.33
C LEU S 8 -80.86 -29.38 -9.40
N GLY S 9 -81.68 -29.56 -8.38
CA GLY S 9 -83.04 -29.07 -8.46
C GLY S 9 -83.92 -29.87 -9.42
N LEU S 10 -84.26 -31.09 -9.02
CA LEU S 10 -85.03 -32.00 -9.87
C LEU S 10 -86.51 -31.64 -9.89
N ARG S 11 -86.83 -30.40 -9.50
CA ARG S 11 -88.22 -29.95 -9.45
C ARG S 11 -88.91 -30.05 -10.81
N ALA S 12 -88.16 -30.05 -11.90
CA ALA S 12 -88.72 -30.03 -13.25
C ALA S 12 -88.67 -31.41 -13.91
N VAL S 13 -88.89 -32.48 -13.16
CA VAL S 13 -88.92 -33.83 -13.69
C VAL S 13 -90.23 -34.49 -13.26
N LYS S 14 -90.92 -35.11 -14.22
CA LYS S 14 -92.25 -35.68 -13.98
C LYS S 14 -92.17 -37.16 -13.60
N GLN S 15 -91.62 -37.99 -14.48
CA GLN S 15 -91.61 -39.43 -14.27
C GLN S 15 -90.28 -40.01 -14.70
N VAL S 16 -89.74 -40.92 -13.89
CA VAL S 16 -88.54 -41.68 -14.21
C VAL S 16 -88.84 -43.15 -13.97
N ARG S 17 -88.77 -43.94 -15.05
CA ARG S 17 -89.06 -45.37 -14.98
C ARG S 17 -87.85 -46.15 -15.46
N VAL S 18 -87.33 -47.03 -14.62
CA VAL S 18 -86.17 -47.86 -14.93
C VAL S 18 -86.65 -49.30 -15.07
N GLN S 19 -86.53 -49.86 -16.27
CA GLN S 19 -87.02 -51.20 -16.55
C GLN S 19 -85.82 -52.10 -16.84
N PHE S 20 -85.67 -53.16 -16.05
CA PHE S 20 -84.51 -54.02 -16.18
C PHE S 20 -84.85 -55.44 -15.72
N CYS S 21 -83.91 -56.35 -15.98
CA CYS S 21 -84.01 -57.74 -15.55
C CYS S 21 -82.87 -58.05 -14.59
N PRO S 22 -83.14 -58.29 -13.31
CA PRO S 22 -82.05 -58.50 -12.35
C PRO S 22 -81.23 -59.75 -12.62
N PHE S 23 -81.74 -60.72 -13.37
CA PHE S 23 -81.06 -61.97 -13.62
C PHE S 23 -80.07 -61.90 -14.77
N GLU S 24 -79.94 -60.74 -15.42
CA GLU S 24 -78.98 -60.58 -16.49
C GLU S 24 -77.60 -60.29 -15.92
N LYS S 25 -76.62 -60.08 -16.80
CA LYS S 25 -75.25 -59.83 -16.40
C LYS S 25 -74.78 -58.42 -16.72
N ASN S 26 -75.63 -57.58 -17.32
CA ASN S 26 -75.26 -56.23 -17.70
C ASN S 26 -76.31 -55.23 -17.24
N VAL S 27 -76.85 -55.43 -16.04
CA VAL S 27 -77.84 -54.53 -15.45
C VAL S 27 -77.30 -53.86 -14.19
N GLU S 28 -76.02 -54.06 -13.87
CA GLU S 28 -75.46 -53.49 -12.65
C GLU S 28 -75.43 -51.97 -12.72
N SER S 29 -75.04 -51.42 -13.87
CA SER S 29 -75.02 -49.97 -14.03
C SER S 29 -76.41 -49.38 -13.91
N THR S 30 -77.41 -50.04 -14.51
CA THR S 30 -78.79 -49.55 -14.41
C THR S 30 -79.31 -49.63 -12.98
N ARG S 31 -78.96 -50.70 -12.26
CA ARG S 31 -79.39 -50.80 -10.87
C ARG S 31 -78.76 -49.71 -10.01
N THR S 32 -77.47 -49.43 -10.23
CA THR S 32 -76.81 -48.36 -9.50
C THR S 32 -77.42 -47.01 -9.86
N PHE S 33 -77.79 -46.81 -11.13
CA PHE S 33 -78.47 -45.59 -11.53
C PHE S 33 -79.81 -45.45 -10.82
N LEU S 34 -80.56 -46.55 -10.72
CA LEU S 34 -81.83 -46.52 -10.00
C LEU S 34 -81.62 -46.16 -8.54
N GLN S 35 -80.61 -46.75 -7.91
CA GLN S 35 -80.34 -46.44 -6.50
C GLN S 35 -79.95 -44.97 -6.33
N ALA S 36 -79.16 -44.44 -7.26
CA ALA S 36 -78.74 -43.05 -7.16
C ALA S 36 -79.92 -42.09 -7.39
N VAL S 37 -80.83 -42.45 -8.30
CA VAL S 37 -81.93 -41.56 -8.65
C VAL S 37 -83.13 -41.70 -7.74
N SER S 38 -83.20 -42.77 -6.94
CA SER S 38 -84.28 -42.97 -5.99
C SER S 38 -83.80 -42.82 -4.55
N SER S 39 -82.88 -41.89 -4.32
CA SER S 39 -82.35 -41.64 -3.00
C SER S 39 -83.26 -40.68 -2.23
N GLU S 40 -82.99 -40.55 -0.93
CA GLU S 40 -83.83 -39.72 -0.08
C GLU S 40 -83.74 -38.25 -0.47
N LYS S 41 -82.54 -37.76 -0.78
CA LYS S 41 -82.39 -36.36 -1.17
C LYS S 41 -83.11 -36.07 -2.48
N VAL S 42 -83.03 -37.00 -3.44
CA VAL S 42 -83.74 -36.81 -4.71
C VAL S 42 -85.24 -36.86 -4.49
N ARG S 43 -85.70 -37.71 -3.57
CA ARG S 43 -87.11 -37.75 -3.24
C ARG S 43 -87.59 -36.44 -2.65
N CYS S 44 -86.81 -35.87 -1.73
CA CYS S 44 -87.24 -34.66 -1.03
C CYS S 44 -87.06 -33.39 -1.87
N THR S 45 -86.19 -33.41 -2.87
CA THR S 45 -86.03 -32.21 -3.70
C THR S 45 -87.18 -32.01 -4.67
N ASN S 46 -87.99 -33.05 -4.92
CA ASN S 46 -89.21 -32.91 -5.70
C ASN S 46 -90.11 -34.10 -5.40
N LEU S 47 -91.33 -33.83 -4.94
CA LEU S 47 -92.24 -34.88 -4.48
C LEU S 47 -93.18 -35.38 -5.56
N ASN S 48 -93.56 -34.53 -6.52
CA ASN S 48 -94.49 -34.96 -7.56
C ASN S 48 -93.87 -35.92 -8.56
N CYS S 49 -92.55 -36.09 -8.54
CA CYS S 49 -91.90 -37.02 -9.45
C CYS S 49 -92.29 -38.46 -9.12
N SER S 50 -92.58 -39.24 -10.15
CA SER S 50 -92.97 -40.63 -10.01
C SER S 50 -91.83 -41.52 -10.46
N VAL S 51 -91.25 -42.27 -9.51
CA VAL S 51 -90.14 -43.18 -9.79
C VAL S 51 -90.68 -44.60 -9.82
N ILE S 52 -90.46 -45.30 -10.94
CA ILE S 52 -90.97 -46.64 -11.14
C ILE S 52 -89.80 -47.58 -11.44
N ALA S 53 -89.84 -48.77 -10.86
CA ALA S 53 -88.80 -49.79 -11.05
C ALA S 53 -89.47 -51.04 -11.62
N ASP S 54 -89.40 -51.19 -12.94
CA ASP S 54 -89.98 -52.34 -13.62
C ASP S 54 -88.99 -53.49 -13.64
N VAL S 55 -89.42 -54.65 -13.17
CA VAL S 55 -88.59 -55.86 -13.10
C VAL S 55 -89.15 -56.88 -14.07
N ARG S 56 -88.31 -57.35 -14.98
CA ARG S 56 -88.65 -58.43 -15.91
C ARG S 56 -87.63 -59.55 -15.78
N HIS S 57 -87.82 -60.59 -16.57
CA HIS S 57 -86.89 -61.71 -16.57
C HIS S 57 -86.44 -62.06 -17.98
N ASP S 58 -87.31 -61.79 -18.96
CA ASP S 58 -87.03 -62.10 -20.35
C ASP S 58 -86.77 -60.87 -21.21
N GLY S 59 -86.84 -59.68 -20.64
CA GLY S 59 -86.58 -58.48 -21.43
C GLY S 59 -85.16 -58.40 -21.94
N SER S 60 -84.18 -58.68 -21.07
CA SER S 60 -82.77 -58.75 -21.43
C SER S 60 -82.23 -57.44 -21.98
N GLU S 61 -82.93 -56.33 -21.75
CA GLU S 61 -82.48 -55.02 -22.23
C GLU S 61 -82.81 -53.97 -21.19
N PRO S 62 -81.88 -53.66 -20.29
CA PRO S 62 -82.14 -52.65 -19.26
C PRO S 62 -82.15 -51.25 -19.86
N CYS S 63 -83.20 -50.49 -19.54
CA CYS S 63 -83.38 -49.17 -20.11
C CYS S 63 -83.98 -48.25 -19.05
N VAL S 64 -83.84 -46.95 -19.30
CA VAL S 64 -84.38 -45.93 -18.42
C VAL S 64 -85.12 -44.90 -19.27
N ASP S 65 -86.23 -44.39 -18.75
CA ASP S 65 -87.04 -43.39 -19.44
C ASP S 65 -87.35 -42.26 -18.49
N VAL S 66 -87.10 -41.03 -18.92
CA VAL S 66 -87.38 -39.84 -18.14
C VAL S 66 -88.31 -38.95 -18.97
N LEU S 67 -89.53 -38.77 -18.50
CA LEU S 67 -90.50 -37.88 -19.12
C LEU S 67 -90.66 -36.66 -18.22
N PHE S 68 -90.43 -35.47 -18.78
CA PHE S 68 -90.59 -34.26 -17.97
C PHE S 68 -91.33 -33.17 -18.73
N GLY S 69 -91.90 -32.26 -17.93
CA GLY S 69 -92.95 -31.34 -18.30
C GLY S 69 -92.68 -30.38 -19.44
N ASP S 70 -91.47 -30.41 -19.99
CA ASP S 70 -91.21 -29.72 -21.23
C ASP S 70 -91.74 -30.49 -22.42
N GLY S 71 -92.59 -31.48 -22.18
CA GLY S 71 -92.97 -32.43 -23.21
C GLY S 71 -91.80 -33.21 -23.74
N HIS S 72 -90.84 -33.53 -22.87
CA HIS S 72 -89.57 -34.09 -23.31
C HIS S 72 -89.38 -35.50 -22.76
N ARG S 73 -88.76 -36.34 -23.58
CA ARG S 73 -88.54 -37.76 -23.28
C ARG S 73 -87.07 -38.08 -23.51
N LEU S 74 -86.36 -38.45 -22.44
CA LEU S 74 -84.98 -38.88 -22.50
C LEU S 74 -84.94 -40.37 -22.22
N ILE S 75 -84.65 -41.16 -23.25
CA ILE S 75 -84.60 -42.62 -23.14
C ILE S 75 -83.14 -43.06 -23.31
N MET S 76 -82.67 -43.88 -22.37
CA MET S 76 -81.29 -44.35 -22.36
C MET S 76 -81.31 -45.86 -22.16
N ARG S 77 -80.95 -46.61 -23.20
CA ARG S 77 -80.91 -48.07 -23.14
C ARG S 77 -79.51 -48.46 -22.67
N GLY S 78 -79.37 -48.73 -21.38
CA GLY S 78 -78.05 -48.94 -20.83
C GLY S 78 -77.63 -50.39 -20.76
N ALA S 79 -76.89 -50.85 -21.77
CA ALA S 79 -76.33 -52.19 -21.77
C ALA S 79 -74.82 -52.20 -21.57
N HIS S 80 -74.13 -51.16 -22.04
CA HIS S 80 -72.71 -50.99 -21.79
C HIS S 80 -72.36 -49.66 -21.14
N LEU S 81 -73.32 -48.74 -21.01
CA LEU S 81 -73.05 -47.46 -20.40
C LEU S 81 -72.73 -47.61 -18.92
N THR S 82 -71.73 -46.87 -18.45
CA THR S 82 -71.41 -46.86 -17.04
C THR S 82 -72.38 -45.98 -16.27
N ALA S 83 -72.53 -46.28 -14.98
CA ALA S 83 -73.48 -45.54 -14.15
C ALA S 83 -73.08 -44.08 -14.03
N GLN S 84 -71.78 -43.81 -13.85
CA GLN S 84 -71.34 -42.43 -13.71
C GLN S 84 -71.60 -41.64 -14.98
N GLU S 85 -71.33 -42.23 -16.14
CA GLU S 85 -71.62 -41.56 -17.41
C GLU S 85 -73.11 -41.33 -17.58
N MET S 86 -73.94 -42.31 -17.19
CA MET S 86 -75.38 -42.14 -17.29
C MET S 86 -75.86 -41.00 -16.40
N LEU S 87 -75.35 -40.93 -15.17
CA LEU S 87 -75.73 -39.85 -14.27
C LEU S 87 -75.29 -38.50 -14.81
N THR S 88 -74.07 -38.41 -15.35
CA THR S 88 -73.59 -37.15 -15.89
C THR S 88 -74.42 -36.71 -17.09
N ALA S 89 -74.76 -37.64 -17.98
CA ALA S 89 -75.59 -37.29 -19.13
C ALA S 89 -76.98 -36.82 -18.70
N PHE S 90 -77.58 -37.53 -17.74
CA PHE S 90 -78.90 -37.13 -17.26
C PHE S 90 -78.85 -35.76 -16.61
N ALA S 91 -77.81 -35.49 -15.80
CA ALA S 91 -77.69 -34.20 -15.15
C ALA S 91 -77.47 -33.09 -16.16
N SER S 92 -76.64 -33.34 -17.18
CA SER S 92 -76.42 -32.34 -18.22
C SER S 92 -77.70 -32.02 -18.96
N HIS S 93 -78.48 -33.06 -19.31
CA HIS S 93 -79.74 -32.81 -20.01
C HIS S 93 -80.73 -32.07 -19.13
N ILE S 94 -80.78 -32.40 -17.84
CA ILE S 94 -81.70 -31.71 -16.93
C ILE S 94 -81.33 -30.24 -16.80
N GLN S 95 -80.03 -29.95 -16.64
CA GLN S 95 -79.61 -28.56 -16.51
C GLN S 95 -79.64 -27.82 -17.85
N ALA S 96 -79.71 -28.54 -18.96
CA ALA S 96 -79.83 -27.89 -20.27
C ALA S 96 -81.27 -27.53 -20.56
N ARG S 97 -82.17 -28.52 -20.57
CA ARG S 97 -83.58 -28.29 -20.82
C ARG S 97 -84.34 -28.45 -19.52
N GLY S 98 -85.12 -27.43 -19.16
CA GLY S 98 -85.87 -27.43 -17.92
C GLY S 98 -85.27 -26.51 -16.87
N PRO T 59 -93.69 -31.43 38.31
CA PRO T 59 -94.10 -30.81 39.57
C PRO T 59 -94.82 -31.81 40.46
N GLU T 60 -94.49 -33.09 40.29
CA GLU T 60 -95.09 -34.15 41.08
C GLU T 60 -94.40 -34.22 42.46
N VAL T 61 -94.71 -35.25 43.23
CA VAL T 61 -94.14 -35.43 44.55
C VAL T 61 -93.80 -36.90 44.76
N CYS T 62 -92.69 -37.15 45.46
CA CYS T 62 -92.25 -38.49 45.78
C CYS T 62 -92.71 -38.86 47.19
N THR T 63 -92.35 -40.06 47.62
CA THR T 63 -92.72 -40.58 48.93
C THR T 63 -91.48 -41.05 49.68
N ASP T 64 -91.41 -40.70 50.96
CA ASP T 64 -90.33 -41.09 51.86
C ASP T 64 -90.49 -42.50 52.43
N PRO T 65 -91.68 -42.89 52.94
CA PRO T 65 -91.76 -44.17 53.68
C PRO T 65 -91.67 -45.40 52.80
N PHE T 66 -91.91 -46.57 53.40
CA PHE T 66 -91.76 -47.87 52.75
C PHE T 66 -92.63 -48.03 51.51
N ARG T 67 -93.46 -47.04 51.16
CA ARG T 67 -94.25 -47.12 49.95
C ARG T 67 -93.36 -47.33 48.72
N LEU T 68 -92.14 -46.78 48.74
CA LEU T 68 -91.19 -47.06 47.67
C LEU T 68 -90.84 -48.54 47.61
N THR T 69 -90.63 -49.17 48.77
CA THR T 69 -90.30 -50.59 48.80
C THR T 69 -91.51 -51.46 48.49
N THR T 70 -92.73 -50.93 48.61
CA THR T 70 -93.92 -51.73 48.36
C THR T 70 -94.48 -51.55 46.95
N HIS T 71 -94.11 -50.49 46.25
CA HIS T 71 -94.54 -50.27 44.87
C HIS T 71 -93.71 -49.12 44.28
N ALA T 72 -93.84 -48.94 42.97
CA ALA T 72 -93.12 -47.92 42.23
C ALA T 72 -93.99 -46.68 42.05
N MET T 73 -93.33 -45.54 41.81
CA MET T 73 -94.01 -44.25 41.71
C MET T 73 -93.84 -43.62 40.33
N GLY T 74 -93.48 -44.40 39.32
CA GLY T 74 -93.32 -43.86 37.99
C GLY T 74 -94.30 -44.43 36.98
N VAL T 75 -94.70 -45.68 37.18
CA VAL T 75 -95.56 -46.35 36.21
C VAL T 75 -96.93 -45.69 36.15
N ASN T 76 -97.43 -45.22 37.28
CA ASN T 76 -98.75 -44.59 37.32
C ASN T 76 -98.67 -43.20 36.72
N ILE T 77 -99.31 -43.01 35.56
CA ILE T 77 -99.29 -41.75 34.85
C ILE T 77 -100.66 -41.08 34.84
N TYR T 78 -101.73 -41.87 34.75
CA TYR T 78 -103.07 -41.32 34.73
C TYR T 78 -103.46 -40.76 36.10
N LYS T 79 -104.55 -39.99 36.13
CA LYS T 79 -104.97 -39.32 37.35
C LYS T 79 -105.28 -40.32 38.46
N GLU T 80 -105.98 -41.39 38.13
CA GLU T 80 -106.32 -42.40 39.11
C GLU T 80 -105.06 -43.09 39.63
N GLY T 81 -104.97 -43.24 40.94
CA GLY T 81 -103.80 -43.85 41.55
C GLY T 81 -103.82 -45.37 41.50
N GLN T 82 -103.89 -45.93 40.28
CA GLN T 82 -103.90 -47.37 40.10
C GLN T 82 -102.46 -47.88 39.94
N ASP T 83 -101.71 -47.73 41.02
CA ASP T 83 -100.33 -48.20 41.03
C ASP T 83 -100.29 -49.73 40.99
N VAL T 84 -99.32 -50.27 40.26
CA VAL T 84 -99.19 -51.71 40.11
C VAL T 84 -98.47 -52.27 41.32
N VAL T 85 -98.92 -53.44 41.78
CA VAL T 85 -98.31 -54.11 42.92
C VAL T 85 -97.02 -54.78 42.48
N LEU T 86 -96.22 -55.23 43.46
CA LEU T 86 -94.93 -55.87 43.18
C LEU T 86 -95.18 -57.37 43.03
N LYS T 87 -95.40 -57.80 41.79
CA LYS T 87 -95.65 -59.20 41.53
C LYS T 87 -94.41 -60.02 41.83
N PRO T 88 -94.53 -61.17 42.51
CA PRO T 88 -93.35 -61.97 42.82
C PRO T 88 -92.73 -62.65 41.61
N ASP T 89 -91.72 -63.49 41.86
CA ASP T 89 -91.10 -64.24 40.78
C ASP T 89 -92.09 -65.19 40.11
N SER T 90 -93.18 -65.56 40.78
CA SER T 90 -94.22 -66.37 40.17
C SER T 90 -94.93 -65.65 39.03
N GLU T 91 -94.86 -64.32 38.98
CA GLU T 91 -95.42 -63.56 37.89
C GLU T 91 -94.38 -62.76 37.11
N TYR T 92 -93.13 -62.74 37.57
CA TYR T 92 -92.08 -62.07 36.82
C TYR T 92 -91.12 -63.07 36.18
N PRO T 93 -90.59 -62.76 35.00
CA PRO T 93 -89.68 -63.70 34.33
C PRO T 93 -88.42 -63.93 35.14
N GLU T 94 -87.88 -65.15 35.04
CA GLU T 94 -86.67 -65.51 35.76
C GLU T 94 -85.44 -64.82 35.17
N TRP T 95 -85.40 -64.65 33.85
CA TRP T 95 -84.23 -64.06 33.20
C TRP T 95 -84.07 -62.58 33.52
N LEU T 96 -85.10 -61.93 34.06
CA LEU T 96 -84.98 -60.53 34.43
C LEU T 96 -83.92 -60.33 35.51
N PHE T 97 -83.90 -61.19 36.52
CA PHE T 97 -82.96 -61.11 37.63
C PHE T 97 -81.58 -61.67 37.29
N GLU T 98 -81.29 -61.90 36.01
CA GLU T 98 -80.02 -62.50 35.58
C GLU T 98 -79.36 -61.61 34.54
N MET T 99 -79.30 -60.32 34.81
CA MET T 99 -78.66 -59.35 33.93
C MET T 99 -77.52 -58.65 34.66
N ASN T 100 -76.51 -58.25 33.90
CA ASN T 100 -75.33 -57.58 34.45
C ASN T 100 -75.72 -56.17 34.85
N VAL T 101 -75.86 -55.95 36.17
CA VAL T 101 -76.21 -54.63 36.70
C VAL T 101 -75.01 -53.90 37.28
N GLY T 102 -73.84 -54.52 37.28
CA GLY T 102 -72.64 -53.88 37.77
C GLY T 102 -71.82 -53.29 36.65
N PRO T 103 -70.51 -53.47 36.70
CA PRO T 103 -69.64 -52.96 35.63
C PRO T 103 -69.97 -53.63 34.31
N PRO T 104 -69.89 -52.90 33.20
CA PRO T 104 -70.17 -53.49 31.89
C PRO T 104 -69.14 -54.57 31.54
N LYS T 105 -69.57 -55.52 30.71
CA LYS T 105 -68.72 -56.62 30.32
C LYS T 105 -67.50 -56.11 29.57
N LYS T 106 -66.34 -56.70 29.85
CA LYS T 106 -65.07 -56.25 29.31
C LYS T 106 -64.66 -57.08 28.09
N LEU T 107 -63.64 -56.58 27.40
CA LEU T 107 -63.15 -57.27 26.20
C LEU T 107 -62.55 -58.63 26.55
N GLU T 108 -61.79 -58.70 27.64
CA GLU T 108 -61.22 -59.97 28.08
C GLU T 108 -62.25 -60.88 28.72
N GLU T 109 -63.45 -60.37 29.04
CA GLU T 109 -64.52 -61.19 29.58
C GLU T 109 -65.41 -61.77 28.49
N LEU T 110 -65.70 -60.99 27.45
CA LEU T 110 -66.54 -61.47 26.37
C LEU T 110 -65.77 -62.46 25.50
N ASP T 111 -66.44 -63.53 25.09
CA ASP T 111 -65.81 -64.51 24.22
C ASP T 111 -65.81 -64.00 22.77
N PRO T 112 -64.82 -64.40 21.98
CA PRO T 112 -64.69 -63.89 20.60
C PRO T 112 -65.65 -64.50 19.60
N GLU T 113 -66.69 -65.22 20.04
CA GLU T 113 -67.63 -65.86 19.13
C GLU T 113 -69.05 -65.32 19.29
N THR T 114 -69.20 -64.11 19.80
CA THR T 114 -70.51 -63.49 19.96
C THR T 114 -70.50 -62.09 19.35
N ARG T 115 -71.69 -61.61 19.00
CA ARG T 115 -71.82 -60.28 18.42
C ARG T 115 -71.46 -59.18 19.42
N GLU T 116 -71.61 -59.45 20.72
CA GLU T 116 -71.27 -58.47 21.74
C GLU T 116 -69.78 -58.14 21.71
N TYR T 117 -68.95 -59.16 21.53
CA TYR T 117 -67.50 -58.94 21.49
C TYR T 117 -67.12 -58.02 20.33
N TRP T 118 -67.72 -58.24 19.16
CA TRP T 118 -67.38 -57.42 18.00
C TRP T 118 -68.01 -56.03 18.09
N ARG T 119 -69.17 -55.90 18.73
CA ARG T 119 -69.72 -54.57 19.00
C ARG T 119 -68.79 -53.77 19.91
N LEU T 120 -68.28 -54.42 20.95
CA LEU T 120 -67.34 -53.76 21.86
C LEU T 120 -66.04 -53.41 21.13
N LEU T 121 -65.56 -54.31 20.27
CA LEU T 121 -64.36 -54.03 19.51
C LEU T 121 -64.56 -52.85 18.57
N ARG T 122 -65.72 -52.76 17.92
CA ARG T 122 -66.01 -51.63 17.06
C ARG T 122 -66.09 -50.34 17.85
N LYS T 123 -66.70 -50.38 19.03
CA LYS T 123 -66.74 -49.19 19.88
C LYS T 123 -65.34 -48.75 20.27
N HIS T 124 -64.48 -49.71 20.64
CA HIS T 124 -63.11 -49.38 21.00
C HIS T 124 -62.33 -48.83 19.83
N ASN T 125 -62.57 -49.35 18.63
CA ASN T 125 -61.90 -48.84 17.44
C ASN T 125 -62.34 -47.40 17.14
N ILE T 126 -63.63 -47.11 17.32
CA ILE T 126 -64.09 -45.74 17.12
C ILE T 126 -63.48 -44.82 18.16
N TRP T 127 -63.39 -45.28 19.41
CA TRP T 127 -62.74 -44.49 20.45
C TRP T 127 -61.29 -44.21 20.11
N ARG T 128 -60.57 -45.22 19.64
CA ARG T 128 -59.17 -45.05 19.26
C ARG T 128 -59.03 -44.07 18.12
N HIS T 129 -59.90 -44.16 17.11
CA HIS T 129 -59.84 -43.23 16.00
C HIS T 129 -60.11 -41.81 16.45
N ASN T 130 -61.10 -41.63 17.34
CA ASN T 130 -61.38 -40.29 17.87
C ASN T 130 -60.18 -39.74 18.63
N ARG T 131 -59.56 -40.58 19.47
CA ARG T 131 -58.40 -40.12 20.24
C ARG T 131 -57.24 -39.74 19.32
N LEU T 132 -56.99 -40.54 18.28
CA LEU T 132 -55.87 -40.26 17.40
C LEU T 132 -56.15 -39.12 16.44
N SER T 133 -57.43 -38.80 16.20
CA SER T 133 -57.82 -37.68 15.35
C SER T 133 -58.27 -36.48 16.17
N LYS T 134 -58.00 -36.49 17.48
CA LYS T 134 -58.28 -35.32 18.31
C LYS T 134 -57.66 -34.06 17.72
N ASN T 135 -56.43 -34.16 17.19
CA ASN T 135 -55.76 -33.04 16.54
C ASN T 135 -56.20 -33.00 15.09
N ARG T 136 -57.15 -32.12 14.77
CA ARG T 136 -57.64 -31.97 13.40
C ARG T 136 -56.84 -30.86 12.73
N LYS T 137 -55.90 -31.27 11.87
CA LYS T 137 -55.02 -30.31 11.21
C LYS T 137 -55.81 -29.40 10.26
N PHE T 138 -56.78 -29.94 9.55
CA PHE T 138 -57.56 -29.18 8.58
C PHE T 138 -58.81 -28.60 9.22
N ARG U 9 -20.15 -10.93 -11.08
CA ARG U 9 -21.35 -10.71 -10.28
C ARG U 9 -21.37 -11.64 -9.08
N ASN U 10 -20.88 -12.86 -9.27
CA ASN U 10 -20.82 -13.87 -8.21
C ASN U 10 -19.41 -13.88 -7.64
N ARG U 11 -19.11 -12.88 -6.81
CA ARG U 11 -17.78 -12.77 -6.22
C ARG U 11 -17.56 -13.85 -5.16
N ILE U 12 -16.30 -14.23 -5.00
CA ILE U 12 -15.87 -15.14 -3.94
C ILE U 12 -15.16 -14.31 -2.88
N PRO U 13 -15.70 -14.19 -1.67
CA PRO U 13 -15.06 -13.34 -0.66
C PRO U 13 -13.68 -13.86 -0.29
N GLY U 14 -12.75 -12.94 -0.09
CA GLY U 14 -11.39 -13.32 0.24
C GLY U 14 -10.71 -14.02 -0.92
N ARG U 15 -9.78 -14.91 -0.58
CA ARG U 15 -9.17 -15.74 -1.60
C ARG U 15 -10.10 -16.89 -1.96
N GLN U 16 -9.77 -17.57 -3.05
CA GLN U 16 -10.63 -18.62 -3.57
C GLN U 16 -10.59 -19.87 -2.69
N TRP U 17 -9.46 -20.14 -2.03
CA TRP U 17 -9.25 -21.49 -1.51
C TRP U 17 -8.83 -21.55 -0.05
N ILE U 18 -8.69 -20.41 0.65
CA ILE U 18 -8.13 -20.39 1.99
C ILE U 18 -9.15 -19.97 3.04
N GLY U 19 -10.05 -19.06 2.70
CA GLY U 19 -10.89 -18.43 3.70
C GLY U 19 -11.91 -19.38 4.29
N LYS U 20 -12.75 -18.82 5.17
CA LYS U 20 -13.88 -19.57 5.69
C LYS U 20 -14.85 -19.93 4.57
N HIS U 21 -15.14 -18.97 3.69
CA HIS U 21 -15.96 -19.20 2.51
C HIS U 21 -15.03 -19.43 1.33
N ARG U 22 -14.96 -20.67 0.87
CA ARG U 22 -14.10 -21.05 -0.24
C ARG U 22 -14.93 -21.29 -1.50
N ARG U 23 -14.25 -21.63 -2.56
CA ARG U 23 -14.88 -21.98 -3.82
C ARG U 23 -15.41 -23.42 -3.75
N PRO U 24 -16.66 -23.64 -4.14
CA PRO U 24 -17.29 -24.95 -3.89
C PRO U 24 -16.95 -26.04 -4.90
N ARG U 25 -15.79 -25.94 -5.56
CA ARG U 25 -15.34 -26.88 -6.60
C ARG U 25 -15.62 -28.33 -6.23
N PRO U 26 -16.29 -29.08 -7.11
CA PRO U 26 -16.71 -30.44 -6.75
C PRO U 26 -15.69 -31.52 -7.11
N VAL U 27 -16.04 -32.77 -6.87
CA VAL U 27 -15.19 -33.92 -7.15
C VAL U 27 -15.67 -34.60 -8.42
N SER U 28 -14.74 -34.90 -9.32
CA SER U 28 -15.06 -35.44 -10.63
C SER U 28 -14.97 -36.96 -10.65
N ALA U 29 -15.61 -37.55 -11.67
CA ALA U 29 -15.54 -38.99 -11.86
C ALA U 29 -14.12 -39.44 -12.15
N GLN U 30 -13.34 -38.60 -12.85
CA GLN U 30 -11.93 -38.93 -13.08
C GLN U 30 -11.16 -38.98 -11.77
N ALA U 31 -11.40 -38.02 -10.88
CA ALA U 31 -10.74 -38.03 -9.57
C ALA U 31 -11.14 -39.27 -8.76
N LYS U 32 -12.43 -39.62 -8.79
CA LYS U 32 -12.87 -40.82 -8.09
C LYS U 32 -12.19 -42.07 -8.65
N GLN U 33 -12.10 -42.17 -9.99
CA GLN U 33 -11.46 -43.33 -10.60
C GLN U 33 -9.98 -43.40 -10.25
N ASN U 34 -9.31 -42.26 -10.24
CA ASN U 34 -7.89 -42.25 -9.88
C ASN U 34 -7.68 -42.70 -8.44
N MET U 35 -8.52 -42.20 -7.52
CA MET U 35 -8.41 -42.61 -6.12
C MET U 35 -8.71 -44.10 -5.97
N ILE U 36 -9.69 -44.62 -6.73
CA ILE U 36 -10.01 -46.03 -6.65
C ILE U 36 -8.84 -46.88 -7.14
N ARG U 37 -8.20 -46.45 -8.23
CA ARG U 37 -7.04 -47.18 -8.74
C ARG U 37 -5.91 -47.18 -7.72
N ARG U 38 -5.65 -46.03 -7.08
CA ARG U 38 -4.63 -45.97 -6.06
C ARG U 38 -4.97 -46.88 -4.88
N LEU U 39 -6.24 -46.91 -4.49
CA LEU U 39 -6.65 -47.79 -3.40
C LEU U 39 -6.44 -49.26 -3.75
N GLU U 40 -6.75 -49.63 -4.99
CA GLU U 40 -6.53 -51.02 -5.42
C GLU U 40 -5.04 -51.36 -5.37
N THR U 41 -4.19 -50.45 -5.84
CA THR U 41 -2.75 -50.69 -5.80
C THR U 41 -2.27 -50.85 -4.36
N GLU U 42 -2.75 -50.00 -3.45
CA GLU U 42 -2.33 -50.10 -2.05
C GLU U 42 -2.85 -51.38 -1.40
N ALA U 43 -4.06 -51.82 -1.77
CA ALA U 43 -4.56 -53.09 -1.24
C ALA U 43 -3.69 -54.26 -1.70
N GLU U 44 -3.27 -54.24 -2.96
CA GLU U 44 -2.36 -55.29 -3.44
C GLU U 44 -1.03 -55.23 -2.69
N ASN U 45 -0.52 -54.02 -2.45
CA ASN U 45 0.73 -53.87 -1.71
C ASN U 45 0.62 -54.45 -0.31
N GLN U 46 -0.47 -54.12 0.40
CA GLN U 46 -0.62 -54.61 1.75
C GLN U 46 -0.95 -56.10 1.80
N TYR U 47 -1.47 -56.66 0.71
CA TYR U 47 -1.56 -58.12 0.64
C TYR U 47 -0.18 -58.74 0.50
N TRP U 48 0.65 -58.20 -0.40
CA TRP U 48 1.99 -58.76 -0.58
C TRP U 48 2.86 -58.59 0.66
N LEU U 49 2.57 -57.58 1.48
CA LEU U 49 3.33 -57.34 2.69
C LEU U 49 2.83 -58.14 3.89
N SER U 50 2.04 -59.19 3.66
CA SER U 50 1.40 -59.90 4.76
C SER U 50 2.21 -61.09 5.26
N ARG U 51 2.67 -61.94 4.35
CA ARG U 51 3.34 -63.18 4.74
C ARG U 51 4.82 -63.12 4.43
N PRO U 52 5.68 -62.99 5.43
CA PRO U 52 7.13 -62.96 5.18
C PRO U 52 7.68 -64.36 4.89
N PHE U 53 8.83 -64.36 4.20
CA PHE U 53 9.54 -65.61 3.93
C PHE U 53 10.19 -66.16 5.19
N LEU U 54 10.84 -65.29 5.96
CA LEU U 54 11.47 -65.66 7.22
C LEU U 54 10.75 -64.96 8.37
N THR U 55 10.89 -65.54 9.56
CA THR U 55 10.31 -64.94 10.75
C THR U 55 11.31 -64.01 11.43
N ALA U 56 10.85 -63.32 12.48
CA ALA U 56 11.70 -62.39 13.19
C ALA U 56 12.88 -63.09 13.85
N GLU U 57 12.65 -64.28 14.41
CA GLU U 57 13.73 -65.04 15.01
C GLU U 57 14.65 -65.63 13.95
N GLN U 58 14.11 -65.97 12.78
CA GLN U 58 14.94 -66.54 11.72
C GLN U 58 15.83 -65.49 11.08
N GLU U 59 15.38 -64.24 11.01
CA GLU U 59 16.18 -63.20 10.38
C GLU U 59 17.25 -62.63 11.30
N ARG U 60 17.27 -63.03 12.57
CA ARG U 60 18.14 -62.39 13.55
C ARG U 60 19.60 -62.64 13.20
N GLY U 61 20.28 -61.60 12.71
CA GLY U 61 21.68 -61.69 12.40
C GLY U 61 22.01 -62.50 11.17
N HIS U 62 21.06 -62.64 10.23
CA HIS U 62 21.32 -63.44 9.04
C HIS U 62 22.31 -62.75 8.11
N ALA U 63 22.28 -61.43 8.05
CA ALA U 63 23.24 -60.66 7.25
C ALA U 63 23.81 -59.56 8.13
N ALA U 64 24.83 -59.91 8.91
CA ALA U 64 25.52 -58.96 9.79
C ALA U 64 26.99 -58.80 9.44
N VAL U 65 27.64 -59.86 8.98
CA VAL U 65 29.02 -59.76 8.53
C VAL U 65 29.11 -58.83 7.33
N ARG U 66 28.12 -58.90 6.43
CA ARG U 66 28.12 -58.00 5.28
C ARG U 66 27.97 -56.55 5.70
N ARG U 67 27.09 -56.26 6.66
CA ARG U 67 26.94 -54.89 7.14
C ARG U 67 28.20 -54.40 7.82
N ALA U 68 28.84 -55.25 8.63
CA ALA U 68 30.09 -54.85 9.26
C ALA U 68 31.17 -54.60 8.22
N ALA U 69 31.25 -55.44 7.18
CA ALA U 69 32.24 -55.24 6.13
C ALA U 69 31.96 -53.95 5.36
N ALA U 70 30.70 -53.63 5.10
CA ALA U 70 30.36 -52.39 4.42
C ALA U 70 30.77 -51.18 5.26
N PHE U 71 30.52 -51.23 6.57
CA PHE U 71 30.94 -50.13 7.42
C PHE U 71 32.45 -50.00 7.47
N GLN U 72 33.16 -51.13 7.50
CA GLN U 72 34.62 -51.08 7.49
C GLN U 72 35.15 -50.50 6.19
N ALA U 73 34.52 -50.85 5.06
CA ALA U 73 34.90 -50.27 3.78
C ALA U 73 34.68 -48.76 3.76
N LEU U 74 33.54 -48.32 4.32
CA LEU U 74 33.29 -46.88 4.43
C LEU U 74 34.35 -46.19 5.28
N LYS U 75 34.71 -46.80 6.41
CA LYS U 75 35.73 -46.23 7.27
C LYS U 75 37.08 -46.15 6.57
N ALA U 76 37.45 -47.20 5.84
CA ALA U 76 38.72 -47.18 5.12
C ALA U 76 38.72 -46.12 4.02
N ALA U 77 37.61 -45.98 3.31
CA ALA U 77 37.52 -44.96 2.27
C ALA U 77 37.65 -43.56 2.88
N GLN U 78 37.01 -43.34 4.03
CA GLN U 78 37.15 -42.04 4.69
C GLN U 78 38.57 -41.81 5.19
N ALA U 79 39.20 -42.85 5.75
CA ALA U 79 40.54 -42.70 6.32
C ALA U 79 41.61 -42.53 5.25
N ALA U 80 41.34 -42.96 4.02
CA ALA U 80 42.33 -42.76 2.96
C ALA U 80 42.44 -41.30 2.49
N ARG U 81 41.82 -40.34 3.16
CA ARG U 81 41.87 -38.94 2.75
C ARG U 81 43.19 -38.32 3.19
N PHE U 82 43.96 -37.81 2.22
CA PHE U 82 45.29 -37.25 2.49
C PHE U 82 45.74 -36.51 1.24
N PRO U 83 46.59 -35.47 1.38
CA PRO U 83 47.01 -34.72 0.18
C PRO U 83 47.78 -35.60 -0.79
N ALA U 84 47.67 -35.24 -2.07
CA ALA U 84 48.25 -36.02 -3.15
C ALA U 84 49.76 -35.80 -3.24
N HIS U 85 50.43 -36.72 -3.93
CA HIS U 85 51.88 -36.63 -4.11
C HIS U 85 52.24 -35.48 -5.04
N ARG U 86 53.33 -34.79 -4.71
CA ARG U 86 53.89 -33.75 -5.56
C ARG U 86 55.12 -34.32 -6.27
N ARG U 87 55.11 -34.32 -7.59
CA ARG U 87 56.15 -34.94 -8.39
C ARG U 87 56.99 -33.88 -9.09
N LEU U 88 58.22 -34.28 -9.45
CA LEU U 88 59.13 -33.36 -10.14
C LEU U 88 58.61 -32.97 -11.50
N GLU U 89 57.86 -33.86 -12.16
CA GLU U 89 57.34 -33.57 -13.49
C GLU U 89 56.38 -32.39 -13.46
N GLU U 90 55.53 -32.31 -12.42
CA GLU U 90 54.57 -31.22 -12.34
C GLU U 90 55.26 -29.87 -12.23
N GLN U 91 56.33 -29.80 -11.44
CA GLN U 91 57.05 -28.54 -11.29
C GLN U 91 57.89 -28.21 -12.52
N LEU U 92 58.51 -29.22 -13.14
CA LEU U 92 59.39 -28.97 -14.27
C LEU U 92 58.66 -28.82 -15.59
N GLY U 93 57.37 -29.16 -15.64
CA GLY U 93 56.62 -28.97 -16.87
C GLY U 93 56.20 -27.54 -17.14
N HIS U 94 56.35 -26.66 -16.16
CA HIS U 94 56.02 -25.25 -16.37
C HIS U 94 57.06 -24.54 -17.22
N LEU U 95 58.29 -25.04 -17.27
CA LEU U 95 59.32 -24.43 -18.11
C LEU U 95 59.05 -24.63 -19.59
N LEU U 96 58.17 -25.57 -19.95
CA LEU U 96 57.88 -25.85 -21.34
C LEU U 96 57.13 -24.72 -22.03
N VAL U 97 56.62 -23.74 -21.28
CA VAL U 97 55.88 -22.64 -21.89
C VAL U 97 56.77 -21.76 -22.76
N THR U 98 58.10 -21.83 -22.57
CA THR U 98 59.04 -21.02 -23.34
C THR U 98 59.87 -21.87 -24.29
N ARG U 99 59.30 -22.96 -24.79
CA ARG U 99 59.99 -23.79 -25.78
C ARG U 99 59.82 -23.16 -27.16
N LYS U 100 60.94 -22.89 -27.83
CA LYS U 100 60.95 -22.25 -29.13
C LYS U 100 61.58 -23.16 -30.16
N TRP U 101 61.77 -22.63 -31.36
CA TRP U 101 62.45 -23.32 -32.45
C TRP U 101 63.84 -22.72 -32.61
N SER U 102 64.87 -23.57 -32.56
CA SER U 102 66.25 -23.11 -32.68
C SER U 102 66.54 -22.62 -34.10
N GLU V 38 91.11 -13.90 41.82
CA GLU V 38 92.03 -13.08 42.61
C GLU V 38 91.30 -11.86 43.18
N PHE V 39 90.22 -11.46 42.52
CA PHE V 39 89.46 -10.31 42.98
C PHE V 39 88.79 -10.62 44.32
N GLN V 40 88.90 -9.67 45.25
CA GLN V 40 88.31 -9.80 46.57
C GLN V 40 87.45 -8.59 46.87
N SER V 41 86.31 -8.81 47.51
CA SER V 41 85.37 -7.75 47.84
C SER V 41 85.00 -7.87 49.31
N ILE V 42 84.22 -6.90 49.78
CA ILE V 42 83.82 -6.89 51.19
C ILE V 42 82.95 -8.09 51.52
N TYR V 43 82.11 -8.51 50.58
CA TYR V 43 81.18 -9.61 50.79
C TYR V 43 81.75 -10.96 50.38
N SER V 44 83.06 -11.04 50.14
CA SER V 44 83.67 -12.30 49.75
C SER V 44 83.52 -13.35 50.85
N LEU V 45 83.64 -14.61 50.45
CA LEU V 45 83.44 -15.71 51.40
C LEU V 45 84.50 -15.69 52.49
N ASP V 46 85.76 -15.39 52.12
CA ASP V 46 86.84 -15.38 53.11
C ASP V 46 86.60 -14.34 54.19
N LYS V 47 86.16 -13.14 53.80
CA LYS V 47 85.87 -12.10 54.77
C LYS V 47 84.56 -12.34 55.51
N LEU V 48 83.58 -13.02 54.88
CA LEU V 48 82.32 -13.31 55.55
C LEU V 48 82.49 -14.38 56.63
N TYR V 49 83.28 -15.41 56.36
CA TYR V 49 83.52 -16.50 57.29
C TYR V 49 85.03 -16.69 57.42
N PRO V 50 85.68 -15.91 58.28
CA PRO V 50 87.14 -16.03 58.42
C PRO V 50 87.61 -17.37 58.95
N GLU V 51 86.73 -18.16 59.59
CA GLU V 51 87.14 -19.46 60.11
C GLU V 51 87.60 -20.38 58.99
N SER V 52 86.90 -20.39 57.87
CA SER V 52 87.26 -21.19 56.70
C SER V 52 87.64 -20.25 55.57
N ARG V 53 88.93 -20.19 55.25
CA ARG V 53 89.43 -19.29 54.21
C ARG V 53 89.92 -20.00 52.97
N GLY V 54 90.40 -21.23 53.08
CA GLY V 54 90.88 -21.94 51.92
C GLY V 54 89.77 -22.28 50.96
N SER V 55 90.12 -22.42 49.68
CA SER V 55 89.16 -22.76 48.65
C SER V 55 88.78 -24.24 48.67
N ASP V 56 89.50 -25.06 49.41
CA ASP V 56 89.23 -26.50 49.50
C ASP V 56 88.56 -26.91 50.80
N THR V 57 88.12 -25.93 51.61
CA THR V 57 87.48 -26.27 52.88
C THR V 57 86.07 -26.81 52.70
N ALA V 58 85.44 -26.54 51.57
CA ALA V 58 84.08 -27.01 51.30
C ALA V 58 84.05 -28.39 50.65
N TRP V 59 85.20 -28.94 50.27
CA TRP V 59 85.28 -30.22 49.59
C TRP V 59 85.94 -31.29 50.46
N ARG V 60 86.02 -31.06 51.77
CA ARG V 60 86.58 -32.05 52.68
C ARG V 60 85.57 -33.17 52.91
N LEU V 61 86.06 -34.24 53.53
CA LEU V 61 85.24 -35.39 53.90
C LEU V 61 85.32 -35.61 55.40
N PRO V 62 84.34 -35.12 56.17
CA PRO V 62 84.41 -35.30 57.64
C PRO V 62 84.08 -36.73 58.05
N ASP V 63 85.05 -37.63 57.86
CA ASP V 63 84.85 -39.03 58.24
C ASP V 63 84.75 -39.21 59.75
N ASP V 64 85.30 -38.28 60.53
CA ASP V 64 85.24 -38.40 61.99
C ASP V 64 83.84 -38.09 62.51
N ALA V 65 83.11 -37.20 61.84
CA ALA V 65 81.77 -36.86 62.30
C ALA V 65 80.84 -38.06 62.25
N LYS V 66 80.92 -38.85 61.17
CA LYS V 66 80.09 -40.04 60.99
C LYS V 66 81.02 -41.24 60.87
N GLN V 67 81.18 -41.99 61.96
CA GLN V 67 82.00 -43.18 61.98
C GLN V 67 81.20 -44.47 62.11
N ALA V 68 79.90 -44.38 62.41
CA ALA V 68 79.08 -45.58 62.51
C ALA V 68 78.96 -46.29 61.15
N ASN V 69 78.79 -45.52 60.07
CA ASN V 69 78.67 -46.05 58.72
C ASN V 69 77.51 -47.05 58.62
N ASP V 70 76.30 -46.55 58.89
CA ASP V 70 75.11 -47.38 58.83
C ASP V 70 74.66 -47.55 57.38
N ILE V 71 73.88 -48.61 57.15
CA ILE V 71 73.33 -48.95 55.84
C ILE V 71 74.46 -49.04 54.82
N PRO V 72 75.27 -50.09 54.84
CA PRO V 72 76.33 -50.24 53.83
C PRO V 72 75.76 -50.62 52.48
N VAL V 73 75.37 -49.59 51.71
CA VAL V 73 74.68 -49.78 50.43
C VAL V 73 75.44 -50.72 49.50
N ASP V 74 76.77 -50.79 49.65
CA ASP V 74 77.55 -51.72 48.84
C ASP V 74 77.23 -53.18 49.16
N ARG V 75 76.69 -53.46 50.34
CA ARG V 75 76.31 -54.82 50.72
C ARG V 75 74.84 -55.15 50.43
N LEU V 76 74.11 -54.24 49.79
CA LEU V 76 72.73 -54.47 49.43
C LEU V 76 72.62 -54.70 47.93
N THR V 77 71.81 -55.67 47.54
CA THR V 77 71.57 -55.97 46.13
C THR V 77 70.42 -55.10 45.64
N ILE V 78 70.72 -54.21 44.69
CA ILE V 78 69.75 -53.25 44.19
C ILE V 78 69.49 -53.55 42.72
N SER V 79 68.21 -53.70 42.37
CA SER V 79 67.80 -54.02 41.00
C SER V 79 66.71 -53.06 40.57
N TYR V 80 66.70 -52.75 39.28
CA TYR V 80 65.77 -51.79 38.69
C TYR V 80 64.99 -52.45 37.56
N CYS V 81 63.71 -52.12 37.47
CA CYS V 81 62.85 -52.57 36.38
C CYS V 81 62.03 -51.38 35.92
N ARG V 82 62.32 -50.85 34.74
CA ARG V 82 61.66 -49.66 34.23
C ARG V 82 60.44 -50.10 33.43
N SER V 83 59.27 -50.10 34.07
CA SER V 83 58.03 -50.51 33.43
C SER V 83 57.35 -49.30 32.83
N SER V 84 57.20 -49.29 31.51
CA SER V 84 56.58 -48.19 30.79
C SER V 84 55.54 -48.72 29.83
N GLY V 85 54.52 -47.91 29.57
CA GLY V 85 53.45 -48.29 28.66
C GLY V 85 52.16 -47.50 28.90
N LYS V 93 51.47 -47.20 32.91
CA LYS V 93 52.17 -46.18 33.70
C LYS V 93 53.68 -46.35 33.58
N VAL V 94 54.41 -45.24 33.61
CA VAL V 94 55.86 -45.24 33.49
C VAL V 94 56.43 -45.07 34.90
N ASN V 95 57.00 -46.14 35.43
CA ASN V 95 57.57 -46.11 36.77
C ASN V 95 58.73 -47.10 36.85
N SER V 96 59.63 -46.84 37.79
CA SER V 96 60.83 -47.65 37.98
C SER V 96 60.69 -48.45 39.27
N LYS V 97 60.30 -49.71 39.13
CA LYS V 97 60.35 -50.65 40.25
C LYS V 97 61.78 -50.80 40.75
N ALA V 98 61.99 -50.51 42.04
CA ALA V 98 63.30 -50.67 42.67
C ALA V 98 63.18 -51.74 43.74
N GLU V 99 64.04 -52.75 43.65
CA GLU V 99 64.05 -53.86 44.60
C GLU V 99 65.39 -53.90 45.31
N VAL V 100 65.37 -53.95 46.64
CA VAL V 100 66.58 -54.00 47.45
C VAL V 100 66.56 -55.31 48.23
N ARG V 101 67.48 -56.21 47.90
CA ARG V 101 67.56 -57.51 48.55
C ARG V 101 68.85 -57.61 49.35
N PHE V 102 68.74 -58.17 50.56
CA PHE V 102 69.94 -58.44 51.35
C PHE V 102 69.66 -59.58 52.31
N HIS V 103 70.67 -60.43 52.50
CA HIS V 103 70.51 -61.58 53.40
C HIS V 103 70.44 -61.09 54.84
N LEU V 104 69.30 -61.33 55.49
CA LEU V 104 69.12 -60.86 56.85
C LEU V 104 70.06 -61.58 57.82
N ALA V 105 70.27 -62.88 57.62
CA ALA V 105 71.15 -63.64 58.51
C ALA V 105 72.60 -63.18 58.39
N SER V 106 73.04 -62.89 57.17
CA SER V 106 74.43 -62.51 56.90
C SER V 106 74.68 -61.03 57.08
N ALA V 107 73.66 -60.24 57.38
CA ALA V 107 73.82 -58.80 57.60
C ALA V 107 74.42 -58.57 58.98
N ASP V 108 75.73 -58.33 59.03
CA ASP V 108 76.44 -58.19 60.29
C ASP V 108 76.58 -56.74 60.74
N TRP V 109 75.95 -55.79 60.05
CA TRP V 109 76.06 -54.39 60.44
C TRP V 109 74.98 -53.99 61.44
N ILE V 110 74.15 -54.93 61.90
CA ILE V 110 73.18 -54.68 62.95
C ILE V 110 73.27 -55.80 63.97
N ALA V 111 72.76 -55.53 65.18
CA ALA V 111 72.94 -56.43 66.30
C ALA V 111 72.09 -57.69 66.15
N GLU V 112 72.43 -58.70 66.95
CA GLU V 112 71.67 -59.96 66.95
C GLU V 112 70.22 -59.78 67.39
N PRO V 113 69.92 -59.07 68.49
CA PRO V 113 68.50 -58.85 68.82
C PRO V 113 67.74 -58.10 67.73
N VAL V 114 68.40 -57.15 67.08
CA VAL V 114 67.75 -56.43 65.99
C VAL V 114 67.47 -57.38 64.83
N ARG V 115 68.43 -58.24 64.49
CA ARG V 115 68.20 -59.22 63.43
C ARG V 115 67.04 -60.14 63.78
N LEU V 116 66.98 -60.59 65.03
CA LEU V 116 65.88 -61.44 65.46
C LEU V 116 64.55 -60.72 65.36
N LYS V 117 64.50 -59.44 65.73
CA LYS V 117 63.25 -58.69 65.66
C LYS V 117 62.79 -58.49 64.23
N LEU V 118 63.71 -58.18 63.31
CA LEU V 118 63.33 -58.11 61.89
C LEU V 118 62.84 -59.47 61.39
N ALA V 119 63.52 -60.55 61.78
CA ALA V 119 63.09 -61.87 61.34
C ALA V 119 61.70 -62.21 61.83
N VAL V 120 61.38 -61.84 63.08
CA VAL V 120 60.06 -62.13 63.63
C VAL V 120 58.99 -61.26 62.98
N LYS V 121 59.25 -59.96 62.84
CA LYS V 121 58.21 -59.03 62.42
C LYS V 121 58.00 -59.05 60.92
N HIS V 122 59.08 -58.93 60.14
CA HIS V 122 58.99 -58.79 58.69
C HIS V 122 59.17 -60.12 57.97
N LYS V 123 58.73 -61.22 58.58
CA LYS V 123 58.81 -62.51 57.92
C LYS V 123 57.87 -62.59 56.72
N ASN V 124 56.87 -61.72 56.64
CA ASN V 124 55.98 -61.71 55.50
C ASN V 124 56.68 -61.26 54.23
N ARG V 125 57.74 -60.46 54.36
CA ARG V 125 58.50 -59.95 53.23
C ARG V 125 59.90 -60.55 53.15
N ILE V 126 60.09 -61.74 53.70
CA ILE V 126 61.39 -62.42 53.67
C ILE V 126 61.29 -63.60 52.71
N ASN V 127 62.22 -63.67 51.77
CA ASN V 127 62.23 -64.73 50.78
C ASN V 127 62.60 -66.07 51.41
N ARG V 128 62.31 -67.14 50.67
CA ARG V 128 62.66 -68.48 51.15
C ARG V 128 64.16 -68.68 51.30
N SER V 129 64.97 -67.88 50.62
CA SER V 129 66.42 -67.92 50.75
C SER V 129 66.93 -67.05 51.88
N GLY V 130 66.04 -66.46 52.67
CA GLY V 130 66.43 -65.60 53.76
C GLY V 130 66.72 -64.17 53.39
N GLU V 131 66.55 -63.80 52.12
CA GLU V 131 66.87 -62.46 51.65
C GLU V 131 65.67 -61.54 51.91
N LEU V 132 65.85 -60.58 52.81
CA LEU V 132 64.86 -59.53 52.99
C LEU V 132 64.80 -58.65 51.75
N ILE V 133 63.58 -58.34 51.31
CA ILE V 133 63.33 -57.64 50.06
C ILE V 133 62.51 -56.40 50.35
N LEU V 134 62.95 -55.26 49.82
CA LEU V 134 62.25 -53.98 49.94
C LEU V 134 61.83 -53.51 48.55
N THR V 135 60.61 -52.99 48.46
CA THR V 135 59.98 -52.61 47.21
C THR V 135 59.74 -51.11 47.18
N SER V 136 60.05 -50.48 46.04
CA SER V 136 59.67 -49.10 45.81
C SER V 136 59.09 -48.95 44.42
N GLU V 137 57.94 -48.27 44.34
CA GLU V 137 57.23 -48.09 43.08
C GLU V 137 56.70 -46.67 42.91
N CYS V 138 56.89 -45.79 43.90
CA CYS V 138 56.17 -44.52 43.92
C CYS V 138 56.64 -43.59 42.80
N SER V 139 57.91 -43.20 42.83
CA SER V 139 58.42 -42.17 41.93
C SER V 139 58.94 -42.77 40.64
N ARG V 140 59.00 -41.93 39.60
CA ARG V 140 59.51 -42.33 38.30
C ARG V 140 61.03 -42.38 38.25
N TYR V 141 61.72 -41.84 39.26
CA TYR V 141 63.17 -41.77 39.28
C TYR V 141 63.73 -42.85 40.20
N GLN V 142 64.69 -43.61 39.68
CA GLN V 142 65.30 -44.67 40.48
C GLN V 142 66.03 -44.10 41.69
N PHE V 143 66.50 -42.86 41.61
CA PHE V 143 67.09 -42.21 42.77
C PHE V 143 66.09 -42.13 43.92
N ARG V 144 64.89 -41.60 43.62
CA ARG V 144 63.87 -41.48 44.65
C ARG V 144 63.39 -42.85 45.11
N ASN V 145 63.32 -43.82 44.19
CA ASN V 145 62.91 -45.16 44.57
C ASN V 145 63.90 -45.79 45.56
N LEU V 146 65.20 -45.65 45.28
CA LEU V 146 66.22 -46.15 46.20
C LEU V 146 66.18 -45.39 47.52
N ALA V 147 65.89 -44.09 47.48
CA ALA V 147 65.76 -43.33 48.71
C ALA V 147 64.61 -43.85 49.56
N ASP V 148 63.48 -44.18 48.92
CA ASP V 148 62.35 -44.75 49.65
C ASP V 148 62.71 -46.11 50.24
N CYS V 149 63.40 -46.96 49.47
CA CYS V 149 63.84 -48.26 50.00
C CYS V 149 64.73 -48.09 51.22
N LEU V 150 65.70 -47.17 51.13
CA LEU V 150 66.61 -46.95 52.25
C LEU V 150 65.89 -46.37 53.45
N GLN V 151 64.92 -45.49 53.22
CA GLN V 151 64.15 -44.94 54.34
C GLN V 151 63.34 -46.03 55.03
N LYS V 152 62.74 -46.93 54.25
CA LYS V 152 62.02 -48.06 54.87
C LYS V 152 62.97 -48.94 55.67
N LEU V 153 64.17 -49.20 55.12
CA LEU V 153 65.16 -50.00 55.84
C LEU V 153 65.56 -49.32 57.16
N ARG V 154 65.81 -48.02 57.11
CA ARG V 154 66.17 -47.29 58.32
C ARG V 154 65.05 -47.33 59.34
N ASP V 155 63.80 -47.16 58.87
CA ASP V 155 62.66 -47.20 59.79
C ASP V 155 62.53 -48.56 60.45
N MET V 156 62.70 -49.64 59.69
CA MET V 156 62.63 -50.97 60.30
C MET V 156 63.76 -51.18 61.30
N ILE V 157 64.96 -50.73 60.96
CA ILE V 157 66.10 -50.89 61.88
C ILE V 157 65.85 -50.13 63.17
N ALA V 158 65.35 -48.89 63.07
CA ALA V 158 65.07 -48.10 64.25
C ALA V 158 63.95 -48.72 65.09
N GLU V 159 62.91 -49.22 64.42
CA GLU V 159 61.79 -49.82 65.14
C GLU V 159 62.24 -51.07 65.90
N ALA V 160 63.10 -51.89 65.30
CA ALA V 160 63.61 -53.06 66.00
C ALA V 160 64.65 -52.70 67.05
N SER V 161 65.35 -51.58 66.89
CA SER V 161 66.37 -51.18 67.86
C SER V 161 65.77 -50.56 69.11
N GLN V 162 64.69 -49.79 68.96
CA GLN V 162 64.10 -49.12 70.12
C GLN V 162 63.42 -50.13 71.02
N PRO V 163 63.72 -50.15 72.32
CA PRO V 163 63.09 -51.11 73.24
C PRO V 163 61.77 -50.65 73.82
N ALA V 164 61.38 -49.40 73.62
CA ALA V 164 60.13 -48.86 74.14
C ALA V 164 58.96 -49.09 73.20
N LYS V 165 59.07 -50.05 72.29
CA LYS V 165 57.97 -50.34 71.37
C LYS V 165 56.85 -51.06 72.12
N GLU V 166 55.71 -50.37 72.27
CA GLU V 166 54.57 -50.91 73.01
C GLU V 166 53.71 -51.83 72.17
N PRO V 167 54.01 -51.99 70.88
CA PRO V 167 53.25 -52.86 69.99
C PRO V 167 51.77 -52.48 69.96
N SER V 168 51.50 -51.18 69.75
CA SER V 168 50.14 -50.70 69.63
C SER V 168 49.50 -51.26 68.37
N ARG V 169 48.23 -51.67 68.48
CA ARG V 169 47.51 -52.28 67.39
C ARG V 169 46.28 -51.45 67.03
N GLU V 170 45.92 -51.47 65.75
CA GLU V 170 44.73 -50.77 65.29
C GLU V 170 43.48 -51.52 65.75
N ASP V 171 42.34 -50.82 65.70
CA ASP V 171 41.08 -51.37 66.15
C ASP V 171 40.00 -51.41 65.07
N ALA V 172 40.16 -50.64 63.98
CA ALA V 172 39.13 -50.59 62.95
C ALA V 172 38.94 -51.95 62.29
N GLU V 173 40.04 -52.61 61.93
CA GLU V 173 39.98 -53.91 61.26
C GLU V 173 40.36 -55.07 62.18
N LEU V 174 40.56 -54.82 63.47
CA LEU V 174 40.93 -55.87 64.41
C LEU V 174 39.77 -56.37 65.24
N ARG V 175 38.68 -55.61 65.34
CA ARG V 175 37.52 -56.08 66.09
C ARG V 175 36.92 -57.33 65.45
N ARG V 176 36.86 -57.36 64.12
CA ARG V 176 36.33 -58.55 63.44
C ARG V 176 37.21 -59.76 63.70
N SER V 177 38.52 -59.59 63.65
CA SER V 177 39.43 -60.70 63.94
C SER V 177 39.28 -61.18 65.38
N ARG V 178 39.16 -60.24 66.32
CA ARG V 178 38.97 -60.62 67.71
C ARG V 178 37.68 -61.40 67.91
N ILE V 179 36.59 -60.94 67.29
CA ILE V 179 35.31 -61.64 67.42
C ILE V 179 35.40 -63.03 66.79
N GLU V 180 36.06 -63.13 65.64
CA GLU V 180 36.18 -64.43 64.98
C GLU V 180 37.00 -65.40 65.82
N ASN V 181 38.11 -64.94 66.40
CA ASN V 181 38.91 -65.80 67.27
C ASN V 181 38.13 -66.20 68.52
N MET V 182 37.37 -65.26 69.08
CA MET V 182 36.52 -65.56 70.23
C MET V 182 35.56 -66.69 69.91
N ASN V 183 34.84 -66.56 68.79
CA ASN V 183 33.84 -67.55 68.43
C ASN V 183 34.48 -68.87 67.99
N ARG V 184 35.71 -68.83 67.47
CA ARG V 184 36.40 -70.05 67.10
C ARG V 184 36.88 -70.83 68.31
N GLU V 185 37.44 -70.14 69.31
CA GLU V 185 37.86 -70.88 70.49
C GLU V 185 36.67 -71.26 71.34
N ARG V 186 35.52 -70.58 71.16
CA ARG V 186 34.29 -71.04 71.79
C ARG V 186 33.93 -72.45 71.38
N LEU V 187 34.26 -72.84 70.14
CA LEU V 187 34.10 -74.23 69.71
C LEU V 187 35.33 -75.07 70.03
N ARG V 188 36.53 -74.47 69.98
CA ARG V 188 37.75 -75.19 70.31
C ARG V 188 37.80 -75.64 71.77
N LYS V 189 37.01 -75.03 72.65
CA LYS V 189 37.09 -75.30 74.08
C LYS V 189 36.69 -76.72 74.46
N LYS V 190 36.35 -77.59 73.49
CA LYS V 190 36.08 -78.98 73.82
C LYS V 190 37.33 -79.64 74.37
N ARG V 191 37.17 -80.37 75.47
CA ARG V 191 38.29 -80.96 76.20
C ARG V 191 38.13 -82.48 76.19
N ILE V 192 38.64 -83.13 75.15
CA ILE V 192 38.65 -84.58 75.03
C ILE V 192 40.03 -85.02 74.58
N SER V 193 40.62 -85.98 75.28
CA SER V 193 41.93 -86.48 74.92
C SER V 193 41.87 -87.22 73.59
N SER V 194 42.98 -87.12 72.83
CA SER V 194 43.07 -87.76 71.53
C SER V 194 44.54 -88.07 71.25
N ALA V 195 44.80 -88.58 70.04
CA ALA V 195 46.16 -88.92 69.60
C ALA V 195 46.85 -89.86 70.57
N TYR W 25 77.47 -2.94 -19.32
CA TYR W 25 77.77 -1.90 -18.36
C TYR W 25 78.66 -2.43 -17.24
N ARG W 26 79.07 -1.53 -16.35
CA ARG W 26 79.84 -1.87 -15.17
C ARG W 26 79.07 -1.44 -13.92
N ALA W 27 79.01 -2.33 -12.94
CA ALA W 27 78.26 -2.04 -11.73
C ALA W 27 78.92 -0.94 -10.91
N ARG W 28 78.09 -0.20 -10.18
CA ARG W 28 78.58 0.83 -9.30
C ARG W 28 79.35 0.20 -8.14
N PRO W 29 80.23 0.97 -7.49
CA PRO W 29 80.98 0.44 -6.34
C PRO W 29 80.04 -0.05 -5.26
N PRO W 30 80.36 -1.17 -4.61
CA PRO W 30 79.45 -1.73 -3.61
C PRO W 30 79.30 -0.81 -2.42
N PRO W 31 78.13 -0.77 -1.79
CA PRO W 31 77.98 0.03 -0.57
C PRO W 31 78.72 -0.62 0.59
N ARG W 32 79.69 0.10 1.14
CA ARG W 32 80.54 -0.42 2.21
C ARG W 32 80.42 0.45 3.44
N ARG W 33 80.37 -0.20 4.61
CA ARG W 33 80.29 0.51 5.87
C ARG W 33 81.69 0.92 6.31
N SER W 34 81.92 2.23 6.43
CA SER W 34 83.23 2.73 6.80
C SER W 34 83.56 2.35 8.25
N GLN W 35 84.80 1.94 8.47
CA GLN W 35 85.25 1.50 9.78
C GLN W 35 85.82 2.64 10.63
N GLU W 36 86.03 3.81 10.05
CA GLU W 36 86.60 4.91 10.81
C GLU W 36 85.54 5.53 11.73
N PRO W 37 85.96 6.08 12.88
CA PRO W 37 84.98 6.68 13.80
C PRO W 37 84.28 7.87 13.18
N ARG W 38 83.04 8.09 13.59
CA ARG W 38 82.23 9.19 13.08
C ARG W 38 81.89 10.15 14.22
N TRP W 39 82.07 11.43 13.96
CA TRP W 39 81.79 12.48 14.94
C TRP W 39 80.96 13.58 14.28
N PRO W 40 79.68 13.73 14.64
CA PRO W 40 78.88 14.81 14.07
C PRO W 40 79.33 16.16 14.59
N ASP W 41 79.03 17.19 13.80
CA ASP W 41 79.42 18.54 14.16
C ASP W 41 78.59 19.02 15.35
N PRO W 42 79.19 19.36 16.49
CA PRO W 42 78.41 19.85 17.63
C PRO W 42 77.80 21.22 17.39
N ASP W 43 78.33 22.01 16.46
CA ASP W 43 77.82 23.34 16.19
C ASP W 43 76.59 23.33 15.30
N ASP W 44 76.28 22.22 14.65
CA ASP W 44 75.09 22.13 13.81
C ASP W 44 73.85 22.06 14.69
N PRO W 45 72.89 22.97 14.54
CA PRO W 45 71.65 22.85 15.32
C PRO W 45 70.76 21.71 14.88
N LEU W 46 70.96 21.18 13.68
CA LEU W 46 70.11 20.13 13.13
C LEU W 46 70.54 18.72 13.52
N THR W 47 71.72 18.57 14.12
CA THR W 47 72.18 17.23 14.49
C THR W 47 71.38 16.70 15.67
N PRO W 48 71.05 15.41 15.68
CA PRO W 48 70.26 14.85 16.77
C PRO W 48 71.06 14.80 18.08
N ARG W 49 70.31 14.82 19.18
CA ARG W 49 70.93 14.83 20.50
C ARG W 49 71.52 13.48 20.89
N TRP W 50 70.98 12.39 20.37
CA TRP W 50 71.53 11.08 20.68
C TRP W 50 72.93 10.89 20.11
N GLN W 51 73.28 11.64 19.07
CA GLN W 51 74.63 11.63 18.54
C GLN W 51 75.57 12.55 19.30
N LEU W 52 75.06 13.37 20.21
CA LEU W 52 75.86 14.26 21.03
C LEU W 52 75.91 13.85 22.49
N SER W 53 75.07 12.91 22.91
CA SER W 53 75.09 12.45 24.30
C SER W 53 76.40 11.72 24.60
N PRO W 54 76.83 11.72 25.86
CA PRO W 54 78.09 11.03 26.20
C PRO W 54 78.09 9.54 25.89
N ARG W 55 76.91 8.91 25.90
CA ARG W 55 76.83 7.49 25.54
C ARG W 55 77.33 7.24 24.13
N TYR W 56 77.10 8.19 23.22
CA TYR W 56 77.63 8.06 21.86
C TYR W 56 79.15 8.03 21.87
N ALA W 57 79.78 8.91 22.65
CA ALA W 57 81.24 8.93 22.75
C ALA W 57 81.77 7.63 23.36
N ALA W 58 81.08 7.14 24.41
CA ALA W 58 81.51 5.89 25.03
C ALA W 58 81.41 4.73 24.04
N LYS W 59 80.32 4.68 23.27
CA LYS W 59 80.17 3.61 22.28
C LYS W 59 81.19 3.73 21.16
N GLN W 60 81.52 4.95 20.76
CA GLN W 60 82.56 5.15 19.75
C GLN W 60 83.91 4.65 20.27
N PHE W 61 84.23 4.95 21.52
CA PHE W 61 85.46 4.45 22.12
C PHE W 61 85.46 2.93 22.18
N ALA W 62 84.34 2.33 22.56
CA ALA W 62 84.26 0.88 22.62
C ALA W 62 84.45 0.26 21.25
N ARG W 63 83.88 0.89 20.21
CA ARG W 63 84.01 0.35 18.87
C ARG W 63 85.44 0.50 18.33
N HIS W 64 86.08 1.63 18.60
CA HIS W 64 87.40 1.91 18.03
C HIS W 64 88.50 2.02 19.07
N GLY W 65 88.34 2.87 20.08
CA GLY W 65 89.34 3.01 21.12
C GLY W 65 90.48 3.94 20.78
N ALA W 66 91.41 3.47 19.95
CA ALA W 66 92.56 4.29 19.57
C ALA W 66 92.18 5.35 18.55
N ALA W 67 91.50 4.93 17.47
CA ALA W 67 91.12 5.86 16.42
C ALA W 67 89.99 6.77 16.82
N SER W 68 89.25 6.45 17.88
CA SER W 68 88.14 7.29 18.31
C SER W 68 88.62 8.65 18.81
N GLY W 69 89.74 8.66 19.52
CA GLY W 69 90.23 9.91 20.09
C GLY W 69 89.56 10.31 21.38
N VAL W 70 88.99 9.36 22.12
CA VAL W 70 88.29 9.64 23.37
C VAL W 70 89.21 9.28 24.52
N ALA W 71 89.38 10.21 25.46
CA ALA W 71 90.15 9.93 26.66
C ALA W 71 89.48 8.82 27.46
N ALA W 72 90.22 7.75 27.73
CA ALA W 72 89.65 6.58 28.39
C ALA W 72 89.22 6.86 29.82
N GLY W 73 89.69 7.95 30.42
CA GLY W 73 89.31 8.27 31.78
C GLY W 73 87.91 8.82 31.94
N SER W 74 87.26 9.20 30.83
CA SER W 74 85.91 9.74 30.90
C SER W 74 84.85 8.67 31.05
N LEU W 75 85.19 7.41 30.78
CA LEU W 75 84.21 6.32 30.88
C LEU W 75 83.75 6.12 32.31
N TRP W 76 84.68 6.18 33.27
CA TRP W 76 84.35 5.99 34.66
C TRP W 76 83.62 7.21 35.21
N PRO W 77 82.75 7.02 36.21
CA PRO W 77 82.03 8.17 36.78
C PRO W 77 82.97 9.17 37.43
N SER W 78 82.58 10.44 37.37
CA SER W 78 83.33 11.52 37.99
C SER W 78 83.11 11.48 39.50
N GLN W 79 83.61 12.50 40.20
CA GLN W 79 83.48 12.53 41.66
C GLN W 79 82.02 12.72 42.07
N GLU W 80 81.33 13.68 41.46
CA GLU W 80 79.93 13.92 41.81
C GLU W 80 79.06 12.73 41.40
N GLN W 81 79.31 12.16 40.22
CA GLN W 81 78.55 10.98 39.80
C GLN W 81 78.78 9.81 40.73
N LEU W 82 80.02 9.61 41.17
CA LEU W 82 80.33 8.54 42.12
C LEU W 82 79.62 8.79 43.45
N ARG W 83 79.60 10.04 43.90
CA ARG W 83 78.90 10.35 45.15
C ARG W 83 77.41 10.06 45.04
N GLU W 84 76.80 10.45 43.92
CA GLU W 84 75.38 10.18 43.71
C GLU W 84 75.11 8.67 43.64
N LEU W 85 75.98 7.93 42.94
CA LEU W 85 75.82 6.49 42.85
C LEU W 85 75.93 5.83 44.22
N GLU W 86 76.90 6.25 45.02
CA GLU W 86 77.07 5.69 46.36
C GLU W 86 75.88 6.02 47.25
N ALA W 87 75.37 7.25 47.17
CA ALA W 87 74.19 7.61 47.95
C ALA W 87 72.98 6.75 47.54
N GLU W 88 72.77 6.59 46.24
CA GLU W 88 71.67 5.76 45.77
C GLU W 88 71.81 4.32 46.23
N GLU W 89 73.03 3.77 46.13
CA GLU W 89 73.26 2.40 46.57
C GLU W 89 73.02 2.24 48.06
N ARG W 90 73.50 3.18 48.87
CA ARG W 90 73.28 3.10 50.30
C ARG W 90 71.80 3.22 50.65
N GLU W 91 71.05 4.06 49.94
CA GLU W 91 69.64 4.24 50.26
C GLU W 91 68.78 3.06 49.79
N TRP W 92 69.12 2.43 48.67
CA TRP W 92 68.24 1.44 48.07
C TRP W 92 68.88 0.04 47.98
N TYR W 93 69.93 -0.21 48.74
CA TYR W 93 70.56 -1.53 48.76
C TYR W 93 71.11 -1.80 50.15
N PRO W 94 70.32 -2.45 51.01
CA PRO W 94 70.79 -2.71 52.37
C PRO W 94 71.92 -3.71 52.39
N SER W 95 72.74 -3.63 53.43
CA SER W 95 73.87 -4.54 53.59
C SER W 95 73.37 -5.94 53.95
N LEU W 96 74.24 -6.92 53.73
CA LEU W 96 73.88 -8.31 54.01
C LEU W 96 73.60 -8.51 55.49
N ALA W 97 74.41 -7.92 56.36
CA ALA W 97 74.20 -8.07 57.80
C ALA W 97 72.86 -7.45 58.22
N ALA W 98 72.54 -6.27 57.71
CA ALA W 98 71.28 -5.63 58.05
C ALA W 98 70.09 -6.43 57.54
N MET W 99 70.18 -6.94 56.31
CA MET W 99 69.09 -7.74 55.76
C MET W 99 68.91 -9.04 56.53
N GLN W 100 70.00 -9.69 56.92
CA GLN W 100 69.90 -10.90 57.73
C GLN W 100 69.30 -10.60 59.10
N GLU W 101 69.68 -9.49 59.71
CA GLU W 101 69.10 -9.10 61.00
C GLU W 101 67.60 -8.85 60.87
N SER W 102 67.19 -8.15 59.82
CA SER W 102 65.77 -7.91 59.60
C SER W 102 65.00 -9.20 59.39
N LEU W 103 65.59 -10.13 58.62
CA LEU W 103 64.95 -11.43 58.43
C LEU W 103 64.83 -12.17 59.76
N ARG W 104 65.86 -12.13 60.59
CA ARG W 104 65.81 -12.80 61.89
C ARG W 104 64.72 -12.20 62.76
N VAL W 105 64.60 -10.87 62.77
CA VAL W 105 63.55 -10.22 63.56
C VAL W 105 62.18 -10.62 63.05
N GLN W 106 62.01 -10.68 61.72
CA GLN W 106 60.72 -11.07 61.16
C GLN W 106 60.35 -12.50 61.55
N GLN W 107 61.31 -13.43 61.46
CA GLN W 107 61.03 -14.80 61.86
C GLN W 107 60.71 -14.89 63.35
N LEU W 108 61.43 -14.12 64.16
CA LEU W 108 61.14 -14.11 65.60
C LEU W 108 59.74 -13.61 65.88
N ALA W 109 59.33 -12.54 65.18
CA ALA W 109 57.98 -12.01 65.38
C ALA W 109 56.91 -13.01 64.94
N GLU W 110 57.12 -13.68 63.81
CA GLU W 110 56.15 -14.67 63.36
C GLU W 110 56.07 -15.84 64.33
N GLU W 111 57.21 -16.31 64.83
CA GLU W 111 57.20 -17.40 65.80
C GLU W 111 56.51 -16.98 67.10
N GLN W 112 56.74 -15.74 67.53
CA GLN W 112 56.07 -15.24 68.72
C GLN W 112 54.56 -15.19 68.52
N LYS W 113 54.12 -14.73 67.35
CA LYS W 113 52.69 -14.69 67.05
C LYS W 113 52.08 -16.10 67.06
N ARG W 114 52.77 -17.05 66.43
CA ARG W 114 52.26 -18.42 66.40
C ARG W 114 52.19 -19.02 67.80
N GLN W 115 53.24 -18.81 68.61
CA GLN W 115 53.24 -19.35 69.96
C GLN W 115 52.16 -18.71 70.81
N ALA W 116 51.93 -17.39 70.67
CA ALA W 116 50.87 -16.74 71.40
C ALA W 116 49.51 -17.29 71.00
N ARG W 117 49.29 -17.49 69.70
CA ARG W 117 48.02 -18.06 69.25
C ARG W 117 47.81 -19.46 69.81
N GLU W 118 48.85 -20.29 69.77
CA GLU W 118 48.73 -21.65 70.29
C GLU W 118 48.48 -21.66 71.79
N GLN W 119 49.17 -20.79 72.53
CA GLN W 119 48.97 -20.72 73.97
C GLN W 119 47.56 -20.27 74.31
N LEU W 120 47.05 -19.27 73.60
CA LEU W 120 45.68 -18.81 73.85
C LEU W 120 44.67 -19.90 73.51
N ILE W 121 44.90 -20.63 72.41
CA ILE W 121 44.02 -21.72 72.03
C ILE W 121 44.01 -22.80 73.11
N GLU W 122 45.19 -23.16 73.62
CA GLU W 122 45.28 -24.16 74.67
C GLU W 122 44.58 -23.69 75.95
N GLU W 123 44.77 -22.42 76.30
CA GLU W 123 44.12 -21.88 77.51
C GLU W 123 42.60 -21.92 77.37
N CYS W 124 42.08 -21.55 76.20
CA CYS W 124 40.64 -21.57 76.00
C CYS W 124 40.08 -22.98 75.87
N MET W 125 40.88 -23.93 75.40
CA MET W 125 40.42 -25.31 75.26
C MET W 125 40.49 -26.07 76.58
N ALA W 126 41.38 -25.67 77.48
CA ALA W 126 41.50 -26.35 78.77
C ALA W 126 40.21 -26.21 79.58
N LYS W 127 39.61 -25.02 79.56
CA LYS W 127 38.37 -24.77 80.31
C LYS W 127 37.12 -25.09 79.52
N MET W 128 37.26 -25.61 78.30
CA MET W 128 36.09 -25.82 77.45
C MET W 128 35.04 -26.75 78.06
N PRO W 129 35.39 -27.93 78.60
CA PRO W 129 34.33 -28.75 79.22
C PRO W 129 33.64 -28.06 80.38
N GLN W 130 34.36 -27.25 81.16
CA GLN W 130 33.73 -26.51 82.24
C GLN W 130 32.67 -25.56 81.71
N MET W 131 33.00 -24.81 80.64
CA MET W 131 32.03 -23.91 80.05
C MET W 131 30.84 -24.67 79.47
N ILE W 132 31.09 -25.84 78.85
CA ILE W 132 30.00 -26.62 78.29
C ILE W 132 29.04 -27.07 79.40
N GLU W 133 29.59 -27.59 80.50
CA GLU W 133 28.74 -28.03 81.60
C GLU W 133 28.01 -26.87 82.24
N ASN W 134 28.67 -25.72 82.39
CA ASN W 134 28.01 -24.55 82.96
C ASN W 134 26.86 -24.09 82.07
N TRP W 135 27.06 -24.07 80.76
CA TRP W 135 25.99 -23.67 79.84
C TRP W 135 24.84 -24.66 79.87
N ARG W 136 25.14 -25.96 79.93
CA ARG W 136 24.08 -26.96 80.03
C ARG W 136 23.29 -26.79 81.32
N GLN W 137 23.97 -26.55 82.44
CA GLN W 137 23.28 -26.34 83.70
C GLN W 137 22.42 -25.08 83.66
N GLN W 138 22.93 -24.01 83.06
CA GLN W 138 22.16 -22.78 82.95
C GLN W 138 20.91 -22.99 82.11
N GLN W 139 21.03 -23.68 80.97
CA GLN W 139 19.88 -23.92 80.12
C GLN W 139 18.86 -24.82 80.82
N GLN W 140 19.33 -25.84 81.54
CA GLN W 140 18.43 -26.71 82.27
C GLN W 140 17.69 -25.94 83.37
N GLU W 141 18.40 -25.06 84.08
CA GLU W 141 17.75 -24.24 85.10
C GLU W 141 16.73 -23.31 84.48
N ARG W 142 17.06 -22.73 83.32
CA ARG W 142 16.12 -21.84 82.64
C ARG W 142 14.84 -22.58 82.26
N ARG W 143 14.97 -23.76 81.65
CA ARG W 143 13.78 -24.50 81.24
C ARG W 143 13.00 -25.01 82.45
N GLU W 144 13.69 -25.41 83.51
CA GLU W 144 13.01 -25.84 84.72
C GLU W 144 12.23 -24.70 85.36
N LYS W 145 12.82 -23.50 85.40
CA LYS W 145 12.11 -22.35 85.95
C LYS W 145 10.91 -21.99 85.09
N GLU W 146 11.04 -22.05 83.77
CA GLU W 146 9.90 -21.80 82.89
C GLU W 146 8.79 -22.81 83.13
N GLN W 147 9.14 -24.09 83.24
CA GLN W 147 8.14 -25.12 83.48
C GLN W 147 7.46 -24.92 84.83
N ALA W 148 8.24 -24.58 85.87
CA ALA W 148 7.65 -24.35 87.18
C ALA W 148 6.72 -23.15 87.17
N ASP W 149 7.09 -22.07 86.48
CA ASP W 149 6.23 -20.91 86.39
C ASP W 149 4.93 -21.24 85.67
N LYS W 150 5.01 -21.98 84.56
CA LYS W 150 3.80 -22.38 83.85
C LYS W 150 2.92 -23.27 84.70
N ASP W 151 3.53 -24.24 85.41
CA ASP W 151 2.75 -25.15 86.23
C ASP W 151 2.06 -24.43 87.38
N ARG W 152 2.77 -23.50 88.04
CA ARG W 152 2.15 -22.77 89.14
C ARG W 152 1.08 -21.81 88.65
N ARG W 153 1.28 -21.20 87.48
CA ARG W 153 0.23 -20.37 86.90
C ARG W 153 -1.03 -21.19 86.62
N ALA W 154 -0.85 -22.37 86.02
CA ALA W 154 -1.99 -23.23 85.74
C ALA W 154 -2.67 -23.68 87.04
N ARG W 155 -1.88 -24.02 88.05
CA ARG W 155 -2.45 -24.48 89.31
C ARG W 155 -3.25 -23.38 90.00
N LEU W 156 -2.74 -22.15 89.99
CA LEU W 156 -3.49 -21.05 90.62
C LEU W 156 -4.72 -20.68 89.80
N GLN W 157 -4.64 -20.80 88.47
CA GLN W 157 -5.81 -20.53 87.65
C GLN W 157 -6.89 -21.59 87.83
N ALA W 158 -6.49 -22.85 88.08
CA ALA W 158 -7.47 -23.92 88.27
C ALA W 158 -8.36 -23.67 89.47
N GLU W 159 -7.78 -23.20 90.58
CA GLU W 159 -8.55 -22.93 91.79
C GLU W 159 -9.34 -21.62 91.64
N PRO X 40 -28.56 77.72 -48.02
CA PRO X 40 -28.36 78.44 -49.28
C PRO X 40 -26.89 78.82 -49.50
N VAL X 41 -26.13 78.90 -48.42
CA VAL X 41 -24.70 79.22 -48.47
C VAL X 41 -23.93 78.13 -47.74
N ALA X 42 -22.85 77.65 -48.35
CA ALA X 42 -22.06 76.60 -47.75
C ALA X 42 -21.25 77.15 -46.57
N ARG X 43 -21.29 76.42 -45.45
CA ARG X 43 -20.57 76.80 -44.24
C ARG X 43 -19.45 75.79 -44.03
N TYR X 44 -18.31 76.05 -44.65
CA TYR X 44 -17.16 75.17 -44.54
C TYR X 44 -16.48 75.35 -43.18
N PRO X 45 -16.11 74.27 -42.51
CA PRO X 45 -15.37 74.39 -41.25
C PRO X 45 -13.98 74.92 -41.49
N PRO X 46 -13.36 75.55 -40.48
CA PRO X 46 -12.01 76.11 -40.67
C PRO X 46 -10.99 75.04 -40.99
N ILE X 47 -9.97 75.44 -41.75
CA ILE X 47 -8.97 74.53 -42.29
C ILE X 47 -7.82 74.44 -41.29
N VAL X 48 -8.04 74.98 -40.08
CA VAL X 48 -7.01 74.89 -39.05
C VAL X 48 -6.74 73.42 -38.70
N ALA X 49 -5.58 73.19 -38.10
CA ALA X 49 -5.13 71.84 -37.80
C ALA X 49 -5.89 71.28 -36.60
N SER X 50 -5.59 70.02 -36.27
CA SER X 50 -6.21 69.39 -35.12
C SER X 50 -5.62 69.95 -33.83
N LEU X 51 -6.30 69.67 -32.72
CA LEU X 51 -5.87 70.14 -31.41
C LEU X 51 -5.24 69.06 -30.55
N THR X 52 -5.72 67.82 -30.64
CA THR X 52 -5.24 66.73 -29.81
C THR X 52 -4.29 65.79 -30.53
N ALA X 53 -3.93 66.08 -31.77
CA ALA X 53 -3.08 65.19 -32.55
C ALA X 53 -1.62 65.34 -32.13
N LYS X 54 -0.80 64.40 -32.58
CA LYS X 54 0.62 64.38 -32.29
C LYS X 54 1.44 65.20 -33.27
N SER X 55 0.81 65.81 -34.27
CA SER X 55 1.53 66.54 -35.30
C SER X 55 2.11 67.85 -34.75
N LYS X 56 3.12 68.35 -35.46
CA LYS X 56 3.70 69.65 -35.11
C LYS X 56 2.69 70.77 -35.29
N ALA X 57 1.79 70.66 -36.27
CA ALA X 57 0.74 71.64 -36.43
C ALA X 57 -0.20 71.65 -35.23
N ALA X 58 -0.55 70.47 -34.71
CA ALA X 58 -1.38 70.39 -33.51
C ALA X 58 -0.64 70.97 -32.31
N ARG X 59 0.66 70.70 -32.21
CA ARG X 59 1.45 71.28 -31.12
C ARG X 59 1.46 72.80 -31.20
N GLN X 60 1.59 73.35 -32.41
CA GLN X 60 1.54 74.79 -32.59
C GLN X 60 0.18 75.35 -32.24
N ARG X 61 -0.89 74.61 -32.55
CA ARG X 61 -2.23 75.07 -32.18
C ARG X 61 -2.40 75.08 -30.66
N ARG X 62 -1.85 74.08 -29.96
CA ARG X 62 -1.91 74.10 -28.50
C ARG X 62 -1.10 75.25 -27.92
N VAL X 63 0.06 75.53 -28.53
CA VAL X 63 0.87 76.67 -28.11
C VAL X 63 0.07 77.97 -28.28
N GLU X 64 -0.59 78.11 -29.43
CA GLU X 64 -1.44 79.27 -29.65
C GLU X 64 -2.59 79.32 -28.65
N GLN X 65 -3.09 78.16 -28.22
CA GLN X 65 -4.16 78.13 -27.23
C GLN X 65 -3.70 78.70 -25.89
N TRP X 66 -2.53 78.27 -25.42
CA TRP X 66 -2.07 78.81 -24.13
C TRP X 66 -1.62 80.26 -24.27
N GLN X 67 -1.11 80.66 -25.44
CA GLN X 67 -0.80 82.07 -25.66
C GLN X 67 -2.08 82.91 -25.66
N ALA X 68 -3.17 82.38 -26.22
CA ALA X 68 -4.45 83.09 -26.16
C ALA X 68 -4.98 83.14 -24.73
N THR X 69 -4.70 82.12 -23.93
CA THR X 69 -5.02 82.20 -22.51
C THR X 69 -4.26 83.35 -21.84
N VAL X 70 -2.98 83.49 -22.17
CA VAL X 70 -2.20 84.61 -21.64
C VAL X 70 -2.80 85.94 -22.09
N HIS X 71 -3.19 86.02 -23.37
CA HIS X 71 -3.78 87.25 -23.89
C HIS X 71 -5.08 87.59 -23.15
N ALA X 72 -5.92 86.59 -22.90
CA ALA X 72 -7.18 86.80 -22.19
C ALA X 72 -6.98 87.03 -20.70
N ALA X 73 -5.80 86.73 -20.16
CA ALA X 73 -5.54 87.02 -18.75
C ALA X 73 -5.67 88.52 -18.49
N LYS X 74 -6.36 88.86 -17.40
CA LYS X 74 -6.71 90.25 -17.13
C LYS X 74 -5.57 91.00 -16.46
N SER X 75 -5.10 90.50 -15.32
CA SER X 75 -4.13 91.22 -14.52
C SER X 75 -2.71 90.89 -14.94
N VAL X 76 -1.80 91.85 -14.69
CA VAL X 76 -0.40 91.65 -15.00
C VAL X 76 0.19 90.53 -14.15
N ASP X 77 -0.27 90.41 -12.90
CA ASP X 77 0.20 89.33 -12.06
C ASP X 77 -0.20 87.98 -12.64
N GLU X 78 -1.43 87.85 -13.13
CA GLU X 78 -1.85 86.61 -13.77
C GLU X 78 -1.05 86.35 -15.04
N LYS X 79 -0.81 87.39 -15.83
CA LYS X 79 -0.02 87.23 -17.04
C LYS X 79 1.38 86.70 -16.73
N LEU X 80 2.04 87.29 -15.74
CA LEU X 80 3.38 86.84 -15.38
C LEU X 80 3.36 85.44 -14.78
N ARG X 81 2.32 85.13 -14.00
CA ARG X 81 2.20 83.81 -13.41
C ARG X 81 2.12 82.74 -14.50
N ILE X 82 1.28 82.98 -15.51
CA ILE X 82 1.15 82.03 -16.60
C ILE X 82 2.43 81.98 -17.44
N LEU X 83 3.08 83.14 -17.63
CA LEU X 83 4.26 83.16 -18.48
C LEU X 83 5.47 82.49 -17.81
N THR X 84 5.48 82.43 -16.48
CA THR X 84 6.62 81.88 -15.76
C THR X 84 6.29 80.62 -14.97
N LYS X 85 5.09 80.04 -15.14
CA LYS X 85 4.76 78.83 -14.40
C LYS X 85 5.60 77.63 -14.82
N MET X 86 6.09 77.61 -16.06
CA MET X 86 6.93 76.52 -16.52
C MET X 86 8.36 76.73 -16.06
N GLN X 87 9.01 75.63 -15.66
CA GLN X 87 10.34 75.72 -15.07
C GLN X 87 11.33 74.79 -15.77
N PHE X 88 11.39 74.85 -17.09
CA PHE X 88 12.33 74.02 -17.83
C PHE X 88 13.76 74.57 -17.67
N MET X 89 14.73 73.82 -18.18
CA MET X 89 16.13 74.20 -18.06
C MET X 89 16.40 75.49 -18.82
N LYS X 90 17.33 76.30 -18.28
CA LYS X 90 17.59 77.61 -18.83
C LYS X 90 19.02 78.02 -18.46
N TYR X 91 19.60 78.84 -19.33
CA TYR X 91 20.91 79.42 -19.04
C TYR X 91 20.77 80.53 -18.01
N VAL X 92 21.79 80.68 -17.18
CA VAL X 92 21.85 81.74 -16.19
C VAL X 92 22.92 82.72 -16.65
N VAL X 93 22.50 83.84 -17.21
CA VAL X 93 23.40 84.86 -17.72
C VAL X 93 23.84 85.76 -16.58
N TYR X 94 25.14 85.90 -16.41
CA TYR X 94 25.70 86.74 -15.35
C TYR X 94 26.18 88.04 -15.96
N PRO X 95 25.57 89.20 -15.63
CA PRO X 95 26.10 90.46 -16.16
C PRO X 95 27.54 90.72 -15.78
N GLN X 96 27.93 90.34 -14.56
CA GLN X 96 29.28 90.54 -14.06
C GLN X 96 30.07 89.26 -14.30
N THR X 97 30.44 89.06 -15.56
CA THR X 97 30.99 87.80 -16.04
C THR X 97 32.48 87.90 -16.29
N PHE X 98 33.17 86.77 -16.15
CA PHE X 98 34.60 86.66 -16.39
C PHE X 98 34.92 86.15 -17.80
N ALA X 99 33.91 85.92 -18.63
CA ALA X 99 34.15 85.46 -19.98
C ALA X 99 34.90 86.52 -20.79
N LEU X 100 35.76 86.06 -21.70
CA LEU X 100 36.63 86.98 -22.43
C LEU X 100 35.82 87.95 -23.29
N ASN X 101 35.14 87.44 -24.30
CA ASN X 101 34.32 88.26 -25.18
C ASN X 101 32.86 87.94 -24.86
N ALA X 102 32.33 88.64 -23.85
CA ALA X 102 30.98 88.40 -23.40
C ALA X 102 29.97 89.40 -23.95
N ASP X 103 30.42 90.60 -24.34
CA ASP X 103 29.51 91.58 -24.90
C ASP X 103 28.89 91.09 -26.20
N ASN X 104 29.69 90.45 -27.06
CA ASN X 104 29.17 89.91 -28.31
C ASN X 104 28.13 88.83 -28.07
N TRP X 105 28.40 87.92 -27.12
CA TRP X 105 27.46 86.86 -26.82
C TRP X 105 26.17 87.41 -26.21
N TYR X 106 26.29 88.41 -25.33
CA TYR X 106 25.10 89.01 -24.73
C TYR X 106 24.28 89.75 -25.79
N GLN X 107 24.95 90.42 -26.72
CA GLN X 107 24.23 91.05 -27.82
C GLN X 107 23.52 90.01 -28.68
N SER X 108 24.17 88.86 -28.91
CA SER X 108 23.52 87.78 -29.65
C SER X 108 22.29 87.28 -28.92
N PHE X 109 22.39 87.09 -27.61
CA PHE X 109 21.25 86.62 -26.82
C PHE X 109 20.15 87.66 -26.73
N THR X 110 20.48 88.94 -26.90
CA THR X 110 19.56 90.04 -26.61
C THR X 110 18.95 90.70 -27.84
N LYS X 111 19.55 90.52 -29.03
CA LYS X 111 19.20 91.31 -30.21
C LYS X 111 19.45 92.80 -29.94
N THR X 112 20.62 93.09 -29.40
CA THR X 112 21.03 94.45 -29.05
C THR X 112 22.23 94.86 -29.88
N VAL X 113 22.16 96.05 -30.47
CA VAL X 113 23.28 96.65 -31.18
C VAL X 113 23.93 97.67 -30.26
N PHE X 114 25.26 97.62 -30.17
CA PHE X 114 26.02 98.52 -29.31
C PHE X 114 26.62 99.64 -30.15
N LEU X 115 26.35 100.87 -29.76
CA LEU X 115 26.86 102.06 -30.44
C LEU X 115 27.69 102.87 -29.45
N SER X 116 28.91 103.20 -29.86
CA SER X 116 29.77 104.03 -29.01
C SER X 116 29.26 105.46 -28.99
N GLY X 117 29.36 106.10 -27.84
CA GLY X 117 28.92 107.48 -27.68
C GLY X 117 27.50 107.58 -27.15
N LEU X 118 27.20 108.75 -26.61
CA LEU X 118 25.88 108.99 -26.04
C LEU X 118 24.84 109.14 -27.13
N PRO X 119 23.57 108.88 -26.81
CA PRO X 119 22.50 109.09 -27.79
C PRO X 119 22.31 110.56 -28.08
N PRO X 120 21.69 110.91 -29.21
CA PRO X 120 21.47 112.33 -29.53
C PRO X 120 20.66 113.02 -28.44
N THR X 121 21.24 114.07 -27.88
CA THR X 121 20.62 114.75 -26.76
C THR X 121 19.44 115.61 -27.23
N PRO X 122 18.39 115.73 -26.40
CA PRO X 122 17.29 116.64 -26.74
C PRO X 122 17.65 118.10 -26.47
N ALA X 123 18.29 118.75 -27.43
CA ALA X 123 18.79 120.10 -27.28
C ALA X 123 17.70 121.13 -27.02
N LYS X 124 16.43 120.73 -27.00
CA LYS X 124 15.33 121.65 -26.70
C LYS X 124 15.16 121.91 -25.20
N LEU X 125 16.15 121.52 -24.39
CA LEU X 125 16.05 121.73 -22.95
C LEU X 125 16.15 123.21 -22.61
N GLU X 126 15.34 123.63 -21.64
CA GLU X 126 15.37 125.00 -21.16
C GLU X 126 16.66 125.23 -20.36
N PRO X 127 17.07 126.51 -20.20
CA PRO X 127 18.30 126.77 -19.45
C PRO X 127 18.18 126.48 -17.97
N GLU X 128 17.90 125.22 -17.64
CA GLU X 128 17.75 124.75 -16.27
C GLU X 128 19.08 124.51 -15.56
N PRO X 129 20.11 123.90 -16.22
CA PRO X 129 21.35 123.62 -15.47
C PRO X 129 22.14 124.86 -15.10
N THR X 130 21.65 125.58 -14.08
CA THR X 130 22.40 126.66 -13.44
C THR X 130 22.99 126.23 -12.12
N LEU X 131 23.14 124.92 -11.91
CA LEU X 131 23.64 124.36 -10.67
C LEU X 131 25.09 124.74 -10.43
N ASP X 132 25.59 124.39 -9.24
CA ASP X 132 26.91 124.80 -8.78
C ASP X 132 27.87 123.62 -8.95
N ILE X 133 28.71 123.71 -9.99
CA ILE X 133 29.74 122.71 -10.22
C ILE X 133 30.69 122.64 -9.04
N THR X 134 30.99 123.80 -8.43
CA THR X 134 31.87 123.80 -7.27
C THR X 134 31.24 123.04 -6.11
N ALA X 135 29.95 123.24 -5.86
CA ALA X 135 29.29 122.52 -4.77
C ALA X 135 29.26 121.02 -5.04
N LEU X 136 28.95 120.62 -6.27
CA LEU X 136 28.92 119.19 -6.56
C LEU X 136 30.30 118.56 -6.46
N ARG X 137 31.33 119.26 -6.94
CA ARG X 137 32.69 118.77 -6.81
C ARG X 137 33.10 118.64 -5.35
N GLU X 138 32.71 119.62 -4.53
CA GLU X 138 33.02 119.56 -3.10
C GLU X 138 32.34 118.36 -2.46
N ALA X 139 31.08 118.11 -2.81
CA ALA X 139 30.36 116.96 -2.24
C ALA X 139 31.01 115.64 -2.65
N VAL X 140 31.37 115.51 -3.94
CA VAL X 140 31.99 114.27 -4.41
C VAL X 140 33.34 114.06 -3.75
N CYS X 141 34.14 115.12 -3.65
CA CYS X 141 35.44 115.02 -2.99
C CYS X 141 35.28 114.68 -1.51
N ASP X 142 34.25 115.24 -0.86
CA ASP X 142 33.99 114.90 0.53
C ASP X 142 33.65 113.42 0.69
N CYS X 143 32.83 112.89 -0.21
CA CYS X 143 32.52 111.46 -0.16
C CYS X 143 33.78 110.61 -0.37
N LEU X 144 34.60 110.97 -1.36
CA LEU X 144 35.85 110.24 -1.59
C LEU X 144 36.73 110.26 -0.35
N LEU X 145 36.94 111.44 0.22
CA LEU X 145 37.84 111.56 1.37
C LEU X 145 37.29 110.83 2.59
N GLN X 146 35.98 110.93 2.82
CA GLN X 146 35.40 110.22 3.95
C GLN X 146 35.57 108.72 3.80
N GLU X 147 35.31 108.18 2.61
CA GLU X 147 35.37 106.73 2.45
C GLU X 147 36.78 106.20 2.27
N HIS X 148 37.76 107.06 1.98
CA HIS X 148 39.12 106.60 1.77
C HIS X 148 40.05 106.88 2.95
N PHE X 149 39.95 108.04 3.57
CA PHE X 149 40.90 108.45 4.60
C PHE X 149 40.25 108.81 5.92
N PHE X 150 39.10 109.48 5.90
CA PHE X 150 38.52 109.99 7.14
C PHE X 150 37.86 108.89 7.97
N LEU X 151 37.33 107.86 7.32
CA LEU X 151 36.59 106.83 8.03
C LEU X 151 37.54 105.92 8.79
N ARG X 152 37.38 105.86 10.11
CA ARG X 152 38.16 104.96 10.96
C ARG X 152 37.37 103.68 11.13
N ARG X 153 37.62 102.70 10.26
CA ARG X 153 36.95 101.42 10.34
C ARG X 153 37.72 100.50 11.30
N LYS X 154 37.23 99.27 11.45
CA LYS X 154 37.96 98.29 12.24
C LYS X 154 39.28 97.96 11.57
N LYS X 155 40.28 97.62 12.40
CA LYS X 155 41.62 97.37 11.89
C LYS X 155 41.61 96.25 10.86
N ARG X 156 42.24 96.49 9.73
CA ARG X 156 42.30 95.53 8.62
C ARG X 156 43.66 94.83 8.68
N ALA X 157 43.67 93.60 9.16
CA ALA X 157 44.91 92.83 9.21
C ALA X 157 45.52 92.60 7.84
N PRO X 158 44.78 92.18 6.81
CA PRO X 158 45.40 92.06 5.48
C PRO X 158 45.85 93.41 4.95
N VAL X 159 46.99 93.41 4.25
CA VAL X 159 47.53 94.64 3.69
C VAL X 159 47.01 94.92 2.29
N ILE X 160 46.26 93.97 1.72
CA ILE X 160 45.81 94.12 0.33
C ILE X 160 44.85 95.30 0.18
N GLN X 161 44.10 95.63 1.23
CA GLN X 161 43.16 96.76 1.23
C GLN X 161 42.17 96.64 0.07
N ASP X 162 41.33 95.61 0.17
CA ASP X 162 40.38 95.28 -0.89
C ASP X 162 39.51 96.49 -1.23
N ARG X 163 39.24 96.65 -2.53
CA ARG X 163 38.57 97.83 -3.05
C ARG X 163 37.06 97.71 -3.08
N GLU X 164 36.49 96.61 -2.59
CA GLU X 164 35.04 96.49 -2.55
C GLU X 164 34.46 97.20 -1.33
N ALA X 165 35.04 96.94 -0.15
CA ALA X 165 34.55 97.53 1.09
C ALA X 165 34.86 99.02 1.19
N ILE X 166 35.69 99.56 0.31
CA ILE X 166 35.98 100.99 0.31
C ILE X 166 35.23 101.73 -0.79
N ALA X 167 34.80 101.04 -1.85
CA ALA X 167 34.08 101.67 -2.94
C ALA X 167 32.57 101.51 -2.84
N SER X 168 32.08 100.41 -2.26
CA SER X 168 30.64 100.27 -2.09
C SER X 168 30.04 101.34 -1.20
N PRO X 169 30.56 101.63 0.00
CA PRO X 169 30.04 102.79 0.74
C PRO X 169 30.25 104.09 0.01
N PHE X 170 31.34 104.23 -0.74
CA PHE X 170 31.53 105.43 -1.56
C PHE X 170 30.43 105.55 -2.60
N LEU X 171 30.09 104.45 -3.27
CA LEU X 171 29.03 104.51 -4.27
C LEU X 171 27.70 104.88 -3.64
N ASP X 172 27.38 104.29 -2.48
CA ASP X 172 26.13 104.62 -1.80
C ASP X 172 26.08 106.09 -1.42
N GLN X 173 27.16 106.59 -0.80
CA GLN X 173 27.17 107.99 -0.38
C GLN X 173 27.14 108.93 -1.57
N LEU X 174 27.84 108.59 -2.65
CA LEU X 174 27.84 109.44 -3.84
C LEU X 174 26.44 109.52 -4.45
N VAL X 175 25.77 108.37 -4.56
CA VAL X 175 24.41 108.38 -5.11
C VAL X 175 23.49 109.20 -4.23
N ALA X 176 23.56 109.00 -2.91
CA ALA X 176 22.68 109.72 -2.01
C ALA X 176 22.91 111.22 -2.07
N SER X 177 24.17 111.65 -2.01
CA SER X 177 24.48 113.07 -2.03
C SER X 177 24.11 113.70 -3.36
N LEU X 178 24.41 113.04 -4.48
CA LEU X 178 24.07 113.58 -5.79
C LEU X 178 22.57 113.72 -5.94
N THR X 179 21.81 112.70 -5.53
CA THR X 179 20.35 112.79 -5.62
C THR X 179 19.81 113.91 -4.74
N GLY X 180 20.32 114.03 -3.52
CA GLY X 180 19.86 115.08 -2.63
C GLY X 180 20.16 116.47 -3.16
N LEU X 181 21.33 116.65 -3.76
CA LEU X 181 21.71 117.97 -4.26
C LEU X 181 21.01 118.32 -5.57
N LEU X 182 20.74 117.34 -6.41
CA LEU X 182 20.11 117.60 -7.70
C LEU X 182 18.60 117.47 -7.67
N SER X 183 18.00 117.07 -6.54
CA SER X 183 16.55 117.00 -6.48
C SER X 183 15.90 118.38 -6.52
N VAL X 184 16.64 119.43 -6.17
CA VAL X 184 16.08 120.79 -6.27
C VAL X 184 15.92 121.19 -7.73
N HIS X 185 16.88 120.82 -8.58
CA HIS X 185 16.77 121.10 -10.00
C HIS X 185 15.81 120.14 -10.70
N ASN X 186 15.81 118.87 -10.28
CA ASN X 186 14.97 117.86 -10.89
C ASN X 186 13.93 117.39 -9.89
N PRO X 187 12.68 117.84 -9.98
CA PRO X 187 11.69 117.48 -8.96
C PRO X 187 11.35 116.00 -8.91
N VAL X 188 11.61 115.23 -9.97
CA VAL X 188 11.26 113.82 -9.95
C VAL X 188 12.17 113.01 -9.03
N LEU X 189 13.37 113.51 -8.73
CA LEU X 189 14.26 112.79 -7.83
C LEU X 189 13.78 112.86 -6.39
N ALA X 190 13.03 113.90 -6.03
CA ALA X 190 12.49 113.99 -4.68
C ALA X 190 11.48 112.87 -4.42
N ALA X 191 10.61 112.59 -5.38
CA ALA X 191 9.62 111.54 -5.23
C ALA X 191 10.11 110.17 -5.69
N ALA X 192 11.32 110.10 -6.23
CA ALA X 192 11.86 108.82 -6.68
C ALA X 192 12.25 107.95 -5.49
N ALA X 193 12.31 106.65 -5.75
CA ALA X 193 12.68 105.66 -4.73
C ALA X 193 14.09 105.15 -5.01
N LEU X 194 14.93 105.18 -3.99
CA LEU X 194 16.29 104.67 -4.08
C LEU X 194 16.35 103.27 -3.48
N ASP X 195 16.77 102.30 -4.28
CA ASP X 195 16.86 100.90 -3.87
C ASP X 195 18.32 100.52 -3.73
N CYS X 196 18.67 99.90 -2.61
CA CYS X 196 20.05 99.52 -2.30
C CYS X 196 20.17 98.01 -2.40
N LYS X 197 20.91 97.55 -3.41
CA LYS X 197 21.21 96.14 -3.61
C LYS X 197 19.93 95.30 -3.69
N ARG X 198 18.94 95.81 -4.41
CA ARG X 198 17.71 95.05 -4.60
C ARG X 198 17.81 94.19 -5.84
N PRO X 199 17.46 92.90 -5.75
CA PRO X 199 17.64 92.01 -6.90
C PRO X 199 16.76 92.40 -8.08
N VAL X 200 17.27 92.15 -9.27
CA VAL X 200 16.55 92.38 -10.52
C VAL X 200 16.62 91.11 -11.35
N HIS X 201 15.46 90.63 -11.80
CA HIS X 201 15.37 89.37 -12.52
C HIS X 201 14.65 89.58 -13.84
N PHE X 202 15.02 88.78 -14.84
CA PHE X 202 14.33 88.78 -16.12
C PHE X 202 14.54 87.44 -16.80
N PHE X 203 13.44 86.85 -17.26
CA PHE X 203 13.46 85.55 -17.95
C PHE X 203 12.85 85.74 -19.33
N TRP X 204 13.53 85.26 -20.36
CA TRP X 204 13.05 85.41 -21.72
C TRP X 204 13.52 84.23 -22.56
N LEU X 205 12.95 84.12 -23.75
CA LEU X 205 13.28 83.08 -24.71
C LEU X 205 13.93 83.70 -25.93
N ARG X 206 14.84 82.94 -26.56
CA ARG X 206 15.57 83.45 -27.72
C ARG X 206 15.96 82.27 -28.59
N GLY X 207 15.20 82.04 -29.66
CA GLY X 207 15.54 81.03 -30.63
C GLY X 207 15.17 79.62 -30.19
N GLU X 208 15.52 78.66 -31.05
CA GLU X 208 15.27 77.25 -30.81
C GLU X 208 16.57 76.48 -30.94
N GLU X 209 16.52 75.22 -30.52
CA GLU X 209 17.67 74.33 -30.60
C GLU X 209 17.21 72.89 -30.62
N ILE X 210 17.86 72.08 -31.45
CA ILE X 210 17.59 70.64 -31.48
C ILE X 210 18.27 70.01 -30.27
N ILE X 211 17.51 69.22 -29.51
CA ILE X 211 18.03 68.61 -28.30
C ILE X 211 19.06 67.55 -28.69
N PRO X 212 20.30 67.66 -28.22
CA PRO X 212 21.36 66.75 -28.68
C PRO X 212 21.36 65.39 -28.01
N ARG X 213 20.99 65.34 -26.73
CA ARG X 213 21.11 64.13 -25.94
C ARG X 213 19.84 63.91 -25.14
N GLY X 214 19.64 62.65 -24.74
CA GLY X 214 18.49 62.27 -23.94
C GLY X 214 17.42 61.58 -24.76
N HIS X 215 16.34 61.20 -24.07
CA HIS X 215 15.22 60.55 -24.75
C HIS X 215 14.44 61.53 -25.62
N ARG X 216 14.65 62.83 -25.44
CA ARG X 216 14.03 63.85 -26.28
C ARG X 216 14.96 64.31 -27.39
N LYS X 217 15.86 63.44 -27.83
CA LYS X 217 16.81 63.80 -28.87
C LYS X 217 16.10 64.02 -30.20
N GLY X 218 16.51 65.05 -30.92
CA GLY X 218 15.94 65.36 -32.22
C GLY X 218 14.73 66.26 -32.20
N ARG X 219 14.25 66.67 -31.02
CA ARG X 219 13.07 67.51 -30.90
C ARG X 219 13.47 68.96 -30.70
N VAL X 220 12.63 69.86 -31.21
CA VAL X 220 12.92 71.29 -31.17
C VAL X 220 12.57 71.83 -29.79
N ASP X 221 13.54 72.47 -29.14
CA ASP X 221 13.36 73.07 -27.83
C ASP X 221 13.90 74.49 -27.85
N ALA X 222 13.16 75.41 -27.26
CA ALA X 222 13.55 76.81 -27.23
C ALA X 222 14.70 77.03 -26.26
N LEU X 223 15.46 78.10 -26.52
CA LEU X 223 16.54 78.49 -25.62
C LEU X 223 16.02 79.52 -24.63
N ARG X 224 16.12 79.22 -23.34
CA ARG X 224 15.63 80.09 -22.30
C ARG X 224 16.80 80.66 -21.52
N TYR X 225 16.71 81.95 -21.17
CA TYR X 225 17.76 82.62 -20.42
C TYR X 225 17.15 83.33 -19.22
N GLN X 226 17.95 83.48 -18.17
CA GLN X 226 17.54 84.19 -16.97
C GLN X 226 18.69 85.03 -16.46
N ILE X 227 18.41 86.28 -16.13
CA ILE X 227 19.40 87.20 -15.56
C ILE X 227 18.99 87.48 -14.13
N ASN X 228 19.87 87.15 -13.19
CA ASN X 228 19.67 87.44 -11.77
C ASN X 228 20.68 88.51 -11.39
N ASP X 229 20.24 89.77 -11.43
CA ASP X 229 21.10 90.90 -11.17
C ASP X 229 20.77 91.54 -9.82
N LYS X 230 21.81 92.07 -9.18
CA LYS X 230 21.68 92.79 -7.92
C LYS X 230 22.40 94.12 -8.05
N PRO X 231 21.78 95.11 -8.70
CA PRO X 231 22.42 96.41 -8.88
C PRO X 231 22.73 97.06 -7.54
N HIS X 232 23.87 97.75 -7.49
CA HIS X 232 24.29 98.40 -6.24
C HIS X 232 23.29 99.47 -5.82
N ASN X 233 22.83 100.28 -6.76
CA ASN X 233 21.84 101.31 -6.46
C ASN X 233 20.89 101.46 -7.65
N GLN X 234 19.63 101.70 -7.35
CA GLN X 234 18.61 101.92 -8.37
C GLN X 234 17.77 103.14 -8.00
N ILE X 235 17.32 103.85 -9.02
CA ILE X 235 16.39 104.97 -8.86
C ILE X 235 15.16 104.65 -9.68
N ARG X 236 14.02 104.55 -9.02
CA ARG X 236 12.74 104.21 -9.67
C ARG X 236 11.81 105.41 -9.58
N ILE X 237 11.16 105.73 -10.70
CA ILE X 237 10.32 106.91 -10.82
C ILE X 237 8.93 106.49 -11.29
N SER X 238 7.96 107.36 -11.03
CA SER X 238 6.57 107.05 -11.37
C SER X 238 6.35 107.03 -12.88
N ARG X 239 7.00 107.92 -13.62
CA ARG X 239 6.75 108.10 -15.03
C ARG X 239 7.98 107.77 -15.85
N GLN X 240 7.76 107.24 -17.05
CA GLN X 240 8.83 106.75 -17.90
C GLN X 240 9.67 107.90 -18.46
N LEU X 241 10.96 107.63 -18.63
CA LEU X 241 11.85 108.58 -19.27
C LEU X 241 11.51 108.70 -20.76
N PRO X 242 11.78 109.84 -21.38
CA PRO X 242 11.50 109.99 -22.81
C PRO X 242 12.41 109.10 -23.65
N GLU X 243 11.89 108.69 -24.79
CA GLU X 243 12.63 107.84 -25.70
C GLU X 243 13.80 108.60 -26.32
N PHE X 244 14.89 107.88 -26.57
CA PHE X 244 16.06 108.46 -27.22
C PHE X 244 15.91 108.51 -28.74
N VAL X 245 15.44 107.43 -29.34
CA VAL X 245 15.26 107.35 -30.79
C VAL X 245 13.89 106.76 -31.06
N PRO X 246 13.34 106.98 -32.26
CA PRO X 246 12.02 106.42 -32.59
C PRO X 246 12.02 104.91 -32.51
N LEU X 247 10.85 104.35 -32.22
CA LEU X 247 10.70 102.91 -32.05
C LEU X 247 11.13 102.13 -33.29
N ASP X 248 10.96 102.72 -34.47
CA ASP X 248 11.34 102.08 -35.73
C ASP X 248 12.72 102.51 -36.20
N TYR X 249 13.62 102.81 -35.28
CA TYR X 249 14.95 103.28 -35.64
C TYR X 249 15.72 102.20 -36.37
N SER X 250 16.33 102.57 -37.50
CA SER X 250 17.09 101.64 -38.33
C SER X 250 18.57 101.96 -38.23
N ILE X 251 19.37 100.93 -38.00
CA ILE X 251 20.82 101.09 -37.86
C ILE X 251 21.52 100.17 -38.86
N PRO X 252 22.50 100.68 -39.62
CA PRO X 252 23.24 99.80 -40.53
C PRO X 252 23.97 98.68 -39.82
N ILE X 253 24.40 98.89 -38.57
CA ILE X 253 25.06 97.84 -37.81
C ILE X 253 24.05 96.75 -37.47
N GLU X 254 24.42 95.51 -37.74
CA GLU X 254 23.54 94.37 -37.49
C GLU X 254 23.90 93.70 -36.17
N VAL X 255 22.93 92.97 -35.63
CA VAL X 255 23.14 92.24 -34.37
C VAL X 255 24.16 91.13 -34.60
N PRO X 256 25.21 91.04 -33.79
CA PRO X 256 26.23 90.01 -34.02
C PRO X 256 25.67 88.61 -33.80
N VAL X 257 25.98 87.71 -34.72
CA VAL X 257 25.57 86.30 -34.63
C VAL X 257 26.81 85.46 -34.37
N MET X 258 26.68 84.49 -33.48
CA MET X 258 27.78 83.61 -33.11
C MET X 258 27.49 82.21 -33.65
N SER X 259 28.40 81.72 -34.49
CA SER X 259 28.27 80.37 -35.07
C SER X 259 28.83 79.32 -34.11
N CYS X 260 28.34 79.33 -32.88
CA CYS X 260 28.88 78.46 -31.84
C CYS X 260 27.83 78.29 -30.75
N LYS X 261 27.99 77.25 -29.96
CA LYS X 261 27.04 76.95 -28.89
C LYS X 261 27.23 77.92 -27.73
N PRO X 262 26.15 78.29 -27.05
CA PRO X 262 26.29 79.16 -25.86
C PRO X 262 27.07 78.52 -24.74
N ASP X 263 27.23 77.21 -24.75
CA ASP X 263 27.96 76.50 -23.70
C ASP X 263 29.45 76.83 -23.67
N LYS X 264 29.98 77.44 -24.72
CA LYS X 264 31.40 77.74 -24.82
C LYS X 264 31.75 79.16 -24.40
N LEU X 265 30.77 79.92 -23.91
CA LEU X 265 31.05 81.28 -23.43
C LEU X 265 32.07 81.30 -22.29
N PRO X 266 31.98 80.44 -21.25
CA PRO X 266 31.05 79.36 -20.95
C PRO X 266 29.78 79.78 -20.21
N LEU X 267 28.66 79.14 -20.55
CA LEU X 267 27.42 79.27 -19.82
C LEU X 267 26.92 77.89 -19.45
N PHE X 268 26.20 77.81 -18.34
CA PHE X 268 25.73 76.53 -17.81
C PHE X 268 24.24 76.61 -17.50
N LYS X 269 23.50 75.59 -17.91
CA LYS X 269 22.06 75.54 -17.70
C LYS X 269 21.75 75.18 -16.25
N ARG X 270 20.65 75.74 -15.75
CA ARG X 270 20.18 75.46 -14.41
C ARG X 270 18.66 75.57 -14.40
N GLN X 271 18.03 74.85 -13.47
CA GLN X 271 16.58 74.83 -13.36
C GLN X 271 16.16 75.28 -11.98
N TYR X 272 15.45 76.40 -11.92
CA TYR X 272 14.94 76.95 -10.66
C TYR X 272 13.82 77.92 -11.02
N GLU X 273 13.37 78.67 -10.03
CA GLU X 273 12.27 79.60 -10.24
C GLU X 273 12.67 80.69 -11.23
N ASN X 274 11.92 80.82 -12.31
CA ASN X 274 12.18 81.83 -13.33
C ASN X 274 11.26 83.03 -13.05
N THR X 275 11.84 84.10 -12.53
CA THR X 275 11.08 85.26 -12.10
C THR X 275 11.43 86.48 -12.94
N ILE X 276 10.46 87.38 -13.06
CA ILE X 276 10.63 88.65 -13.74
C ILE X 276 10.41 89.72 -12.68
N PHE X 277 11.49 90.34 -12.21
CA PHE X 277 11.44 91.23 -11.06
C PHE X 277 12.15 92.53 -11.39
N ILE X 278 11.55 93.64 -10.97
CA ILE X 278 12.06 94.98 -11.28
C ILE X 278 12.85 95.58 -10.12
N GLY X 279 12.91 94.91 -8.98
CA GLY X 279 13.34 95.51 -7.74
C GLY X 279 12.22 95.76 -6.77
N SER X 280 10.97 95.61 -7.22
CA SER X 280 9.80 95.69 -6.36
C SER X 280 8.66 94.93 -7.05
N LYS X 281 7.64 94.60 -6.27
CA LYS X 281 6.53 93.83 -6.79
C LYS X 281 5.69 94.68 -7.74
N THR X 282 4.77 94.01 -8.45
CA THR X 282 3.93 94.70 -9.43
C THR X 282 3.05 95.75 -8.78
N ALA X 283 2.67 95.56 -7.52
CA ALA X 283 1.80 96.51 -6.83
C ALA X 283 2.48 97.84 -6.55
N ASP X 284 3.79 97.93 -6.73
CA ASP X 284 4.51 99.17 -6.45
C ASP X 284 4.13 100.24 -7.47
N PRO X 285 3.68 101.42 -7.03
CA PRO X 285 3.33 102.48 -7.99
C PRO X 285 4.51 102.98 -8.81
N LEU X 286 5.74 102.80 -8.33
CA LEU X 286 6.94 103.25 -9.03
C LEU X 286 7.44 102.13 -9.93
N CYS X 287 6.72 101.91 -11.02
CA CYS X 287 6.97 100.79 -11.92
C CYS X 287 7.96 101.12 -13.02
N TYR X 288 8.51 102.33 -13.05
CA TYR X 288 9.46 102.74 -14.08
C TYR X 288 10.80 103.06 -13.44
N GLY X 289 11.86 102.82 -14.19
CA GLY X 289 13.20 103.05 -13.69
C GLY X 289 13.88 104.27 -14.28
N HIS X 290 14.85 104.82 -13.55
CA HIS X 290 15.55 106.03 -13.97
C HIS X 290 17.03 105.76 -14.24
N THR X 291 17.76 105.21 -13.28
CA THR X 291 19.19 104.96 -13.45
C THR X 291 19.61 103.82 -12.52
N GLN X 292 20.51 102.97 -13.02
CA GLN X 292 21.13 101.92 -12.23
C GLN X 292 22.59 102.25 -11.97
N PHE X 293 23.11 101.75 -10.85
CA PHE X 293 24.52 101.87 -10.51
C PHE X 293 25.06 100.48 -10.21
N HIS X 294 26.13 100.09 -10.91
CA HIS X 294 26.69 98.75 -10.80
C HIS X 294 28.15 98.86 -10.41
N LEU X 295 28.53 98.21 -9.32
CA LEU X 295 29.91 98.20 -8.84
C LEU X 295 30.60 96.93 -9.31
N LEU X 296 31.71 97.09 -10.03
CA LEU X 296 32.48 95.94 -10.48
C LEU X 296 33.15 95.27 -9.27
N PRO X 297 33.31 93.95 -9.31
CA PRO X 297 33.87 93.23 -8.16
C PRO X 297 35.39 93.26 -8.20
N ASP X 298 35.99 92.62 -7.19
CA ASP X 298 37.44 92.54 -7.10
C ASP X 298 38.03 91.56 -8.10
N LYS X 299 37.22 90.63 -8.64
CA LYS X 299 37.73 89.66 -9.60
C LYS X 299 37.96 90.28 -10.97
N LEU X 300 37.19 91.31 -11.32
CA LEU X 300 37.25 91.94 -12.62
C LEU X 300 37.94 93.30 -12.58
N LYS X 301 38.96 93.43 -11.72
CA LYS X 301 39.70 94.67 -11.63
C LYS X 301 40.68 94.78 -12.79
N ARG X 302 41.11 96.02 -13.06
CA ARG X 302 42.06 96.27 -14.15
C ARG X 302 43.38 95.55 -13.91
N GLU X 303 43.89 95.60 -12.68
CA GLU X 303 45.14 94.92 -12.36
C GLU X 303 44.99 93.41 -12.51
N LYS X 304 43.86 92.86 -12.07
CA LYS X 304 43.61 91.44 -12.22
C LYS X 304 43.58 91.04 -13.69
N LEU X 305 42.91 91.84 -14.53
CA LEU X 305 42.86 91.53 -15.95
C LEU X 305 44.24 91.64 -16.60
N LEU X 306 45.02 92.65 -16.21
CA LEU X 306 46.37 92.79 -16.75
C LEU X 306 47.24 91.61 -16.37
N LYS X 307 47.12 91.13 -15.12
CA LYS X 307 47.83 89.93 -14.72
C LYS X 307 47.36 88.71 -15.52
N GLN X 308 46.05 88.62 -15.75
CA GLN X 308 45.48 87.53 -16.55
C GLN X 308 45.81 87.65 -18.02
N ASN X 309 46.44 88.76 -18.44
CA ASN X 309 46.80 89.01 -19.83
C ASN X 309 45.56 89.23 -20.69
N CYS X 310 44.63 90.03 -20.16
CA CYS X 310 43.42 90.43 -20.87
C CYS X 310 43.37 91.96 -20.84
N ALA X 311 44.03 92.58 -21.80
CA ALA X 311 44.08 94.04 -21.85
C ALA X 311 42.84 94.63 -22.49
N ASP X 312 42.28 93.96 -23.49
CA ASP X 312 41.10 94.44 -24.19
C ASP X 312 39.79 94.02 -23.51
N GLN X 313 39.86 93.20 -22.47
CA GLN X 313 38.67 92.81 -21.71
C GLN X 313 38.22 93.88 -20.73
N ILE X 314 39.04 94.91 -20.50
CA ILE X 314 38.72 95.94 -19.51
C ILE X 314 37.44 96.66 -19.89
N GLU X 315 37.23 96.90 -21.18
CA GLU X 315 35.98 97.51 -21.63
C GLU X 315 34.91 96.48 -21.95
N VAL X 316 35.32 95.25 -22.29
CA VAL X 316 34.35 94.20 -22.59
C VAL X 316 33.53 93.86 -21.35
N VAL X 317 34.17 93.84 -20.18
CA VAL X 317 33.44 93.55 -18.95
C VAL X 317 32.38 94.62 -18.69
N PHE X 318 32.76 95.90 -18.88
CA PHE X 318 31.81 96.99 -18.73
C PHE X 318 30.64 96.85 -19.70
N ARG X 319 30.96 96.57 -20.98
CA ARG X 319 29.91 96.45 -21.98
C ARG X 319 28.95 95.32 -21.65
N ALA X 320 29.50 94.16 -21.26
CA ALA X 320 28.65 93.02 -20.94
C ALA X 320 27.77 93.30 -19.74
N ASN X 321 28.33 93.88 -18.68
CA ASN X 321 27.55 94.21 -17.50
C ASN X 321 26.42 95.17 -17.86
N ALA X 322 26.75 96.22 -18.60
CA ALA X 322 25.73 97.20 -18.98
C ALA X 322 24.64 96.56 -19.81
N ILE X 323 25.01 95.83 -20.86
CA ILE X 323 24.02 95.24 -21.75
C ILE X 323 23.09 94.32 -20.99
N ALA X 324 23.66 93.38 -20.23
CA ALA X 324 22.84 92.41 -19.54
C ALA X 324 21.94 93.06 -18.50
N SER X 325 22.51 93.90 -17.63
CA SER X 325 21.73 94.52 -16.56
C SER X 325 20.63 95.40 -17.11
N LEU X 326 20.98 96.30 -18.05
CA LEU X 326 19.99 97.23 -18.57
C LEU X 326 18.91 96.51 -19.36
N PHE X 327 19.27 95.49 -20.14
CA PHE X 327 18.26 94.73 -20.86
C PHE X 327 17.31 94.03 -19.89
N ALA X 328 17.86 93.40 -18.86
CA ALA X 328 17.00 92.71 -17.90
C ALA X 328 16.04 93.68 -17.24
N TRP X 329 16.53 94.85 -16.86
CA TRP X 329 15.71 95.79 -16.09
C TRP X 329 14.68 96.48 -16.98
N THR X 330 15.04 96.80 -18.22
CA THR X 330 14.06 97.34 -19.18
C THR X 330 13.01 96.30 -19.54
N GLY X 331 13.41 95.04 -19.73
CA GLY X 331 12.43 94.01 -20.00
C GLY X 331 11.50 93.77 -18.83
N ALA X 332 12.03 93.86 -17.61
CA ALA X 332 11.17 93.79 -16.43
C ALA X 332 10.16 94.92 -16.42
N GLN X 333 10.60 96.14 -16.76
CA GLN X 333 9.66 97.26 -16.85
C GLN X 333 8.59 96.99 -17.89
N ALA X 334 9.00 96.49 -19.06
CA ALA X 334 8.05 96.24 -20.15
C ALA X 334 7.02 95.19 -19.76
N MET X 335 7.47 94.08 -19.17
CA MET X 335 6.53 93.03 -18.78
C MET X 335 5.70 93.42 -17.57
N TYR X 336 6.17 94.34 -16.74
CA TYR X 336 5.31 94.90 -15.70
C TYR X 336 4.21 95.75 -16.32
N GLN X 337 4.55 96.48 -17.38
CA GLN X 337 3.52 97.26 -18.08
C GLN X 337 2.54 96.36 -18.81
N GLY X 338 2.99 95.20 -19.29
CA GLY X 338 2.07 94.23 -19.86
C GLY X 338 2.42 93.75 -21.25
N PHE X 339 3.66 93.99 -21.67
CA PHE X 339 4.12 93.58 -22.99
C PHE X 339 4.92 92.29 -22.89
N TRP X 340 4.79 91.44 -23.90
CA TRP X 340 5.57 90.21 -23.98
C TRP X 340 5.81 89.91 -25.46
N SER X 341 6.20 88.67 -25.77
CA SER X 341 6.64 88.33 -27.12
C SER X 341 5.52 88.54 -28.14
N GLU X 342 4.31 88.08 -27.82
CA GLU X 342 3.19 88.21 -28.74
C GLU X 342 2.46 89.54 -28.59
N ALA X 343 2.80 90.34 -27.58
CA ALA X 343 2.23 91.66 -27.39
C ALA X 343 3.35 92.71 -27.41
N ASP X 344 4.19 92.64 -28.45
CA ASP X 344 5.44 93.38 -28.50
C ASP X 344 5.24 94.85 -28.15
N VAL X 345 6.30 95.46 -27.64
CA VAL X 345 6.22 96.76 -27.00
C VAL X 345 5.86 97.84 -28.01
N THR X 346 5.01 98.78 -27.59
CA THR X 346 4.58 99.88 -28.45
C THR X 346 5.33 101.18 -28.20
N ARG X 347 5.95 101.34 -27.03
CA ARG X 347 6.71 102.53 -26.70
C ARG X 347 8.09 102.14 -26.19
N PRO X 348 9.16 102.73 -26.72
CA PRO X 348 10.50 102.32 -26.28
C PRO X 348 10.70 102.55 -24.78
N PHE X 349 11.38 101.60 -24.14
CA PHE X 349 11.67 101.68 -22.72
C PHE X 349 13.12 102.09 -22.53
N VAL X 350 13.35 103.20 -21.83
CA VAL X 350 14.65 103.83 -21.74
C VAL X 350 15.19 103.68 -20.33
N SER X 351 16.46 103.28 -20.23
CA SER X 351 17.13 103.19 -18.94
C SER X 351 18.57 103.66 -19.10
N GLN X 352 19.16 104.06 -17.97
CA GLN X 352 20.54 104.53 -17.93
C GLN X 352 21.31 103.74 -16.89
N GLY X 353 22.61 103.56 -17.14
CA GLY X 353 23.44 102.80 -16.23
C GLY X 353 24.81 103.41 -16.01
N VAL X 354 25.28 103.37 -14.77
CA VAL X 354 26.61 103.86 -14.41
C VAL X 354 27.36 102.69 -13.79
N ILE X 355 28.42 102.25 -14.46
CA ILE X 355 29.24 101.13 -13.99
C ILE X 355 30.53 101.70 -13.44
N THR X 356 30.78 101.41 -12.17
CA THR X 356 31.91 101.99 -11.44
C THR X 356 32.83 100.87 -10.96
N ASP X 357 34.12 101.03 -11.23
CA ASP X 357 35.15 100.24 -10.59
C ASP X 357 35.51 100.92 -9.27
N GLY X 358 36.62 100.52 -8.67
CA GLY X 358 37.09 101.24 -7.50
C GLY X 358 37.40 102.69 -7.78
N LYS X 359 37.84 102.99 -8.99
CA LYS X 359 38.28 104.33 -9.39
C LYS X 359 37.62 104.83 -10.66
N TYR X 360 37.36 103.96 -11.63
CA TYR X 360 36.90 104.36 -12.96
C TYR X 360 35.37 104.36 -13.03
N PHE X 361 34.85 105.16 -13.97
CA PHE X 361 33.43 105.25 -14.23
C PHE X 361 33.16 105.01 -15.71
N SER X 362 31.99 104.46 -16.01
CA SER X 362 31.53 104.32 -17.38
C SER X 362 30.02 104.50 -17.41
N PHE X 363 29.52 105.03 -18.52
CA PHE X 363 28.12 105.42 -18.65
C PHE X 363 27.50 104.74 -19.86
N PHE X 364 26.26 104.27 -19.70
CA PHE X 364 25.57 103.56 -20.76
C PHE X 364 24.10 103.99 -20.78
N CYS X 365 23.50 103.92 -21.97
CA CYS X 365 22.09 104.18 -22.16
C CYS X 365 21.48 103.05 -22.98
N TYR X 366 20.37 102.50 -22.52
CA TYR X 366 19.73 101.37 -23.17
C TYR X 366 18.30 101.74 -23.55
N GLN X 367 17.90 101.32 -24.75
CA GLN X 367 16.53 101.50 -25.23
C GLN X 367 16.01 100.16 -25.72
N LEU X 368 15.05 99.61 -24.99
CA LEU X 368 14.34 98.40 -25.41
C LEU X 368 13.23 98.81 -26.37
N ASN X 369 13.35 98.40 -27.63
CA ASN X 369 12.33 98.64 -28.63
C ASN X 369 11.46 97.42 -28.90
N THR X 370 12.06 96.22 -28.89
CA THR X 370 11.33 94.99 -29.14
C THR X 370 11.52 94.02 -27.99
N LEU X 371 10.46 93.26 -27.71
CA LEU X 371 10.51 92.19 -26.72
C LEU X 371 10.23 90.83 -27.34
N ALA X 372 9.94 90.78 -28.64
CA ALA X 372 9.66 89.53 -29.34
C ALA X 372 10.97 88.90 -29.81
N LEU X 373 11.71 88.38 -28.84
CA LEU X 373 12.99 87.74 -29.10
C LEU X 373 12.87 86.26 -29.39
N THR X 374 11.70 85.67 -29.18
CA THR X 374 11.52 84.25 -29.44
C THR X 374 11.55 83.96 -30.93
N ALA X 375 11.81 82.70 -31.27
CA ALA X 375 11.93 82.33 -32.68
C ALA X 375 10.60 82.46 -33.42
N GLN X 376 9.49 82.11 -32.75
CA GLN X 376 8.18 82.19 -33.38
C GLN X 376 7.78 83.60 -33.74
N ALA X 377 8.29 84.61 -33.02
CA ALA X 377 7.96 86.00 -33.29
C ALA X 377 9.10 86.80 -33.91
N ASP X 378 10.28 86.22 -34.06
CA ASP X 378 11.42 86.90 -34.66
C ASP X 378 11.55 86.66 -36.16
N GLN X 379 10.57 85.97 -36.77
CA GLN X 379 10.65 85.69 -38.19
C GLN X 379 10.59 86.98 -39.01
N ASN X 380 9.70 87.89 -38.63
CA ASN X 380 9.48 89.15 -39.35
C ASN X 380 9.51 90.32 -38.37
N ASN X 381 10.52 90.35 -37.51
CA ASN X 381 10.67 91.42 -36.53
C ASN X 381 11.90 92.26 -36.86
N PRO X 382 11.75 93.44 -37.47
CA PRO X 382 12.91 94.25 -37.81
C PRO X 382 13.44 95.10 -36.67
N ARG X 383 12.67 95.29 -35.60
CA ARG X 383 13.10 96.12 -34.50
C ARG X 383 14.28 95.51 -33.75
N LYS X 384 15.15 96.38 -33.26
CA LYS X 384 16.31 95.97 -32.48
C LYS X 384 16.42 96.84 -31.24
N ASN X 385 16.98 96.26 -30.18
CA ASN X 385 17.35 97.03 -28.99
C ASN X 385 18.69 97.71 -29.23
N ILE X 386 18.85 98.89 -28.65
CA ILE X 386 20.03 99.71 -28.86
C ILE X 386 20.65 100.02 -27.50
N CYS X 387 21.98 99.90 -27.41
CA CYS X 387 22.71 100.24 -26.20
C CYS X 387 23.83 101.20 -26.57
N TRP X 388 23.79 102.41 -26.00
CA TRP X 388 24.81 103.41 -26.23
C TRP X 388 25.84 103.34 -25.10
N GLY X 389 27.11 103.36 -25.46
CA GLY X 389 28.18 103.19 -24.50
C GLY X 389 29.14 104.36 -24.49
N THR X 390 29.87 104.48 -23.39
CA THR X 390 30.88 105.52 -23.21
C THR X 390 32.16 104.89 -22.70
N GLN X 391 33.29 105.39 -23.21
CA GLN X 391 34.58 104.89 -22.78
C GLN X 391 34.78 105.14 -21.29
N SER X 392 35.38 104.17 -20.61
CA SER X 392 35.56 104.28 -19.17
C SER X 392 36.61 105.34 -18.86
N LYS X 393 36.23 106.34 -18.07
CA LYS X 393 37.09 107.45 -17.72
C LYS X 393 37.26 107.52 -16.21
N PRO X 394 38.48 107.67 -15.70
CA PRO X 394 38.67 107.75 -14.25
C PRO X 394 38.07 109.02 -13.68
N LEU X 395 37.57 108.92 -12.46
CA LEU X 395 37.00 110.06 -11.75
C LEU X 395 38.08 110.87 -11.04
N TYR X 396 38.81 110.24 -10.14
CA TYR X 396 39.93 110.85 -9.43
C TYR X 396 41.23 110.23 -9.92
N GLU X 397 42.35 110.68 -9.33
CA GLU X 397 43.67 110.19 -9.69
C GLU X 397 44.50 110.06 -8.42
N THR X 398 44.70 108.82 -7.97
CA THR X 398 45.66 108.43 -6.92
C THR X 398 45.69 109.44 -5.77
N ILE X 399 44.55 109.54 -5.07
CA ILE X 399 44.45 110.46 -3.95
C ILE X 399 45.32 109.98 -2.78
N GLU X 400 45.83 110.92 -2.00
CA GLU X 400 46.48 110.61 -0.73
C GLU X 400 46.26 111.76 0.23
N ASP X 401 46.15 111.43 1.52
CA ASP X 401 46.21 112.41 2.61
C ASP X 401 45.20 113.54 2.39
N ASN X 402 43.92 113.16 2.48
CA ASN X 402 42.73 113.99 2.36
C ASN X 402 42.89 115.12 1.34
N ASN X 403 43.48 114.79 0.20
CA ASN X 403 43.67 115.75 -0.89
C ASN X 403 43.58 115.01 -2.20
N VAL X 404 42.53 115.28 -2.98
CA VAL X 404 42.34 114.62 -4.26
C VAL X 404 43.33 115.24 -5.25
N LYS X 405 44.26 114.41 -5.75
CA LYS X 405 45.32 114.93 -6.62
C LYS X 405 44.76 115.38 -7.96
N GLY X 406 44.16 114.45 -8.71
CA GLY X 406 43.54 114.75 -9.99
C GLY X 406 42.05 114.48 -9.91
N PHE X 407 41.27 115.36 -10.53
CA PHE X 407 39.81 115.24 -10.54
C PHE X 407 39.31 115.56 -11.93
N ASN X 408 38.49 114.67 -12.48
CA ASN X 408 37.94 114.82 -13.83
C ASN X 408 36.52 115.36 -13.72
N ASP X 409 36.26 116.48 -14.39
CA ASP X 409 34.91 117.04 -14.40
C ASP X 409 34.02 116.39 -15.46
N ASP X 410 34.60 115.66 -16.42
CA ASP X 410 33.79 115.02 -17.44
C ASP X 410 32.87 113.96 -16.84
N VAL X 411 33.41 113.14 -15.92
CA VAL X 411 32.60 112.12 -15.26
C VAL X 411 31.50 112.77 -14.43
N LEU X 412 31.83 113.84 -13.71
CA LEU X 412 30.83 114.52 -12.90
C LEU X 412 29.73 115.10 -13.76
N LEU X 413 30.09 115.72 -14.89
CA LEU X 413 29.07 116.26 -15.78
C LEU X 413 28.20 115.17 -16.39
N GLN X 414 28.79 114.02 -16.72
CA GLN X 414 28.00 112.90 -17.23
C GLN X 414 27.00 112.42 -16.19
N LEU X 415 27.45 112.27 -14.95
CA LEU X 415 26.53 111.87 -13.88
C LEU X 415 25.44 112.91 -13.68
N VAL X 416 25.79 114.19 -13.73
CA VAL X 416 24.81 115.25 -13.57
C VAL X 416 23.77 115.21 -14.68
N GLN X 417 24.21 114.97 -15.92
CA GLN X 417 23.27 114.89 -17.03
C GLN X 417 22.33 113.70 -16.88
N PHE X 418 22.87 112.54 -16.49
CA PHE X 418 22.02 111.38 -16.27
C PHE X 418 21.00 111.63 -15.17
N LEU X 419 21.42 112.28 -14.08
CA LEU X 419 20.50 112.53 -12.98
C LEU X 419 19.54 113.68 -13.25
N LEU X 420 19.84 114.55 -14.21
CA LEU X 420 18.92 115.61 -14.61
C LEU X 420 18.04 115.24 -15.79
N ASN X 421 18.25 114.06 -16.38
CA ASN X 421 17.27 113.57 -17.35
C ASN X 421 15.92 113.39 -16.65
N ARG X 422 14.87 113.92 -17.26
CA ARG X 422 13.55 113.95 -16.64
C ARG X 422 12.49 113.47 -17.62
N PRO X 423 11.39 112.92 -17.12
CA PRO X 423 10.28 112.53 -18.00
C PRO X 423 9.60 113.74 -18.60
N LYS X 424 8.97 113.51 -19.76
CA LYS X 424 8.20 114.56 -20.41
C LYS X 424 7.01 114.95 -19.54
N GLU X 425 6.73 116.25 -19.50
CA GLU X 425 5.67 116.79 -18.66
C GLU X 425 4.39 116.98 -19.46
N ASP X 426 3.28 116.53 -18.89
CA ASP X 426 1.98 116.66 -19.54
C ASP X 426 0.86 116.60 -18.52
N PHE Y 35 -63.58 -51.63 -27.99
CA PHE Y 35 -63.72 -50.27 -27.44
C PHE Y 35 -65.18 -49.82 -27.47
N ARG Y 36 -65.54 -48.97 -26.52
CA ARG Y 36 -66.90 -48.50 -26.36
C ARG Y 36 -67.02 -47.05 -26.79
N GLU Y 37 -68.13 -46.71 -27.44
CA GLU Y 37 -68.41 -45.35 -27.86
C GLU Y 37 -69.85 -45.00 -27.49
N VAL Y 38 -70.07 -43.71 -27.21
CA VAL Y 38 -71.39 -43.20 -26.85
C VAL Y 38 -71.86 -42.32 -28.00
N VAL Y 39 -73.04 -42.65 -28.55
CA VAL Y 39 -73.60 -41.91 -29.67
C VAL Y 39 -74.91 -41.28 -29.23
N GLU Y 40 -75.15 -40.06 -29.69
CA GLU Y 40 -76.34 -39.29 -29.34
C GLU Y 40 -77.17 -39.02 -30.58
N ILE Y 41 -78.49 -39.19 -30.44
CA ILE Y 41 -79.45 -38.97 -31.52
C ILE Y 41 -80.54 -38.05 -31.00
N LEU Y 42 -80.82 -36.98 -31.75
CA LEU Y 42 -81.85 -36.01 -31.40
C LEU Y 42 -82.91 -36.00 -32.49
N ASP Y 43 -84.18 -36.14 -32.09
CA ASP Y 43 -85.30 -36.15 -33.03
C ASP Y 43 -86.56 -35.75 -32.29
N GLY Y 44 -87.12 -34.59 -32.64
CA GLY Y 44 -88.36 -34.14 -32.05
C GLY Y 44 -88.27 -33.86 -30.56
N LYS Y 45 -87.21 -33.16 -30.15
CA LYS Y 45 -86.95 -32.84 -28.74
C LYS Y 45 -86.82 -34.10 -27.90
N THR Y 46 -86.33 -35.18 -28.50
CA THR Y 46 -86.09 -36.44 -27.81
C THR Y 46 -84.65 -36.85 -28.04
N THR Y 47 -83.94 -37.20 -26.96
CA THR Y 47 -82.53 -37.56 -27.03
C THR Y 47 -82.37 -39.01 -26.65
N ILE Y 48 -81.63 -39.76 -27.47
CA ILE Y 48 -81.31 -41.16 -27.21
C ILE Y 48 -79.80 -41.30 -27.28
N ILE Y 49 -79.19 -41.80 -26.20
CA ILE Y 49 -77.76 -42.08 -26.17
C ILE Y 49 -77.57 -43.58 -26.09
N GLU Y 50 -76.67 -44.10 -26.92
CA GLU Y 50 -76.44 -45.53 -27.06
C GLU Y 50 -74.97 -45.86 -26.92
N GLY Y 51 -74.68 -46.95 -26.23
CA GLY Y 51 -73.31 -47.42 -26.09
C GLY Y 51 -73.01 -48.56 -27.04
N ARG Y 52 -72.16 -48.31 -28.02
CA ARG Y 52 -71.82 -49.28 -29.06
C ARG Y 52 -70.41 -49.81 -28.80
N ILE Y 53 -70.25 -51.12 -28.89
CA ILE Y 53 -68.95 -51.76 -28.69
C ILE Y 53 -68.44 -52.21 -30.05
N THR Y 54 -67.23 -51.77 -30.40
CA THR Y 54 -66.56 -52.18 -31.62
C THR Y 54 -65.35 -53.04 -31.29
N GLU Y 55 -64.87 -53.76 -32.30
CA GLU Y 55 -63.73 -54.65 -32.11
C GLU Y 55 -62.47 -53.86 -31.80
N THR Y 56 -61.66 -54.39 -30.90
CA THR Y 56 -60.43 -53.77 -30.45
C THR Y 56 -59.28 -54.75 -30.61
N PRO Y 57 -58.08 -54.26 -30.89
CA PRO Y 57 -56.93 -55.16 -31.00
C PRO Y 57 -56.60 -55.82 -29.67
N GLN Y 58 -56.08 -57.04 -29.76
CA GLN Y 58 -55.69 -57.81 -28.59
C GLN Y 58 -54.16 -57.91 -28.53
N GLU Y 59 -53.67 -58.45 -27.42
CA GLU Y 59 -52.24 -58.63 -27.24
C GLU Y 59 -51.68 -59.63 -28.25
N SER Y 60 -50.43 -59.42 -28.64
CA SER Y 60 -49.80 -60.32 -29.59
C SER Y 60 -49.64 -61.71 -28.97
N PRO Y 61 -49.71 -62.77 -29.79
CA PRO Y 61 -49.77 -64.13 -29.23
C PRO Y 61 -48.55 -64.54 -28.43
N ASN Y 62 -47.35 -64.08 -28.80
CA ASN Y 62 -46.10 -64.60 -28.24
C ASN Y 62 -45.29 -63.49 -27.57
N PRO Y 63 -45.47 -63.28 -26.27
CA PRO Y 63 -44.58 -62.38 -25.54
C PRO Y 63 -43.28 -63.08 -25.18
N PRO Y 64 -42.14 -62.40 -25.31
CA PRO Y 64 -40.85 -63.06 -25.03
C PRO Y 64 -40.70 -63.53 -23.60
N ASN Y 65 -41.33 -62.85 -22.63
CA ASN Y 65 -41.22 -63.18 -21.21
C ASN Y 65 -42.63 -63.32 -20.65
N PRO Y 66 -43.31 -64.43 -20.95
CA PRO Y 66 -44.74 -64.52 -20.59
C PRO Y 66 -45.02 -64.47 -19.10
N THR Y 67 -44.04 -64.76 -18.24
CA THR Y 67 -44.30 -64.84 -16.81
C THR Y 67 -44.27 -63.47 -16.13
N GLY Y 68 -43.95 -62.40 -16.85
CA GLY Y 68 -43.95 -61.08 -16.24
C GLY Y 68 -45.35 -60.61 -15.93
N GLN Y 69 -45.50 -59.95 -14.77
CA GLN Y 69 -46.82 -59.50 -14.33
C GLN Y 69 -47.22 -58.16 -14.94
N CYS Y 70 -46.30 -57.49 -15.62
CA CYS Y 70 -46.41 -56.15 -16.18
C CYS Y 70 -46.23 -56.19 -17.69
N PRO Y 71 -47.00 -55.40 -18.46
CA PRO Y 71 -46.88 -55.45 -19.93
C PRO Y 71 -45.49 -55.16 -20.48
N ILE Y 72 -44.94 -54.00 -20.13
CA ILE Y 72 -43.60 -53.64 -20.59
C ILE Y 72 -42.57 -54.63 -20.06
N CYS Y 73 -42.67 -54.95 -18.77
CA CYS Y 73 -41.69 -55.80 -18.12
C CYS Y 73 -41.78 -57.27 -18.54
N ARG Y 74 -42.83 -57.66 -19.27
CA ARG Y 74 -42.91 -58.99 -19.85
C ARG Y 74 -42.65 -59.00 -21.35
N TRP Y 75 -42.83 -57.85 -22.01
CA TRP Y 75 -42.41 -57.72 -23.40
C TRP Y 75 -40.97 -57.28 -23.52
N ASN Y 76 -40.26 -57.14 -22.41
CA ASN Y 76 -38.82 -56.89 -22.38
C ASN Y 76 -38.47 -55.52 -22.93
N LEU Y 77 -39.34 -54.54 -22.69
CA LEU Y 77 -39.09 -53.16 -23.08
C LEU Y 77 -38.62 -52.30 -21.93
N LYS Y 78 -38.38 -52.91 -20.76
CA LYS Y 78 -37.91 -52.15 -19.60
C LYS Y 78 -36.53 -51.58 -19.88
N HIS Y 79 -36.36 -50.29 -19.61
CA HIS Y 79 -35.13 -49.56 -19.91
C HIS Y 79 -34.78 -49.62 -21.39
N LYS Y 80 -35.79 -49.70 -22.25
CA LYS Y 80 -35.57 -49.83 -23.69
C LYS Y 80 -36.29 -48.78 -24.53
N TYR Y 81 -37.29 -48.10 -24.00
CA TYR Y 81 -37.99 -47.11 -24.80
C TYR Y 81 -37.54 -45.70 -24.42
N ASN Y 82 -37.82 -44.76 -25.32
CA ASN Y 82 -37.49 -43.35 -25.11
C ASN Y 82 -38.70 -42.54 -25.54
N TYR Y 83 -38.51 -41.21 -25.61
CA TYR Y 83 -39.61 -40.34 -26.02
C TYR Y 83 -39.94 -40.49 -27.50
N GLU Y 84 -39.00 -40.97 -28.31
CA GLU Y 84 -39.20 -41.08 -29.75
C GLU Y 84 -39.81 -42.40 -30.18
N ASP Y 85 -40.09 -43.31 -29.24
CA ASP Y 85 -40.70 -44.59 -29.58
C ASP Y 85 -42.22 -44.46 -29.52
N VAL Y 86 -42.74 -43.74 -30.52
CA VAL Y 86 -44.17 -43.44 -30.56
C VAL Y 86 -44.98 -44.70 -30.83
N LEU Y 87 -44.42 -45.67 -31.55
CA LEU Y 87 -45.14 -46.92 -31.80
C LEU Y 87 -45.49 -47.64 -30.51
N LEU Y 88 -44.71 -47.43 -29.45
CA LEU Y 88 -45.02 -47.97 -28.13
C LEU Y 88 -45.79 -46.99 -27.27
N LEU Y 89 -45.45 -45.70 -27.36
CA LEU Y 89 -46.11 -44.71 -26.52
C LEU Y 89 -47.57 -44.47 -26.88
N SER Y 90 -47.94 -44.71 -28.14
CA SER Y 90 -49.31 -44.48 -28.59
C SER Y 90 -50.20 -45.70 -28.43
N GLN Y 91 -49.66 -46.81 -27.92
CA GLN Y 91 -50.48 -48.00 -27.72
C GLN Y 91 -51.59 -47.74 -26.73
N PHE Y 92 -51.28 -47.04 -25.64
CA PHE Y 92 -52.25 -46.68 -24.61
C PHE Y 92 -52.16 -45.20 -24.27
N ILE Y 93 -52.82 -44.39 -25.10
CA ILE Y 93 -53.14 -43.01 -24.82
C ILE Y 93 -54.49 -42.73 -25.49
N ARG Y 94 -55.26 -41.83 -24.90
CA ARG Y 94 -56.56 -41.51 -25.44
C ARG Y 94 -56.41 -40.81 -26.79
N PRO Y 95 -57.43 -40.90 -27.64
CA PRO Y 95 -57.33 -40.28 -28.97
C PRO Y 95 -57.10 -38.78 -28.95
N HIS Y 96 -57.31 -38.12 -27.80
CA HIS Y 96 -57.04 -36.69 -27.67
C HIS Y 96 -55.76 -36.41 -26.89
N GLY Y 97 -54.88 -37.40 -26.77
CA GLY Y 97 -53.57 -37.22 -26.19
C GLY Y 97 -53.46 -37.54 -24.72
N GLY Y 98 -54.58 -37.73 -24.02
CA GLY Y 98 -54.51 -38.03 -22.60
C GLY Y 98 -54.00 -39.43 -22.34
N MET Y 99 -53.36 -39.61 -21.19
CA MET Y 99 -52.84 -40.91 -20.82
C MET Y 99 -53.97 -41.82 -20.32
N LEU Y 100 -53.66 -43.11 -20.23
CA LEU Y 100 -54.65 -44.07 -19.75
C LEU Y 100 -54.36 -44.46 -18.31
N PRO Y 101 -55.40 -44.76 -17.52
CA PRO Y 101 -55.18 -45.08 -16.11
C PRO Y 101 -54.37 -46.35 -15.92
N ARG Y 102 -53.60 -46.38 -14.83
CA ARG Y 102 -52.75 -47.53 -14.55
C ARG Y 102 -53.57 -48.77 -14.26
N ARG Y 103 -54.70 -48.62 -13.55
CA ARG Y 103 -55.55 -49.77 -13.25
C ARG Y 103 -56.13 -50.40 -14.51
N ILE Y 104 -56.14 -49.66 -15.62
CA ILE Y 104 -56.61 -50.21 -16.88
C ILE Y 104 -55.46 -50.75 -17.73
N THR Y 105 -54.34 -50.01 -17.79
CA THR Y 105 -53.22 -50.45 -18.61
C THR Y 105 -52.55 -51.69 -18.03
N GLY Y 106 -52.33 -51.70 -16.72
CA GLY Y 106 -51.68 -52.82 -16.06
C GLY Y 106 -50.21 -52.62 -15.73
N LEU Y 107 -49.67 -51.43 -15.96
CA LEU Y 107 -48.25 -51.20 -15.72
C LEU Y 107 -47.93 -51.15 -14.24
N CYS Y 108 -46.67 -51.41 -13.91
CA CYS Y 108 -46.18 -51.06 -12.59
C CYS Y 108 -46.00 -49.55 -12.49
N GLN Y 109 -45.90 -49.06 -11.25
CA GLN Y 109 -45.94 -47.62 -11.03
C GLN Y 109 -44.80 -46.89 -11.73
N GLU Y 110 -43.59 -47.42 -11.63
CA GLU Y 110 -42.44 -46.76 -12.24
C GLU Y 110 -42.55 -46.73 -13.75
N GLU Y 111 -43.00 -47.84 -14.36
CA GLU Y 111 -43.16 -47.87 -15.81
C GLU Y 111 -44.27 -46.91 -16.24
N HIS Y 112 -45.35 -46.82 -15.46
CA HIS Y 112 -46.42 -45.88 -15.78
C HIS Y 112 -45.91 -44.44 -15.74
N LEU Y 113 -45.13 -44.10 -14.72
CA LEU Y 113 -44.58 -42.75 -14.64
C LEU Y 113 -43.62 -42.47 -15.79
N LYS Y 114 -42.76 -43.43 -16.12
CA LYS Y 114 -41.84 -43.25 -17.24
C LYS Y 114 -42.58 -43.04 -18.55
N ILE Y 115 -43.64 -43.84 -18.78
CA ILE Y 115 -44.37 -43.72 -20.03
C ILE Y 115 -45.15 -42.41 -20.08
N GLU Y 116 -45.68 -41.97 -18.95
CA GLU Y 116 -46.37 -40.67 -18.90
C GLU Y 116 -45.41 -39.54 -19.24
N GLU Y 117 -44.20 -39.57 -18.66
CA GLU Y 117 -43.21 -38.54 -18.97
C GLU Y 117 -42.79 -38.60 -20.43
N CYS Y 118 -42.63 -39.81 -20.97
CA CYS Y 118 -42.27 -39.96 -22.38
C CYS Y 118 -43.36 -39.42 -23.30
N VAL Y 119 -44.62 -39.66 -22.95
CA VAL Y 119 -45.73 -39.14 -23.74
C VAL Y 119 -45.73 -37.62 -23.69
N LYS Y 120 -45.49 -37.04 -22.52
CA LYS Y 120 -45.41 -35.58 -22.42
C LYS Y 120 -44.29 -35.04 -23.29
N MET Y 121 -43.12 -35.67 -23.24
CA MET Y 121 -41.99 -35.20 -24.03
C MET Y 121 -42.27 -35.30 -25.52
N ALA Y 122 -42.91 -36.40 -25.95
CA ALA Y 122 -43.24 -36.55 -27.36
C ALA Y 122 -44.26 -35.51 -27.81
N HIS Y 123 -45.29 -35.28 -27.00
CA HIS Y 123 -46.29 -34.27 -27.34
C HIS Y 123 -45.66 -32.90 -27.47
N ARG Y 124 -44.75 -32.55 -26.55
CA ARG Y 124 -44.08 -31.25 -26.65
C ARG Y 124 -43.13 -31.20 -27.84
N ALA Y 125 -42.45 -32.30 -28.14
CA ALA Y 125 -41.51 -32.34 -29.26
C ALA Y 125 -42.23 -32.27 -30.60
N GLY Y 126 -43.51 -32.62 -30.65
CA GLY Y 126 -44.28 -32.55 -31.88
C GLY Y 126 -44.65 -33.91 -32.44
N LEU Y 127 -44.12 -34.99 -31.88
CA LEU Y 127 -44.55 -36.32 -32.27
C LEU Y 127 -46.02 -36.52 -31.89
N LEU Y 128 -46.63 -37.54 -32.48
CA LEU Y 128 -48.06 -37.82 -32.28
C LEU Y 128 -48.89 -36.60 -32.69
N PRO Y 129 -48.91 -36.22 -33.96
CA PRO Y 129 -49.66 -35.02 -34.36
C PRO Y 129 -51.14 -35.24 -34.53
N ASN Y 130 -51.61 -36.49 -34.61
CA ASN Y 130 -53.02 -36.77 -34.79
C ASN Y 130 -53.76 -36.99 -33.48
N HIS Y 131 -53.08 -36.85 -32.34
CA HIS Y 131 -53.67 -37.11 -31.03
C HIS Y 131 -54.12 -35.82 -30.34
N ARG Y 132 -54.67 -34.88 -31.10
CA ARG Y 132 -55.14 -33.62 -30.57
C ARG Y 132 -56.62 -33.41 -30.91
N PRO Y 133 -57.35 -32.67 -30.08
CA PRO Y 133 -58.75 -32.38 -30.41
C PRO Y 133 -58.87 -31.54 -31.67
N LYS Y 134 -59.97 -31.72 -32.38
CA LYS Y 134 -60.22 -31.00 -33.63
C LYS Y 134 -61.08 -29.77 -33.34
N LEU Y 135 -60.56 -28.59 -33.68
CA LEU Y 135 -61.27 -27.32 -33.51
C LEU Y 135 -61.19 -26.56 -34.83
N PRO Y 136 -62.18 -26.72 -35.71
CA PRO Y 136 -62.17 -25.96 -36.98
C PRO Y 136 -62.19 -24.46 -36.78
N GLU Y 137 -62.86 -23.96 -35.73
CA GLU Y 137 -62.90 -22.52 -35.50
C GLU Y 137 -61.56 -21.98 -35.04
N GLY Y 138 -60.78 -22.77 -34.31
CA GLY Y 138 -59.48 -22.34 -33.84
C GLY Y 138 -58.31 -22.68 -34.74
N PHE Y 139 -58.50 -23.58 -35.71
CA PHE Y 139 -57.43 -23.96 -36.62
C PHE Y 139 -57.22 -22.93 -37.74
N VAL Y 140 -58.20 -22.05 -37.97
CA VAL Y 140 -58.10 -21.04 -39.02
C VAL Y 140 -57.18 -19.91 -38.59
N PRO Y 141 -57.31 -19.33 -37.36
CA PRO Y 141 -56.40 -18.24 -36.99
C PRO Y 141 -55.00 -18.75 -36.67
N LYS Y 142 -54.18 -18.94 -37.71
CA LYS Y 142 -52.82 -19.42 -37.53
C LYS Y 142 -51.99 -18.42 -36.72
N SER Y 143 -51.03 -18.95 -35.98
CA SER Y 143 -50.18 -18.17 -35.10
C SER Y 143 -48.73 -18.27 -35.58
N LYS Y 144 -47.81 -17.79 -34.75
CA LYS Y 144 -46.40 -17.83 -35.09
C LYS Y 144 -45.95 -19.29 -35.27
N PRO Y 145 -45.00 -19.54 -36.17
CA PRO Y 145 -44.58 -20.93 -36.43
C PRO Y 145 -44.05 -21.59 -35.16
N ARG Y 146 -44.37 -22.87 -35.01
CA ARG Y 146 -43.98 -23.60 -33.81
C ARG Y 146 -42.47 -23.79 -33.78
N LEU Y 147 -41.88 -23.55 -32.61
CA LEU Y 147 -40.45 -23.75 -32.42
C LEU Y 147 -40.16 -25.23 -32.25
N ASN Y 148 -39.21 -25.74 -33.04
CA ASN Y 148 -38.83 -27.15 -32.92
C ASN Y 148 -38.10 -27.38 -31.60
N ARG Y 149 -38.43 -28.49 -30.95
CA ARG Y 149 -37.84 -28.82 -29.66
C ARG Y 149 -37.93 -30.32 -29.46
N TYR Y 150 -37.12 -30.82 -28.52
CA TYR Y 150 -37.15 -32.23 -28.15
C TYR Y 150 -36.52 -32.38 -26.78
N LEU Y 151 -36.86 -33.50 -26.12
CA LEU Y 151 -36.35 -33.81 -24.78
C LEU Y 151 -36.69 -32.71 -23.78
N THR Y 152 -37.87 -32.11 -23.93
CA THR Y 152 -38.28 -30.99 -23.11
C THR Y 152 -38.90 -31.50 -21.81
N ARG Y 153 -38.30 -31.12 -20.68
CA ARG Y 153 -38.76 -31.61 -19.38
C ARG Y 153 -39.95 -30.81 -18.88
N TRP Y 154 -39.79 -29.51 -18.71
CA TRP Y 154 -40.84 -28.68 -18.17
C TRP Y 154 -41.85 -28.28 -19.25
N SER Y 155 -42.94 -27.68 -18.83
CA SER Y 155 -43.91 -27.09 -19.74
C SER Y 155 -43.32 -25.82 -20.36
N PRO Y 156 -43.50 -25.60 -21.67
CA PRO Y 156 -42.90 -24.41 -22.30
C PRO Y 156 -43.38 -23.08 -21.73
N ARG Y 157 -44.58 -23.04 -21.15
CA ARG Y 157 -45.16 -21.80 -20.66
C ARG Y 157 -44.89 -21.58 -19.18
N SER Y 158 -44.12 -22.45 -18.53
CA SER Y 158 -43.88 -22.36 -17.10
C SER Y 158 -42.43 -22.08 -16.73
N VAL Y 159 -41.53 -21.97 -17.70
CA VAL Y 159 -40.11 -21.75 -17.44
C VAL Y 159 -39.78 -20.29 -17.61
N LYS Y 160 -39.04 -19.73 -16.66
CA LYS Y 160 -38.54 -18.36 -16.75
C LYS Y 160 -37.12 -18.36 -17.28
N PRO Y 161 -36.78 -17.40 -18.13
CA PRO Y 161 -35.41 -17.33 -18.65
C PRO Y 161 -34.40 -17.09 -17.54
N ILE Y 162 -33.24 -17.72 -17.65
CA ILE Y 162 -32.18 -17.60 -16.66
C ILE Y 162 -31.32 -16.41 -17.08
N TYR Y 163 -31.62 -15.24 -16.51
CA TYR Y 163 -30.90 -14.02 -16.88
C TYR Y 163 -29.51 -13.96 -16.27
N ASN Y 164 -29.29 -14.60 -15.14
CA ASN Y 164 -28.02 -14.48 -14.43
C ASN Y 164 -27.02 -15.56 -14.81
N LYS Y 165 -27.46 -16.82 -14.83
CA LYS Y 165 -26.71 -17.93 -15.41
C LYS Y 165 -25.50 -18.34 -14.58
N GLY Y 166 -25.13 -17.54 -13.58
CA GLY Y 166 -24.06 -17.89 -12.67
C GLY Y 166 -22.68 -18.04 -13.29
N HIS Y 167 -21.65 -18.10 -12.46
CA HIS Y 167 -20.29 -18.38 -12.91
C HIS Y 167 -20.02 -19.89 -12.83
N ARG Y 168 -18.75 -20.25 -12.96
CA ARG Y 168 -18.37 -21.65 -13.03
C ARG Y 168 -18.66 -22.38 -11.71
N TRP Y 169 -18.45 -21.71 -10.58
CA TRP Y 169 -18.65 -22.37 -9.29
C TRP Y 169 -20.13 -22.54 -8.97
N ASN Y 170 -20.96 -21.59 -9.37
CA ASN Y 170 -22.42 -21.67 -9.17
C ASN Y 170 -23.09 -21.45 -10.52
N LYS Y 171 -23.20 -22.51 -11.30
CA LYS Y 171 -23.73 -22.44 -12.66
C LYS Y 171 -25.17 -22.93 -12.68
N VAL Y 172 -26.05 -22.15 -13.31
CA VAL Y 172 -27.46 -22.52 -13.45
C VAL Y 172 -27.58 -23.38 -14.70
N ARG Y 173 -27.82 -24.67 -14.51
CA ARG Y 173 -27.89 -25.61 -15.61
C ARG Y 173 -29.33 -25.76 -16.12
N MET Y 174 -29.45 -26.02 -17.42
CA MET Y 174 -30.76 -26.18 -18.05
C MET Y 174 -31.11 -27.66 -18.13
N PRO Y 175 -32.19 -28.10 -17.50
CA PRO Y 175 -32.52 -29.53 -17.52
C PRO Y 175 -32.95 -29.99 -18.91
N VAL Y 176 -32.43 -31.14 -19.32
CA VAL Y 176 -32.72 -31.75 -20.61
C VAL Y 176 -33.14 -33.19 -20.37
N GLY Y 177 -34.26 -33.59 -20.95
CA GLY Y 177 -34.77 -34.92 -20.71
C GLY Y 177 -35.34 -35.03 -19.30
N SER Y 178 -35.52 -36.28 -18.88
CA SER Y 178 -36.12 -36.51 -17.57
C SER Y 178 -35.23 -37.39 -16.71
N PRO Y 179 -35.22 -37.20 -15.40
CA PRO Y 179 -34.47 -38.10 -14.51
C PRO Y 179 -35.09 -39.47 -14.36
N LEU Y 180 -36.34 -39.66 -14.78
CA LEU Y 180 -36.97 -40.97 -14.72
C LEU Y 180 -36.34 -41.95 -15.69
N LEU Y 181 -35.75 -41.47 -16.78
CA LEU Y 181 -35.16 -42.31 -17.81
C LEU Y 181 -33.65 -42.43 -17.65
N LYS Y 182 -33.11 -42.15 -16.47
CA LYS Y 182 -31.68 -42.28 -16.23
C LYS Y 182 -31.21 -43.73 -16.14
N ASP Y 183 -32.13 -44.68 -16.04
CA ASP Y 183 -31.79 -46.09 -15.93
C ASP Y 183 -31.84 -46.81 -17.26
N ASN Y 184 -32.07 -46.09 -18.37
CA ASN Y 184 -32.12 -46.73 -19.68
C ASN Y 184 -30.75 -47.28 -20.04
N VAL Y 185 -30.75 -48.30 -20.91
CA VAL Y 185 -29.51 -48.94 -21.31
C VAL Y 185 -28.66 -47.96 -22.11
N SER Y 186 -27.39 -47.86 -21.77
CA SER Y 186 -26.45 -46.96 -22.42
C SER Y 186 -25.39 -47.81 -23.11
N TYR Y 187 -25.44 -47.87 -24.45
CA TYR Y 187 -24.48 -48.67 -25.19
C TYR Y 187 -23.10 -48.05 -25.16
N SER Y 188 -23.01 -46.72 -25.21
CA SER Y 188 -21.72 -46.06 -25.17
C SER Y 188 -21.11 -46.06 -23.78
N GLY Y 189 -21.93 -46.24 -22.74
CA GLY Y 189 -21.45 -46.27 -21.37
C GLY Y 189 -21.44 -44.93 -20.68
N ARG Y 190 -21.51 -43.83 -21.43
CA ARG Y 190 -21.51 -42.50 -20.83
C ARG Y 190 -22.88 -42.20 -20.23
N PRO Y 191 -22.95 -41.74 -18.99
CA PRO Y 191 -24.24 -41.40 -18.40
C PRO Y 191 -24.90 -40.25 -19.14
N LEU Y 192 -26.23 -40.27 -19.16
CA LEU Y 192 -26.98 -39.24 -19.84
C LEU Y 192 -26.84 -37.90 -19.13
N LEU Y 193 -26.68 -36.84 -19.91
CA LEU Y 193 -26.55 -35.49 -19.38
C LEU Y 193 -27.96 -34.91 -19.24
N LEU Y 194 -28.55 -35.13 -18.06
CA LEU Y 194 -29.90 -34.64 -17.81
C LEU Y 194 -29.95 -33.15 -17.51
N TYR Y 195 -28.81 -32.52 -17.24
CA TYR Y 195 -28.75 -31.09 -16.92
C TYR Y 195 -27.66 -30.46 -17.76
N HIS Y 196 -28.05 -29.74 -18.80
CA HIS Y 196 -27.10 -29.03 -19.64
C HIS Y 196 -27.77 -27.92 -20.44
N GLU Z 46 -75.77 -80.67 -7.10
CA GLU Z 46 -77.14 -80.24 -6.86
C GLU Z 46 -77.30 -78.74 -7.08
N ALA Z 47 -78.44 -78.35 -7.64
CA ALA Z 47 -78.72 -76.94 -7.90
C ALA Z 47 -80.23 -76.76 -7.99
N LEU Z 48 -80.66 -75.51 -8.07
CA LEU Z 48 -82.06 -75.17 -8.16
C LEU Z 48 -82.43 -74.82 -9.61
N ALA Z 49 -83.66 -74.37 -9.82
CA ALA Z 49 -84.17 -74.08 -11.15
C ALA Z 49 -83.62 -72.75 -11.66
N GLY Z 50 -84.07 -72.36 -12.84
CA GLY Z 50 -83.68 -71.12 -13.47
C GLY Z 50 -84.67 -69.98 -13.37
N ALA Z 51 -85.79 -70.19 -12.66
CA ALA Z 51 -86.82 -69.18 -12.45
C ALA Z 51 -87.40 -68.67 -13.76
N PRO Z 52 -88.13 -69.50 -14.50
CA PRO Z 52 -88.81 -69.00 -15.69
C PRO Z 52 -89.92 -68.01 -15.34
N LEU Z 53 -90.18 -67.10 -16.27
CA LEU Z 53 -91.18 -66.06 -16.11
C LEU Z 53 -92.39 -66.35 -16.99
N ASP Z 54 -93.39 -65.48 -16.88
CA ASP Z 54 -94.62 -65.61 -17.64
C ASP Z 54 -94.55 -64.95 -19.02
N ASN Z 55 -93.47 -64.22 -19.32
CA ASN Z 55 -93.34 -63.61 -20.63
C ASN Z 55 -93.24 -64.66 -21.72
N ALA Z 56 -92.50 -65.74 -21.47
CA ALA Z 56 -92.40 -66.87 -22.41
C ALA Z 56 -92.62 -68.19 -21.68
N PRO Z 57 -93.68 -68.29 -20.88
CA PRO Z 57 -93.94 -69.52 -20.13
C PRO Z 57 -94.51 -70.61 -21.04
N LYS Z 58 -93.67 -71.60 -21.35
CA LYS Z 58 -94.10 -72.72 -22.19
C LYS Z 58 -93.68 -74.08 -21.67
N GLU Z 59 -92.76 -74.16 -20.71
CA GLU Z 59 -92.27 -75.42 -20.18
C GLU Z 59 -92.71 -75.57 -18.73
N TYR Z 60 -93.33 -76.70 -18.42
CA TYR Z 60 -93.73 -77.02 -17.05
C TYR Z 60 -92.92 -78.18 -16.51
N PRO Z 61 -92.71 -78.24 -15.19
CA PRO Z 61 -91.95 -79.35 -14.61
C PRO Z 61 -92.61 -80.68 -14.90
N PRO Z 62 -91.82 -81.73 -15.18
CA PRO Z 62 -92.42 -83.03 -15.53
C PRO Z 62 -93.12 -83.71 -14.37
N LYS Z 63 -93.00 -83.21 -13.14
CA LYS Z 63 -93.64 -83.85 -12.00
C LYS Z 63 -95.17 -83.84 -12.14
N ILE Z 64 -95.74 -82.71 -12.54
CA ILE Z 64 -97.19 -82.65 -12.68
C ILE Z 64 -97.67 -83.55 -13.82
N GLN Z 65 -96.93 -83.59 -14.93
CA GLN Z 65 -97.31 -84.46 -16.03
C GLN Z 65 -97.25 -85.93 -15.64
N GLN Z 66 -96.20 -86.33 -14.91
CA GLN Z 66 -96.12 -87.72 -14.50
C GLN Z 66 -97.17 -88.07 -13.45
N LEU Z 67 -97.54 -87.10 -12.60
CA LEU Z 67 -98.64 -87.33 -11.67
C LEU Z 67 -99.96 -87.52 -12.42
N VAL Z 68 -100.19 -86.72 -13.47
CA VAL Z 68 -101.39 -86.89 -14.30
C VAL Z 68 -101.38 -88.26 -14.96
N GLN Z 69 -100.23 -88.70 -15.46
CA GLN Z 69 -100.14 -90.01 -16.09
C GLN Z 69 -100.41 -91.12 -15.08
N ASP Z 70 -99.89 -90.99 -13.86
CA ASP Z 70 -100.17 -91.98 -12.82
C ASP Z 70 -101.66 -92.01 -12.47
N ILE Z 71 -102.29 -90.84 -12.42
CA ILE Z 71 -103.72 -90.77 -12.15
C ILE Z 71 -104.49 -91.50 -13.25
N ALA Z 72 -104.12 -91.25 -14.51
CA ALA Z 72 -104.84 -91.81 -15.64
C ALA Z 72 -104.56 -93.29 -15.85
N SER Z 73 -103.44 -93.81 -15.33
CA SER Z 73 -103.08 -95.20 -15.54
C SER Z 73 -103.58 -96.13 -14.44
N LEU Z 74 -104.69 -95.78 -13.79
CA LEU Z 74 -105.25 -96.61 -12.73
C LEU Z 74 -106.77 -96.71 -12.91
N THR Z 75 -107.34 -97.75 -12.29
CA THR Z 75 -108.73 -98.10 -12.51
C THR Z 75 -109.66 -97.31 -11.59
N LEU Z 76 -110.97 -97.48 -11.80
CA LEU Z 76 -111.97 -96.74 -11.04
C LEU Z 76 -111.97 -97.15 -9.57
N LEU Z 77 -111.65 -98.41 -9.26
CA LEU Z 77 -111.51 -98.81 -7.87
C LEU Z 77 -110.38 -98.05 -7.19
N GLU Z 78 -109.25 -97.90 -7.89
CA GLU Z 78 -108.15 -97.11 -7.36
C GLU Z 78 -108.55 -95.65 -7.21
N ILE Z 79 -109.32 -95.13 -8.16
CA ILE Z 79 -109.80 -93.75 -8.06
C ILE Z 79 -110.66 -93.57 -6.81
N SER Z 80 -111.57 -94.53 -6.58
CA SER Z 80 -112.44 -94.45 -5.41
C SER Z 80 -111.64 -94.51 -4.12
N ASP Z 81 -110.68 -95.43 -4.04
CA ASP Z 81 -109.86 -95.53 -2.84
C ASP Z 81 -109.04 -94.26 -2.64
N LEU Z 82 -108.49 -93.70 -3.72
CA LEU Z 82 -107.69 -92.49 -3.62
C LEU Z 82 -108.52 -91.32 -3.12
N ASN Z 83 -109.70 -91.11 -3.71
CA ASN Z 83 -110.51 -89.96 -3.30
C ASN Z 83 -111.04 -90.14 -1.89
N GLU Z 84 -111.40 -91.37 -1.49
CA GLU Z 84 -111.85 -91.58 -0.12
C GLU Z 84 -110.71 -91.36 0.88
N LEU Z 85 -109.48 -91.77 0.52
CA LEU Z 85 -108.35 -91.53 1.41
C LEU Z 85 -108.05 -90.05 1.55
N LEU Z 86 -108.09 -89.30 0.43
CA LEU Z 86 -107.89 -87.86 0.51
C LEU Z 86 -109.01 -87.18 1.31
N LYS Z 87 -110.24 -87.66 1.16
CA LYS Z 87 -111.33 -87.12 1.97
C LYS Z 87 -111.12 -87.37 3.46
N LYS Z 88 -110.68 -88.59 3.81
CA LYS Z 88 -110.45 -88.91 5.22
C LYS Z 88 -109.31 -88.08 5.80
N THR Z 89 -108.21 -87.95 5.06
CA THR Z 89 -107.05 -87.24 5.58
C THR Z 89 -107.25 -85.73 5.56
N LEU Z 90 -107.43 -85.16 4.37
CA LEU Z 90 -107.62 -83.73 4.23
C LEU Z 90 -109.10 -83.40 4.07
N PRO AA 2 55.88 19.23 0.33
CA PRO AA 2 57.28 19.09 0.75
C PRO AA 2 57.45 19.26 2.25
N LEU AA 3 58.69 19.21 2.72
CA LEU AA 3 59.00 19.33 4.14
C LEU AA 3 60.04 20.43 4.35
N HIS AA 4 59.93 21.12 5.47
CA HIS AA 4 60.95 22.09 5.86
C HIS AA 4 62.25 21.37 6.17
N LYS AA 5 63.37 21.98 5.78
CA LYS AA 5 64.67 21.44 6.16
C LYS AA 5 64.86 21.48 7.67
N VAL AA 6 64.46 22.58 8.29
CA VAL AA 6 64.63 22.79 9.73
C VAL AA 6 63.27 22.65 10.39
N PRO AA 7 63.15 21.90 11.50
CA PRO AA 7 61.86 21.82 12.19
C PRO AA 7 61.44 23.19 12.72
N VAL AA 8 60.11 23.36 12.84
CA VAL AA 8 59.56 24.64 13.26
C VAL AA 8 60.03 25.03 14.64
N GLY AA 9 60.38 24.04 15.48
CA GLY AA 9 60.87 24.34 16.81
C GLY AA 9 62.17 25.13 16.81
N LEU AA 10 63.05 24.86 15.86
CA LEU AA 10 64.34 25.53 15.78
C LEU AA 10 64.28 26.85 15.03
N TRP AA 11 63.10 27.29 14.58
CA TRP AA 11 63.01 28.54 13.83
C TRP AA 11 63.43 29.72 14.70
N LYS AA 12 62.98 29.75 15.96
CA LYS AA 12 63.34 30.86 16.85
C LYS AA 12 64.84 30.89 17.13
N GLN AA 13 65.43 29.71 17.37
CA GLN AA 13 66.88 29.67 17.60
C GLN AA 13 67.66 30.10 16.37
N LEU AA 14 67.21 29.69 15.18
CA LEU AA 14 67.89 30.12 13.96
C LEU AA 14 67.75 31.62 13.75
N ARG AA 15 66.59 32.18 14.05
CA ARG AA 15 66.41 33.63 13.95
C ARG AA 15 67.31 34.37 14.94
N LEU AA 16 67.48 33.81 16.15
CA LEU AA 16 68.40 34.41 17.11
C LEU AA 16 69.85 34.26 16.66
N TRP AA 17 70.17 33.19 15.93
CA TRP AA 17 71.54 33.00 15.46
C TRP AA 17 71.87 33.88 14.27
N GLU AA 18 70.89 34.20 13.43
CA GLU AA 18 71.12 34.96 12.22
C GLU AA 18 70.67 36.41 12.38
N GLY AA 19 71.47 37.33 11.85
CA GLY AA 19 71.11 38.74 11.82
C GLY AA 19 71.72 39.54 12.94
N ILE AA 20 71.04 40.65 13.27
CA ILE AA 20 71.49 41.54 14.33
C ILE AA 20 71.50 40.83 15.68
N TYR AA 21 70.69 39.78 15.83
CA TYR AA 21 70.66 39.04 17.08
C TYR AA 21 72.00 38.37 17.37
N SER AA 22 72.78 38.08 16.33
CA SER AA 22 74.10 37.49 16.52
C SER AA 22 75.12 38.52 17.00
N ARG AA 23 74.86 39.81 16.80
CA ARG AA 23 75.77 40.86 17.25
C ARG AA 23 75.57 41.24 18.70
N LEU AA 24 74.59 40.64 19.38
CA LEU AA 24 74.40 40.91 20.79
C LEU AA 24 75.55 40.33 21.61
N PRO AA 25 75.82 40.88 22.79
CA PRO AA 25 76.94 40.38 23.60
C PRO AA 25 76.77 38.91 23.97
N ARG AA 26 77.90 38.21 24.07
CA ARG AA 26 77.86 36.77 24.30
C ARG AA 26 77.26 36.42 25.65
N HIS AA 27 77.57 37.21 26.69
CA HIS AA 27 77.01 36.94 28.00
C HIS AA 27 75.50 37.11 28.00
N TYR AA 28 74.99 38.14 27.34
CA TYR AA 28 73.54 38.31 27.22
C TYR AA 28 72.92 37.14 26.45
N LEU AA 29 73.56 36.74 25.35
CA LEU AA 29 73.03 35.65 24.55
C LEU AA 29 72.95 34.36 25.35
N ARG AA 30 74.00 34.06 26.12
CA ARG AA 30 74.00 32.83 26.92
C ARG AA 30 73.03 32.93 28.10
N SER AA 31 72.85 34.13 28.66
CA SER AA 31 71.90 34.29 29.76
C SER AA 31 70.47 34.04 29.28
N LEU AA 32 70.13 34.49 28.07
CA LEU AA 32 68.82 34.15 27.53
C LEU AA 32 68.74 32.71 27.03
N GLU AA 33 69.85 32.14 26.56
CA GLU AA 33 69.82 30.76 26.08
C GLU AA 33 69.58 29.78 27.23
N GLU AA 34 70.23 29.98 28.36
CA GLU AA 34 70.04 29.10 29.50
C GLU AA 34 68.62 29.19 30.02
N ALA AA 35 68.06 28.06 30.41
CA ALA AA 35 66.68 27.96 30.88
C ALA AA 35 66.68 27.21 32.21
N ARG AA 36 66.81 27.96 33.31
CA ARG AA 36 66.75 27.36 34.63
C ARG AA 36 65.31 27.15 35.06
N THR AA 37 65.07 26.07 35.79
CA THR AA 37 63.72 25.78 36.27
C THR AA 37 63.37 26.73 37.41
N PRO AA 38 62.24 27.43 37.33
CA PRO AA 38 61.83 28.30 38.44
C PRO AA 38 61.50 27.48 39.69
N THR AA 39 61.66 28.13 40.84
CA THR AA 39 61.39 27.46 42.10
C THR AA 39 59.91 27.12 42.20
N PRO AA 40 59.55 25.97 42.81
CA PRO AA 40 58.13 25.63 42.96
C PRO AA 40 57.43 26.60 43.89
N VAL AA 41 56.30 27.13 43.45
CA VAL AA 41 55.53 28.11 44.20
C VAL AA 41 54.12 27.60 44.50
N HIS AA 42 53.39 27.17 43.46
CA HIS AA 42 52.02 26.72 43.62
C HIS AA 42 51.88 25.22 43.78
N TYR AA 43 52.97 24.47 43.67
CA TYR AA 43 52.95 23.03 43.87
C TYR AA 43 54.07 22.62 44.82
N ARG AA 44 53.81 21.57 45.60
CA ARG AA 44 54.81 21.08 46.55
C ARG AA 44 55.66 20.00 45.91
N PRO AA 45 56.97 20.20 45.78
CA PRO AA 45 57.82 19.14 45.22
C PRO AA 45 58.05 18.02 46.23
N HIS AA 46 58.39 16.86 45.69
CA HIS AA 46 58.77 15.70 46.48
C HIS AA 46 60.29 15.53 46.45
N GLY AA 47 60.83 15.02 47.55
CA GLY AA 47 62.27 14.93 47.71
C GLY AA 47 62.97 13.89 46.85
N ALA AA 48 62.72 12.62 47.11
CA ALA AA 48 63.47 11.56 46.47
C ALA AA 48 63.05 11.37 45.02
N LYS AA 49 63.98 10.87 44.21
CA LYS AA 49 63.69 10.54 42.83
C LYS AA 49 62.98 9.20 42.69
N PHE AA 50 63.06 8.34 43.71
CA PHE AA 50 62.42 7.04 43.72
C PHE AA 50 61.48 6.96 44.92
N LYS AA 51 60.31 6.35 44.72
CA LYS AA 51 59.36 6.19 45.81
C LYS AA 51 58.75 4.80 45.77
N ILE AA 52 58.34 4.32 46.94
CA ILE AA 52 57.72 3.01 47.06
C ILE AA 52 56.22 3.16 46.88
N ASN AA 53 55.67 2.46 45.90
CA ASN AA 53 54.24 2.52 45.62
C ASN AA 53 53.48 1.84 46.75
N PRO AA 54 52.59 2.54 47.45
CA PRO AA 54 51.90 1.89 48.59
C PRO AA 54 51.07 0.68 48.20
N LYS AA 55 50.45 0.69 47.02
CA LYS AA 55 49.62 -0.44 46.59
C LYS AA 55 50.45 -1.55 45.93
N ASN AA 56 51.57 -1.20 45.32
CA ASN AA 56 52.39 -2.18 44.61
C ASN AA 56 53.58 -2.66 45.43
N TRP AA 57 54.00 -1.89 46.43
CA TRP AA 57 55.17 -2.22 47.26
C TRP AA 57 56.42 -2.41 46.41
N GLN AA 58 56.56 -1.57 45.38
CA GLN AA 58 57.72 -1.61 44.50
C GLN AA 58 58.28 -0.20 44.33
N ARG AA 59 59.57 -0.13 44.06
CA ARG AA 59 60.24 1.15 43.87
C ARG AA 59 60.05 1.64 42.45
N GLU AA 60 59.55 2.87 42.31
CA GLU AA 60 59.27 3.46 41.01
C GLU AA 60 59.84 4.86 40.95
N ARG AA 61 60.30 5.24 39.75
CA ARG AA 61 60.82 6.58 39.51
C ARG AA 61 59.67 7.58 39.52
N VAL AA 62 59.89 8.73 40.14
CA VAL AA 62 58.89 9.79 40.21
C VAL AA 62 59.60 11.13 39.99
N GLU AA 63 58.95 12.02 39.25
CA GLU AA 63 59.54 13.30 38.88
C GLU AA 63 58.56 14.43 39.16
N ASP AA 64 59.04 15.66 38.95
CA ASP AA 64 58.27 16.86 39.20
C ASP AA 64 57.76 17.44 37.89
N VAL AA 65 56.45 17.67 37.82
CA VAL AA 65 55.81 18.30 36.66
C VAL AA 65 55.34 19.68 37.10
N PRO AA 66 55.97 20.76 36.63
CA PRO AA 66 55.54 22.10 37.05
C PRO AA 66 54.12 22.40 36.62
N ILE AA 67 53.39 23.09 37.48
CA ILE AA 67 52.00 23.45 37.20
C ILE AA 67 51.98 24.77 36.43
N PRO AA 68 51.32 24.84 35.28
CA PRO AA 68 51.32 26.09 34.50
C PRO AA 68 50.67 27.22 35.28
N VAL AA 69 51.36 28.37 35.31
CA VAL AA 69 50.90 29.56 36.00
C VAL AA 69 50.80 30.68 34.99
N HIS AA 70 49.66 31.37 34.99
CA HIS AA 70 49.43 32.49 34.08
C HIS AA 70 49.73 33.80 34.79
N TYR AA 71 50.62 34.59 34.20
CA TYR AA 71 51.00 35.88 34.76
C TYR AA 71 50.30 36.99 33.99
N PRO AA 72 49.32 37.68 34.59
CA PRO AA 72 48.64 38.76 33.88
C PRO AA 72 49.57 39.92 33.63
N PRO AA 73 49.26 40.78 32.65
CA PRO AA 73 50.18 41.87 32.31
C PRO AA 73 50.47 42.83 33.45
N GLU AA 74 49.54 42.99 34.39
CA GLU AA 74 49.79 43.89 35.51
C GLU AA 74 50.75 43.31 36.54
N SER AA 75 51.12 42.04 36.41
CA SER AA 75 52.12 41.47 37.31
C SER AA 75 53.52 41.98 37.00
N GLN AA 76 53.76 42.46 35.78
CA GLN AA 76 55.06 42.99 35.41
C GLN AA 76 55.34 44.36 35.99
N LEU AA 77 54.33 45.06 36.50
CA LEU AA 77 54.51 46.35 37.12
C LEU AA 77 54.71 46.27 38.63
N GLY AA 78 54.73 45.06 39.19
CA GLY AA 78 54.93 44.88 40.61
C GLY AA 78 55.81 43.69 40.91
N LEU AA 79 55.84 43.28 42.19
CA LEU AA 79 56.64 42.14 42.63
C LEU AA 79 55.69 41.16 43.32
N TRP AA 80 55.28 40.13 42.60
CA TRP AA 80 54.32 39.17 43.11
C TRP AA 80 54.96 37.96 43.77
N GLY AA 81 56.29 37.90 43.83
CA GLY AA 81 56.96 36.78 44.47
C GLY AA 81 57.00 35.52 43.66
N GLY AA 82 56.79 35.60 42.35
CA GLY AA 82 56.83 34.42 41.51
C GLY AA 82 55.53 33.66 41.39
N GLU AA 83 54.46 34.14 42.03
CA GLU AA 83 53.16 33.50 41.94
C GLU AA 83 52.23 34.32 41.04
N GLY AA 84 51.22 33.64 40.52
CA GLY AA 84 50.26 34.29 39.64
C GLY AA 84 48.91 33.61 39.67
N TRP AA 85 48.26 33.51 38.50
CA TRP AA 85 46.94 32.93 38.39
C TRP AA 85 47.05 31.46 38.00
N VAL AA 86 46.41 30.61 38.78
CA VAL AA 86 46.33 29.18 38.48
C VAL AA 86 45.01 28.93 37.75
N LEU AA 87 45.10 28.64 36.46
CA LEU AA 87 43.92 28.36 35.64
C LEU AA 87 43.80 26.86 35.48
N GLY AA 88 42.72 26.28 35.98
CA GLY AA 88 42.57 24.85 35.89
C GLY AA 88 41.14 24.41 36.06
N HIS AA 89 40.99 23.16 36.51
CA HIS AA 89 39.70 22.58 36.77
C HIS AA 89 39.67 22.01 38.19
N ARG AA 90 38.47 21.74 38.66
CA ARG AA 90 38.28 21.20 40.00
C ARG AA 90 37.02 20.36 40.01
N TYR AA 91 36.94 19.46 40.99
CA TYR AA 91 35.77 18.61 41.18
C TYR AA 91 34.95 19.14 42.34
N VAL AA 92 33.66 19.40 42.09
CA VAL AA 92 32.79 19.84 43.16
C VAL AA 92 32.67 18.73 44.20
N ASN AA 93 32.56 19.14 45.46
CA ASN AA 93 32.50 18.25 46.62
C ASN AA 93 33.74 17.38 46.76
N ASN AA 94 34.82 17.71 46.04
CA ASN AA 94 36.08 16.95 46.08
C ASN AA 94 35.87 15.48 45.74
N ASP AA 95 34.91 15.20 44.87
CA ASP AA 95 34.61 13.84 44.43
C ASP AA 95 34.90 13.72 42.94
N LYS AA 96 35.64 12.67 42.57
CA LYS AA 96 35.99 12.49 41.17
C LYS AA 96 34.75 12.29 40.31
N LEU AA 97 33.78 11.51 40.80
CA LEU AA 97 32.58 11.22 40.04
C LEU AA 97 31.60 12.39 39.97
N SER AA 98 31.97 13.55 40.51
CA SER AA 98 31.09 14.71 40.50
C SER AA 98 31.40 15.56 39.26
N LYS AA 99 30.84 16.77 39.22
CA LYS AA 99 31.02 17.64 38.07
C LYS AA 99 32.45 18.17 38.01
N ARG AA 100 32.85 18.56 36.79
CA ARG AA 100 34.13 19.22 36.56
C ARG AA 100 33.88 20.69 36.27
N VAL AA 101 34.60 21.55 36.97
CA VAL AA 101 34.32 22.98 36.99
C VAL AA 101 35.60 23.75 36.68
N ARG AA 102 35.53 24.69 35.76
CA ARG AA 102 36.65 25.58 35.52
C ARG AA 102 36.86 26.49 36.73
N LYS AA 103 38.13 26.67 37.10
CA LYS AA 103 38.46 27.40 38.32
C LYS AA 103 39.70 28.25 38.08
N VAL AA 104 39.69 29.44 38.67
CA VAL AA 104 40.81 30.37 38.62
C VAL AA 104 41.20 30.71 40.06
N TRP AA 105 42.42 30.39 40.44
CA TRP AA 105 42.96 30.73 41.74
C TRP AA 105 43.86 31.94 41.60
N LYS AA 106 43.60 32.98 42.38
CA LYS AA 106 44.32 34.23 42.25
C LYS AA 106 45.02 34.59 43.55
N PRO AA 107 46.19 35.24 43.46
CA PRO AA 107 46.88 35.67 44.68
C PRO AA 107 46.23 36.92 45.27
N GLN AA 108 46.53 37.14 46.54
CA GLN AA 108 46.02 38.31 47.26
C GLN AA 108 47.02 39.46 47.10
N LEU AA 109 46.60 40.51 46.41
CA LEU AA 109 47.47 41.64 46.11
C LEU AA 109 47.36 42.70 47.18
N PHE AA 110 48.50 43.27 47.56
CA PHE AA 110 48.56 44.32 48.56
C PHE AA 110 49.40 45.47 48.04
N GLN AA 111 49.02 46.69 48.41
CA GLN AA 111 49.75 47.90 48.02
C GLN AA 111 50.65 48.28 49.19
N ARG AA 112 51.96 48.08 49.01
CA ARG AA 112 52.94 48.34 50.04
C ARG AA 112 54.06 49.22 49.49
N GLU AA 113 54.66 50.01 50.37
CA GLU AA 113 55.77 50.88 50.01
C GLU AA 113 57.06 50.24 50.50
N LEU AA 114 58.01 50.04 49.58
CA LEU AA 114 59.27 49.39 49.87
C LEU AA 114 60.42 50.37 49.67
N TYR AA 115 61.43 50.27 50.53
CA TYR AA 115 62.58 51.17 50.50
C TYR AA 115 63.78 50.45 49.88
N SER AA 116 64.48 51.14 48.99
CA SER AA 116 65.71 50.64 48.40
C SER AA 116 66.88 51.46 48.97
N GLU AA 117 67.84 50.77 49.58
CA GLU AA 117 68.96 51.46 50.21
C GLU AA 117 69.93 51.98 49.16
N ILE AA 118 70.19 51.19 48.11
CA ILE AA 118 71.12 51.62 47.07
C ILE AA 118 70.54 52.77 46.26
N LEU AA 119 69.28 52.66 45.85
CA LEU AA 119 68.68 53.69 45.01
C LEU AA 119 68.16 54.87 45.83
N ASP AA 120 68.00 54.71 47.14
CA ASP AA 120 67.50 55.77 48.01
C ASP AA 120 66.17 56.30 47.50
N LYS AA 121 65.18 55.41 47.47
CA LYS AA 121 63.86 55.77 46.97
C LYS AA 121 62.82 54.82 47.56
N ARG AA 122 61.60 55.33 47.70
CA ARG AA 122 60.46 54.53 48.14
C ARG AA 122 59.60 54.21 46.92
N PHE AA 123 59.34 52.92 46.71
CA PHE AA 123 58.52 52.47 45.60
C PHE AA 123 57.17 51.99 46.12
N THR AA 124 56.10 52.55 45.56
CA THR AA 124 54.74 52.08 45.87
C THR AA 124 54.38 51.02 44.83
N VAL AA 125 54.51 49.76 45.21
CA VAL AA 125 54.30 48.65 44.29
C VAL AA 125 53.30 47.68 44.90
N THR AA 126 52.67 46.89 44.04
CA THR AA 126 51.76 45.84 44.47
C THR AA 126 52.57 44.58 44.74
N VAL AA 127 52.38 44.00 45.92
CA VAL AA 127 53.15 42.85 46.38
C VAL AA 127 52.20 41.84 47.00
N THR AA 128 52.77 40.70 47.36
CA THR AA 128 52.03 39.62 48.02
C THR AA 128 52.74 39.24 49.31
N MET AA 129 52.02 38.48 50.13
CA MET AA 129 52.61 37.94 51.36
C MET AA 129 53.83 37.08 51.04
N ARG AA 130 53.82 36.37 49.92
CA ARG AA 130 54.99 35.61 49.52
C ARG AA 130 56.17 36.52 49.23
N THR AA 131 55.93 37.65 48.56
CA THR AA 131 57.01 38.60 48.30
C THR AA 131 57.57 39.16 49.60
N LEU AA 132 56.69 39.51 50.54
CA LEU AA 132 57.16 40.04 51.82
C LEU AA 132 57.95 39.00 52.59
N ASP AA 133 57.49 37.74 52.57
CA ASP AA 133 58.22 36.67 53.24
C ASP AA 133 59.59 36.43 52.59
N LEU AA 134 59.65 36.48 51.27
CA LEU AA 134 60.92 36.33 50.58
C LEU AA 134 61.87 37.46 50.93
N ILE AA 135 61.35 38.68 51.03
CA ILE AA 135 62.16 39.81 51.46
C ILE AA 135 62.70 39.57 52.87
N ASP AA 136 61.85 39.08 53.77
CA ASP AA 136 62.28 38.81 55.14
C ASP AA 136 63.38 37.75 55.17
N GLN AA 137 63.22 36.65 54.41
CA GLN AA 137 64.24 35.61 54.40
C GLN AA 137 65.54 36.11 53.79
N ALA AA 138 65.46 36.92 52.74
CA ALA AA 138 66.67 37.49 52.15
C ALA AA 138 67.28 38.61 53.00
N CYS AA 139 66.57 39.07 54.03
CA CYS AA 139 67.07 40.08 54.95
C CYS AA 139 67.38 41.40 54.21
N GLY AA 140 66.35 41.91 53.54
CA GLY AA 140 66.49 43.19 52.85
C GLY AA 140 65.90 43.18 51.45
N PHE AA 141 65.25 44.29 51.08
CA PHE AA 141 64.71 44.43 49.73
C PHE AA 141 65.81 44.36 48.69
N ASP AA 142 66.91 45.07 48.92
CA ASP AA 142 68.03 45.06 47.98
C ASP AA 142 68.63 43.67 47.86
N PHE AA 143 68.82 42.99 48.99
CA PHE AA 143 69.36 41.63 48.96
C PHE AA 143 68.42 40.68 48.21
N TYR AA 144 67.12 40.81 48.44
CA TYR AA 144 66.15 39.96 47.75
C TYR AA 144 66.23 40.16 46.25
N ILE AA 145 66.26 41.42 45.81
CA ILE AA 145 66.30 41.70 44.38
C ILE AA 145 67.60 41.20 43.78
N LEU AA 146 68.73 41.45 44.45
CA LEU AA 146 70.02 41.07 43.88
C LEU AA 146 70.27 39.56 43.95
N LYS AA 147 69.56 38.84 44.81
CA LYS AA 147 69.76 37.40 44.93
C LYS AA 147 68.81 36.61 44.05
N THR AA 148 67.52 36.95 44.05
CA THR AA 148 66.55 36.18 43.28
C THR AA 148 66.79 36.36 41.79
N PRO AA 149 66.95 35.28 41.03
CA PRO AA 149 67.22 35.39 39.59
C PRO AA 149 65.96 35.78 38.82
N LYS AA 150 66.11 35.84 37.50
CA LYS AA 150 65.00 36.23 36.64
C LYS AA 150 63.87 35.22 36.70
N GLU AA 151 64.20 33.93 36.68
CA GLU AA 151 63.18 32.88 36.69
C GLU AA 151 62.39 32.87 37.99
N ASP AA 152 62.96 33.39 39.07
CA ASP AA 152 62.24 33.46 40.35
C ASP AA 152 61.58 34.81 40.58
N LEU AA 153 62.06 35.88 39.95
CA LEU AA 153 61.41 37.17 40.06
C LEU AA 153 60.17 37.26 39.18
N CYS AA 154 60.31 36.88 37.90
CA CYS AA 154 59.21 36.88 36.94
C CYS AA 154 58.55 38.25 36.85
N SER AA 155 59.36 39.30 36.88
CA SER AA 155 58.85 40.67 36.82
C SER AA 155 59.81 41.53 36.02
N LYS AA 156 59.29 42.20 34.99
CA LYS AA 156 60.11 43.15 34.24
C LYS AA 156 60.52 44.32 35.13
N PHE AA 157 59.63 44.75 36.04
CA PHE AA 157 60.00 45.79 36.99
C PHE AA 157 61.12 45.31 37.92
N GLY AA 158 61.06 44.06 38.36
CA GLY AA 158 62.14 43.52 39.17
C GLY AA 158 63.45 43.44 38.41
N MET AA 159 63.39 43.07 37.13
CA MET AA 159 64.59 43.05 36.31
C MET AA 159 65.16 44.45 36.14
N ASP AA 160 64.30 45.45 35.94
CA ASP AA 160 64.76 46.83 35.83
C ASP AA 160 65.40 47.30 37.13
N LEU AA 161 64.79 46.94 38.27
CA LEU AA 161 65.38 47.31 39.55
C LEU AA 161 66.74 46.64 39.75
N LYS AA 162 66.86 45.37 39.39
CA LYS AA 162 68.14 44.68 39.50
C LYS AA 162 69.19 45.33 38.59
N ARG AA 163 68.79 45.69 37.37
CA ARG AA 163 69.72 46.36 36.46
C ARG AA 163 70.18 47.70 37.01
N GLY AA 164 69.26 48.48 37.57
CA GLY AA 164 69.63 49.75 38.16
C GLY AA 164 70.57 49.59 39.34
N MET AA 165 70.27 48.62 40.21
CA MET AA 165 71.12 48.37 41.37
C MET AA 165 72.52 47.93 40.94
N LEU AA 166 72.60 47.02 39.97
CA LEU AA 166 73.89 46.56 39.48
C LEU AA 166 74.68 47.70 38.83
N LEU AA 167 74.00 48.53 38.04
CA LEU AA 167 74.68 49.65 37.41
C LEU AA 167 75.21 50.63 38.45
N ARG AA 168 74.41 50.92 39.48
CA ARG AA 168 74.86 51.83 40.53
C ARG AA 168 76.05 51.25 41.29
N LEU AA 169 75.99 49.96 41.62
CA LEU AA 169 77.08 49.32 42.34
C LEU AA 169 78.36 49.32 41.51
N ALA AA 170 78.25 49.04 40.21
CA ALA AA 170 79.44 48.99 39.37
C ALA AA 170 80.00 50.38 39.06
N ARG AA 171 79.14 51.40 38.95
CA ARG AA 171 79.60 52.74 38.67
C ARG AA 171 80.06 53.48 39.92
N GLN AA 172 79.73 52.98 41.12
CA GLN AA 172 80.10 53.62 42.37
C GLN AA 172 79.58 55.06 42.39
N ASP AA 173 78.31 55.22 42.05
CA ASP AA 173 77.74 56.54 41.83
C ASP AA 173 77.74 57.35 43.12
N PRO AA 174 78.26 58.58 43.12
CA PRO AA 174 78.12 59.45 44.29
C PRO AA 174 76.72 60.02 44.46
N GLN AA 175 75.80 59.75 43.52
CA GLN AA 175 74.45 60.27 43.60
C GLN AA 175 73.69 59.71 44.79
N LEU AA 176 74.14 58.59 45.35
CA LEU AA 176 73.45 57.97 46.48
C LEU AA 176 73.40 58.93 47.66
N HIS AA 177 74.57 59.29 48.19
CA HIS AA 177 74.67 60.24 49.29
C HIS AA 177 75.77 61.25 48.96
N PRO AA 178 75.42 62.32 48.24
CA PRO AA 178 76.44 63.32 47.90
C PRO AA 178 77.12 63.96 49.11
N ASP AA 179 76.39 64.15 50.21
CA ASP AA 179 76.94 64.77 51.40
C ASP AA 179 77.36 63.77 52.47
N ASP AA 180 77.22 62.47 52.22
CA ASP AA 180 77.58 61.43 53.18
C ASP AA 180 78.45 60.38 52.50
N PRO AA 181 79.72 60.70 52.24
CA PRO AA 181 80.61 59.69 51.65
C PRO AA 181 80.78 58.46 52.52
N ALA AA 182 80.80 58.63 53.84
CA ALA AA 182 80.93 57.48 54.73
C ALA AA 182 79.72 56.57 54.64
N ARG AA 183 78.51 57.15 54.64
CA ARG AA 183 77.31 56.34 54.49
C ARG AA 183 77.25 55.68 53.12
N ARG AA 184 77.67 56.39 52.08
CA ARG AA 184 77.71 55.79 50.75
C ARG AA 184 78.66 54.60 50.70
N ALA AA 185 79.84 54.73 51.28
CA ALA AA 185 80.80 53.62 51.30
C ALA AA 185 80.25 52.46 52.12
N ALA AA 186 79.62 52.74 53.26
CA ALA AA 186 79.04 51.67 54.07
C ALA AA 186 77.94 50.93 53.31
N ILE AA 187 77.09 51.67 52.59
CA ILE AA 187 76.05 51.04 51.79
C ILE AA 187 76.66 50.18 50.69
N TYR AA 188 77.67 50.71 50.00
CA TYR AA 188 78.23 50.00 48.86
C TYR AA 188 79.03 48.77 49.29
N ASP AA 189 79.62 48.79 50.49
CA ASP AA 189 80.48 47.68 50.90
C ASP AA 189 79.70 46.43 51.25
N ARG AA 190 78.49 46.57 51.81
CA ARG AA 190 77.72 45.40 52.21
C ARG AA 190 77.11 44.66 51.02
N TYR AA 191 77.09 45.27 49.83
CA TYR AA 191 76.63 44.63 48.61
C TYR AA 191 77.78 44.30 47.67
N LYS AA 192 78.95 44.03 48.22
CA LYS AA 192 80.14 43.77 47.40
C LYS AA 192 80.11 42.41 46.74
N ALA AA 193 79.25 41.50 47.20
CA ALA AA 193 79.20 40.16 46.63
C ALA AA 193 78.55 40.16 45.24
N PHE AA 194 77.83 41.21 44.88
CA PHE AA 194 77.11 41.28 43.61
C PHE AA 194 77.72 42.29 42.66
N VAL AA 195 79.02 42.56 42.76
CA VAL AA 195 79.67 43.51 41.86
C VAL AA 195 79.82 42.85 40.49
N ILE AA 196 79.32 43.53 39.46
CA ILE AA 196 79.33 43.02 38.09
C ILE AA 196 80.06 44.03 37.21
N PRO AA 197 80.89 43.57 36.27
CA PRO AA 197 81.55 44.53 35.36
C PRO AA 197 80.53 45.28 34.51
N GLU AA 198 80.92 46.50 34.13
CA GLU AA 198 80.02 47.37 33.38
C GLU AA 198 79.63 46.77 32.04
N ALA AA 199 80.52 45.97 31.44
CA ALA AA 199 80.23 45.37 30.15
C ALA AA 199 79.02 44.45 30.19
N GLU AA 200 78.68 43.91 31.36
CA GLU AA 200 77.56 43.01 31.51
C GLU AA 200 76.48 43.51 32.47
N ALA AA 201 76.73 44.57 33.22
CA ALA AA 201 75.76 45.08 34.17
C ALA AA 201 74.66 45.91 33.53
N GLU AA 202 74.80 46.27 32.25
CA GLU AA 202 73.79 47.05 31.54
C GLU AA 202 73.01 46.19 30.54
N TRP AA 203 73.01 44.87 30.73
CA TRP AA 203 72.27 43.98 29.85
C TRP AA 203 71.52 42.91 30.63
N VAL AA 204 71.29 43.11 31.92
CA VAL AA 204 70.70 42.06 32.75
C VAL AA 204 69.18 42.15 32.77
N GLY AA 205 68.61 43.35 32.81
CA GLY AA 205 67.17 43.49 32.87
C GLY AA 205 66.56 43.94 31.56
N LEU AA 206 67.07 43.41 30.45
CA LEU AA 206 66.63 43.80 29.12
C LEU AA 206 65.94 42.63 28.44
N THR AA 207 64.80 42.89 27.82
CA THR AA 207 64.13 41.89 27.00
C THR AA 207 64.81 41.81 25.64
N LEU AA 208 64.34 40.88 24.80
CA LEU AA 208 64.95 40.70 23.49
C LEU AA 208 64.77 41.95 22.62
N ASP AA 209 63.57 42.53 22.63
CA ASP AA 209 63.33 43.74 21.84
C ASP AA 209 64.15 44.91 22.34
N GLU AA 210 64.23 45.08 23.67
CA GLU AA 210 65.03 46.16 24.24
C GLU AA 210 66.51 45.98 23.88
N ALA AA 211 67.01 44.75 23.96
CA ALA AA 211 68.40 44.51 23.61
C ALA AA 211 68.66 44.77 22.13
N VAL AA 212 67.73 44.37 21.26
CA VAL AA 212 67.89 44.63 19.83
C VAL AA 212 67.90 46.14 19.56
N GLU AA 213 67.00 46.88 20.23
CA GLU AA 213 66.97 48.32 20.06
C GLU AA 213 68.27 48.96 20.55
N LYS AA 214 68.78 48.51 21.70
CA LYS AA 214 70.03 49.04 22.21
C LYS AA 214 71.19 48.76 21.26
N GLN AA 215 71.26 47.55 20.72
CA GLN AA 215 72.33 47.20 19.79
C GLN AA 215 72.22 48.02 18.51
N ARG AA 216 71.00 48.22 18.00
CA ARG AA 216 70.83 49.03 16.80
C ARG AA 216 71.23 50.47 17.05
N LEU AA 217 70.89 51.00 18.23
CA LEU AA 217 71.30 52.37 18.56
C LEU AA 217 72.81 52.48 18.67
N LEU AA 218 73.46 51.48 19.26
CA LEU AA 218 74.92 51.49 19.35
C LEU AA 218 75.57 51.41 17.99
N GLU AA 219 75.03 50.58 17.09
CA GLU AA 219 75.60 50.37 15.76
C GLU AA 219 75.12 51.39 14.74
N GLU AA 220 74.24 52.30 15.12
CA GLU AA 220 73.69 53.27 14.18
C GLU AA 220 74.73 54.32 13.84
N LYS AA 221 75.19 54.32 12.59
CA LYS AA 221 76.19 55.26 12.12
C LYS AA 221 75.80 55.77 10.74
N ASP AA 222 76.00 57.07 10.51
CA ASP AA 222 75.74 57.64 9.21
C ASP AA 222 76.75 57.10 8.19
N PRO AA 223 76.30 56.81 6.97
CA PRO AA 223 77.25 56.33 5.94
C PRO AA 223 78.23 57.43 5.56
N ILE AA 224 79.51 57.15 5.77
CA ILE AA 224 80.55 58.16 5.47
C ILE AA 224 80.60 58.37 3.96
N PRO AA 225 80.77 59.61 3.49
CA PRO AA 225 80.76 59.85 2.05
C PRO AA 225 81.92 59.16 1.35
N LEU AA 226 81.65 58.70 0.12
CA LEU AA 226 82.69 58.04 -0.67
C LEU AA 226 83.83 58.98 -1.02
N PHE AA 227 83.63 60.30 -0.87
CA PHE AA 227 84.73 61.24 -1.06
C PHE AA 227 85.86 60.96 -0.07
N LYS AA 228 85.52 60.68 1.18
CA LYS AA 228 86.54 60.36 2.17
C LYS AA 228 87.31 59.10 1.80
N ILE AA 229 86.60 58.06 1.38
CA ILE AA 229 87.27 56.81 1.00
C ILE AA 229 88.19 57.03 -0.18
N PHE AA 230 87.71 57.77 -1.19
CA PHE AA 230 88.54 58.01 -2.38
C PHE AA 230 89.74 58.87 -2.06
N VAL AA 231 89.58 59.87 -1.18
CA VAL AA 231 90.71 60.70 -0.78
C VAL AA 231 91.74 59.87 -0.03
N GLU AA 232 91.28 59.00 0.88
CA GLU AA 232 92.21 58.14 1.61
C GLU AA 232 92.95 57.21 0.66
N GLU AA 233 92.23 56.63 -0.30
CA GLU AA 233 92.88 55.74 -1.26
C GLU AA 233 93.91 56.48 -2.11
N LEU AA 234 93.57 57.70 -2.56
CA LEU AA 234 94.51 58.46 -3.36
C LEU AA 234 95.74 58.88 -2.56
N LEU AA 235 95.54 59.26 -1.29
CA LEU AA 235 96.67 59.59 -0.44
C LEU AA 235 97.56 58.37 -0.22
N GLY AA 236 96.96 57.20 -0.03
CA GLY AA 236 97.75 55.99 0.11
C GLY AA 236 98.55 55.68 -1.14
N GLN AA 237 97.94 55.82 -2.31
CA GLN AA 237 98.66 55.59 -3.57
C GLN AA 237 99.78 56.59 -3.75
N LEU AA 238 99.54 57.85 -3.42
CA LEU AA 238 100.59 58.87 -3.55
C LEU AA 238 101.75 58.59 -2.60
N GLN AA 239 101.44 58.19 -1.36
CA GLN AA 239 102.49 57.84 -0.42
C GLN AA 239 103.29 56.63 -0.90
N GLN AA 240 102.61 55.63 -1.45
CA GLN AA 240 103.31 54.47 -1.98
C GLN AA 240 104.22 54.85 -3.14
N GLN AA 241 103.74 55.69 -4.05
CA GLN AA 241 104.56 56.13 -5.16
C GLN AA 241 105.77 56.94 -4.68
N ALA AA 242 105.56 57.81 -3.69
CA ALA AA 242 106.67 58.59 -3.15
C ALA AA 242 107.71 57.70 -2.47
N LEU AA 243 107.25 56.68 -1.73
CA LEU AA 243 108.17 55.79 -1.04
C LEU AA 243 108.86 54.81 -1.98
N SER AA 244 108.27 54.52 -3.13
CA SER AA 244 108.89 53.62 -4.08
C SER AA 244 109.92 54.31 -4.96
N GLU AA 245 110.07 55.63 -4.85
CA GLU AA 245 111.06 56.36 -5.62
C GLU AA 245 112.22 56.81 -4.73
N ILE BA 64 -101.15 -95.25 -4.73
CA ILE BA 64 -102.14 -94.79 -3.77
C ILE BA 64 -101.47 -93.92 -2.70
N GLN BA 65 -100.37 -94.42 -2.15
CA GLN BA 65 -99.64 -93.69 -1.11
C GLN BA 65 -98.58 -92.76 -1.71
N GLN BA 66 -97.94 -93.16 -2.80
CA GLN BA 66 -96.92 -92.32 -3.42
C GLN BA 66 -97.53 -91.03 -3.96
N LEU BA 67 -98.75 -91.10 -4.50
CA LEU BA 67 -99.40 -89.90 -4.99
C LEU BA 67 -99.67 -88.92 -3.86
N VAL BA 68 -100.15 -89.43 -2.72
CA VAL BA 68 -100.39 -88.56 -1.56
C VAL BA 68 -99.08 -87.97 -1.06
N GLN BA 69 -98.02 -88.78 -1.02
CA GLN BA 69 -96.72 -88.28 -0.56
C GLN BA 69 -96.22 -87.16 -1.48
N ASP BA 70 -96.34 -87.36 -2.80
CA ASP BA 70 -95.92 -86.33 -3.74
C ASP BA 70 -96.75 -85.06 -3.58
N ILE BA 71 -98.07 -85.21 -3.43
CA ILE BA 71 -98.93 -84.04 -3.28
C ILE BA 71 -98.57 -83.27 -2.01
N ALA BA 72 -98.35 -83.99 -0.91
CA ALA BA 72 -97.97 -83.34 0.34
C ALA BA 72 -96.61 -82.65 0.23
N SER BA 73 -95.65 -83.28 -0.43
CA SER BA 73 -94.31 -82.71 -0.53
C SER BA 73 -94.20 -81.60 -1.58
N LEU BA 74 -95.17 -81.49 -2.48
CA LEU BA 74 -95.14 -80.43 -3.48
C LEU BA 74 -95.40 -79.07 -2.84
N THR BA 75 -94.88 -78.03 -3.48
CA THR BA 75 -95.08 -76.66 -3.03
C THR BA 75 -96.45 -76.17 -3.48
N LEU BA 76 -96.71 -74.87 -3.30
CA LEU BA 76 -98.00 -74.32 -3.68
C LEU BA 76 -98.13 -74.19 -5.20
N LEU BA 77 -97.04 -73.78 -5.86
CA LEU BA 77 -97.09 -73.58 -7.30
C LEU BA 77 -97.42 -74.87 -8.04
N GLU BA 78 -96.79 -75.98 -7.65
CA GLU BA 78 -96.99 -77.23 -8.37
C GLU BA 78 -98.42 -77.73 -8.21
N ILE BA 79 -98.98 -77.67 -6.99
CA ILE BA 79 -100.33 -78.15 -6.79
C ILE BA 79 -101.34 -77.25 -7.49
N SER BA 80 -101.10 -75.93 -7.48
CA SER BA 80 -102.02 -75.04 -8.19
C SER BA 80 -101.94 -75.24 -9.70
N ASP BA 81 -100.75 -75.48 -10.23
CA ASP BA 81 -100.61 -75.77 -11.66
C ASP BA 81 -101.29 -77.09 -12.01
N LEU BA 82 -101.18 -78.09 -11.13
CA LEU BA 82 -101.90 -79.34 -11.34
C LEU BA 82 -103.40 -79.12 -11.36
N ASN BA 83 -103.91 -78.29 -10.44
CA ASN BA 83 -105.33 -77.97 -10.41
C ASN BA 83 -105.76 -77.28 -11.70
N GLU BA 84 -104.96 -76.32 -12.16
CA GLU BA 84 -105.29 -75.62 -13.40
C GLU BA 84 -105.29 -76.56 -14.60
N LEU BA 85 -104.31 -77.47 -14.66
CA LEU BA 85 -104.26 -78.41 -15.77
C LEU BA 85 -105.44 -79.37 -15.75
N LEU BA 86 -105.82 -79.85 -14.57
CA LEU BA 86 -106.93 -80.79 -14.50
C LEU BA 86 -108.28 -80.09 -14.74
N LYS BA 87 -108.37 -78.80 -14.43
CA LYS BA 87 -109.63 -78.09 -14.61
C LYS BA 87 -110.03 -78.04 -16.07
N LYS BA 88 -109.07 -77.78 -16.97
CA LYS BA 88 -109.41 -77.63 -18.38
C LYS BA 88 -109.73 -78.98 -19.04
N THR BA 89 -109.05 -80.05 -18.62
CA THR BA 89 -109.22 -81.36 -19.23
C THR BA 89 -110.17 -82.26 -18.47
N LEU BA 90 -110.79 -81.77 -17.40
CA LEU BA 90 -111.71 -82.58 -16.62
C LEU BA 90 -113.07 -81.89 -16.49
N ILE CA 64 -117.07 -99.13 -24.50
CA ILE CA 64 -117.42 -97.73 -24.71
C ILE CA 64 -118.62 -97.64 -25.64
N GLN CA 65 -118.45 -98.06 -26.89
CA GLN CA 65 -119.59 -98.16 -27.80
C GLN CA 65 -120.58 -99.20 -27.31
N GLN CA 66 -120.08 -100.36 -26.87
CA GLN CA 66 -120.96 -101.36 -26.27
C GLN CA 66 -121.60 -100.82 -25.00
N LEU CA 67 -120.85 -100.02 -24.23
CA LEU CA 67 -121.39 -99.46 -23.00
C LEU CA 67 -122.55 -98.52 -23.28
N VAL CA 68 -122.38 -97.61 -24.25
CA VAL CA 68 -123.46 -96.68 -24.55
C VAL CA 68 -124.63 -97.40 -25.20
N GLN CA 69 -124.38 -98.44 -26.00
CA GLN CA 69 -125.48 -99.24 -26.52
C GLN CA 69 -126.26 -99.92 -25.39
N ASP CA 70 -125.54 -100.45 -24.39
CA ASP CA 70 -126.20 -101.09 -23.26
C ASP CA 70 -127.02 -100.10 -22.46
N ILE CA 71 -126.48 -98.91 -22.19
CA ILE CA 71 -127.24 -97.92 -21.44
C ILE CA 71 -128.43 -97.38 -22.24
N ALA CA 72 -128.33 -97.34 -23.57
CA ALA CA 72 -129.45 -96.92 -24.40
C ALA CA 72 -130.51 -98.00 -24.54
N SER CA 73 -130.15 -99.28 -24.41
CA SER CA 73 -131.11 -100.37 -24.53
C SER CA 73 -131.80 -100.67 -23.20
N LEU CA 74 -131.66 -99.81 -22.20
CA LEU CA 74 -132.28 -99.99 -20.90
C LEU CA 74 -133.40 -98.98 -20.70
N THR CA 75 -134.39 -99.38 -19.90
CA THR CA 75 -135.56 -98.54 -19.64
C THR CA 75 -135.23 -97.48 -18.59
N LEU CA 76 -136.21 -96.62 -18.32
CA LEU CA 76 -136.02 -95.54 -17.35
C LEU CA 76 -135.77 -96.10 -15.95
N LEU CA 77 -136.48 -97.16 -15.59
CA LEU CA 77 -136.28 -97.77 -14.27
C LEU CA 77 -134.86 -98.32 -14.15
N GLU CA 78 -134.35 -98.95 -15.20
CA GLU CA 78 -132.99 -99.47 -15.16
C GLU CA 78 -131.96 -98.34 -15.06
N ILE CA 79 -132.20 -97.23 -15.78
CA ILE CA 79 -131.30 -96.08 -15.68
C ILE CA 79 -131.31 -95.51 -14.27
N SER CA 80 -132.50 -95.39 -13.68
CA SER CA 80 -132.61 -94.87 -12.32
C SER CA 80 -131.89 -95.79 -11.33
N ASP CA 81 -132.06 -97.10 -11.47
CA ASP CA 81 -131.39 -98.05 -10.60
C ASP CA 81 -129.88 -97.97 -10.76
N LEU CA 82 -129.40 -97.84 -12.00
CA LEU CA 82 -127.97 -97.69 -12.25
C LEU CA 82 -127.42 -96.43 -11.59
N ASN CA 83 -128.14 -95.31 -11.72
CA ASN CA 83 -127.69 -94.08 -11.10
C ASN CA 83 -127.67 -94.21 -9.57
N GLU CA 84 -128.71 -94.83 -9.01
CA GLU CA 84 -128.77 -95.03 -7.56
C GLU CA 84 -127.58 -95.87 -7.08
N LEU CA 85 -127.30 -96.98 -7.78
CA LEU CA 85 -126.19 -97.84 -7.37
C LEU CA 85 -124.86 -97.11 -7.50
N LEU CA 86 -124.65 -96.39 -8.60
CA LEU CA 86 -123.40 -95.68 -8.79
C LEU CA 86 -123.19 -94.61 -7.71
N LYS CA 87 -124.23 -93.84 -7.40
CA LYS CA 87 -124.06 -92.82 -6.38
C LYS CA 87 -123.92 -93.41 -4.98
N LYS CA 88 -124.59 -94.52 -4.67
CA LYS CA 88 -124.41 -95.17 -3.40
C LYS CA 88 -123.05 -95.85 -3.26
N THR CA 89 -122.41 -96.22 -4.36
CA THR CA 89 -121.11 -96.89 -4.30
C THR CA 89 -119.93 -95.94 -4.46
N LEU CA 90 -120.13 -94.72 -4.98
CA LEU CA 90 -119.04 -93.77 -5.10
C LEU CA 90 -119.24 -92.49 -4.30
N LYS CA 91 -120.43 -91.90 -4.30
CA LYS CA 91 -120.70 -90.64 -3.61
C LYS CA 91 -119.77 -89.53 -4.07
N ILE DA 64 -127.96 -105.24 -14.50
CA ILE DA 64 -127.85 -103.92 -13.90
C ILE DA 64 -126.47 -103.73 -13.28
N GLN DA 65 -125.96 -104.77 -12.63
CA GLN DA 65 -124.62 -104.71 -12.05
C GLN DA 65 -123.53 -104.86 -13.10
N GLN DA 66 -123.87 -105.37 -14.28
CA GLN DA 66 -122.91 -105.44 -15.37
C GLN DA 66 -122.45 -104.05 -15.79
N LEU DA 67 -123.39 -103.10 -15.87
CA LEU DA 67 -123.05 -101.74 -16.27
C LEU DA 67 -122.21 -101.02 -15.22
N VAL DA 68 -122.16 -101.54 -14.00
CA VAL DA 68 -121.27 -101.01 -12.97
C VAL DA 68 -119.91 -101.68 -13.03
N GLN DA 69 -119.89 -103.01 -13.18
CA GLN DA 69 -118.63 -103.74 -13.19
C GLN DA 69 -117.81 -103.49 -14.45
N ASP DA 70 -118.44 -103.14 -15.57
CA ASP DA 70 -117.66 -102.81 -16.76
C ASP DA 70 -117.04 -101.42 -16.67
N ILE DA 71 -117.74 -100.45 -16.07
CA ILE DA 71 -117.17 -99.12 -15.93
C ILE DA 71 -116.23 -99.03 -14.73
N ALA DA 72 -116.27 -100.00 -13.82
CA ALA DA 72 -115.36 -99.98 -12.68
C ALA DA 72 -113.91 -100.29 -13.07
N SER DA 73 -113.66 -100.71 -14.30
CA SER DA 73 -112.33 -101.09 -14.75
C SER DA 73 -111.90 -100.29 -15.98
N LEU DA 74 -112.12 -98.98 -15.95
CA LEU DA 74 -111.77 -98.10 -17.06
C LEU DA 74 -110.77 -97.05 -16.60
N THR DA 75 -110.11 -96.42 -17.58
CA THR DA 75 -109.09 -95.41 -17.33
C THR DA 75 -109.69 -94.00 -17.42
N LEU DA 76 -108.86 -93.02 -17.06
CA LEU DA 76 -109.30 -91.62 -17.12
C LEU DA 76 -109.61 -91.20 -18.55
N LEU DA 77 -108.77 -91.60 -19.50
CA LEU DA 77 -109.00 -91.24 -20.90
C LEU DA 77 -110.32 -91.82 -21.38
N GLU DA 78 -110.59 -93.09 -21.06
CA GLU DA 78 -111.81 -93.73 -21.54
C GLU DA 78 -113.05 -93.15 -20.87
N ILE DA 79 -112.96 -92.84 -19.57
CA ILE DA 79 -114.11 -92.28 -18.88
C ILE DA 79 -114.40 -90.87 -19.39
N SER DA 80 -113.35 -90.09 -19.69
CA SER DA 80 -113.56 -88.78 -20.30
C SER DA 80 -114.16 -88.91 -21.69
N ASP DA 81 -113.71 -89.91 -22.45
CA ASP DA 81 -114.26 -90.13 -23.79
C ASP DA 81 -115.75 -90.47 -23.72
N LEU DA 82 -116.14 -91.36 -22.79
CA LEU DA 82 -117.56 -91.68 -22.68
C LEU DA 82 -118.35 -90.49 -22.14
N ASN DA 83 -117.76 -89.69 -21.27
CA ASN DA 83 -118.45 -88.50 -20.77
C ASN DA 83 -118.76 -87.52 -21.90
N GLU DA 84 -117.75 -87.23 -22.73
CA GLU DA 84 -117.98 -86.32 -23.85
C GLU DA 84 -118.91 -86.94 -24.89
N LEU DA 85 -118.85 -88.27 -25.05
CA LEU DA 85 -119.77 -88.94 -25.97
C LEU DA 85 -121.21 -88.77 -25.52
N LEU DA 86 -121.48 -88.97 -24.23
CA LEU DA 86 -122.82 -88.75 -23.71
C LEU DA 86 -123.23 -87.28 -23.81
N LYS DA 87 -122.28 -86.37 -23.58
CA LYS DA 87 -122.60 -84.95 -23.67
C LYS DA 87 -123.01 -84.57 -25.09
N LYS DA 88 -122.27 -85.05 -26.09
CA LYS DA 88 -122.59 -84.73 -27.47
C LYS DA 88 -123.75 -85.55 -28.02
N THR DA 89 -124.11 -86.66 -27.36
CA THR DA 89 -125.26 -87.43 -27.79
C THR DA 89 -126.56 -86.86 -27.25
N LEU DA 90 -126.58 -86.50 -25.97
CA LEU DA 90 -127.78 -85.97 -25.33
C LEU DA 90 -127.58 -84.53 -24.88
N PHE EA 63 -53.85 -13.97 -1.90
CA PHE EA 63 -52.70 -14.85 -1.98
C PHE EA 63 -51.60 -14.45 -1.00
N LYS EA 64 -51.06 -15.45 -0.31
CA LYS EA 64 -49.90 -15.27 0.54
C LYS EA 64 -48.78 -16.17 0.04
N THR EA 65 -47.59 -15.61 -0.12
CA THR EA 65 -46.44 -16.35 -0.62
C THR EA 65 -45.71 -16.99 0.56
N LYS EA 66 -45.67 -18.32 0.58
CA LYS EA 66 -45.12 -19.06 1.71
C LYS EA 66 -44.14 -20.12 1.21
N GLY EA 67 -43.29 -20.58 2.12
CA GLY EA 67 -42.34 -21.62 1.81
C GLY EA 67 -42.89 -23.00 2.08
N VAL EA 68 -43.87 -23.09 2.98
CA VAL EA 68 -44.54 -24.34 3.31
C VAL EA 68 -46.05 -24.12 3.18
N LEU EA 69 -46.70 -24.96 2.38
CA LEU EA 69 -48.13 -24.85 2.16
C LEU EA 69 -48.86 -25.90 2.98
N LYS EA 70 -49.89 -25.46 3.69
CA LYS EA 70 -50.71 -26.36 4.49
C LYS EA 70 -52.17 -25.98 4.30
N LYS EA 71 -53.04 -26.99 4.22
CA LYS EA 71 -54.47 -26.76 4.08
C LYS EA 71 -55.04 -26.33 5.42
N ARG EA 72 -55.75 -25.20 5.43
CA ARG EA 72 -56.35 -24.67 6.64
C ARG EA 72 -57.80 -25.09 6.82
N CYS EA 73 -58.36 -25.85 5.87
CA CYS EA 73 -59.69 -26.42 6.03
C CYS EA 73 -59.76 -27.66 5.13
N ARG EA 74 -60.95 -28.25 5.07
CA ARG EA 74 -61.18 -29.43 4.24
C ARG EA 74 -61.43 -29.08 2.78
N ASP EA 75 -61.71 -27.83 2.46
CA ASP EA 75 -62.02 -27.41 1.09
C ASP EA 75 -60.79 -26.93 0.33
N CYS EA 76 -59.64 -26.82 0.97
CA CYS EA 76 -58.43 -26.41 0.28
C CYS EA 76 -57.94 -27.53 -0.63
N TYR EA 77 -57.63 -27.20 -1.88
CA TYR EA 77 -57.10 -28.17 -2.83
C TYR EA 77 -55.77 -27.67 -3.38
N LEU EA 78 -54.83 -28.59 -3.54
CA LEU EA 78 -53.48 -28.28 -3.98
C LEU EA 78 -53.33 -28.58 -5.47
N VAL EA 79 -52.93 -27.56 -6.23
CA VAL EA 79 -52.80 -27.66 -7.68
C VAL EA 79 -51.48 -27.03 -8.09
N LYS EA 80 -50.82 -27.64 -9.08
CA LYS EA 80 -49.56 -27.14 -9.61
C LYS EA 80 -49.83 -26.33 -10.87
N ARG EA 81 -49.53 -25.03 -10.82
CA ARG EA 81 -49.74 -24.14 -11.95
C ARG EA 81 -48.55 -23.21 -12.09
N ARG EA 82 -48.18 -22.93 -13.35
CA ARG EA 82 -47.09 -22.00 -13.66
C ARG EA 82 -45.78 -22.43 -13.03
N GLY EA 83 -45.61 -23.72 -12.78
CA GLY EA 83 -44.41 -24.24 -12.16
C GLY EA 83 -44.38 -24.17 -10.65
N ARG EA 84 -45.40 -23.63 -10.01
CA ARG EA 84 -45.46 -23.51 -8.57
C ARG EA 84 -46.61 -24.36 -8.03
N TRP EA 85 -46.63 -24.52 -6.71
CA TRP EA 85 -47.71 -25.20 -6.01
C TRP EA 85 -48.62 -24.16 -5.36
N PHE EA 86 -49.92 -24.44 -5.35
CA PHE EA 86 -50.89 -23.47 -4.86
C PHE EA 86 -51.91 -24.16 -3.98
N ILE EA 87 -52.18 -23.57 -2.81
CA ILE EA 87 -53.39 -23.84 -2.04
C ILE EA 87 -54.45 -22.88 -2.54
N TYR EA 88 -55.44 -23.41 -3.26
CA TYR EA 88 -56.61 -22.63 -3.68
C TYR EA 88 -57.79 -22.99 -2.79
N CYS EA 89 -58.57 -21.99 -2.41
CA CYS EA 89 -59.74 -22.21 -1.57
C CYS EA 89 -60.87 -21.32 -2.06
N LYS EA 90 -62.05 -21.90 -2.21
CA LYS EA 90 -63.22 -21.17 -2.67
C LYS EA 90 -64.12 -20.72 -1.53
N THR EA 91 -64.29 -21.55 -0.51
CA THR EA 91 -65.11 -21.15 0.64
C THR EA 91 -64.45 -20.05 1.44
N ASN EA 92 -63.14 -20.17 1.70
CA ASN EA 92 -62.38 -19.14 2.39
C ASN EA 92 -61.27 -18.64 1.48
N PRO EA 93 -61.47 -17.55 0.74
CA PRO EA 93 -60.42 -17.07 -0.17
C PRO EA 93 -59.14 -16.64 0.55
N LYS EA 94 -59.19 -16.37 1.85
CA LYS EA 94 -58.00 -15.99 2.59
C LYS EA 94 -57.00 -17.14 2.74
N HIS EA 95 -57.40 -18.36 2.40
CA HIS EA 95 -56.51 -19.52 2.47
C HIS EA 95 -55.67 -19.69 1.22
N LYS EA 96 -55.68 -18.72 0.31
CA LYS EA 96 -54.90 -18.79 -0.91
C LYS EA 96 -53.41 -18.69 -0.59
N GLN EA 97 -52.67 -19.75 -0.89
CA GLN EA 97 -51.24 -19.80 -0.61
C GLN EA 97 -50.48 -20.18 -1.87
N ARG EA 98 -49.28 -19.60 -2.03
CA ARG EA 98 -48.45 -19.82 -3.20
C ARG EA 98 -47.05 -20.20 -2.76
N GLN EA 99 -46.53 -21.31 -3.28
CA GLN EA 99 -45.22 -21.80 -2.90
C GLN EA 99 -44.13 -20.93 -3.53
N MET EA 100 -43.20 -20.44 -2.71
CA MET EA 100 -42.13 -19.61 -3.22
C MET EA 100 -40.88 -20.44 -3.49
N ILE FA 64 -144.84 -92.48 -31.21
CA ILE FA 64 -144.20 -91.26 -30.76
C ILE FA 64 -145.20 -90.10 -30.75
N GLN FA 65 -146.23 -90.22 -31.59
CA GLN FA 65 -147.23 -89.17 -31.71
C GLN FA 65 -148.22 -89.16 -30.54
N GLN FA 66 -148.56 -90.34 -30.02
CA GLN FA 66 -149.59 -90.40 -28.99
C GLN FA 66 -149.17 -89.67 -27.73
N LEU FA 67 -147.91 -89.84 -27.31
CA LEU FA 67 -147.45 -89.21 -26.08
C LEU FA 67 -147.38 -87.70 -26.22
N VAL FA 68 -146.87 -87.21 -27.35
CA VAL FA 68 -146.77 -85.77 -27.55
C VAL FA 68 -148.15 -85.15 -27.65
N GLN FA 69 -149.09 -85.82 -28.32
CA GLN FA 69 -150.46 -85.31 -28.38
C GLN FA 69 -151.09 -85.28 -26.99
N ASP FA 70 -150.88 -86.33 -26.20
CA ASP FA 70 -151.46 -86.38 -24.86
C ASP FA 70 -150.91 -85.27 -23.98
N ILE FA 71 -149.60 -85.03 -24.03
CA ILE FA 71 -149.01 -83.99 -23.18
C ILE FA 71 -149.29 -82.59 -23.71
N ALA FA 72 -149.55 -82.43 -25.01
CA ALA FA 72 -149.89 -81.12 -25.54
C ALA FA 72 -151.37 -80.79 -25.37
N SER FA 73 -152.23 -81.80 -25.21
CA SER FA 73 -153.65 -81.57 -25.01
C SER FA 73 -154.03 -81.47 -23.54
N LEU FA 74 -153.06 -81.50 -22.63
CA LEU FA 74 -153.31 -81.42 -21.20
C LEU FA 74 -153.18 -79.98 -20.72
N THR FA 75 -153.70 -79.73 -19.53
CA THR FA 75 -153.66 -78.40 -18.94
C THR FA 75 -152.40 -78.21 -18.10
N LEU FA 76 -152.13 -76.96 -17.74
CA LEU FA 76 -150.92 -76.65 -16.98
C LEU FA 76 -150.95 -77.28 -15.60
N LEU FA 77 -152.12 -77.31 -14.96
CA LEU FA 77 -152.21 -77.92 -13.63
C LEU FA 77 -151.89 -79.42 -13.69
N GLU FA 78 -152.45 -80.12 -14.68
CA GLU FA 78 -152.18 -81.54 -14.80
C GLU FA 78 -150.73 -81.79 -15.22
N ILE FA 79 -150.15 -80.93 -16.05
CA ILE FA 79 -148.75 -81.07 -16.41
C ILE FA 79 -147.87 -80.91 -15.17
N SER FA 80 -148.19 -79.93 -14.32
CA SER FA 80 -147.43 -79.74 -13.08
C SER FA 80 -147.60 -80.94 -12.15
N ASP FA 81 -148.81 -81.49 -12.07
CA ASP FA 81 -149.03 -82.67 -11.24
C ASP FA 81 -148.20 -83.85 -11.75
N LEU FA 82 -148.18 -84.06 -13.07
CA LEU FA 82 -147.37 -85.14 -13.64
C LEU FA 82 -145.89 -84.89 -13.38
N ASN FA 83 -145.43 -83.64 -13.47
CA ASN FA 83 -144.04 -83.32 -13.20
C ASN FA 83 -143.68 -83.64 -11.76
N GLU FA 84 -144.55 -83.28 -10.81
CA GLU FA 84 -144.28 -83.58 -9.41
C GLU FA 84 -144.28 -85.08 -9.15
N LEU FA 85 -145.22 -85.81 -9.78
CA LEU FA 85 -145.25 -87.26 -9.61
C LEU FA 85 -143.98 -87.90 -10.16
N LEU FA 86 -143.53 -87.44 -11.33
CA LEU FA 86 -142.29 -87.97 -11.91
C LEU FA 86 -141.09 -87.65 -11.04
N LYS FA 87 -141.04 -86.43 -10.48
CA LYS FA 87 -139.92 -86.06 -9.62
C LYS FA 87 -139.89 -86.88 -8.34
N LYS FA 88 -141.05 -87.11 -7.73
CA LYS FA 88 -141.07 -87.87 -6.49
C LYS FA 88 -140.99 -89.38 -6.70
N THR FA 89 -141.20 -89.88 -7.92
CA THR FA 89 -140.99 -91.28 -8.20
C THR FA 89 -139.60 -91.57 -8.76
N LEU FA 90 -138.90 -90.56 -9.28
CA LEU FA 90 -137.56 -90.74 -9.80
C LEU FA 90 -136.56 -89.82 -9.09
N ILE GA 64 -154.58 -91.43 -15.02
CA ILE GA 64 -153.59 -90.46 -15.46
C ILE GA 64 -152.19 -91.05 -15.34
N GLN GA 65 -152.09 -92.19 -14.66
CA GLN GA 65 -150.81 -92.85 -14.46
C GLN GA 65 -150.38 -93.67 -15.67
N GLN GA 66 -151.25 -93.82 -16.67
CA GLN GA 66 -150.88 -94.59 -17.86
C GLN GA 66 -149.71 -93.95 -18.60
N LEU GA 67 -149.74 -92.62 -18.75
CA LEU GA 67 -148.65 -91.93 -19.42
C LEU GA 67 -147.34 -92.08 -18.63
N VAL GA 68 -147.42 -91.97 -17.31
CA VAL GA 68 -146.23 -92.08 -16.48
C VAL GA 68 -145.63 -93.47 -16.56
N GLN GA 69 -146.47 -94.51 -16.47
CA GLN GA 69 -145.95 -95.87 -16.58
C GLN GA 69 -145.43 -96.16 -17.99
N ASP GA 70 -146.05 -95.60 -19.02
CA ASP GA 70 -145.54 -95.77 -20.38
C ASP GA 70 -144.16 -95.14 -20.51
N ILE GA 71 -144.00 -93.90 -20.06
CA ILE GA 71 -142.70 -93.25 -20.17
C ILE GA 71 -141.66 -93.91 -19.28
N ALA GA 72 -142.08 -94.54 -18.18
CA ALA GA 72 -141.14 -95.33 -17.38
C ALA GA 72 -140.71 -96.60 -18.11
N SER GA 73 -141.63 -97.26 -18.83
CA SER GA 73 -141.29 -98.45 -19.58
C SER GA 73 -140.54 -98.18 -20.88
N LEU GA 74 -140.60 -96.95 -21.40
CA LEU GA 74 -139.89 -96.64 -22.63
C LEU GA 74 -138.39 -96.72 -22.43
N THR GA 75 -137.67 -97.00 -23.52
CA THR GA 75 -136.22 -97.12 -23.48
C THR GA 75 -135.59 -95.74 -23.65
N LEU GA 76 -134.26 -95.69 -23.75
CA LEU GA 76 -133.56 -94.42 -23.86
C LEU GA 76 -133.75 -93.79 -25.23
N LEU GA 77 -133.80 -94.62 -26.28
CA LEU GA 77 -133.97 -94.08 -27.63
C LEU GA 77 -135.35 -93.43 -27.79
N GLU GA 78 -136.38 -94.04 -27.22
CA GLU GA 78 -137.73 -93.48 -27.34
C GLU GA 78 -137.84 -92.13 -26.64
N ILE GA 79 -137.30 -92.03 -25.44
CA ILE GA 79 -137.36 -90.76 -24.72
C ILE GA 79 -136.45 -89.72 -25.36
N SER GA 80 -135.34 -90.16 -25.97
CA SER GA 80 -134.51 -89.22 -26.72
C SER GA 80 -135.26 -88.66 -27.91
N ASP GA 81 -135.99 -89.51 -28.63
CA ASP GA 81 -136.82 -89.04 -29.74
C ASP GA 81 -137.92 -88.10 -29.23
N LEU GA 82 -138.49 -88.42 -28.07
CA LEU GA 82 -139.50 -87.55 -27.47
C LEU GA 82 -138.93 -86.17 -27.17
N ASN GA 83 -137.73 -86.12 -26.58
CA ASN GA 83 -137.10 -84.85 -26.27
C ASN GA 83 -136.76 -84.09 -27.55
N GLU GA 84 -136.29 -84.78 -28.57
CA GLU GA 84 -135.98 -84.13 -29.84
C GLU GA 84 -137.23 -83.53 -30.47
N LEU GA 85 -138.36 -84.25 -30.40
CA LEU GA 85 -139.60 -83.72 -30.94
C LEU GA 85 -140.13 -82.56 -30.10
N LEU GA 86 -139.94 -82.60 -28.78
CA LEU GA 86 -140.46 -81.54 -27.92
C LEU GA 86 -139.63 -80.25 -28.01
N LYS GA 87 -138.31 -80.36 -28.16
CA LYS GA 87 -137.48 -79.16 -28.22
C LYS GA 87 -137.70 -78.38 -29.51
N LYS GA 88 -138.30 -79.01 -30.53
CA LYS GA 88 -138.60 -78.30 -31.77
C LYS GA 88 -139.60 -77.17 -31.53
N THR GA 89 -140.63 -77.43 -30.74
CA THR GA 89 -141.68 -76.46 -30.44
C THR GA 89 -142.29 -75.87 -31.71
N GLY IA 65 54.01 81.11 -30.95
CA GLY IA 65 54.54 79.93 -31.59
C GLY IA 65 53.70 78.69 -31.40
N LEU IA 66 52.41 78.81 -31.69
CA LEU IA 66 51.48 77.70 -31.54
C LEU IA 66 51.56 76.71 -32.70
N GLU IA 67 52.23 77.06 -33.79
CA GLU IA 67 52.42 76.14 -34.89
C GLU IA 67 53.48 75.08 -34.61
N GLU IA 68 54.27 75.25 -33.54
CA GLU IA 68 55.31 74.28 -33.20
C GLU IA 68 54.74 72.91 -32.87
N PHE IA 69 53.44 72.83 -32.56
CA PHE IA 69 52.80 71.55 -32.35
C PHE IA 69 52.65 70.73 -33.62
N PHE IA 70 52.89 71.33 -34.78
CA PHE IA 70 52.75 70.65 -36.06
C PHE IA 70 54.07 70.63 -36.80
N ASP IA 71 54.22 69.63 -37.68
CA ASP IA 71 55.41 69.52 -38.50
C ASP IA 71 55.41 70.61 -39.58
N ASP IA 72 56.43 70.58 -40.43
CA ASP IA 72 56.50 71.54 -41.52
C ASP IA 72 55.33 71.32 -42.47
N PRO IA 73 54.70 72.39 -42.97
CA PRO IA 73 53.52 72.22 -43.84
C PRO IA 73 53.82 71.47 -45.13
N LYS IA 74 55.08 71.38 -45.56
CA LYS IA 74 55.42 70.64 -46.76
C LYS IA 74 55.51 69.14 -46.52
N ASN IA 75 55.47 68.70 -45.26
CA ASN IA 75 55.53 67.28 -44.93
C ASN IA 75 54.20 66.74 -44.43
N TRP IA 76 53.13 67.53 -44.52
CA TRP IA 76 51.85 67.13 -43.94
C TRP IA 76 51.26 65.93 -44.67
N GLY IA 77 51.18 65.99 -45.99
CA GLY IA 77 50.57 64.92 -46.75
C GLY IA 77 51.48 63.78 -47.13
N GLU IA 78 52.75 63.83 -46.74
CA GLU IA 78 53.69 62.79 -47.14
C GLU IA 78 53.40 61.49 -46.42
N GLU IA 79 53.52 60.37 -47.15
CA GLU IA 79 53.24 59.07 -46.56
C GLU IA 79 54.32 58.66 -45.58
N LYS IA 80 55.59 58.87 -45.93
CA LYS IA 80 56.72 58.49 -45.11
C LYS IA 80 57.61 59.71 -44.89
N VAL IA 81 57.98 59.95 -43.63
CA VAL IA 81 58.87 61.03 -43.26
C VAL IA 81 60.11 60.40 -42.64
N LYS IA 82 61.28 60.66 -43.21
CA LYS IA 82 62.51 60.08 -42.71
C LYS IA 82 63.07 60.92 -41.56
N SER IA 83 63.84 60.26 -40.71
CA SER IA 83 64.46 60.93 -39.57
C SER IA 83 65.70 60.15 -39.17
N GLY IA 84 66.57 60.82 -38.41
CA GLY IA 84 67.82 60.22 -37.98
C GLY IA 84 67.63 59.22 -36.86
N ALA IA 85 68.74 58.59 -36.48
CA ALA IA 85 68.71 57.58 -35.43
C ALA IA 85 68.50 58.24 -34.07
N SER IA 86 68.22 57.41 -33.08
CA SER IA 86 67.97 57.90 -31.73
C SER IA 86 69.27 58.23 -31.01
N TRP IA 87 69.18 59.14 -30.06
CA TRP IA 87 70.31 59.48 -29.22
C TRP IA 87 70.70 58.30 -28.35
N THR IA 88 72.00 58.20 -28.02
CA THR IA 88 72.52 57.11 -27.23
C THR IA 88 73.20 57.64 -25.97
N CYS IA 89 73.38 56.73 -25.01
CA CYS IA 89 73.87 57.13 -23.69
C CYS IA 89 75.26 57.75 -23.75
N GLN IA 90 76.15 57.17 -24.56
CA GLN IA 90 77.50 57.73 -24.65
C GLN IA 90 77.48 59.15 -25.23
N GLN IA 91 76.69 59.36 -26.28
CA GLN IA 91 76.58 60.69 -26.85
C GLN IA 91 75.99 61.68 -25.85
N LEU IA 92 74.99 61.24 -25.09
CA LEU IA 92 74.41 62.12 -24.07
C LEU IA 92 75.42 62.45 -22.99
N ARG IA 93 76.22 61.47 -22.56
CA ARG IA 93 77.21 61.72 -21.52
C ARG IA 93 78.32 62.65 -22.01
N ASN IA 94 78.66 62.57 -23.30
CA ASN IA 94 79.68 63.46 -23.84
C ASN IA 94 79.29 64.94 -23.75
N LYS IA 95 78.00 65.24 -23.65
CA LYS IA 95 77.52 66.61 -23.63
C LYS IA 95 77.49 67.16 -22.20
N SER IA 96 77.55 68.48 -22.10
CA SER IA 96 77.51 69.16 -20.82
C SER IA 96 76.06 69.32 -20.35
N ASN IA 97 75.93 69.76 -19.09
CA ASN IA 97 74.59 69.90 -18.51
C ASN IA 97 73.78 70.99 -19.19
N GLU IA 98 74.43 72.05 -19.68
CA GLU IA 98 73.73 73.08 -20.44
C GLU IA 98 73.11 72.48 -21.70
N ASP IA 99 73.90 71.73 -22.47
CA ASP IA 99 73.39 71.11 -23.67
C ASP IA 99 72.35 70.05 -23.37
N LEU IA 100 72.50 69.32 -22.26
CA LEU IA 100 71.46 68.36 -21.88
C LEU IA 100 70.15 69.08 -21.56
N HIS IA 101 70.23 70.19 -20.84
CA HIS IA 101 69.03 70.94 -20.47
C HIS IA 101 68.34 71.49 -21.72
N LYS IA 102 69.12 72.00 -22.67
CA LYS IA 102 68.52 72.49 -23.91
C LYS IA 102 67.94 71.36 -24.75
N LEU IA 103 68.67 70.25 -24.87
CA LEU IA 103 68.20 69.12 -25.66
C LEU IA 103 66.95 68.50 -25.07
N TRP IA 104 66.75 68.63 -23.76
CA TRP IA 104 65.52 68.13 -23.15
C TRP IA 104 64.31 68.81 -23.77
N TYR IA 105 64.33 70.14 -23.86
CA TYR IA 105 63.20 70.86 -24.45
C TYR IA 105 63.16 70.70 -25.96
N VAL IA 106 64.32 70.55 -26.61
CA VAL IA 106 64.34 70.26 -28.04
C VAL IA 106 63.60 68.97 -28.32
N LEU IA 107 63.82 67.94 -27.50
CA LEU IA 107 63.10 66.67 -27.67
C LEU IA 107 61.66 66.78 -27.19
N LEU IA 108 61.40 67.63 -26.20
CA LEU IA 108 60.04 67.80 -25.70
C LEU IA 108 59.12 68.36 -26.77
N LYS IA 109 59.60 69.35 -27.52
CA LYS IA 109 58.79 69.91 -28.60
C LYS IA 109 58.48 68.86 -29.66
N GLU IA 110 59.48 68.06 -30.04
CA GLU IA 110 59.27 67.02 -31.04
C GLU IA 110 58.31 65.96 -30.53
N ARG IA 111 58.42 65.59 -29.25
CA ARG IA 111 57.50 64.60 -28.69
C ARG IA 111 56.07 65.11 -28.67
N ASN IA 112 55.87 66.38 -28.32
CA ASN IA 112 54.53 66.95 -28.37
C ASN IA 112 53.99 66.97 -29.78
N MET IA 113 54.83 67.33 -30.76
CA MET IA 113 54.39 67.34 -32.15
C MET IA 113 54.02 65.93 -32.62
N LEU IA 114 54.81 64.93 -32.24
CA LEU IA 114 54.52 63.57 -32.66
C LEU IA 114 53.25 63.03 -32.00
N LEU IA 115 53.02 63.37 -30.73
CA LEU IA 115 51.77 62.99 -30.08
C LEU IA 115 50.58 63.64 -30.75
N THR IA 116 50.71 64.92 -31.11
CA THR IA 116 49.64 65.60 -31.86
C THR IA 116 49.38 64.89 -33.18
N LEU IA 117 50.44 64.53 -33.90
CA LEU IA 117 50.27 63.85 -35.18
C LEU IA 117 49.59 62.49 -35.00
N GLU IA 118 49.98 61.74 -33.97
CA GLU IA 118 49.37 60.44 -33.73
C GLU IA 118 47.88 60.57 -33.39
N GLN IA 119 47.54 61.54 -32.54
CA GLN IA 119 46.13 61.74 -32.20
C GLN IA 119 45.33 62.16 -33.43
N GLU IA 120 45.89 63.03 -34.27
CA GLU IA 120 45.20 63.44 -35.49
C GLU IA 120 45.03 62.27 -36.44
N ALA IA 121 46.04 61.41 -36.55
CA ALA IA 121 45.93 60.23 -37.40
C ALA IA 121 44.82 59.30 -36.91
N LYS IA 122 44.73 59.10 -35.59
CA LYS IA 122 43.63 58.31 -35.05
C LYS IA 122 42.28 58.96 -35.35
N ARG IA 123 42.19 60.28 -35.19
CA ARG IA 123 40.94 60.98 -35.44
C ARG IA 123 40.51 60.85 -36.90
N GLN IA 124 41.46 60.95 -37.83
CA GLN IA 124 41.16 60.86 -39.25
C GLN IA 124 41.15 59.44 -39.78
N ARG IA 125 41.42 58.45 -38.92
CA ARG IA 125 41.39 57.03 -39.30
C ARG IA 125 42.36 56.75 -40.44
N LEU IA 126 43.58 57.27 -40.31
CA LEU IA 126 44.65 57.06 -41.27
C LEU IA 126 45.91 56.65 -40.54
N PRO IA 127 46.78 55.85 -41.16
CA PRO IA 127 48.03 55.46 -40.52
C PRO IA 127 48.93 56.67 -40.30
N MET IA 128 49.63 56.67 -39.17
CA MET IA 128 50.53 57.76 -38.85
C MET IA 128 51.80 57.65 -39.69
N PRO IA 129 52.27 58.74 -40.31
CA PRO IA 129 53.46 58.65 -41.17
C PRO IA 129 54.73 58.31 -40.40
N SER IA 130 55.25 57.10 -40.62
CA SER IA 130 56.48 56.61 -39.99
C SER IA 130 56.42 56.78 -38.47
N PRO IA 131 55.63 55.95 -37.77
CA PRO IA 131 55.47 56.14 -36.32
C PRO IA 131 56.69 55.81 -35.49
N GLU IA 132 57.80 55.38 -36.09
CA GLU IA 132 59.00 55.10 -35.33
C GLU IA 132 59.65 56.35 -34.76
N ARG IA 133 59.28 57.54 -35.26
CA ARG IA 133 59.85 58.77 -34.73
C ARG IA 133 59.51 58.96 -33.27
N LEU IA 134 58.27 58.62 -32.88
CA LEU IA 134 57.88 58.74 -31.48
C LEU IA 134 58.69 57.80 -30.60
N GLU IA 135 58.92 56.57 -31.06
CA GLU IA 135 59.74 55.64 -30.31
C GLU IA 135 61.17 56.15 -30.17
N LYS IA 136 61.73 56.70 -31.25
CA LYS IA 136 63.08 57.24 -31.19
C LYS IA 136 63.17 58.40 -30.21
N VAL IA 137 62.18 59.30 -30.24
CA VAL IA 137 62.18 60.44 -29.33
C VAL IA 137 62.04 59.98 -27.88
N VAL IA 138 61.17 59.00 -27.63
CA VAL IA 138 61.02 58.47 -26.28
C VAL IA 138 62.32 57.86 -25.79
N ASP IA 139 63.00 57.09 -26.66
CA ASP IA 139 64.27 56.50 -26.28
C ASP IA 139 65.31 57.58 -25.98
N SER IA 140 65.36 58.64 -26.79
CA SER IA 140 66.32 59.71 -26.56
C SER IA 140 66.06 60.42 -25.23
N MET IA 141 64.78 60.70 -24.94
CA MET IA 141 64.45 61.35 -23.67
C MET IA 141 64.77 60.45 -22.49
N ASP IA 142 64.50 59.15 -22.62
CA ASP IA 142 64.84 58.22 -21.56
C ASP IA 142 66.35 58.16 -21.33
N ALA IA 143 67.13 58.17 -22.42
CA ALA IA 143 68.59 58.17 -22.28
C ALA IA 143 69.08 59.44 -21.60
N LEU IA 144 68.52 60.59 -21.97
CA LEU IA 144 68.92 61.84 -21.32
C LEU IA 144 68.57 61.82 -19.84
N ASP IA 145 67.38 61.34 -19.49
CA ASP IA 145 66.97 61.26 -18.09
C ASP IA 145 67.88 60.31 -17.32
N LYS IA 146 68.24 59.18 -17.94
CA LYS IA 146 69.15 58.24 -17.30
C LYS IA 146 70.52 58.85 -17.06
N VAL IA 147 71.03 59.62 -18.03
CA VAL IA 147 72.34 60.24 -17.88
C VAL IA 147 72.32 61.26 -16.74
N VAL IA 148 71.27 62.09 -16.69
CA VAL IA 148 71.17 63.07 -15.62
C VAL IA 148 71.04 62.39 -14.27
N GLN IA 149 70.25 61.31 -14.20
CA GLN IA 149 70.10 60.58 -12.95
C GLN IA 149 71.41 59.94 -12.52
N GLU IA 150 72.18 59.40 -13.47
CA GLU IA 150 73.49 58.83 -13.15
C GLU IA 150 74.43 59.89 -12.58
N ARG IA 151 74.46 61.07 -13.19
CA ARG IA 151 75.34 62.13 -12.69
C ARG IA 151 74.91 62.56 -11.29
N GLU IA 152 73.62 62.73 -11.07
CA GLU IA 152 73.13 63.13 -9.75
C GLU IA 152 73.43 62.05 -8.71
N ASP IA 153 73.25 60.78 -9.07
CA ASP IA 153 73.53 59.69 -8.14
C ASP IA 153 75.01 59.65 -7.78
N ALA IA 154 75.88 59.81 -8.78
CA ALA IA 154 77.32 59.80 -8.50
C ALA IA 154 77.70 60.96 -7.59
N LEU IA 155 77.17 62.15 -7.85
CA LEU IA 155 77.50 63.31 -7.02
C LEU IA 155 76.99 63.12 -5.59
N ARG IA 156 75.77 62.60 -5.43
CA ARG IA 156 75.23 62.42 -4.08
C ARG IA 156 75.94 61.28 -3.35
N LEU IA 157 76.42 60.27 -4.07
CA LEU IA 157 77.25 59.25 -3.43
C LEU IA 157 78.58 59.83 -2.97
N LEU IA 158 79.18 60.71 -3.79
CA LEU IA 158 80.43 61.35 -3.39
C LEU IA 158 80.23 62.25 -2.17
N GLN IA 159 79.15 63.02 -2.13
CA GLN IA 159 78.98 64.04 -1.10
C GLN IA 159 78.39 63.48 0.19
N THR IA 160 77.41 62.59 0.10
CA THR IA 160 76.72 62.08 1.27
C THR IA 160 76.91 60.59 1.52
N GLY IA 161 77.13 59.80 0.48
CA GLY IA 161 77.27 58.38 0.62
C GLY IA 161 75.98 57.61 0.63
N GLN IA 162 74.83 58.28 0.52
CA GLN IA 162 73.55 57.61 0.51
C GLN IA 162 73.23 57.13 -0.90
N GLU IA 163 72.81 55.87 -1.02
CA GLU IA 163 72.51 55.31 -2.34
C GLU IA 163 71.16 55.81 -2.88
N LYS IA 164 70.19 56.01 -2.01
CA LYS IA 164 68.86 56.43 -2.41
C LYS IA 164 68.65 57.91 -2.13
N ALA IA 165 68.02 58.59 -3.09
CA ALA IA 165 67.81 60.03 -2.99
C ALA IA 165 66.64 60.41 -2.08
N ARG IA 166 65.84 59.44 -1.65
CA ARG IA 166 64.72 59.69 -0.76
C ARG IA 166 64.89 58.87 0.52
N PRO IA 167 64.69 59.47 1.69
CA PRO IA 167 64.83 58.71 2.94
C PRO IA 167 63.79 57.59 3.03
N GLY IA 168 64.21 56.49 3.64
CA GLY IA 168 63.32 55.36 3.83
C GLY IA 168 63.86 54.43 4.88
N ALA IA 169 63.00 53.49 5.28
CA ALA IA 169 63.38 52.52 6.31
C ALA IA 169 62.70 51.19 6.03
N TRP IA 170 63.37 50.11 6.43
CA TRP IA 170 62.80 48.77 6.32
C TRP IA 170 61.87 48.56 7.51
N ARG IA 171 60.57 48.63 7.25
CA ARG IA 171 59.55 48.50 8.30
C ARG IA 171 58.85 47.16 8.18
N ARG IA 172 58.08 46.83 9.21
CA ARG IA 172 57.28 45.62 9.26
C ARG IA 172 55.84 46.02 9.57
N ASP IA 173 54.97 45.95 8.57
CA ASP IA 173 53.59 46.38 8.73
C ASP IA 173 52.79 45.34 9.51
N ILE IA 174 51.50 45.63 9.70
CA ILE IA 174 50.63 44.75 10.47
C ILE IA 174 50.31 43.44 9.76
N PHE IA 175 50.61 43.33 8.48
CA PHE IA 175 50.38 42.10 7.74
C PHE IA 175 51.55 41.14 7.82
N GLY IA 176 52.62 41.50 8.52
CA GLY IA 176 53.76 40.63 8.70
C GLY IA 176 54.82 40.74 7.64
N ARG IA 177 54.57 41.47 6.56
CA ARG IA 177 55.54 41.61 5.50
C ARG IA 177 56.60 42.65 5.87
N ILE IA 178 57.75 42.55 5.21
CA ILE IA 178 58.83 43.52 5.36
C ILE IA 178 58.77 44.45 4.16
N ILE IA 179 58.47 45.73 4.42
CA ILE IA 179 58.28 46.70 3.36
C ILE IA 179 59.37 47.77 3.48
N TRP IA 180 59.55 48.50 2.38
CA TRP IA 180 60.45 49.66 2.36
C TRP IA 180 59.57 50.90 2.44
N HIS IA 181 59.38 51.41 3.65
CA HIS IA 181 58.55 52.58 3.88
C HIS IA 181 59.37 53.81 3.52
N LYS IA 182 58.96 54.51 2.48
CA LYS IA 182 59.55 55.80 2.14
C LYS IA 182 59.04 56.86 3.09
N PHE IA 183 59.86 57.88 3.33
CA PHE IA 183 59.52 58.93 4.27
C PHE IA 183 58.90 60.10 3.54
N LYS IA 184 57.85 60.66 4.12
CA LYS IA 184 57.20 61.83 3.55
C LYS IA 184 57.66 63.08 4.29
N GLN IA 185 57.47 64.22 3.64
CA GLN IA 185 57.91 65.50 4.16
C GLN IA 185 56.80 66.17 4.98
N TRP IA 186 57.11 66.52 6.22
CA TRP IA 186 56.14 67.05 7.16
C TRP IA 186 56.66 68.31 7.82
N PRO IA 187 55.77 69.19 8.27
CA PRO IA 187 56.20 70.38 9.02
C PRO IA 187 56.31 70.18 10.53
N ILE IA 188 55.88 69.04 11.06
CA ILE IA 188 55.92 68.78 12.50
C ILE IA 188 56.61 67.45 12.74
N PRO IA 189 57.21 67.21 13.91
CA PRO IA 189 57.88 65.94 14.16
C PRO IA 189 56.89 64.78 14.23
N TRP IA 190 57.45 63.57 14.25
CA TRP IA 190 56.64 62.36 14.13
C TRP IA 190 55.71 62.16 15.32
N TYR IA 191 56.13 62.55 16.52
CA TYR IA 191 55.33 62.32 17.71
C TYR IA 191 54.16 63.29 17.84
N LEU IA 192 54.06 64.29 16.97
CA LEU IA 192 52.96 65.25 17.00
C LEU IA 192 52.02 65.09 15.81
N ASN IA 193 52.16 64.03 15.02
CA ASN IA 193 51.41 63.88 13.78
C ASN IA 193 50.17 63.03 14.01
N LYS IA 194 48.99 63.65 13.83
CA LYS IA 194 47.73 62.95 13.98
C LYS IA 194 47.63 61.76 13.05
N LYS IA 195 47.92 61.96 11.77
CA LYS IA 195 47.75 60.90 10.77
C LYS IA 195 48.81 59.82 10.91
N TYR IA 196 50.06 60.22 11.18
CA TYR IA 196 51.14 59.25 11.25
C TYR IA 196 51.09 58.43 12.54
N ASN IA 197 50.58 59.02 13.63
CA ASN IA 197 50.63 58.34 14.91
C ASN IA 197 49.73 57.10 14.94
N ARG IA 198 48.64 57.10 14.19
CA ARG IA 198 47.73 55.96 14.20
C ARG IA 198 48.16 54.84 13.25
N LYS IA 199 49.24 55.03 12.51
CA LYS IA 199 49.82 53.92 11.75
C LYS IA 199 50.51 52.95 12.69
N ARG IA 200 50.66 51.71 12.22
CA ARG IA 200 51.22 50.64 13.02
C ARG IA 200 52.33 49.96 12.22
N PHE IA 201 53.57 50.09 12.69
CA PHE IA 201 54.70 49.37 12.09
C PHE IA 201 55.17 48.32 13.09
N PHE IA 202 54.45 47.20 13.13
CA PHE IA 202 54.78 46.01 13.91
C PHE IA 202 53.68 44.99 13.64
N ALA IA 203 53.98 43.73 13.93
CA ALA IA 203 53.07 42.63 13.69
C ALA IA 203 52.60 42.04 15.02
N MET IA 204 51.29 41.86 15.15
CA MET IA 204 50.72 41.25 16.33
C MET IA 204 50.97 39.74 16.35
N PRO IA 205 50.84 39.10 17.51
CA PRO IA 205 51.16 37.66 17.59
C PRO IA 205 50.29 36.78 16.69
N TYR IA 206 49.14 37.25 16.24
CA TYR IA 206 48.30 36.43 15.38
C TYR IA 206 48.73 36.44 13.92
N VAL IA 207 49.82 37.15 13.60
CA VAL IA 207 50.28 37.25 12.21
C VAL IA 207 51.34 36.21 11.87
N GLU IA 208 51.97 35.59 12.88
CA GLU IA 208 53.01 34.60 12.61
C GLU IA 208 52.45 33.39 11.86
N ARG IA 209 51.21 33.00 12.18
CA ARG IA 209 50.58 31.88 11.50
C ARG IA 209 50.40 32.16 10.01
N PHE IA 210 49.93 33.36 9.67
CA PHE IA 210 49.78 33.73 8.27
C PHE IA 210 51.13 33.89 7.58
N VAL IA 211 52.14 34.36 8.31
CA VAL IA 211 53.49 34.42 7.74
C VAL IA 211 53.99 33.03 7.39
N ARG IA 212 53.73 32.06 8.28
CA ARG IA 212 54.11 30.68 8.00
C ARG IA 212 53.37 30.14 6.79
N MET IA 213 52.08 30.46 6.66
CA MET IA 213 51.35 30.04 5.45
C MET IA 213 51.96 30.65 4.20
N ARG IA 214 52.34 31.93 4.25
CA ARG IA 214 52.97 32.56 3.09
C ARG IA 214 54.28 31.85 2.73
N ILE IA 215 55.10 31.55 3.74
CA ILE IA 215 56.36 30.86 3.49
C ILE IA 215 56.12 29.51 2.85
N GLU IA 216 55.16 28.75 3.38
CA GLU IA 216 54.89 27.41 2.86
C GLU IA 216 54.31 27.46 1.45
N LYS IA 217 53.46 28.45 1.18
CA LYS IA 217 52.89 28.58 -0.16
C LYS IA 217 53.97 28.91 -1.18
N GLN IA 218 54.87 29.84 -0.84
CA GLN IA 218 55.98 30.15 -1.74
C GLN IA 218 56.89 28.95 -1.93
N ALA IA 219 57.14 28.19 -0.87
CA ALA IA 219 57.97 27.00 -0.98
C ALA IA 219 57.33 25.97 -1.90
N ARG IA 220 56.02 25.77 -1.78
CA ARG IA 220 55.32 24.82 -2.64
C ARG IA 220 55.40 25.27 -4.11
N ILE IA 221 55.18 26.56 -4.35
CA ILE IA 221 55.23 27.06 -5.73
C ILE IA 221 56.63 26.84 -6.32
N LYS IA 222 57.67 27.17 -5.56
CA LYS IA 222 59.03 26.99 -6.05
C LYS IA 222 59.34 25.51 -6.29
N ALA IA 223 58.91 24.64 -5.37
CA ALA IA 223 59.20 23.22 -5.52
C ALA IA 223 58.52 22.63 -6.75
N ARG IA 224 57.26 22.99 -6.98
CA ARG IA 224 56.58 22.44 -8.15
C ARG IA 224 57.11 23.05 -9.45
N LYS IA 225 57.58 24.30 -9.41
CA LYS IA 225 58.26 24.85 -10.58
C LYS IA 225 59.54 24.09 -10.89
N ARG IA 226 60.32 23.77 -9.85
CA ARG IA 226 61.54 23.00 -10.06
C ARG IA 226 61.24 21.62 -10.61
N SER IA 227 60.21 20.95 -10.07
CA SER IA 227 59.83 19.64 -10.57
C SER IA 227 59.38 19.72 -12.03
N LEU IA 228 58.62 20.75 -12.37
CA LEU IA 228 58.19 20.94 -13.75
C LEU IA 228 59.38 21.12 -14.68
N GLU IA 229 60.37 21.93 -14.26
CA GLU IA 229 61.53 22.16 -15.11
C GLU IA 229 62.35 20.88 -15.28
N ARG IA 230 62.49 20.09 -14.20
CA ARG IA 230 63.21 18.83 -14.31
C ARG IA 230 62.50 17.86 -15.24
N LYS IA 231 61.17 17.78 -15.14
CA LYS IA 231 60.41 16.91 -16.02
C LYS IA 231 60.53 17.36 -17.47
N LYS IA 232 60.50 18.67 -17.71
CA LYS IA 232 60.66 19.19 -19.06
C LYS IA 232 62.03 18.83 -19.63
N GLU IA 233 63.09 18.98 -18.81
CA GLU IA 233 64.43 18.63 -19.27
C GLU IA 233 64.53 17.15 -19.59
N LYS IA 234 63.98 16.29 -18.73
CA LYS IA 234 64.03 14.85 -18.99
C LYS IA 234 63.26 14.49 -20.25
N PHE IA 235 62.09 15.11 -20.45
CA PHE IA 235 61.31 14.83 -21.66
C PHE IA 235 62.06 15.26 -22.91
N LEU IA 236 62.71 16.44 -22.86
CA LEU IA 236 63.48 16.90 -24.01
C LEU IA 236 64.66 15.98 -24.30
N GLN IA 237 65.35 15.52 -23.25
CA GLN IA 237 66.46 14.58 -23.45
C GLN IA 237 65.96 13.27 -24.07
N GLU IA 238 64.80 12.79 -23.63
CA GLU IA 238 64.24 11.57 -24.19
C GLU IA 238 63.81 11.78 -25.65
N LYS IA 239 63.28 12.96 -25.96
CA LYS IA 239 62.77 13.22 -27.31
C LYS IA 239 63.91 13.44 -28.30
N PHE IA 240 65.04 13.99 -27.85
CA PHE IA 240 66.18 14.28 -28.73
C PHE IA 240 67.40 13.54 -28.20
N PRO IA 241 67.55 12.25 -28.53
CA PRO IA 241 68.70 11.47 -28.05
C PRO IA 241 69.94 11.70 -28.90
N HIS IA 242 70.48 12.90 -28.85
CA HIS IA 242 71.67 13.27 -29.61
C HIS IA 242 72.97 12.90 -28.89
N LEU IA 243 72.89 12.38 -27.68
CA LEU IA 243 74.08 12.01 -26.92
C LEU IA 243 74.75 10.77 -27.52
N LYS JA 35 -2.84 -33.31 16.55
CA LYS JA 35 -1.51 -33.22 15.97
C LYS JA 35 -1.29 -34.35 14.97
N PHE JA 36 -0.55 -34.06 13.90
CA PHE JA 36 -0.26 -35.05 12.87
C PHE JA 36 1.04 -35.78 13.23
N THR JA 37 0.93 -37.09 13.44
CA THR JA 37 2.08 -37.91 13.80
C THR JA 37 2.14 -39.15 12.92
N ARG JA 38 3.03 -40.08 13.24
CA ARG JA 38 3.08 -41.34 12.52
C ARG JA 38 1.81 -42.14 12.78
N SER JA 39 1.65 -43.24 12.03
CA SER JA 39 0.46 -44.05 12.10
C SER JA 39 0.83 -45.50 12.40
N ARG JA 40 0.16 -46.09 13.38
CA ARG JA 40 0.31 -47.51 13.69
C ARG JA 40 -0.77 -48.27 12.95
N ILE JA 41 -0.36 -49.18 12.07
CA ILE JA 41 -1.31 -49.97 11.29
C ILE JA 41 -1.73 -51.19 12.11
N PRO JA 42 -3.03 -51.40 12.32
CA PRO JA 42 -3.46 -52.56 13.11
C PRO JA 42 -3.12 -53.87 12.41
N ASP JA 43 -2.96 -54.92 13.22
CA ASP JA 43 -2.52 -56.21 12.69
C ASP JA 43 -3.54 -56.85 11.76
N LYS JA 44 -4.83 -56.58 11.95
CA LYS JA 44 -5.84 -57.20 11.10
C LYS JA 44 -5.77 -56.71 9.66
N VAL JA 45 -5.07 -55.60 9.41
CA VAL JA 45 -4.91 -55.13 8.04
C VAL JA 45 -4.10 -56.12 7.22
N PHE JA 46 -3.05 -56.69 7.82
CA PHE JA 46 -2.14 -57.59 7.12
C PHE JA 46 -2.46 -59.06 7.39
N GLN JA 47 -3.75 -59.40 7.51
CA GLN JA 47 -4.19 -60.79 7.58
C GLN JA 47 -4.93 -61.12 6.29
N PRO JA 48 -4.31 -61.80 5.34
CA PRO JA 48 -4.96 -62.02 4.04
C PRO JA 48 -6.15 -62.95 4.14
N SER JA 49 -7.16 -62.67 3.32
CA SER JA 49 -8.33 -63.50 3.18
C SER JA 49 -8.03 -64.68 2.24
N PRO JA 50 -8.72 -65.81 2.40
CA PRO JA 50 -8.50 -66.94 1.48
C PRO JA 50 -8.75 -66.59 0.02
N GLU JA 51 -9.70 -65.69 -0.25
CA GLU JA 51 -9.94 -65.25 -1.62
C GLU JA 51 -8.86 -64.32 -2.15
N ASP JA 52 -8.12 -63.64 -1.27
CA ASP JA 52 -7.09 -62.72 -1.71
C ASP JA 52 -5.97 -63.43 -2.43
N HIS JA 53 -5.66 -64.67 -2.04
CA HIS JA 53 -4.61 -65.42 -2.72
C HIS JA 53 -4.94 -65.61 -4.19
N GLU JA 54 -6.17 -66.04 -4.49
CA GLU JA 54 -6.57 -66.21 -5.88
C GLU JA 54 -6.73 -64.86 -6.57
N LYS JA 55 -7.16 -63.83 -5.84
CA LYS JA 55 -7.36 -62.52 -6.46
C LYS JA 55 -6.02 -61.93 -6.93
N TYR JA 56 -4.98 -62.08 -6.12
CA TYR JA 56 -3.69 -61.46 -6.43
C TYR JA 56 -2.67 -62.46 -6.95
N GLY JA 57 -3.06 -63.70 -7.20
CA GLY JA 57 -2.16 -64.68 -7.77
C GLY JA 57 -1.01 -65.07 -6.87
N GLY JA 58 -1.28 -65.31 -5.59
CA GLY JA 58 -0.24 -65.73 -4.66
C GLY JA 58 -0.43 -67.16 -4.19
N ASP JA 59 0.66 -67.80 -3.78
CA ASP JA 59 0.59 -69.18 -3.32
C ASP JA 59 0.06 -69.19 -1.88
N PRO JA 60 -1.06 -69.88 -1.61
CA PRO JA 60 -1.59 -69.92 -0.24
C PRO JA 60 -0.68 -70.61 0.75
N GLN JA 61 0.25 -71.45 0.29
CA GLN JA 61 1.13 -72.20 1.17
C GLN JA 61 2.48 -71.52 1.39
N TYR JA 62 3.21 -71.26 0.31
CA TYR JA 62 4.59 -70.77 0.41
C TYR JA 62 4.65 -69.30 0.03
N PRO JA 63 5.03 -68.42 0.95
CA PRO JA 63 5.22 -67.01 0.58
C PRO JA 63 6.41 -66.85 -0.35
N HIS JA 64 6.35 -65.81 -1.18
CA HIS JA 64 7.43 -65.56 -2.13
C HIS JA 64 8.68 -65.08 -1.40
N LYS JA 65 9.80 -65.13 -2.11
CA LYS JA 65 11.11 -64.90 -1.51
C LYS JA 65 11.60 -63.46 -1.61
N LEU JA 66 11.35 -62.79 -2.72
CA LEU JA 66 11.93 -61.47 -2.96
C LEU JA 66 10.87 -60.49 -3.44
N HIS JA 67 10.97 -59.26 -2.94
CA HIS JA 67 10.11 -58.15 -3.34
C HIS JA 67 10.74 -57.39 -4.51
N ILE JA 68 9.90 -56.97 -5.44
CA ILE JA 68 10.23 -55.96 -6.43
C ILE JA 68 9.43 -54.71 -6.05
N VAL JA 69 10.13 -53.66 -5.65
CA VAL JA 69 9.50 -52.44 -5.15
C VAL JA 69 9.81 -51.31 -6.11
N THR JA 70 8.77 -50.59 -6.52
CA THR JA 70 8.92 -49.48 -7.45
C THR JA 70 8.17 -48.28 -6.91
N ARG JA 71 8.88 -47.19 -6.65
CA ARG JA 71 8.25 -45.99 -6.14
C ARG JA 71 7.45 -45.32 -7.24
N ILE JA 72 6.18 -45.01 -6.96
CA ILE JA 72 5.31 -44.37 -7.95
C ILE JA 72 5.16 -42.90 -7.61
N LYS JA 73 4.63 -42.63 -6.42
CA LYS JA 73 4.36 -41.27 -6.00
C LYS JA 73 5.63 -40.58 -5.51
N SER JA 74 5.57 -39.26 -5.45
CA SER JA 74 6.68 -38.47 -4.96
C SER JA 74 6.68 -38.41 -3.43
N THR JA 75 7.84 -38.10 -2.87
CA THR JA 75 7.96 -37.90 -1.44
C THR JA 75 7.65 -36.47 -1.01
N LYS JA 76 7.41 -35.57 -1.96
CA LYS JA 76 7.01 -34.21 -1.62
C LYS JA 76 5.60 -34.22 -1.03
N ARG JA 77 5.36 -33.28 -0.11
CA ARG JA 77 4.12 -33.19 0.63
C ARG JA 77 3.86 -34.44 1.46
N ARG JA 78 4.94 -35.13 1.84
CA ARG JA 78 4.94 -36.29 2.71
C ARG JA 78 5.91 -36.05 3.84
N PRO JA 79 5.68 -36.66 5.01
CA PRO JA 79 6.51 -36.37 6.18
C PRO JA 79 7.95 -36.81 6.01
N TYR JA 80 8.81 -36.22 6.87
CA TYR JA 80 10.24 -36.47 6.77
C TYR JA 80 10.59 -37.93 7.06
N TRP JA 81 9.83 -38.60 7.93
CA TRP JA 81 10.11 -40.00 8.20
C TRP JA 81 9.83 -40.85 6.97
N GLU JA 82 8.76 -40.55 6.24
CA GLU JA 82 8.50 -41.25 4.99
C GLU JA 82 9.58 -40.94 3.95
N LYS JA 83 10.02 -39.68 3.89
CA LYS JA 83 11.12 -39.34 2.98
C LYS JA 83 12.38 -40.13 3.31
N ASP JA 84 12.71 -40.25 4.59
CA ASP JA 84 13.92 -40.96 4.99
C ASP JA 84 13.79 -42.46 4.72
N ILE JA 85 12.60 -43.03 4.93
CA ILE JA 85 12.41 -44.44 4.64
C ILE JA 85 12.58 -44.70 3.14
N ILE JA 86 12.02 -43.82 2.32
CA ILE JA 86 12.19 -43.94 0.86
C ILE JA 86 13.66 -43.84 0.51
N LYS JA 87 14.39 -42.91 1.12
CA LYS JA 87 15.80 -42.74 0.83
C LYS JA 87 16.61 -43.97 1.21
N MET JA 88 16.33 -44.56 2.37
CA MET JA 88 17.10 -45.72 2.82
C MET JA 88 16.68 -47.01 2.13
N LEU JA 89 15.50 -47.04 1.50
CA LEU JA 89 15.11 -48.20 0.73
C LEU JA 89 15.71 -48.21 -0.67
N GLY JA 90 16.44 -47.17 -1.05
CA GLY JA 90 17.00 -47.10 -2.39
C GLY JA 90 16.00 -46.75 -3.46
N LEU JA 91 14.88 -46.12 -3.09
CA LEU JA 91 13.82 -45.76 -4.00
C LEU JA 91 13.80 -44.25 -4.28
N GLU JA 92 14.98 -43.64 -4.35
CA GLU JA 92 15.06 -42.21 -4.61
C GLU JA 92 14.53 -41.87 -6.00
N LYS JA 93 14.87 -42.68 -6.99
CA LYS JA 93 14.41 -42.47 -8.36
C LYS JA 93 13.12 -43.23 -8.60
N ALA JA 94 12.17 -42.57 -9.25
CA ALA JA 94 10.86 -43.15 -9.49
C ALA JA 94 10.88 -44.06 -10.72
N HIS JA 95 9.97 -45.03 -10.73
CA HIS JA 95 9.79 -45.95 -11.85
C HIS JA 95 11.04 -46.76 -12.15
N THR JA 96 11.84 -47.04 -11.12
CA THR JA 96 13.00 -47.92 -11.24
C THR JA 96 12.87 -49.04 -10.21
N PRO JA 97 12.57 -50.27 -10.64
CA PRO JA 97 12.38 -51.35 -9.66
C PRO JA 97 13.66 -51.67 -8.90
N GLN JA 98 13.47 -52.05 -7.64
CA GLN JA 98 14.55 -52.47 -6.76
C GLN JA 98 14.17 -53.76 -6.08
N VAL JA 99 15.10 -54.70 -6.00
CA VAL JA 99 14.85 -56.00 -5.39
C VAL JA 99 15.23 -55.95 -3.92
N HIS JA 100 14.34 -56.46 -3.08
CA HIS JA 100 14.51 -56.47 -1.64
C HIS JA 100 14.14 -57.84 -1.09
N LYS JA 101 14.49 -58.09 0.15
CA LYS JA 101 14.12 -59.34 0.79
C LYS JA 101 12.67 -59.29 1.26
N ASN JA 102 12.12 -60.46 1.58
CA ASN JA 102 10.77 -60.59 2.11
C ASN JA 102 10.78 -60.84 3.61
N ILE JA 103 11.70 -60.21 4.32
CA ILE JA 103 11.84 -60.39 5.76
C ILE JA 103 11.06 -59.31 6.48
N PRO JA 104 10.58 -59.55 7.71
CA PRO JA 104 9.82 -58.52 8.43
C PRO JA 104 10.60 -57.24 8.68
N SER JA 105 11.93 -57.32 8.76
CA SER JA 105 12.73 -56.13 9.05
C SER JA 105 12.56 -55.07 7.98
N VAL JA 106 12.55 -55.48 6.70
CA VAL JA 106 12.26 -54.53 5.63
C VAL JA 106 10.76 -54.41 5.37
N ASN JA 107 9.97 -55.42 5.74
CA ASN JA 107 8.53 -55.32 5.60
C ASN JA 107 7.96 -54.21 6.47
N ALA JA 108 8.61 -53.91 7.59
CA ALA JA 108 8.15 -52.81 8.43
C ALA JA 108 8.26 -51.47 7.70
N LYS JA 109 9.41 -51.22 7.07
CA LYS JA 109 9.58 -49.98 6.32
C LYS JA 109 8.66 -49.95 5.10
N LEU JA 110 8.48 -51.08 4.44
CA LEU JA 110 7.56 -51.14 3.30
C LEU JA 110 6.13 -50.86 3.75
N LYS JA 111 5.77 -51.31 4.96
CA LYS JA 111 4.47 -50.96 5.52
C LYS JA 111 4.37 -49.47 5.79
N VAL JA 112 5.46 -48.88 6.28
CA VAL JA 112 5.45 -47.44 6.58
C VAL JA 112 5.21 -46.63 5.32
N VAL JA 113 5.86 -47.00 4.21
CA VAL JA 113 5.74 -46.21 2.99
C VAL JA 113 4.97 -46.97 1.90
N LYS JA 114 4.02 -47.81 2.31
CA LYS JA 114 3.30 -48.64 1.35
C LYS JA 114 2.40 -47.83 0.41
N HIS JA 115 2.08 -46.58 0.74
CA HIS JA 115 1.21 -45.77 -0.10
C HIS JA 115 1.96 -45.05 -1.21
N LEU JA 116 3.28 -45.18 -1.28
CA LEU JA 116 4.08 -44.54 -2.31
C LEU JA 116 4.76 -45.54 -3.24
N ILE JA 117 4.55 -46.84 -3.04
CA ILE JA 117 5.28 -47.86 -3.77
C ILE JA 117 4.32 -48.89 -4.33
N ARG JA 118 4.79 -49.60 -5.35
CA ARG JA 118 4.15 -50.79 -5.87
C ARG JA 118 5.06 -51.99 -5.58
N ILE JA 119 4.50 -53.02 -4.96
CA ILE JA 119 5.24 -54.20 -4.54
C ILE JA 119 4.73 -55.40 -5.33
N LYS JA 120 5.65 -56.13 -5.94
CA LYS JA 120 5.35 -57.35 -6.67
C LYS JA 120 6.28 -58.46 -6.19
N PRO JA 121 5.91 -59.72 -6.40
CA PRO JA 121 6.85 -60.80 -6.09
C PRO JA 121 7.77 -61.07 -7.27
N LEU JA 122 9.04 -61.32 -6.96
CA LEU JA 122 10.02 -61.62 -8.00
C LEU JA 122 9.91 -63.09 -8.39
N LYS JA 123 9.59 -63.35 -9.64
CA LYS JA 123 9.40 -64.70 -10.15
C LYS JA 123 10.61 -65.12 -10.98
N LEU JA 124 10.98 -66.39 -10.86
CA LEU JA 124 12.17 -66.95 -11.51
C LEU JA 124 11.80 -68.22 -12.25
N PRO JA 125 11.23 -68.10 -13.46
CA PRO JA 125 10.88 -69.30 -14.23
C PRO JA 125 12.07 -70.17 -14.58
N GLN JA 126 13.25 -69.59 -14.75
CA GLN JA 126 14.44 -70.33 -15.18
C GLN JA 126 15.49 -70.40 -14.08
N GLY JA 127 15.10 -70.16 -12.83
CA GLY JA 127 16.02 -70.24 -11.72
C GLY JA 127 16.85 -68.98 -11.56
N LEU JA 128 17.70 -69.01 -10.53
CA LEU JA 128 18.61 -67.91 -10.29
C LEU JA 128 19.62 -67.79 -11.43
N PRO JA 129 20.02 -66.57 -11.79
CA PRO JA 129 21.03 -66.40 -12.83
C PRO JA 129 22.37 -66.96 -12.38
N THR JA 130 22.96 -67.79 -13.24
CA THR JA 130 24.27 -68.36 -12.95
C THR JA 130 25.37 -67.37 -13.33
N GLU JA 131 26.61 -67.74 -12.98
CA GLU JA 131 27.73 -66.85 -13.26
C GLU JA 131 27.97 -66.69 -14.75
N GLU JA 132 27.57 -67.67 -15.56
CA GLU JA 132 27.72 -67.59 -17.00
C GLU JA 132 26.53 -66.90 -17.68
N ASP JA 133 25.50 -66.52 -16.91
CA ASP JA 133 24.31 -65.89 -17.47
C ASP JA 133 24.03 -64.55 -16.80
N MET JA 134 25.02 -63.95 -16.13
CA MET JA 134 24.80 -62.68 -15.45
C MET JA 134 24.57 -61.55 -16.45
N ALA JA 135 25.28 -61.57 -17.57
CA ALA JA 135 25.27 -60.46 -18.52
C ALA JA 135 24.18 -60.58 -19.59
N ASN JA 136 23.35 -61.62 -19.54
CA ASN JA 136 22.31 -61.83 -20.53
C ASN JA 136 20.93 -61.95 -19.89
N THR JA 137 20.71 -61.23 -18.81
CA THR JA 137 19.45 -61.30 -18.06
C THR JA 137 18.67 -59.99 -18.22
N CYS JA 138 17.38 -60.06 -17.91
CA CYS JA 138 16.51 -58.90 -17.96
C CYS JA 138 15.34 -59.12 -17.03
N LEU JA 139 14.73 -58.01 -16.61
CA LEU JA 139 13.57 -58.03 -15.72
C LEU JA 139 12.37 -57.51 -16.49
N LYS JA 140 11.40 -58.39 -16.74
CA LYS JA 140 10.20 -58.02 -17.48
C LYS JA 140 9.30 -57.15 -16.62
N SER JA 141 8.41 -56.41 -17.29
CA SER JA 141 7.46 -55.56 -16.59
C SER JA 141 6.45 -56.38 -15.79
N ASN JA 142 6.23 -57.63 -16.17
CA ASN JA 142 5.31 -58.52 -15.48
C ASN JA 142 5.96 -59.32 -14.35
N GLY JA 143 7.27 -59.14 -14.11
CA GLY JA 143 7.90 -59.55 -12.88
C GLY JA 143 8.80 -60.77 -12.92
N GLU JA 144 8.83 -61.52 -14.02
CA GLU JA 144 9.75 -62.64 -14.16
C GLU JA 144 11.10 -62.16 -14.69
N LEU JA 145 12.17 -62.54 -13.99
CA LEU JA 145 13.53 -62.23 -14.36
C LEU JA 145 14.02 -63.34 -15.28
N VAL JA 146 14.09 -63.06 -16.58
CA VAL JA 146 14.52 -64.05 -17.55
C VAL JA 146 16.03 -64.21 -17.48
N VAL JA 147 16.50 -65.43 -17.67
CA VAL JA 147 17.93 -65.74 -17.57
C VAL JA 147 18.63 -65.56 -18.91
N ARG JA 148 18.00 -65.98 -20.00
CA ARG JA 148 18.57 -65.83 -21.34
C ARG JA 148 17.69 -64.84 -22.11
N TRP JA 149 18.19 -63.63 -22.31
CA TRP JA 149 17.44 -62.54 -22.91
C TRP JA 149 18.09 -62.15 -24.23
N LEU JA 150 17.37 -62.36 -25.34
CA LEU JA 150 17.87 -62.10 -26.69
C LEU JA 150 19.21 -62.80 -26.92
N LEU JA 151 19.18 -64.12 -26.86
CA LEU JA 151 20.36 -64.92 -27.19
C LEU JA 151 20.70 -64.77 -28.66
N ASN JA 152 22.00 -64.77 -28.96
CA ASN JA 152 22.50 -64.62 -30.33
C ASN JA 152 22.00 -63.32 -30.97
N ASP KA 35 -26.87 -66.19 83.12
CA ASP KA 35 -25.92 -65.41 82.33
C ASP KA 35 -25.81 -63.98 82.86
N CYS KA 36 -26.52 -63.70 83.96
CA CYS KA 36 -26.49 -62.37 84.54
C CYS KA 36 -25.13 -62.03 85.15
N ASN KA 37 -24.33 -63.05 85.49
CA ASN KA 37 -23.00 -62.84 86.06
C ASN KA 37 -21.91 -62.85 84.99
N ARG KA 38 -22.25 -62.49 83.76
CA ARG KA 38 -21.29 -62.47 82.68
C ARG KA 38 -20.38 -61.24 82.74
N ALA KA 39 -20.99 -60.05 82.82
CA ALA KA 39 -20.25 -58.80 82.82
C ALA KA 39 -20.25 -58.13 84.19
N LEU KA 40 -20.29 -58.93 85.25
CA LEU KA 40 -20.29 -58.39 86.61
C LEU KA 40 -18.94 -58.52 87.30
N LEU KA 41 -18.13 -59.50 86.92
CA LEU KA 41 -16.84 -59.75 87.57
C LEU KA 41 -15.77 -58.83 86.98
N THR KA 42 -15.89 -57.56 87.31
CA THR KA 42 -14.95 -56.54 86.82
C THR KA 42 -14.63 -55.59 87.97
N ARG KA 43 -13.99 -54.47 87.63
CA ARG KA 43 -13.49 -53.52 88.61
C ARG KA 43 -13.38 -52.15 87.96
N LEU KA 44 -12.82 -51.20 88.70
CA LEU KA 44 -12.47 -49.90 88.14
C LEU KA 44 -11.08 -49.98 87.52
N HIS KA 45 -10.98 -49.55 86.26
CA HIS KA 45 -9.76 -49.73 85.47
C HIS KA 45 -8.96 -48.44 85.34
N ARG KA 46 -8.91 -47.62 86.38
CA ARG KA 46 -8.18 -46.36 86.35
C ARG KA 46 -7.08 -46.36 87.40
N GLN KA 47 -6.21 -45.36 87.31
CA GLN KA 47 -5.06 -45.26 88.20
C GLN KA 47 -5.40 -44.55 89.50
N THR KA 48 -5.86 -43.30 89.41
CA THR KA 48 -6.22 -42.50 90.58
C THR KA 48 -7.73 -42.55 90.77
N TYR KA 49 -8.17 -43.23 91.82
CA TYR KA 49 -9.59 -43.35 92.12
C TYR KA 49 -9.77 -43.68 93.58
N ALA KA 50 -10.88 -43.23 94.15
CA ALA KA 50 -11.17 -43.47 95.55
C ALA KA 50 -11.60 -44.93 95.76
N ARG KA 51 -11.58 -45.35 97.02
CA ARG KA 51 -11.99 -46.70 97.38
C ARG KA 51 -13.52 -46.77 97.46
N LEU KA 52 -14.09 -47.76 96.78
CA LEU KA 52 -15.53 -47.93 96.72
C LEU KA 52 -15.91 -49.26 97.37
N TYR KA 53 -17.12 -49.30 97.93
CA TYR KA 53 -17.55 -50.42 98.74
C TYR KA 53 -18.87 -50.99 98.22
N PRO KA 54 -19.12 -52.29 98.43
CA PRO KA 54 -20.38 -52.91 97.96
C PRO KA 54 -21.58 -52.52 98.84
N VAL KA 55 -22.13 -51.35 98.54
CA VAL KA 55 -23.26 -50.81 99.29
C VAL KA 55 -24.56 -51.41 98.76
N LEU KA 56 -25.44 -51.81 99.67
CA LEU KA 56 -26.74 -52.37 99.32
C LEU KA 56 -27.76 -51.24 99.31
N LEU KA 57 -28.28 -50.91 98.14
CA LEU KA 57 -29.23 -49.82 97.96
C LEU KA 57 -30.62 -50.39 97.67
N VAL KA 58 -31.64 -49.77 98.25
CA VAL KA 58 -33.02 -50.19 98.08
C VAL KA 58 -33.84 -49.01 97.58
N LYS KA 59 -34.72 -49.28 96.61
CA LYS KA 59 -35.72 -48.35 96.12
C LYS KA 59 -37.06 -48.64 96.78
N GLN KA 60 -38.13 -48.03 96.29
CA GLN KA 60 -39.47 -48.24 96.85
C GLN KA 60 -40.09 -49.52 96.33
N ASP KA 61 -39.33 -50.62 96.38
CA ASP KA 61 -39.85 -51.92 95.99
C ASP KA 61 -39.50 -53.04 96.95
N GLY KA 62 -38.49 -52.87 97.80
CA GLY KA 62 -38.01 -53.93 98.65
C GLY KA 62 -36.85 -54.71 98.07
N SER KA 63 -36.47 -54.46 96.83
CA SER KA 63 -35.35 -55.13 96.19
C SER KA 63 -34.04 -54.42 96.56
N THR KA 64 -32.94 -55.16 96.42
CA THR KA 64 -31.61 -54.68 96.77
C THR KA 64 -30.71 -54.72 95.56
N ILE KA 65 -29.83 -53.73 95.44
CA ILE KA 65 -28.84 -53.68 94.38
C ILE KA 65 -27.48 -53.36 94.99
N HIS KA 66 -26.44 -54.02 94.49
CA HIS KA 66 -25.08 -53.79 94.94
C HIS KA 66 -24.44 -52.70 94.09
N ILE KA 67 -24.06 -51.59 94.73
CA ILE KA 67 -23.46 -50.46 94.05
C ILE KA 67 -22.15 -50.11 94.74
N ARG KA 68 -21.09 -49.93 93.95
CA ARG KA 68 -19.82 -49.47 94.47
C ARG KA 68 -19.92 -47.99 94.80
N TYR KA 69 -19.63 -47.63 96.05
CA TYR KA 69 -19.83 -46.26 96.50
C TYR KA 69 -18.95 -46.00 97.71
N ARG KA 70 -18.48 -44.75 97.82
CA ARG KA 70 -17.71 -44.32 98.97
C ARG KA 70 -18.62 -44.24 100.21
N GLU KA 71 -18.03 -43.85 101.34
CA GLU KA 71 -18.77 -43.73 102.59
C GLU KA 71 -19.44 -45.05 102.93
N PRO KA 72 -18.68 -46.06 103.37
CA PRO KA 72 -19.20 -47.43 103.39
C PRO KA 72 -20.33 -47.63 104.39
N ARG KA 73 -21.50 -47.07 104.09
CA ARG KA 73 -22.70 -47.37 104.83
C ARG KA 73 -23.35 -48.62 104.25
N ARG KA 74 -23.66 -49.59 105.12
CA ARG KA 74 -24.15 -50.88 104.64
C ARG KA 74 -25.49 -50.75 103.93
N MET KA 75 -26.39 -49.93 104.46
CA MET KA 75 -27.75 -49.82 103.95
C MET KA 75 -28.04 -48.39 103.51
N LEU KA 76 -28.49 -48.24 102.27
CA LEU KA 76 -28.98 -46.97 101.75
C LEU KA 76 -30.39 -47.18 101.20
N THR KA 77 -31.30 -46.29 101.56
CA THR KA 77 -32.70 -46.35 101.13
C THR KA 77 -33.04 -45.06 100.41
N MET KA 78 -33.54 -45.17 99.18
CA MET KA 78 -33.89 -43.98 98.41
C MET KA 78 -35.38 -43.75 98.52
N PRO KA 79 -35.82 -42.57 98.99
CA PRO KA 79 -37.26 -42.33 99.22
C PRO KA 79 -37.96 -41.75 98.02
N VAL KA 80 -39.25 -41.46 98.16
CA VAL KA 80 -40.04 -40.85 97.10
C VAL KA 80 -40.97 -39.80 97.71
N ASP KA 81 -41.10 -38.66 97.02
CA ASP KA 81 -42.03 -37.62 97.44
C ASP KA 81 -42.76 -36.96 96.29
N LEU KA 82 -42.55 -37.39 95.05
CA LEU KA 82 -43.13 -36.73 93.89
C LEU KA 82 -43.93 -37.64 92.98
N ASP KA 83 -43.91 -38.96 93.22
CA ASP KA 83 -44.68 -39.87 92.39
C ASP KA 83 -46.18 -39.71 92.60
N SER KA 84 -46.59 -39.29 93.79
CA SER KA 84 -47.99 -39.13 94.13
C SER KA 84 -48.45 -37.72 93.77
N LEU KA 85 -49.76 -37.50 93.89
CA LEU KA 85 -50.37 -36.21 93.64
C LEU KA 85 -50.53 -35.47 94.96
N SER KA 86 -51.14 -34.27 94.92
CA SER KA 86 -51.35 -33.51 96.14
C SER KA 86 -52.30 -34.23 97.09
N PRO KA 87 -53.39 -34.81 96.56
CA PRO KA 87 -54.34 -35.51 97.41
C PRO KA 87 -53.71 -36.74 98.04
N GLU KA 88 -52.94 -37.50 97.25
CA GLU KA 88 -52.28 -38.70 97.80
C GLU KA 88 -51.23 -38.32 98.84
N GLU KA 89 -50.48 -37.24 98.59
CA GLU KA 89 -49.50 -36.78 99.57
C GLU KA 89 -50.18 -36.35 100.86
N ARG KA 90 -51.30 -35.64 100.76
CA ARG KA 90 -52.04 -35.22 101.95
C ARG KA 90 -52.58 -36.43 102.71
N ARG KA 91 -53.09 -37.43 101.99
CA ARG KA 91 -53.58 -38.63 102.63
C ARG KA 91 -52.46 -39.38 103.35
N ALA KA 92 -51.29 -39.47 102.71
CA ALA KA 92 -50.15 -40.12 103.35
C ALA KA 92 -49.71 -39.36 104.60
N ARG KA 93 -49.69 -38.03 104.53
CA ARG KA 93 -49.32 -37.23 105.69
C ARG KA 93 -50.33 -37.44 106.83
N PHE KA 94 -51.62 -37.49 106.50
CA PHE KA 94 -52.64 -37.74 107.52
C PHE KA 94 -52.47 -39.12 108.14
N ARG KA 95 -52.16 -40.13 107.32
CA ARG KA 95 -51.95 -41.48 107.84
C ARG KA 95 -50.70 -41.55 108.70
N LYS KA 96 -49.69 -40.74 108.41
CA LYS KA 96 -48.46 -40.71 109.19
C LYS KA 96 -48.73 -40.18 110.60
N ALA LA 79 -1.73 19.39 -15.99
CA ALA LA 79 -1.43 17.96 -15.92
C ALA LA 79 -0.09 17.66 -16.60
N ALA LA 80 0.66 16.72 -16.04
CA ALA LA 80 1.95 16.35 -16.57
C ALA LA 80 1.86 15.03 -17.33
N PRO LA 81 2.59 14.90 -18.44
CA PRO LA 81 2.54 13.64 -19.21
C PRO LA 81 3.01 12.45 -18.38
N LYS LA 82 2.29 11.34 -18.51
CA LYS LA 82 2.61 10.14 -17.74
C LYS LA 82 3.82 9.41 -18.29
N ASN LA 83 4.03 9.44 -19.60
CA ASN LA 83 5.14 8.73 -20.22
C ASN LA 83 5.67 9.54 -21.39
N ARG LA 84 6.91 9.26 -21.76
CA ARG LA 84 7.52 9.91 -22.91
C ARG LA 84 6.90 9.41 -24.20
N ARG LA 85 6.49 10.33 -25.06
CA ARG LA 85 5.91 9.96 -26.35
C ARG LA 85 7.02 9.54 -27.31
N SER LA 86 6.84 8.38 -27.95
CA SER LA 86 7.89 7.80 -28.76
C SER LA 86 7.99 8.49 -30.12
N ILE LA 87 9.11 8.23 -30.79
CA ILE LA 87 9.36 8.87 -32.08
C ILE LA 87 8.38 8.39 -33.13
N GLU LA 88 7.92 7.14 -33.05
CA GLU LA 88 6.93 6.65 -34.00
C GLU LA 88 5.63 7.43 -33.90
N VAL LA 89 5.15 7.63 -32.68
CA VAL LA 89 3.93 8.41 -32.48
C VAL LA 89 4.15 9.86 -32.90
N ASN LA 90 5.32 10.41 -32.57
CA ASN LA 90 5.61 11.80 -32.95
C ASN LA 90 5.60 11.97 -34.47
N ARG LA 91 6.20 11.02 -35.20
CA ARG LA 91 6.19 11.09 -36.65
C ARG LA 91 4.79 10.93 -37.21
N CYS LA 92 4.01 9.98 -36.67
CA CYS LA 92 2.63 9.82 -37.11
C CYS LA 92 1.83 11.08 -36.88
N ARG LA 93 2.15 11.84 -35.83
CA ARG LA 93 1.42 13.07 -35.56
C ARG LA 93 1.84 14.21 -36.50
N ARG LA 94 3.14 14.46 -36.61
CA ARG LA 94 3.61 15.65 -37.31
C ARG LA 94 4.07 15.38 -38.74
N ARG LA 95 3.70 14.22 -39.31
CA ARG LA 95 3.81 14.02 -40.75
C ARG LA 95 2.46 13.74 -41.38
N ASN LA 96 1.37 13.97 -40.65
CA ASN LA 96 0.04 13.77 -41.18
C ASN LA 96 -0.24 14.77 -42.31
N PRO LA 97 -1.04 14.38 -43.30
CA PRO LA 97 -1.35 15.32 -44.39
C PRO LA 97 -2.01 16.61 -43.94
N GLN LA 98 -2.66 16.61 -42.78
CA GLN LA 98 -3.23 17.84 -42.25
C GLN LA 98 -2.15 18.86 -41.92
N LYS LA 99 -1.00 18.40 -41.40
CA LYS LA 99 0.08 19.30 -41.02
C LYS LA 99 1.03 19.60 -42.16
N LEU LA 100 1.00 18.83 -43.25
CA LEU LA 100 1.89 19.08 -44.37
C LEU LA 100 1.44 20.31 -45.16
N ILE LA 101 2.39 20.92 -45.85
CA ILE LA 101 2.12 22.12 -46.64
C ILE LA 101 1.44 21.70 -47.94
N LYS LA 102 0.31 22.34 -48.24
CA LYS LA 102 -0.43 22.04 -49.45
C LYS LA 102 0.16 22.79 -50.64
N VAL LA 103 0.14 22.14 -51.80
CA VAL LA 103 0.64 22.75 -53.02
C VAL LA 103 -0.43 23.67 -53.60
N LYS LA 104 0.02 24.79 -54.16
CA LYS LA 104 -0.87 25.78 -54.75
C LYS LA 104 -0.98 25.54 -56.25
N ASN LA 105 -2.21 25.47 -56.75
CA ASN LA 105 -2.47 25.22 -58.16
C ASN LA 105 -3.04 26.44 -58.87
N ASN LA 106 -2.90 27.63 -58.30
CA ASN LA 106 -3.37 28.87 -58.91
C ASN LA 106 -2.22 29.81 -59.25
N ILE LA 107 -1.08 29.26 -59.67
CA ILE LA 107 0.10 30.05 -59.98
C ILE LA 107 0.26 30.09 -61.50
N ASP LA 108 0.38 31.30 -62.04
CA ASP LA 108 0.54 31.50 -63.48
C ASP LA 108 1.57 32.60 -63.72
N VAL LA 109 1.99 32.71 -64.96
CA VAL LA 109 2.97 33.72 -65.37
C VAL LA 109 2.23 34.99 -65.78
N CYS LA 110 2.77 36.13 -65.39
CA CYS LA 110 2.18 37.40 -65.77
C CYS LA 110 2.44 37.66 -67.25
N PRO LA 111 1.40 37.92 -68.06
CA PRO LA 111 1.62 38.11 -69.50
C PRO LA 111 2.48 39.32 -69.83
N GLU LA 112 2.58 40.31 -68.94
CA GLU LA 112 3.30 41.53 -69.26
C GLU LA 112 4.81 41.36 -69.05
N CYS LA 113 5.22 41.00 -67.84
CA CYS LA 113 6.63 40.93 -67.49
C CYS LA 113 7.16 39.50 -67.42
N GLY LA 114 6.30 38.49 -67.44
CA GLY LA 114 6.74 37.12 -67.38
C GLY LA 114 7.03 36.59 -65.99
N HIS LA 115 6.84 37.40 -64.95
CA HIS LA 115 7.05 36.95 -63.59
C HIS LA 115 5.84 36.16 -63.09
N LEU LA 116 6.05 35.39 -62.03
CA LEU LA 116 5.00 34.55 -61.49
C LEU LA 116 4.02 35.37 -60.65
N LYS LA 117 2.75 34.97 -60.70
CA LYS LA 117 1.71 35.62 -59.93
C LYS LA 117 0.56 34.65 -59.73
N GLN LA 118 -0.27 34.94 -58.75
CA GLN LA 118 -1.47 34.16 -58.51
C GLN LA 118 -2.62 34.72 -59.34
N LYS LA 119 -3.60 33.85 -59.63
CA LYS LA 119 -4.68 34.23 -60.52
C LYS LA 119 -5.57 35.33 -59.92
N HIS LA 120 -5.78 35.30 -58.60
CA HIS LA 120 -6.66 36.25 -57.94
C HIS LA 120 -5.91 37.43 -57.31
N ILE LA 121 -4.60 37.52 -57.54
CA ILE LA 121 -3.77 38.56 -56.94
C ILE LA 121 -3.05 39.32 -58.04
N LEU LA 122 -2.95 40.64 -57.88
CA LEU LA 122 -2.22 41.46 -58.84
C LEU LA 122 -0.75 41.08 -58.86
N CYS LA 123 -0.12 41.27 -60.01
CA CYS LA 123 1.28 40.91 -60.16
C CYS LA 123 2.17 41.79 -59.29
N GLY LA 124 3.12 41.16 -58.59
CA GLY LA 124 3.99 41.90 -57.71
C GLY LA 124 4.89 42.88 -58.45
N TYR LA 125 5.47 42.44 -59.58
CA TYR LA 125 6.36 43.31 -60.36
C TYR LA 125 5.61 44.53 -60.89
N CYS LA 126 4.46 44.30 -61.52
CA CYS LA 126 3.68 45.40 -62.08
C CYS LA 126 3.17 46.32 -60.98
N TYR LA 127 2.71 45.76 -59.86
CA TYR LA 127 2.24 46.61 -58.78
C TYR LA 127 3.37 47.42 -58.16
N GLU LA 128 4.57 46.83 -58.06
CA GLU LA 128 5.72 47.60 -57.57
C GLU LA 128 6.03 48.75 -58.52
N LYS LA 129 5.97 48.51 -59.83
CA LYS LA 129 6.18 49.57 -60.80
C LYS LA 129 5.17 50.69 -60.61
N VAL LA 130 3.88 50.34 -60.54
CA VAL LA 130 2.83 51.34 -60.43
C VAL LA 130 2.94 52.10 -59.11
N ARG LA 131 3.22 51.39 -58.01
CA ARG LA 131 3.36 52.04 -56.71
C ARG LA 131 4.55 52.98 -56.67
N LYS LA 132 5.67 52.57 -57.26
CA LYS LA 132 6.83 53.46 -57.33
C LYS LA 132 6.56 54.70 -58.17
N GLU LA 133 5.91 54.53 -59.33
CA GLU LA 133 5.60 55.68 -60.16
C GLU LA 133 4.63 56.62 -59.45
N THR LA 134 3.66 56.04 -58.74
CA THR LA 134 2.73 56.84 -57.94
C THR LA 134 3.45 57.58 -56.83
N ALA LA 135 4.45 56.93 -56.22
CA ALA LA 135 5.23 57.59 -55.17
C ALA LA 135 5.98 58.78 -55.73
N GLU LA 136 6.59 58.63 -56.91
CA GLU LA 136 7.29 59.75 -57.53
C GLU LA 136 6.31 60.89 -57.88
N ILE LA 137 5.15 60.54 -58.43
CA ILE LA 137 4.14 61.56 -58.76
C ILE LA 137 3.69 62.28 -57.51
N ARG LA 138 3.46 61.54 -56.42
CA ARG LA 138 3.02 62.14 -55.18
C ARG LA 138 4.10 63.02 -54.57
N ARG LA 139 5.37 62.62 -54.70
CA ARG LA 139 6.46 63.46 -54.25
C ARG LA 139 6.48 64.78 -55.02
N GLN LA 140 6.30 64.72 -56.34
CA GLN LA 140 6.28 65.93 -57.13
C GLN LA 140 5.10 66.83 -56.75
N MET LA 141 3.91 66.25 -56.60
CA MET LA 141 2.73 67.06 -56.30
C MET LA 141 2.72 67.55 -54.86
N GLY LA 142 3.50 66.94 -53.97
CA GLY LA 142 3.64 67.44 -52.62
C GLY LA 142 4.70 68.50 -52.52
N LYS LA 143 5.73 68.41 -53.38
CA LYS LA 143 6.71 69.49 -53.47
C LYS LA 143 6.11 70.73 -54.11
N GLN LA 144 5.16 70.54 -55.02
CA GLN LA 144 4.45 71.66 -55.63
C GLN LA 144 3.65 72.46 -54.60
N GLU LA 145 3.29 71.85 -53.48
CA GLU LA 145 2.47 72.49 -52.45
C GLU LA 145 3.34 72.81 -51.25
N GLY LA 146 3.30 74.06 -50.80
CA GLY LA 146 4.14 74.49 -49.69
C GLY LA 146 3.61 74.19 -48.32
N GLY LA 147 2.41 73.64 -48.21
CA GLY LA 147 1.82 73.34 -46.93
C GLY LA 147 1.21 71.95 -46.86
N PRO LA 148 0.95 71.47 -45.65
CA PRO LA 148 0.34 70.14 -45.51
C PRO LA 148 -1.15 70.14 -45.76
N PHE LA 149 -1.81 71.28 -45.54
CA PHE LA 149 -3.25 71.41 -45.69
C PHE LA 149 -3.65 72.12 -46.98
N ARG LA 150 -2.79 72.10 -47.99
CA ARG LA 150 -3.08 72.73 -49.28
C ARG LA 150 -3.60 71.65 -50.23
N ALA LA 151 -4.85 71.25 -50.00
CA ALA LA 151 -5.49 70.27 -50.87
C ALA LA 151 -6.10 70.97 -52.08
N PRO LA 152 -5.72 70.59 -53.29
CA PRO LA 152 -6.29 71.23 -54.48
C PRO LA 152 -7.79 71.04 -54.56
N THR LA 153 -8.48 72.09 -55.00
CA THR LA 153 -9.93 72.07 -55.15
C THR LA 153 -10.37 71.80 -56.58
N THR LA 154 -9.43 71.51 -57.48
CA THR LA 154 -9.73 71.23 -58.88
C THR LA 154 -9.14 69.88 -59.26
N GLU LA 155 -9.39 69.46 -60.49
CA GLU LA 155 -8.87 68.20 -60.98
C GLU LA 155 -7.36 68.30 -61.19
N THR LA 156 -6.72 67.14 -61.37
CA THR LA 156 -5.28 67.04 -61.44
C THR LA 156 -4.87 66.20 -62.64
N VAL LA 157 -3.79 66.61 -63.31
CA VAL LA 157 -3.27 65.93 -64.48
C VAL LA 157 -1.76 65.82 -64.38
N VAL LA 158 -1.24 64.64 -64.70
CA VAL LA 158 0.20 64.37 -64.71
C VAL LA 158 0.64 64.28 -66.16
N LEU LA 159 1.68 65.03 -66.51
CA LEU LA 159 2.22 65.07 -67.85
C LEU LA 159 3.73 64.86 -67.79
N TYR LA 160 4.26 64.23 -68.83
CA TYR LA 160 5.67 63.87 -68.89
C TYR LA 160 6.39 64.80 -69.87
N SER LA 161 7.72 64.67 -69.91
CA SER LA 161 8.53 65.50 -70.78
C SER LA 161 8.12 65.34 -72.24
N GLY LA 162 8.11 66.45 -72.96
CA GLY LA 162 7.69 66.43 -74.35
C GLY LA 162 6.19 66.41 -74.54
N GLU LA 163 5.42 66.86 -73.55
CA GLU LA 163 3.97 66.83 -73.62
C GLU LA 163 3.42 68.17 -73.14
N THR LA 164 2.29 68.55 -73.73
CA THR LA 164 1.62 69.80 -73.39
C THR LA 164 0.17 69.52 -73.02
N PRO LA 165 -0.39 70.30 -72.09
CA PRO LA 165 -1.80 70.10 -71.72
C PRO LA 165 -2.73 70.33 -72.90
N SER LA 166 -3.75 69.50 -73.01
CA SER LA 166 -4.69 69.58 -74.13
C SER LA 166 -5.79 70.60 -73.83
N GLU LA 167 -6.77 70.66 -74.72
CA GLU LA 167 -7.88 71.59 -74.53
C GLU LA 167 -8.79 71.13 -73.39
N GLN LA 168 -8.81 69.83 -73.10
CA GLN LA 168 -9.63 69.30 -72.02
C GLN LA 168 -8.93 69.38 -70.67
N ASP LA 169 -7.61 69.39 -70.65
CA ASP LA 169 -6.85 69.42 -69.41
C ASP LA 169 -6.67 70.83 -68.85
N GLN LA 170 -7.15 71.86 -69.55
CA GLN LA 170 -7.02 73.21 -69.05
C GLN LA 170 -7.96 73.44 -67.87
N GLY LA 171 -7.59 74.37 -67.00
CA GLY LA 171 -8.34 74.65 -65.80
C GLY LA 171 -8.05 73.74 -64.63
N LYS LA 172 -7.17 72.75 -64.80
CA LYS LA 172 -6.79 71.82 -63.75
C LYS LA 172 -5.37 72.15 -63.26
N ARG LA 173 -4.92 71.38 -62.28
CA ARG LA 173 -3.54 71.47 -61.83
C ARG LA 173 -2.68 70.47 -62.59
N ILE LA 174 -1.44 70.86 -62.88
CA ILE LA 174 -0.56 70.07 -63.74
C ILE LA 174 0.71 69.75 -62.96
N ILE LA 175 1.09 68.47 -62.98
CA ILE LA 175 2.40 68.02 -62.53
C ILE LA 175 3.21 67.65 -63.75
N GLU LA 176 4.46 68.09 -63.79
CA GLU LA 176 5.37 67.82 -64.90
C GLU LA 176 6.48 66.91 -64.43
N ARG LA 177 6.72 65.82 -65.18
CA ARG LA 177 7.74 64.84 -64.86
C ARG LA 177 8.82 64.87 -65.94
N GLU LA 178 10.07 64.79 -65.52
CA GLU LA 178 11.17 64.77 -66.48
C GLU LA 178 11.29 63.43 -67.20
N ARG LA 179 10.78 62.36 -66.59
CA ARG LA 179 10.80 61.05 -67.23
C ARG LA 179 9.86 61.02 -68.43
N LYS LA 180 10.17 60.16 -69.39
CA LYS LA 180 9.27 59.92 -70.50
C LYS LA 180 8.02 59.19 -70.03
N ARG LA 181 6.96 59.28 -70.81
CA ARG LA 181 5.71 58.63 -70.44
C ARG LA 181 5.89 57.11 -70.50
N PRO LA 182 5.54 56.39 -69.44
CA PRO LA 182 5.67 54.93 -69.47
C PRO LA 182 4.69 54.30 -70.44
N SER LA 183 5.07 53.13 -70.94
CA SER LA 183 4.23 52.42 -71.90
C SER LA 183 2.89 52.04 -71.28
N TRP LA 184 2.90 51.61 -70.01
CA TRP LA 184 1.67 51.18 -69.36
C TRP LA 184 0.74 52.34 -68.99
N PHE LA 185 1.28 53.54 -68.82
CA PHE LA 185 0.48 54.70 -68.44
C PHE LA 185 -0.21 55.23 -69.68
N THR LA 186 -1.51 54.97 -69.81
CA THR LA 186 -2.27 55.38 -70.98
C THR LA 186 -2.54 56.88 -70.93
N GLN LA 187 -2.53 57.51 -72.10
CA GLN LA 187 -2.77 58.95 -72.17
C GLN LA 187 -4.15 59.33 -71.64
N ASN LA 188 -5.17 58.55 -72.00
CA ASN LA 188 -6.55 58.82 -71.62
C ASN LA 188 -6.98 60.22 -72.06
N SER MA 13 7.17 -10.07 63.03
CA SER MA 13 8.15 -11.04 63.53
C SER MA 13 9.48 -10.87 62.82
N LYS MA 14 10.20 -9.80 63.14
CA LYS MA 14 11.48 -9.53 62.52
C LYS MA 14 12.59 -10.33 63.18
N THR MA 15 13.49 -10.88 62.37
CA THR MA 15 14.63 -11.62 62.85
C THR MA 15 15.88 -10.74 62.84
N ILE MA 16 17.00 -11.32 63.25
CA ILE MA 16 18.27 -10.61 63.32
C ILE MA 16 19.37 -11.54 62.85
N LEU MA 17 20.43 -10.95 62.31
CA LEU MA 17 21.62 -11.69 61.87
C LEU MA 17 22.75 -11.38 62.84
N VAL MA 18 23.32 -12.43 63.44
CA VAL MA 18 24.33 -12.28 64.47
C VAL MA 18 25.55 -13.10 64.10
N LYS MA 19 26.72 -12.51 64.31
CA LYS MA 19 28.00 -13.17 64.10
C LYS MA 19 28.50 -13.71 65.43
N MET MA 20 28.73 -15.02 65.49
CA MET MA 20 29.21 -15.72 66.66
C MET MA 20 30.68 -16.05 66.48
N MET MA 21 31.47 -15.81 67.53
CA MET MA 21 32.88 -16.17 67.56
C MET MA 21 33.09 -17.36 68.49
N SER MA 22 33.99 -18.25 68.07
CA SER MA 22 34.28 -19.44 68.86
C SER MA 22 34.98 -19.08 70.16
N GLN MA 23 34.71 -19.89 71.19
CA GLN MA 23 35.39 -19.76 72.48
C GLN MA 23 36.50 -20.78 72.67
N ALA MA 24 36.91 -21.46 71.60
CA ALA MA 24 38.02 -22.40 71.65
C ALA MA 24 39.37 -21.72 71.46
N GLY MA 25 39.42 -20.40 71.51
CA GLY MA 25 40.67 -19.67 71.35
C GLY MA 25 40.96 -19.20 69.94
N THR MA 26 40.86 -20.11 68.97
CA THR MA 26 41.09 -19.74 67.59
C THR MA 26 39.99 -18.80 67.09
N GLY MA 27 40.37 -17.90 66.19
CA GLY MA 27 39.42 -16.98 65.62
C GLY MA 27 38.59 -17.62 64.52
N PHE MA 28 37.33 -17.91 64.83
CA PHE MA 28 36.42 -18.50 63.85
C PHE MA 28 35.02 -18.01 64.14
N SER MA 29 34.44 -17.28 63.19
CA SER MA 29 33.13 -16.68 63.36
C SER MA 29 32.19 -17.16 62.25
N PHE MA 30 30.93 -17.38 62.63
CA PHE MA 30 29.90 -17.75 61.67
C PHE MA 30 28.64 -16.95 61.94
N ASN MA 31 27.89 -16.68 60.88
CA ASN MA 31 26.69 -15.86 60.95
C ASN MA 31 25.46 -16.73 61.01
N THR MA 32 24.51 -16.37 61.88
CA THR MA 32 23.28 -17.13 62.00
C THR MA 32 22.12 -16.18 62.24
N LYS MA 33 20.92 -16.63 61.86
CA LYS MA 33 19.71 -15.84 62.04
C LYS MA 33 19.09 -16.13 63.39
N ARG MA 34 18.61 -15.08 64.05
CA ARG MA 34 17.99 -15.20 65.35
C ARG MA 34 16.83 -14.23 65.45
N SER MA 35 15.87 -14.56 66.31
CA SER MA 35 14.73 -13.69 66.55
C SER MA 35 15.16 -12.47 67.36
N ARG MA 36 14.55 -11.33 67.07
CA ARG MA 36 14.92 -10.09 67.75
C ARG MA 36 14.53 -10.14 69.23
N LEU MA 37 13.39 -10.75 69.54
CA LEU MA 37 12.87 -10.79 70.91
C LEU MA 37 13.55 -11.85 71.78
N ARG MA 38 14.70 -12.37 71.36
CA ARG MA 38 15.43 -13.37 72.13
C ARG MA 38 16.62 -12.73 72.82
N GLU MA 39 17.14 -13.44 73.82
CA GLU MA 39 18.31 -12.99 74.56
C GLU MA 39 19.56 -13.24 73.72
N LYS MA 40 20.74 -13.00 74.31
CA LYS MA 40 21.98 -13.26 73.60
C LYS MA 40 22.12 -14.77 73.35
N LEU MA 41 22.33 -15.13 72.10
CA LEU MA 41 22.31 -16.53 71.71
C LEU MA 41 23.62 -17.22 72.03
N THR MA 42 23.53 -18.49 72.41
CA THR MA 42 24.70 -19.30 72.72
C THR MA 42 24.38 -20.74 72.35
N LEU MA 43 25.18 -21.31 71.45
CA LEU MA 43 24.92 -22.65 70.94
C LEU MA 43 26.19 -23.50 70.94
N LEU MA 44 26.10 -24.69 70.36
CA LEU MA 44 27.24 -25.60 70.20
C LEU MA 44 27.46 -25.80 68.71
N HIS MA 45 28.66 -25.47 68.22
CA HIS MA 45 28.97 -25.58 66.81
C HIS MA 45 30.23 -26.40 66.61
N TYR MA 46 30.64 -26.56 65.37
CA TYR MA 46 31.85 -27.30 65.00
C TYR MA 46 32.91 -26.31 64.53
N ASP MA 47 34.08 -26.35 65.16
CA ASP MA 47 35.17 -25.48 64.79
C ASP MA 47 36.16 -26.25 63.93
N PRO MA 48 36.31 -25.91 62.65
CA PRO MA 48 37.24 -26.66 61.79
C PRO MA 48 38.70 -26.55 62.23
N VAL MA 49 39.06 -25.48 62.95
CA VAL MA 49 40.45 -25.31 63.37
C VAL MA 49 40.85 -26.39 64.36
N VAL MA 50 39.99 -26.69 65.33
CA VAL MA 50 40.29 -27.71 66.34
C VAL MA 50 39.54 -29.01 66.12
N LYS MA 51 38.52 -29.02 65.25
CA LYS MA 51 37.74 -30.21 64.95
C LYS MA 51 37.13 -30.80 66.21
N LYS MA 52 36.29 -30.00 66.87
CA LYS MA 52 35.63 -30.40 68.10
C LYS MA 52 34.37 -29.58 68.27
N LYS MA 53 33.45 -30.10 69.08
CA LYS MA 53 32.24 -29.37 69.42
C LYS MA 53 32.58 -28.28 70.42
N VAL MA 54 32.35 -27.02 70.03
CA VAL MA 54 32.77 -25.87 70.81
C VAL MA 54 31.57 -24.96 71.06
N LEU MA 55 31.51 -24.40 72.26
CA LEU MA 55 30.47 -23.43 72.57
C LEU MA 55 30.72 -22.12 71.82
N PHE MA 56 29.69 -21.64 71.13
CA PHE MA 56 29.73 -20.38 70.39
C PHE MA 56 28.76 -19.42 71.05
N VAL MA 57 29.17 -18.15 71.17
CA VAL MA 57 28.32 -17.12 71.76
C VAL MA 57 28.17 -15.99 70.77
N GLU MA 58 27.05 -15.26 70.87
CA GLU MA 58 26.82 -14.13 69.99
C GLU MA 58 27.78 -13.01 70.32
N GLN MA 59 28.53 -12.56 69.32
CA GLN MA 59 29.48 -11.46 69.49
C GLN MA 59 29.01 -10.17 68.85
N LYS MA 60 28.58 -10.22 67.59
CA LYS MA 60 28.19 -9.01 66.89
C LYS MA 60 26.80 -9.17 66.27
N LYS MA 61 26.15 -8.04 66.04
CA LYS MA 61 24.90 -7.97 65.29
C LYS MA 61 25.16 -7.23 63.99
N ILE MA 62 24.85 -7.88 62.86
CA ILE MA 62 25.22 -7.36 61.54
C ILE MA 62 23.99 -6.85 60.79
N ARG MA 63 23.04 -7.74 60.50
CA ARG MA 63 21.90 -7.40 59.66
C ARG MA 63 20.60 -7.56 60.44
N SER MA 64 19.60 -6.75 60.09
CA SER MA 64 18.30 -6.81 60.72
C SER MA 64 17.40 -7.83 60.05
N LYS NA 50 6.22 43.67 2.42
CA LYS NA 50 5.40 43.17 1.33
C LYS NA 50 6.25 42.38 0.34
N ALA NA 51 6.78 43.07 -0.66
CA ALA NA 51 7.66 42.46 -1.64
C ALA NA 51 9.11 42.59 -1.19
N ARG NA 52 9.83 41.47 -1.21
CA ARG NA 52 11.22 41.41 -0.77
C ARG NA 52 12.15 41.31 -1.97
N GLY NA 53 13.44 41.14 -1.69
CA GLY NA 53 14.46 41.01 -2.70
C GLY NA 53 15.26 42.27 -2.96
N ASN NA 54 14.75 43.43 -2.55
CA ASN NA 54 15.44 44.70 -2.71
C ASN NA 54 16.03 45.19 -1.39
N GLU NA 55 16.55 44.27 -0.58
CA GLU NA 55 17.13 44.63 0.71
C GLU NA 55 18.41 45.44 0.58
N TYR NA 56 18.99 45.55 -0.61
CA TYR NA 56 20.22 46.29 -0.82
C TYR NA 56 19.88 47.65 -1.42
N GLN NA 57 20.01 48.69 -0.61
CA GLN NA 57 19.87 50.07 -1.08
C GLN NA 57 21.25 50.70 -1.11
N PRO NA 58 21.85 50.92 -2.28
CA PRO NA 58 23.26 51.30 -2.34
C PRO NA 58 23.53 52.66 -1.73
N SER NA 59 24.70 52.78 -1.11
CA SER NA 59 25.19 54.06 -0.58
C SER NA 59 26.69 53.92 -0.35
N ASN NA 60 27.47 54.78 -1.01
CA ASN NA 60 28.92 54.64 -0.95
C ASN NA 60 29.46 54.93 0.45
N ILE NA 61 28.82 55.87 1.16
CA ILE NA 61 29.27 56.20 2.52
C ILE NA 61 29.15 54.98 3.43
N LYS NA 62 27.98 54.33 3.41
CA LYS NA 62 27.79 53.13 4.22
C LYS NA 62 28.71 52.00 3.76
N ARG NA 63 28.86 51.83 2.44
CA ARG NA 63 29.72 50.76 1.93
C ARG NA 63 31.15 50.92 2.44
N LYS NA 64 31.68 52.14 2.35
CA LYS NA 64 33.06 52.37 2.76
C LYS NA 64 33.22 52.36 4.28
N HIS NA 65 32.20 52.82 5.02
CA HIS NA 65 32.30 52.81 6.47
C HIS NA 65 32.09 51.43 7.07
N LYS NA 66 31.49 50.51 6.33
CA LYS NA 66 31.23 49.17 6.86
C LYS NA 66 32.24 48.14 6.36
N HIS NA 67 32.67 48.22 5.11
CA HIS NA 67 33.58 47.20 4.57
C HIS NA 67 34.82 47.84 3.96
N GLY NA 68 35.21 49.03 4.43
CA GLY NA 68 36.35 49.71 3.88
C GLY NA 68 37.67 49.21 4.42
N TRP NA 69 38.74 49.68 3.78
CA TRP NA 69 40.09 49.32 4.20
C TRP NA 69 40.37 49.81 5.62
N VAL NA 70 40.01 51.07 5.90
CA VAL NA 70 40.22 51.63 7.23
C VAL NA 70 39.39 50.89 8.27
N ARG NA 71 38.14 50.59 7.94
CA ARG NA 71 37.28 49.86 8.87
C ARG NA 71 37.85 48.48 9.17
N ARG NA 72 38.35 47.78 8.13
CA ARG NA 72 38.95 46.47 8.35
C ARG NA 72 40.22 46.58 9.20
N LEU NA 73 41.06 47.58 8.94
CA LEU NA 73 42.33 47.66 9.63
C LEU NA 73 42.23 48.27 11.03
N ARG NA 74 41.10 48.88 11.38
CA ARG NA 74 40.97 49.47 12.70
C ARG NA 74 40.74 48.46 13.81
N THR NA 75 40.48 47.20 13.48
CA THR NA 75 40.23 46.17 14.48
C THR NA 75 41.12 44.97 14.24
N PRO NA 76 41.52 44.26 15.31
CA PRO NA 76 42.36 43.07 15.10
C PRO NA 76 41.68 41.98 14.28
N THR NA 77 40.36 41.84 14.39
CA THR NA 77 39.67 40.80 13.63
C THR NA 77 39.59 41.15 12.15
N GLY NA 78 39.41 42.43 11.83
CA GLY NA 78 39.43 42.85 10.43
C GLY NA 78 40.79 42.66 9.78
N VAL NA 79 41.87 42.86 10.54
CA VAL NA 79 43.20 42.56 10.02
C VAL NA 79 43.32 41.08 9.72
N GLN NA 80 42.72 40.23 10.55
CA GLN NA 80 42.70 38.80 10.27
C GLN NA 80 41.92 38.50 9.01
N VAL NA 81 40.81 39.22 8.79
CA VAL NA 81 40.04 39.04 7.55
C VAL NA 81 40.89 39.41 6.34
N ILE NA 82 41.60 40.53 6.43
CA ILE NA 82 42.46 40.96 5.32
C ILE NA 82 43.57 39.95 5.08
N LEU NA 83 44.15 39.40 6.15
CA LEU NA 83 45.19 38.39 6.02
C LEU NA 83 44.65 37.13 5.36
N ARG NA 84 43.43 36.72 5.74
CA ARG NA 84 42.81 35.56 5.11
C ARG NA 84 42.60 35.78 3.63
N ARG NA 85 42.10 36.96 3.26
CA ARG NA 85 41.89 37.26 1.84
C ARG NA 85 43.22 37.30 1.08
N MET NA 86 44.25 37.87 1.69
CA MET NA 86 45.57 37.89 1.06
C MET NA 86 46.11 36.48 0.87
N HIS NA 87 45.94 35.62 1.87
CA HIS NA 87 46.41 34.24 1.76
C HIS NA 87 45.67 33.50 0.66
N LYS NA 88 44.34 33.68 0.57
CA LYS NA 88 43.60 33.04 -0.50
C LYS NA 88 43.98 33.62 -1.86
N GLY NA 89 44.44 34.86 -1.90
CA GLY NA 89 44.82 35.51 -3.13
C GLY NA 89 43.75 36.37 -3.77
N ARG NA 90 42.86 36.95 -2.98
CA ARG NA 90 41.74 37.70 -3.53
C ARG NA 90 42.23 38.95 -4.26
N LYS NA 91 41.58 39.26 -5.38
CA LYS NA 91 41.92 40.45 -6.15
C LYS NA 91 41.62 41.71 -5.36
N SER NA 92 40.50 41.74 -4.64
CA SER NA 92 40.11 42.87 -3.82
C SER NA 92 39.97 42.43 -2.38
N LEU NA 93 40.79 43.00 -1.49
CA LEU NA 93 40.72 42.63 -0.08
C LEU NA 93 39.54 43.29 0.63
N SER NA 94 39.15 44.49 0.20
CA SER NA 94 38.02 45.18 0.80
C SER NA 94 37.32 45.98 -0.29
N HIS NA 95 36.31 46.74 0.12
CA HIS NA 95 35.60 47.62 -0.80
C HIS NA 95 36.42 48.88 -1.06
N SER PA 34 -98.97 34.62 -7.39
CA SER PA 34 -100.08 34.62 -8.33
C SER PA 34 -101.40 34.42 -7.60
N LEU PA 35 -101.61 33.22 -7.06
CA LEU PA 35 -102.82 32.88 -6.33
C LEU PA 35 -102.63 32.93 -4.82
N HIS PA 36 -101.83 33.89 -4.33
CA HIS PA 36 -101.56 33.96 -2.89
C HIS PA 36 -102.83 34.19 -2.09
N SER PA 37 -103.71 35.06 -2.58
CA SER PA 37 -104.99 35.29 -1.91
C SER PA 37 -105.94 34.12 -2.20
N ILE PA 38 -106.24 33.35 -1.16
CA ILE PA 38 -107.09 32.17 -1.28
C ILE PA 38 -108.23 32.26 -0.28
N ILE PA 39 -109.38 31.69 -0.63
CA ILE PA 39 -110.58 31.78 0.18
C ILE PA 39 -110.75 30.52 1.02
N ASN PA 40 -111.10 30.70 2.29
CA ASN PA 40 -111.40 29.58 3.17
C ASN PA 40 -112.72 28.93 2.74
N PRO PA 41 -112.84 27.64 3.03
CA PRO PA 41 -114.00 26.84 2.63
C PRO PA 41 -114.59 26.15 3.85
N PRO PA 42 -115.58 25.29 3.60
CA PRO PA 42 -116.25 24.57 4.66
C PRO PA 42 -115.47 23.30 5.01
N ILE PA 43 -116.06 22.47 5.88
CA ILE PA 43 -115.41 21.25 6.33
C ILE PA 43 -115.22 20.29 5.17
N ALA PA 44 -116.27 20.11 4.35
CA ALA PA 44 -116.21 19.15 3.25
C ALA PA 44 -115.20 19.54 2.18
N LYS PA 45 -114.80 20.81 2.12
CA LYS PA 45 -113.87 21.29 1.11
C LYS PA 45 -112.50 21.64 1.70
N ILE PA 46 -112.19 21.13 2.89
CA ILE PA 46 -110.90 21.39 3.53
C ILE PA 46 -110.26 20.05 3.89
N ARG PA 47 -108.95 19.94 3.63
CA ARG PA 47 -108.20 18.74 3.95
C ARG PA 47 -106.88 19.14 4.59
N ASN PA 48 -106.39 18.28 5.49
CA ASN PA 48 -105.07 18.44 6.09
C ASN PA 48 -104.36 17.10 6.01
N ILE PA 49 -103.17 17.09 5.40
CA ILE PA 49 -102.42 15.86 5.20
C ILE PA 49 -100.93 16.14 5.41
N GLY PA 50 -100.19 15.06 5.64
CA GLY PA 50 -98.75 15.12 5.77
C GLY PA 50 -98.04 14.11 4.89
N ILE PA 51 -96.89 14.49 4.34
CA ILE PA 51 -96.15 13.62 3.42
C ILE PA 51 -95.02 12.95 4.18
N MET PA 52 -94.96 11.62 4.12
CA MET PA 52 -93.89 10.84 4.73
C MET PA 52 -93.24 9.98 3.67
N ALA PA 53 -91.95 9.73 3.83
CA ALA PA 53 -91.20 8.88 2.91
C ALA PA 53 -89.84 8.58 3.54
N HIS PA 54 -88.98 7.91 2.77
CA HIS PA 54 -87.61 7.65 3.15
C HIS PA 54 -86.74 8.88 2.88
N ILE PA 55 -85.50 8.82 3.36
CA ILE PA 55 -84.55 9.89 3.07
C ILE PA 55 -84.25 9.90 1.58
N ASP PA 56 -84.30 11.10 0.98
CA ASP PA 56 -84.05 11.30 -0.45
C ASP PA 56 -85.03 10.48 -1.29
N ALA PA 57 -86.32 10.61 -0.96
CA ALA PA 57 -87.37 9.93 -1.70
C ALA PA 57 -88.24 10.88 -2.52
N GLY PA 58 -88.11 12.19 -2.32
CA GLY PA 58 -88.82 13.15 -3.14
C GLY PA 58 -89.96 13.89 -2.47
N LYS PA 59 -89.97 13.98 -1.13
CA LYS PA 59 -91.04 14.71 -0.46
C LYS PA 59 -90.96 16.20 -0.79
N THR PA 60 -89.77 16.79 -0.65
CA THR PA 60 -89.61 18.22 -0.94
C THR PA 60 -89.89 18.52 -2.41
N THR PA 61 -89.42 17.67 -3.31
CA THR PA 61 -89.68 17.87 -4.73
C THR PA 61 -91.16 17.76 -5.05
N THR PA 62 -91.85 16.79 -4.45
CA THR PA 62 -93.28 16.64 -4.68
C THR PA 62 -94.05 17.85 -4.17
N THR PA 63 -93.68 18.34 -2.98
CA THR PA 63 -94.35 19.52 -2.43
C THR PA 63 -94.10 20.74 -3.31
N GLU PA 64 -92.87 20.91 -3.79
CA GLU PA 64 -92.57 22.02 -4.68
C GLU PA 64 -93.37 21.95 -5.96
N ARG PA 65 -93.49 20.74 -6.54
CA ARG PA 65 -94.28 20.58 -7.75
C ARG PA 65 -95.75 20.91 -7.50
N ILE PA 66 -96.28 20.46 -6.36
CA ILE PA 66 -97.66 20.75 -6.01
C ILE PA 66 -97.89 22.26 -5.87
N LEU PA 67 -96.97 22.95 -5.20
CA LEU PA 67 -97.12 24.40 -5.06
C LEU PA 67 -97.00 25.10 -6.41
N TYR PA 68 -96.08 24.64 -7.26
CA TYR PA 68 -95.93 25.21 -8.59
C TYR PA 68 -97.21 25.07 -9.40
N TYR PA 69 -97.86 23.90 -9.32
CA TYR PA 69 -99.11 23.70 -10.04
C TYR PA 69 -100.25 24.49 -9.42
N SER PA 70 -100.27 24.65 -8.10
CA SER PA 70 -101.29 25.47 -7.45
C SER PA 70 -101.11 26.95 -7.74
N GLY PA 71 -99.91 27.36 -8.16
CA GLY PA 71 -99.68 28.72 -8.60
C GLY PA 71 -98.98 29.60 -7.59
N TYR PA 72 -98.87 29.18 -6.33
CA TYR PA 72 -98.15 29.96 -5.34
C TYR PA 72 -96.68 30.09 -5.70
N THR PA 73 -96.07 29.00 -6.16
CA THR PA 73 -94.69 29.03 -6.63
C THR PA 73 -94.66 29.40 -8.10
N ARG PA 74 -93.86 30.40 -8.46
CA ARG PA 74 -93.80 30.94 -9.81
C ARG PA 74 -92.70 30.32 -10.66
N SER PA 75 -91.54 30.06 -10.08
CA SER PA 75 -90.41 29.49 -10.80
C SER PA 75 -90.11 28.09 -10.29
N LEU PA 76 -89.85 27.18 -11.22
CA LEU PA 76 -89.54 25.79 -10.87
C LEU PA 76 -88.07 25.67 -10.53
N GLY PA 77 -87.78 25.17 -9.32
CA GLY PA 77 -86.42 24.99 -8.86
C GLY PA 77 -86.15 23.55 -8.47
N ASP PA 78 -84.95 23.35 -7.93
CA ASP PA 78 -84.49 22.03 -7.51
C ASP PA 78 -83.89 22.12 -6.11
N VAL PA 79 -83.85 20.98 -5.43
CA VAL PA 79 -83.30 20.95 -4.07
C VAL PA 79 -81.79 21.21 -4.08
N ASP PA 80 -81.10 20.71 -5.11
CA ASP PA 80 -79.65 20.92 -5.21
C ASP PA 80 -79.35 22.41 -5.39
N ASP PA 81 -79.78 22.97 -6.52
CA ASP PA 81 -79.72 24.40 -6.76
C ASP PA 81 -81.14 24.91 -6.95
N GLY PA 82 -81.49 25.98 -6.24
CA GLY PA 82 -82.90 26.30 -6.11
C GLY PA 82 -83.29 26.34 -4.64
N ASP PA 83 -84.02 25.32 -4.20
CA ASP PA 83 -84.47 25.18 -2.81
C ASP PA 83 -85.39 26.35 -2.43
N THR PA 84 -86.57 26.31 -3.03
CA THR PA 84 -87.60 27.33 -2.85
C THR PA 84 -88.23 27.22 -1.48
N VAL PA 85 -89.42 27.82 -1.32
CA VAL PA 85 -90.07 28.05 -0.02
C VAL PA 85 -89.91 26.89 0.96
N THR PA 86 -90.04 25.66 0.50
CA THR PA 86 -89.85 24.52 1.38
C THR PA 86 -88.36 24.27 1.60
N ASP PA 87 -88.00 23.92 2.83
CA ASP PA 87 -86.61 23.78 3.27
C ASP PA 87 -85.86 25.12 3.13
N PHE PA 88 -86.32 26.08 3.93
CA PHE PA 88 -85.82 27.45 3.87
C PHE PA 88 -84.56 27.67 4.69
N MET PA 89 -84.17 26.73 5.53
CA MET PA 89 -83.02 26.94 6.42
C MET PA 89 -81.71 26.78 5.68
N ALA PA 90 -80.67 27.46 6.19
CA ALA PA 90 -79.34 27.36 5.60
C ALA PA 90 -78.77 25.96 5.72
N GLN PA 91 -78.97 25.32 6.89
CA GLN PA 91 -78.52 23.95 7.06
C GLN PA 91 -79.22 23.00 6.09
N GLU PA 92 -80.53 23.17 5.92
CA GLU PA 92 -81.28 22.34 4.99
C GLU PA 92 -80.91 22.61 3.54
N ARG PA 93 -80.46 23.82 3.23
CA ARG PA 93 -79.96 24.14 1.89
C ARG PA 93 -78.58 23.58 1.63
N GLU PA 94 -77.71 23.57 2.64
CA GLU PA 94 -76.33 23.08 2.47
C GLU PA 94 -76.22 21.57 2.55
N ARG PA 95 -77.08 20.90 3.33
CA ARG PA 95 -77.00 19.45 3.49
C ARG PA 95 -77.88 18.70 2.50
N GLY PA 96 -78.77 19.38 1.78
CA GLY PA 96 -79.65 18.71 0.85
C GLY PA 96 -80.70 17.84 1.50
N ILE PA 97 -81.01 18.07 2.77
CA ILE PA 97 -81.97 17.26 3.51
C ILE PA 97 -82.96 18.18 4.21
N THR PA 98 -84.09 17.61 4.61
CA THR PA 98 -85.11 18.33 5.35
C THR PA 98 -84.96 18.02 6.84
N ILE PA 99 -84.77 19.06 7.64
CA ILE PA 99 -84.53 18.89 9.07
C ILE PA 99 -85.84 19.02 9.84
N GLN PA 100 -86.51 20.16 9.68
CA GLN PA 100 -87.77 20.43 10.37
C GLN PA 100 -88.93 20.38 9.37
N SER PA 101 -90.08 19.96 9.87
CA SER PA 101 -91.27 19.87 9.02
C SER PA 101 -91.72 21.25 8.58
N ALA PA 102 -92.09 21.36 7.32
CA ALA PA 102 -92.58 22.61 6.74
C ALA PA 102 -94.08 22.53 6.53
N ALA PA 103 -94.81 23.48 7.10
CA ALA PA 103 -96.26 23.54 6.98
C ALA PA 103 -96.64 24.58 5.92
N VAL PA 104 -97.42 24.15 4.94
CA VAL PA 104 -97.83 25.01 3.83
C VAL PA 104 -99.34 24.89 3.66
N THR PA 105 -99.93 25.94 3.09
CA THR PA 105 -101.36 25.98 2.82
C THR PA 105 -101.56 26.38 1.36
N PHE PA 106 -102.46 25.68 0.67
CA PHE PA 106 -102.74 26.01 -0.72
C PHE PA 106 -104.15 25.57 -1.07
N ASP PA 107 -104.56 25.90 -2.30
CA ASP PA 107 -105.91 25.63 -2.77
C ASP PA 107 -105.90 24.87 -4.08
N TRP PA 108 -106.67 23.79 -4.13
CA TRP PA 108 -106.92 23.04 -5.35
C TRP PA 108 -108.26 23.49 -5.94
N LYS PA 109 -108.77 22.73 -6.91
CA LYS PA 109 -110.03 23.05 -7.55
C LYS PA 109 -111.15 22.87 -6.53
N GLY PA 110 -111.59 23.98 -5.93
CA GLY PA 110 -112.64 23.91 -4.92
C GLY PA 110 -112.24 23.14 -3.68
N TYR PA 111 -110.98 23.24 -3.27
CA TYR PA 111 -110.50 22.52 -2.10
C TYR PA 111 -109.33 23.29 -1.48
N ARG PA 112 -109.41 23.54 -0.18
CA ARG PA 112 -108.35 24.22 0.56
C ARG PA 112 -107.65 23.19 1.42
N VAL PA 113 -106.35 22.98 1.18
CA VAL PA 113 -105.61 21.87 1.78
C VAL PA 113 -104.36 22.39 2.47
N ASN PA 114 -104.10 21.85 3.66
CA ASN PA 114 -102.90 22.13 4.43
C ASN PA 114 -101.97 20.92 4.31
N LEU PA 115 -100.75 21.15 3.85
CA LEU PA 115 -99.77 20.10 3.66
C LEU PA 115 -98.64 20.27 4.67
N ILE PA 116 -98.06 19.14 5.09
CA ILE PA 116 -96.93 19.13 6.01
C ILE PA 116 -95.84 18.25 5.41
N ASP PA 117 -94.76 18.87 4.96
CA ASP PA 117 -93.60 18.15 4.48
C ASP PA 117 -92.74 17.77 5.68
N THR PA 118 -92.72 16.48 6.02
CA THR PA 118 -91.99 15.96 7.18
C THR PA 118 -90.52 15.73 6.82
N PRO PA 119 -89.65 15.76 7.82
CA PRO PA 119 -88.22 15.50 7.54
C PRO PA 119 -87.96 14.10 6.99
N GLY PA 120 -88.41 13.06 7.69
CA GLY PA 120 -88.26 11.71 7.19
C GLY PA 120 -86.96 11.03 7.52
N HIS PA 121 -86.22 11.51 8.51
CA HIS PA 121 -85.00 10.86 8.97
C HIS PA 121 -85.28 10.10 10.27
N VAL PA 122 -84.36 9.19 10.59
CA VAL PA 122 -84.50 8.42 11.83
C VAL PA 122 -84.27 9.29 13.06
N ASP PA 123 -83.54 10.39 12.92
CA ASP PA 123 -83.26 11.29 14.03
C ASP PA 123 -84.34 12.34 14.24
N PHE PA 124 -85.29 12.46 13.31
CA PHE PA 124 -86.41 13.40 13.44
C PHE PA 124 -87.73 12.67 13.56
N THR PA 125 -87.71 11.45 14.12
CA THR PA 125 -88.93 10.71 14.35
C THR PA 125 -89.86 11.46 15.29
N LEU PA 126 -89.32 12.30 16.17
CA LEU PA 126 -90.17 13.15 17.01
C LEU PA 126 -90.99 14.11 16.16
N GLU PA 127 -90.34 14.78 15.19
CA GLU PA 127 -91.07 15.67 14.31
C GLU PA 127 -92.09 14.91 13.48
N VAL PA 128 -91.71 13.74 12.97
CA VAL PA 128 -92.64 12.93 12.18
C VAL PA 128 -93.86 12.55 13.01
N GLU PA 129 -93.63 12.11 14.25
CA GLU PA 129 -94.73 11.69 15.11
C GLU PA 129 -95.61 12.87 15.52
N ARG PA 130 -95.01 14.04 15.76
CA ARG PA 130 -95.80 15.21 16.08
C ARG PA 130 -96.69 15.61 14.91
N CYS PA 131 -96.16 15.54 13.68
CA CYS PA 131 -96.94 15.91 12.52
C CYS PA 131 -97.99 14.86 12.17
N LEU PA 132 -97.76 13.60 12.58
CA LEU PA 132 -98.81 12.59 12.41
C LEU PA 132 -99.90 12.74 13.46
N ARG PA 133 -99.52 13.12 14.68
CA ARG PA 133 -100.50 13.18 15.76
C ARG PA 133 -101.36 14.44 15.64
N VAL PA 134 -100.79 15.54 15.13
CA VAL PA 134 -101.55 16.78 15.06
C VAL PA 134 -102.77 16.63 14.15
N LEU PA 135 -102.61 15.94 13.02
CA LEU PA 135 -103.70 15.81 12.06
C LEU PA 135 -103.58 14.48 11.33
N ASP PA 136 -104.72 13.97 10.88
CA ASP PA 136 -104.79 12.72 10.15
C ASP PA 136 -104.57 12.94 8.65
N GLY PA 137 -104.37 11.86 7.92
CA GLY PA 137 -104.15 11.93 6.50
C GLY PA 137 -102.68 11.91 6.12
N ALA PA 138 -102.23 10.82 5.49
CA ALA PA 138 -100.82 10.66 5.17
C ALA PA 138 -100.64 10.31 3.71
N VAL PA 139 -99.56 10.81 3.13
CA VAL PA 139 -99.14 10.44 1.79
C VAL PA 139 -97.79 9.77 1.93
N ALA PA 140 -97.77 8.44 1.79
CA ALA PA 140 -96.55 7.65 1.92
C ALA PA 140 -95.92 7.53 0.53
N VAL PA 141 -94.76 8.15 0.36
CA VAL PA 141 -94.05 8.17 -0.91
C VAL PA 141 -92.99 7.08 -0.90
N PHE PA 142 -92.96 6.30 -1.98
CA PHE PA 142 -92.00 5.22 -2.15
C PHE PA 142 -91.20 5.49 -3.42
N ASP PA 143 -90.03 4.86 -3.50
CA ASP PA 143 -89.22 4.90 -4.72
C ASP PA 143 -89.33 3.54 -5.41
N ALA PA 144 -89.53 3.56 -6.72
CA ALA PA 144 -89.81 2.34 -7.46
C ALA PA 144 -88.65 1.35 -7.33
N SER PA 145 -87.42 1.80 -7.58
CA SER PA 145 -86.25 0.95 -7.46
C SER PA 145 -85.60 1.08 -6.08
N ALA PA 146 -86.40 0.96 -5.02
CA ALA PA 146 -85.91 1.08 -3.66
C ALA PA 146 -86.12 -0.17 -2.83
N GLY PA 147 -87.37 -0.65 -2.75
CA GLY PA 147 -87.68 -1.78 -1.90
C GLY PA 147 -88.49 -1.39 -0.68
N VAL PA 148 -87.97 -1.65 0.51
CA VAL PA 148 -88.71 -1.39 1.75
C VAL PA 148 -88.39 -0.01 2.31
N GLU PA 149 -87.11 0.37 2.36
CA GLU PA 149 -86.69 1.67 2.89
C GLU PA 149 -87.16 1.86 4.33
N ALA PA 150 -86.53 1.08 5.22
CA ALA PA 150 -86.99 0.85 6.59
C ALA PA 150 -87.47 2.10 7.32
N GLN PA 151 -86.99 3.28 6.93
CA GLN PA 151 -87.57 4.50 7.47
C GLN PA 151 -89.03 4.63 7.05
N THR PA 152 -89.36 4.24 5.81
CA THR PA 152 -90.76 4.19 5.42
C THR PA 152 -91.53 3.19 6.27
N LEU PA 153 -90.90 2.05 6.59
CA LEU PA 153 -91.56 1.06 7.43
C LEU PA 153 -91.84 1.61 8.83
N THR PA 154 -90.89 2.35 9.41
CA THR PA 154 -91.10 2.86 10.76
C THR PA 154 -92.10 4.01 10.79
N VAL PA 155 -92.11 4.86 9.75
CA VAL PA 155 -93.15 5.89 9.70
C VAL PA 155 -94.51 5.25 9.42
N TRP PA 156 -94.53 4.13 8.70
CA TRP PA 156 -95.78 3.40 8.51
C TRP PA 156 -96.29 2.84 9.83
N ARG PA 157 -95.38 2.31 10.66
CA ARG PA 157 -95.79 1.84 11.98
C ARG PA 157 -96.31 3.00 12.84
N GLN PA 158 -95.66 4.16 12.76
CA GLN PA 158 -96.13 5.32 13.52
C GLN PA 158 -97.52 5.74 13.05
N ALA PA 159 -97.75 5.76 11.74
CA ALA PA 159 -99.05 6.13 11.21
C ALA PA 159 -100.12 5.10 11.59
N ASP PA 160 -99.76 3.82 11.60
CA ASP PA 160 -100.69 2.79 12.03
C ASP PA 160 -101.04 2.95 13.50
N LYS PA 161 -100.05 3.29 14.33
CA LYS PA 161 -100.32 3.54 15.74
C LYS PA 161 -101.25 4.74 15.91
N HIS PA 162 -101.01 5.81 15.14
CA HIS PA 162 -101.87 6.98 15.19
C HIS PA 162 -103.23 6.75 14.54
N ASN PA 163 -103.40 5.65 13.79
CA ASN PA 163 -104.66 5.29 13.14
C ASN PA 163 -105.14 6.41 12.20
N ILE PA 164 -104.32 6.65 11.19
CA ILE PA 164 -104.64 7.66 10.17
C ILE PA 164 -104.62 7.01 8.80
N PRO PA 165 -105.55 7.37 7.91
CA PRO PA 165 -105.51 6.83 6.54
C PRO PA 165 -104.31 7.36 5.77
N ARG PA 166 -103.84 6.54 4.82
CA ARG PA 166 -102.67 6.90 4.03
C ARG PA 166 -102.87 6.46 2.59
N ILE PA 167 -102.22 7.19 1.68
CA ILE PA 167 -102.26 6.93 0.25
C ILE PA 167 -100.82 6.77 -0.24
N CYS PA 168 -100.58 5.71 -1.02
CA CYS PA 168 -99.23 5.40 -1.48
C CYS PA 168 -98.96 6.05 -2.82
N PHE PA 169 -97.87 6.81 -2.89
CA PHE PA 169 -97.42 7.49 -4.11
C PHE PA 169 -96.06 6.92 -4.47
N LEU PA 170 -95.99 6.17 -5.57
CA LEU PA 170 -94.74 5.58 -6.04
C LEU PA 170 -94.08 6.58 -6.98
N ASN PA 171 -93.18 7.37 -6.41
CA ASN PA 171 -92.45 8.39 -7.15
C ASN PA 171 -91.23 7.76 -7.81
N LYS PA 172 -90.38 8.60 -8.40
CA LYS PA 172 -89.12 8.18 -9.02
C LYS PA 172 -89.35 7.10 -10.08
N MET PA 173 -90.41 7.27 -10.87
CA MET PA 173 -90.69 6.33 -11.94
C MET PA 173 -89.78 6.53 -13.14
N ASP PA 174 -89.13 7.68 -13.24
CA ASP PA 174 -88.22 7.95 -14.35
C ASP PA 174 -86.81 7.42 -14.11
N LYS PA 175 -86.48 7.06 -12.87
CA LYS PA 175 -85.14 6.57 -12.56
C LYS PA 175 -84.91 5.21 -13.18
N THR PA 176 -83.66 4.95 -13.57
CA THR PA 176 -83.31 3.65 -14.16
C THR PA 176 -83.54 2.53 -13.16
N GLY PA 177 -84.05 1.41 -13.64
CA GLY PA 177 -84.36 0.29 -12.77
C GLY PA 177 -85.69 0.37 -12.07
N ALA PA 178 -86.52 1.37 -12.39
CA ALA PA 178 -87.83 1.50 -11.78
C ALA PA 178 -88.70 0.31 -12.14
N SER PA 179 -89.52 -0.14 -11.19
CA SER PA 179 -90.40 -1.29 -11.41
C SER PA 179 -91.64 -1.11 -10.54
N PHE PA 180 -92.72 -0.66 -11.17
CA PHE PA 180 -93.98 -0.49 -10.46
C PHE PA 180 -94.48 -1.81 -9.88
N LYS PA 181 -94.41 -2.88 -10.68
CA LYS PA 181 -94.86 -4.19 -10.20
C LYS PA 181 -94.02 -4.68 -9.03
N TYR PA 182 -92.70 -4.51 -9.11
CA TYR PA 182 -91.83 -4.95 -8.02
C TYR PA 182 -92.08 -4.14 -6.76
N ALA PA 183 -92.29 -2.82 -6.89
CA ALA PA 183 -92.59 -2.00 -5.72
C ALA PA 183 -93.91 -2.42 -5.09
N VAL PA 184 -94.93 -2.69 -5.91
CA VAL PA 184 -96.21 -3.13 -5.39
C VAL PA 184 -96.07 -4.47 -4.67
N GLU PA 185 -95.29 -5.39 -5.26
CA GLU PA 185 -95.06 -6.69 -4.62
C GLU PA 185 -94.36 -6.53 -3.28
N SER PA 186 -93.36 -5.66 -3.22
CA SER PA 186 -92.66 -5.43 -1.96
C SER PA 186 -93.60 -4.83 -0.91
N ILE PA 187 -94.45 -3.89 -1.31
CA ILE PA 187 -95.42 -3.31 -0.39
C ILE PA 187 -96.38 -4.37 0.12
N ARG PA 188 -96.84 -5.25 -0.77
CA ARG PA 188 -97.74 -6.32 -0.36
C ARG PA 188 -97.05 -7.28 0.60
N GLU PA 189 -95.77 -7.59 0.34
CA GLU PA 189 -95.09 -8.65 1.09
C GLU PA 189 -94.58 -8.15 2.44
N LYS PA 190 -93.65 -7.19 2.44
CA LYS PA 190 -92.91 -6.83 3.63
C LYS PA 190 -93.40 -5.55 4.30
N LEU PA 191 -94.52 -4.99 3.84
CA LEU PA 191 -95.18 -3.92 4.58
C LEU PA 191 -96.44 -4.39 5.28
N LYS PA 192 -96.97 -5.56 4.88
CA LYS PA 192 -98.14 -6.18 5.52
C LYS PA 192 -99.37 -5.26 5.42
N ALA PA 193 -99.72 -4.90 4.19
CA ALA PA 193 -100.91 -4.09 3.94
C ALA PA 193 -101.33 -4.31 2.49
N LYS PA 194 -102.59 -4.64 2.29
CA LYS PA 194 -103.08 -4.92 0.95
C LYS PA 194 -103.25 -3.62 0.18
N PRO PA 195 -102.57 -3.43 -0.95
CA PRO PA 195 -102.70 -2.20 -1.72
C PRO PA 195 -103.80 -2.31 -2.77
N LEU PA 196 -104.22 -1.15 -3.27
CA LEU PA 196 -105.24 -1.04 -4.30
C LEU PA 196 -104.64 -0.22 -5.44
N LEU PA 197 -104.22 -0.90 -6.50
CA LEU PA 197 -103.59 -0.21 -7.63
C LEU PA 197 -104.63 0.65 -8.35
N LEU PA 198 -104.30 1.92 -8.58
CA LEU PA 198 -105.22 2.81 -9.28
C LEU PA 198 -104.65 3.40 -10.55
N GLN PA 199 -103.37 3.16 -10.85
CA GLN PA 199 -102.73 3.76 -12.02
C GLN PA 199 -101.66 2.82 -12.55
N LEU PA 200 -101.54 2.78 -13.88
CA LEU PA 200 -100.56 1.94 -14.55
C LEU PA 200 -99.61 2.82 -15.37
N PRO PA 201 -98.31 2.79 -15.09
CA PRO PA 201 -97.38 3.62 -15.86
C PRO PA 201 -97.20 3.09 -17.28
N ILE PA 202 -96.76 3.99 -18.17
CA ILE PA 202 -96.49 3.58 -19.55
C ILE PA 202 -95.13 2.92 -19.66
N GLY PA 203 -94.10 3.53 -19.09
CA GLY PA 203 -92.76 2.99 -19.13
C GLY PA 203 -92.12 3.00 -17.75
N GLU PA 204 -90.93 2.38 -17.68
CA GLU PA 204 -90.18 2.30 -16.44
C GLU PA 204 -88.82 2.97 -16.51
N ALA PA 205 -88.00 2.63 -17.49
CA ALA PA 205 -86.61 3.10 -17.57
C ALA PA 205 -86.53 4.22 -18.60
N LYS PA 206 -86.62 5.47 -18.11
CA LYS PA 206 -86.51 6.67 -18.91
C LYS PA 206 -87.53 6.75 -20.04
N THR PA 207 -88.52 5.88 -20.04
CA THR PA 207 -89.59 5.91 -21.03
C THR PA 207 -90.96 6.08 -20.39
N PHE PA 208 -91.01 6.40 -19.09
CA PHE PA 208 -92.25 6.71 -18.40
C PHE PA 208 -92.71 8.09 -18.85
N LYS PA 209 -93.58 8.12 -19.87
CA LYS PA 209 -94.10 9.37 -20.41
C LYS PA 209 -95.57 9.58 -20.15
N GLY PA 210 -96.23 8.65 -19.47
CA GLY PA 210 -97.66 8.79 -19.22
C GLY PA 210 -98.16 7.74 -18.25
N VAL PA 211 -99.42 7.92 -17.86
CA VAL PA 211 -100.08 7.05 -16.92
C VAL PA 211 -101.44 6.66 -17.48
N VAL PA 212 -101.99 5.56 -16.98
CA VAL PA 212 -103.32 5.11 -17.36
C VAL PA 212 -104.13 4.92 -16.08
N ASP PA 213 -105.22 5.67 -15.96
CA ASP PA 213 -106.08 5.58 -14.79
C ASP PA 213 -106.94 4.33 -14.88
N VAL PA 214 -107.33 3.80 -13.72
CA VAL PA 214 -108.13 2.60 -13.67
C VAL PA 214 -109.62 2.91 -13.46
N VAL PA 215 -109.92 3.79 -12.49
CA VAL PA 215 -111.32 4.11 -12.21
C VAL PA 215 -111.97 4.85 -13.37
N MET PA 216 -111.21 5.70 -14.06
CA MET PA 216 -111.75 6.55 -15.12
C MET PA 216 -111.55 5.97 -16.51
N LYS PA 217 -110.68 4.97 -16.68
CA LYS PA 217 -110.37 4.37 -17.98
C LYS PA 217 -109.91 5.42 -18.98
N GLU PA 218 -108.82 6.11 -18.64
CA GLU PA 218 -108.28 7.18 -19.44
C GLU PA 218 -106.76 7.12 -19.42
N LYS PA 219 -106.11 7.80 -20.35
CA LYS PA 219 -104.67 7.91 -20.35
C LYS PA 219 -104.25 9.38 -20.26
N LEU PA 220 -103.24 9.65 -19.44
CA LEU PA 220 -102.71 10.98 -19.21
C LEU PA 220 -101.29 11.05 -19.73
N LEU PA 221 -101.01 12.04 -20.56
CA LEU PA 221 -99.72 12.18 -21.22
C LEU PA 221 -99.06 13.50 -20.84
N TRP PA 222 -97.74 13.54 -20.96
CA TRP PA 222 -96.95 14.71 -20.57
C TRP PA 222 -95.85 14.89 -21.61
N ASN PA 223 -95.97 15.93 -22.45
CA ASN PA 223 -94.96 16.22 -23.48
C ASN PA 223 -94.57 17.70 -23.40
N CYS PA 224 -93.65 18.01 -22.49
CA CYS PA 224 -93.06 19.34 -22.35
C CYS PA 224 -91.98 19.32 -21.28
N ASN PA 225 -91.33 20.45 -21.04
CA ASN PA 225 -90.30 20.57 -20.02
C ASN PA 225 -90.82 21.13 -18.71
N SER PA 226 -91.56 22.25 -18.76
CA SER PA 226 -92.11 22.89 -17.58
C SER PA 226 -93.63 22.71 -17.57
N ASN PA 227 -94.15 22.11 -16.49
CA ASN PA 227 -95.57 21.93 -16.26
C ASN PA 227 -96.15 20.87 -17.20
N ASP PA 228 -95.33 20.40 -18.15
CA ASP PA 228 -95.71 19.36 -19.11
C ASP PA 228 -97.05 19.67 -19.78
N GLY PA 229 -97.04 20.78 -20.51
CA GLY PA 229 -98.21 21.21 -21.26
C GLY PA 229 -99.23 22.00 -20.48
N LYS PA 230 -98.94 22.35 -19.23
CA LYS PA 230 -99.80 23.18 -18.37
C LYS PA 230 -101.01 22.38 -17.89
N ASP PA 231 -101.21 21.20 -18.47
CA ASP PA 231 -102.32 20.32 -18.12
C ASP PA 231 -101.92 18.90 -18.49
N PHE PA 232 -102.82 17.96 -18.23
CA PHE PA 232 -102.69 16.59 -18.70
C PHE PA 232 -103.67 16.34 -19.84
N GLU PA 233 -103.18 15.63 -20.87
CA GLU PA 233 -103.93 15.40 -22.09
C GLU PA 233 -104.78 14.15 -21.90
N ARG PA 234 -106.11 14.32 -21.97
CA ARG PA 234 -107.05 13.23 -21.78
C ARG PA 234 -107.56 12.72 -23.12
N LYS PA 235 -107.10 11.53 -23.52
CA LYS PA 235 -107.59 10.85 -24.71
C LYS PA 235 -107.89 9.42 -24.31
N PRO PA 236 -109.11 9.15 -23.82
CA PRO PA 236 -109.39 7.84 -23.21
C PRO PA 236 -109.01 6.65 -24.07
N LEU PA 237 -107.98 5.93 -23.64
CA LEU PA 237 -107.52 4.68 -24.25
C LEU PA 237 -107.43 4.78 -25.78
N LEU PA 238 -107.02 5.95 -26.25
CA LEU PA 238 -106.76 6.22 -27.66
C LEU PA 238 -107.96 5.86 -28.53
N GLU PA 239 -109.15 6.10 -27.99
CA GLU PA 239 -110.42 5.94 -28.71
C GLU PA 239 -110.56 4.54 -29.32
N MET PA 240 -110.46 3.52 -28.46
CA MET PA 240 -110.76 2.14 -28.85
C MET PA 240 -109.85 1.67 -29.98
N ASN PA 241 -108.54 1.88 -29.79
CA ASN PA 241 -107.57 1.56 -30.84
C ASN PA 241 -106.41 0.68 -30.40
N ASP PA 242 -106.09 0.65 -29.09
CA ASP PA 242 -104.97 -0.15 -28.61
C ASP PA 242 -105.51 -1.36 -27.87
N PRO PA 243 -105.62 -2.53 -28.51
CA PRO PA 243 -106.21 -3.70 -27.81
C PRO PA 243 -105.46 -4.11 -26.56
N GLU PA 244 -104.12 -4.02 -26.57
CA GLU PA 244 -103.33 -4.41 -25.42
C GLU PA 244 -103.60 -3.49 -24.22
N LEU PA 245 -103.60 -2.17 -24.49
CA LEU PA 245 -103.89 -1.20 -23.44
C LEU PA 245 -105.31 -1.39 -22.91
N LEU PA 246 -106.27 -1.63 -23.82
CA LEU PA 246 -107.64 -1.85 -23.41
C LEU PA 246 -107.77 -3.07 -22.50
N LYS PA 247 -107.14 -4.18 -22.90
CA LYS PA 247 -107.23 -5.40 -22.12
C LYS PA 247 -106.57 -5.25 -20.76
N GLU PA 248 -105.40 -4.62 -20.72
CA GLU PA 248 -104.73 -4.40 -19.44
C GLU PA 248 -105.56 -3.49 -18.54
N THR PA 249 -106.14 -2.43 -19.10
CA THR PA 249 -106.93 -1.50 -18.30
C THR PA 249 -108.19 -2.18 -17.74
N THR PA 250 -108.88 -2.97 -18.57
CA THR PA 250 -110.09 -3.63 -18.09
C THR PA 250 -109.76 -4.73 -17.08
N GLU PA 251 -108.63 -5.44 -17.25
CA GLU PA 251 -108.24 -6.41 -16.24
C GLU PA 251 -107.89 -5.74 -14.93
N ALA PA 252 -107.20 -4.59 -14.99
CA ALA PA 252 -106.90 -3.84 -13.77
C ALA PA 252 -108.18 -3.35 -13.10
N ARG PA 253 -109.15 -2.88 -13.89
CA ARG PA 253 -110.43 -2.47 -13.32
C ARG PA 253 -111.14 -3.62 -12.65
N ASN PA 254 -111.13 -4.80 -13.28
CA ASN PA 254 -111.76 -5.97 -12.68
C ASN PA 254 -111.07 -6.34 -11.37
N ALA PA 255 -109.74 -6.30 -11.35
CA ALA PA 255 -109.01 -6.61 -10.12
C ALA PA 255 -109.32 -5.61 -9.01
N LEU PA 256 -109.37 -4.32 -9.35
CA LEU PA 256 -109.69 -3.29 -8.36
C LEU PA 256 -111.10 -3.48 -7.82
N ILE PA 257 -112.06 -3.78 -8.70
CA ILE PA 257 -113.44 -4.00 -8.27
C ILE PA 257 -113.50 -5.22 -7.35
N GLU PA 258 -112.80 -6.29 -7.70
CA GLU PA 258 -112.77 -7.47 -6.85
C GLU PA 258 -112.20 -7.14 -5.48
N GLN PA 259 -111.11 -6.37 -5.44
CA GLN PA 259 -110.49 -6.02 -4.16
C GLN PA 259 -111.42 -5.20 -3.29
N VAL PA 260 -112.02 -4.15 -3.86
CA VAL PA 260 -112.88 -3.28 -3.08
C VAL PA 260 -114.14 -4.02 -2.62
N ALA PA 261 -114.65 -4.92 -3.46
CA ALA PA 261 -115.85 -5.67 -3.08
C ALA PA 261 -115.53 -6.69 -2.00
N ASP PA 262 -114.36 -7.33 -2.06
CA ASP PA 262 -113.97 -8.23 -0.98
C ASP PA 262 -113.71 -7.49 0.31
N LEU PA 263 -113.26 -6.23 0.23
CA LEU PA 263 -112.99 -5.47 1.44
C LEU PA 263 -114.27 -4.91 2.06
N ASP PA 264 -114.98 -4.06 1.33
CA ASP PA 264 -116.20 -3.46 1.87
C ASP PA 264 -117.39 -4.38 1.63
N ASP PA 265 -118.33 -4.39 2.59
CA ASP PA 265 -119.49 -5.26 2.48
C ASP PA 265 -120.60 -4.62 1.66
N GLU PA 266 -120.88 -3.33 1.91
CA GLU PA 266 -121.98 -2.67 1.21
C GLU PA 266 -121.72 -2.59 -0.29
N PHE PA 267 -120.48 -2.27 -0.67
CA PHE PA 267 -120.13 -2.29 -2.09
C PHE PA 267 -120.24 -3.69 -2.67
N ALA PA 268 -119.89 -4.70 -1.86
CA ALA PA 268 -120.08 -6.08 -2.28
C ALA PA 268 -121.56 -6.36 -2.54
N ASP PA 269 -122.43 -5.84 -1.68
CA ASP PA 269 -123.86 -6.00 -1.86
C ASP PA 269 -124.33 -5.34 -3.16
N LEU PA 270 -123.82 -4.14 -3.45
CA LEU PA 270 -124.23 -3.43 -4.66
C LEU PA 270 -123.77 -4.18 -5.91
N VAL PA 271 -122.53 -4.68 -5.90
CA VAL PA 271 -122.02 -5.45 -7.03
C VAL PA 271 -122.84 -6.73 -7.19
N LEU PA 272 -123.14 -7.39 -6.07
CA LEU PA 272 -124.02 -8.55 -6.06
C LEU PA 272 -125.39 -8.26 -6.67
N GLU PA 273 -125.95 -7.08 -6.38
CA GLU PA 273 -127.33 -6.80 -6.76
C GLU PA 273 -127.49 -6.28 -8.18
N GLU PA 274 -126.63 -5.38 -8.65
CA GLU PA 274 -126.87 -4.69 -9.92
C GLU PA 274 -125.84 -5.06 -10.99
N PHE PA 275 -124.56 -4.77 -10.76
CA PHE PA 275 -123.55 -4.93 -11.80
C PHE PA 275 -122.68 -6.16 -11.58
N SER PA 276 -123.24 -7.36 -11.67
CA SER PA 276 -122.42 -8.57 -11.55
C SER PA 276 -121.78 -8.93 -12.88
N GLU PA 277 -122.60 -9.27 -13.88
CA GLU PA 277 -122.10 -9.70 -15.17
C GLU PA 277 -121.58 -8.56 -16.03
N ASN PA 278 -121.87 -7.31 -15.65
CA ASN PA 278 -121.44 -6.17 -16.45
C ASN PA 278 -119.92 -6.02 -16.42
N PHE PA 279 -119.32 -6.18 -15.24
CA PHE PA 279 -117.88 -5.97 -15.03
C PHE PA 279 -117.45 -4.54 -15.35
N ASP PA 280 -118.42 -3.66 -15.58
CA ASP PA 280 -118.19 -2.26 -15.89
C ASP PA 280 -119.09 -1.32 -15.11
N LEU PA 281 -119.15 -1.46 -13.78
CA LEU PA 281 -120.20 -0.90 -12.93
C LEU PA 281 -120.63 0.50 -13.31
N LEU PA 282 -119.73 1.46 -13.18
CA LEU PA 282 -120.01 2.88 -13.36
C LEU PA 282 -118.72 3.66 -13.25
N PRO PA 283 -118.61 4.80 -13.95
CA PRO PA 283 -117.32 5.50 -14.03
C PRO PA 283 -116.72 5.96 -12.71
N ALA PA 284 -117.38 6.87 -11.99
CA ALA PA 284 -116.67 7.50 -10.88
C ALA PA 284 -117.51 7.85 -9.65
N GLU PA 285 -118.71 7.31 -9.48
CA GLU PA 285 -119.48 7.67 -8.30
C GLU PA 285 -119.35 6.64 -7.17
N LYS PA 286 -119.83 5.42 -7.41
CA LYS PA 286 -119.90 4.44 -6.35
C LYS PA 286 -118.58 3.70 -6.17
N LEU PA 287 -117.82 3.51 -7.25
CA LEU PA 287 -116.48 2.96 -7.11
C LEU PA 287 -115.59 3.90 -6.31
N GLN PA 288 -115.67 5.20 -6.60
CA GLN PA 288 -114.92 6.18 -5.82
C GLN PA 288 -115.41 6.24 -4.39
N THR PA 289 -116.72 6.09 -4.17
CA THR PA 289 -117.23 6.01 -2.81
C THR PA 289 -116.64 4.82 -2.06
N ALA PA 290 -116.58 3.66 -2.72
CA ALA PA 290 -116.03 2.47 -2.09
C ALA PA 290 -114.54 2.63 -1.79
N ILE PA 291 -113.80 3.24 -2.71
CA ILE PA 291 -112.38 3.46 -2.47
C ILE PA 291 -112.16 4.46 -1.34
N HIS PA 292 -113.01 5.49 -1.23
CA HIS PA 292 -112.94 6.39 -0.09
C HIS PA 292 -113.23 5.66 1.21
N ARG PA 293 -114.21 4.76 1.20
CA ARG PA 293 -114.52 4.00 2.40
C ARG PA 293 -113.38 3.08 2.81
N VAL PA 294 -112.75 2.40 1.84
CA VAL PA 294 -111.62 1.54 2.19
C VAL PA 294 -110.40 2.35 2.58
N THR PA 295 -110.27 3.59 2.09
CA THR PA 295 -109.22 4.47 2.58
C THR PA 295 -109.46 4.84 4.04
N LEU PA 296 -110.71 5.13 4.40
CA LEU PA 296 -111.06 5.56 5.76
C LEU PA 296 -111.28 4.38 6.71
N ALA PA 297 -111.24 3.15 6.20
CA ALA PA 297 -111.51 1.99 7.06
C ALA PA 297 -110.24 1.30 7.54
N GLN PA 298 -109.07 1.86 7.19
CA GLN PA 298 -107.78 1.33 7.64
C GLN PA 298 -107.57 -0.11 7.18
N THR PA 299 -108.02 -0.45 5.98
CA THR PA 299 -107.87 -1.80 5.46
C THR PA 299 -107.36 -1.79 4.02
N ALA PA 300 -107.00 -0.61 3.51
CA ALA PA 300 -106.54 -0.50 2.13
C ALA PA 300 -105.82 0.83 1.91
N VAL PA 301 -104.83 0.82 1.01
CA VAL PA 301 -104.12 2.03 0.62
C VAL PA 301 -104.16 2.14 -0.90
N PRO PA 302 -104.64 3.25 -1.45
CA PRO PA 302 -104.62 3.44 -2.91
C PRO PA 302 -103.22 3.77 -3.38
N VAL PA 303 -102.76 3.05 -4.41
CA VAL PA 303 -101.40 3.17 -4.92
C VAL PA 303 -101.45 3.86 -6.27
N LEU PA 304 -100.73 4.97 -6.39
CA LEU PA 304 -100.64 5.77 -7.61
C LEU PA 304 -99.18 5.96 -7.97
N CYS PA 305 -98.84 5.71 -9.23
CA CYS PA 305 -97.47 5.92 -9.69
C CYS PA 305 -97.28 7.37 -10.16
N GLY PA 306 -96.03 7.78 -10.26
CA GLY PA 306 -95.73 9.13 -10.73
C GLY PA 306 -94.25 9.41 -10.64
N SER PA 307 -93.91 10.66 -10.98
CA SER PA 307 -92.52 11.11 -10.97
C SER PA 307 -92.52 12.62 -10.82
N ALA PA 308 -92.11 13.10 -9.64
CA ALA PA 308 -92.16 14.54 -9.37
C ALA PA 308 -91.12 15.31 -10.18
N LEU PA 309 -89.90 14.76 -10.28
CA LEU PA 309 -88.82 15.50 -10.93
C LEU PA 309 -89.12 15.72 -12.41
N LYS PA 310 -89.70 14.72 -13.08
CA LYS PA 310 -90.12 14.86 -14.47
C LYS PA 310 -91.53 15.44 -14.60
N ASN PA 311 -92.08 15.98 -13.52
CA ASN PA 311 -93.34 16.72 -13.55
C ASN PA 311 -94.50 15.86 -14.05
N LYS PA 312 -94.53 14.59 -13.65
CA LYS PA 312 -95.52 13.63 -14.10
C LYS PA 312 -96.26 13.05 -12.92
N GLY PA 313 -97.59 13.04 -13.00
CA GLY PA 313 -98.43 12.40 -12.01
C GLY PA 313 -98.80 13.25 -10.81
N ILE PA 314 -98.26 14.47 -10.70
CA ILE PA 314 -98.53 15.30 -9.53
C ILE PA 314 -99.99 15.76 -9.54
N GLN PA 315 -100.51 16.15 -10.70
CA GLN PA 315 -101.92 16.52 -10.77
C GLN PA 315 -102.86 15.36 -10.50
N PRO PA 316 -102.66 14.15 -11.05
CA PRO PA 316 -103.48 13.02 -10.60
C PRO PA 316 -103.35 12.74 -9.11
N LEU PA 317 -102.15 12.90 -8.55
CA LEU PA 317 -101.97 12.71 -7.12
C LEU PA 317 -102.80 13.72 -6.33
N LEU PA 318 -102.80 14.98 -6.77
CA LEU PA 318 -103.60 16.00 -6.10
C LEU PA 318 -105.08 15.70 -6.22
N ASP PA 319 -105.51 15.23 -7.40
CA ASP PA 319 -106.91 14.86 -7.58
C ASP PA 319 -107.31 13.75 -6.62
N ALA PA 320 -106.49 12.71 -6.51
CA ALA PA 320 -106.79 11.62 -5.57
C ALA PA 320 -106.73 12.11 -4.13
N VAL PA 321 -105.84 13.06 -3.83
CA VAL PA 321 -105.78 13.63 -2.49
C VAL PA 321 -107.09 14.31 -2.14
N THR PA 322 -107.63 15.10 -3.07
CA THR PA 322 -108.87 15.81 -2.85
C THR PA 322 -110.10 14.91 -2.90
N MET PA 323 -110.01 13.76 -3.57
CA MET PA 323 -111.15 12.84 -3.67
C MET PA 323 -111.20 11.76 -2.60
N TYR PA 324 -110.06 11.39 -2.01
CA TYR PA 324 -110.02 10.25 -1.11
C TYR PA 324 -109.59 10.60 0.31
N LEU PA 325 -108.65 11.52 0.47
CA LEU PA 325 -108.08 11.75 1.79
C LEU PA 325 -109.08 12.45 2.70
N PRO PA 326 -109.13 12.07 3.99
CA PRO PA 326 -110.16 12.56 4.89
C PRO PA 326 -110.18 14.09 5.01
N SER PA 327 -111.39 14.60 5.25
CA SER PA 327 -111.61 15.93 5.80
C SER PA 327 -111.58 15.87 7.32
N PRO PA 328 -111.40 17.00 8.01
CA PRO PA 328 -111.26 16.98 9.47
C PRO PA 328 -112.40 16.28 10.22
N GLU PA 329 -113.64 16.43 9.75
CA GLU PA 329 -114.80 15.89 10.45
C GLU PA 329 -115.22 14.53 9.91
N GLU PA 330 -114.60 14.04 8.84
CA GLU PA 330 -114.94 12.72 8.34
C GLU PA 330 -114.62 11.64 9.36
N ARG PA 331 -113.61 11.87 10.21
CA ARG PA 331 -113.34 11.00 11.33
C ARG PA 331 -114.05 11.55 12.56
N ASN PA 332 -114.86 10.71 13.20
CA ASN PA 332 -115.64 11.14 14.36
C ASN PA 332 -114.73 11.35 15.57
N TYR PA 333 -114.29 12.60 15.77
CA TYR PA 333 -113.42 12.90 16.90
C TYR PA 333 -114.22 12.91 18.19
N GLU PA 334 -113.80 12.09 19.15
CA GLU PA 334 -114.45 12.07 20.46
C GLU PA 334 -114.35 13.44 21.13
N PHE PA 335 -113.24 14.14 20.91
CA PHE PA 335 -113.07 15.47 21.51
C PHE PA 335 -114.13 16.44 20.98
N LEU PA 336 -114.31 16.47 19.67
CA LEU PA 336 -115.31 17.36 19.08
C LEU PA 336 -116.72 16.93 19.46
N GLN PA 337 -116.97 15.63 19.55
CA GLN PA 337 -118.27 15.15 19.98
C GLN PA 337 -118.57 15.59 21.40
N TRP PA 338 -117.57 15.53 22.29
CA TRP PA 338 -117.75 15.99 23.66
C TRP PA 338 -118.01 17.49 23.71
N TYR PA 339 -117.20 18.28 22.99
CA TYR PA 339 -117.34 19.72 23.00
C TYR PA 339 -117.04 20.28 21.62
N LYS PA 340 -117.93 21.13 21.12
CA LYS PA 340 -117.74 21.82 19.86
C LYS PA 340 -117.96 23.33 19.95
N ASP PA 341 -118.68 23.81 20.95
CA ASP PA 341 -118.92 25.25 21.10
C ASP PA 341 -117.77 25.98 21.76
N ASP PA 342 -116.80 25.26 22.33
CA ASP PA 342 -115.63 25.88 22.94
C ASP PA 342 -114.58 26.17 21.88
N LEU PA 343 -113.37 26.51 22.30
CA LEU PA 343 -112.28 26.80 21.37
C LEU PA 343 -111.12 25.84 21.58
N CYS PA 344 -111.43 24.55 21.73
CA CYS PA 344 -110.40 23.54 21.94
C CYS PA 344 -109.42 23.49 20.76
N ALA PA 345 -108.12 23.57 21.06
CA ALA PA 345 -107.07 23.51 20.06
C ALA PA 345 -105.83 22.87 20.66
N LEU PA 346 -104.98 22.34 19.79
CA LEU PA 346 -103.82 21.56 20.19
C LEU PA 346 -102.56 22.23 19.64
N ALA PA 347 -101.73 22.75 20.53
CA ALA PA 347 -100.45 23.34 20.15
C ALA PA 347 -99.41 22.24 20.04
N PHE PA 348 -98.92 21.98 18.83
CA PHE PA 348 -98.06 20.84 18.58
C PHE PA 348 -96.63 21.19 18.22
N LYS PA 349 -96.35 22.42 17.80
CA LYS PA 349 -95.00 22.80 17.42
C LYS PA 349 -94.68 24.18 17.96
N VAL PA 350 -93.38 24.45 18.16
CA VAL PA 350 -92.91 25.74 18.63
C VAL PA 350 -91.74 26.20 17.77
N LEU PA 351 -91.46 27.49 17.81
CA LEU PA 351 -90.39 28.09 17.04
C LEU PA 351 -89.86 29.31 17.78
N HIS PA 352 -88.55 29.53 17.69
CA HIS PA 352 -87.89 30.58 18.46
C HIS PA 352 -87.19 31.60 17.55
N ASP PA 353 -87.87 32.07 16.52
CA ASP PA 353 -87.29 33.08 15.65
C ASP PA 353 -87.07 34.37 16.42
N LYS PA 354 -85.98 35.08 16.09
CA LYS PA 354 -85.58 36.25 16.86
C LYS PA 354 -86.60 37.39 16.71
N GLN PA 355 -86.95 37.73 15.48
CA GLN PA 355 -87.81 38.90 15.26
C GLN PA 355 -89.26 38.59 15.64
N ARG PA 356 -89.74 37.39 15.32
CA ARG PA 356 -91.13 37.07 15.60
C ARG PA 356 -91.34 36.76 17.08
N GLY PA 357 -90.36 36.13 17.72
CA GLY PA 357 -90.49 35.72 19.10
C GLY PA 357 -90.96 34.28 19.20
N PRO PA 358 -91.64 33.95 20.29
CA PRO PA 358 -92.16 32.58 20.45
C PRO PA 358 -93.34 32.31 19.54
N LEU PA 359 -93.12 31.55 18.46
CA LEU PA 359 -94.18 31.19 17.54
C LEU PA 359 -94.70 29.80 17.89
N VAL PA 360 -96.01 29.62 17.80
CA VAL PA 360 -96.64 28.35 18.14
C VAL PA 360 -97.45 27.85 16.96
N PHE PA 361 -97.10 26.65 16.47
CA PHE PA 361 -97.90 25.95 15.48
C PHE PA 361 -98.92 25.07 16.19
N MET PA 362 -100.19 25.22 15.81
CA MET PA 362 -101.28 24.54 16.47
C MET PA 362 -102.29 24.07 15.43
N ARG PA 363 -103.21 23.22 15.87
CA ARG PA 363 -104.37 22.84 15.07
C ARG PA 363 -105.64 23.21 15.82
N ILE PA 364 -106.56 23.85 15.12
CA ILE PA 364 -107.84 24.26 15.68
C ILE PA 364 -108.81 23.08 15.56
N TYR PA 365 -109.36 22.66 16.70
CA TYR PA 365 -110.26 21.51 16.73
C TYR PA 365 -111.72 21.91 16.74
N SER PA 366 -112.16 22.71 17.71
CA SER PA 366 -113.56 23.04 17.87
C SER PA 366 -113.77 24.55 17.79
N GLY PA 367 -114.85 24.94 17.12
CA GLY PA 367 -115.22 26.35 17.03
C GLY PA 367 -114.34 27.13 16.07
N THR PA 368 -114.58 28.44 16.06
CA THR PA 368 -113.84 29.38 15.23
C THR PA 368 -112.98 30.24 16.13
N ILE PA 369 -111.69 30.31 15.83
CA ILE PA 369 -110.74 31.04 16.67
C ILE PA 369 -110.62 32.48 16.18
N LYS PA 370 -110.35 33.37 17.12
CA LYS PA 370 -110.22 34.80 16.85
C LYS PA 370 -108.94 35.34 17.47
N PRO PA 371 -108.31 36.32 16.82
CA PRO PA 371 -107.11 36.93 17.40
C PRO PA 371 -107.45 37.90 18.52
N GLN PA 372 -106.41 38.25 19.28
CA GLN PA 372 -106.49 39.25 20.34
C GLN PA 372 -107.57 38.91 21.36
N LEU PA 373 -107.66 37.63 21.70
CA LEU PA 373 -108.59 37.15 22.72
C LEU PA 373 -107.85 36.27 23.72
N ALA PA 374 -108.17 36.46 24.99
CA ALA PA 374 -107.54 35.66 26.04
C ALA PA 374 -107.89 34.19 25.89
N ILE PA 375 -106.89 33.33 26.08
CA ILE PA 375 -107.05 31.89 25.93
C ILE PA 375 -106.47 31.23 27.17
N HIS PA 376 -107.00 30.05 27.51
CA HIS PA 376 -106.58 29.34 28.71
C HIS PA 376 -105.90 28.03 28.35
N ASN PA 377 -104.90 27.66 29.13
CA ASN PA 377 -104.20 26.40 28.95
C ASN PA 377 -104.71 25.38 29.95
N ILE PA 378 -104.68 24.11 29.56
CA ILE PA 378 -105.09 23.03 30.45
C ILE PA 378 -103.91 22.49 31.25
N ASN PA 379 -102.78 22.26 30.59
CA ASN PA 379 -101.59 21.79 31.29
C ASN PA 379 -101.07 22.84 32.26
N GLY PA 380 -101.01 24.10 31.82
CA GLY PA 380 -100.47 25.17 32.63
C GLY PA 380 -101.49 26.02 33.36
N ASN PA 381 -102.78 25.69 33.25
CA ASN PA 381 -103.90 26.33 33.92
C ASN PA 381 -103.75 27.85 34.03
N CYS PA 382 -103.28 28.49 32.96
CA CYS PA 382 -102.99 29.91 32.96
C CYS PA 382 -103.58 30.56 31.72
N THR PA 383 -103.69 31.89 31.78
CA THR PA 383 -104.24 32.68 30.70
C THR PA 383 -103.14 33.33 29.88
N GLU PA 384 -103.33 33.36 28.57
CA GLU PA 384 -102.36 33.94 27.64
C GLU PA 384 -103.08 34.84 26.65
N ARG PA 385 -102.40 35.90 26.22
CA ARG PA 385 -102.93 36.84 25.26
C ARG PA 385 -102.42 36.51 23.86
N ILE PA 386 -103.35 36.39 22.92
CA ILE PA 386 -103.01 36.08 21.53
C ILE PA 386 -102.59 37.39 20.85
N SER PA 387 -101.29 37.59 20.69
CA SER PA 387 -100.81 38.82 20.06
C SER PA 387 -101.29 38.93 18.62
N ARG PA 388 -101.09 37.87 17.84
CA ARG PA 388 -101.63 37.83 16.48
C ARG PA 388 -101.66 36.38 16.01
N LEU PA 389 -102.45 36.15 14.96
CA LEU PA 389 -102.70 34.82 14.44
C LEU PA 389 -102.61 34.88 12.92
N LEU PA 390 -102.11 33.79 12.33
CA LEU PA 390 -101.93 33.74 10.88
C LEU PA 390 -101.87 32.28 10.45
N LEU PA 391 -101.69 32.08 9.14
CA LEU PA 391 -101.54 30.83 8.42
C LEU PA 391 -100.10 30.65 7.95
N PRO PA 392 -99.54 29.45 8.11
CA PRO PA 392 -98.13 29.26 7.78
C PRO PA 392 -97.87 28.93 6.31
N PHE PA 393 -97.04 29.73 5.66
CA PHE PA 393 -96.51 29.39 4.35
C PHE PA 393 -95.00 29.19 4.40
N ALA PA 394 -94.41 29.29 5.59
CA ALA PA 394 -93.06 28.84 5.92
C ALA PA 394 -91.95 29.80 5.48
N ASP PA 395 -92.29 30.91 4.82
CA ASP PA 395 -91.28 31.89 4.44
C ASP PA 395 -91.70 33.33 4.70
N GLN PA 396 -92.98 33.60 4.97
CA GLN PA 396 -93.45 34.96 5.17
C GLN PA 396 -94.66 34.93 6.10
N HIS PA 397 -95.01 36.11 6.61
CA HIS PA 397 -96.19 36.28 7.44
C HIS PA 397 -97.29 36.95 6.64
N VAL PA 398 -98.50 36.41 6.72
CA VAL PA 398 -99.64 36.94 6.00
C VAL PA 398 -100.70 37.53 6.91
N GLU PA 399 -100.71 37.18 8.20
CA GLU PA 399 -101.65 37.72 9.19
C GLU PA 399 -103.10 37.47 8.77
N ILE PA 400 -103.45 36.19 8.69
CA ILE PA 400 -104.82 35.81 8.33
C ILE PA 400 -105.76 36.18 9.47
N PRO PA 401 -106.84 36.93 9.21
CA PRO PA 401 -107.68 37.40 10.32
C PRO PA 401 -108.50 36.31 10.97
N SER PA 402 -109.14 35.44 10.20
CA SER PA 402 -110.08 34.46 10.72
C SER PA 402 -109.69 33.07 10.28
N LEU PA 403 -109.78 32.11 11.20
CA LEU PA 403 -109.55 30.70 10.91
C LEU PA 403 -110.60 29.87 11.65
N THR PA 404 -111.10 28.84 10.98
CA THR PA 404 -112.12 27.96 11.51
C THR PA 404 -111.50 26.66 12.00
N ALA PA 405 -112.35 25.71 12.38
CA ALA PA 405 -111.88 24.44 12.91
C ALA PA 405 -111.19 23.61 11.82
N GLY PA 406 -110.37 22.67 12.28
CA GLY PA 406 -109.65 21.80 11.36
C GLY PA 406 -108.61 22.50 10.52
N ASN PA 407 -107.91 23.48 11.08
CA ASN PA 407 -106.89 24.23 10.36
C ASN PA 407 -105.61 24.31 11.17
N ILE PA 408 -104.48 24.26 10.48
CA ILE PA 408 -103.19 24.50 11.10
C ILE PA 408 -102.94 26.01 11.13
N ALA PA 409 -102.55 26.52 12.28
CA ALA PA 409 -102.44 27.95 12.51
C ALA PA 409 -101.13 28.27 13.23
N LEU PA 410 -100.64 29.48 13.01
CA LEU PA 410 -99.46 30.01 13.67
C LEU PA 410 -99.86 31.18 14.56
N THR PA 411 -99.46 31.12 15.82
CA THR PA 411 -99.83 32.13 16.81
C THR PA 411 -98.58 32.77 17.37
N VAL PA 412 -98.61 34.09 17.53
CA VAL PA 412 -97.49 34.86 18.05
C VAL PA 412 -97.84 35.38 19.44
N GLY PA 413 -96.84 35.44 20.31
CA GLY PA 413 -97.00 36.00 21.63
C GLY PA 413 -97.24 35.01 22.74
N LEU PA 414 -97.23 33.71 22.46
CA LEU PA 414 -97.45 32.69 23.48
C LEU PA 414 -96.10 32.29 24.08
N LYS PA 415 -95.66 33.10 25.05
CA LYS PA 415 -94.37 32.85 25.69
C LYS PA 415 -94.40 31.56 26.51
N HIS PA 416 -95.45 31.37 27.31
CA HIS PA 416 -95.59 30.18 28.15
C HIS PA 416 -96.33 29.11 27.36
N THR PA 417 -95.57 28.23 26.70
CA THR PA 417 -96.14 27.19 25.86
C THR PA 417 -95.39 25.89 26.06
N ALA PA 418 -96.14 24.78 26.11
CA ALA PA 418 -95.57 23.45 26.24
C ALA PA 418 -95.75 22.68 24.94
N THR PA 419 -94.91 21.66 24.74
CA THR PA 419 -94.96 20.90 23.50
C THR PA 419 -96.30 20.18 23.34
N GLY PA 420 -96.77 19.52 24.39
CA GLY PA 420 -98.06 18.88 24.37
C GLY PA 420 -99.02 19.46 25.38
N ASP PA 421 -100.04 20.18 24.91
CA ASP PA 421 -100.99 20.82 25.81
C ASP PA 421 -102.27 21.13 25.05
N THR PA 422 -103.33 21.42 25.80
CA THR PA 422 -104.63 21.77 25.25
C THR PA 422 -104.92 23.23 25.58
N ILE PA 423 -105.49 23.96 24.62
CA ILE PA 423 -105.84 25.36 24.82
C ILE PA 423 -107.33 25.54 24.51
N VAL PA 424 -108.05 26.13 25.46
CA VAL PA 424 -109.50 26.30 25.36
C VAL PA 424 -109.86 27.74 25.71
N SER PA 425 -111.16 28.02 25.72
CA SER PA 425 -111.69 29.33 26.08
C SER PA 425 -112.84 29.14 27.06
N SER PA 426 -112.90 30.03 28.06
CA SER PA 426 -113.99 30.10 29.03
C SER PA 426 -113.98 28.93 30.01
N LYS PA 427 -113.09 27.97 29.81
CA LYS PA 427 -112.95 26.81 30.69
C LYS PA 427 -114.28 26.09 30.88
N SER PA 428 -114.79 25.53 29.78
CA SER PA 428 -116.08 24.84 29.83
C SER PA 428 -116.02 23.63 30.75
N SER PA 429 -114.94 22.86 30.69
CA SER PA 429 -114.77 21.69 31.56
C SER PA 429 -113.34 21.55 32.04
N GLU PA 452 -110.90 13.89 34.11
CA GLU PA 452 -111.51 14.96 34.89
C GLU PA 452 -111.20 16.32 34.29
N ARG PA 453 -110.29 16.33 33.32
CA ARG PA 453 -109.84 17.54 32.67
C ARG PA 453 -109.84 17.35 31.16
N LEU PA 454 -110.12 18.43 30.42
CA LEU PA 454 -110.09 18.40 28.96
C LEU PA 454 -108.63 18.49 28.52
N LEU PA 455 -107.93 17.37 28.62
CA LEU PA 455 -106.54 17.26 28.25
C LEU PA 455 -106.41 16.28 27.09
N LEU PA 456 -105.68 16.67 26.06
CA LEU PA 456 -105.51 15.86 24.87
C LEU PA 456 -104.13 15.21 24.88
N ALA PA 457 -104.09 13.91 24.64
CA ALA PA 457 -102.82 13.18 24.64
C ALA PA 457 -101.94 13.66 23.49
N GLY PA 458 -100.87 14.39 23.82
CA GLY PA 458 -100.04 15.00 22.80
C GLY PA 458 -98.92 14.13 22.30
N VAL PA 459 -97.69 14.62 22.45
CA VAL PA 459 -96.50 13.95 21.89
C VAL PA 459 -95.67 13.42 23.05
N GLU PA 460 -95.28 12.15 22.95
CA GLU PA 460 -94.44 11.51 23.95
C GLU PA 460 -92.97 11.61 23.55
N ILE PA 461 -92.12 11.85 24.55
CA ILE PA 461 -90.67 11.96 24.30
C ILE PA 461 -90.15 10.61 23.83
N PRO PA 462 -89.35 10.57 22.75
CA PRO PA 462 -88.93 9.27 22.19
C PRO PA 462 -87.71 8.67 22.87
N GLU PA 463 -87.34 9.17 24.06
CA GLU PA 463 -86.24 8.60 24.83
C GLU PA 463 -84.93 8.65 24.05
N PRO PA 464 -84.30 9.81 23.92
CA PRO PA 464 -83.10 9.92 23.08
C PRO PA 464 -81.98 9.00 23.56
N VAL PA 465 -81.22 8.50 22.59
CA VAL PA 465 -80.27 7.41 22.86
C VAL PA 465 -78.81 7.80 22.62
N PHE PA 466 -78.51 8.80 21.79
CA PHE PA 466 -77.14 9.17 21.50
C PHE PA 466 -76.69 10.26 22.46
N PHE PA 467 -75.45 10.16 22.95
CA PHE PA 467 -74.95 11.05 23.98
C PHE PA 467 -73.67 11.73 23.53
N CYS PA 468 -73.59 13.05 23.75
CA CYS PA 468 -72.38 13.81 23.54
C CYS PA 468 -72.20 14.78 24.69
N THR PA 469 -71.07 15.50 24.70
CA THR PA 469 -70.80 16.55 25.67
C THR PA 469 -70.50 17.83 24.92
N ILE PA 470 -71.15 18.93 25.31
CA ILE PA 470 -70.97 20.21 24.64
C ILE PA 470 -69.95 21.04 25.41
N GLU PA 471 -69.12 21.77 24.67
CA GLU PA 471 -68.00 22.52 25.24
C GLU PA 471 -68.08 23.98 24.84
N PRO PA 472 -68.45 24.89 25.74
CA PRO PA 472 -68.39 26.31 25.41
C PRO PA 472 -66.95 26.76 25.26
N PRO PA 473 -66.69 27.76 24.40
CA PRO PA 473 -65.30 28.21 24.21
C PRO PA 473 -64.70 28.90 25.42
N SER PA 474 -65.51 29.48 26.30
CA SER PA 474 -64.99 30.17 27.47
C SER PA 474 -66.08 30.27 28.52
N LEU PA 475 -65.65 30.54 29.76
CA LEU PA 475 -66.62 30.69 30.85
C LEU PA 475 -67.48 31.92 30.66
N SER PA 476 -66.93 32.98 30.07
CA SER PA 476 -67.73 34.17 29.78
C SER PA 476 -68.79 33.88 28.72
N LYS PA 477 -68.47 33.03 27.74
CA LYS PA 477 -69.43 32.64 26.72
C LYS PA 477 -70.36 31.51 27.17
N GLN PA 478 -70.08 30.90 28.33
CA GLN PA 478 -70.95 29.84 28.83
C GLN PA 478 -72.41 30.27 29.02
N PRO PA 479 -72.72 31.45 29.59
CA PRO PA 479 -74.14 31.83 29.69
C PRO PA 479 -74.86 31.87 28.35
N ASP PA 480 -74.18 32.32 27.29
CA ASP PA 480 -74.80 32.31 25.97
C ASP PA 480 -75.10 30.88 25.52
N LEU PA 481 -74.16 29.96 25.76
CA LEU PA 481 -74.40 28.55 25.42
C LEU PA 481 -75.57 27.99 26.21
N GLU PA 482 -75.66 28.32 27.50
CA GLU PA 482 -76.76 27.82 28.31
C GLU PA 482 -78.10 28.37 27.82
N HIS PA 483 -78.16 29.65 27.47
CA HIS PA 483 -79.39 30.22 26.94
C HIS PA 483 -79.78 29.57 25.62
N ALA PA 484 -78.80 29.37 24.73
CA ALA PA 484 -79.09 28.70 23.46
C ALA PA 484 -79.57 27.27 23.68
N LEU PA 485 -78.96 26.56 24.63
CA LEU PA 485 -79.38 25.19 24.92
C LEU PA 485 -80.78 25.16 25.51
N LYS PA 486 -81.11 26.13 26.36
CA LYS PA 486 -82.48 26.21 26.88
C LYS PA 486 -83.48 26.45 25.76
N CYS PA 487 -83.15 27.37 24.85
CA CYS PA 487 -84.04 27.63 23.72
C CYS PA 487 -84.21 26.37 22.86
N LEU PA 488 -83.12 25.68 22.57
CA LEU PA 488 -83.21 24.45 21.77
C LEU PA 488 -83.97 23.35 22.49
N GLN PA 489 -83.82 23.25 23.82
CA GLN PA 489 -84.58 22.27 24.58
C GLN PA 489 -86.07 22.58 24.53
N ARG PA 490 -86.44 23.85 24.68
CA ARG PA 490 -87.84 24.21 24.60
C ARG PA 490 -88.39 24.09 23.19
N GLU PA 491 -87.53 24.15 22.18
CA GLU PA 491 -87.97 23.96 20.80
C GLU PA 491 -88.16 22.47 20.47
N ASP PA 492 -87.11 21.68 20.63
CA ASP PA 492 -87.14 20.25 20.36
C ASP PA 492 -87.12 19.49 21.68
N PRO PA 493 -88.24 18.89 22.11
CA PRO PA 493 -88.24 18.18 23.39
C PRO PA 493 -87.44 16.88 23.39
N SER PA 494 -87.02 16.38 22.23
CA SER PA 494 -86.23 15.15 22.18
C SER PA 494 -84.74 15.40 22.40
N LEU PA 495 -84.33 16.64 22.57
CA LEU PA 495 -82.93 16.99 22.81
C LEU PA 495 -82.77 17.29 24.30
N LYS PA 496 -82.53 16.23 25.07
CA LYS PA 496 -82.37 16.38 26.51
C LYS PA 496 -80.95 16.83 26.85
N VAL PA 497 -80.87 17.76 27.80
CA VAL PA 497 -79.59 18.27 28.30
C VAL PA 497 -79.53 17.98 29.80
N ARG PA 498 -78.45 17.33 30.23
CA ARG PA 498 -78.30 16.90 31.60
C ARG PA 498 -76.91 17.23 32.11
N LEU PA 499 -76.77 17.21 33.44
CA LEU PA 499 -75.50 17.45 34.11
C LEU PA 499 -74.96 16.12 34.62
N ASP PA 500 -73.74 15.78 34.21
CA ASP PA 500 -73.14 14.53 34.63
C ASP PA 500 -72.85 14.56 36.13
N PRO PA 501 -73.14 13.48 36.87
CA PRO PA 501 -72.92 13.47 38.31
C PRO PA 501 -71.46 13.73 38.70
N ASP PA 502 -70.54 12.98 38.09
CA ASP PA 502 -69.12 13.11 38.35
C ASP PA 502 -68.46 13.77 37.15
N SER PA 503 -67.60 14.76 37.41
CA SER PA 503 -67.03 15.61 36.35
C SER PA 503 -68.15 16.27 35.55
N GLY PA 504 -68.82 17.20 36.21
CA GLY PA 504 -70.12 17.67 35.75
C GLY PA 504 -70.09 18.53 34.50
N GLN PA 505 -69.75 17.92 33.38
CA GLN PA 505 -69.90 18.58 32.09
C GLN PA 505 -71.36 18.54 31.66
N THR PA 506 -71.70 19.42 30.72
CA THR PA 506 -73.04 19.47 30.16
C THR PA 506 -73.13 18.56 28.95
N VAL PA 507 -74.08 17.63 28.99
CA VAL PA 507 -74.20 16.57 27.98
C VAL PA 507 -75.50 16.77 27.21
N LEU PA 508 -75.48 16.33 25.95
CA LEU PA 508 -76.63 16.40 25.07
C LEU PA 508 -77.09 14.97 24.74
N CYS PA 509 -78.37 14.70 24.94
CA CYS PA 509 -78.98 13.42 24.64
C CYS PA 509 -79.92 13.61 23.46
N GLY PA 510 -79.54 13.09 22.30
CA GLY PA 510 -80.35 13.23 21.10
C GLY PA 510 -80.70 11.90 20.46
N MET PA 511 -81.27 11.95 19.26
CA MET PA 511 -81.70 10.75 18.55
C MET PA 511 -80.61 10.14 17.69
N GLY PA 512 -79.55 10.86 17.38
CA GLY PA 512 -78.51 10.31 16.53
C GLY PA 512 -77.38 11.28 16.33
N GLU PA 513 -76.33 10.78 15.68
CA GLU PA 513 -75.15 11.60 15.43
C GLU PA 513 -75.48 12.75 14.48
N LEU PA 514 -76.33 12.50 13.48
CA LEU PA 514 -76.74 13.57 12.58
C LEU PA 514 -77.55 14.62 13.32
N HIS PA 515 -78.41 14.20 14.25
CA HIS PA 515 -79.18 15.14 15.05
C HIS PA 515 -78.25 16.01 15.91
N ILE PA 516 -77.25 15.39 16.54
CA ILE PA 516 -76.30 16.15 17.35
C ILE PA 516 -75.51 17.11 16.47
N GLU PA 517 -75.09 16.66 15.29
CA GLU PA 517 -74.30 17.51 14.40
C GLU PA 517 -75.11 18.72 13.91
N ILE PA 518 -76.36 18.50 13.54
CA ILE PA 518 -77.19 19.63 13.11
C ILE PA 518 -77.54 20.55 14.27
N ILE PA 519 -77.70 20.03 15.49
CA ILE PA 519 -77.89 20.91 16.64
C ILE PA 519 -76.66 21.77 16.85
N HIS PA 520 -75.47 21.18 16.74
CA HIS PA 520 -74.24 21.94 16.86
C HIS PA 520 -74.16 23.03 15.77
N ASP PA 521 -74.50 22.67 14.54
CA ASP PA 521 -74.48 23.65 13.45
C ASP PA 521 -75.48 24.78 13.70
N ARG PA 522 -76.68 24.44 14.19
CA ARG PA 522 -77.68 25.46 14.49
C ARG PA 522 -77.20 26.39 15.60
N ILE PA 523 -76.55 25.83 16.63
CA ILE PA 523 -76.00 26.66 17.69
C ILE PA 523 -74.94 27.59 17.14
N LYS PA 524 -74.06 27.07 16.28
CA LYS PA 524 -73.02 27.90 15.68
C LYS PA 524 -73.61 29.02 14.83
N ARG PA 525 -74.64 28.70 14.04
CA ARG PA 525 -75.14 29.66 13.06
C ARG PA 525 -76.09 30.69 13.67
N GLU PA 526 -77.11 30.22 14.38
CA GLU PA 526 -78.16 31.12 14.88
C GLU PA 526 -77.73 31.94 16.09
N TYR PA 527 -76.89 31.38 16.95
CA TYR PA 527 -76.48 32.07 18.17
C TYR PA 527 -75.02 32.51 18.17
N GLY PA 528 -74.18 31.93 17.32
CA GLY PA 528 -72.81 32.37 17.19
C GLY PA 528 -71.89 31.89 18.31
N LEU PA 529 -71.72 30.58 18.43
CA LEU PA 529 -70.79 29.99 19.38
C LEU PA 529 -69.96 28.93 18.69
N GLU PA 530 -68.64 28.95 18.91
CA GLU PA 530 -67.74 27.93 18.39
C GLU PA 530 -67.52 26.89 19.46
N THR PA 531 -68.48 25.97 19.57
CA THR PA 531 -68.46 24.92 20.57
C THR PA 531 -67.83 23.65 19.99
N TYR PA 532 -67.50 22.73 20.90
CA TYR PA 532 -66.79 21.51 20.55
C TYR PA 532 -67.49 20.32 21.19
N LEU PA 533 -67.63 19.24 20.42
CA LEU PA 533 -68.26 18.03 20.91
C LEU PA 533 -67.20 17.00 21.32
N GLY PA 534 -67.52 16.21 22.34
CA GLY PA 534 -66.61 15.21 22.83
C GLY PA 534 -67.32 14.02 23.42
N PRO PA 535 -66.65 12.87 23.44
CA PRO PA 535 -67.26 11.67 24.01
C PRO PA 535 -67.49 11.81 25.51
N LEU PA 536 -68.51 11.11 26.00
CA LEU PA 536 -68.83 11.15 27.42
C LEU PA 536 -67.70 10.52 28.23
N GLN PA 537 -67.47 11.06 29.42
CA GLN PA 537 -66.40 10.59 30.28
C GLN PA 537 -66.90 9.44 31.17
N VAL PA 538 -66.03 8.48 31.42
CA VAL PA 538 -66.35 7.30 32.23
C VAL PA 538 -65.76 7.50 33.62
N ALA PA 539 -66.60 7.37 34.65
CA ALA PA 539 -66.18 7.56 36.03
C ALA PA 539 -65.77 6.21 36.60
N TYR PA 540 -64.48 5.92 36.58
CA TYR PA 540 -63.98 4.69 37.17
C TYR PA 540 -63.84 4.84 38.68
N ARG PA 541 -63.68 3.71 39.36
CA ARG PA 541 -63.41 3.68 40.79
C ARG PA 541 -62.21 2.78 41.04
N GLU PA 542 -61.70 2.82 42.27
CA GLU PA 542 -60.52 2.04 42.60
C GLU PA 542 -60.70 1.36 43.96
N THR PA 543 -59.94 0.28 44.15
CA THR PA 543 -60.01 -0.51 45.37
C THR PA 543 -58.66 -1.20 45.55
N ILE PA 544 -58.39 -1.67 46.76
CA ILE PA 544 -57.18 -2.42 47.05
C ILE PA 544 -57.54 -3.90 47.21
N LEU PA 545 -56.56 -4.76 46.93
CA LEU PA 545 -56.78 -6.20 46.94
C LEU PA 545 -56.19 -6.92 48.14
N ASN PA 546 -55.14 -6.39 48.75
CA ASN PA 546 -54.53 -7.01 49.92
C ASN PA 546 -54.23 -5.96 50.97
N SER PA 547 -54.21 -6.39 52.23
CA SER PA 547 -53.94 -5.48 53.33
C SER PA 547 -52.48 -5.07 53.34
N VAL PA 548 -52.25 -3.77 53.53
CA VAL PA 548 -50.90 -3.20 53.48
C VAL PA 548 -50.72 -2.22 54.62
N ARG PA 549 -49.55 -2.26 55.24
CA ARG PA 549 -49.15 -1.35 56.30
C ARG PA 549 -48.45 -0.12 55.72
N ALA PA 550 -48.37 0.93 56.53
CA ALA PA 550 -47.68 2.15 56.13
C ALA PA 550 -47.33 2.98 57.35
N THR PA 551 -46.17 3.62 57.29
CA THR PA 551 -45.68 4.52 58.31
C THR PA 551 -45.30 5.85 57.69
N ASP PA 552 -45.45 6.93 58.46
CA ASP PA 552 -45.02 8.23 57.98
C ASP PA 552 -44.73 9.14 59.17
N THR PA 553 -43.84 10.10 58.96
CA THR PA 553 -43.44 11.05 60.00
C THR PA 553 -43.42 12.45 59.41
N LEU PA 554 -43.98 13.41 60.14
CA LEU PA 554 -44.08 14.80 59.71
C LEU PA 554 -43.42 15.70 60.75
N ASP PA 555 -42.44 16.49 60.29
CA ASP PA 555 -41.79 17.53 61.08
C ASP PA 555 -41.63 18.77 60.21
N ARG PA 556 -41.86 19.94 60.81
CA ARG PA 556 -41.70 21.21 60.11
C ARG PA 556 -41.35 22.26 61.15
N THR PA 557 -40.06 22.60 61.23
CA THR PA 557 -39.57 23.58 62.20
C THR PA 557 -39.58 24.95 61.55
N LEU PA 558 -40.71 25.66 61.69
CA LEU PA 558 -40.83 27.02 61.18
C LEU PA 558 -40.36 28.07 62.17
N GLY PA 559 -39.91 27.66 63.34
CA GLY PA 559 -39.65 28.59 64.42
C GLY PA 559 -40.49 28.27 65.64
N ASP PA 560 -41.46 29.13 65.94
CA ASP PA 560 -42.41 28.83 67.00
C ASP PA 560 -43.34 27.70 66.57
N LYS PA 561 -44.04 27.13 67.56
CA LYS PA 561 -45.04 26.08 67.34
C LYS PA 561 -44.40 24.84 66.71
N ARG PA 562 -43.42 24.27 67.42
CA ARG PA 562 -42.80 23.04 66.99
C ARG PA 562 -43.77 21.88 67.10
N HIS PA 563 -43.67 20.94 66.17
CA HIS PA 563 -44.63 19.84 66.09
C HIS PA 563 -43.97 18.59 65.51
N LEU PA 564 -44.55 17.44 65.85
CA LEU PA 564 -44.07 16.14 65.41
C LEU PA 564 -45.25 15.19 65.30
N VAL PA 565 -45.38 14.52 64.16
CA VAL PA 565 -46.44 13.54 63.94
C VAL PA 565 -45.82 12.25 63.45
N THR PA 566 -46.27 11.12 64.03
CA THR PA 566 -45.84 9.80 63.59
C THR PA 566 -47.07 8.93 63.46
N VAL PA 567 -47.33 8.43 62.25
CA VAL PA 567 -48.56 7.71 61.95
C VAL PA 567 -48.20 6.30 61.45
N GLU PA 568 -48.74 5.30 62.13
CA GLU PA 568 -48.77 3.91 61.68
C GLU PA 568 -50.21 3.56 61.35
N VAL PA 569 -50.45 3.14 60.11
CA VAL PA 569 -51.79 2.83 59.63
C VAL PA 569 -51.70 1.61 58.74
N GLU PA 570 -52.85 0.97 58.49
CA GLU PA 570 -52.92 -0.08 57.49
C GLU PA 570 -54.28 -0.08 56.82
N ALA PA 571 -54.28 -0.37 55.53
CA ALA PA 571 -55.48 -0.38 54.71
C ALA PA 571 -55.73 -1.79 54.19
N ARG PA 572 -56.96 -2.27 54.35
CA ARG PA 572 -57.35 -3.61 53.94
C ARG PA 572 -58.62 -3.55 53.11
N PRO PA 573 -58.85 -4.54 52.25
CA PRO PA 573 -60.14 -4.60 51.54
C PRO PA 573 -61.29 -4.84 52.50
N ILE PA 574 -62.44 -4.29 52.16
CA ILE PA 574 -63.65 -4.49 52.95
C ILE PA 574 -64.46 -5.61 52.31
N GLU PA 575 -65.35 -6.21 53.10
CA GLU PA 575 -66.15 -7.34 52.64
C GLU PA 575 -67.62 -7.02 52.43
N THR PA 576 -68.12 -5.93 53.00
CA THR PA 576 -69.54 -5.58 52.87
C THR PA 576 -69.79 -4.65 51.69
N SER PA 577 -69.27 -5.03 50.52
CA SER PA 577 -69.48 -4.23 49.32
C SER PA 577 -70.93 -4.23 48.88
N SER PA 578 -71.58 -5.40 48.91
CA SER PA 578 -73.00 -5.47 48.57
C SER PA 578 -73.85 -4.80 49.64
N VAL PA 579 -73.44 -4.89 50.91
CA VAL PA 579 -74.19 -4.25 51.99
C VAL PA 579 -74.13 -2.74 51.84
N MET PA 580 -72.98 -2.21 51.41
CA MET PA 580 -72.78 -0.78 51.20
C MET PA 580 -72.34 -0.55 49.77
N PRO PA 581 -73.28 -0.61 48.81
CA PRO PA 581 -72.91 -0.39 47.40
C PRO PA 581 -72.42 1.02 47.11
N VAL PA 582 -72.82 2.01 47.90
CA VAL PA 582 -72.32 3.36 47.73
C VAL PA 582 -70.86 3.41 48.18
N ILE PA 583 -70.16 4.49 47.78
CA ILE PA 583 -68.77 4.67 48.19
C ILE PA 583 -68.74 4.81 49.71
N GLU PA 584 -68.18 3.80 50.38
CA GLU PA 584 -68.19 3.73 51.83
C GLU PA 584 -66.82 3.29 52.30
N PHE PA 585 -66.42 3.75 53.48
CA PHE PA 585 -65.13 3.41 54.08
C PHE PA 585 -65.34 2.97 55.52
N GLU PA 586 -64.48 2.06 55.98
CA GLU PA 586 -64.45 1.65 57.37
C GLU PA 586 -63.28 2.35 58.06
N TYR PA 587 -63.54 2.93 59.24
CA TYR PA 587 -62.57 3.75 59.95
C TYR PA 587 -62.40 3.16 61.34
N ALA PA 588 -61.34 2.37 61.54
CA ALA PA 588 -61.11 1.67 62.80
C ALA PA 588 -59.84 2.21 63.45
N GLU PA 589 -60.00 2.82 64.63
CA GLU PA 589 -58.84 3.24 65.41
C GLU PA 589 -58.55 2.20 66.49
N SER PA 590 -57.26 1.93 66.72
CA SER PA 590 -56.90 0.99 67.77
C SER PA 590 -57.04 1.64 69.14
N ILE PA 591 -56.72 0.89 70.18
CA ILE PA 591 -56.78 1.40 71.55
C ILE PA 591 -55.48 2.15 71.83
N ASN PA 592 -55.52 3.47 71.68
CA ASN PA 592 -54.32 4.28 71.87
C ASN PA 592 -54.72 5.72 72.15
N GLU PA 593 -53.92 6.38 73.00
CA GLU PA 593 -53.96 7.83 73.25
C GLU PA 593 -55.17 8.23 74.08
N GLY PA 594 -56.13 7.32 74.25
CA GLY PA 594 -57.22 7.53 75.19
C GLY PA 594 -58.24 8.58 74.81
N LEU PA 595 -57.85 9.55 73.97
CA LEU PA 595 -58.70 10.69 73.65
C LEU PA 595 -58.40 11.15 72.24
N LEU PA 596 -59.39 11.05 71.35
CA LEU PA 596 -59.27 11.50 69.96
C LEU PA 596 -60.56 12.22 69.57
N LYS PA 597 -60.57 13.54 69.70
CA LYS PA 597 -61.66 14.34 69.15
C LYS PA 597 -61.18 15.28 68.05
N VAL PA 598 -60.26 16.20 68.36
CA VAL PA 598 -59.68 17.04 67.32
C VAL PA 598 -58.75 16.21 66.45
N SER PA 599 -57.95 15.34 67.06
CA SER PA 599 -57.13 14.42 66.30
C SER PA 599 -57.99 13.51 65.43
N GLN PA 600 -59.13 13.06 65.97
CA GLN PA 600 -60.04 12.22 65.18
C GLN PA 600 -60.60 12.99 63.99
N GLU PA 601 -61.01 14.24 64.20
CA GLU PA 601 -61.53 15.03 63.07
C GLU PA 601 -60.46 15.25 62.01
N ALA PA 602 -59.22 15.53 62.44
CA ALA PA 602 -58.12 15.65 61.50
C ALA PA 602 -57.89 14.34 60.75
N ILE PA 603 -58.00 13.21 61.46
CA ILE PA 603 -57.86 11.91 60.81
C ILE PA 603 -58.89 11.76 59.70
N GLU PA 604 -60.16 12.03 60.01
CA GLU PA 604 -61.21 11.88 59.01
C GLU PA 604 -60.97 12.78 57.81
N ASN PA 605 -60.65 14.06 58.07
CA ASN PA 605 -60.43 14.98 56.95
C ASN PA 605 -59.27 14.53 56.08
N GLY PA 606 -58.15 14.15 56.69
CA GLY PA 606 -56.99 13.75 55.91
C GLY PA 606 -57.22 12.49 55.11
N ILE PA 607 -57.85 11.49 55.72
CA ILE PA 607 -58.09 10.24 55.00
C ILE PA 607 -59.13 10.42 53.90
N HIS PA 608 -60.14 11.28 54.12
CA HIS PA 608 -61.07 11.57 53.05
C HIS PA 608 -60.37 12.27 51.89
N SER PA 609 -59.49 13.23 52.19
CA SER PA 609 -58.75 13.90 51.12
C SER PA 609 -57.86 12.92 50.36
N ALA PA 610 -57.22 12.00 51.08
CA ALA PA 610 -56.39 10.99 50.43
C ALA PA 610 -57.22 10.06 49.55
N CYS PA 611 -58.42 9.68 50.02
CA CYS PA 611 -59.26 8.76 49.26
C CYS PA 611 -59.90 9.42 48.05
N LEU PA 612 -60.05 10.75 48.06
CA LEU PA 612 -60.64 11.41 46.89
C LEU PA 612 -59.81 11.20 45.63
N GLN PA 613 -58.50 11.02 45.76
CA GLN PA 613 -57.61 10.84 44.62
C GLN PA 613 -57.00 9.44 44.67
N GLY PA 614 -56.99 8.77 43.52
CA GLY PA 614 -56.48 7.42 43.43
C GLY PA 614 -55.09 7.34 42.85
N PRO PA 615 -54.35 6.29 43.20
CA PRO PA 615 -52.96 6.13 42.73
C PRO PA 615 -52.81 5.47 41.37
N LEU PA 616 -53.90 5.05 40.72
CA LEU PA 616 -53.81 4.40 39.42
C LEU PA 616 -54.35 5.29 38.30
N LEU PA 617 -55.59 5.75 38.41
CA LEU PA 617 -56.20 6.58 37.38
C LEU PA 617 -56.64 7.94 37.91
N GLY PA 618 -56.28 8.28 39.14
CA GLY PA 618 -56.78 9.50 39.75
C GLY PA 618 -58.24 9.47 40.08
N SER PA 619 -58.89 8.30 39.95
CA SER PA 619 -60.29 8.00 40.20
C SER PA 619 -60.54 7.83 41.69
N PRO PA 620 -61.77 8.10 42.13
CA PRO PA 620 -62.08 7.92 43.55
C PRO PA 620 -61.90 6.47 43.99
N ILE PA 621 -61.46 6.31 45.23
CA ILE PA 621 -61.27 4.99 45.83
C ILE PA 621 -62.49 4.68 46.69
N GLN PA 622 -62.83 3.40 46.80
CA GLN PA 622 -64.01 3.01 47.56
C GLN PA 622 -63.80 1.61 48.13
N ASP PA 623 -64.60 1.31 49.16
CA ASP PA 623 -64.70 -0.04 49.75
C ASP PA 623 -63.35 -0.50 50.32
N VAL PA 624 -62.84 0.28 51.27
CA VAL PA 624 -61.63 -0.08 52.00
C VAL PA 624 -61.84 0.18 53.48
N ALA PA 625 -60.98 -0.44 54.30
CA ALA PA 625 -60.97 -0.26 55.74
C ALA PA 625 -59.59 0.26 56.15
N ILE PA 626 -59.58 1.43 56.77
CA ILE PA 626 -58.36 2.08 57.22
C ILE PA 626 -58.33 1.99 58.75
N THR PA 627 -57.27 1.42 59.29
CA THR PA 627 -57.13 1.28 60.73
C THR PA 627 -55.88 2.00 61.22
N LEU PA 628 -56.10 2.91 62.17
CA LEU PA 628 -55.04 3.72 62.77
C LEU PA 628 -54.43 2.90 63.91
N HIS PA 629 -53.22 2.40 63.70
CA HIS PA 629 -52.52 1.65 64.72
C HIS PA 629 -51.78 2.57 65.69
N SER PA 630 -51.13 3.62 65.19
CA SER PA 630 -50.46 4.56 66.08
C SER PA 630 -50.58 5.98 65.53
N LEU PA 631 -50.82 6.92 66.43
CA LEU PA 631 -51.04 8.33 66.11
C LEU PA 631 -50.21 9.21 67.06
N THR PA 632 -48.91 8.93 67.14
CA THR PA 632 -48.06 9.58 68.13
C THR PA 632 -47.85 11.04 67.73
N ILE PA 633 -48.45 11.95 68.49
CA ILE PA 633 -48.32 13.37 68.22
C ILE PA 633 -47.55 14.05 69.36
N HIS PA 634 -46.91 15.15 69.02
CA HIS PA 634 -46.18 16.02 69.93
C HIS PA 634 -47.10 17.15 70.42
N PRO PA 635 -46.97 17.59 71.67
CA PRO PA 635 -47.75 18.74 72.12
C PRO PA 635 -47.50 19.96 71.25
N GLY PA 636 -48.59 20.56 70.76
CA GLY PA 636 -48.51 21.72 69.90
C GLY PA 636 -48.66 21.44 68.41
N THR PA 637 -48.95 20.20 68.01
CA THR PA 637 -49.18 19.91 66.60
C THR PA 637 -50.49 20.54 66.14
N SER PA 638 -50.55 20.89 64.86
CA SER PA 638 -51.76 21.41 64.25
C SER PA 638 -52.55 20.28 63.61
N THR PA 639 -53.87 20.37 63.70
CA THR PA 639 -54.73 19.35 63.08
C THR PA 639 -54.51 19.28 61.58
N THR PA 640 -54.23 20.43 60.96
CA THR PA 640 -53.95 20.42 59.52
C THR PA 640 -52.69 19.63 59.20
N MET PA 641 -51.63 19.80 59.98
CA MET PA 641 -50.41 19.04 59.74
C MET PA 641 -50.61 17.56 60.06
N ILE PA 642 -51.41 17.24 61.07
CA ILE PA 642 -51.75 15.85 61.35
C ILE PA 642 -52.45 15.23 60.14
N SER PA 643 -53.43 15.96 59.59
CA SER PA 643 -54.16 15.47 58.42
C SER PA 643 -53.24 15.30 57.23
N ALA PA 644 -52.29 16.23 57.05
CA ALA PA 644 -51.33 16.10 55.95
C ALA PA 644 -50.47 14.85 56.10
N CYS PA 645 -49.98 14.61 57.32
CA CYS PA 645 -49.18 13.41 57.56
C CYS PA 645 -49.97 12.14 57.29
N VAL PA 646 -51.22 12.10 57.77
CA VAL PA 646 -52.04 10.91 57.57
C VAL PA 646 -52.38 10.72 56.10
N SER PA 647 -52.63 11.82 55.38
CA SER PA 647 -52.90 11.73 53.95
C SER PA 647 -51.70 11.18 53.20
N ARG PA 648 -50.50 11.65 53.54
CA ARG PA 648 -49.29 11.12 52.89
C ARG PA 648 -49.12 9.63 53.19
N CYS PA 649 -49.35 9.23 54.44
CA CYS PA 649 -49.18 7.84 54.81
C CYS PA 649 -50.19 6.95 54.08
N VAL PA 650 -51.44 7.39 54.01
CA VAL PA 650 -52.47 6.61 53.32
C VAL PA 650 -52.19 6.57 51.81
N GLN PA 651 -51.69 7.66 51.24
CA GLN PA 651 -51.32 7.64 49.83
C GLN PA 651 -50.22 6.64 49.55
N LYS PA 652 -49.21 6.59 50.41
CA LYS PA 652 -48.15 5.59 50.24
C LYS PA 652 -48.71 4.18 50.39
N ALA PA 653 -49.60 3.97 51.37
CA ALA PA 653 -50.18 2.64 51.57
C ALA PA 653 -50.95 2.20 50.33
N LEU PA 654 -51.79 3.07 49.79
CA LEU PA 654 -52.57 2.73 48.61
C LEU PA 654 -51.70 2.57 47.37
N LYS PA 655 -50.60 3.32 47.29
CA LYS PA 655 -49.66 3.15 46.18
C LYS PA 655 -49.04 1.76 46.22
N LYS PA 656 -48.63 1.31 47.40
CA LYS PA 656 -48.05 -0.03 47.55
C LYS PA 656 -49.11 -1.03 48.05
N ALA PA 657 -50.16 -1.22 47.23
CA ALA PA 657 -51.31 -2.00 47.69
C ALA PA 657 -51.90 -2.95 46.65
N ASP PA 658 -51.28 -3.15 45.50
CA ASP PA 658 -51.81 -4.01 44.45
C ASP PA 658 -53.23 -3.61 44.09
N LYS PA 659 -53.34 -2.40 43.56
CA LYS PA 659 -54.60 -1.73 43.31
C LYS PA 659 -55.35 -2.34 42.13
N GLN PA 660 -56.67 -2.16 42.15
CA GLN PA 660 -57.58 -2.69 41.14
C GLN PA 660 -58.58 -1.61 40.76
N VAL PA 661 -58.98 -1.58 39.48
CA VAL PA 661 -59.85 -0.56 38.93
C VAL PA 661 -61.20 -1.17 38.60
N LEU PA 662 -62.27 -0.40 38.85
CA LEU PA 662 -63.64 -0.85 38.67
C LEU PA 662 -64.36 0.07 37.69
N GLU PA 663 -65.12 -0.52 36.79
CA GLU PA 663 -65.87 0.19 35.75
C GLU PA 663 -67.35 0.29 36.13
N PRO PA 664 -68.07 1.27 35.56
CA PRO PA 664 -69.51 1.30 35.73
C PRO PA 664 -70.22 0.33 34.79
N LEU PA 665 -71.20 -0.37 35.33
CA LEU PA 665 -71.96 -1.36 34.58
C LEU PA 665 -73.43 -0.98 34.56
N MET PA 666 -74.09 -1.23 33.44
CA MET PA 666 -75.49 -0.86 33.25
C MET PA 666 -76.24 -2.00 32.56
N ASN PA 667 -77.53 -1.80 32.40
CA ASN PA 667 -78.41 -2.78 31.75
C ASN PA 667 -78.66 -2.34 30.32
N LEU PA 668 -78.29 -3.19 29.37
CA LEU PA 668 -78.58 -2.99 27.95
C LEU PA 668 -79.77 -3.86 27.56
N GLU PA 669 -80.84 -3.23 27.11
CA GLU PA 669 -82.04 -3.92 26.65
C GLU PA 669 -82.21 -3.60 25.17
N VAL PA 670 -81.88 -4.56 24.32
CA VAL PA 670 -81.89 -4.36 22.87
C VAL PA 670 -83.05 -5.13 22.26
N THR PA 671 -83.85 -4.44 21.44
CA THR PA 671 -84.94 -5.05 20.69
C THR PA 671 -84.56 -5.03 19.21
N VAL PA 672 -84.48 -6.22 18.61
CA VAL PA 672 -84.06 -6.40 17.23
C VAL PA 672 -84.98 -7.41 16.56
N ALA PA 673 -84.65 -7.75 15.31
CA ALA PA 673 -85.36 -8.78 14.57
C ALA PA 673 -84.68 -10.13 14.77
N ARG PA 674 -85.05 -11.13 13.98
CA ARG PA 674 -84.42 -12.44 14.07
C ARG PA 674 -83.24 -12.58 13.13
N ASP PA 675 -83.32 -12.00 11.92
CA ASP PA 675 -82.22 -12.09 10.98
C ASP PA 675 -81.03 -11.22 11.37
N TYR PA 676 -81.18 -10.35 12.37
CA TYR PA 676 -80.11 -9.47 12.81
C TYR PA 676 -79.64 -9.78 14.23
N LEU PA 677 -80.21 -10.82 14.86
CA LEU PA 677 -79.84 -11.13 16.24
C LEU PA 677 -78.39 -11.56 16.36
N SER PA 678 -77.91 -12.38 15.42
CA SER PA 678 -76.53 -12.87 15.49
C SER PA 678 -75.51 -11.74 15.39
N PRO PA 679 -75.58 -10.80 14.43
CA PRO PA 679 -74.62 -9.68 14.45
C PRO PA 679 -74.74 -8.83 15.71
N VAL PA 680 -75.95 -8.65 16.24
CA VAL PA 680 -76.12 -7.84 17.44
C VAL PA 680 -75.44 -8.50 18.63
N LEU PA 681 -75.64 -9.81 18.79
CA LEU PA 681 -75.00 -10.54 19.87
C LEU PA 681 -73.48 -10.55 19.70
N ALA PA 682 -73.01 -10.69 18.46
CA ALA PA 682 -71.57 -10.66 18.21
C ALA PA 682 -70.98 -9.31 18.58
N ASP PA 683 -71.66 -8.21 18.23
CA ASP PA 683 -71.18 -6.89 18.60
C ASP PA 683 -71.21 -6.68 20.11
N LEU PA 684 -72.24 -7.18 20.78
CA LEU PA 684 -72.31 -7.07 22.23
C LEU PA 684 -71.15 -7.83 22.88
N ALA PA 685 -70.86 -9.04 22.39
CA ALA PA 685 -69.74 -9.80 22.94
C ALA PA 685 -68.41 -9.12 22.65
N GLN PA 686 -68.29 -8.50 21.47
CA GLN PA 686 -67.08 -7.73 21.15
C GLN PA 686 -66.90 -6.57 22.12
N ARG PA 687 -67.99 -5.87 22.42
CA ARG PA 687 -67.97 -4.79 23.39
C ARG PA 687 -68.22 -5.25 24.82
N ARG PA 688 -68.01 -6.54 25.08
CA ARG PA 688 -67.89 -7.07 26.43
C ARG PA 688 -69.23 -7.04 27.18
N GLY PA 689 -70.31 -7.41 26.48
CA GLY PA 689 -71.62 -7.48 27.08
C GLY PA 689 -71.95 -8.90 27.52
N ASN PA 690 -72.10 -9.08 28.82
CA ASN PA 690 -72.48 -10.37 29.38
C ASN PA 690 -73.99 -10.53 29.23
N ILE PA 691 -74.40 -11.44 28.34
CA ILE PA 691 -75.83 -11.64 28.09
C ILE PA 691 -76.48 -12.24 29.32
N GLN PA 692 -77.52 -11.58 29.82
CA GLN PA 692 -78.26 -12.08 30.98
C GLN PA 692 -79.48 -12.89 30.58
N GLU PA 693 -80.17 -12.48 29.52
CA GLU PA 693 -81.35 -13.20 29.08
C GLU PA 693 -81.66 -12.82 27.63
N ILE PA 694 -82.29 -13.74 26.92
CA ILE PA 694 -82.80 -13.49 25.57
C ILE PA 694 -84.23 -13.99 25.50
N GLN PA 695 -85.14 -13.11 25.08
CA GLN PA 695 -86.56 -13.44 24.97
C GLN PA 695 -86.98 -13.27 23.52
N THR PA 696 -87.55 -14.34 22.94
CA THR PA 696 -88.03 -14.30 21.57
C THR PA 696 -89.47 -13.76 21.57
N ARG PA 697 -89.57 -12.44 21.46
CA ARG PA 697 -90.85 -11.77 21.44
C ARG PA 697 -91.56 -12.00 20.10
N GLN PA 698 -92.81 -11.55 20.00
CA GLN PA 698 -93.58 -11.70 18.78
C GLN PA 698 -92.94 -10.89 17.66
N ASP PA 699 -92.35 -11.58 16.68
CA ASP PA 699 -91.65 -10.98 15.56
C ASP PA 699 -90.53 -10.05 16.01
N ASN PA 700 -89.91 -10.35 17.15
CA ASN PA 700 -88.83 -9.54 17.69
C ASN PA 700 -87.97 -10.40 18.59
N LYS PA 701 -86.89 -9.79 19.09
CA LYS PA 701 -85.95 -10.48 19.99
C LYS PA 701 -85.42 -9.43 20.94
N VAL PA 702 -85.57 -9.67 22.24
CA VAL PA 702 -85.12 -8.75 23.28
C VAL PA 702 -83.98 -9.38 24.03
N VAL PA 703 -82.82 -8.72 24.02
CA VAL PA 703 -81.61 -9.18 24.70
C VAL PA 703 -81.38 -8.26 25.88
N ILE PA 704 -81.27 -8.83 27.08
CA ILE PA 704 -80.97 -8.10 28.30
C ILE PA 704 -79.59 -8.54 28.75
N GLY PA 705 -78.67 -7.57 28.85
CA GLY PA 705 -77.30 -7.88 29.22
C GLY PA 705 -76.68 -6.76 30.03
N PHE PA 706 -75.42 -6.99 30.42
CA PHE PA 706 -74.64 -6.01 31.16
C PHE PA 706 -73.47 -5.58 30.30
N VAL PA 707 -73.36 -4.27 30.05
CA VAL PA 707 -72.31 -3.75 29.17
C VAL PA 707 -71.62 -2.57 29.86
N PRO PA 708 -70.29 -2.47 29.80
CA PRO PA 708 -69.60 -1.35 30.43
C PRO PA 708 -69.87 -0.03 29.71
N LEU PA 709 -69.71 1.05 30.46
CA LEU PA 709 -69.88 2.39 29.90
C LEU PA 709 -68.81 2.69 28.86
N ALA PA 710 -67.58 2.26 29.11
CA ALA PA 710 -66.47 2.57 28.22
C ALA PA 710 -66.58 1.89 26.87
N GLU PA 711 -67.50 0.94 26.71
CA GLU PA 711 -67.63 0.20 25.46
C GLU PA 711 -68.96 0.45 24.76
N ILE PA 712 -69.67 1.51 25.10
CA ILE PA 712 -70.91 1.85 24.40
C ILE PA 712 -70.78 3.23 23.76
N MET PA 713 -69.55 3.59 23.38
CA MET PA 713 -69.29 4.88 22.74
C MET PA 713 -69.83 4.83 21.32
N GLY PA 714 -70.90 5.57 21.06
CA GLY PA 714 -71.52 5.56 19.75
C GLY PA 714 -72.16 4.23 19.39
N TYR PA 715 -72.82 3.58 20.36
CA TYR PA 715 -73.44 2.29 20.09
C TYR PA 715 -74.67 2.40 19.21
N SER PA 716 -75.38 3.52 19.24
CA SER PA 716 -76.59 3.66 18.44
C SER PA 716 -76.29 3.58 16.95
N THR PA 717 -75.23 4.26 16.51
CA THR PA 717 -74.88 4.24 15.09
C THR PA 717 -74.51 2.85 14.62
N VAL PA 718 -73.72 2.12 15.42
CA VAL PA 718 -73.30 0.78 15.04
C VAL PA 718 -74.49 -0.17 15.04
N LEU PA 719 -75.40 -0.04 16.03
CA LEU PA 719 -76.57 -0.88 16.06
C LEU PA 719 -77.46 -0.63 14.85
N ARG PA 720 -77.66 0.64 14.49
CA ARG PA 720 -78.48 0.95 13.32
C ARG PA 720 -77.81 0.46 12.03
N THR PA 721 -76.48 0.56 11.95
CA THR PA 721 -75.78 0.05 10.77
C THR PA 721 -75.92 -1.47 10.66
N LEU PA 722 -75.81 -2.18 11.78
CA LEU PA 722 -75.92 -3.63 11.76
C LEU PA 722 -77.33 -4.09 11.42
N THR PA 723 -78.34 -3.40 11.95
CA THR PA 723 -79.73 -3.81 11.80
C THR PA 723 -80.46 -3.07 10.68
N SER PA 724 -79.73 -2.29 9.87
CA SER PA 724 -80.33 -1.48 8.80
C SER PA 724 -81.37 -0.51 9.36
N GLY PA 725 -81.16 -0.04 10.59
CA GLY PA 725 -82.03 0.95 11.20
C GLY PA 725 -83.19 0.39 12.00
N SER PA 726 -83.45 -0.90 11.93
CA SER PA 726 -84.59 -1.51 12.63
C SER PA 726 -84.10 -2.17 13.91
N ALA PA 727 -83.81 -1.33 14.91
CA ALA PA 727 -83.40 -1.80 16.21
C ALA PA 727 -83.55 -0.67 17.23
N THR PA 728 -83.80 -1.06 18.48
CA THR PA 728 -83.87 -0.10 19.57
C THR PA 728 -83.09 -0.64 20.76
N PHE PA 729 -82.70 0.26 21.66
CA PHE PA 729 -82.02 -0.18 22.87
C PHE PA 729 -82.30 0.82 24.00
N ALA PA 730 -82.19 0.31 25.22
CA ALA PA 730 -82.42 1.10 26.42
C ALA PA 730 -81.32 0.81 27.43
N LEU PA 731 -80.98 1.84 28.21
CA LEU PA 731 -79.86 1.82 29.14
C LEU PA 731 -80.30 2.33 30.52
N GLU PA 732 -79.67 1.79 31.56
CA GLU PA 732 -79.86 2.28 32.93
C GLU PA 732 -78.73 1.74 33.79
N LEU PA 733 -78.04 2.63 34.50
CA LEU PA 733 -76.90 2.21 35.31
C LEU PA 733 -77.37 1.44 36.54
N SER PA 734 -76.70 0.32 36.82
CA SER PA 734 -77.07 -0.54 37.94
C SER PA 734 -76.01 -0.60 39.03
N THR PA 735 -74.80 -1.04 38.70
CA THR PA 735 -73.76 -1.26 39.71
C THR PA 735 -72.39 -0.94 39.12
N TYR PA 736 -71.36 -1.13 39.94
CA TYR PA 736 -69.97 -1.06 39.51
C TYR PA 736 -69.35 -2.44 39.65
N GLN PA 737 -68.74 -2.95 38.58
CA GLN PA 737 -68.06 -4.23 38.61
C GLN PA 737 -66.56 -4.04 38.51
N ALA PA 738 -65.82 -5.09 38.88
CA ALA PA 738 -64.38 -5.07 38.87
C ALA PA 738 -63.87 -5.74 37.59
N MET PA 739 -62.92 -5.09 36.92
CA MET PA 739 -62.35 -5.66 35.71
C MET PA 739 -61.50 -6.87 36.03
N ASN PA 740 -61.46 -7.82 35.10
CA ASN PA 740 -60.47 -8.88 35.17
C ASN PA 740 -59.10 -8.31 34.81
N PRO PA 741 -58.02 -8.97 35.22
CA PRO PA 741 -56.68 -8.41 34.97
C PRO PA 741 -56.39 -8.15 33.49
N GLN PA 742 -56.93 -8.96 32.58
CA GLN PA 742 -56.70 -8.72 31.15
C GLN PA 742 -57.27 -7.38 30.72
N ASP PA 743 -58.55 -7.12 31.04
CA ASP PA 743 -59.15 -5.84 30.68
C ASP PA 743 -58.52 -4.68 31.43
N GLN PA 744 -58.13 -4.89 32.69
CA GLN PA 744 -57.46 -3.83 33.43
C GLN PA 744 -56.14 -3.44 32.77
N ASN PA 745 -55.34 -4.44 32.37
CA ASN PA 745 -54.09 -4.17 31.69
C ASN PA 745 -54.33 -3.50 30.34
N THR PA 746 -55.37 -3.94 29.61
CA THR PA 746 -55.67 -3.32 28.32
C THR PA 746 -56.04 -1.86 28.49
N LEU PA 747 -56.87 -1.55 29.49
CA LEU PA 747 -57.24 -0.16 29.75
C LEU PA 747 -56.03 0.67 30.16
N LEU PA 748 -55.17 0.11 31.01
CA LEU PA 748 -53.98 0.84 31.44
C LEU PA 748 -53.04 1.11 30.26
N ASN PA 749 -52.87 0.12 29.39
CA ASN PA 749 -52.03 0.32 28.21
C ASN PA 749 -52.62 1.37 27.28
N ARG PA 750 -53.95 1.34 27.08
CA ARG PA 750 -54.58 2.35 26.24
C ARG PA 750 -54.42 3.75 26.83
N ARG PA 751 -54.57 3.88 28.16
CA ARG PA 751 -54.43 5.18 28.79
C ARG PA 751 -53.00 5.68 28.77
N SER PA 752 -52.03 4.77 28.87
CA SER PA 752 -50.62 5.16 28.78
C SER PA 752 -50.12 5.27 27.36
N GLY PA 753 -50.94 4.95 26.37
CA GLY PA 753 -50.53 5.05 24.98
C GLY PA 753 -50.52 3.70 24.29
N LEU PA 754 -49.33 3.21 23.95
CA LEU PA 754 -49.17 1.88 23.39
C LEU PA 754 -48.42 0.93 24.30
N THR PA 755 -47.61 1.44 25.23
CA THR PA 755 -46.86 0.61 26.15
C THR PA 755 -47.62 0.44 27.46
N ALA QA 61 30.65 50.92 18.58
CA ALA QA 61 31.27 52.18 18.95
C ALA QA 61 30.80 52.66 20.33
N THR QA 62 31.48 53.65 20.87
CA THR QA 62 31.15 54.23 22.17
C THR QA 62 30.82 55.71 22.01
N SER QA 63 29.69 56.11 22.55
CA SER QA 63 29.23 57.50 22.45
C SER QA 63 29.83 58.34 23.57
N VAL QA 64 29.88 59.65 23.34
CA VAL QA 64 30.39 60.61 24.31
C VAL QA 64 29.22 61.39 24.89
N SER QA 65 29.37 61.80 26.14
CA SER QA 65 28.30 62.50 26.83
C SER QA 65 28.18 63.94 26.32
N TRP QA 66 26.95 64.47 26.38
CA TRP QA 66 26.68 65.84 25.96
C TRP QA 66 27.04 66.86 27.03
N LYS QA 67 27.40 66.42 28.23
CA LYS QA 67 27.56 67.28 29.39
C LYS QA 67 28.95 67.90 29.47
N SER QA 68 29.65 68.03 28.34
CA SER QA 68 30.98 68.62 28.31
C SER QA 68 30.85 70.15 28.19
N ARG QA 69 30.66 70.80 29.33
CA ARG QA 69 30.60 72.25 29.37
C ARG QA 69 31.14 72.70 30.73
N THR QA 70 32.40 73.13 30.75
CA THR QA 70 33.05 73.49 32.01
C THR QA 70 32.70 74.89 32.49
N LYS QA 71 32.05 75.70 31.66
CA LYS QA 71 31.72 77.07 32.01
C LYS QA 71 30.23 77.18 32.32
N TYR QA 72 29.91 77.77 33.48
CA TYR QA 72 28.53 78.00 33.84
C TYR QA 72 27.96 79.16 33.03
N THR QA 73 26.77 78.96 32.46
CA THR QA 73 26.13 79.98 31.65
C THR QA 73 24.66 80.03 32.02
N VAL QA 74 24.04 81.20 31.78
CA VAL QA 74 22.63 81.38 32.11
C VAL QA 74 21.75 80.91 30.96
N MET QA 75 22.17 81.13 29.72
CA MET QA 75 21.35 80.75 28.59
C MET QA 75 21.22 79.22 28.52
N PRO QA 76 20.07 78.71 28.10
CA PRO QA 76 19.91 77.25 28.02
C PRO QA 76 20.88 76.63 27.02
N VAL QA 77 21.39 75.46 27.38
CA VAL QA 77 22.35 74.73 26.55
C VAL QA 77 21.65 73.53 25.96
N LYS QA 78 21.92 73.25 24.69
CA LYS QA 78 21.26 72.14 24.02
C LYS QA 78 21.79 70.81 24.55
N MET QA 79 20.89 69.86 24.71
CA MET QA 79 21.21 68.56 25.28
C MET QA 79 20.79 67.46 24.32
N ARG QA 80 21.60 66.42 24.25
CA ARG QA 80 21.31 65.24 23.42
C ARG QA 80 20.73 64.16 24.34
N LYS QA 81 19.46 63.86 24.15
CA LYS QA 81 18.84 62.80 24.92
C LYS QA 81 19.38 61.44 24.48
N SER QA 82 19.26 60.46 25.37
CA SER QA 82 19.61 59.08 25.07
C SER QA 82 18.60 58.19 25.76
N GLY QA 83 17.85 57.42 24.99
CA GLY QA 83 16.75 56.69 25.59
C GLY QA 83 17.18 55.36 26.18
N GLY QA 84 17.51 55.38 27.46
CA GLY QA 84 17.88 54.17 28.17
C GLY QA 84 19.21 53.55 27.81
N ARG QA 85 19.81 53.95 26.70
CA ARG QA 85 21.06 53.33 26.28
C ARG QA 85 22.22 53.91 27.08
N ASN QA 86 23.17 53.04 27.43
CA ASN QA 86 24.40 53.49 28.08
C ASN QA 86 25.37 53.97 27.00
N HIS QA 87 26.63 54.21 27.40
CA HIS QA 87 27.62 54.66 26.42
C HIS QA 87 27.95 53.56 25.41
N THR QA 88 27.83 52.29 25.81
CA THR QA 88 28.09 51.20 24.87
C THR QA 88 27.06 51.18 23.75
N GLY QA 89 25.79 51.41 24.07
CA GLY QA 89 24.74 51.43 23.07
C GLY QA 89 23.59 50.51 23.39
N GLN QA 90 23.74 49.70 24.43
CA GLN QA 90 22.71 48.77 24.85
C GLN QA 90 21.77 49.42 25.85
N ILE QA 91 20.51 48.97 25.85
CA ILE QA 91 19.51 49.53 26.75
C ILE QA 91 19.86 49.16 28.19
N GLN QA 92 19.86 50.15 29.07
CA GLN QA 92 19.94 49.91 30.50
C GLN QA 92 18.66 50.26 31.24
N VAL QA 93 17.89 51.23 30.73
CA VAL QA 93 16.61 51.61 31.29
C VAL QA 93 15.56 51.53 30.19
N HIS QA 94 14.45 50.87 30.48
CA HIS QA 94 13.39 50.72 29.49
C HIS QA 94 12.34 51.81 29.66
N GLY QA 95 11.61 52.07 28.58
CA GLY QA 95 10.55 53.05 28.61
C GLY QA 95 10.98 54.49 28.48
N ILE QA 96 12.12 54.75 27.86
CA ILE QA 96 12.64 56.10 27.69
C ILE QA 96 13.03 56.28 26.23
N GLY QA 97 12.62 57.39 25.64
CA GLY QA 97 13.00 57.74 24.28
C GLY QA 97 11.83 58.35 23.52
N GLY QA 98 12.16 59.04 22.44
CA GLY QA 98 11.15 59.63 21.57
C GLY QA 98 10.33 60.73 22.22
N GLY QA 99 10.97 61.65 22.92
CA GLY QA 99 10.30 62.75 23.56
C GLY QA 99 10.41 64.03 22.75
N HIS QA 100 10.16 65.15 23.43
CA HIS QA 100 10.28 66.47 22.82
C HIS QA 100 11.69 67.03 23.03
N LYS QA 101 12.14 67.82 22.06
CA LYS QA 101 13.45 68.45 22.17
C LYS QA 101 13.46 69.43 23.33
N GLN QA 102 14.57 69.44 24.07
CA GLN QA 102 14.71 70.28 25.25
C GLN QA 102 16.07 70.94 25.28
N ARG QA 103 16.14 72.08 25.96
CA ARG QA 103 17.39 72.79 26.21
C ARG QA 103 17.63 72.85 27.71
N TYR QA 104 18.85 72.51 28.13
CA TYR QA 104 19.17 72.40 29.54
C TYR QA 104 19.54 73.77 30.11
N ARG QA 105 18.84 74.16 31.17
CA ARG QA 105 19.15 75.39 31.91
C ARG QA 105 19.96 75.00 33.14
N MET QA 106 21.22 75.41 33.17
CA MET QA 106 22.11 75.00 34.25
C MET QA 106 21.68 75.64 35.57
N ILE QA 107 21.56 74.81 36.61
CA ILE QA 107 21.09 75.25 37.91
C ILE QA 107 22.26 75.21 38.88
N ASP QA 108 22.43 76.29 39.64
CA ASP QA 108 23.46 76.37 40.67
C ASP QA 108 22.81 75.99 42.00
N PHE QA 109 22.95 74.71 42.38
CA PHE QA 109 22.34 74.23 43.60
C PHE QA 109 23.11 74.65 44.84
N LEU QA 110 24.37 75.04 44.69
CA LEU QA 110 25.13 75.62 45.81
C LEU QA 110 24.64 77.06 45.96
N ARG QA 111 23.61 77.23 46.78
CA ARG QA 111 22.95 78.53 46.88
C ARG QA 111 23.90 79.60 47.43
N PHE QA 112 24.63 79.27 48.49
CA PHE QA 112 25.58 80.22 49.08
C PHE QA 112 26.91 80.10 48.35
N ARG QA 113 27.03 80.83 47.24
CA ARG QA 113 28.26 80.88 46.46
C ARG QA 113 28.61 82.34 46.24
N PRO QA 114 29.40 82.93 47.14
CA PRO QA 114 29.75 84.35 46.98
C PRO QA 114 30.50 84.59 45.67
N GLU QA 115 30.22 85.74 45.06
CA GLU QA 115 30.81 86.06 43.75
C GLU QA 115 32.33 86.12 43.84
N HIS QA 116 32.84 86.78 44.88
CA HIS QA 116 34.28 86.89 45.09
C HIS QA 116 34.61 86.55 46.53
N GLU QA 117 35.78 85.96 46.73
CA GLU QA 117 36.21 85.58 48.07
C GLU QA 117 36.50 86.78 48.95
N SER QA 118 36.67 87.97 48.37
CA SER QA 118 36.98 89.15 49.17
C SER QA 118 35.82 89.54 50.07
N LYS QA 119 34.60 89.20 49.69
CA LYS QA 119 33.40 89.49 50.47
C LYS QA 119 32.63 88.20 50.69
N PRO QA 120 33.09 87.33 51.59
CA PRO QA 120 32.44 86.04 51.81
C PRO QA 120 31.24 86.08 52.76
N GLY QA 121 30.75 87.27 53.10
CA GLY QA 121 29.62 87.39 53.99
C GLY QA 121 28.30 87.17 53.28
N PRO QA 122 27.22 87.28 54.04
CA PRO QA 122 25.88 87.14 53.44
C PRO QA 122 25.64 88.20 52.38
N PHE QA 123 24.91 87.81 51.34
CA PHE QA 123 24.63 88.70 50.23
C PHE QA 123 23.19 88.55 49.77
N GLU QA 124 22.67 89.61 49.16
CA GLU QA 124 21.29 89.68 48.72
C GLU QA 124 21.23 89.72 47.20
N GLU QA 125 20.28 88.97 46.64
CA GLU QA 125 20.05 88.91 45.20
C GLU QA 125 18.61 89.25 44.89
N LYS QA 126 18.36 89.63 43.64
CA LYS QA 126 17.04 90.02 43.18
C LYS QA 126 16.54 89.01 42.14
N VAL QA 127 15.28 88.62 42.28
CA VAL QA 127 14.67 87.67 41.35
C VAL QA 127 14.19 88.44 40.13
N ILE QA 128 14.63 88.01 38.96
CA ILE QA 128 14.24 88.65 37.70
C ILE QA 128 12.99 88.03 37.12
N ALA QA 129 12.96 86.69 37.03
CA ALA QA 129 11.82 86.01 36.45
C ALA QA 129 11.79 84.56 36.92
N VAL QA 130 10.59 84.06 37.18
CA VAL QA 130 10.37 82.65 37.48
C VAL QA 130 9.84 82.00 36.21
N ARG QA 131 10.53 80.95 35.75
CA ARG QA 131 10.28 80.37 34.45
C ARG QA 131 10.09 78.86 34.56
N TYR QA 132 9.55 78.30 33.48
CA TYR QA 132 9.31 76.87 33.37
C TYR QA 132 10.57 76.15 32.90
N ASP QA 133 10.87 75.03 33.54
CA ASP QA 133 12.03 74.22 33.20
C ASP QA 133 11.57 72.84 32.76
N PRO QA 134 11.83 72.41 31.52
CA PRO QA 134 11.40 71.08 31.10
C PRO QA 134 12.20 69.94 31.72
N CYS QA 135 13.39 70.21 32.25
CA CYS QA 135 14.24 69.15 32.76
C CYS QA 135 13.91 68.76 34.19
N ARG QA 136 13.08 69.53 34.89
CA ARG QA 136 12.68 69.23 36.26
C ARG QA 136 11.20 69.53 36.44
N SER QA 137 10.65 69.01 37.53
CA SER QA 137 9.24 69.24 37.84
C SER QA 137 8.99 70.65 38.38
N ALA QA 138 9.93 71.20 39.12
CA ALA QA 138 9.76 72.51 39.72
C ALA QA 138 10.08 73.63 38.74
N ASP QA 139 9.63 74.82 39.06
CA ASP QA 139 9.93 76.02 38.28
C ASP QA 139 11.24 76.62 38.76
N ILE QA 140 11.98 77.21 37.84
CA ILE QA 140 13.27 77.79 38.16
C ILE QA 140 13.11 79.31 38.29
N ALA QA 141 14.11 79.95 38.89
CA ALA QA 141 14.08 81.39 39.10
C ALA QA 141 15.44 81.98 38.75
N LEU QA 142 15.44 83.13 38.11
CA LEU QA 142 16.68 83.81 37.76
C LEU QA 142 16.98 84.88 38.80
N VAL QA 143 18.12 84.74 39.49
CA VAL QA 143 18.51 85.68 40.54
C VAL QA 143 19.82 86.33 40.14
N ALA QA 144 19.86 87.65 40.25
CA ALA QA 144 21.02 88.43 39.84
C ALA QA 144 21.60 89.16 41.05
N GLY QA 145 22.90 89.03 41.25
CA GLY QA 145 23.60 89.75 42.29
C GLY QA 145 25.01 90.10 41.86
N GLY QA 146 25.36 91.37 41.91
CA GLY QA 146 26.66 91.80 41.44
C GLY QA 146 26.77 91.82 39.93
N ASN QA 147 27.65 90.97 39.38
CA ASN QA 147 27.85 90.90 37.94
C ASN QA 147 27.45 89.57 37.34
N ARG QA 148 26.80 88.69 38.12
CA ARG QA 148 26.43 87.37 37.62
C ARG QA 148 24.97 87.07 37.95
N LYS QA 149 24.36 86.26 37.09
CA LYS QA 149 23.01 85.75 37.29
C LYS QA 149 23.05 84.24 37.35
N ARG QA 150 22.12 83.67 38.13
CA ARG QA 150 22.10 82.23 38.35
C ARG QA 150 20.67 81.72 38.31
N TRP QA 151 20.53 80.48 37.88
CA TRP QA 151 19.26 79.75 37.96
C TRP QA 151 19.22 79.01 39.28
N ILE QA 152 18.19 79.28 40.09
CA ILE QA 152 17.97 78.55 41.33
C ILE QA 152 16.60 77.91 41.26
N ILE QA 153 16.27 77.09 42.26
CA ILE QA 153 14.98 76.41 42.32
C ILE QA 153 14.00 77.32 43.05
N ALA QA 154 12.94 77.72 42.35
CA ALA QA 154 11.97 78.65 42.92
C ALA QA 154 11.16 77.98 44.01
N THR QA 155 10.82 78.77 45.03
CA THR QA 155 10.00 78.30 46.13
C THR QA 155 8.52 78.50 45.78
N GLU QA 156 7.64 78.25 46.76
CA GLU QA 156 6.21 78.23 46.46
C GLU QA 156 5.70 79.59 46.02
N ASN QA 157 6.19 80.67 46.62
CA ASN QA 157 5.67 82.01 46.37
C ASN QA 157 6.78 82.98 45.96
N MET QA 158 7.65 82.56 45.04
CA MET QA 158 8.60 83.50 44.45
C MET QA 158 7.96 84.19 43.26
N LYS QA 159 8.19 85.49 43.14
CA LYS QA 159 7.71 86.29 42.03
C LYS QA 159 8.81 87.23 41.57
N ALA QA 160 8.62 87.80 40.39
CA ALA QA 160 9.61 88.73 39.85
C ALA QA 160 9.74 89.95 40.73
N GLY QA 161 10.97 90.44 40.89
CA GLY QA 161 11.22 91.60 41.71
C GLY QA 161 11.39 91.31 43.19
N ASP QA 162 11.37 90.05 43.58
CA ASP QA 162 11.54 89.67 44.98
C ASP QA 162 13.02 89.75 45.36
N THR QA 163 13.27 89.72 46.67
CA THR QA 163 14.63 89.78 47.20
C THR QA 163 14.90 88.52 48.01
N VAL QA 164 16.07 87.93 47.78
CA VAL QA 164 16.47 86.70 48.46
C VAL QA 164 17.80 86.96 49.15
N LEU QA 165 17.96 86.37 50.34
CA LEU QA 165 19.17 86.51 51.13
C LEU QA 165 19.89 85.17 51.22
N ASN QA 166 21.20 85.19 51.01
CA ASN QA 166 22.03 84.00 51.13
C ASN QA 166 23.06 84.25 52.21
N SER QA 167 23.04 83.41 53.25
CA SER QA 167 23.84 83.63 54.45
C SER QA 167 24.58 82.37 54.83
N ASP QA 168 25.57 82.53 55.72
CA ASP QA 168 26.28 81.41 56.33
C ASP QA 168 26.55 81.67 57.80
N HIS QA 169 25.79 82.57 58.42
CA HIS QA 169 26.03 82.99 59.80
C HIS QA 169 25.08 82.28 60.74
N ILE QA 170 25.63 81.80 61.86
CA ILE QA 170 24.85 81.14 62.90
C ILE QA 170 24.98 81.96 64.18
N GLY QA 171 23.84 82.30 64.78
CA GLY QA 171 23.82 83.07 66.00
C GLY QA 171 23.00 82.37 67.08
N ARG QA 172 23.11 82.91 68.30
CA ARG QA 172 22.35 82.35 69.41
C ARG QA 172 20.85 82.55 69.24
N MET QA 173 20.44 83.53 68.44
CA MET QA 173 19.05 83.82 68.20
C MET QA 173 18.65 83.35 66.81
N ALA QA 174 17.51 82.66 66.72
CA ALA QA 174 17.02 82.19 65.44
C ALA QA 174 16.59 83.37 64.57
N VAL QA 175 16.79 83.23 63.27
CA VAL QA 175 16.48 84.29 62.31
C VAL QA 175 15.05 84.08 61.82
N ALA QA 176 14.35 85.19 61.56
CA ALA QA 176 13.01 85.13 60.99
C ALA QA 176 13.09 84.47 59.62
N ALA QA 177 12.53 83.27 59.50
CA ALA QA 177 12.69 82.47 58.28
C ALA QA 177 11.76 83.02 57.20
N ARG QA 178 12.34 83.67 56.19
CA ARG QA 178 11.58 84.08 55.03
C ARG QA 178 11.44 82.88 54.09
N GLU QA 179 10.85 83.10 52.91
CA GLU QA 179 10.60 81.98 52.01
C GLU QA 179 11.75 81.77 51.03
N GLY QA 180 12.21 82.83 50.38
CA GLY QA 180 13.30 82.68 49.44
C GLY QA 180 14.68 82.65 50.06
N ASP QA 181 14.81 83.01 51.33
CA ASP QA 181 16.13 83.11 51.95
C ASP QA 181 16.74 81.74 52.18
N ALA QA 182 18.08 81.71 52.19
CA ALA QA 182 18.84 80.48 52.42
C ALA QA 182 19.80 80.72 53.57
N HIS QA 183 19.60 80.01 54.67
CA HIS QA 183 20.41 80.11 55.86
C HIS QA 183 20.93 78.74 56.26
N PRO QA 184 22.03 78.68 57.02
CA PRO QA 184 22.48 77.38 57.55
C PRO QA 184 21.46 76.80 58.50
N LEU QA 185 21.46 75.46 58.58
CA LEU QA 185 20.47 74.76 59.38
C LEU QA 185 20.54 75.10 60.86
N GLY QA 186 21.68 75.61 61.34
CA GLY QA 186 21.82 75.96 62.73
C GLY QA 186 21.18 77.28 63.12
N ALA QA 187 20.73 78.08 62.15
CA ALA QA 187 20.12 79.37 62.43
C ALA QA 187 18.62 79.38 62.23
N LEU QA 188 18.02 78.25 61.85
CA LEU QA 188 16.59 78.22 61.58
C LEU QA 188 15.82 77.71 62.79
N PRO QA 189 14.56 78.12 62.94
CA PRO QA 189 13.75 77.62 64.06
C PRO QA 189 13.53 76.12 63.97
N VAL QA 190 13.09 75.55 65.10
CA VAL QA 190 13.01 74.10 65.23
C VAL QA 190 11.88 73.50 64.42
N GLY QA 191 10.91 74.31 64.00
CA GLY QA 191 9.78 73.78 63.25
C GLY QA 191 9.66 74.34 61.85
N THR QA 192 10.78 74.46 61.15
CA THR QA 192 10.82 75.15 59.87
C THR QA 192 10.73 74.16 58.71
N LEU QA 193 9.93 74.53 57.71
CA LEU QA 193 9.85 73.79 56.46
C LEU QA 193 10.94 74.28 55.53
N ILE QA 194 11.78 73.37 55.06
CA ILE QA 194 12.96 73.70 54.28
C ILE QA 194 12.97 72.88 53.00
N ASN QA 195 13.90 73.21 52.11
CA ASN QA 195 14.09 72.48 50.88
C ASN QA 195 15.51 72.71 50.39
N ASN QA 196 15.91 71.96 49.37
CA ASN QA 196 17.27 72.00 48.82
C ASN QA 196 18.31 71.73 49.91
N VAL QA 197 18.03 70.70 50.71
CA VAL QA 197 18.90 70.36 51.84
C VAL QA 197 20.23 69.83 51.33
N GLU QA 198 21.30 70.20 52.04
CA GLU QA 198 22.67 69.85 51.66
C GLU QA 198 23.25 68.90 52.70
N SER QA 199 23.89 67.83 52.22
CA SER QA 199 24.36 66.77 53.12
C SER QA 199 25.63 67.17 53.85
N GLU QA 200 26.70 67.43 53.10
CA GLU QA 200 27.97 67.88 53.67
C GLU QA 200 28.17 69.35 53.40
N PRO QA 201 28.83 70.08 54.30
CA PRO QA 201 29.01 71.53 54.08
C PRO QA 201 29.80 71.81 52.81
N GLY QA 202 29.23 72.67 51.96
CA GLY QA 202 29.85 73.02 50.71
C GLY QA 202 29.73 71.99 49.61
N ARG QA 203 28.81 71.04 49.72
CA ARG QA 203 28.66 69.99 48.72
C ARG QA 203 27.64 70.33 47.65
N GLY QA 204 26.51 70.91 48.03
CA GLY QA 204 25.46 71.20 47.08
C GLY QA 204 24.12 70.64 47.50
N ALA QA 205 23.05 71.03 46.83
CA ALA QA 205 21.69 70.61 47.19
C ALA QA 205 21.31 69.40 46.34
N GLN QA 206 21.62 68.22 46.86
CA GLN QA 206 21.15 66.98 46.24
C GLN QA 206 19.77 66.58 46.73
N TYR QA 207 19.48 66.83 48.00
CA TYR QA 207 18.19 66.47 48.60
C TYR QA 207 17.15 67.51 48.22
N ILE QA 208 16.03 67.54 48.96
CA ILE QA 208 14.70 67.84 48.41
C ILE QA 208 14.73 68.89 47.32
N ARG QA 209 14.22 68.52 46.13
CA ARG QA 209 14.18 69.40 44.96
C ARG QA 209 12.86 69.36 44.21
N ALA QA 210 12.06 68.31 44.33
CA ALA QA 210 10.90 68.14 43.48
C ALA QA 210 9.84 69.18 43.81
N ALA QA 211 8.94 69.39 42.85
CA ALA QA 211 7.91 70.41 42.98
C ALA QA 211 7.00 70.11 44.17
N GLY QA 212 6.79 71.13 45.01
CA GLY QA 212 5.94 71.00 46.18
C GLY QA 212 6.54 70.26 47.35
N THR QA 213 7.56 69.44 47.13
CA THR QA 213 8.15 68.67 48.20
C THR QA 213 8.99 69.56 49.12
N CYS QA 214 8.96 69.23 50.41
CA CYS QA 214 9.73 69.98 51.40
C CYS QA 214 9.99 69.10 52.60
N GLY QA 215 11.15 69.30 53.22
CA GLY QA 215 11.48 68.64 54.46
C GLY QA 215 11.14 69.50 55.66
N VAL QA 216 11.20 68.90 56.84
CA VAL QA 216 10.81 69.57 58.08
C VAL QA 216 11.95 69.42 59.08
N LEU QA 217 12.47 70.54 59.59
CA LEU QA 217 13.46 70.47 60.64
C LEU QA 217 12.82 69.94 61.92
N LEU QA 218 13.53 69.08 62.64
CA LEU QA 218 12.97 68.41 63.82
C LEU QA 218 13.63 68.87 65.11
N ARG QA 219 14.96 68.81 65.21
CA ARG QA 219 15.64 69.19 66.42
C ARG QA 219 17.13 69.39 66.12
N LYS QA 220 17.75 70.31 66.83
CA LYS QA 220 19.17 70.60 66.70
C LYS QA 220 19.85 70.33 68.03
N VAL QA 221 20.79 69.39 68.03
CA VAL QA 221 21.52 69.02 69.23
C VAL QA 221 23.00 68.83 68.90
N ASN QA 222 23.86 69.27 69.80
CA ASN QA 222 25.31 69.08 69.70
C ASN QA 222 25.87 69.64 68.40
N GLY QA 223 25.37 70.81 68.00
CA GLY QA 223 25.82 71.41 66.75
C GLY QA 223 25.51 70.54 65.54
N THR QA 224 24.32 69.96 65.50
CA THR QA 224 23.96 68.99 64.48
C THR QA 224 22.46 69.05 64.26
N ALA QA 225 22.04 69.15 63.00
CA ALA QA 225 20.64 69.31 62.64
C ALA QA 225 20.04 67.98 62.20
N ILE QA 226 18.76 67.80 62.49
CA ILE QA 226 18.00 66.62 62.09
C ILE QA 226 16.79 67.10 61.29
N ILE QA 227 16.57 66.47 60.13
CA ILE QA 227 15.49 66.84 59.24
C ILE QA 227 14.65 65.59 58.96
N GLN QA 228 13.43 65.82 58.49
CA GLN QA 228 12.54 64.77 58.03
C GLN QA 228 12.29 65.01 56.55
N LEU QA 229 12.60 64.01 55.73
CA LEU QA 229 12.47 64.09 54.29
C LEU QA 229 11.03 63.81 53.86
N PRO QA 230 10.67 64.14 52.62
CA PRO QA 230 9.31 63.82 52.15
C PRO QA 230 8.98 62.33 52.22
N SER QA 231 9.98 61.46 52.18
CA SER QA 231 9.78 60.04 52.39
C SER QA 231 9.66 59.67 53.86
N LYS QA 232 9.47 60.67 54.73
CA LYS QA 232 9.27 60.46 56.17
C LYS QA 232 10.45 59.75 56.82
N ARG QA 233 11.65 59.98 56.30
CA ARG QA 233 12.87 59.44 56.88
C ARG QA 233 13.67 60.55 57.57
N GLN QA 234 14.32 60.21 58.66
CA GLN QA 234 15.10 61.18 59.42
C GLN QA 234 16.54 61.20 58.92
N MET QA 235 17.04 62.39 58.67
CA MET QA 235 18.38 62.60 58.12
C MET QA 235 19.14 63.56 59.02
N GLN QA 236 20.31 63.13 59.49
CA GLN QA 236 21.13 63.88 60.42
C GLN QA 236 22.34 64.43 59.68
N VAL QA 237 22.54 65.76 59.76
CA VAL QA 237 23.63 66.43 59.08
C VAL QA 237 24.22 67.49 60.01
N LEU QA 238 25.33 68.08 59.57
CA LEU QA 238 25.94 69.15 60.33
C LEU QA 238 25.07 70.39 60.31
N GLU QA 239 25.08 71.13 61.42
CA GLU QA 239 24.20 72.29 61.57
C GLU QA 239 24.61 73.46 60.69
N THR QA 240 25.78 73.42 60.07
CA THR QA 240 26.26 74.50 59.22
C THR QA 240 25.86 74.31 57.76
N CYS QA 241 25.10 73.25 57.43
CA CYS QA 241 24.69 73.02 56.06
C CYS QA 241 23.65 74.05 55.63
N ILE QA 242 23.83 74.62 54.45
CA ILE QA 242 22.91 75.64 53.94
C ILE QA 242 21.70 74.95 53.33
N ALA QA 243 20.51 75.44 53.68
CA ALA QA 243 19.27 74.90 53.14
C ALA QA 243 18.27 76.04 52.93
N THR QA 244 17.59 75.99 51.79
CA THR QA 244 16.56 76.98 51.47
C THR QA 244 15.29 76.69 52.27
N VAL QA 245 14.58 77.75 52.62
CA VAL QA 245 13.39 77.65 53.44
C VAL QA 245 12.16 77.55 52.53
N GLY QA 246 11.12 76.87 53.02
CA GLY QA 246 9.83 76.87 52.36
C GLY QA 246 9.67 75.76 51.35
N ARG QA 247 8.43 75.57 50.92
CA ARG QA 247 8.10 74.56 49.92
C ARG QA 247 8.59 74.97 48.54
N VAL QA 248 8.88 73.97 47.71
CA VAL QA 248 9.30 74.24 46.34
C VAL QA 248 8.07 74.58 45.50
N SER QA 249 8.30 75.31 44.41
CA SER QA 249 7.23 75.78 43.54
C SER QA 249 6.47 74.60 42.94
N ASN QA 250 5.36 74.93 42.27
CA ASN QA 250 4.51 73.96 41.59
C ASN QA 250 3.97 72.92 42.58
N VAL QA 251 3.28 73.41 43.60
CA VAL QA 251 2.70 72.52 44.61
C VAL QA 251 1.53 71.71 44.07
N ASP QA 252 1.01 72.08 42.90
CA ASP QA 252 -0.09 71.36 42.27
C ASP QA 252 0.38 70.35 41.23
N HIS QA 253 1.66 69.95 41.30
CA HIS QA 253 2.21 69.08 40.26
C HIS QA 253 1.64 67.67 40.34
N ASN QA 254 1.27 67.20 41.54
CA ASN QA 254 0.74 65.86 41.68
C ASN QA 254 -0.69 65.72 41.16
N LYS QA 255 -1.40 66.83 40.98
CA LYS QA 255 -2.78 66.80 40.54
C LYS QA 255 -2.94 66.95 39.03
N ARG QA 256 -1.84 67.01 38.29
CA ARG QA 256 -1.94 67.08 36.83
C ARG QA 256 -2.48 65.76 36.29
N VAL QA 257 -3.33 65.86 35.27
CA VAL QA 257 -3.97 64.70 34.65
C VAL QA 257 -3.48 64.61 33.21
N ILE QA 258 -2.77 63.53 32.90
CA ILE QA 258 -2.38 63.26 31.52
C ILE QA 258 -3.63 62.92 30.72
N GLY QA 259 -3.93 63.73 29.70
CA GLY QA 259 -5.21 63.57 29.01
C GLY QA 259 -5.27 62.35 28.12
N LYS QA 260 -4.12 61.89 27.62
CA LYS QA 260 -4.12 60.86 26.59
C LYS QA 260 -2.77 60.15 26.63
N ALA QA 261 -2.69 59.03 25.90
CA ALA QA 261 -1.43 58.31 25.79
C ALA QA 261 -0.37 59.10 25.05
N GLY QA 262 -0.75 60.13 24.30
CA GLY QA 262 0.22 60.90 23.54
C GLY QA 262 1.02 61.87 24.38
N ARG QA 263 0.45 62.36 25.49
CA ARG QA 263 1.19 63.26 26.34
C ARG QA 263 2.36 62.57 27.03
N ASN QA 264 2.21 61.28 27.36
CA ASN QA 264 3.34 60.53 27.89
C ASN QA 264 4.46 60.43 26.86
N ARG QA 265 4.12 60.20 25.60
CA ARG QA 265 5.13 60.15 24.55
C ARG QA 265 5.77 61.52 24.34
N TRP QA 266 4.98 62.59 24.52
CA TRP QA 266 5.55 63.93 24.49
C TRP QA 266 6.59 64.11 25.59
N LEU QA 267 6.25 63.66 26.80
CA LEU QA 267 7.19 63.73 27.92
C LEU QA 267 8.39 62.81 27.73
N GLY QA 268 8.26 61.79 26.88
CA GLY QA 268 9.38 60.93 26.58
C GLY QA 268 9.32 59.59 27.28
N LYS QA 269 8.11 59.05 27.42
CA LYS QA 269 7.89 57.78 28.10
C LYS QA 269 7.32 56.79 27.09
N ARG QA 270 8.15 55.84 26.67
CA ARG QA 270 7.69 54.82 25.76
C ARG QA 270 6.73 53.86 26.47
N PRO QA 271 5.81 53.24 25.75
CA PRO QA 271 4.83 52.36 26.40
C PRO QA 271 5.49 51.14 27.01
N ASN QA 272 4.86 50.63 28.07
CA ASN QA 272 5.36 49.44 28.75
C ASN QA 272 5.22 48.23 27.83
N SER QA 273 6.07 47.23 28.08
CA SER QA 273 6.05 46.02 27.28
C SER QA 273 4.75 45.25 27.48
N GLY QA 274 4.31 44.59 26.41
CA GLY QA 274 3.08 43.83 26.43
C GLY QA 274 3.18 42.45 27.03
N LEU QA 275 4.37 42.04 27.48
CA LEU QA 275 4.53 40.73 28.08
C LEU QA 275 3.84 40.68 29.43
N TRP QA 276 3.04 39.63 29.64
CA TRP QA 276 2.34 39.44 30.90
C TRP QA 276 3.25 38.66 31.85
N GLN QA 277 3.49 39.22 33.03
CA GLN QA 277 4.32 38.60 34.04
C GLN QA 277 3.49 38.34 35.29
N ARG QA 278 3.50 37.09 35.74
CA ARG QA 278 2.80 36.74 36.97
C ARG QA 278 3.52 37.36 38.16
N LYS QA 279 2.75 37.92 39.10
CA LYS QA 279 3.33 38.54 40.27
C LYS QA 279 3.99 37.49 41.16
N GLY QA 280 5.14 37.85 41.73
CA GLY QA 280 5.84 37.02 42.67
C GLY QA 280 5.51 37.35 44.10
N GLY QA 281 6.41 36.97 44.99
CA GLY QA 281 6.23 37.30 46.40
C GLY QA 281 6.53 38.74 46.75
N TRP QA 282 7.17 39.48 45.86
CA TRP QA 282 7.50 40.88 46.13
C TRP QA 282 6.24 41.71 46.27
N ALA QA 283 5.20 41.40 45.50
CA ALA QA 283 3.98 42.17 45.51
C ALA QA 283 3.22 41.98 46.82
N GLY QA 284 2.28 42.88 47.08
CA GLY QA 284 1.52 42.87 48.30
C GLY QA 284 1.92 44.02 49.21
N ARG QA 285 0.97 44.40 50.08
CA ARG QA 285 1.18 45.55 50.95
C ARG QA 285 2.18 45.23 52.05
N LYS QA 286 3.45 45.53 51.82
CA LYS QA 286 4.49 45.27 52.80
C LYS QA 286 4.52 46.42 53.82
N ILE QA 287 4.08 46.14 55.04
CA ILE QA 287 4.09 47.13 56.12
C ILE QA 287 5.45 47.00 56.80
N ARG QA 288 6.42 47.77 56.32
CA ARG QA 288 7.78 47.76 56.82
C ARG QA 288 8.00 48.94 57.77
N PRO QA 289 8.80 48.75 58.81
CA PRO QA 289 9.07 49.87 59.72
C PRO QA 289 9.95 50.94 59.08
N LEU QA 290 9.86 52.14 59.61
CA LEU QA 290 10.63 53.25 59.07
C LEU QA 290 12.13 52.97 59.23
N PRO QA 291 12.92 53.18 58.19
CA PRO QA 291 14.36 52.92 58.30
C PRO QA 291 14.99 53.85 59.30
N PRO QA 292 16.09 53.43 59.93
CA PRO QA 292 16.72 54.27 60.97
C PRO QA 292 17.25 55.56 60.39
N MET QA 293 17.61 56.46 61.31
CA MET QA 293 18.11 57.77 60.92
C MET QA 293 19.39 57.63 60.10
N LYS QA 294 19.43 58.33 58.96
CA LYS QA 294 20.60 58.32 58.09
C LYS QA 294 21.52 59.46 58.52
N SER QA 295 22.67 59.12 59.07
CA SER QA 295 23.59 60.10 59.64
C SER QA 295 24.75 60.35 58.68
N TYR QA 296 25.08 61.63 58.50
CA TYR QA 296 26.21 62.03 57.67
C TYR QA 296 27.36 62.61 58.46
N VAL QA 297 27.18 62.86 59.76
CA VAL QA 297 28.27 63.36 60.59
C VAL QA 297 29.29 62.24 60.81
N LYS QA 298 30.56 62.62 60.84
CA LYS QA 298 31.65 61.66 61.05
C LYS QA 298 32.05 61.70 62.52
N LEU QA 299 31.63 60.70 63.27
CA LEU QA 299 31.98 60.62 64.68
C LEU QA 299 33.39 60.06 64.83
N PRO QA 300 34.31 60.79 65.48
CA PRO QA 300 35.69 60.33 65.67
C PRO QA 300 35.79 59.15 66.63
N GLY RA 61 -30.44 5.35 8.32
CA GLY RA 61 -29.28 5.12 9.15
C GLY RA 61 -29.64 4.84 10.60
N GLN RA 62 -29.01 3.80 11.18
CA GLN RA 62 -29.28 3.45 12.56
C GLN RA 62 -28.85 4.57 13.50
N SER RA 63 -27.61 5.05 13.33
CA SER RA 63 -27.09 6.30 13.89
C SER RA 63 -26.94 6.30 15.41
N GLN RA 64 -27.35 5.24 16.11
CA GLN RA 64 -27.21 5.21 17.56
C GLN RA 64 -27.17 3.76 18.01
N THR RA 65 -25.97 3.26 18.28
CA THR RA 65 -25.77 1.88 18.70
C THR RA 65 -25.94 1.80 20.22
N ARG RA 66 -26.99 1.11 20.66
CA ARG RA 66 -27.26 0.97 22.08
C ARG RA 66 -26.16 0.12 22.74
N VAL RA 67 -25.74 0.54 23.93
CA VAL RA 67 -24.71 -0.15 24.69
C VAL RA 67 -25.26 -0.48 26.07
N ASN RA 68 -25.12 -1.74 26.47
CA ASN RA 68 -25.46 -2.21 27.81
C ASN RA 68 -24.25 -3.04 28.25
N ILE RA 69 -23.31 -2.39 28.95
CA ILE RA 69 -21.97 -2.94 29.04
C ILE RA 69 -21.91 -4.21 29.88
N ASN RA 70 -22.02 -4.09 31.21
CA ASN RA 70 -22.51 -5.20 32.02
C ASN RA 70 -23.22 -4.70 33.26
N ALA RA 71 -22.76 -3.54 33.76
CA ALA RA 71 -23.04 -2.98 35.08
C ALA RA 71 -22.40 -3.84 36.18
N ALA RA 72 -21.97 -5.05 35.79
CA ALA RA 72 -21.46 -6.03 36.73
C ALA RA 72 -19.95 -6.17 36.69
N LEU RA 73 -19.33 -5.90 35.54
CA LEU RA 73 -17.89 -5.71 35.52
C LEU RA 73 -17.50 -4.43 36.24
N VAL RA 74 -18.46 -3.56 36.55
CA VAL RA 74 -18.16 -2.35 37.30
C VAL RA 74 -18.57 -2.51 38.76
N GLU RA 75 -19.89 -2.52 39.02
CA GLU RA 75 -20.42 -2.88 40.34
C GLU RA 75 -19.96 -2.00 41.50
N ASP RA 76 -18.96 -1.14 41.28
CA ASP RA 76 -18.37 -0.50 42.46
C ASP RA 76 -18.18 1.00 42.35
N ILE RA 77 -17.78 1.50 41.18
CA ILE RA 77 -17.60 2.95 41.02
C ILE RA 77 -18.87 3.63 40.54
N ILE RA 78 -19.83 2.86 40.04
CA ILE RA 78 -21.15 3.39 39.71
C ILE RA 78 -22.13 2.23 39.80
N ASN RA 79 -23.37 2.54 40.16
CA ASN RA 79 -24.42 1.54 40.28
C ASN RA 79 -25.47 1.85 39.21
N LEU RA 80 -25.34 1.18 38.07
CA LEU RA 80 -26.27 1.42 36.96
C LEU RA 80 -27.69 1.05 37.35
N GLU RA 81 -27.86 0.01 38.17
CA GLU RA 81 -29.18 -0.34 38.67
C GLU RA 81 -29.76 0.79 39.51
N GLU RA 82 -28.94 1.40 40.37
CA GLU RA 82 -29.41 2.53 41.18
C GLU RA 82 -29.77 3.72 40.31
N VAL RA 83 -28.97 4.01 39.29
CA VAL RA 83 -29.28 5.12 38.40
C VAL RA 83 -30.58 4.88 37.66
N ASN RA 84 -30.78 3.65 37.16
CA ASN RA 84 -32.02 3.32 36.48
C ASN RA 84 -33.21 3.41 37.42
N GLU RA 85 -33.02 3.01 38.68
CA GLU RA 85 -34.09 3.13 39.67
C GLU RA 85 -34.44 4.60 39.91
N GLU RA 86 -33.43 5.47 39.97
CA GLU RA 86 -33.70 6.89 40.16
C GLU RA 86 -34.46 7.48 38.97
N MET RA 87 -34.07 7.11 37.75
CA MET RA 87 -34.77 7.60 36.57
C MET RA 87 -36.21 7.09 36.53
N LYS RA 88 -36.41 5.81 36.88
CA LYS RA 88 -37.76 5.28 36.97
C LYS RA 88 -38.57 6.00 38.04
N SER RA 89 -37.92 6.39 39.14
CA SER RA 89 -38.61 7.17 40.17
C SER RA 89 -39.04 8.53 39.62
N VAL RA 90 -38.20 9.15 38.80
CA VAL RA 90 -38.57 10.42 38.17
C VAL RA 90 -39.79 10.23 37.27
N ILE RA 91 -39.78 9.17 36.47
CA ILE RA 91 -40.92 8.88 35.59
C ILE RA 91 -42.18 8.63 36.39
N GLU RA 92 -42.06 7.85 37.48
CA GLU RA 92 -43.20 7.55 38.32
C GLU RA 92 -43.76 8.81 38.98
N ALA RA 93 -42.88 9.71 39.41
CA ALA RA 93 -43.33 10.97 39.99
C ALA RA 93 -44.09 11.80 38.96
N LEU RA 94 -43.59 11.86 37.73
CA LEU RA 94 -44.30 12.60 36.69
C LEU RA 94 -45.68 12.00 36.44
N LYS RA 95 -45.75 10.67 36.33
CA LYS RA 95 -47.04 10.02 36.09
C LYS RA 95 -48.00 10.25 37.25
N ASP RA 96 -47.49 10.18 38.48
CA ASP RA 96 -48.33 10.39 39.66
C ASP RA 96 -48.87 11.82 39.69
N ASN RA 97 -48.02 12.79 39.35
CA ASN RA 97 -48.50 14.18 39.28
C ASN RA 97 -49.57 14.34 38.22
N PHE RA 98 -49.35 13.75 37.04
CA PHE RA 98 -50.34 13.83 35.97
C PHE RA 98 -51.67 13.22 36.40
N ASN RA 99 -51.62 12.09 37.11
CA ASN RA 99 -52.86 11.43 37.54
C ASN RA 99 -53.55 12.20 38.65
N LYS RA 100 -52.79 12.68 39.64
CA LYS RA 100 -53.41 13.31 40.81
C LYS RA 100 -53.98 14.68 40.49
N THR RA 101 -53.23 15.51 39.76
CA THR RA 101 -53.61 16.91 39.61
C THR RA 101 -54.50 17.17 38.39
N LEU RA 102 -54.01 16.84 37.20
CA LEU RA 102 -54.68 17.22 35.96
C LEU RA 102 -55.48 16.05 35.39
N ASN RA 103 -56.60 15.73 36.03
CA ASN RA 103 -57.43 14.69 35.44
C ASN RA 103 -58.36 15.24 34.37
N ILE RA 104 -59.43 15.92 34.78
CA ILE RA 104 -60.19 16.81 33.90
C ILE RA 104 -60.67 18.00 34.71
N ARG RA 105 -60.65 17.86 36.03
CA ARG RA 105 -61.38 18.75 36.93
C ARG RA 105 -60.67 18.79 38.28
N THR RA 106 -60.58 19.98 38.85
CA THR RA 106 -59.84 20.15 40.11
C THR RA 106 -60.59 19.49 41.26
N SER RA 107 -59.83 18.87 42.15
CA SER RA 107 -60.33 18.18 43.33
C SER RA 107 -59.57 18.69 44.54
N PRO RA 108 -60.11 18.48 45.76
CA PRO RA 108 -59.40 18.96 46.95
C PRO RA 108 -57.98 18.44 47.08
N GLY RA 109 -57.70 17.23 46.59
CA GLY RA 109 -56.34 16.73 46.56
C GLY RA 109 -55.48 17.28 45.45
N SER RA 110 -56.09 17.95 44.46
CA SER RA 110 -55.32 18.49 43.35
C SER RA 110 -54.58 19.76 43.75
N LEU RA 111 -55.20 20.60 44.59
CA LEU RA 111 -54.60 21.84 45.05
C LEU RA 111 -53.97 21.71 46.43
N ASP RA 112 -53.71 20.48 46.87
CA ASP RA 112 -53.06 20.23 48.14
C ASP RA 112 -51.54 20.36 48.05
N LYS RA 113 -50.99 20.57 46.86
CA LYS RA 113 -49.56 20.67 46.67
C LYS RA 113 -49.08 22.07 46.32
N ILE RA 114 -49.98 23.05 46.30
CA ILE RA 114 -49.58 24.43 45.95
C ILE RA 114 -48.81 25.01 47.14
N ALA RA 115 -47.53 25.28 46.93
CA ALA RA 115 -46.69 25.80 48.00
C ALA RA 115 -47.09 27.22 48.37
N VAL RA 116 -47.10 27.50 49.67
CA VAL RA 116 -47.45 28.80 50.21
C VAL RA 116 -46.33 29.27 51.12
N VAL RA 117 -45.90 30.52 50.96
CA VAL RA 117 -44.82 31.06 51.76
C VAL RA 117 -45.28 31.21 53.21
N THR RA 118 -44.49 30.69 54.14
CA THR RA 118 -44.81 30.73 55.56
C THR RA 118 -43.52 30.64 56.36
N ALA RA 119 -43.27 31.66 57.19
CA ALA RA 119 -42.08 31.72 58.03
C ALA RA 119 -40.80 31.54 57.21
N ASP RA 120 -40.74 32.24 56.08
CA ASP RA 120 -39.62 32.17 55.15
C ASP RA 120 -39.40 30.73 54.68
N GLY RA 121 -40.48 30.01 54.44
CA GLY RA 121 -40.40 28.64 53.98
C GLY RA 121 -41.57 28.31 53.07
N LYS RA 122 -41.51 27.11 52.50
CA LYS RA 122 -42.53 26.63 51.58
C LYS RA 122 -43.32 25.51 52.25
N LEU RA 123 -44.63 25.71 52.37
CA LEU RA 123 -45.52 24.72 52.96
C LEU RA 123 -46.74 24.56 52.05
N ALA RA 124 -47.37 23.39 52.13
CA ALA RA 124 -48.49 23.07 51.26
C ALA RA 124 -49.81 23.54 51.87
N LEU RA 125 -50.80 23.75 50.98
CA LEU RA 125 -52.12 24.15 51.43
C LEU RA 125 -52.76 23.08 52.32
N ASN RA 126 -52.55 21.81 52.00
CA ASN RA 126 -53.05 20.74 52.86
C ASN RA 126 -52.42 20.82 54.25
N GLN RA 127 -51.14 21.22 54.31
CA GLN RA 127 -50.47 21.31 55.59
C GLN RA 127 -50.91 22.52 56.41
N ILE RA 128 -51.19 23.65 55.77
CA ILE RA 128 -51.51 24.88 56.49
C ILE RA 128 -52.99 25.22 56.40
N SER RA 129 -53.84 24.27 56.00
CA SER RA 129 -55.27 24.55 55.90
C SER RA 129 -56.03 23.24 55.83
N GLN RA 130 -57.36 23.35 55.95
CA GLN RA 130 -58.27 22.21 55.82
C GLN RA 130 -59.10 22.41 54.56
N ILE RA 131 -58.91 21.53 53.58
CA ILE RA 131 -59.56 21.65 52.27
C ILE RA 131 -60.65 20.59 52.19
N SER RA 132 -61.86 21.02 51.83
CA SER RA 132 -62.99 20.10 51.75
C SER RA 132 -63.96 20.60 50.68
N MET RA 133 -65.03 19.84 50.47
CA MET RA 133 -66.08 20.20 49.53
C MET RA 133 -67.33 20.60 50.30
N LYS RA 134 -67.81 21.82 50.05
CA LYS RA 134 -69.10 22.26 50.59
C LYS RA 134 -70.22 22.02 49.59
N SER RA 135 -70.09 22.57 48.40
CA SER RA 135 -71.00 22.39 47.29
C SER RA 135 -70.38 21.47 46.24
N PRO RA 136 -71.20 20.87 45.37
CA PRO RA 136 -70.63 19.98 44.35
C PRO RA 136 -69.62 20.66 43.44
N GLN RA 137 -69.72 21.97 43.23
CA GLN RA 137 -68.81 22.71 42.37
C GLN RA 137 -68.02 23.76 43.14
N LEU RA 138 -67.85 23.55 44.45
CA LEU RA 138 -67.16 24.50 45.30
C LEU RA 138 -66.15 23.79 46.19
N ILE RA 139 -65.07 24.49 46.50
CA ILE RA 139 -64.03 24.01 47.41
C ILE RA 139 -63.91 25.01 48.55
N LEU RA 140 -63.95 24.52 49.79
CA LEU RA 140 -63.86 25.34 50.97
C LEU RA 140 -62.53 25.07 51.67
N VAL RA 141 -61.76 26.13 51.91
CA VAL RA 141 -60.45 26.05 52.56
C VAL RA 141 -60.54 26.80 53.87
N ASN RA 142 -60.26 26.12 54.97
CA ASN RA 142 -60.29 26.70 56.31
C ASN RA 142 -58.86 26.88 56.79
N MET RA 143 -58.38 28.12 56.78
CA MET RA 143 -57.08 28.47 57.34
C MET RA 143 -57.20 28.94 58.78
N ALA RA 144 -57.86 28.14 59.62
CA ALA RA 144 -57.99 28.51 61.02
C ALA RA 144 -56.65 28.43 61.75
N SER RA 145 -55.85 27.41 61.42
CA SER RA 145 -54.56 27.25 62.09
C SER RA 145 -53.59 28.38 61.73
N PHE RA 146 -53.62 28.82 60.48
CA PHE RA 146 -52.71 29.88 60.01
C PHE RA 146 -53.50 30.96 59.30
N PRO RA 147 -54.22 31.80 60.06
CA PRO RA 147 -54.95 32.91 59.43
C PRO RA 147 -54.06 33.97 58.84
N GLU RA 148 -52.79 34.04 59.24
CA GLU RA 148 -51.88 35.06 58.72
C GLU RA 148 -51.59 34.85 57.24
N CYS RA 149 -51.44 33.60 56.81
CA CYS RA 149 -51.03 33.28 55.46
C CYS RA 149 -52.19 33.24 54.47
N THR RA 150 -53.31 33.91 54.78
CA THR RA 150 -54.46 33.88 53.88
C THR RA 150 -54.12 34.50 52.53
N ALA RA 151 -53.51 35.70 52.55
CA ALA RA 151 -53.17 36.37 51.30
C ALA RA 151 -52.14 35.58 50.51
N ALA RA 152 -51.18 34.96 51.20
CA ALA RA 152 -50.21 34.12 50.51
C ALA RA 152 -50.89 32.91 49.87
N ALA RA 153 -51.89 32.34 50.53
CA ALA RA 153 -52.65 31.25 49.92
C ALA RA 153 -53.39 31.73 48.68
N ILE RA 154 -53.98 32.92 48.73
CA ILE RA 154 -54.64 33.47 47.55
C ILE RA 154 -53.64 33.66 46.42
N LYS RA 155 -52.45 34.18 46.73
CA LYS RA 155 -51.44 34.37 45.71
C LYS RA 155 -51.03 33.04 45.07
N ALA RA 156 -50.83 32.02 45.92
CA ALA RA 156 -50.44 30.71 45.42
C ALA RA 156 -51.52 30.13 44.51
N ILE RA 157 -52.78 30.22 44.93
CA ILE RA 157 -53.86 29.69 44.12
C ILE RA 157 -54.00 30.47 42.81
N ARG RA 158 -53.93 31.80 42.88
CA ARG RA 158 -54.23 32.62 41.71
C ARG RA 158 -53.14 32.51 40.64
N GLU RA 159 -51.87 32.66 41.03
CA GLU RA 159 -50.82 32.43 40.04
C GLU RA 159 -50.45 30.97 39.86
N SER RA 160 -51.15 30.06 40.52
CA SER RA 160 -51.11 28.68 40.11
C SER RA 160 -51.77 28.51 38.74
N GLY RA 161 -51.19 27.66 37.90
CA GLY RA 161 -51.66 27.51 36.54
C GLY RA 161 -52.89 26.66 36.36
N MET RA 162 -53.51 26.23 37.46
CA MET RA 162 -54.64 25.31 37.42
C MET RA 162 -55.98 26.03 37.19
N ASN RA 163 -55.95 27.36 37.02
CA ASN RA 163 -57.14 28.16 36.73
C ASN RA 163 -58.16 28.10 37.86
N LEU RA 164 -57.71 28.44 39.06
CA LEU RA 164 -58.57 28.51 40.24
C LEU RA 164 -58.58 29.96 40.73
N ASN RA 165 -59.75 30.59 40.65
CA ASN RA 165 -59.89 31.95 41.14
C ASN RA 165 -60.58 31.93 42.49
N PRO RA 166 -59.86 32.16 43.59
CA PRO RA 166 -60.48 32.08 44.92
C PRO RA 166 -61.07 33.41 45.37
N GLU RA 167 -62.03 33.31 46.27
CA GLU RA 167 -62.69 34.46 46.86
C GLU RA 167 -62.33 34.52 48.35
N VAL RA 168 -61.88 35.69 48.80
CA VAL RA 168 -61.44 35.86 50.18
C VAL RA 168 -62.65 36.20 51.04
N GLU RA 169 -62.85 35.43 52.11
CA GLU RA 169 -63.94 35.64 53.05
C GLU RA 169 -63.41 35.67 54.47
N GLY RA 170 -62.31 36.39 54.68
CA GLY RA 170 -61.66 36.41 55.98
C GLY RA 170 -60.75 35.21 56.17
N THR RA 171 -61.34 34.04 56.40
CA THR RA 171 -60.59 32.79 56.51
C THR RA 171 -61.19 31.63 55.74
N LEU RA 172 -62.46 31.71 55.33
CA LEU RA 172 -63.09 30.63 54.58
C LEU RA 172 -62.90 30.89 53.09
N ILE RA 173 -61.80 30.34 52.56
CA ILE RA 173 -61.42 30.59 51.18
C ILE RA 173 -62.33 29.76 50.26
N ARG RA 174 -62.93 30.42 49.27
CA ARG RA 174 -63.96 29.84 48.43
C ARG RA 174 -63.43 29.73 47.01
N VAL RA 175 -63.26 28.50 46.53
CA VAL RA 175 -62.74 28.26 45.19
C VAL RA 175 -63.80 27.56 44.35
N PRO RA 176 -64.45 28.24 43.42
CA PRO RA 176 -65.40 27.56 42.53
C PRO RA 176 -64.68 26.76 41.46
N ILE RA 177 -65.36 25.74 40.94
CA ILE RA 177 -64.85 24.99 39.80
C ILE RA 177 -65.19 25.79 38.55
N PRO RA 178 -64.20 26.32 37.81
CA PRO RA 178 -64.52 27.25 36.73
C PRO RA 178 -65.40 26.64 35.64
N GLN RA 179 -64.87 25.64 34.94
CA GLN RA 179 -65.61 24.82 33.97
C GLN RA 179 -64.61 23.85 33.35
N VAL RA 180 -65.12 22.95 32.52
CA VAL RA 180 -64.31 22.21 31.57
C VAL RA 180 -64.60 22.80 30.19
N THR RA 181 -63.65 23.55 29.66
CA THR RA 181 -63.83 24.27 28.40
C THR RA 181 -62.56 24.11 27.56
N ARG RA 182 -62.59 24.70 26.36
CA ARG RA 182 -61.41 24.68 25.51
C ARG RA 182 -60.27 25.47 26.15
N GLU RA 183 -60.59 26.62 26.76
CA GLU RA 183 -59.56 27.39 27.46
C GLU RA 183 -58.99 26.60 28.63
N HIS RA 184 -59.86 25.93 29.40
CA HIS RA 184 -59.38 25.13 30.51
C HIS RA 184 -58.48 24.00 30.03
N ARG RA 185 -58.86 23.35 28.92
CA ARG RA 185 -58.03 22.28 28.38
C ARG RA 185 -56.68 22.82 27.90
N GLU RA 186 -56.67 24.02 27.33
CA GLU RA 186 -55.41 24.62 26.90
C GLU RA 186 -54.51 24.92 28.11
N MET RA 187 -55.08 25.46 29.18
CA MET RA 187 -54.28 25.71 30.38
C MET RA 187 -53.79 24.40 30.99
N LEU RA 188 -54.60 23.35 30.91
CA LEU RA 188 -54.16 22.05 31.41
C LEU RA 188 -53.00 21.50 30.56
N VAL RA 189 -53.06 21.70 29.25
CA VAL RA 189 -51.94 21.29 28.40
C VAL RA 189 -50.69 22.08 28.75
N LYS RA 190 -50.86 23.38 29.03
CA LYS RA 190 -49.72 24.19 29.45
C LYS RA 190 -49.13 23.69 30.76
N LEU RA 191 -49.99 23.32 31.72
CA LEU RA 191 -49.49 22.76 32.98
C LEU RA 191 -48.79 21.43 32.76
N ALA RA 192 -49.32 20.60 31.85
CA ALA RA 192 -48.67 19.34 31.55
C ALA RA 192 -47.28 19.56 30.96
N LYS RA 193 -47.15 20.53 30.06
CA LYS RA 193 -45.84 20.86 29.51
C LYS RA 193 -44.90 21.38 30.59
N GLN RA 194 -45.41 22.22 31.50
CA GLN RA 194 -44.57 22.73 32.59
C GLN RA 194 -44.08 21.60 33.47
N ASN RA 195 -44.98 20.66 33.83
CA ASN RA 195 -44.59 19.55 34.67
C ASN RA 195 -43.61 18.62 33.97
N THR RA 196 -43.78 18.42 32.66
CA THR RA 196 -42.81 17.64 31.91
C THR RA 196 -41.44 18.31 31.92
N ASN RA 197 -41.41 19.64 31.77
CA ASN RA 197 -40.13 20.36 31.84
C ASN RA 197 -39.49 20.23 33.22
N LYS RA 198 -40.30 20.31 34.28
CA LYS RA 198 -39.76 20.15 35.63
C LYS RA 198 -39.21 18.73 35.85
N ALA RA 199 -39.92 17.72 35.34
CA ALA RA 199 -39.41 16.36 35.42
C ALA RA 199 -38.14 16.19 34.61
N LYS RA 200 -38.03 16.86 33.47
CA LYS RA 200 -36.79 16.82 32.70
C LYS RA 200 -35.64 17.47 33.45
N ASP RA 201 -35.91 18.57 34.16
CA ASP RA 201 -34.88 19.17 35.01
C ASP RA 201 -34.45 18.22 36.12
N SER RA 202 -35.41 17.53 36.73
CA SER RA 202 -35.07 16.55 37.77
C SER RA 202 -34.22 15.42 37.21
N LEU RA 203 -34.57 14.94 36.01
CA LEU RA 203 -33.77 13.91 35.36
C LEU RA 203 -32.37 14.40 35.04
N ARG RA 204 -32.26 15.66 34.62
CA ARG RA 204 -30.95 16.25 34.37
C ARG RA 204 -30.11 16.30 35.63
N LYS RA 205 -30.73 16.65 36.77
CA LYS RA 205 -30.02 16.64 38.03
C LYS RA 205 -29.57 15.24 38.40
N VAL RA 206 -30.44 14.24 38.19
CA VAL RA 206 -30.08 12.86 38.51
C VAL RA 206 -28.90 12.41 37.66
N ARG RA 207 -28.90 12.74 36.37
CA ARG RA 207 -27.78 12.41 35.50
C ARG RA 207 -26.51 13.13 35.92
N THR RA 208 -26.63 14.39 36.34
CA THR RA 208 -25.46 15.15 36.78
C THR RA 208 -24.84 14.53 38.02
N ASN RA 209 -25.66 14.00 38.93
CA ASN RA 209 -25.10 13.33 40.11
C ASN RA 209 -24.27 12.11 39.72
N SER RA 210 -24.75 11.31 38.77
CA SER RA 210 -23.98 10.16 38.31
C SER RA 210 -22.69 10.59 37.62
N MET RA 211 -22.76 11.65 36.82
CA MET RA 211 -21.54 12.17 36.21
C MET RA 211 -20.56 12.66 37.26
N ASN RA 212 -21.05 13.26 38.34
CA ASN RA 212 -20.18 13.68 39.44
C ASN RA 212 -19.53 12.49 40.12
N LYS RA 213 -20.27 11.40 40.30
CA LYS RA 213 -19.69 10.19 40.85
C LYS RA 213 -18.58 9.64 39.95
N LEU RA 214 -18.82 9.65 38.63
CA LEU RA 214 -17.77 9.22 37.70
C LEU RA 214 -16.55 10.14 37.78
N LYS RA 215 -16.78 11.45 37.92
CA LYS RA 215 -15.68 12.38 38.10
C LYS RA 215 -14.88 12.07 39.36
N LYS RA 216 -15.58 11.71 40.44
CA LYS RA 216 -14.91 11.32 41.68
C LYS RA 216 -14.05 10.08 41.45
N SER RA 217 -14.56 9.13 40.68
CA SER RA 217 -13.83 7.89 40.39
C SER RA 217 -12.81 8.05 39.27
N LYS RA 218 -12.72 9.24 38.67
CA LYS RA 218 -11.86 9.49 37.52
C LYS RA 218 -10.45 9.92 37.97
N ASP RA 219 -9.77 9.04 38.71
CA ASP RA 219 -8.36 9.26 39.00
C ASP RA 219 -7.56 7.98 38.84
N THR RA 220 -8.22 6.83 38.97
CA THR RA 220 -7.54 5.54 38.89
C THR RA 220 -8.21 4.58 37.91
N VAL RA 221 -9.40 4.91 37.42
CA VAL RA 221 -10.13 4.05 36.52
C VAL RA 221 -9.74 4.42 35.09
N SER RA 222 -9.78 3.43 34.20
CA SER RA 222 -9.35 3.64 32.83
C SER RA 222 -10.24 4.67 32.12
N GLU RA 223 -9.62 5.43 31.23
CA GLU RA 223 -10.35 6.46 30.49
C GLU RA 223 -11.41 5.83 29.60
N ASP RA 224 -11.10 4.69 28.98
CA ASP RA 224 -12.09 3.99 28.16
C ASP RA 224 -13.27 3.52 29.01
N THR RA 225 -12.98 3.02 30.22
CA THR RA 225 -14.05 2.61 31.13
C THR RA 225 -14.94 3.79 31.50
N ILE RA 226 -14.33 4.93 31.85
CA ILE RA 226 -15.11 6.10 32.22
C ILE RA 226 -15.95 6.57 31.04
N ARG RA 227 -15.37 6.58 29.84
CA ARG RA 227 -16.11 7.01 28.65
C ARG RA 227 -17.29 6.08 28.39
N LEU RA 228 -17.08 4.76 28.52
CA LEU RA 228 -18.17 3.82 28.30
C LEU RA 228 -19.30 4.00 29.31
N ILE RA 229 -18.95 4.22 30.58
CA ILE RA 229 -19.97 4.42 31.59
C ILE RA 229 -20.72 5.73 31.35
N GLU RA 230 -20.00 6.77 30.93
CA GLU RA 230 -20.66 8.04 30.60
C GLU RA 230 -21.62 7.86 29.44
N LYS RA 231 -21.21 7.11 28.41
CA LYS RA 231 -22.10 6.85 27.28
C LYS RA 231 -23.34 6.07 27.73
N GLN RA 232 -23.16 5.09 28.61
CA GLN RA 232 -24.29 4.34 29.10
C GLN RA 232 -25.27 5.22 29.88
N ILE RA 233 -24.74 6.09 30.74
CA ILE RA 233 -25.61 6.97 31.53
C ILE RA 233 -26.34 7.94 30.61
N SER RA 234 -25.65 8.47 29.59
CA SER RA 234 -26.29 9.34 28.63
C SER RA 234 -27.41 8.62 27.88
N GLN RA 235 -27.17 7.36 27.52
CA GLN RA 235 -28.19 6.58 26.83
C GLN RA 235 -29.41 6.36 27.72
N MET RA 236 -29.19 6.04 28.99
CA MET RA 236 -30.33 5.88 29.91
C MET RA 236 -31.10 7.18 30.06
N ALA RA 237 -30.39 8.31 30.18
CA ALA RA 237 -31.07 9.59 30.30
C ALA RA 237 -31.87 9.91 29.05
N ASP RA 238 -31.31 9.62 27.87
CA ASP RA 238 -32.04 9.85 26.63
C ASP RA 238 -33.30 8.98 26.55
N ASP RA 239 -33.19 7.70 26.94
CA ASP RA 239 -34.37 6.84 26.92
C ASP RA 239 -35.44 7.36 27.88
N THR RA 240 -35.03 7.80 29.07
CA THR RA 240 -36.02 8.29 30.03
C THR RA 240 -36.66 9.59 29.59
N VAL RA 241 -35.89 10.49 28.98
CA VAL RA 241 -36.50 11.73 28.51
C VAL RA 241 -37.41 11.48 27.32
N ALA RA 242 -37.09 10.48 26.48
CA ALA RA 242 -38.01 10.09 25.42
C ALA RA 242 -39.30 9.54 26.01
N GLU RA 243 -39.21 8.74 27.08
CA GLU RA 243 -40.40 8.26 27.75
C GLU RA 243 -41.22 9.41 28.33
N LEU RA 244 -40.54 10.41 28.90
CA LEU RA 244 -41.23 11.58 29.42
C LEU RA 244 -41.97 12.32 28.32
N ASP RA 245 -41.32 12.50 27.16
CA ASP RA 245 -41.98 13.16 26.04
C ASP RA 245 -43.19 12.36 25.56
N ARG RA 246 -43.06 11.03 25.51
CA ARG RA 246 -44.19 10.20 25.10
C ARG RA 246 -45.36 10.33 26.06
N HIS RA 247 -45.07 10.33 27.37
CA HIS RA 247 -46.14 10.49 28.36
C HIS RA 247 -46.80 11.86 28.23
N LEU RA 248 -46.00 12.91 28.00
CA LEU RA 248 -46.58 14.24 27.83
C LEU RA 248 -47.47 14.30 26.59
N ALA RA 249 -47.03 13.69 25.49
CA ALA RA 249 -47.84 13.69 24.28
C ALA RA 249 -49.15 12.92 24.49
N VAL RA 250 -49.08 11.79 25.19
CA VAL RA 250 -50.30 11.02 25.46
C VAL RA 250 -51.25 11.84 26.33
N LYS RA 251 -50.73 12.51 27.35
CA LYS RA 251 -51.58 13.32 28.21
C LYS RA 251 -52.19 14.50 27.45
N THR RA 252 -51.41 15.12 26.57
CA THR RA 252 -51.94 16.22 25.76
C THR RA 252 -53.06 15.73 24.84
N LYS RA 253 -52.89 14.57 24.22
CA LYS RA 253 -53.95 14.00 23.40
C LYS RA 253 -55.18 13.69 24.23
N GLU RA 254 -54.99 13.17 25.44
CA GLU RA 254 -56.12 12.89 26.32
C GLU RA 254 -56.88 14.15 26.69
N LEU RA 255 -56.15 15.23 27.01
CA LEU RA 255 -56.80 16.47 27.40
C LEU RA 255 -57.53 17.11 26.23
N LEU RA 256 -56.88 17.17 25.07
CA LEU RA 256 -57.49 17.78 23.89
C LEU RA 256 -58.15 16.73 23.01
N PHE SA 30 -66.96 -53.29 3.38
CA PHE SA 30 -66.77 -54.16 4.54
C PHE SA 30 -65.29 -54.27 4.90
N LYS SA 31 -64.96 -53.94 6.14
CA LYS SA 31 -63.58 -53.99 6.61
C LYS SA 31 -63.54 -54.74 7.93
N THR SA 32 -62.42 -55.43 8.18
CA THR SA 32 -62.28 -56.23 9.38
C THR SA 32 -62.11 -55.34 10.62
N LEU SA 33 -62.41 -55.91 11.78
CA LEU SA 33 -62.30 -55.21 13.05
C LEU SA 33 -61.01 -55.67 13.73
N LEU SA 34 -60.10 -54.74 13.96
CA LEU SA 34 -58.85 -55.06 14.63
C LEU SA 34 -58.91 -54.64 16.10
N PRO SA 35 -58.24 -55.38 16.98
CA PRO SA 35 -58.18 -54.97 18.39
C PRO SA 35 -57.35 -53.71 18.56
N VAL SA 36 -57.69 -52.94 19.59
CA VAL SA 36 -56.98 -51.70 19.89
C VAL SA 36 -55.99 -51.96 21.02
N PRO SA 37 -54.84 -51.29 21.05
CA PRO SA 37 -53.90 -51.47 22.16
C PRO SA 37 -54.48 -50.94 23.45
N THR SA 38 -54.31 -51.70 24.52
CA THR SA 38 -54.76 -51.32 25.85
C THR SA 38 -53.57 -51.20 26.78
N PHE SA 39 -53.51 -50.11 27.53
CA PHE SA 39 -52.40 -49.81 28.42
C PHE SA 39 -52.91 -49.82 29.86
N GLU SA 40 -52.52 -50.84 30.63
CA GLU SA 40 -52.95 -50.94 32.02
C GLU SA 40 -51.75 -51.09 32.94
N ASP SA 41 -50.68 -51.72 32.45
CA ASP SA 41 -49.49 -51.92 33.26
C ASP SA 41 -48.75 -50.62 33.54
N VAL SA 42 -48.75 -49.68 32.60
CA VAL SA 42 -48.08 -48.40 32.78
C VAL SA 42 -48.86 -47.57 33.79
N ALA SA 43 -48.14 -46.90 34.69
CA ALA SA 43 -48.74 -46.08 35.74
C ALA SA 43 -48.25 -44.66 35.59
N ILE SA 44 -49.16 -43.70 35.65
CA ILE SA 44 -48.82 -42.29 35.55
C ILE SA 44 -48.30 -41.82 36.91
N PRO SA 45 -47.07 -41.34 36.99
CA PRO SA 45 -46.51 -40.91 38.28
C PRO SA 45 -47.07 -39.56 38.69
N GLU SA 46 -46.84 -39.23 39.96
CA GLU SA 46 -47.21 -37.91 40.47
C GLU SA 46 -46.39 -36.82 39.78
N LYS SA 47 -47.05 -35.69 39.53
CA LYS SA 47 -46.47 -34.56 38.82
C LYS SA 47 -45.97 -35.00 37.45
N PRO SA 48 -46.87 -35.33 36.52
CA PRO SA 48 -46.41 -35.76 35.19
C PRO SA 48 -45.86 -34.64 34.33
N LYS SA 49 -46.09 -33.37 34.71
CA LYS SA 49 -45.57 -32.25 33.96
C LYS SA 49 -44.05 -32.17 34.09
N LEU SA 50 -43.42 -31.52 33.11
CA LEU SA 50 -41.98 -31.31 33.18
C LEU SA 50 -41.66 -30.26 34.25
N ARG SA 51 -40.60 -30.51 35.00
CA ARG SA 51 -40.23 -29.65 36.11
C ARG SA 51 -39.56 -28.37 35.62
N PHE SA 52 -39.75 -27.30 36.37
CA PHE SA 52 -39.12 -26.02 36.05
C PHE SA 52 -37.61 -26.12 36.25
N VAL SA 53 -36.86 -25.49 35.34
CA VAL SA 53 -35.41 -25.51 35.37
C VAL SA 53 -34.89 -24.09 35.55
N GLU SA 54 -33.84 -23.96 36.35
CA GLU SA 54 -33.25 -22.66 36.64
C GLU SA 54 -32.30 -22.23 35.53
N ARG SA 55 -32.32 -20.94 35.20
CA ARG SA 55 -31.44 -20.43 34.16
C ARG SA 55 -29.98 -20.54 34.57
N VAL SA 56 -29.68 -20.32 35.85
CA VAL SA 56 -28.33 -20.41 36.38
C VAL SA 56 -28.36 -21.39 37.54
N PRO SA 57 -27.29 -22.15 37.78
CA PRO SA 57 -27.30 -23.09 38.92
C PRO SA 57 -27.33 -22.34 40.24
N LEU SA 58 -27.80 -23.06 41.28
CA LEU SA 58 -27.90 -22.47 42.61
C LEU SA 58 -26.55 -21.99 43.12
N VAL SA 59 -25.47 -22.68 42.76
CA VAL SA 59 -24.11 -22.24 43.05
C VAL SA 59 -23.46 -21.85 41.73
N PRO SA 60 -23.31 -20.56 41.43
CA PRO SA 60 -22.72 -20.16 40.15
C PRO SA 60 -21.24 -20.52 40.09
N LYS SA 61 -20.75 -20.77 38.88
CA LYS SA 61 -19.35 -21.08 38.67
C LYS SA 61 -18.56 -19.77 38.63
N VAL SA 62 -17.80 -19.50 39.69
CA VAL SA 62 -17.02 -18.28 39.74
C VAL SA 62 -15.86 -18.32 38.75
N ARG SA 63 -15.25 -19.48 38.57
CA ARG SA 63 -14.10 -19.61 37.68
C ARG SA 63 -14.56 -19.81 36.25
N ARG SA 64 -14.02 -19.00 35.34
CA ARG SA 64 -14.38 -19.09 33.93
C ARG SA 64 -13.61 -20.24 33.27
N GLU SA 65 -14.34 -21.11 32.60
CA GLU SA 65 -13.77 -22.32 32.01
C GLU SA 65 -13.68 -22.19 30.49
N ARG SA 66 -12.68 -22.86 29.92
CA ARG SA 66 -12.48 -22.85 28.48
C ARG SA 66 -13.64 -23.55 27.77
N LYS SA 67 -13.94 -23.08 26.57
CA LYS SA 67 -15.06 -23.62 25.80
C LYS SA 67 -14.60 -24.86 25.04
N ASN SA 68 -14.61 -25.99 25.75
CA ASN SA 68 -14.34 -27.28 25.12
C ASN SA 68 -15.48 -27.62 24.18
N LEU SA 69 -15.19 -27.72 22.89
CA LEU SA 69 -16.18 -28.10 21.90
C LEU SA 69 -16.25 -29.62 21.72
N SER SA 70 -15.40 -30.36 22.42
CA SER SA 70 -15.47 -31.82 22.39
C SER SA 70 -16.74 -32.34 23.07
N ASP SA 71 -17.38 -31.53 23.92
CA ASP SA 71 -18.65 -31.91 24.50
C ASP SA 71 -19.79 -31.86 23.49
N ILE SA 72 -19.56 -31.28 22.32
CA ILE SA 72 -20.50 -31.32 21.21
C ILE SA 72 -20.02 -32.28 20.12
N ARG SA 73 -18.72 -32.28 19.85
CA ARG SA 73 -18.18 -33.11 18.78
C ARG SA 73 -18.31 -34.59 19.12
N GLY SA 74 -18.73 -35.39 18.13
CA GLY SA 74 -18.75 -36.82 18.28
C GLY SA 74 -20.10 -37.39 18.69
N PRO SA 75 -20.20 -38.71 18.73
CA PRO SA 75 -21.44 -39.35 19.17
C PRO SA 75 -21.62 -39.28 20.68
N SER SA 76 -22.87 -39.41 21.10
CA SER SA 76 -23.20 -39.36 22.51
C SER SA 76 -23.02 -40.73 23.15
N THR SA 77 -22.51 -40.73 24.39
CA THR SA 77 -22.36 -41.96 25.15
C THR SA 77 -23.32 -42.07 26.33
N GLU SA 78 -23.99 -40.98 26.69
CA GLU SA 78 -24.90 -40.95 27.81
C GLU SA 78 -26.31 -40.57 27.36
N ALA SA 79 -27.31 -41.11 28.07
CA ALA SA 79 -28.71 -40.85 27.81
C ALA SA 79 -29.09 -41.22 26.37
N THR SA 80 -28.52 -42.32 25.89
CA THR SA 80 -28.78 -42.81 24.54
C THR SA 80 -29.84 -43.90 24.48
N GLU SA 81 -30.38 -44.33 25.63
CA GLU SA 81 -31.33 -45.42 25.68
C GLU SA 81 -32.49 -45.05 26.60
N PHE SA 82 -33.65 -45.64 26.33
CA PHE SA 82 -34.85 -45.37 27.11
C PHE SA 82 -34.72 -45.94 28.52
N THR SA 83 -35.16 -45.15 29.50
CA THR SA 83 -35.16 -45.57 30.90
C THR SA 83 -36.55 -45.99 31.38
N GLU SA 84 -37.52 -45.09 31.28
CA GLU SA 84 -38.88 -45.38 31.74
C GLU SA 84 -39.96 -45.07 30.72
N GLY SA 85 -39.75 -44.12 29.81
CA GLY SA 85 -40.75 -43.78 28.83
C GLY SA 85 -40.69 -44.68 27.61
N ARG SA 86 -41.65 -44.44 26.71
CA ARG SA 86 -41.71 -45.16 25.45
C ARG SA 86 -41.43 -44.29 24.23
N PHE SA 87 -41.44 -42.97 24.37
CA PHE SA 87 -41.14 -42.07 23.28
C PHE SA 87 -40.07 -41.07 23.74
N ALA SA 88 -39.36 -40.49 22.80
CA ALA SA 88 -38.29 -39.58 23.15
C ALA SA 88 -38.03 -38.61 22.00
N ILE SA 89 -37.29 -37.55 22.32
CA ILE SA 89 -36.79 -36.63 21.32
C ILE SA 89 -35.31 -36.96 21.12
N LEU SA 90 -34.98 -37.50 19.95
CA LEU SA 90 -33.63 -37.90 19.62
C LEU SA 90 -32.92 -36.77 18.87
N ALA SA 91 -31.68 -36.51 19.24
CA ALA SA 91 -30.88 -35.44 18.64
C ALA SA 91 -29.95 -36.04 17.60
N LEU SA 92 -30.10 -35.61 16.35
CA LEU SA 92 -29.27 -36.07 15.25
C LEU SA 92 -28.05 -35.19 15.04
N GLY SA 93 -27.81 -34.23 15.92
CA GLY SA 93 -26.65 -33.37 15.82
C GLY SA 93 -26.28 -32.82 17.18
N GLY SA 94 -25.19 -32.09 17.21
CA GLY SA 94 -24.72 -31.50 18.45
C GLY SA 94 -25.07 -30.04 18.60
N GLY SA 95 -25.11 -29.55 19.83
CA GLY SA 95 -25.42 -28.15 20.04
C GLY SA 95 -25.48 -27.84 21.52
N TYR SA 96 -25.89 -26.61 21.81
CA TYR SA 96 -26.02 -26.11 23.18
C TYR SA 96 -27.48 -25.80 23.46
N LEU SA 97 -27.97 -26.28 24.61
CA LEU SA 97 -29.32 -25.98 25.07
C LEU SA 97 -29.23 -24.99 26.21
N HIS SA 98 -29.94 -23.87 26.09
CA HIS SA 98 -29.97 -22.88 27.15
C HIS SA 98 -31.39 -22.69 27.67
N TRP SA 99 -31.56 -21.73 28.56
CA TRP SA 99 -32.83 -21.59 29.29
C TRP SA 99 -33.99 -21.30 28.35
N GLY SA 100 -33.74 -20.60 27.23
CA GLY SA 100 -34.80 -20.37 26.27
C GLY SA 100 -35.34 -21.66 25.69
N HIS SA 101 -34.42 -22.55 25.26
CA HIS SA 101 -34.84 -23.84 24.73
C HIS SA 101 -35.53 -24.68 25.80
N PHE SA 102 -35.00 -24.67 27.03
CA PHE SA 102 -35.62 -25.44 28.09
C PHE SA 102 -37.04 -24.96 28.39
N GLU SA 103 -37.22 -23.64 28.47
CA GLU SA 103 -38.55 -23.08 28.70
C GLU SA 103 -39.49 -23.38 27.54
N MET SA 104 -38.99 -23.30 26.30
CA MET SA 104 -39.82 -23.63 25.15
C MET SA 104 -40.31 -25.07 25.22
N MET SA 105 -39.40 -26.01 25.47
CA MET SA 105 -39.79 -27.41 25.56
C MET SA 105 -40.79 -27.62 26.69
N ARG SA 106 -40.51 -27.04 27.86
CA ARG SA 106 -41.38 -27.22 29.01
C ARG SA 106 -42.79 -26.71 28.72
N LEU SA 107 -42.89 -25.47 28.24
CA LEU SA 107 -44.20 -24.87 28.00
C LEU SA 107 -44.96 -25.64 26.93
N THR SA 108 -44.29 -25.97 25.81
CA THR SA 108 -44.97 -26.66 24.72
C THR SA 108 -45.49 -28.02 25.16
N ILE SA 109 -44.63 -28.82 25.78
CA ILE SA 109 -45.03 -30.17 26.16
C ILE SA 109 -46.11 -30.13 27.24
N ASN SA 110 -45.98 -29.22 28.21
CA ASN SA 110 -46.97 -29.13 29.27
C ASN SA 110 -48.34 -28.69 28.72
N ARG SA 111 -48.37 -27.73 27.80
CA ARG SA 111 -49.65 -27.27 27.28
C ARG SA 111 -50.26 -28.22 26.26
N SER SA 112 -49.46 -29.00 25.54
CA SER SA 112 -49.99 -29.91 24.54
C SER SA 112 -50.07 -31.36 25.00
N MET SA 113 -49.72 -31.65 26.25
CA MET SA 113 -49.73 -33.02 26.75
C MET SA 113 -50.82 -33.19 27.80
N ASP SA 114 -51.43 -34.38 27.80
CA ASP SA 114 -52.52 -34.69 28.73
C ASP SA 114 -51.94 -35.22 30.03
N PRO SA 115 -52.08 -34.50 31.15
CA PRO SA 115 -51.53 -34.99 32.42
C PRO SA 115 -52.17 -36.26 32.93
N LYS SA 116 -53.42 -36.55 32.55
CA LYS SA 116 -54.12 -37.72 33.07
C LYS SA 116 -53.67 -39.02 32.41
N ASN SA 117 -53.08 -38.96 31.22
CA ASN SA 117 -52.69 -40.16 30.50
C ASN SA 117 -51.26 -40.16 30.01
N MET SA 118 -50.50 -39.09 30.25
CA MET SA 118 -49.12 -39.00 29.78
C MET SA 118 -48.23 -38.48 30.89
N PHE SA 119 -46.94 -38.81 30.80
CA PHE SA 119 -45.94 -38.26 31.69
C PHE SA 119 -44.66 -38.03 30.91
N ALA SA 120 -43.89 -37.02 31.34
CA ALA SA 120 -42.67 -36.61 30.67
C ALA SA 120 -41.56 -36.40 31.67
N LEU SA 121 -40.32 -36.64 31.22
CA LEU SA 121 -39.13 -36.47 32.03
C LEU SA 121 -38.03 -35.87 31.19
N TRP SA 122 -37.16 -35.09 31.84
CA TRP SA 122 -35.96 -34.59 31.19
C TRP SA 122 -34.93 -35.70 31.09
N ARG SA 123 -34.01 -35.55 30.12
CA ARG SA 123 -32.85 -36.42 30.02
C ARG SA 123 -31.56 -35.63 29.91
N VAL SA 124 -31.63 -34.31 29.86
CA VAL SA 124 -30.45 -33.45 29.84
C VAL SA 124 -30.42 -32.66 31.14
N PRO SA 125 -29.25 -32.41 31.72
CA PRO SA 125 -29.19 -31.61 32.95
C PRO SA 125 -29.46 -30.14 32.66
N ALA SA 126 -29.70 -29.41 33.75
CA ALA SA 126 -29.92 -27.98 33.65
C ALA SA 126 -28.65 -27.28 33.16
N PRO SA 127 -28.79 -26.11 32.54
CA PRO SA 127 -27.60 -25.40 32.03
C PRO SA 127 -26.58 -25.16 33.12
N PHE SA 128 -25.35 -25.64 32.88
CA PHE SA 128 -24.30 -25.59 33.88
C PHE SA 128 -23.00 -25.04 33.31
N LYS SA 129 -22.79 -25.18 32.01
CA LYS SA 129 -21.55 -24.72 31.39
C LYS SA 129 -21.63 -23.23 31.12
N PRO SA 130 -20.73 -22.42 31.69
CA PRO SA 130 -20.81 -20.97 31.49
C PRO SA 130 -20.29 -20.54 30.13
N ILE SA 131 -20.90 -19.49 29.59
CA ILE SA 131 -20.50 -18.89 28.33
C ILE SA 131 -20.22 -17.42 28.59
N THR SA 132 -19.06 -16.94 28.14
CA THR SA 132 -18.60 -15.60 28.45
C THR SA 132 -18.67 -14.69 27.23
N ARG SA 133 -19.00 -13.43 27.48
CA ARG SA 133 -18.98 -12.39 26.46
C ARG SA 133 -18.12 -11.25 26.98
N LYS SA 134 -17.51 -10.51 26.05
CA LYS SA 134 -16.59 -9.44 26.44
C LYS SA 134 -17.30 -8.36 27.27
N GLY SA 135 -18.23 -7.65 26.64
CA GLY SA 135 -18.92 -6.59 27.36
C GLY SA 135 -18.13 -5.30 27.37
N MET SA 136 -17.44 -5.05 28.48
CA MET SA 136 -16.60 -3.86 28.63
C MET SA 136 -15.40 -3.98 27.70
N GLY SA 137 -15.40 -3.19 26.63
CA GLY SA 137 -14.29 -3.19 25.70
C GLY SA 137 -14.41 -4.26 24.64
N GLN SA 138 -14.33 -3.86 23.37
CA GLN SA 138 -14.50 -4.78 22.25
C GLN SA 138 -13.20 -5.10 21.54
N ARG SA 139 -12.08 -4.50 21.96
CA ARG SA 139 -10.80 -4.79 21.33
C ARG SA 139 -10.30 -6.16 21.77
N MET SA 140 -9.49 -6.77 20.92
CA MET SA 140 -8.98 -8.11 21.21
C MET SA 140 -7.92 -8.03 22.31
N GLY SA 141 -8.04 -8.90 23.29
CA GLY SA 141 -7.14 -8.94 24.42
C GLY SA 141 -7.77 -8.35 25.67
N GLY SA 142 -6.94 -8.21 26.70
CA GLY SA 142 -7.38 -7.71 27.97
C GLY SA 142 -7.79 -8.76 28.99
N GLY SA 143 -7.97 -10.00 28.55
CA GLY SA 143 -8.31 -11.10 29.43
C GLY SA 143 -9.55 -11.82 28.96
N LYS SA 144 -10.09 -12.65 29.83
CA LYS SA 144 -11.33 -13.37 29.56
C LYS SA 144 -12.52 -12.43 29.70
N GLY SA 145 -13.63 -12.82 29.09
CA GLY SA 145 -14.86 -12.05 29.18
C GLY SA 145 -15.57 -12.30 30.50
N ALA SA 146 -16.83 -11.88 30.54
CA ALA SA 146 -17.68 -12.05 31.71
C ALA SA 146 -18.77 -13.07 31.42
N ILE SA 147 -19.09 -13.87 32.43
CA ILE SA 147 -20.06 -14.95 32.27
C ILE SA 147 -21.42 -14.33 31.94
N ASP SA 148 -22.01 -14.77 30.83
CA ASP SA 148 -23.28 -14.22 30.36
C ASP SA 148 -24.45 -15.17 30.63
N HIS SA 149 -24.32 -16.42 30.22
CA HIS SA 149 -25.39 -17.40 30.41
C HIS SA 149 -24.78 -18.79 30.48
N TYR SA 150 -25.63 -19.77 30.79
CA TYR SA 150 -25.21 -21.15 30.94
C TYR SA 150 -25.89 -22.02 29.87
N VAL SA 151 -25.19 -23.05 29.42
CA VAL SA 151 -25.68 -23.93 28.37
C VAL SA 151 -25.47 -25.38 28.79
N THR SA 152 -26.24 -26.27 28.18
CA THR SA 152 -26.10 -27.71 28.37
C THR SA 152 -25.61 -28.33 27.07
N PRO SA 153 -24.37 -28.82 27.02
CA PRO SA 153 -23.89 -29.45 25.78
C PRO SA 153 -24.62 -30.76 25.50
N VAL SA 154 -25.00 -30.95 24.24
CA VAL SA 154 -25.73 -32.13 23.79
C VAL SA 154 -25.03 -32.68 22.56
N LYS SA 155 -24.78 -33.99 22.56
CA LYS SA 155 -24.14 -34.66 21.44
C LYS SA 155 -25.19 -35.35 20.56
N ALA SA 156 -24.75 -35.78 19.39
CA ALA SA 156 -25.65 -36.46 18.46
C ALA SA 156 -25.96 -37.86 18.95
N GLY SA 157 -27.23 -38.24 18.91
CA GLY SA 157 -27.66 -39.54 19.39
C GLY SA 157 -28.15 -39.57 20.81
N ARG SA 158 -28.41 -38.42 21.42
CA ARG SA 158 -28.84 -38.36 22.82
C ARG SA 158 -30.31 -37.99 22.88
N LEU SA 159 -31.02 -38.55 23.86
CA LEU SA 159 -32.42 -38.21 24.09
C LEU SA 159 -32.52 -36.95 24.94
N ILE SA 160 -33.50 -36.11 24.63
CA ILE SA 160 -33.70 -34.84 25.31
C ILE SA 160 -34.88 -34.91 26.28
N VAL SA 161 -36.06 -35.25 25.77
CA VAL SA 161 -37.26 -35.41 26.59
C VAL SA 161 -37.80 -36.81 26.34
N GLU SA 162 -38.17 -37.51 27.41
CA GLU SA 162 -38.69 -38.86 27.34
C GLU SA 162 -40.10 -38.90 27.92
N MET SA 163 -41.04 -39.43 27.14
CA MET SA 163 -42.44 -39.46 27.53
C MET SA 163 -42.96 -40.90 27.50
N GLY SA 164 -44.05 -41.11 28.25
CA GLY SA 164 -44.72 -42.38 28.30
C GLY SA 164 -46.15 -42.20 28.79
N GLY SA 165 -46.85 -43.31 28.91
CA GLY SA 165 -48.19 -43.29 29.45
C GLY SA 165 -49.09 -44.26 28.71
N ARG SA 166 -50.38 -43.94 28.72
CA ARG SA 166 -51.41 -44.77 28.10
C ARG SA 166 -51.81 -44.25 26.73
N CYS SA 167 -50.84 -43.74 25.98
CA CYS SA 167 -51.08 -43.05 24.72
C CYS SA 167 -50.41 -43.78 23.56
N GLU SA 168 -50.83 -43.42 22.36
CA GLU SA 168 -50.28 -43.95 21.12
C GLU SA 168 -49.18 -43.01 20.63
N PHE SA 169 -48.33 -43.49 19.73
CA PHE SA 169 -47.20 -42.71 19.24
C PHE SA 169 -47.61 -41.58 18.30
N LYS SA 170 -48.75 -41.70 17.62
CA LYS SA 170 -49.09 -40.75 16.56
C LYS SA 170 -49.28 -39.35 17.11
N GLU SA 171 -50.07 -39.21 18.18
CA GLU SA 171 -50.32 -37.88 18.74
C GLU SA 171 -49.07 -37.31 19.40
N VAL SA 172 -48.32 -38.16 20.11
CA VAL SA 172 -47.08 -37.72 20.74
C VAL SA 172 -46.08 -37.27 19.69
N GLN SA 173 -45.95 -38.03 18.60
CA GLN SA 173 -45.07 -37.62 17.52
C GLN SA 173 -45.56 -36.30 16.91
N GLY SA 174 -46.88 -36.15 16.76
CA GLY SA 174 -47.41 -34.93 16.17
C GLY SA 174 -47.05 -33.70 16.96
N PHE SA 175 -47.19 -33.75 18.29
CA PHE SA 175 -46.87 -32.56 19.07
C PHE SA 175 -45.43 -32.52 19.55
N LEU SA 176 -44.62 -33.55 19.28
CA LEU SA 176 -43.20 -33.50 19.56
C LEU SA 176 -42.36 -33.10 18.36
N ASP SA 177 -42.90 -33.22 17.14
CA ASP SA 177 -42.20 -32.73 15.97
C ASP SA 177 -41.97 -31.23 16.03
N LEU SA 178 -42.91 -30.49 16.63
CA LEU SA 178 -42.73 -29.05 16.79
C LEU SA 178 -41.53 -28.74 17.67
N VAL SA 179 -41.42 -29.45 18.80
CA VAL SA 179 -40.28 -29.25 19.69
C VAL SA 179 -38.98 -29.67 19.01
N ALA SA 180 -39.02 -30.77 18.27
CA ALA SA 180 -37.82 -31.23 17.56
C ALA SA 180 -37.37 -30.20 16.53
N HIS SA 181 -38.32 -29.58 15.83
CA HIS SA 181 -37.97 -28.55 14.86
C HIS SA 181 -37.43 -27.29 15.56
N LYS SA 182 -38.04 -26.89 16.67
CA LYS SA 182 -37.61 -25.67 17.35
C LYS SA 182 -36.30 -25.85 18.11
N LEU SA 183 -35.87 -27.09 18.34
CA LEU SA 183 -34.57 -27.32 18.94
C LEU SA 183 -33.46 -26.88 17.99
N PRO SA 184 -32.30 -26.46 18.52
CA PRO SA 184 -31.23 -25.96 17.64
C PRO SA 184 -30.70 -27.01 16.68
N PHE SA 185 -30.23 -28.12 17.25
CA PHE SA 185 -29.78 -29.25 16.46
C PHE SA 185 -30.97 -29.95 15.81
N PRO SA 186 -30.76 -30.63 14.69
CA PRO SA 186 -31.83 -31.45 14.11
C PRO SA 186 -32.26 -32.52 15.10
N ALA SA 187 -33.56 -32.79 15.14
CA ALA SA 187 -34.10 -33.74 16.09
C ALA SA 187 -35.31 -34.43 15.51
N LYS SA 188 -35.63 -35.60 16.08
CA LYS SA 188 -36.76 -36.40 15.66
C LYS SA 188 -37.56 -36.83 16.89
N ALA SA 189 -38.84 -37.10 16.68
CA ALA SA 189 -39.70 -37.68 17.70
C ALA SA 189 -39.73 -39.19 17.46
N VAL SA 190 -38.93 -39.92 18.22
CA VAL SA 190 -38.76 -41.35 18.01
C VAL SA 190 -39.48 -42.10 19.14
N SER SA 191 -39.65 -43.40 18.93
CA SER SA 191 -40.15 -44.32 19.95
C SER SA 191 -39.14 -45.45 20.08
N ARG SA 192 -39.44 -46.42 20.94
CA ARG SA 192 -38.57 -47.59 21.06
C ARG SA 192 -38.52 -48.35 19.74
N GLU SA 193 -39.70 -48.58 19.14
CA GLU SA 193 -39.76 -49.32 17.89
C GLU SA 193 -39.05 -48.55 16.76
N THR SA 194 -39.28 -47.24 16.69
CA THR SA 194 -38.68 -46.44 15.62
C THR SA 194 -37.15 -46.37 15.78
N LEU SA 195 -36.68 -46.21 17.01
CA LEU SA 195 -35.24 -46.19 17.25
C LEU SA 195 -34.59 -47.52 16.90
N GLU SA 196 -35.23 -48.62 17.30
CA GLU SA 196 -34.71 -49.94 16.94
C GLU SA 196 -34.71 -50.13 15.43
N LYS SA 197 -35.77 -49.67 14.76
CA LYS SA 197 -35.86 -49.82 13.32
C LYS SA 197 -34.76 -49.05 12.61
N MET SA 198 -34.50 -47.81 13.03
CA MET SA 198 -33.45 -47.03 12.37
C MET SA 198 -32.07 -47.59 12.66
N ARG SA 199 -31.83 -48.06 13.88
CA ARG SA 199 -30.53 -48.68 14.18
C ARG SA 199 -30.32 -49.94 13.36
N LYS SA 200 -31.36 -50.78 13.24
CA LYS SA 200 -31.23 -51.99 12.44
C LYS SA 200 -31.07 -51.67 10.96
N ASP SA 201 -31.75 -50.64 10.46
CA ASP SA 201 -31.57 -50.24 9.07
C ASP SA 201 -30.15 -49.75 8.82
N GLN SA 202 -29.59 -48.98 9.76
CA GLN SA 202 -28.20 -48.54 9.63
C GLN SA 202 -27.25 -49.73 9.63
N GLU SA 203 -27.48 -50.70 10.51
CA GLU SA 203 -26.63 -51.89 10.53
C GLU SA 203 -26.74 -52.67 9.23
N GLU SA 204 -27.96 -52.80 8.68
CA GLU SA 204 -28.14 -53.51 7.43
C GLU SA 204 -27.44 -52.79 6.28
N ARG SA 205 -27.55 -51.46 6.23
CA ARG SA 205 -26.86 -50.70 5.19
C ARG SA 205 -25.36 -50.89 5.29
N GLU SA 206 -24.82 -50.81 6.50
CA GLU SA 206 -23.38 -50.99 6.70
C GLU SA 206 -22.93 -52.39 6.31
N ARG SA 207 -23.74 -53.42 6.57
CA ARG SA 207 -23.34 -54.78 6.23
C ARG SA 207 -23.50 -55.11 4.75
N ASN SA 208 -24.48 -54.53 4.05
CA ASN SA 208 -24.68 -54.84 2.64
C ASN SA 208 -24.17 -53.77 1.71
N ASN SA 209 -23.38 -52.81 2.20
CA ASN SA 209 -22.72 -51.86 1.32
C ASN SA 209 -21.88 -52.60 0.27
N GLN SA 210 -21.99 -52.17 -0.98
CA GLN SA 210 -21.44 -52.92 -2.10
C GLN SA 210 -19.98 -52.59 -2.39
N ASN SA 211 -19.62 -51.31 -2.38
CA ASN SA 211 -18.25 -50.94 -2.75
C ASN SA 211 -17.27 -51.39 -1.67
N PRO SA 212 -16.12 -51.93 -2.06
CA PRO SA 212 -15.16 -52.43 -1.06
C PRO SA 212 -14.51 -51.34 -0.24
N TRP SA 213 -14.56 -50.09 -0.69
CA TRP SA 213 -13.82 -49.00 -0.06
C TRP SA 213 -14.73 -48.28 0.93
N THR SA 214 -14.31 -48.24 2.19
CA THR SA 214 -15.06 -47.58 3.25
C THR SA 214 -14.15 -46.64 4.02
N PHE SA 215 -14.75 -45.59 4.59
CA PHE SA 215 -13.99 -44.60 5.34
C PHE SA 215 -13.27 -45.25 6.51
N GLU SA 216 -13.94 -46.15 7.23
CA GLU SA 216 -13.32 -46.80 8.38
C GLU SA 216 -12.10 -47.61 7.96
N ARG SA 217 -12.25 -48.44 6.93
CA ARG SA 217 -11.14 -49.26 6.47
C ARG SA 217 -9.96 -48.41 6.01
N ILE SA 218 -10.24 -47.38 5.20
CA ILE SA 218 -9.16 -46.56 4.68
C ILE SA 218 -8.46 -45.79 5.81
N ALA SA 219 -9.23 -45.24 6.74
CA ALA SA 219 -8.63 -44.50 7.85
C ALA SA 219 -7.80 -45.40 8.74
N THR SA 220 -8.27 -46.61 9.03
CA THR SA 220 -7.50 -47.50 9.89
C THR SA 220 -6.27 -48.05 9.19
N ALA SA 221 -6.33 -48.24 7.87
CA ALA SA 221 -5.18 -48.76 7.14
C ALA SA 221 -4.22 -47.67 6.67
N ASN SA 222 -4.58 -46.40 6.83
CA ASN SA 222 -3.75 -45.28 6.38
C ASN SA 222 -3.43 -45.40 4.88
N MET SA 223 -4.43 -45.81 4.10
CA MET SA 223 -4.25 -45.91 2.66
C MET SA 223 -4.12 -44.52 2.06
N LEU SA 224 -3.23 -44.39 1.07
CA LEU SA 224 -2.97 -43.14 0.35
C LEU SA 224 -2.43 -42.05 1.27
N GLY SA 225 -2.03 -42.40 2.48
CA GLY SA 225 -1.61 -41.39 3.44
C GLY SA 225 -2.71 -40.41 3.78
N ILE SA 226 -3.95 -40.90 3.90
CA ILE SA 226 -5.08 -40.01 4.12
C ILE SA 226 -5.14 -39.50 5.55
N ARG SA 227 -4.38 -40.10 6.47
CA ARG SA 227 -4.32 -39.60 7.83
C ARG SA 227 -3.72 -38.20 7.91
N LYS SA 228 -3.01 -37.78 6.85
CA LYS SA 228 -2.48 -36.42 6.81
C LYS SA 228 -3.59 -35.39 6.76
N VAL SA 229 -4.68 -35.67 6.05
CA VAL SA 229 -5.77 -34.72 5.91
C VAL SA 229 -6.91 -35.09 6.85
N LEU SA 230 -6.85 -36.29 7.43
CA LEU SA 230 -7.86 -36.69 8.39
C LEU SA 230 -7.50 -36.17 9.78
N SER SA 231 -8.26 -36.62 10.78
CA SER SA 231 -8.12 -36.23 12.17
C SER SA 231 -7.99 -37.46 13.06
N PRO SA 232 -7.33 -37.34 14.21
CA PRO SA 232 -7.24 -38.50 15.12
C PRO SA 232 -8.60 -38.98 15.60
N TYR SA 233 -9.62 -38.13 15.63
CA TYR SA 233 -10.96 -38.56 16.00
C TYR SA 233 -11.72 -39.19 14.84
N ASP SA 234 -11.22 -39.05 13.61
CA ASP SA 234 -11.90 -39.66 12.48
C ASP SA 234 -11.81 -41.18 12.51
N LEU SA 235 -10.79 -41.73 13.18
CA LEU SA 235 -10.69 -43.17 13.32
C LEU SA 235 -11.86 -43.74 14.10
N THR SA 236 -12.42 -42.96 15.01
CA THR SA 236 -13.60 -43.35 15.78
C THR SA 236 -14.90 -42.89 15.13
N HIS SA 237 -14.90 -41.70 14.54
CA HIS SA 237 -16.12 -41.19 13.91
C HIS SA 237 -16.48 -41.96 12.64
N LYS SA 238 -15.50 -42.54 11.97
CA LYS SA 238 -15.71 -43.34 10.77
C LYS SA 238 -16.37 -42.54 9.65
N GLY SA 239 -16.16 -41.23 9.64
CA GLY SA 239 -16.67 -40.38 8.58
C GLY SA 239 -18.13 -40.00 8.71
N ARG SA 240 -18.82 -40.47 9.75
CA ARG SA 240 -20.23 -40.14 9.94
C ARG SA 240 -20.43 -38.83 10.70
N TYR SA 241 -19.42 -38.37 11.45
CA TYR SA 241 -19.51 -37.15 12.22
C TYR SA 241 -18.46 -36.17 11.71
N TRP SA 242 -18.89 -34.96 11.39
CA TRP SA 242 -18.01 -33.90 10.89
C TRP SA 242 -18.26 -32.65 11.71
N GLY SA 243 -17.42 -32.42 12.72
CA GLY SA 243 -17.64 -31.32 13.64
C GLY SA 243 -18.82 -31.57 14.54
N LYS SA 244 -19.81 -30.68 14.50
CA LYS SA 244 -21.05 -30.87 15.24
C LYS SA 244 -22.17 -31.46 14.40
N PHE SA 245 -21.89 -31.78 13.14
CA PHE SA 245 -22.90 -32.30 12.23
C PHE SA 245 -22.75 -33.81 12.08
N TYR SA 246 -23.88 -34.51 12.12
CA TYR SA 246 -23.90 -35.96 12.02
C TYR SA 246 -24.76 -36.34 10.83
N THR SA 247 -24.21 -37.17 9.93
CA THR SA 247 -24.91 -37.58 8.72
C THR SA 247 -25.28 -39.04 8.84
N PRO SA 248 -26.55 -39.37 9.10
CA PRO SA 248 -26.90 -40.79 9.34
C PRO SA 248 -26.82 -41.67 8.11
N GLU SA 249 -26.74 -41.10 6.91
CA GLU SA 249 -26.68 -41.88 5.68
C GLU SA 249 -25.26 -42.13 5.20
N ARG SA 250 -24.26 -41.96 6.07
CA ARG SA 250 -22.86 -42.12 5.69
C ARG SA 250 -22.32 -43.50 6.07
N VAL SA 251 -23.19 -44.43 6.46
CA VAL SA 251 -22.79 -45.78 6.85
C VAL SA 251 -21.78 -45.74 7.99
N HIS TA 129 -116.53 -39.10 4.76
CA HIS TA 129 -116.60 -37.64 4.70
C HIS TA 129 -118.05 -37.17 4.58
N PHE TA 130 -118.25 -35.87 4.76
CA PHE TA 130 -119.57 -35.26 4.69
C PHE TA 130 -119.64 -34.32 3.48
N THR TA 131 -120.86 -33.91 3.15
CA THR TA 131 -121.07 -32.92 2.10
C THR TA 131 -121.97 -31.82 2.64
N VAL TA 132 -121.73 -30.59 2.21
CA VAL TA 132 -122.45 -29.42 2.70
C VAL TA 132 -123.37 -28.94 1.58
N ARG TA 133 -124.51 -28.37 1.98
CA ARG TA 133 -125.48 -27.84 1.03
C ARG TA 133 -126.10 -26.57 1.59
N LEU TA 134 -126.19 -25.55 0.74
CA LEU TA 134 -126.80 -24.27 1.10
C LEU TA 134 -128.24 -24.29 0.57
N THR TA 135 -129.21 -24.27 1.48
CA THR TA 135 -130.60 -24.46 1.09
C THR TA 135 -131.22 -23.16 0.59
N GLU TA 136 -131.28 -22.14 1.45
CA GLU TA 136 -131.86 -20.85 1.10
C GLU TA 136 -130.98 -19.73 1.60
N ALA TA 137 -130.97 -18.62 0.86
CA ALA TA 137 -130.23 -17.42 1.24
C ALA TA 137 -131.20 -16.35 1.72
N LYS TA 138 -130.93 -15.78 2.88
CA LYS TA 138 -131.80 -14.77 3.45
C LYS TA 138 -131.72 -13.48 2.65
N PRO TA 139 -132.85 -12.77 2.49
CA PRO TA 139 -132.81 -11.49 1.76
C PRO TA 139 -131.90 -10.46 2.40
N VAL TA 140 -131.83 -10.42 3.72
CA VAL TA 140 -131.01 -9.42 4.41
C VAL TA 140 -129.56 -9.86 4.61
N ASP TA 141 -129.29 -11.17 4.58
CA ASP TA 141 -127.95 -11.70 4.70
C ASP TA 141 -127.31 -11.96 3.34
N LYS TA 142 -127.94 -11.48 2.27
CA LYS TA 142 -127.37 -11.59 0.93
C LYS TA 142 -125.99 -10.94 0.88
N VAL TA 143 -125.84 -9.79 1.55
CA VAL TA 143 -124.57 -9.08 1.57
C VAL TA 143 -123.49 -9.90 2.30
N LYS TA 144 -123.84 -10.50 3.43
CA LYS TA 144 -122.83 -11.16 4.26
C LYS TA 144 -122.50 -12.56 3.78
N LEU TA 145 -123.39 -13.19 3.02
CA LEU TA 145 -123.15 -14.56 2.56
C LEU TA 145 -122.00 -14.62 1.54
N ILE TA 146 -121.92 -13.63 0.65
CA ILE TA 146 -120.97 -13.70 -0.46
C ILE TA 146 -119.54 -13.59 0.05
N LYS TA 147 -119.30 -12.71 1.03
CA LYS TA 147 -117.95 -12.55 1.56
C LYS TA 147 -117.49 -13.83 2.25
N GLU TA 148 -118.38 -14.48 3.01
CA GLU TA 148 -118.03 -15.74 3.64
C GLU TA 148 -117.76 -16.83 2.61
N ILE TA 149 -118.56 -16.88 1.54
CA ILE TA 149 -118.31 -17.85 0.48
C ILE TA 149 -116.96 -17.61 -0.16
N LYS TA 150 -116.63 -16.34 -0.42
CA LYS TA 150 -115.35 -15.99 -1.03
C LYS TA 150 -114.19 -16.39 -0.13
N SER TA 151 -114.30 -16.13 1.17
CA SER TA 151 -113.24 -16.47 2.10
C SER TA 151 -113.15 -17.96 2.37
N HIS TA 152 -114.22 -18.72 2.13
CA HIS TA 152 -114.21 -20.15 2.38
C HIS TA 152 -113.71 -20.95 1.19
N ILE TA 153 -114.17 -20.63 -0.03
CA ILE TA 153 -113.76 -21.40 -1.19
C ILE TA 153 -112.28 -21.16 -1.53
N GLN TA 154 -111.84 -19.90 -1.50
CA GLN TA 154 -110.45 -19.53 -1.75
C GLN TA 154 -110.05 -19.78 -3.20
N GLY TA 155 -110.98 -20.24 -4.02
CA GLY TA 155 -110.69 -20.52 -5.42
C GLY TA 155 -111.77 -20.06 -6.37
N ILE TA 156 -112.79 -19.40 -5.84
CA ILE TA 156 -113.92 -18.93 -6.62
C ILE TA 156 -113.81 -17.41 -6.80
N ASN TA 157 -114.51 -16.87 -7.78
CA ASN TA 157 -114.52 -15.43 -8.02
C ASN TA 157 -115.83 -14.83 -7.54
N LEU TA 158 -115.94 -13.50 -7.67
CA LEU TA 158 -117.11 -12.80 -7.14
C LEU TA 158 -118.38 -13.17 -7.89
N VAL TA 159 -118.35 -13.09 -9.22
CA VAL TA 159 -119.56 -13.36 -9.99
C VAL TA 159 -119.90 -14.84 -9.97
N GLN TA 160 -118.89 -15.71 -9.96
CA GLN TA 160 -119.16 -17.13 -9.80
C GLN TA 160 -119.79 -17.42 -8.44
N ALA TA 161 -119.31 -16.76 -7.38
CA ALA TA 161 -119.92 -16.91 -6.07
C ALA TA 161 -121.36 -16.41 -6.06
N LYS TA 162 -121.62 -15.28 -6.73
CA LYS TA 162 -122.99 -14.79 -6.81
C LYS TA 162 -123.89 -15.77 -7.53
N LYS TA 163 -123.41 -16.35 -8.64
CA LYS TA 163 -124.21 -17.35 -9.35
C LYS TA 163 -124.45 -18.57 -8.47
N LEU TA 164 -123.44 -18.99 -7.70
CA LEU TA 164 -123.59 -20.08 -6.76
C LEU TA 164 -124.68 -19.77 -5.73
N VAL TA 165 -124.72 -18.52 -5.26
CA VAL TA 165 -125.67 -18.11 -4.22
C VAL TA 165 -127.06 -17.84 -4.78
N GLU TA 166 -127.17 -17.52 -6.06
CA GLU TA 166 -128.47 -17.38 -6.70
C GLU TA 166 -129.01 -18.69 -7.28
N SER TA 167 -128.19 -19.74 -7.39
CA SER TA 167 -128.59 -20.99 -8.01
C SER TA 167 -128.91 -22.08 -6.98
N LEU TA 168 -129.27 -21.67 -5.76
CA LEU TA 168 -129.75 -22.63 -4.78
C LEU TA 168 -131.06 -23.28 -5.23
N PRO TA 169 -131.23 -24.59 -4.95
CA PRO TA 169 -130.25 -25.41 -4.22
C PRO TA 169 -129.03 -25.82 -5.05
N GLN TA 170 -127.85 -25.70 -4.47
CA GLN TA 170 -126.61 -26.00 -5.17
C GLN TA 170 -125.52 -26.32 -4.15
N GLU TA 171 -124.70 -27.34 -4.45
CA GLU TA 171 -123.66 -27.76 -3.53
C GLU TA 171 -122.55 -26.71 -3.44
N ILE TA 172 -121.92 -26.64 -2.27
CA ILE TA 172 -120.79 -25.74 -2.06
C ILE TA 172 -119.49 -26.52 -2.12
N LYS TA 173 -119.32 -27.48 -1.20
CA LYS TA 173 -118.14 -28.33 -1.18
C LYS TA 173 -118.57 -29.77 -0.93
N ALA TA 174 -117.74 -30.71 -1.40
CA ALA TA 174 -118.00 -32.13 -1.25
C ALA TA 174 -116.75 -32.83 -0.74
N ASN TA 175 -116.96 -33.99 -0.10
CA ASN TA 175 -115.89 -34.79 0.48
C ASN TA 175 -115.08 -33.99 1.51
N VAL TA 176 -115.76 -33.14 2.27
CA VAL TA 176 -115.11 -32.31 3.28
C VAL TA 176 -115.01 -33.09 4.59
N PRO TA 177 -113.90 -32.97 5.32
CA PRO TA 177 -113.81 -33.65 6.62
C PRO TA 177 -114.81 -33.10 7.63
N LYS TA 178 -114.95 -33.82 8.73
CA LYS TA 178 -116.00 -33.52 9.71
C LYS TA 178 -115.76 -32.19 10.41
N ALA TA 179 -114.54 -31.97 10.92
CA ALA TA 179 -114.26 -30.74 11.65
C ALA TA 179 -114.35 -29.53 10.73
N GLU TA 180 -113.81 -29.64 9.52
CA GLU TA 180 -113.89 -28.54 8.56
C GLU TA 180 -115.33 -28.26 8.18
N ALA TA 181 -116.13 -29.31 7.99
CA ALA TA 181 -117.55 -29.13 7.70
C ALA TA 181 -118.25 -28.41 8.84
N GLU TA 182 -117.97 -28.80 10.08
CA GLU TA 182 -118.58 -28.13 11.22
C GLU TA 182 -118.19 -26.66 11.27
N LYS TA 183 -116.90 -26.35 11.07
CA LYS TA 183 -116.46 -24.95 11.11
C LYS TA 183 -117.11 -24.13 10.01
N ILE TA 184 -117.14 -24.66 8.78
CA ILE TA 184 -117.71 -23.88 7.69
C ILE TA 184 -119.21 -23.72 7.85
N LYS TA 185 -119.92 -24.74 8.34
CA LYS TA 185 -121.36 -24.60 8.54
C LYS TA 185 -121.66 -23.61 9.66
N ALA TA 186 -120.84 -23.63 10.72
CA ALA TA 186 -121.04 -22.65 11.80
C ALA TA 186 -120.80 -21.23 11.30
N ALA TA 187 -119.72 -21.03 10.52
CA ALA TA 187 -119.44 -19.71 9.99
C ALA TA 187 -120.50 -19.25 8.98
N LEU TA 188 -121.10 -20.19 8.25
CA LEU TA 188 -122.12 -19.84 7.27
C LEU TA 188 -123.47 -19.57 7.91
N GLU TA 189 -123.78 -20.24 9.03
CA GLU TA 189 -125.03 -19.97 9.73
C GLU TA 189 -124.94 -18.77 10.67
N ALA TA 190 -123.73 -18.41 11.12
CA ALA TA 190 -123.59 -17.23 11.96
C ALA TA 190 -123.77 -15.94 11.17
N VAL TA 191 -123.72 -16.00 9.85
CA VAL TA 191 -123.91 -14.83 9.00
C VAL TA 191 -125.26 -14.84 8.31
N GLY TA 192 -126.16 -15.74 8.70
CA GLY TA 192 -127.49 -15.77 8.11
C GLY TA 192 -127.61 -16.69 6.91
N GLY TA 193 -127.23 -17.94 7.07
CA GLY TA 193 -127.34 -18.91 5.98
C GLY TA 193 -127.97 -20.20 6.46
N THR TA 194 -128.80 -20.78 5.59
CA THR TA 194 -129.45 -22.05 5.84
C THR TA 194 -128.54 -23.16 5.32
N VAL TA 195 -127.93 -23.90 6.22
CA VAL TA 195 -126.90 -24.89 5.89
C VAL TA 195 -127.37 -26.26 6.35
N VAL TA 196 -127.22 -27.25 5.48
CA VAL TA 196 -127.54 -28.64 5.82
C VAL TA 196 -126.35 -29.50 5.44
N LEU TA 197 -126.27 -30.67 6.08
CA LEU TA 197 -125.18 -31.61 5.88
C LEU TA 197 -125.74 -32.98 5.50
N GLU TA 198 -125.10 -33.63 4.53
CA GLU TA 198 -125.49 -34.96 4.12
C GLU TA 198 -124.27 -35.89 4.10
N HIS UA 93 2.38 16.03 -65.08
CA HIS UA 93 1.29 16.82 -65.65
C HIS UA 93 0.59 17.64 -64.57
N GLY UA 94 1.15 18.81 -64.26
CA GLY UA 94 0.61 19.67 -63.23
C GLY UA 94 -0.54 20.53 -63.70
N LYS UA 95 -1.72 19.94 -63.84
CA LYS UA 95 -2.88 20.68 -64.30
C LYS UA 95 -3.30 21.73 -63.29
N SER UA 96 -3.66 22.91 -63.79
CA SER UA 96 -4.05 24.03 -62.94
C SER UA 96 -5.57 24.06 -62.75
N VAL UA 97 -6.00 24.77 -61.72
CA VAL UA 97 -7.43 24.90 -61.44
C VAL UA 97 -8.07 25.82 -62.48
N THR UA 98 -9.38 25.64 -62.69
CA THR UA 98 -10.09 26.43 -63.68
C THR UA 98 -11.53 26.61 -63.24
N TRP UA 99 -12.17 27.64 -63.81
CA TRP UA 99 -13.59 27.90 -63.61
C TRP UA 99 -14.20 28.31 -64.94
N TRP UA 100 -15.50 28.54 -64.94
CA TRP UA 100 -16.21 28.80 -66.19
C TRP UA 100 -15.95 30.20 -66.74
N ASP UA 101 -15.61 31.18 -65.90
CA ASP UA 101 -15.34 32.53 -66.34
C ASP UA 101 -13.86 32.80 -66.61
N GLU UA 102 -13.00 31.81 -66.44
CA GLU UA 102 -11.56 32.06 -66.57
C GLU UA 102 -11.19 32.43 -67.99
N HIS UA 103 -11.69 31.67 -68.97
CA HIS UA 103 -11.28 31.83 -70.36
C HIS UA 103 -12.26 32.63 -71.21
N LEU UA 104 -13.44 32.94 -70.68
CA LEU UA 104 -14.40 33.71 -71.45
C LEU UA 104 -13.98 35.18 -71.55
N SER UA 105 -14.48 35.85 -72.59
CA SER UA 105 -14.16 37.23 -72.85
C SER UA 105 -15.22 38.14 -72.22
N GLU UA 106 -15.03 39.45 -72.38
CA GLU UA 106 -15.97 40.41 -71.85
C GLU UA 106 -17.29 40.39 -72.61
N GLU UA 107 -17.29 39.89 -73.85
CA GLU UA 107 -18.52 39.83 -74.65
C GLU UA 107 -19.15 38.44 -74.66
N ASN UA 108 -18.41 37.40 -74.32
CA ASN UA 108 -18.97 36.05 -74.29
C ASN UA 108 -19.65 35.72 -72.98
N VAL UA 109 -19.26 36.37 -71.88
CA VAL UA 109 -19.91 36.12 -70.60
C VAL UA 109 -21.40 36.45 -70.63
N PRO UA 110 -21.83 37.63 -71.10
CA PRO UA 110 -23.28 37.86 -71.25
C PRO UA 110 -23.93 36.89 -72.22
N PHE UA 111 -23.23 36.52 -73.29
CA PHE UA 111 -23.80 35.58 -74.25
C PHE UA 111 -24.00 34.21 -73.63
N VAL UA 112 -23.01 33.72 -72.88
CA VAL UA 112 -23.16 32.43 -72.22
C VAL UA 112 -24.28 32.49 -71.19
N LYS UA 113 -24.33 33.57 -70.42
CA LYS UA 113 -25.38 33.72 -69.41
C LYS UA 113 -26.77 33.69 -70.04
N GLN UA 114 -26.97 34.45 -71.11
CA GLN UA 114 -28.29 34.49 -71.73
C GLN UA 114 -28.62 33.18 -72.43
N LEU UA 115 -27.61 32.51 -73.00
CA LEU UA 115 -27.85 31.21 -73.62
C LEU UA 115 -28.32 30.19 -72.60
N VAL UA 116 -27.65 30.14 -71.45
CA VAL UA 116 -28.04 29.20 -70.41
C VAL UA 116 -29.41 29.56 -69.84
N SER UA 117 -29.69 30.86 -69.69
CA SER UA 117 -30.99 31.28 -69.19
C SER UA 117 -32.12 30.87 -70.15
N ASP UA 118 -31.90 31.07 -71.45
CA ASP UA 118 -32.91 30.68 -72.42
C ASP UA 118 -33.10 29.17 -72.45
N GLU UA 119 -32.01 28.40 -72.37
CA GLU UA 119 -32.14 26.95 -72.32
C GLU UA 119 -32.93 26.50 -71.10
N ASN UA 120 -32.64 27.09 -69.94
CA ASN UA 120 -33.37 26.73 -68.73
C ASN UA 120 -34.84 27.10 -68.83
N LYS UA 121 -35.14 28.26 -69.40
CA LYS UA 121 -36.53 28.66 -69.57
C LYS UA 121 -37.27 27.70 -70.49
N ALA UA 122 -36.65 27.31 -71.61
CA ALA UA 122 -37.27 26.36 -72.52
C ALA UA 122 -37.48 25.01 -71.84
N GLN UA 123 -36.48 24.54 -71.09
CA GLN UA 123 -36.60 23.24 -70.41
C GLN UA 123 -37.72 23.27 -69.38
N LEU UA 124 -37.83 24.37 -68.62
CA LEU UA 124 -38.88 24.47 -67.62
C LEU UA 124 -40.25 24.56 -68.28
N ALA UA 125 -40.34 25.27 -69.41
CA ALA UA 125 -41.63 25.40 -70.09
C ALA UA 125 -42.05 24.10 -70.77
N SER UA 126 -41.08 23.25 -71.14
CA SER UA 126 -41.41 22.01 -71.81
C SER UA 126 -42.19 21.06 -70.90
N LYS UA 127 -42.02 21.17 -69.58
CA LYS UA 127 -42.60 20.24 -68.63
C LYS UA 127 -43.91 20.75 -68.03
N LEU UA 128 -44.44 21.88 -68.51
CA LEU UA 128 -45.67 22.42 -67.95
C LEU UA 128 -46.91 21.61 -68.30
N CYS UA 129 -46.79 20.63 -69.20
CA CYS UA 129 -47.92 19.82 -69.64
C CYS UA 129 -47.54 18.35 -69.45
N PRO UA 130 -47.57 17.86 -68.20
CA PRO UA 130 -47.14 16.47 -67.96
C PRO UA 130 -48.21 15.43 -68.24
N LEU UA 131 -49.47 15.84 -68.40
CA LEU UA 131 -50.57 14.90 -68.51
C LEU UA 131 -50.95 14.59 -69.95
N LYS UA 132 -50.34 15.28 -70.93
CA LYS UA 132 -50.70 15.08 -72.33
C LYS UA 132 -49.63 14.40 -73.17
N ASP UA 133 -48.38 14.33 -72.71
CA ASP UA 133 -47.35 13.69 -73.50
C ASP UA 133 -47.40 12.17 -73.34
N GLU UA 134 -47.13 11.68 -72.13
CA GLU UA 134 -47.24 10.26 -71.83
C GLU UA 134 -47.28 10.05 -70.32
N PRO UA 135 -48.36 10.43 -69.64
CA PRO UA 135 -48.44 10.22 -68.20
C PRO UA 135 -48.57 8.74 -67.85
N TRP UA 136 -48.03 8.38 -66.70
CA TRP UA 136 -48.16 7.02 -66.22
C TRP UA 136 -49.61 6.77 -65.78
N PRO UA 137 -50.07 5.52 -65.83
CA PRO UA 137 -51.47 5.24 -65.43
C PRO UA 137 -51.74 5.65 -63.99
N ILE UA 138 -52.94 6.19 -63.78
CA ILE UA 138 -53.36 6.68 -62.47
C ILE UA 138 -54.20 5.60 -61.81
N HIS UA 139 -53.81 5.21 -60.59
CA HIS UA 139 -54.50 4.16 -59.87
C HIS UA 139 -55.46 4.75 -58.85
N PRO UA 140 -56.55 4.04 -58.53
CA PRO UA 140 -57.45 4.50 -57.48
C PRO UA 140 -56.77 4.50 -56.12
N TRP UA 141 -57.26 5.38 -55.25
CA TRP UA 141 -56.72 5.49 -53.90
C TRP UA 141 -57.04 4.23 -53.10
N GLU UA 142 -56.14 3.88 -52.20
CA GLU UA 142 -56.25 2.71 -51.34
C GLU UA 142 -56.03 3.10 -49.89
N PRO UA 143 -56.60 2.34 -48.95
CA PRO UA 143 -56.45 2.72 -47.53
C PRO UA 143 -55.02 2.77 -47.04
N GLY UA 144 -54.12 2.00 -47.63
CA GLY UA 144 -52.74 2.00 -47.19
C GLY UA 144 -51.79 2.67 -48.16
N SER UA 145 -52.25 3.72 -48.82
CA SER UA 145 -51.45 4.40 -49.83
C SER UA 145 -50.69 5.58 -49.24
N SER UA 146 -49.53 5.86 -49.81
CA SER UA 146 -48.68 6.96 -49.39
C SER UA 146 -48.36 7.84 -50.58
N ARG UA 147 -48.38 9.15 -50.36
CA ARG UA 147 -48.21 10.12 -51.43
C ARG UA 147 -46.78 10.65 -51.46
N VAL UA 148 -46.43 11.28 -52.58
CA VAL UA 148 -45.14 11.93 -52.74
C VAL UA 148 -45.22 13.29 -52.04
N GLY UA 149 -44.07 13.91 -51.81
CA GLY UA 149 -44.05 15.20 -51.15
C GLY UA 149 -43.46 16.30 -52.03
N LEU UA 150 -43.23 17.46 -51.45
CA LEU UA 150 -42.67 18.60 -52.15
C LEU UA 150 -41.43 19.10 -51.44
N ILE UA 151 -40.68 19.94 -52.15
CA ILE UA 151 -39.51 20.63 -51.59
C ILE UA 151 -39.77 22.12 -51.78
N ALA UA 152 -40.12 22.80 -50.70
CA ALA UA 152 -40.50 24.20 -50.71
C ALA UA 152 -39.39 25.06 -50.13
N LEU UA 153 -39.66 26.36 -50.02
CA LEU UA 153 -38.71 27.32 -49.47
C LEU UA 153 -39.38 28.05 -48.31
N LYS UA 154 -38.72 28.07 -47.16
CA LYS UA 154 -39.26 28.73 -45.97
C LYS UA 154 -39.12 30.23 -46.14
N LEU UA 155 -40.22 30.91 -46.47
CA LEU UA 155 -40.17 32.34 -46.70
C LEU UA 155 -40.14 33.12 -45.39
N GLY UA 156 -41.16 32.93 -44.55
CA GLY UA 156 -41.24 33.68 -43.32
C GLY UA 156 -42.40 33.22 -42.48
N MET UA 157 -42.77 34.07 -41.52
CA MET UA 157 -43.82 33.76 -40.56
C MET UA 157 -44.84 34.89 -40.57
N MET UA 158 -46.12 34.52 -40.51
CA MET UA 158 -47.21 35.48 -40.60
C MET UA 158 -48.28 35.16 -39.56
N PRO UA 159 -48.89 36.17 -38.97
CA PRO UA 159 -50.03 35.93 -38.09
C PRO UA 159 -51.26 35.52 -38.88
N LEU UA 160 -52.16 34.80 -38.21
CA LEU UA 160 -53.40 34.33 -38.80
C LEU UA 160 -54.43 34.26 -37.70
N TRP UA 161 -55.69 34.49 -38.03
CA TRP UA 161 -56.77 34.52 -37.05
C TRP UA 161 -57.85 33.53 -37.41
N THR UA 162 -58.45 32.91 -36.39
CA THR UA 162 -59.51 31.93 -36.54
C THR UA 162 -60.85 32.57 -36.19
N LYS UA 163 -61.91 32.04 -36.79
CA LYS UA 163 -63.25 32.60 -36.60
C LYS UA 163 -63.69 32.60 -35.14
N ASP UA 164 -63.09 31.77 -34.30
CA ASP UA 164 -63.39 31.77 -32.87
C ASP UA 164 -62.59 32.82 -32.10
N GLY UA 165 -61.73 33.56 -32.77
CA GLY UA 165 -61.00 34.66 -32.16
C GLY UA 165 -59.55 34.36 -31.83
N GLN UA 166 -59.14 33.10 -31.84
CA GLN UA 166 -57.76 32.77 -31.53
C GLN UA 166 -56.83 33.23 -32.64
N LYS UA 167 -55.57 33.43 -32.27
CA LYS UA 167 -54.54 33.88 -33.20
C LYS UA 167 -53.42 32.84 -33.23
N HIS UA 168 -53.16 32.30 -34.41
CA HIS UA 168 -52.05 31.39 -34.64
C HIS UA 168 -50.99 32.08 -35.48
N VAL UA 169 -49.83 31.43 -35.60
CA VAL UA 169 -48.76 31.91 -36.45
C VAL UA 169 -48.43 30.81 -37.44
N VAL UA 170 -48.32 31.17 -38.71
CA VAL UA 170 -48.11 30.20 -39.78
C VAL UA 170 -46.79 30.50 -40.47
N THR UA 171 -46.20 29.48 -41.05
CA THR UA 171 -44.98 29.59 -41.83
C THR UA 171 -45.31 29.46 -43.31
N LEU UA 172 -44.67 30.29 -44.12
CA LEU UA 172 -44.85 30.28 -45.57
C LEU UA 172 -43.84 29.35 -46.20
N LEU UA 173 -44.31 28.31 -46.88
CA LEU UA 173 -43.46 27.41 -47.64
C LEU UA 173 -43.78 27.59 -49.12
N GLN UA 174 -42.84 28.15 -49.87
CA GLN UA 174 -43.05 28.44 -51.28
C GLN UA 174 -42.42 27.34 -52.13
N VAL UA 175 -43.24 26.70 -52.96
CA VAL UA 175 -42.77 25.70 -53.91
C VAL UA 175 -42.27 26.45 -55.14
N GLN UA 176 -40.94 26.64 -55.22
CA GLN UA 176 -40.39 27.44 -56.31
C GLN UA 176 -40.38 26.66 -57.62
N ASP UA 177 -39.62 25.57 -57.68
CA ASP UA 177 -39.59 24.71 -58.85
C ASP UA 177 -39.35 23.28 -58.36
N CYS UA 178 -40.44 22.55 -58.14
CA CYS UA 178 -40.39 21.20 -57.59
C CYS UA 178 -40.67 20.20 -58.70
N HIS UA 179 -39.74 19.26 -58.89
CA HIS UA 179 -39.87 18.31 -59.98
C HIS UA 179 -39.55 16.90 -59.49
N VAL UA 180 -40.07 15.91 -60.22
CA VAL UA 180 -39.72 14.52 -59.96
C VAL UA 180 -38.56 14.15 -60.88
N LEU UA 181 -37.45 13.69 -60.29
CA LEU UA 181 -36.22 13.48 -61.03
C LEU UA 181 -36.04 12.03 -61.47
N LYS UA 182 -36.14 11.08 -60.54
CA LYS UA 182 -35.98 9.67 -60.88
C LYS UA 182 -36.91 8.83 -60.01
N TYR UA 183 -37.16 7.61 -60.47
CA TYR UA 183 -38.02 6.64 -59.80
C TYR UA 183 -37.24 5.37 -59.52
N THR UA 184 -37.43 4.81 -58.33
CA THR UA 184 -36.74 3.61 -57.92
C THR UA 184 -37.76 2.55 -57.48
N PRO UA 185 -37.69 1.34 -58.01
CA PRO UA 185 -38.70 0.33 -57.67
C PRO UA 185 -38.63 -0.10 -56.22
N LYS UA 186 -39.77 -0.61 -55.74
CA LYS UA 186 -39.90 -0.99 -54.34
C LYS UA 186 -38.93 -2.09 -53.96
N GLU UA 187 -38.84 -3.13 -54.78
CA GLU UA 187 -37.95 -4.25 -54.47
C GLU UA 187 -36.48 -3.84 -54.57
N ASN UA 188 -36.18 -2.85 -55.41
CA ASN UA 188 -34.81 -2.37 -55.57
C ASN UA 188 -34.44 -1.29 -54.56
N HIS UA 189 -35.40 -0.76 -53.81
CA HIS UA 189 -35.14 0.29 -52.85
C HIS UA 189 -35.29 -0.17 -51.41
N ASN UA 190 -36.47 -0.67 -51.03
CA ASN UA 190 -36.71 -0.99 -49.63
C ASN UA 190 -37.35 -2.37 -49.47
N GLY UA 191 -38.07 -2.83 -50.50
CA GLY UA 191 -38.85 -4.04 -50.41
C GLY UA 191 -40.23 -3.86 -49.84
N ARG UA 192 -40.57 -2.65 -49.38
CA ARG UA 192 -41.89 -2.32 -48.87
C ARG UA 192 -42.56 -1.19 -49.63
N MET UA 193 -41.81 -0.17 -50.02
CA MET UA 193 -42.36 0.97 -50.74
C MET UA 193 -41.38 1.41 -51.82
N ALA UA 194 -41.92 2.04 -52.86
CA ALA UA 194 -41.08 2.58 -53.91
C ALA UA 194 -40.52 3.94 -53.47
N ALA UA 195 -39.45 4.35 -54.14
CA ALA UA 195 -38.77 5.61 -53.82
C ALA UA 195 -38.91 6.56 -54.99
N LEU UA 196 -39.43 7.76 -54.71
CA LEU UA 196 -39.51 8.83 -55.69
C LEU UA 196 -38.55 9.94 -55.29
N THR UA 197 -37.68 10.33 -56.20
CA THR UA 197 -36.71 11.39 -55.94
C THR UA 197 -37.27 12.71 -56.43
N VAL UA 198 -37.21 13.72 -55.56
CA VAL UA 198 -37.81 15.03 -55.82
C VAL UA 198 -36.74 16.10 -55.67
N GLY UA 199 -36.68 17.01 -56.63
CA GLY UA 199 -35.71 18.10 -56.64
C GLY UA 199 -36.39 19.44 -56.49
N GLY UA 200 -35.71 20.34 -55.77
CA GLY UA 200 -36.21 21.65 -55.43
C GLY UA 200 -35.73 22.74 -56.37
N LYS UA 201 -35.41 23.90 -55.80
CA LYS UA 201 -35.19 25.10 -56.59
C LYS UA 201 -33.96 24.98 -57.49
N THR UA 202 -34.01 25.70 -58.61
CA THR UA 202 -32.97 25.63 -59.62
C THR UA 202 -31.70 26.34 -59.17
N VAL UA 203 -30.55 25.82 -59.61
CA VAL UA 203 -29.24 26.39 -59.34
C VAL UA 203 -28.49 26.55 -60.66
N SER UA 204 -27.25 27.04 -60.56
CA SER UA 204 -26.45 27.32 -61.73
C SER UA 204 -25.78 26.05 -62.26
N HIS UA 205 -25.65 25.97 -63.58
CA HIS UA 205 -24.96 24.85 -64.20
C HIS UA 205 -23.46 24.87 -63.92
N PHE UA 206 -22.89 26.06 -63.73
CA PHE UA 206 -21.44 26.23 -63.70
C PHE UA 206 -20.80 25.83 -62.39
N HIS UA 207 -21.59 25.42 -61.39
CA HIS UA 207 -21.04 25.03 -60.09
C HIS UA 207 -21.55 23.66 -59.67
N LYS UA 208 -21.81 22.78 -60.63
CA LYS UA 208 -22.21 21.41 -60.37
C LYS UA 208 -21.20 20.46 -61.00
N SER UA 209 -21.18 19.24 -60.49
CA SER UA 209 -20.21 18.25 -60.95
C SER UA 209 -20.65 17.67 -62.29
N ALA UA 210 -19.70 16.98 -62.94
CA ALA UA 210 -19.96 16.41 -64.26
C ALA UA 210 -21.06 15.36 -64.20
N SER UA 211 -21.05 14.51 -63.19
CA SER UA 211 -22.06 13.45 -63.08
C SER UA 211 -23.45 14.04 -62.86
N ILE UA 212 -23.56 15.04 -61.99
CA ILE UA 212 -24.85 15.67 -61.72
C ILE UA 212 -25.35 16.39 -62.95
N LEU UA 213 -24.47 17.11 -63.64
CA LEU UA 213 -24.87 17.81 -64.86
C LEU UA 213 -25.31 16.83 -65.94
N GLU UA 214 -24.61 15.70 -66.07
CA GLU UA 214 -25.01 14.69 -67.04
C GLU UA 214 -26.36 14.08 -66.69
N PHE UA 215 -26.60 13.82 -65.40
CA PHE UA 215 -27.89 13.28 -64.99
C PHE UA 215 -29.02 14.24 -65.33
N TYR UA 216 -28.84 15.52 -65.03
CA TYR UA 216 -29.87 16.49 -65.37
C TYR UA 216 -29.99 16.69 -66.88
N GLN UA 217 -28.92 16.48 -67.63
CA GLN UA 217 -29.00 16.58 -69.09
C GLN UA 217 -29.82 15.43 -69.67
N GLU UA 218 -29.60 14.21 -69.17
CA GLU UA 218 -30.44 13.10 -69.61
C GLU UA 218 -31.89 13.30 -69.19
N LEU UA 219 -32.12 13.80 -67.97
CA LEU UA 219 -33.48 14.02 -67.50
C LEU UA 219 -34.19 15.09 -68.33
N GLY UA 220 -33.49 16.16 -68.67
CA GLY UA 220 -34.09 17.26 -69.40
C GLY UA 220 -34.50 18.45 -68.56
N LEU UA 221 -33.93 18.62 -67.37
CA LEU UA 221 -34.26 19.72 -66.49
C LEU UA 221 -33.00 20.40 -65.99
N PRO UA 222 -33.07 21.69 -65.64
CA PRO UA 222 -31.93 22.37 -65.04
C PRO UA 222 -31.63 21.82 -63.66
N PRO UA 223 -30.39 21.94 -63.19
CA PRO UA 223 -30.03 21.35 -61.90
C PRO UA 223 -30.81 21.95 -60.74
N LYS UA 224 -31.07 21.12 -59.74
CA LYS UA 224 -31.79 21.53 -58.54
C LYS UA 224 -30.82 21.64 -57.36
N GLN UA 225 -31.25 22.39 -56.35
CA GLN UA 225 -30.41 22.58 -55.16
C GLN UA 225 -30.53 21.40 -54.21
N LYS UA 226 -31.73 21.11 -53.74
CA LYS UA 226 -31.98 20.04 -52.79
C LYS UA 226 -32.65 18.87 -53.48
N VAL UA 227 -32.18 17.66 -53.18
CA VAL UA 227 -32.72 16.43 -53.75
C VAL UA 227 -33.07 15.51 -52.58
N LYS UA 228 -34.32 15.05 -52.53
CA LYS UA 228 -34.79 14.22 -51.44
C LYS UA 228 -35.47 12.98 -51.99
N ILE UA 229 -35.63 11.98 -51.13
CA ILE UA 229 -36.25 10.71 -51.49
C ILE UA 229 -37.50 10.52 -50.64
N PHE UA 230 -38.61 10.19 -51.28
CA PHE UA 230 -39.89 9.98 -50.62
C PHE UA 230 -40.31 8.53 -50.81
N ASN UA 231 -40.76 7.91 -49.73
CA ASN UA 231 -41.25 6.54 -49.77
C ASN UA 231 -42.75 6.59 -50.06
N VAL UA 232 -43.14 6.09 -51.23
CA VAL UA 232 -44.52 6.08 -51.68
C VAL UA 232 -44.93 4.65 -51.98
N THR UA 233 -46.24 4.44 -52.11
CA THR UA 233 -46.73 3.15 -52.53
C THR UA 233 -46.67 3.02 -54.05
N GLU UA 234 -46.75 1.78 -54.53
CA GLU UA 234 -46.60 1.52 -55.95
C GLU UA 234 -47.72 2.12 -56.79
N ASN UA 235 -48.87 2.42 -56.18
CA ASN UA 235 -49.99 3.00 -56.91
C ASN UA 235 -49.94 4.52 -56.99
N ALA UA 236 -49.00 5.15 -56.29
CA ALA UA 236 -48.87 6.61 -56.28
C ALA UA 236 -47.63 7.09 -57.02
N VAL UA 237 -47.04 6.24 -57.87
CA VAL UA 237 -45.82 6.62 -58.57
C VAL UA 237 -46.15 7.65 -59.65
N ILE UA 238 -45.19 8.53 -59.90
CA ILE UA 238 -45.32 9.60 -60.88
C ILE UA 238 -44.13 9.55 -61.82
N LYS UA 239 -44.37 9.83 -63.09
CA LYS UA 239 -43.30 9.79 -64.08
C LYS UA 239 -42.25 10.86 -63.77
N PRO UA 240 -40.96 10.53 -63.86
CA PRO UA 240 -39.93 11.54 -63.63
C PRO UA 240 -40.02 12.68 -64.64
N GLY UA 241 -39.66 13.87 -64.17
CA GLY UA 241 -39.85 15.09 -64.93
C GLY UA 241 -41.16 15.79 -64.68
N THR UA 242 -42.06 15.19 -63.92
CA THR UA 242 -43.35 15.80 -63.63
C THR UA 242 -43.19 16.92 -62.63
N PRO UA 243 -43.76 18.10 -62.88
CA PRO UA 243 -43.73 19.18 -61.89
C PRO UA 243 -44.74 18.94 -60.78
N LEU UA 244 -44.49 19.58 -59.65
CA LEU UA 244 -45.37 19.51 -58.49
C LEU UA 244 -45.65 20.91 -58.00
N TYR UA 245 -46.89 21.13 -57.54
CA TYR UA 245 -47.35 22.45 -57.15
C TYR UA 245 -47.87 22.43 -55.72
N ALA UA 246 -48.07 23.62 -55.15
CA ALA UA 246 -48.54 23.72 -53.77
C ALA UA 246 -49.98 23.27 -53.63
N ALA UA 247 -50.70 23.11 -54.75
CA ALA UA 247 -52.07 22.61 -54.71
C ALA UA 247 -52.08 21.11 -54.46
N HIS UA 248 -50.89 20.51 -54.37
CA HIS UA 248 -50.77 19.11 -53.96
C HIS UA 248 -51.36 18.89 -52.57
N PHE UA 249 -51.30 19.91 -51.72
CA PHE UA 249 -51.93 19.89 -50.40
C PHE UA 249 -53.18 20.76 -50.41
N ARG UA 250 -54.08 20.51 -49.48
CA ARG UA 250 -55.34 21.24 -49.45
C ARG UA 250 -55.59 21.87 -48.09
N PRO UA 251 -56.27 23.02 -48.04
CA PRO UA 251 -56.58 23.66 -46.75
C PRO UA 251 -57.34 22.75 -45.81
N GLY UA 252 -56.69 22.39 -44.71
CA GLY UA 252 -57.23 21.45 -43.74
C GLY UA 252 -56.58 20.11 -44.01
N GLN UA 253 -55.50 19.85 -43.30
CA GLN UA 253 -54.63 18.71 -43.52
C GLN UA 253 -53.49 18.83 -42.52
N TYR UA 254 -52.81 17.72 -42.28
CA TYR UA 254 -51.64 17.72 -41.42
C TYR UA 254 -50.45 17.18 -42.20
N VAL UA 255 -49.31 17.86 -42.04
CA VAL UA 255 -48.12 17.57 -42.82
C VAL UA 255 -46.93 17.40 -41.89
N ASP UA 256 -45.90 16.75 -42.42
CA ASP UA 256 -44.62 16.57 -41.75
C ASP UA 256 -43.58 17.40 -42.49
N VAL UA 257 -42.77 18.14 -41.73
CA VAL UA 257 -41.82 19.09 -42.31
C VAL UA 257 -40.43 18.72 -41.83
N THR UA 258 -39.55 18.37 -42.77
CA THR UA 258 -38.19 17.95 -42.47
C THR UA 258 -37.21 18.98 -43.03
N ALA UA 259 -36.29 19.44 -42.19
CA ALA UA 259 -35.30 20.41 -42.65
C ALA UA 259 -34.11 20.40 -41.69
N LYS UA 260 -33.00 20.96 -42.16
CA LYS UA 260 -31.82 21.12 -41.33
C LYS UA 260 -31.99 22.35 -40.44
N THR UA 261 -31.90 22.15 -39.13
CA THR UA 261 -32.16 23.22 -38.19
C THR UA 261 -31.05 24.27 -38.21
N ILE UA 262 -31.32 25.40 -37.57
CA ILE UA 262 -30.36 26.50 -37.55
C ILE UA 262 -29.12 26.07 -36.77
N GLY UA 263 -27.99 26.01 -37.44
CA GLY UA 263 -26.76 25.57 -36.82
C GLY UA 263 -26.09 26.64 -35.98
N LYS UA 264 -25.87 26.34 -34.70
CA LYS UA 264 -25.25 27.28 -33.77
C LYS UA 264 -23.79 26.96 -33.51
N GLY UA 265 -23.20 26.04 -34.27
CA GLY UA 265 -21.79 25.75 -34.13
C GLY UA 265 -21.47 25.02 -32.84
N PHE UA 266 -20.20 25.08 -32.47
CA PHE UA 266 -19.70 24.46 -31.24
C PHE UA 266 -20.24 25.24 -30.06
N GLN UA 267 -21.29 24.73 -29.43
CA GLN UA 267 -21.94 25.40 -28.32
C GLN UA 267 -21.57 24.74 -26.99
N GLY UA 268 -21.61 25.54 -25.94
CA GLY UA 268 -21.32 25.03 -24.62
C GLY UA 268 -22.41 24.10 -24.12
N VAL UA 269 -22.10 23.42 -23.02
CA VAL UA 269 -23.03 22.43 -22.49
C VAL UA 269 -24.29 23.08 -21.97
N MET UA 270 -24.18 24.32 -21.45
CA MET UA 270 -25.34 25.00 -20.89
C MET UA 270 -26.39 25.29 -21.95
N ARG UA 271 -25.97 25.69 -23.14
CA ARG UA 271 -26.90 25.96 -24.22
C ARG UA 271 -27.26 24.72 -25.02
N ARG UA 272 -26.34 23.75 -25.09
CA ARG UA 272 -26.60 22.54 -25.87
C ARG UA 272 -27.55 21.59 -25.15
N TRP UA 273 -27.42 21.48 -23.83
CA TRP UA 273 -28.20 20.51 -23.06
C TRP UA 273 -29.06 21.14 -21.98
N GLY UA 274 -29.03 22.46 -21.83
CA GLY UA 274 -29.83 23.09 -20.80
C GLY UA 274 -29.36 22.86 -19.39
N PHE UA 275 -28.07 22.57 -19.21
CA PHE UA 275 -27.54 22.31 -17.88
C PHE UA 275 -27.56 23.59 -17.04
N LYS UA 276 -27.89 23.45 -15.77
CA LYS UA 276 -27.77 24.56 -14.85
C LYS UA 276 -26.30 24.86 -14.59
N GLY UA 277 -25.95 26.14 -14.51
CA GLY UA 277 -24.60 26.55 -14.22
C GLY UA 277 -24.33 26.62 -12.73
N GLN UA 278 -23.09 26.89 -12.40
CA GLN UA 278 -22.69 27.13 -11.02
C GLN UA 278 -23.13 28.53 -10.59
N PRO UA 279 -23.24 28.79 -9.29
CA PRO UA 279 -23.59 30.13 -8.83
C PRO UA 279 -22.63 31.18 -9.36
N ALA UA 280 -23.08 32.44 -9.33
CA ALA UA 280 -22.37 33.50 -10.03
C ALA UA 280 -21.24 34.09 -9.20
N THR UA 281 -21.50 34.40 -7.92
CA THR UA 281 -20.58 35.26 -7.20
C THR UA 281 -20.27 34.81 -5.77
N HIS UA 282 -20.69 33.63 -5.34
CA HIS UA 282 -20.49 33.21 -3.95
C HIS UA 282 -19.14 32.55 -3.73
N GLY UA 283 -18.15 32.86 -4.55
CA GLY UA 283 -16.80 32.33 -4.39
C GLY UA 283 -16.32 31.44 -5.50
N GLN UA 284 -17.18 31.09 -6.46
CA GLN UA 284 -16.79 30.17 -7.52
C GLN UA 284 -15.67 30.76 -8.37
N THR UA 285 -14.69 29.92 -8.71
CA THR UA 285 -13.52 30.34 -9.48
C THR UA 285 -13.53 29.62 -10.82
N LYS UA 286 -13.84 30.36 -11.88
CA LYS UA 286 -13.73 29.88 -13.26
C LYS UA 286 -14.53 28.61 -13.48
N THR UA 287 -15.76 28.57 -12.95
CA THR UA 287 -16.62 27.41 -13.12
C THR UA 287 -18.08 27.78 -13.38
N HIS UA 288 -18.35 29.01 -13.81
CA HIS UA 288 -19.72 29.49 -13.90
C HIS UA 288 -20.55 28.78 -14.96
N ARG UA 289 -19.91 28.09 -15.90
CA ARG UA 289 -20.66 27.43 -16.97
C ARG UA 289 -20.13 26.04 -17.29
N ARG UA 290 -19.25 25.48 -16.47
CA ARG UA 290 -18.71 24.16 -16.74
C ARG UA 290 -19.76 23.08 -16.44
N PRO UA 291 -19.66 21.92 -17.12
CA PRO UA 291 -20.64 20.85 -16.88
C PRO UA 291 -20.57 20.24 -15.48
N GLY UA 292 -19.45 20.39 -14.78
CA GLY UA 292 -19.30 19.77 -13.48
C GLY UA 292 -18.80 18.34 -13.59
N ALA UA 293 -19.26 17.47 -12.70
CA ALA UA 293 -18.87 16.06 -12.76
C ALA UA 293 -19.44 15.39 -14.00
N ILE UA 294 -18.63 14.59 -14.67
CA ILE UA 294 -19.03 13.95 -15.92
C ILE UA 294 -19.21 12.45 -15.79
N SER UA 295 -18.74 11.83 -14.72
CA SER UA 295 -18.88 10.39 -14.54
C SER UA 295 -18.74 10.07 -13.05
N THR UA 296 -18.54 8.79 -12.76
CA THR UA 296 -18.44 8.29 -11.40
C THR UA 296 -17.04 7.74 -11.15
N GLY UA 297 -16.59 7.83 -9.90
CA GLY UA 297 -15.22 7.46 -9.58
C GLY UA 297 -14.92 5.99 -9.83
N ASP UA 298 -15.85 5.10 -9.48
CA ASP UA 298 -15.59 3.67 -9.58
C ASP UA 298 -15.51 3.22 -11.03
N VAL UA 299 -16.31 3.83 -11.91
CA VAL UA 299 -16.34 3.42 -13.31
C VAL UA 299 -15.00 3.65 -13.99
N ALA UA 300 -14.26 4.68 -13.55
CA ALA UA 300 -12.94 5.00 -14.09
C ALA UA 300 -12.98 5.31 -15.58
N ARG UA 301 -14.13 5.78 -16.06
CA ARG UA 301 -14.32 6.16 -17.45
C ARG UA 301 -15.64 6.91 -17.53
N VAL UA 302 -15.88 7.53 -18.67
CA VAL UA 302 -17.12 8.26 -18.93
C VAL UA 302 -17.95 7.47 -19.94
N TRP UA 303 -19.25 7.38 -19.69
CA TRP UA 303 -20.12 6.58 -20.52
C TRP UA 303 -20.28 7.21 -21.90
N PRO UA 304 -20.56 6.40 -22.93
CA PRO UA 304 -20.73 6.95 -24.28
C PRO UA 304 -21.90 7.91 -24.42
N GLY UA 305 -22.86 7.90 -23.51
CA GLY UA 305 -24.00 8.80 -23.62
C GLY UA 305 -23.82 10.11 -22.88
N THR UA 306 -22.57 10.44 -22.56
CA THR UA 306 -22.29 11.65 -21.76
C THR UA 306 -22.61 12.90 -22.57
N LYS UA 307 -23.25 13.88 -21.92
CA LYS UA 307 -23.59 15.14 -22.54
C LYS UA 307 -22.43 16.11 -22.35
N MET UA 308 -21.80 16.51 -23.45
CA MET UA 308 -20.60 17.32 -23.43
C MET UA 308 -20.73 18.39 -24.51
N PRO UA 309 -19.97 19.49 -24.40
CA PRO UA 309 -20.03 20.53 -25.42
C PRO UA 309 -19.65 20.01 -26.79
N GLY UA 310 -20.29 20.56 -27.81
CA GLY UA 310 -20.02 20.15 -29.17
C GLY UA 310 -20.90 20.88 -30.14
N GLN UA 311 -21.03 20.31 -31.34
CA GLN UA 311 -21.85 20.91 -32.39
C GLN UA 311 -23.31 20.93 -31.95
N LEU UA 312 -24.01 22.00 -32.32
CA LEU UA 312 -25.43 22.14 -32.00
C LEU UA 312 -26.13 22.87 -33.14
N GLY UA 313 -27.13 22.21 -33.74
CA GLY UA 313 -28.03 22.89 -34.64
C GLY UA 313 -28.06 22.42 -36.08
N ASN UA 314 -26.91 22.13 -36.67
CA ASN UA 314 -26.84 21.80 -38.10
C ASN UA 314 -27.12 20.31 -38.29
N ILE UA 315 -28.35 19.91 -37.99
CA ILE UA 315 -28.79 18.53 -38.12
C ILE UA 315 -30.23 18.52 -38.63
N ASP UA 316 -30.61 17.40 -39.23
CA ASP UA 316 -31.93 17.27 -39.83
C ASP UA 316 -32.96 16.93 -38.75
N ARG UA 317 -34.04 17.70 -38.70
CA ARG UA 317 -35.11 17.49 -37.76
C ARG UA 317 -36.45 17.60 -38.47
N THR UA 318 -37.44 16.91 -37.92
CA THR UA 318 -38.78 16.82 -38.51
C THR UA 318 -39.81 17.27 -37.49
N ALA UA 319 -40.68 18.19 -37.91
CA ALA UA 319 -41.86 18.59 -37.15
C ALA UA 319 -43.06 17.82 -37.67
N PHE UA 320 -43.81 17.22 -36.76
CA PHE UA 320 -44.90 16.33 -37.11
C PHE UA 320 -46.25 17.00 -36.85
N GLY UA 321 -47.21 16.73 -37.73
CA GLY UA 321 -48.57 17.19 -37.53
C GLY UA 321 -48.76 18.69 -37.58
N LEU UA 322 -48.17 19.37 -38.56
CA LEU UA 322 -48.40 20.79 -38.75
C LEU UA 322 -49.63 20.97 -39.63
N LYS UA 323 -50.60 21.76 -39.17
CA LYS UA 323 -51.83 21.96 -39.91
C LYS UA 323 -51.62 22.93 -41.07
N VAL UA 324 -52.29 22.64 -42.19
CA VAL UA 324 -52.28 23.51 -43.36
C VAL UA 324 -53.53 24.38 -43.31
N TRP UA 325 -53.33 25.69 -43.25
CA TRP UA 325 -54.45 26.63 -43.12
C TRP UA 325 -54.85 27.26 -44.45
N ARG UA 326 -53.90 27.49 -45.35
CA ARG UA 326 -54.16 28.30 -46.53
C ARG UA 326 -53.22 27.89 -47.64
N ILE UA 327 -53.72 27.93 -48.88
CA ILE UA 327 -52.92 27.61 -50.06
C ILE UA 327 -53.06 28.76 -51.05
N ASN UA 328 -51.95 29.41 -51.35
CA ASN UA 328 -51.90 30.44 -52.38
C ASN UA 328 -51.43 29.78 -53.68
N THR UA 329 -52.37 29.60 -54.61
CA THR UA 329 -52.07 28.90 -55.85
C THR UA 329 -51.27 29.75 -56.83
N LYS UA 330 -51.50 31.07 -56.84
CA LYS UA 330 -50.79 31.93 -57.77
C LYS UA 330 -49.29 31.91 -57.51
N HIS UA 331 -48.89 32.00 -56.24
CA HIS UA 331 -47.48 31.98 -55.87
C HIS UA 331 -47.00 30.63 -55.38
N ASN UA 332 -47.88 29.63 -55.33
CA ASN UA 332 -47.53 28.28 -54.88
C ASN UA 332 -46.93 28.32 -53.47
N ILE UA 333 -47.76 28.71 -52.51
CA ILE UA 333 -47.31 28.88 -51.13
C ILE UA 333 -48.28 28.18 -50.18
N ILE UA 334 -47.72 27.46 -49.21
CA ILE UA 334 -48.47 26.73 -48.20
C ILE UA 334 -48.32 27.46 -46.87
N TYR UA 335 -49.42 27.63 -46.15
CA TYR UA 335 -49.46 28.27 -44.85
C TYR UA 335 -49.54 27.15 -43.81
N VAL UA 336 -48.38 26.73 -43.28
CA VAL UA 336 -48.35 25.60 -42.35
C VAL UA 336 -48.36 26.12 -40.92
N ASN UA 337 -49.15 25.47 -40.06
CA ASN UA 337 -49.28 25.93 -38.69
C ASN UA 337 -47.97 25.79 -37.93
N GLY UA 338 -47.74 26.74 -37.02
CA GLY UA 338 -46.61 26.65 -36.11
C GLY UA 338 -45.29 26.96 -36.77
N SER UA 339 -44.23 26.52 -36.11
CA SER UA 339 -42.86 26.78 -36.54
C SER UA 339 -42.36 25.67 -37.46
N VAL UA 340 -41.31 25.99 -38.19
CA VAL UA 340 -40.68 25.05 -39.13
C VAL UA 340 -39.18 25.02 -38.85
N PRO UA 341 -38.58 23.84 -38.69
CA PRO UA 341 -37.14 23.79 -38.46
C PRO UA 341 -36.36 24.37 -39.64
N GLY UA 342 -35.27 25.05 -39.32
CA GLY UA 342 -34.42 25.63 -40.33
C GLY UA 342 -34.59 27.15 -40.42
N HIS UA 343 -33.55 27.79 -40.93
CA HIS UA 343 -33.57 29.23 -41.13
C HIS UA 343 -34.48 29.60 -42.29
N LYS UA 344 -34.80 30.88 -42.40
CA LYS UA 344 -35.62 31.34 -43.51
C LYS UA 344 -34.85 31.22 -44.82
N ASN UA 345 -35.61 31.10 -45.91
CA ASN UA 345 -35.05 30.91 -47.25
C ASN UA 345 -34.19 29.64 -47.33
N CYS UA 346 -34.64 28.58 -46.66
CA CYS UA 346 -33.99 27.28 -46.74
C CYS UA 346 -34.92 26.29 -47.43
N LEU UA 347 -34.34 25.24 -47.99
CA LEU UA 347 -35.11 24.22 -48.66
C LEU UA 347 -35.69 23.26 -47.64
N VAL UA 348 -37.00 23.02 -47.72
CA VAL UA 348 -37.76 22.27 -46.73
C VAL UA 348 -38.47 21.12 -47.42
N LYS UA 349 -38.30 19.92 -46.88
CA LYS UA 349 -38.96 18.73 -47.40
C LYS UA 349 -40.28 18.54 -46.67
N ILE UA 350 -41.39 18.68 -47.39
CA ILE UA 350 -42.72 18.62 -46.81
C ILE UA 350 -43.46 17.41 -47.39
N LYS UA 351 -44.18 16.71 -46.53
CA LYS UA 351 -44.94 15.53 -46.94
C LYS UA 351 -46.14 15.38 -46.02
N ASP UA 352 -46.99 14.41 -46.33
CA ASP UA 352 -48.17 14.15 -45.52
C ASP UA 352 -47.78 13.65 -44.14
N SER UA 353 -48.62 13.95 -43.15
CA SER UA 353 -48.34 13.56 -41.78
C SER UA 353 -48.39 12.05 -41.63
N LYS UA 354 -47.41 11.50 -40.91
CA LYS UA 354 -47.30 10.06 -40.69
C LYS UA 354 -47.80 9.65 -39.31
N LEU UA 355 -48.39 10.58 -38.56
CA LEU UA 355 -48.94 10.23 -37.27
C LEU UA 355 -50.17 9.33 -37.44
N PRO UA 356 -50.39 8.39 -36.53
CA PRO UA 356 -51.54 7.48 -36.67
C PRO UA 356 -52.89 8.20 -36.62
N ALA UA 357 -52.96 9.39 -36.05
CA ALA UA 357 -54.22 10.11 -35.99
C ALA UA 357 -54.61 10.71 -37.34
N TYR UA 358 -53.65 10.87 -38.26
CA TYR UA 358 -53.91 11.44 -39.58
C TYR UA 358 -53.43 10.49 -40.67
N LYS UA 359 -53.78 9.21 -40.53
CA LYS UA 359 -53.32 8.21 -41.50
C LYS UA 359 -54.17 8.20 -42.77
N ASP UA 360 -55.48 8.38 -42.65
CA ASP UA 360 -56.39 8.18 -43.78
C ASP UA 360 -57.07 9.47 -44.23
N PHE UA 361 -56.38 10.61 -44.14
CA PHE UA 361 -56.89 11.82 -44.75
C PHE UA 361 -56.42 12.00 -46.19
N CYS UA 362 -55.71 11.02 -46.75
CA CYS UA 362 -55.34 11.03 -48.15
C CYS UA 362 -56.53 10.74 -49.07
N LYS UA 363 -57.66 10.32 -48.51
CA LYS UA 363 -58.82 9.96 -49.34
C LYS UA 363 -59.35 11.17 -50.10
N ASN UA 364 -59.56 12.28 -49.40
CA ASN UA 364 -60.16 13.46 -50.03
C ASN UA 364 -59.16 14.28 -50.83
N LEU UA 365 -57.87 14.07 -50.61
CA LEU UA 365 -56.84 14.82 -51.31
C LEU UA 365 -56.59 14.22 -52.70
N PRO UA 366 -56.05 15.01 -53.62
CA PRO UA 366 -55.67 14.45 -54.93
C PRO UA 366 -54.59 13.39 -54.76
N PHE UA 367 -54.93 12.15 -55.17
CA PHE UA 367 -54.07 11.03 -54.81
C PHE UA 367 -52.74 11.02 -55.56
N PRO UA 368 -52.71 10.91 -56.91
CA PRO UA 368 -51.39 10.84 -57.57
C PRO UA 368 -50.60 12.13 -57.36
N THR UA 369 -51.17 13.24 -57.80
CA THR UA 369 -50.70 14.59 -57.52
C THR UA 369 -51.75 15.55 -58.06
N TYR UA 370 -51.47 16.85 -58.00
CA TYR UA 370 -52.35 17.84 -58.59
C TYR UA 370 -51.89 18.14 -60.02
N PHE UA 371 -52.81 18.01 -60.97
CA PHE UA 371 -52.52 18.31 -62.36
C PHE UA 371 -53.31 19.54 -62.78
N PRO UA 372 -52.70 20.71 -62.91
CA PRO UA 372 -53.45 21.91 -63.30
C PRO UA 372 -54.02 21.83 -64.71
N ASP UA 373 -53.46 20.98 -65.57
CA ASP UA 373 -53.90 20.87 -66.95
C ASP UA 373 -54.95 19.78 -67.16
N GLY UA 374 -55.40 19.13 -66.11
CA GLY UA 374 -56.38 18.07 -66.24
C GLY UA 374 -57.81 18.52 -65.97
N ASP UA 375 -57.99 19.32 -64.91
CA ASP UA 375 -59.33 19.78 -64.56
C ASP UA 375 -59.89 20.76 -65.59
N GLU UA 376 -59.02 21.45 -66.32
CA GLU UA 376 -59.41 22.47 -67.28
C GLU UA 376 -60.25 23.57 -66.63
N GLU UA 377 -59.97 23.85 -65.36
CA GLU UA 377 -60.64 24.92 -64.63
C GLU UA 377 -59.71 25.41 -63.55
N ALA UA 378 -59.37 26.70 -63.59
CA ALA UA 378 -58.36 27.23 -62.69
C ALA UA 378 -58.84 27.22 -61.24
N LEU UA 379 -57.95 26.83 -60.34
CA LEU UA 379 -58.24 26.89 -58.92
C LEU UA 379 -58.30 28.35 -58.46
N PRO UA 380 -59.00 28.62 -57.35
CA PRO UA 380 -59.00 29.97 -56.80
C PRO UA 380 -57.60 30.40 -56.39
N GLU UA 381 -57.37 31.71 -56.40
CA GLU UA 381 -56.06 32.24 -56.07
C GLU UA 381 -55.67 31.88 -54.64
N ASP UA 382 -56.61 31.96 -53.71
CA ASP UA 382 -56.39 31.55 -52.33
C ASP UA 382 -57.46 30.56 -51.92
N LEU UA 383 -57.02 29.41 -51.40
CA LEU UA 383 -57.91 28.41 -50.83
C LEU UA 383 -57.73 28.43 -49.33
N TYR UA 384 -58.81 28.69 -48.60
CA TYR UA 384 -58.77 28.84 -47.15
C TYR UA 384 -59.39 27.62 -46.48
N ASP UA 385 -59.14 27.52 -45.17
CA ASP UA 385 -59.76 26.49 -44.34
C ASP UA 385 -61.14 26.98 -43.89
N GLU UA 386 -61.88 26.09 -43.23
CA GLU UA 386 -63.23 26.42 -42.79
C GLU UA 386 -63.26 27.31 -41.56
N ASN UA 387 -62.12 27.56 -40.92
CA ASN UA 387 -62.08 28.39 -39.73
C ASN UA 387 -61.16 29.60 -39.86
N VAL UA 388 -60.51 29.78 -41.01
CA VAL UA 388 -59.60 30.91 -41.19
C VAL UA 388 -60.41 32.19 -41.39
N CYS UA 389 -60.06 33.23 -40.65
CA CYS UA 389 -60.62 34.55 -40.89
C CYS UA 389 -59.96 35.15 -42.12
N GLN UA 390 -60.67 35.18 -43.23
CA GLN UA 390 -60.11 35.69 -44.47
C GLN UA 390 -59.90 37.20 -44.36
N PRO UA 391 -58.96 37.75 -45.13
CA PRO UA 391 -58.72 39.20 -45.07
C PRO UA 391 -59.97 40.02 -45.38
N GLY UA 392 -60.78 39.60 -46.33
CA GLY UA 392 -62.07 40.22 -46.56
C GLY UA 392 -63.13 39.55 -45.72
N ALA UA 393 -63.43 40.14 -44.57
CA ALA UA 393 -64.32 39.53 -43.58
C ALA UA 393 -65.25 40.59 -43.04
N PRO UA 394 -66.40 40.19 -42.51
CA PRO UA 394 -67.34 41.18 -41.95
C PRO UA 394 -66.93 41.70 -40.57
N SER UA 395 -65.66 41.49 -40.19
CA SER UA 395 -65.14 41.92 -38.89
C SER UA 395 -65.95 41.27 -37.75
N ILE UA 396 -65.77 39.95 -37.67
CA ILE UA 396 -66.59 39.06 -36.84
C ILE UA 396 -66.91 39.64 -35.47
N THR UA 397 -68.19 39.61 -35.11
CA THR UA 397 -68.67 40.04 -33.81
C THR UA 397 -69.39 38.87 -33.14
N PHE UA 398 -69.25 38.78 -31.82
CA PHE UA 398 -69.83 37.67 -31.08
C PHE UA 398 -71.29 37.96 -30.73
N THR UA 399 -72.09 36.90 -30.72
CA THR UA 399 -73.52 37.02 -30.45
C THR UA 399 -73.88 36.42 -29.10
N PRO VA 45 100.48 -25.60 -19.32
CA PRO VA 45 100.32 -25.81 -17.87
C PRO VA 45 98.86 -25.86 -17.45
N PRO VA 46 98.34 -27.05 -17.20
CA PRO VA 46 96.94 -27.17 -16.76
C PRO VA 46 96.73 -26.51 -15.41
N VAL VA 47 95.55 -25.93 -15.22
CA VAL VA 47 95.14 -25.34 -13.95
C VAL VA 47 94.05 -26.20 -13.35
N LEU VA 48 94.27 -26.68 -12.14
CA LEU VA 48 93.39 -27.63 -11.48
C LEU VA 48 92.93 -27.05 -10.15
N ARG VA 49 91.63 -27.10 -9.90
CA ARG VA 49 91.06 -26.53 -8.69
C ARG VA 49 90.31 -27.61 -7.91
N LYS VA 50 90.67 -27.77 -6.63
CA LYS VA 50 90.04 -28.73 -5.74
C LYS VA 50 89.16 -28.01 -4.73
N CYS VA 51 88.15 -28.72 -4.24
CA CYS VA 51 87.25 -28.15 -3.24
C CYS VA 51 88.00 -27.92 -1.94
N GLU VA 52 87.83 -26.74 -1.36
CA GLU VA 52 88.52 -26.35 -0.14
C GLU VA 52 87.71 -26.60 1.12
N LEU VA 53 86.53 -27.19 1.01
CA LEU VA 53 85.67 -27.43 2.15
C LEU VA 53 85.29 -28.90 2.22
N PRO VA 54 84.98 -29.42 3.42
CA PRO VA 54 84.65 -30.85 3.55
C PRO VA 54 83.42 -31.22 2.74
N VAL VA 55 83.61 -32.15 1.82
CA VAL VA 55 82.54 -32.66 0.98
C VAL VA 55 81.92 -33.87 1.66
N PRO VA 56 80.60 -33.96 1.75
CA PRO VA 56 79.98 -35.15 2.37
C PRO VA 56 80.37 -36.41 1.62
N ALA VA 57 80.53 -37.50 2.37
CA ALA VA 57 81.01 -38.75 1.79
C ALA VA 57 80.04 -39.33 0.78
N HIS VA 58 78.75 -39.04 0.92
CA HIS VA 58 77.73 -39.61 0.05
C HIS VA 58 77.54 -38.82 -1.23
N ARG VA 59 78.23 -37.69 -1.39
CA ARG VA 59 78.13 -36.87 -2.59
C ARG VA 59 79.51 -36.61 -3.16
N ARG VA 60 79.62 -36.66 -4.47
CA ARG VA 60 80.89 -36.37 -5.12
C ARG VA 60 80.87 -34.97 -5.72
N PRO VA 61 82.00 -34.27 -5.72
CA PRO VA 61 82.04 -32.93 -6.31
C PRO VA 61 81.78 -32.98 -7.81
N VAL VA 62 81.16 -31.93 -8.33
CA VAL VA 62 80.83 -31.84 -9.74
C VAL VA 62 81.97 -31.13 -10.47
N GLN VA 63 82.42 -31.71 -11.57
CA GLN VA 63 83.56 -31.17 -12.30
C GLN VA 63 83.09 -30.18 -13.36
N ALA VA 64 83.94 -29.20 -13.63
CA ALA VA 64 83.64 -28.17 -14.62
C ALA VA 64 84.91 -27.76 -15.34
N TRP VA 65 84.75 -27.32 -16.58
CA TRP VA 65 85.87 -26.82 -17.36
C TRP VA 65 86.26 -25.43 -16.90
N ILE VA 66 87.53 -25.09 -17.09
CA ILE VA 66 88.05 -23.76 -16.79
C ILE VA 66 88.55 -23.20 -18.12
N GLU VA 67 87.87 -22.15 -18.60
CA GLU VA 67 88.19 -21.53 -19.87
C GLU VA 67 89.13 -20.35 -19.66
N SER VA 68 89.46 -19.67 -20.76
CA SER VA 68 90.25 -18.46 -20.71
C SER VA 68 89.67 -17.45 -21.68
N LEU VA 69 89.78 -16.17 -21.33
CA LEU VA 69 89.21 -15.09 -22.12
C LEU VA 69 90.22 -14.47 -23.08
N ARG VA 70 91.41 -15.05 -23.20
CA ARG VA 70 92.45 -14.46 -24.05
C ARG VA 70 92.24 -14.87 -25.51
N GLY VA 71 92.15 -16.17 -25.78
CA GLY VA 71 92.03 -16.66 -27.14
C GLY VA 71 90.64 -17.17 -27.45
N TYR VA 72 90.31 -17.16 -28.74
CA TYR VA 72 89.00 -17.62 -29.18
C TYR VA 72 88.86 -19.13 -29.02
N GLU VA 73 89.85 -19.88 -29.50
CA GLU VA 73 89.72 -21.33 -29.59
C GLU VA 73 90.05 -22.03 -28.28
N GLN VA 74 90.86 -21.42 -27.42
CA GLN VA 74 91.27 -22.08 -26.17
C GLN VA 74 90.12 -22.03 -25.18
N GLU VA 75 89.24 -23.04 -25.29
CA GLU VA 75 88.09 -23.16 -24.41
C GLU VA 75 88.27 -24.22 -23.32
N ARG VA 76 89.37 -24.97 -23.36
CA ARG VA 76 89.67 -26.00 -22.36
C ARG VA 76 91.08 -25.75 -21.84
N VAL VA 77 91.18 -25.01 -20.74
CA VAL VA 77 92.46 -24.67 -20.16
C VAL VA 77 92.69 -25.37 -18.82
N GLY VA 78 91.64 -25.65 -18.06
CA GLY VA 78 91.81 -26.32 -16.79
C GLY VA 78 90.57 -27.07 -16.36
N LEU VA 79 90.63 -27.64 -15.17
CA LEU VA 79 89.52 -28.40 -14.61
C LEU VA 79 89.34 -28.04 -13.14
N THR VA 80 88.08 -27.90 -12.72
CA THR VA 80 87.76 -27.48 -11.36
C THR VA 80 86.69 -28.39 -10.78
N GLU VA 81 86.69 -28.49 -9.45
CA GLU VA 81 85.69 -29.24 -8.71
C GLU VA 81 84.84 -28.28 -7.89
N LEU VA 82 83.53 -28.50 -7.91
CA LEU VA 82 82.57 -27.64 -7.23
C LEU VA 82 81.75 -28.46 -6.25
N HIS VA 83 81.43 -27.86 -5.10
CA HIS VA 83 80.72 -28.57 -4.05
C HIS VA 83 79.33 -28.95 -4.54
N PRO VA 84 78.87 -30.19 -4.30
CA PRO VA 84 77.50 -30.54 -4.69
C PRO VA 84 76.43 -29.74 -3.96
N ASP VA 85 76.73 -29.27 -2.75
CA ASP VA 85 75.78 -28.51 -1.95
C ASP VA 85 75.69 -27.05 -2.36
N VAL VA 86 76.37 -26.66 -3.43
CA VAL VA 86 76.25 -25.32 -4.01
C VAL VA 86 75.86 -25.38 -5.48
N PHE VA 87 76.60 -26.14 -6.27
CA PHE VA 87 76.37 -26.24 -7.70
C PHE VA 87 75.59 -27.50 -8.09
N SER VA 88 75.20 -28.34 -7.15
CA SER VA 88 74.48 -29.56 -7.49
C SER VA 88 73.36 -29.86 -6.50
N THR VA 89 72.82 -28.83 -5.85
CA THR VA 89 71.62 -29.03 -5.02
C THR VA 89 70.40 -29.33 -5.90
N ALA VA 90 69.30 -29.63 -5.24
CA ALA VA 90 68.06 -29.88 -5.97
C ALA VA 90 67.50 -28.56 -6.52
N PRO VA 91 67.03 -28.55 -7.76
CA PRO VA 91 66.49 -27.31 -8.33
C PRO VA 91 65.11 -26.97 -7.77
N ARG VA 92 65.03 -25.90 -7.00
CA ARG VA 92 63.78 -25.43 -6.40
C ARG VA 92 63.32 -24.20 -7.18
N LEU VA 93 62.53 -24.44 -8.23
CA LEU VA 93 62.00 -23.34 -9.02
C LEU VA 93 61.05 -22.48 -8.20
N ASP VA 94 60.33 -23.07 -7.24
CA ASP VA 94 59.50 -22.27 -6.35
C ASP VA 94 60.33 -21.32 -5.50
N ILE VA 95 61.48 -21.79 -5.00
CA ILE VA 95 62.36 -20.93 -4.23
C ILE VA 95 62.97 -19.85 -5.12
N LEU VA 96 63.30 -20.21 -6.37
CA LEU VA 96 63.77 -19.20 -7.32
C LEU VA 96 62.72 -18.11 -7.54
N HIS VA 97 61.46 -18.52 -7.72
CA HIS VA 97 60.41 -17.54 -7.90
C HIS VA 97 60.23 -16.67 -6.67
N GLN VA 98 60.29 -17.28 -5.48
CA GLN VA 98 60.18 -16.50 -4.25
C GLN VA 98 61.28 -15.45 -4.17
N VAL VA 99 62.51 -15.85 -4.44
CA VAL VA 99 63.64 -14.92 -4.33
C VAL VA 99 63.54 -13.83 -5.39
N ALA VA 100 63.14 -14.19 -6.62
CA ALA VA 100 63.03 -13.19 -7.68
C ALA VA 100 61.95 -12.17 -7.36
N ILE VA 101 60.79 -12.63 -6.87
CA ILE VA 101 59.72 -11.71 -6.50
C ILE VA 101 60.15 -10.82 -5.33
N TRP VA 102 60.84 -11.40 -4.34
CA TRP VA 102 61.33 -10.59 -3.23
C TRP VA 102 62.29 -9.52 -3.73
N GLN VA 103 63.21 -9.88 -4.61
CA GLN VA 103 64.15 -8.91 -5.14
C GLN VA 103 63.43 -7.79 -5.89
N LYS VA 104 62.42 -8.16 -6.68
CA LYS VA 104 61.67 -7.15 -7.41
C LYS VA 104 60.88 -6.23 -6.47
N ASN VA 105 60.43 -6.75 -5.32
CA ASN VA 105 59.41 -6.05 -4.55
C ASN VA 105 59.91 -5.32 -3.32
N PHE VA 106 60.95 -5.79 -2.61
CA PHE VA 106 61.19 -5.22 -1.28
C PHE VA 106 61.61 -3.75 -1.40
N LYS VA 107 62.27 -3.40 -2.51
CA LYS VA 107 62.74 -2.04 -2.74
C LYS VA 107 61.65 -1.11 -3.24
N ARG VA 108 60.46 -1.63 -3.53
CA ARG VA 108 59.43 -0.82 -4.16
C ARG VA 108 58.79 0.12 -3.15
N ILE VA 109 58.65 1.39 -3.54
CA ILE VA 109 57.88 2.38 -2.80
C ILE VA 109 57.03 3.10 -3.83
N SER VA 110 55.72 2.91 -3.76
CA SER VA 110 54.80 3.51 -4.73
C SER VA 110 54.45 4.93 -4.28
N TYR VA 111 54.84 5.92 -5.08
CA TYR VA 111 54.56 7.31 -4.77
C TYR VA 111 53.24 7.77 -5.39
N ALA VA 112 52.17 7.01 -5.14
CA ALA VA 112 50.85 7.32 -5.65
C ALA VA 112 49.96 7.74 -4.50
N LYS VA 113 49.32 8.90 -4.63
CA LYS VA 113 48.43 9.42 -3.60
C LYS VA 113 47.35 10.24 -4.26
N THR VA 114 46.10 10.00 -3.85
CA THR VA 114 44.96 10.75 -4.33
C THR VA 114 44.22 11.37 -3.15
N LYS VA 115 43.70 12.56 -3.36
CA LYS VA 115 43.02 13.30 -2.31
C LYS VA 115 41.65 12.69 -2.03
N THR VA 116 41.36 12.42 -0.76
CA THR VA 116 40.05 11.97 -0.36
C THR VA 116 39.10 13.15 -0.27
N ARG VA 117 37.85 12.88 0.13
CA ARG VA 117 36.87 13.96 0.24
C ARG VA 117 37.21 14.95 1.34
N ALA VA 118 38.08 14.58 2.28
CA ALA VA 118 38.51 15.48 3.34
C ALA VA 118 39.67 16.37 2.93
N GLU VA 119 40.29 16.10 1.78
CA GLU VA 119 41.46 16.86 1.35
C GLU VA 119 41.20 17.73 0.13
N VAL VA 120 40.08 17.53 -0.56
CA VAL VA 120 39.71 18.41 -1.67
C VAL VA 120 39.38 19.79 -1.11
N ARG VA 121 39.62 20.82 -1.92
CA ARG VA 121 39.65 22.21 -1.45
C ARG VA 121 38.37 22.65 -0.75
N GLY VA 122 37.25 22.67 -1.48
CA GLY VA 122 36.02 23.20 -0.92
C GLY VA 122 35.12 22.18 -0.27
N GLY VA 123 33.83 22.23 -0.59
CA GLY VA 123 32.87 21.28 -0.07
C GLY VA 123 32.67 21.35 1.42
N GLY VA 124 32.52 22.56 1.96
CA GLY VA 124 32.34 22.73 3.38
C GLY VA 124 30.91 22.92 3.84
N ARG VA 125 30.00 23.12 2.89
CA ARG VA 125 28.60 23.42 3.22
C ARG VA 125 27.66 22.59 2.36
N LYS VA 126 26.45 22.41 2.86
CA LYS VA 126 25.41 21.71 2.12
C LYS VA 126 25.01 22.52 0.89
N PRO VA 127 25.07 21.95 -0.32
CA PRO VA 127 24.72 22.73 -1.51
C PRO VA 127 23.29 23.21 -1.53
N TRP VA 128 22.36 22.42 -0.97
CA TRP VA 128 20.96 22.81 -0.88
C TRP VA 128 20.37 22.18 0.37
N VAL VA 129 19.19 22.69 0.75
CA VAL VA 129 18.53 22.17 1.95
C VAL VA 129 18.13 20.72 1.73
N GLN VA 130 17.97 19.99 2.85
CA GLN VA 130 17.68 18.57 2.79
C GLN VA 130 16.32 18.29 2.18
N LYS VA 131 15.34 19.16 2.44
CA LYS VA 131 13.95 18.90 2.08
C LYS VA 131 13.41 20.03 1.21
N GLY VA 132 12.40 19.68 0.41
CA GLY VA 132 11.64 20.64 -0.37
C GLY VA 132 12.21 20.93 -1.74
N SER VA 133 13.53 20.80 -1.92
CA SER VA 133 14.13 21.15 -3.20
C SER VA 133 13.71 20.18 -4.30
N GLY VA 134 13.39 18.94 -3.95
CA GLY VA 134 12.99 17.96 -4.94
C GLY VA 134 14.12 17.19 -5.59
N ARG VA 135 15.37 17.51 -5.27
CA ARG VA 135 16.52 16.82 -5.81
C ARG VA 135 17.15 15.94 -4.73
N ALA VA 136 18.19 15.22 -5.13
CA ALA VA 136 18.85 14.29 -4.22
C ALA VA 136 19.55 15.04 -3.09
N ARG VA 137 19.68 14.37 -1.95
CA ARG VA 137 20.30 14.96 -0.76
C ARG VA 137 21.81 14.76 -0.82
N HIS VA 138 22.55 15.82 -0.53
CA HIS VA 138 24.00 15.77 -0.55
C HIS VA 138 24.56 16.61 0.59
N GLY VA 139 25.77 16.26 1.01
CA GLY VA 139 26.47 16.99 2.05
C GLY VA 139 27.55 17.87 1.48
N SER VA 140 28.79 17.39 1.52
CA SER VA 140 29.87 18.09 0.85
C SER VA 140 29.72 17.95 -0.67
N ILE VA 141 30.08 19.01 -1.40
CA ILE VA 141 30.13 18.93 -2.86
C ILE VA 141 31.40 18.24 -3.35
N ARG VA 142 32.23 17.75 -2.43
CA ARG VA 142 33.44 17.02 -2.78
C ARG VA 142 33.32 15.53 -2.48
N SER VA 143 32.10 15.01 -2.41
CA SER VA 143 31.88 13.59 -2.21
C SER VA 143 32.37 12.81 -3.42
N PRO VA 144 32.70 11.53 -3.25
CA PRO VA 144 33.14 10.73 -4.40
C PRO VA 144 32.10 10.62 -5.50
N ILE VA 145 30.82 10.85 -5.18
CA ILE VA 145 29.78 10.83 -6.20
C ILE VA 145 29.94 12.00 -7.15
N TRP VA 146 30.34 13.16 -6.63
CA TRP VA 146 30.35 14.38 -7.42
C TRP VA 146 31.47 14.36 -8.46
N ARG VA 147 31.44 15.34 -9.35
CA ARG VA 147 32.42 15.42 -10.44
C ARG VA 147 33.82 15.68 -9.92
N GLY VA 148 34.01 16.82 -9.25
CA GLY VA 148 35.33 17.18 -8.76
C GLY VA 148 35.59 16.68 -7.35
N GLY VA 149 34.80 15.71 -6.91
CA GLY VA 149 34.95 15.20 -5.56
C GLY VA 149 36.16 14.31 -5.38
N GLY VA 150 36.40 13.95 -4.12
CA GLY VA 150 37.56 13.15 -3.78
C GLY VA 150 37.39 11.69 -4.16
N VAL VA 151 38.51 10.98 -4.10
CA VAL VA 151 38.52 9.54 -4.41
C VAL VA 151 38.07 8.77 -3.18
N ALA VA 152 37.25 7.74 -3.41
CA ALA VA 152 36.68 6.98 -2.31
C ALA VA 152 37.76 6.25 -1.52
N HIS VA 153 38.50 5.35 -2.17
CA HIS VA 153 39.58 4.65 -1.52
C HIS VA 153 40.94 5.02 -2.11
N GLY VA 154 41.15 4.78 -3.40
CA GLY VA 154 42.36 5.20 -4.09
C GLY VA 154 43.65 4.73 -3.44
N PRO VA 155 44.78 5.23 -3.93
CA PRO VA 155 46.05 5.02 -3.23
C PRO VA 155 46.27 6.09 -2.18
N ARG VA 156 46.83 5.68 -1.05
CA ARG VA 156 47.00 6.56 0.11
C ARG VA 156 48.48 6.71 0.42
N GLY VA 157 49.08 7.81 -0.05
CA GLY VA 157 50.43 8.15 0.30
C GLY VA 157 51.45 7.19 -0.26
N PRO VA 158 52.72 7.43 0.04
CA PRO VA 158 53.76 6.47 -0.32
C PRO VA 158 53.57 5.17 0.46
N THR VA 159 53.49 4.06 -0.28
CA THR VA 159 53.28 2.74 0.30
C THR VA 159 54.56 1.92 0.12
N SER VA 160 55.07 1.36 1.21
CA SER VA 160 56.30 0.59 1.18
C SER VA 160 55.96 -0.90 1.19
N TYR VA 161 56.29 -1.58 0.10
CA TYR VA 161 56.06 -3.02 -0.02
C TYR VA 161 57.33 -3.78 0.38
N TYR VA 162 57.79 -3.52 1.60
CA TYR VA 162 59.06 -4.03 2.08
C TYR VA 162 58.84 -5.24 2.98
N TYR VA 163 59.46 -6.36 2.61
CA TYR VA 163 59.52 -7.52 3.48
C TYR VA 163 60.84 -8.21 3.23
N MET VA 164 61.33 -8.92 4.24
CA MET VA 164 62.65 -9.53 4.20
C MET VA 164 62.50 -11.03 4.31
N LEU VA 165 62.94 -11.75 3.27
CA LEU VA 165 62.89 -13.20 3.30
C LEU VA 165 63.90 -13.75 4.30
N PRO VA 166 63.64 -14.92 4.87
CA PRO VA 166 64.63 -15.53 5.75
C PRO VA 166 65.96 -15.78 5.05
N MET VA 167 67.03 -15.64 5.83
CA MET VA 167 68.38 -15.65 5.26
C MET VA 167 68.70 -16.99 4.63
N LYS VA 168 68.31 -18.08 5.27
CA LYS VA 168 68.56 -19.40 4.69
C LYS VA 168 67.80 -19.60 3.40
N VAL VA 169 66.58 -19.04 3.31
CA VAL VA 169 65.82 -19.12 2.06
C VAL VA 169 66.54 -18.35 0.97
N ARG VA 170 67.06 -17.16 1.27
CA ARG VA 170 67.78 -16.40 0.25
C ARG VA 170 69.04 -17.12 -0.20
N VAL VA 171 69.78 -17.71 0.75
CA VAL VA 171 70.98 -18.46 0.40
C VAL VA 171 70.64 -19.66 -0.46
N GLN VA 172 69.55 -20.37 -0.13
CA GLN VA 172 69.11 -21.50 -0.93
C GLN VA 172 68.70 -21.05 -2.33
N GLY VA 173 68.09 -19.87 -2.44
CA GLY VA 173 67.76 -19.34 -3.76
C GLY VA 173 69.00 -19.08 -4.59
N LEU VA 174 70.03 -18.50 -3.98
CA LEU VA 174 71.29 -18.30 -4.69
C LEU VA 174 71.90 -19.62 -5.13
N LYS VA 175 71.89 -20.61 -4.23
CA LYS VA 175 72.44 -21.93 -4.55
C LYS VA 175 71.68 -22.57 -5.71
N VAL VA 176 70.35 -22.46 -5.70
CA VAL VA 176 69.54 -23.08 -6.75
C VAL VA 176 69.76 -22.37 -8.07
N ALA VA 177 69.91 -21.05 -8.05
CA ALA VA 177 70.21 -20.32 -9.28
C ALA VA 177 71.54 -20.78 -9.87
N LEU VA 178 72.57 -20.89 -9.03
CA LEU VA 178 73.85 -21.38 -9.52
C LEU VA 178 73.74 -22.80 -10.05
N THR VA 179 72.99 -23.66 -9.35
CA THR VA 179 72.85 -25.04 -9.75
C THR VA 179 72.15 -25.18 -11.10
N VAL VA 180 71.07 -24.43 -11.31
CA VAL VA 180 70.36 -24.52 -12.59
C VAL VA 180 71.21 -23.91 -13.70
N LYS VA 181 71.97 -22.85 -13.38
CA LYS VA 181 72.87 -22.27 -14.38
C LYS VA 181 73.91 -23.29 -14.83
N LEU VA 182 74.46 -24.05 -13.88
CA LEU VA 182 75.43 -25.09 -14.26
C LEU VA 182 74.75 -26.23 -15.01
N ALA VA 183 73.56 -26.64 -14.56
CA ALA VA 183 72.89 -27.79 -15.16
C ALA VA 183 72.47 -27.53 -16.60
N GLN VA 184 72.01 -26.32 -16.90
CA GLN VA 184 71.55 -25.99 -18.24
C GLN VA 184 72.68 -25.51 -19.15
N ASP VA 185 73.93 -25.81 -18.78
CA ASP VA 185 75.10 -25.47 -19.60
C ASP VA 185 75.16 -23.97 -19.91
N ASP VA 186 74.85 -23.15 -18.90
CA ASP VA 186 74.89 -21.70 -19.04
C ASP VA 186 75.83 -21.06 -18.03
N LEU VA 187 76.72 -21.85 -17.43
CA LEU VA 187 77.72 -21.37 -16.48
C LEU VA 187 79.10 -21.74 -16.98
N HIS VA 188 80.00 -20.76 -17.00
CA HIS VA 188 81.35 -20.96 -17.51
C HIS VA 188 82.36 -20.39 -16.53
N ILE VA 189 83.38 -21.18 -16.21
CA ILE VA 189 84.42 -20.79 -15.27
C ILE VA 189 85.65 -20.36 -16.06
N VAL VA 190 86.13 -19.15 -15.79
CA VAL VA 190 87.34 -18.63 -16.42
C VAL VA 190 88.37 -18.38 -15.33
N ASP VA 191 89.56 -17.92 -15.72
CA ASP VA 191 90.63 -17.61 -14.77
C ASP VA 191 91.10 -16.18 -14.96
N SER VA 192 91.07 -15.41 -13.87
CA SER VA 192 91.66 -14.08 -13.78
C SER VA 192 90.96 -13.03 -14.63
N LEU VA 193 90.01 -13.45 -15.45
CA LEU VA 193 89.14 -12.54 -16.21
C LEU VA 193 89.94 -11.47 -16.97
N GLU VA 194 91.03 -11.89 -17.61
CA GLU VA 194 91.88 -10.98 -18.35
C GLU VA 194 91.56 -11.04 -19.84
N LEU VA 195 91.75 -9.91 -20.52
CA LEU VA 195 91.48 -9.76 -21.93
C LEU VA 195 92.71 -9.21 -22.64
N PRO VA 196 92.89 -9.57 -23.92
CA PRO VA 196 94.02 -8.98 -24.66
C PRO VA 196 93.81 -7.52 -25.01
N THR VA 197 92.59 -7.14 -25.41
CA THR VA 197 92.31 -5.78 -25.85
C THR VA 197 91.06 -5.26 -25.14
N ALA VA 198 90.94 -3.94 -25.11
CA ALA VA 198 89.79 -3.26 -24.50
C ALA VA 198 88.68 -2.99 -25.49
N ASP VA 199 88.57 -3.80 -26.55
CA ASP VA 199 87.54 -3.60 -27.57
C ASP VA 199 86.30 -4.40 -27.20
N PRO VA 200 85.14 -3.76 -27.03
CA PRO VA 200 83.91 -4.54 -26.79
C PRO VA 200 83.56 -5.46 -27.95
N GLN VA 201 83.93 -5.09 -29.17
CA GLN VA 201 83.72 -5.97 -30.31
C GLN VA 201 84.47 -7.28 -30.14
N TYR VA 202 85.62 -7.26 -29.48
CA TYR VA 202 86.34 -8.49 -29.20
C TYR VA 202 85.51 -9.43 -28.35
N LEU VA 203 84.88 -8.90 -27.29
CA LEU VA 203 84.00 -9.72 -26.47
C LEU VA 203 82.81 -10.23 -27.27
N ILE VA 204 82.28 -9.39 -28.15
CA ILE VA 204 81.15 -9.82 -28.97
C ILE VA 204 81.53 -11.00 -29.85
N GLU VA 205 82.69 -10.92 -30.53
CA GLU VA 205 83.15 -12.03 -31.36
C GLU VA 205 83.42 -13.27 -30.52
N LEU VA 206 84.05 -13.10 -29.36
CA LEU VA 206 84.33 -14.25 -28.51
C LEU VA 206 83.04 -14.95 -28.08
N ALA VA 207 82.04 -14.17 -27.67
CA ALA VA 207 80.79 -14.76 -27.24
C ALA VA 207 80.06 -15.47 -28.38
N ARG VA 208 80.00 -14.84 -29.56
CA ARG VA 208 79.30 -15.50 -30.65
C ARG VA 208 80.07 -16.70 -31.19
N TYR VA 209 81.39 -16.73 -31.01
CA TYR VA 209 82.16 -17.90 -31.40
C TYR VA 209 81.96 -19.05 -30.42
N ARG VA 210 81.92 -18.75 -29.12
CA ARG VA 210 81.73 -19.79 -28.12
C ARG VA 210 80.25 -20.12 -27.89
N ARG VA 211 79.33 -19.44 -28.58
CA ARG VA 211 77.90 -19.70 -28.44
C ARG VA 211 77.44 -19.55 -26.99
N TRP VA 212 77.97 -18.54 -26.31
CA TRP VA 212 77.60 -18.30 -24.92
C TRP VA 212 76.14 -17.89 -24.80
N GLY VA 213 75.67 -17.02 -25.70
CA GLY VA 213 74.32 -16.52 -25.67
C GLY VA 213 74.29 -15.03 -25.91
N ASP VA 214 73.06 -14.50 -25.97
CA ASP VA 214 72.88 -13.08 -26.24
C ASP VA 214 73.32 -12.22 -25.05
N SER VA 215 73.17 -12.72 -23.84
CA SER VA 215 73.42 -11.95 -22.63
C SER VA 215 74.44 -12.66 -21.76
N VAL VA 216 75.46 -11.92 -21.31
CA VAL VA 216 76.54 -12.49 -20.51
C VAL VA 216 76.75 -11.63 -19.28
N LEU VA 217 76.88 -12.27 -18.12
CA LEU VA 217 77.15 -11.59 -16.86
C LEU VA 217 78.47 -12.11 -16.31
N LEU VA 218 79.48 -11.24 -16.25
CA LEU VA 218 80.82 -11.59 -15.79
C LEU VA 218 80.96 -11.14 -14.34
N VAL VA 219 81.33 -12.08 -13.46
CA VAL VA 219 81.46 -11.81 -12.04
C VAL VA 219 82.93 -11.90 -11.65
N ASP VA 220 83.45 -10.87 -11.01
CA ASP VA 220 84.82 -10.84 -10.52
C ASP VA 220 84.82 -10.80 -8.99
N LEU VA 221 85.98 -11.10 -8.41
CA LEU VA 221 86.09 -11.23 -6.97
C LEU VA 221 85.86 -9.90 -6.25
N GLU VA 222 86.56 -8.85 -6.68
CA GLU VA 222 86.53 -7.58 -5.99
C GLU VA 222 86.36 -6.46 -7.01
N HIS VA 223 85.69 -5.38 -6.57
CA HIS VA 223 85.41 -4.26 -7.47
C HIS VA 223 86.69 -3.57 -7.93
N GLU VA 224 87.60 -3.30 -7.00
CA GLU VA 224 88.81 -2.54 -7.32
C GLU VA 224 89.87 -3.39 -8.02
N ASP VA 225 89.74 -4.70 -8.03
CA ASP VA 225 90.74 -5.58 -8.64
C ASP VA 225 90.38 -6.01 -10.06
N MET VA 226 89.27 -5.52 -10.60
CA MET VA 226 88.90 -5.89 -11.96
C MET VA 226 89.86 -5.27 -12.96
N PRO VA 227 90.42 -6.04 -13.89
CA PRO VA 227 91.39 -5.48 -14.84
C PRO VA 227 90.77 -4.42 -15.74
N GLN VA 228 91.60 -3.41 -16.06
CA GLN VA 228 91.12 -2.27 -16.84
C GLN VA 228 90.67 -2.69 -18.24
N ASN VA 229 91.28 -3.74 -18.80
CA ASN VA 229 90.90 -4.16 -20.14
C ASN VA 229 89.44 -4.61 -20.18
N VAL VA 230 89.06 -5.53 -19.28
CA VAL VA 230 87.68 -5.99 -19.27
C VAL VA 230 86.76 -4.89 -18.77
N VAL VA 231 87.24 -4.02 -17.87
CA VAL VA 231 86.40 -2.92 -17.40
C VAL VA 231 86.01 -2.02 -18.56
N ALA VA 232 86.99 -1.62 -19.37
CA ALA VA 232 86.71 -0.76 -20.52
C ALA VA 232 85.91 -1.50 -21.59
N ALA VA 233 86.16 -2.81 -21.76
CA ALA VA 233 85.41 -3.57 -22.75
C ALA VA 233 83.93 -3.64 -22.39
N THR VA 234 83.61 -3.88 -21.13
CA THR VA 234 82.23 -4.02 -20.70
C THR VA 234 81.55 -2.69 -20.36
N SER VA 235 82.32 -1.60 -20.23
CA SER VA 235 81.68 -0.30 -19.99
C SER VA 235 80.86 0.17 -21.18
N GLY VA 236 81.18 -0.29 -22.40
CA GLY VA 236 80.46 0.10 -23.58
C GLY VA 236 79.47 -0.92 -24.12
N LEU VA 237 79.10 -1.93 -23.34
CA LEU VA 237 78.18 -2.97 -23.77
C LEU VA 237 76.97 -3.03 -22.85
N LYS VA 238 75.82 -3.36 -23.43
CA LYS VA 238 74.56 -3.46 -22.70
C LYS VA 238 74.26 -4.88 -22.26
N THR VA 239 74.37 -5.85 -23.17
CA THR VA 239 74.09 -7.25 -22.85
C THR VA 239 75.24 -7.94 -22.14
N PHE VA 240 76.42 -7.32 -22.10
CA PHE VA 240 77.57 -7.85 -21.37
C PHE VA 240 77.74 -7.00 -20.12
N ASN VA 241 77.37 -7.55 -18.97
CA ASN VA 241 77.34 -6.80 -17.72
C ASN VA 241 78.34 -7.39 -16.75
N LEU VA 242 79.17 -6.53 -16.16
CA LEU VA 242 80.25 -6.95 -15.28
C LEU VA 242 79.94 -6.48 -13.87
N VAL VA 243 79.92 -7.42 -12.93
CA VAL VA 243 79.56 -7.13 -11.54
C VAL VA 243 80.59 -7.74 -10.60
N PRO VA 244 80.77 -7.21 -9.39
CA PRO VA 244 81.66 -7.86 -8.43
C PRO VA 244 81.04 -9.11 -7.82
N ALA VA 245 81.79 -9.81 -6.96
CA ALA VA 245 81.26 -11.02 -6.35
C ALA VA 245 80.08 -10.72 -5.43
N VAL VA 246 80.16 -9.62 -4.69
CA VAL VA 246 79.06 -9.25 -3.79
C VAL VA 246 77.82 -8.78 -4.51
N GLY VA 247 77.89 -8.63 -5.84
CA GLY VA 247 76.75 -8.16 -6.61
C GLY VA 247 76.01 -9.27 -7.34
N LEU VA 248 76.23 -10.51 -6.94
CA LEU VA 248 75.58 -11.65 -7.57
C LEU VA 248 74.21 -11.87 -6.96
N ASN VA 249 73.20 -12.06 -7.80
CA ASN VA 249 71.84 -12.25 -7.32
C ASN VA 249 71.01 -13.04 -8.33
N VAL VA 250 69.90 -13.59 -7.84
CA VAL VA 250 69.06 -14.46 -8.64
C VAL VA 250 68.45 -13.70 -9.81
N HIS VA 251 68.03 -12.44 -9.58
CA HIS VA 251 67.38 -11.67 -10.63
C HIS VA 251 68.30 -11.49 -11.84
N SER VA 252 69.53 -11.05 -11.61
CA SER VA 252 70.46 -10.87 -12.72
C SER VA 252 70.90 -12.21 -13.30
N MET VA 253 71.05 -13.23 -12.45
CA MET VA 253 71.43 -14.55 -12.96
C MET VA 253 70.39 -15.07 -13.95
N LEU VA 254 69.11 -14.87 -13.64
CA LEU VA 254 68.05 -15.28 -14.54
C LEU VA 254 67.91 -14.34 -15.74
N LYS VA 255 68.17 -13.04 -15.53
CA LYS VA 255 68.07 -12.07 -16.63
C LYS VA 255 69.11 -12.35 -17.70
N HIS VA 256 70.35 -12.67 -17.30
CA HIS VA 256 71.42 -12.94 -18.26
C HIS VA 256 71.46 -14.41 -18.59
N GLN VA 257 71.54 -14.72 -19.89
CA GLN VA 257 71.53 -16.12 -20.32
C GLN VA 257 72.77 -16.87 -19.84
N THR VA 258 73.93 -16.22 -19.88
CA THR VA 258 75.19 -16.87 -19.56
C THR VA 258 75.83 -16.20 -18.36
N LEU VA 259 76.37 -17.03 -17.45
CA LEU VA 259 77.10 -16.56 -16.29
C LEU VA 259 78.56 -16.96 -16.42
N VAL VA 260 79.47 -16.02 -16.16
CA VAL VA 260 80.90 -16.25 -16.22
C VAL VA 260 81.48 -15.96 -14.85
N LEU VA 261 82.21 -16.94 -14.30
CA LEU VA 261 82.80 -16.85 -12.98
C LEU VA 261 84.29 -17.10 -13.06
N THR VA 262 85.06 -16.35 -12.27
CA THR VA 262 86.47 -16.64 -12.11
C THR VA 262 86.67 -17.64 -10.99
N LEU VA 263 87.87 -18.23 -10.94
CA LEU VA 263 88.17 -19.19 -9.88
C LEU VA 263 88.13 -18.58 -8.49
N PRO VA 264 88.74 -17.42 -8.22
CA PRO VA 264 88.57 -16.81 -6.90
C PRO VA 264 87.12 -16.48 -6.59
N THR VA 265 86.34 -16.07 -7.59
CA THR VA 265 84.92 -15.81 -7.35
C THR VA 265 84.18 -17.09 -6.98
N VAL VA 266 84.52 -18.20 -7.64
CA VAL VA 266 83.89 -19.48 -7.31
C VAL VA 266 84.24 -19.89 -5.89
N ALA VA 267 85.51 -19.75 -5.51
CA ALA VA 267 85.91 -20.10 -4.14
C ALA VA 267 85.20 -19.21 -3.12
N PHE VA 268 85.11 -17.90 -3.41
CA PHE VA 268 84.44 -16.98 -2.50
C PHE VA 268 82.96 -17.33 -2.34
N LEU VA 269 82.28 -17.61 -3.46
CA LEU VA 269 80.87 -17.98 -3.38
C LEU VA 269 80.68 -19.28 -2.63
N GLU VA 270 81.57 -20.25 -2.87
CA GLU VA 270 81.49 -21.54 -2.17
C GLU VA 270 81.61 -21.35 -0.67
N GLU VA 271 82.62 -20.59 -0.24
CA GLU VA 271 82.83 -20.36 1.18
C GLU VA 271 81.68 -19.58 1.81
N LYS VA 272 81.17 -18.57 1.11
CA LYS VA 272 80.10 -17.75 1.66
C LYS VA 272 78.79 -18.50 1.74
N LEU VA 273 78.51 -19.40 0.79
CA LEU VA 273 77.24 -20.11 0.76
C LEU VA 273 77.24 -21.36 1.62
N LEU VA 274 78.39 -22.00 1.81
CA LEU VA 274 78.42 -23.21 2.63
C LEU VA 274 78.50 -22.91 4.12
N TRP VA 275 78.60 -21.65 4.51
CA TRP VA 275 78.68 -21.30 5.92
C TRP VA 275 77.32 -21.41 6.62
N HIS VA 276 76.23 -21.19 5.90
CA HIS VA 276 74.91 -21.18 6.51
C HIS VA 276 74.34 -22.57 6.75
N ASN VA 277 74.96 -23.62 6.22
CA ASN VA 277 74.46 -24.97 6.41
C ASN VA 277 74.83 -25.54 7.78
N SER VA 278 75.80 -24.96 8.46
CA SER VA 278 76.27 -25.47 9.75
C SER VA 278 76.50 -24.33 10.73
N ARG VA 279 75.56 -23.40 10.79
CA ARG VA 279 75.70 -22.21 11.60
C ARG VA 279 74.59 -22.12 12.64
N TYR VA 280 74.92 -21.51 13.78
CA TYR VA 280 73.94 -21.21 14.80
C TYR VA 280 73.05 -20.06 14.37
N THR VA 281 71.98 -19.85 15.14
CA THR VA 281 71.19 -18.64 14.98
C THR VA 281 71.96 -17.45 15.57
N PRO VA 282 71.80 -16.26 14.99
CA PRO VA 282 72.51 -15.09 15.52
C PRO VA 282 71.94 -14.60 16.83
N LEU VA 283 72.73 -14.66 17.90
CA LEU VA 283 72.34 -14.01 19.16
C LEU VA 283 72.24 -12.50 18.96
N TYR VA 284 73.21 -11.93 18.26
CA TYR VA 284 73.22 -10.54 17.85
C TYR VA 284 73.70 -10.50 16.40
N PRO VA 285 73.49 -9.39 15.69
CA PRO VA 285 73.85 -9.36 14.27
C PRO VA 285 75.31 -9.73 14.05
N PHE VA 286 75.55 -10.48 12.98
CA PHE VA 286 76.87 -11.07 12.72
C PHE VA 286 77.94 -10.03 12.46
N ARG VA 287 77.57 -8.77 12.20
CA ARG VA 287 78.56 -7.71 12.10
C ARG VA 287 79.34 -7.54 13.40
N LEU VA 288 78.75 -7.90 14.54
CA LEU VA 288 79.43 -7.87 15.82
C LEU VA 288 80.43 -9.01 15.92
N PRO VA 289 81.46 -8.86 16.74
CA PRO VA 289 82.51 -9.89 16.81
C PRO VA 289 81.97 -11.23 17.32
N TYR VA 290 82.50 -12.30 16.75
CA TYR VA 290 82.22 -13.67 17.17
C TYR VA 290 83.52 -14.41 17.36
N CYS VA 291 83.41 -15.64 17.88
CA CYS VA 291 84.61 -16.45 18.15
C CYS VA 291 85.28 -16.86 16.85
N ASP VA 292 84.51 -17.28 15.85
CA ASP VA 292 85.05 -17.77 14.59
C ASP VA 292 84.54 -17.00 13.38
N PHE VA 293 83.86 -15.86 13.59
CA PHE VA 293 83.33 -15.08 12.49
C PHE VA 293 83.81 -13.64 12.59
N PRO VA 294 84.21 -13.03 11.47
CA PRO VA 294 84.64 -11.62 11.43
C PRO VA 294 83.56 -10.66 11.90
N THR WA 53 49.26 32.27 49.21
CA THR WA 53 49.66 31.35 48.14
C THR WA 53 48.83 30.07 48.19
N VAL WA 54 48.13 29.78 47.10
CA VAL WA 54 47.37 28.54 46.99
C VAL WA 54 48.28 27.45 46.46
N ILE WA 55 48.16 26.25 47.02
CA ILE WA 55 48.94 25.09 46.60
C ILE WA 55 47.96 24.03 46.12
N VAL WA 56 48.17 23.56 44.90
CA VAL WA 56 47.25 22.62 44.26
C VAL WA 56 48.04 21.41 43.78
N GLU WA 57 47.34 20.28 43.70
CA GLU WA 57 47.91 19.02 43.27
C GLU WA 57 47.04 18.42 42.17
N ARG WA 58 47.68 17.85 41.16
CA ARG WA 58 46.93 17.26 40.06
C ARG WA 58 46.13 16.04 40.54
N TRP WA 59 44.89 15.93 40.05
CA TRP WA 59 44.08 14.76 40.37
C TRP WA 59 44.60 13.52 39.67
N TRP WA 60 45.14 13.66 38.46
CA TRP WA 60 45.58 12.55 37.65
C TRP WA 60 47.10 12.49 37.60
N LYS WA 61 47.63 11.27 37.43
CA LYS WA 61 49.07 11.07 37.36
C LYS WA 61 49.59 11.43 35.98
N VAL WA 62 50.75 12.08 35.95
CA VAL WA 62 51.40 12.46 34.70
C VAL WA 62 52.40 11.37 34.32
N PRO WA 63 52.40 10.91 33.08
CA PRO WA 63 53.37 9.88 32.67
C PRO WA 63 54.80 10.40 32.74
N LEU WA 64 55.72 9.47 32.97
CA LEU WA 64 57.12 9.82 33.20
C LEU WA 64 57.80 10.24 31.90
N ALA WA 65 58.92 10.98 32.06
CA ALA WA 65 59.78 11.33 30.94
C ALA WA 65 61.17 11.60 31.52
N GLY WA 66 62.07 10.63 31.36
CA GLY WA 66 63.34 10.67 32.06
C GLY WA 66 64.55 11.12 31.28
N GLU WA 67 64.40 11.29 29.96
CA GLU WA 67 65.50 11.69 29.10
C GLU WA 67 65.70 13.21 29.09
N GLY WA 68 64.88 13.95 29.83
CA GLY WA 68 64.88 15.39 29.75
C GLY WA 68 63.76 15.98 28.92
N ARG WA 69 62.90 15.14 28.36
CA ARG WA 69 61.76 15.62 27.60
C ARG WA 69 60.72 16.24 28.53
N LYS WA 70 59.95 17.18 28.00
CA LYS WA 70 58.83 17.73 28.74
C LYS WA 70 57.71 16.69 28.82
N PRO WA 71 57.06 16.57 29.98
CA PRO WA 71 55.96 15.59 30.09
C PRO WA 71 54.84 15.91 29.12
N ARG WA 72 54.23 14.85 28.59
CA ARG WA 72 53.10 14.99 27.67
C ARG WA 72 51.86 15.30 28.52
N LEU WA 73 51.50 16.57 28.59
CA LEU WA 73 50.36 17.00 29.38
C LEU WA 73 49.08 16.86 28.57
N HIS WA 74 48.01 16.48 29.27
CA HIS WA 74 46.69 16.28 28.69
C HIS WA 74 45.72 17.28 29.29
N ARG WA 75 44.52 17.31 28.73
CA ARG WA 75 43.46 18.16 29.28
C ARG WA 75 43.10 17.72 30.70
N ARG WA 76 43.10 16.41 30.96
CA ARG WA 76 42.75 15.91 32.28
C ARG WA 76 43.75 16.28 33.36
N HIS WA 77 44.94 16.76 32.99
CA HIS WA 77 45.93 17.20 33.94
C HIS WA 77 45.72 18.64 34.40
N ARG WA 78 44.72 19.32 33.86
CA ARG WA 78 44.34 20.65 34.33
C ARG WA 78 43.40 20.61 35.54
N VAL WA 79 43.01 19.42 35.98
CA VAL WA 79 42.16 19.28 37.16
C VAL WA 79 43.04 19.27 38.39
N TYR WA 80 42.82 20.24 39.28
CA TYR WA 80 43.62 20.40 40.48
C TYR WA 80 42.74 20.27 41.72
N LYS WA 81 43.36 19.89 42.82
CA LYS WA 81 42.75 19.91 44.14
C LYS WA 81 43.57 20.83 45.03
N LEU WA 82 42.88 21.74 45.72
CA LEU WA 82 43.55 22.69 46.61
C LEU WA 82 43.98 21.98 47.88
N VAL WA 83 45.25 21.59 47.95
CA VAL WA 83 45.71 20.84 49.12
C VAL WA 83 45.79 21.73 50.34
N GLU WA 84 46.22 22.98 50.19
CA GLU WA 84 46.38 23.87 51.33
C GLU WA 84 46.60 25.29 50.81
N ASP WA 85 45.98 26.26 51.48
CA ASP WA 85 46.21 27.67 51.22
C ASP WA 85 47.08 28.22 52.33
N THR WA 86 48.25 28.76 51.95
CA THR WA 86 49.24 29.18 52.94
C THR WA 86 48.78 30.37 53.77
N LYS WA 87 47.84 31.16 53.26
CA LYS WA 87 47.39 32.33 54.01
C LYS WA 87 46.61 31.97 55.26
N HIS WA 88 46.05 30.76 55.33
CA HIS WA 88 45.27 30.33 56.48
C HIS WA 88 46.10 29.64 57.54
N ARG WA 89 47.37 29.37 57.28
CA ARG WA 89 48.23 28.76 58.28
C ARG WA 89 48.59 29.76 59.37
N PRO WA 90 48.92 29.27 60.57
CA PRO WA 90 49.49 30.16 61.59
C PRO WA 90 50.85 30.67 61.14
N LYS WA 91 50.94 31.97 60.87
CA LYS WA 91 52.15 32.53 60.31
C LYS WA 91 53.27 32.56 61.34
N ASP WA 92 54.51 32.44 60.85
CA ASP WA 92 55.66 32.42 61.73
C ASP WA 92 55.85 33.79 62.40
N ASN WA 93 56.82 33.85 63.30
CA ASN WA 93 57.08 35.04 64.10
C ASN WA 93 58.44 35.62 63.70
N LEU WA 94 58.46 36.93 63.44
CA LEU WA 94 59.63 37.57 62.85
C LEU WA 94 60.61 37.99 63.93
N GLU WA 95 61.86 37.55 63.82
CA GLU WA 95 62.91 37.92 64.76
C GLU WA 95 63.68 39.12 64.22
N LEU WA 96 63.85 40.14 65.07
CA LEU WA 96 64.49 41.38 64.66
C LEU WA 96 65.44 41.84 65.75
N VAL WA 97 66.53 42.48 65.34
CA VAL WA 97 67.52 43.04 66.25
C VAL WA 97 67.20 44.52 66.44
N LEU WA 98 66.95 44.92 67.68
CA LEU WA 98 66.58 46.31 67.95
C LEU WA 98 67.79 47.22 67.81
N THR WA 99 67.55 48.42 67.25
CA THR WA 99 68.58 49.43 67.10
C THR WA 99 68.31 50.68 67.92
N GLN WA 100 67.18 50.77 68.60
CA GLN WA 100 66.84 51.93 69.41
C GLN WA 100 66.13 51.44 70.67
N SER WA 101 66.10 52.31 71.68
CA SER WA 101 65.47 52.00 72.96
C SER WA 101 63.97 52.25 72.83
N VAL WA 102 63.23 51.20 72.51
CA VAL WA 102 61.78 51.29 72.33
C VAL WA 102 61.09 51.03 73.66
N GLU WA 103 59.97 51.72 73.87
CA GLU WA 103 59.26 51.62 75.14
C GLU WA 103 58.70 50.22 75.36
N GLU WA 104 57.96 49.70 74.38
CA GLU WA 104 57.21 48.46 74.59
C GLU WA 104 58.11 47.23 74.59
N LEU WA 105 59.10 47.18 73.70
CA LEU WA 105 59.85 45.94 73.50
C LEU WA 105 61.05 45.86 74.43
N GLY WA 106 61.97 46.82 74.33
CA GLY WA 106 63.15 46.80 75.17
C GLY WA 106 64.20 47.78 74.70
N VAL WA 107 65.43 47.55 75.16
CA VAL WA 107 66.55 48.44 74.90
C VAL WA 107 67.25 47.99 73.61
N ARG WA 108 67.93 48.93 72.97
CA ARG WA 108 68.69 48.62 71.76
C ARG WA 108 69.73 47.54 72.03
N GLY WA 109 69.85 46.61 71.09
CA GLY WA 109 70.84 45.56 71.18
C GLY WA 109 70.30 44.19 71.58
N ASP WA 110 69.03 43.91 71.30
CA ASP WA 110 68.42 42.65 71.67
C ASP WA 110 67.69 42.05 70.48
N LEU WA 111 67.70 40.72 70.41
CA LEU WA 111 66.94 39.97 69.41
C LEU WA 111 65.56 39.69 69.99
N VAL WA 112 64.54 40.32 69.42
CA VAL WA 112 63.17 40.19 69.93
C VAL WA 112 62.30 39.63 68.81
N SER WA 113 61.33 38.82 69.22
CA SER WA 113 60.42 38.14 68.29
C SER WA 113 59.09 38.88 68.28
N VAL WA 114 58.84 39.63 67.21
CA VAL WA 114 57.60 40.38 67.03
C VAL WA 114 56.89 39.83 65.80
N LYS WA 115 55.57 40.04 65.77
CA LYS WA 115 54.78 39.54 64.66
C LYS WA 115 55.14 40.30 63.37
N LYS WA 116 54.87 39.64 62.24
CA LYS WA 116 55.27 40.18 60.95
C LYS WA 116 54.62 41.53 60.68
N SER WA 117 53.39 41.74 61.14
CA SER WA 117 52.72 43.01 60.91
C SER WA 117 53.53 44.18 61.46
N VAL WA 118 53.77 44.18 62.77
CA VAL WA 118 54.51 45.27 63.39
C VAL WA 118 55.96 45.29 62.90
N GLY WA 119 56.54 44.11 62.67
CA GLY WA 119 57.91 44.06 62.19
C GLY WA 119 58.09 44.74 60.85
N ARG WA 120 57.12 44.57 59.95
CA ARG WA 120 57.20 45.12 58.61
C ARG WA 120 56.64 46.52 58.49
N ASN WA 121 55.82 46.96 59.45
CA ASN WA 121 55.17 48.26 59.32
C ASN WA 121 55.69 49.32 60.29
N ARG WA 122 56.24 48.94 61.44
CA ARG WA 122 56.65 49.91 62.45
C ARG WA 122 58.14 49.83 62.76
N LEU WA 123 58.67 48.63 63.02
CA LEU WA 123 60.07 48.51 63.41
C LEU WA 123 61.02 48.82 62.26
N LEU WA 124 60.78 48.22 61.10
CA LEU WA 124 61.70 48.33 59.98
C LEU WA 124 61.55 49.63 59.19
N PRO WA 125 60.35 50.06 58.81
CA PRO WA 125 60.24 51.29 58.01
C PRO WA 125 60.79 52.52 58.71
N GLN WA 126 60.67 52.60 60.03
CA GLN WA 126 61.12 53.76 60.78
C GLN WA 126 62.55 53.63 61.29
N GLY WA 127 63.23 52.53 60.97
CA GLY WA 127 64.61 52.35 61.39
C GLY WA 127 64.79 51.96 62.83
N LEU WA 128 63.73 51.57 63.53
CA LEU WA 128 63.82 51.20 64.93
C LEU WA 128 64.39 49.81 65.14
N ALA WA 129 64.50 49.01 64.09
CA ALA WA 129 65.03 47.65 64.20
C ALA WA 129 65.56 47.20 62.86
N VAL WA 130 66.38 46.15 62.88
CA VAL WA 130 66.98 45.57 61.69
C VAL WA 130 66.80 44.06 61.74
N TYR WA 131 67.18 43.40 60.64
CA TYR WA 131 67.04 41.96 60.54
C TYR WA 131 68.10 41.27 61.39
N ALA WA 132 67.89 39.96 61.59
CA ALA WA 132 68.76 39.13 62.42
C ALA WA 132 69.70 38.27 61.60
N SER WA 133 70.19 38.81 60.49
CA SER WA 133 71.18 38.10 59.69
C SER WA 133 72.48 37.98 60.46
N PRO WA 134 73.31 36.97 60.14
CA PRO WA 134 74.59 36.84 60.86
C PRO WA 134 75.49 38.05 60.71
N GLU WA 135 75.51 38.69 59.54
CA GLU WA 135 76.34 39.88 59.36
C GLU WA 135 75.92 41.01 60.28
N ASN WA 136 74.61 41.21 60.42
CA ASN WA 136 74.11 42.24 61.33
C ASN WA 136 74.28 41.84 62.79
N LYS WA 137 74.22 40.54 63.09
CA LYS WA 137 74.40 40.07 64.47
C LYS WA 137 75.85 40.21 64.93
N LYS WA 138 76.81 40.04 64.03
CA LYS WA 138 78.22 40.18 64.42
C LYS WA 138 78.53 41.60 64.88
N LEU WA 139 77.99 42.61 64.18
CA LEU WA 139 78.23 43.99 64.59
C LEU WA 139 77.65 44.27 65.97
N PHE WA 140 76.45 43.77 66.25
CA PHE WA 140 75.88 43.95 67.57
C PHE WA 140 76.64 43.18 68.64
N GLU WA 141 77.16 42.01 68.30
CA GLU WA 141 77.97 41.26 69.25
C GLU WA 141 79.24 42.02 69.61
N GLU WA 142 79.92 42.58 68.60
CA GLU WA 142 81.13 43.34 68.90
C GLU WA 142 80.81 44.64 69.63
N GLU WA 143 79.68 45.26 69.32
CA GLU WA 143 79.27 46.45 70.07
C GLU WA 143 79.02 46.12 71.53
N LYS WA 144 78.38 44.97 71.78
CA LYS WA 144 78.19 44.52 73.15
C LYS WA 144 79.52 44.24 73.84
N LEU WA 145 80.47 43.65 73.11
CA LEU WA 145 81.78 43.36 73.69
C LEU WA 145 82.49 44.65 74.11
N LEU WA 146 82.52 45.65 73.22
CA LEU WA 146 83.15 46.92 73.58
C LEU WA 146 82.38 47.65 74.68
N ARG WA 147 81.05 47.56 74.70
CA ARG WA 147 80.29 48.17 75.78
C ARG WA 147 80.62 47.53 77.12
N GLN WA 148 80.75 46.20 77.14
CA GLN WA 148 81.12 45.51 78.37
C GLN WA 148 82.54 45.87 78.80
N GLU WA 149 83.47 45.94 77.86
CA GLU WA 149 84.85 46.23 78.19
C GLU WA 149 85.09 47.71 78.50
N GLY WA 150 84.14 48.59 78.17
CA GLY WA 150 84.28 50.01 78.45
C GLY WA 150 82.96 50.70 78.74
N GLY XA 29 -8.12 -19.37 10.25
CA GLY XA 29 -8.17 -20.65 10.92
C GLY XA 29 -9.46 -20.86 11.70
N SER XA 30 -10.23 -21.87 11.30
CA SER XA 30 -11.48 -22.17 11.95
C SER XA 30 -11.30 -23.24 13.02
N LYS XA 31 -12.22 -23.26 13.97
CA LYS XA 31 -12.19 -24.26 15.03
C LYS XA 31 -12.60 -25.63 14.47
N ALA XA 32 -12.37 -26.66 15.29
CA ALA XA 32 -12.77 -28.00 14.88
C ALA XA 32 -14.28 -28.16 14.83
N VAL XA 33 -15.01 -27.41 15.65
CA VAL XA 33 -16.47 -27.43 15.66
C VAL XA 33 -16.96 -26.03 15.32
N THR XA 34 -17.71 -25.91 14.22
CA THR XA 34 -18.20 -24.63 13.76
C THR XA 34 -19.69 -24.69 13.46
N ARG XA 35 -20.24 -23.63 12.86
CA ARG XA 35 -21.64 -23.61 12.45
C ARG XA 35 -21.82 -23.60 10.94
N HIS XA 36 -20.75 -23.47 10.16
CA HIS XA 36 -20.84 -23.29 8.71
C HIS XA 36 -20.41 -24.55 7.94
N ARG XA 37 -20.44 -25.71 8.59
CA ARG XA 37 -20.14 -27.01 7.98
C ARG XA 37 -18.66 -27.19 7.69
N ARG XA 38 -17.89 -26.10 7.78
CA ARG XA 38 -16.42 -26.12 7.80
C ARG XA 38 -15.87 -26.97 6.64
N VAL XA 39 -16.02 -26.40 5.44
CA VAL XA 39 -15.67 -27.05 4.17
C VAL XA 39 -14.33 -27.79 4.27
N MET XA 40 -14.29 -28.99 3.70
CA MET XA 40 -13.19 -29.92 3.89
C MET XA 40 -12.05 -29.69 2.91
N HIS XA 41 -10.96 -30.41 3.13
CA HIS XA 41 -9.87 -30.49 2.17
C HIS XA 41 -10.34 -31.25 0.93
N PHE XA 42 -9.70 -30.96 -0.21
CA PHE XA 42 -10.10 -31.63 -1.45
C PHE XA 42 -9.84 -33.12 -1.39
N GLU XA 43 -8.74 -33.53 -0.75
CA GLU XA 43 -8.47 -34.95 -0.59
C GLU XA 43 -9.55 -35.63 0.25
N ARG XA 44 -10.00 -34.98 1.32
CA ARG XA 44 -11.08 -35.53 2.13
C ARG XA 44 -12.38 -35.60 1.33
N GLN XA 45 -12.65 -34.57 0.53
CA GLN XA 45 -13.85 -34.59 -0.32
C GLN XA 45 -13.80 -35.77 -1.28
N LYS XA 46 -12.65 -36.00 -1.91
CA LYS XA 46 -12.51 -37.15 -2.80
C LYS XA 46 -12.66 -38.46 -2.06
N LEU XA 47 -12.14 -38.53 -0.83
CA LEU XA 47 -12.27 -39.74 -0.03
C LEU XA 47 -13.74 -40.04 0.27
N MET XA 48 -14.49 -39.03 0.69
CA MET XA 48 -15.92 -39.25 0.96
C MET XA 48 -16.67 -39.61 -0.31
N ALA XA 49 -16.35 -38.97 -1.44
CA ALA XA 49 -17.01 -39.29 -2.69
C ALA XA 49 -16.76 -40.74 -3.08
N VAL XA 50 -15.52 -41.21 -2.90
CA VAL XA 50 -15.19 -42.60 -3.22
C VAL XA 50 -15.91 -43.55 -2.27
N THR XA 51 -15.95 -43.21 -0.98
CA THR XA 51 -16.53 -44.09 0.02
C THR XA 51 -18.03 -43.89 0.21
N GLU XA 52 -18.68 -43.17 -0.71
CA GLU XA 52 -20.14 -43.06 -0.67
C GLU XA 52 -20.78 -44.44 -0.73
N TYR XA 53 -21.89 -44.59 -0.01
CA TYR XA 53 -22.58 -45.88 0.07
C TYR XA 53 -23.21 -46.24 -1.27
N ILE XA 54 -23.06 -47.50 -1.66
CA ILE XA 54 -23.62 -48.02 -2.90
C ILE XA 54 -24.63 -49.12 -2.55
N PRO XA 55 -25.93 -48.87 -2.65
CA PRO XA 55 -26.91 -49.89 -2.28
C PRO XA 55 -26.88 -51.04 -3.25
N PRO XA 56 -27.16 -52.26 -2.80
CA PRO XA 56 -27.21 -53.40 -3.72
C PRO XA 56 -28.37 -53.26 -4.70
N LYS XA 57 -28.16 -53.76 -5.90
CA LYS XA 57 -29.16 -53.69 -6.96
C LYS XA 57 -29.44 -55.09 -7.49
N PRO XA 58 -30.66 -55.60 -7.37
CA PRO XA 58 -30.96 -56.94 -7.90
C PRO XA 58 -30.91 -56.97 -9.41
N THR XA 59 -30.63 -58.16 -9.94
CA THR XA 59 -30.56 -58.33 -11.39
C THR XA 59 -31.88 -58.02 -12.06
N ILE XA 60 -32.99 -58.49 -11.47
CA ILE XA 60 -34.32 -58.26 -12.00
C ILE XA 60 -35.18 -57.68 -10.89
N ASN XA 61 -35.88 -56.59 -11.19
CA ASN XA 61 -36.75 -55.97 -10.20
C ASN XA 61 -37.87 -56.93 -9.81
N PRO XA 62 -38.17 -57.08 -8.53
CA PRO XA 62 -39.15 -58.08 -8.09
C PRO XA 62 -40.58 -57.57 -7.92
N ARG XA 63 -40.89 -56.33 -8.29
CA ARG XA 63 -42.22 -55.80 -8.01
C ARG XA 63 -43.29 -56.56 -8.77
N CYS XA 64 -43.22 -56.53 -10.11
CA CYS XA 64 -44.12 -57.32 -10.96
C CYS XA 64 -43.39 -58.49 -11.62
N LEU XA 65 -42.38 -59.01 -10.93
CA LEU XA 65 -41.93 -60.38 -11.13
C LEU XA 65 -42.96 -61.33 -10.53
N PRO XA 66 -42.98 -62.59 -10.96
CA PRO XA 66 -43.86 -63.59 -10.33
C PRO XA 66 -43.81 -63.49 -8.81
N PRO XA 67 -44.94 -63.17 -8.18
CA PRO XA 67 -44.94 -62.91 -6.74
C PRO XA 67 -44.82 -64.21 -5.95
N PRO XA 68 -44.46 -64.13 -4.68
CA PRO XA 68 -44.40 -65.32 -3.83
C PRO XA 68 -45.78 -65.95 -3.66
N PRO XA 69 -45.85 -67.17 -3.16
CA PRO XA 69 -47.16 -67.83 -3.01
C PRO XA 69 -48.08 -67.05 -2.08
N THR XA 70 -49.37 -67.39 -2.15
CA THR XA 70 -50.39 -66.64 -1.43
C THR XA 70 -50.23 -66.81 0.07
N PRO XA 71 -50.16 -65.73 0.84
CA PRO XA 71 -50.18 -65.83 2.30
C PRO XA 71 -51.60 -65.93 2.83
N PRO XA 72 -52.14 -67.14 2.95
CA PRO XA 72 -53.59 -67.29 3.21
C PRO XA 72 -54.02 -66.57 4.48
N GLN XA 73 -54.86 -65.55 4.31
CA GLN XA 73 -55.32 -64.76 5.43
C GLN XA 73 -56.26 -65.58 6.31
N GLU XA 74 -55.99 -65.59 7.61
CA GLU XA 74 -56.81 -66.34 8.54
C GLU XA 74 -58.20 -65.74 8.64
N GLU XA 75 -59.22 -66.59 8.65
CA GLU XA 75 -60.59 -66.14 8.73
C GLU XA 75 -60.94 -65.82 10.18
N THR XA 76 -61.37 -64.59 10.43
CA THR XA 76 -61.56 -64.12 11.79
C THR XA 76 -62.94 -64.50 12.31
N GLY XA 77 -63.15 -64.20 13.59
CA GLY XA 77 -64.42 -64.51 14.23
C GLY XA 77 -65.58 -63.78 13.61
N LEU XA 78 -65.35 -62.56 13.12
CA LEU XA 78 -66.44 -61.79 12.50
C LEU XA 78 -66.97 -62.49 11.26
N VAL XA 79 -66.07 -62.85 10.33
CA VAL XA 79 -66.51 -63.52 9.12
C VAL XA 79 -67.03 -64.91 9.44
N ARG XA 80 -66.45 -65.58 10.43
CA ARG XA 80 -66.95 -66.89 10.84
C ARG XA 80 -68.39 -66.80 11.32
N LEU XA 81 -68.69 -65.81 12.16
CA LEU XA 81 -70.04 -65.64 12.68
C LEU XA 81 -71.00 -65.20 11.59
N LEU XA 82 -70.54 -64.36 10.66
CA LEU XA 82 -71.39 -63.97 9.54
C LEU XA 82 -71.74 -65.18 8.68
N ARG XA 83 -70.77 -66.04 8.40
CA ARG XA 83 -71.05 -67.26 7.63
C ARG XA 83 -72.00 -68.17 8.40
N ARG XA 84 -71.81 -68.30 9.71
CA ARG XA 84 -72.69 -69.13 10.52
C ARG XA 84 -74.12 -68.61 10.48
N GLU XA 85 -74.30 -67.30 10.61
CA GLU XA 85 -75.64 -66.71 10.57
C GLU XA 85 -76.26 -66.88 9.19
N ILE XA 86 -75.47 -66.69 8.13
CA ILE XA 86 -76.00 -66.87 6.77
C ILE XA 86 -76.43 -68.30 6.55
N ALA XA 87 -75.63 -69.27 7.00
CA ALA XA 87 -75.99 -70.67 6.86
C ALA XA 87 -77.24 -70.99 7.66
N ALA XA 88 -77.36 -70.46 8.87
CA ALA XA 88 -78.55 -70.68 9.68
C ALA XA 88 -79.78 -70.11 8.99
N VAL XA 89 -79.66 -68.92 8.39
CA VAL XA 89 -80.77 -68.32 7.66
C VAL XA 89 -81.16 -69.18 6.47
N PHE XA 90 -80.16 -69.65 5.70
CA PHE XA 90 -80.45 -70.41 4.50
C PHE XA 90 -80.93 -71.83 4.79
N ARG XA 91 -80.68 -72.34 5.99
CA ARG XA 91 -81.09 -73.69 6.36
C ARG XA 91 -82.41 -73.74 7.13
N ASP XA 92 -82.66 -72.77 8.01
CA ASP XA 92 -83.83 -72.84 8.87
C ASP XA 92 -85.09 -72.41 8.13
N ASN XA 93 -85.14 -71.16 7.68
CA ASN XA 93 -86.34 -70.65 7.04
C ASN XA 93 -86.43 -71.13 5.60
N ARG XA 94 -87.65 -71.08 5.06
CA ARG XA 94 -87.93 -71.58 3.71
C ARG XA 94 -87.96 -70.47 2.67
N MET XA 95 -88.66 -69.37 2.95
CA MET XA 95 -88.78 -68.28 1.98
C MET XA 95 -87.59 -67.35 2.11
N ILE XA 96 -86.81 -67.20 1.04
CA ILE XA 96 -85.65 -66.33 1.02
C ILE XA 96 -85.76 -65.46 -0.23
N ALA XA 97 -86.29 -64.26 -0.07
CA ALA XA 97 -86.44 -63.32 -1.19
C ALA XA 97 -85.25 -62.37 -1.23
N VAL XA 98 -84.95 -61.86 -2.41
CA VAL XA 98 -83.84 -60.94 -2.63
C VAL XA 98 -84.41 -59.67 -3.23
N CYS XA 99 -84.09 -58.53 -2.60
CA CYS XA 99 -84.56 -57.22 -3.05
C CYS XA 99 -83.39 -56.25 -3.11
N GLN XA 100 -83.57 -55.18 -3.87
CA GLN XA 100 -82.56 -54.13 -3.95
C GLN XA 100 -82.73 -53.15 -2.79
N HIS XA 101 -81.65 -52.90 -2.06
CA HIS XA 101 -81.68 -52.03 -0.89
C HIS XA 101 -81.55 -50.59 -1.35
N VAL XA 102 -82.64 -49.85 -1.31
CA VAL XA 102 -82.67 -48.44 -1.69
C VAL XA 102 -82.45 -47.60 -0.45
N ALA XA 103 -81.50 -46.67 -0.52
CA ALA XA 103 -81.16 -45.84 0.62
C ALA XA 103 -82.21 -44.75 0.78
N LEU XA 104 -83.04 -44.86 1.81
CA LEU XA 104 -84.06 -43.88 2.12
C LEU XA 104 -83.96 -43.48 3.60
N SER XA 105 -84.96 -42.75 4.06
CA SER XA 105 -84.95 -42.24 5.42
C SER XA 105 -85.08 -43.37 6.44
N ALA XA 106 -84.41 -43.18 7.58
CA ALA XA 106 -84.43 -44.20 8.63
C ALA XA 106 -85.83 -44.38 9.19
N GLU XA 107 -86.65 -43.33 9.22
CA GLU XA 107 -88.04 -43.50 9.64
C GLU XA 107 -88.80 -44.39 8.68
N ASP XA 108 -88.55 -44.25 7.37
CA ASP XA 108 -89.17 -45.14 6.40
C ASP XA 108 -88.68 -46.57 6.57
N LYS XA 109 -87.38 -46.75 6.85
CA LYS XA 109 -86.86 -48.09 7.14
C LYS XA 109 -87.55 -48.70 8.35
N LEU XA 110 -87.71 -47.92 9.42
CA LEU XA 110 -88.36 -48.43 10.63
C LEU XA 110 -89.82 -48.78 10.36
N LEU XA 111 -90.52 -47.93 9.59
CA LEU XA 111 -91.90 -48.24 9.24
C LEU XA 111 -91.99 -49.50 8.40
N LEU XA 112 -91.02 -49.71 7.50
CA LEU XA 112 -91.01 -50.92 6.70
C LEU XA 112 -90.81 -52.16 7.56
N ARG XA 113 -89.87 -52.10 8.51
CA ARG XA 113 -89.69 -53.23 9.43
C ARG XA 113 -90.93 -53.44 10.28
N HIS XA 114 -91.61 -52.35 10.66
CA HIS XA 114 -92.87 -52.44 11.39
C HIS XA 114 -93.92 -53.22 10.61
N GLN XA 115 -94.11 -52.84 9.34
CA GLN XA 115 -95.10 -53.53 8.51
C GLN XA 115 -94.71 -54.98 8.26
N LEU XA 116 -93.41 -55.24 8.08
CA LEU XA 116 -92.96 -56.61 7.85
C LEU XA 116 -93.17 -57.48 9.09
N ARG XA 117 -92.89 -56.94 10.28
CA ARG XA 117 -93.10 -57.68 11.51
C ARG XA 117 -94.56 -57.80 11.90
N LYS XA 118 -95.45 -57.00 11.29
CA LYS XA 118 -96.87 -57.34 11.37
C LYS XA 118 -97.15 -58.73 10.81
N HIS XA 119 -96.50 -59.09 9.70
CA HIS XA 119 -96.63 -60.41 9.12
C HIS XA 119 -95.53 -61.37 9.57
N LYS XA 120 -94.66 -60.92 10.50
CA LYS XA 120 -93.67 -61.80 11.14
C LYS XA 120 -92.68 -62.37 10.14
N ILE XA 121 -92.27 -61.56 9.18
CA ILE XA 121 -91.25 -61.92 8.21
C ILE XA 121 -90.20 -60.82 8.20
N LEU XA 122 -88.92 -61.22 8.33
CA LEU XA 122 -87.86 -60.27 8.64
C LEU XA 122 -87.06 -59.94 7.38
N MET XA 123 -86.15 -58.98 7.52
CA MET XA 123 -85.18 -58.67 6.48
C MET XA 123 -83.79 -58.60 7.11
N LYS XA 124 -82.79 -58.98 6.32
CA LYS XA 124 -81.41 -59.03 6.76
C LYS XA 124 -80.49 -58.43 5.71
N ILE XA 125 -79.34 -57.97 6.17
CA ILE XA 125 -78.30 -57.43 5.30
C ILE XA 125 -76.98 -58.10 5.65
N PHE XA 126 -76.29 -58.62 4.64
CA PHE XA 126 -75.01 -59.28 4.83
C PHE XA 126 -74.00 -58.73 3.84
N PRO XA 127 -72.73 -58.66 4.23
CA PRO XA 127 -71.71 -58.16 3.30
C PRO XA 127 -71.57 -59.09 2.09
N ASN XA 128 -71.38 -58.49 0.92
CA ASN XA 128 -71.20 -59.28 -0.30
C ASN XA 128 -69.89 -60.07 -0.26
N GLN XA 129 -68.83 -59.48 0.30
CA GLN XA 129 -67.54 -60.15 0.36
C GLN XA 129 -67.63 -61.49 1.06
N VAL XA 130 -68.57 -61.64 1.99
CA VAL XA 130 -68.78 -62.88 2.71
C VAL XA 130 -69.88 -63.72 2.07
N LEU XA 131 -70.93 -63.07 1.56
CA LEU XA 131 -72.08 -63.80 1.06
C LEU XA 131 -71.80 -64.46 -0.29
N LYS XA 132 -71.05 -63.80 -1.17
CA LYS XA 132 -70.78 -64.37 -2.49
C LYS XA 132 -70.00 -65.67 -2.44
N PRO XA 133 -68.90 -65.81 -1.69
CA PRO XA 133 -68.24 -67.13 -1.62
C PRO XA 133 -69.14 -68.21 -1.06
N PHE XA 134 -69.96 -67.88 -0.05
CA PHE XA 134 -70.91 -68.86 0.47
C PHE XA 134 -71.93 -69.25 -0.59
N LEU XA 135 -72.42 -68.28 -1.36
CA LEU XA 135 -73.41 -68.57 -2.38
C LEU XA 135 -72.83 -69.46 -3.47
N GLU XA 136 -71.60 -69.19 -3.91
CA GLU XA 136 -71.00 -70.02 -4.96
C GLU XA 136 -70.54 -71.37 -4.44
N GLU XA 137 -70.30 -71.51 -3.14
CA GLU XA 137 -69.97 -72.81 -2.57
C GLU XA 137 -71.21 -73.65 -2.26
N SER XA 138 -72.36 -73.00 -2.03
CA SER XA 138 -73.60 -73.70 -1.74
C SER XA 138 -74.33 -74.03 -3.04
N LYS XA 139 -75.58 -74.46 -2.92
CA LYS XA 139 -76.39 -74.85 -4.07
C LYS XA 139 -77.16 -73.70 -4.69
N TYR XA 140 -76.90 -72.47 -4.24
CA TYR XA 140 -77.62 -71.29 -4.73
C TYR XA 140 -76.78 -70.48 -5.71
N GLN XA 141 -76.01 -71.16 -6.57
CA GLN XA 141 -75.16 -70.48 -7.53
C GLN XA 141 -75.94 -69.73 -8.60
N ASN XA 142 -77.25 -69.96 -8.72
CA ASN XA 142 -78.06 -69.24 -9.69
C ASN XA 142 -78.47 -67.86 -9.19
N LEU XA 143 -78.20 -67.52 -7.94
CA LEU XA 143 -78.55 -66.23 -7.37
C LEU XA 143 -77.42 -65.21 -7.48
N LEU XA 144 -76.31 -65.57 -8.11
CA LEU XA 144 -75.16 -64.66 -8.20
C LEU XA 144 -75.51 -63.32 -8.85
N PRO XA 145 -76.23 -63.24 -9.97
CA PRO XA 145 -76.55 -61.92 -10.54
C PRO XA 145 -77.41 -61.05 -9.63
N LEU XA 146 -78.12 -61.64 -8.67
CA LEU XA 146 -78.96 -60.88 -7.76
C LEU XA 146 -78.19 -60.22 -6.63
N PHE XA 147 -76.88 -60.45 -6.53
CA PHE XA 147 -76.13 -59.99 -5.37
C PHE XA 147 -74.91 -59.16 -5.76
N VAL XA 148 -75.11 -58.17 -6.63
CA VAL XA 148 -74.02 -57.28 -7.02
C VAL XA 148 -74.06 -56.01 -6.16
N GLY XA 149 -75.18 -55.30 -6.19
CA GLY XA 149 -75.32 -54.04 -5.48
C GLY XA 149 -75.78 -54.23 -4.05
N HIS XA 150 -76.48 -53.20 -3.54
CA HIS XA 150 -77.00 -53.26 -2.18
C HIS XA 150 -78.16 -54.24 -2.11
N ASN XA 151 -78.05 -55.20 -1.19
CA ASN XA 151 -78.93 -56.35 -1.19
C ASN XA 151 -79.73 -56.41 0.11
N LEU XA 152 -80.97 -56.91 0.00
CA LEU XA 152 -81.84 -57.16 1.13
C LEU XA 152 -82.32 -58.60 1.05
N LEU XA 153 -82.15 -59.36 2.12
CA LEU XA 153 -82.59 -60.76 2.17
C LEU XA 153 -83.84 -60.82 3.04
N LEU XA 154 -85.00 -60.95 2.40
CA LEU XA 154 -86.25 -61.13 3.12
C LEU XA 154 -86.35 -62.59 3.55
N VAL XA 155 -86.36 -62.82 4.86
CA VAL XA 155 -86.32 -64.15 5.44
C VAL XA 155 -87.68 -64.44 6.06
N SER XA 156 -88.27 -65.57 5.68
CA SER XA 156 -89.63 -65.86 6.11
C SER XA 156 -89.82 -67.35 6.34
N GLU XA 157 -90.43 -67.67 7.48
CA GLU XA 157 -90.99 -68.99 7.75
C GLU XA 157 -92.47 -68.97 7.41
N GLU XA 158 -92.98 -70.13 6.96
CA GLU XA 158 -94.34 -70.22 6.45
C GLU XA 158 -94.55 -69.16 5.37
N PRO XA 159 -93.98 -69.37 4.17
CA PRO XA 159 -93.92 -68.30 3.17
C PRO XA 159 -95.28 -67.70 2.83
N LYS XA 160 -95.38 -66.38 2.99
CA LYS XA 160 -96.59 -65.61 2.65
C LYS XA 160 -96.17 -64.46 1.75
N VAL XA 161 -96.15 -64.72 0.44
CA VAL XA 161 -95.74 -63.71 -0.52
C VAL XA 161 -96.85 -62.71 -0.81
N LYS XA 162 -98.12 -63.11 -0.63
CA LYS XA 162 -99.23 -62.22 -0.93
C LYS XA 162 -99.18 -60.97 -0.05
N GLU XA 163 -99.01 -61.17 1.27
CA GLU XA 163 -98.95 -60.02 2.18
C GLU XA 163 -97.72 -59.17 1.93
N MET XA 164 -96.58 -59.80 1.63
CA MET XA 164 -95.37 -59.05 1.32
C MET XA 164 -95.56 -58.17 0.09
N VAL XA 165 -96.18 -58.72 -0.95
CA VAL XA 165 -96.45 -57.94 -2.16
C VAL XA 165 -97.42 -56.81 -1.85
N ARG XA 166 -98.45 -57.10 -1.04
CA ARG XA 166 -99.43 -56.08 -0.70
C ARG XA 166 -98.79 -54.91 0.06
N ILE XA 167 -97.85 -55.22 0.96
CA ILE XA 167 -97.26 -54.14 1.75
C ILE XA 167 -96.14 -53.44 1.00
N LEU XA 168 -95.47 -54.12 0.07
CA LEU XA 168 -94.43 -53.48 -0.74
C LEU XA 168 -94.97 -52.75 -1.95
N LYS XA 169 -96.25 -52.97 -2.31
CA LYS XA 169 -96.81 -52.24 -3.43
C LYS XA 169 -96.97 -50.75 -3.13
N GLY XA 170 -97.06 -50.40 -1.85
CA GLY XA 170 -97.20 -49.00 -1.49
C GLY XA 170 -96.02 -48.15 -1.92
N ILE XA 171 -94.82 -48.70 -1.80
CA ILE XA 171 -93.60 -48.03 -2.26
C ILE XA 171 -93.32 -48.50 -3.68
N PRO XA 172 -93.37 -47.63 -4.68
CA PRO XA 172 -93.30 -48.11 -6.07
C PRO XA 172 -91.89 -48.45 -6.54
N PHE XA 173 -90.87 -47.85 -5.94
CA PHE XA 173 -89.50 -47.95 -6.44
C PHE XA 173 -88.65 -48.93 -5.64
N LEU XA 174 -89.27 -49.82 -4.86
CA LEU XA 174 -88.52 -50.92 -4.28
C LEU XA 174 -88.74 -52.15 -5.15
N PRO XA 175 -87.77 -52.55 -5.98
CA PRO XA 175 -87.99 -53.66 -6.90
C PRO XA 175 -87.66 -55.01 -6.28
N LEU XA 176 -88.54 -55.97 -6.53
CA LEU XA 176 -88.32 -57.35 -6.08
C LEU XA 176 -87.36 -58.02 -7.05
N LEU XA 177 -86.10 -58.18 -6.64
CA LEU XA 177 -85.11 -58.79 -7.51
C LEU XA 177 -85.45 -60.24 -7.79
N GLY XA 178 -85.91 -60.97 -6.79
CA GLY XA 178 -86.30 -62.37 -6.98
C GLY XA 178 -86.35 -63.09 -5.64
N GLY XA 179 -86.00 -64.37 -5.67
CA GLY XA 179 -85.88 -65.15 -4.47
C GLY XA 179 -86.25 -66.59 -4.70
N CYS XA 180 -86.33 -67.34 -3.61
CA CYS XA 180 -86.65 -68.76 -3.64
C CYS XA 180 -87.68 -69.09 -2.57
N ILE XA 181 -88.60 -69.99 -2.92
CA ILE XA 181 -89.63 -70.49 -2.02
C ILE XA 181 -89.51 -72.00 -2.01
N ASP XA 182 -89.04 -72.56 -0.89
CA ASP XA 182 -88.88 -74.00 -0.72
C ASP XA 182 -88.00 -74.59 -1.81
N ASP XA 183 -86.78 -74.07 -1.90
CA ASP XA 183 -85.77 -74.53 -2.86
C ASP XA 183 -86.30 -74.45 -4.30
N THR XA 184 -87.03 -73.38 -4.60
CA THR XA 184 -87.56 -73.16 -5.93
C THR XA 184 -87.35 -71.68 -6.27
N ILE XA 185 -86.38 -71.41 -7.15
CA ILE XA 185 -86.07 -70.02 -7.48
C ILE XA 185 -87.20 -69.43 -8.31
N LEU XA 186 -87.72 -68.28 -7.87
CA LEU XA 186 -88.79 -67.58 -8.56
C LEU XA 186 -88.41 -66.12 -8.72
N SER XA 187 -88.75 -65.56 -9.87
CA SER XA 187 -88.48 -64.16 -10.15
C SER XA 187 -89.63 -63.30 -9.61
N ARG XA 188 -89.65 -62.02 -9.99
CA ARG XA 188 -90.76 -61.16 -9.57
C ARG XA 188 -92.07 -61.66 -10.17
N GLN XA 189 -92.02 -62.17 -11.40
CA GLN XA 189 -93.20 -62.80 -11.99
C GLN XA 189 -93.61 -64.04 -11.20
N GLY XA 190 -92.63 -64.81 -10.71
CA GLY XA 190 -92.96 -65.96 -9.88
C GLY XA 190 -93.64 -65.56 -8.58
N PHE XA 191 -93.17 -64.47 -7.96
CA PHE XA 191 -93.81 -63.99 -6.74
C PHE XA 191 -95.21 -63.44 -7.04
N ILE XA 192 -95.38 -62.81 -8.20
CA ILE XA 192 -96.72 -62.38 -8.63
C ILE XA 192 -97.63 -63.59 -8.74
N ASN XA 193 -97.12 -64.68 -9.34
CA ASN XA 193 -97.91 -65.90 -9.47
C ASN XA 193 -98.28 -66.46 -8.10
N TYR XA 194 -97.31 -66.52 -7.18
CA TYR XA 194 -97.60 -67.05 -5.84
C TYR XA 194 -98.64 -66.21 -5.13
N SER XA 195 -98.56 -64.88 -5.27
CA SER XA 195 -99.57 -64.00 -4.69
C SER XA 195 -100.94 -64.24 -5.32
N LYS XA 196 -100.99 -64.44 -6.64
CA LYS XA 196 -102.24 -64.75 -7.32
C LYS XA 196 -102.85 -66.06 -6.84
N LEU XA 197 -102.01 -67.06 -6.57
CA LEU XA 197 -102.44 -68.31 -5.98
C LEU XA 197 -103.12 -68.09 -4.63
N PRO XA 198 -104.19 -68.84 -4.34
CA PRO XA 198 -104.94 -68.60 -3.09
C PRO XA 198 -104.29 -69.24 -1.88
N SER XA 199 -104.99 -69.21 -0.75
CA SER XA 199 -104.46 -69.76 0.49
C SER XA 199 -104.27 -71.28 0.37
N LEU XA 200 -103.37 -71.80 1.21
CA LEU XA 200 -103.01 -73.22 1.15
C LEU XA 200 -104.22 -74.11 1.44
N ALA XA 201 -104.98 -73.79 2.50
CA ALA XA 201 -106.13 -74.61 2.85
C ALA XA 201 -107.19 -74.58 1.76
N LEU XA 202 -107.47 -73.40 1.22
CA LEU XA 202 -108.48 -73.29 0.16
C LEU XA 202 -108.05 -74.04 -1.09
N VAL XA 203 -106.78 -73.92 -1.47
CA VAL XA 203 -106.33 -74.58 -2.70
C VAL XA 203 -106.26 -76.10 -2.50
N GLN XA 204 -105.91 -76.56 -1.30
CA GLN XA 204 -105.86 -78.00 -1.09
C GLN XA 204 -107.25 -78.60 -0.98
N GLY XA 205 -108.24 -77.82 -0.50
CA GLY XA 205 -109.62 -78.25 -0.62
C GLY XA 205 -110.11 -78.26 -2.05
N GLU XA 206 -109.75 -77.24 -2.83
CA GLU XA 206 -110.15 -77.18 -4.23
C GLU XA 206 -109.51 -78.28 -5.06
N LEU XA 207 -108.34 -78.78 -4.66
CA LEU XA 207 -107.75 -79.92 -5.35
C LEU XA 207 -108.64 -81.15 -5.25
N VAL XA 208 -109.11 -81.47 -4.03
CA VAL XA 208 -110.02 -82.59 -3.85
C VAL XA 208 -111.36 -82.31 -4.54
N GLY XA 209 -111.80 -81.05 -4.50
CA GLY XA 209 -113.02 -80.69 -5.22
C GLY XA 209 -112.92 -80.96 -6.70
N GLY XA 210 -111.81 -80.56 -7.32
CA GLY XA 210 -111.60 -80.85 -8.74
C GLY XA 210 -111.44 -82.34 -9.01
N LEU XA 211 -110.82 -83.06 -8.08
CA LEU XA 211 -110.67 -84.51 -8.24
C LEU XA 211 -112.03 -85.20 -8.27
N THR XA 212 -112.95 -84.78 -7.40
CA THR XA 212 -114.30 -85.32 -7.37
C THR XA 212 -115.24 -84.66 -8.38
N PHE XA 213 -114.78 -83.60 -9.04
CA PHE XA 213 -115.61 -82.90 -10.01
C PHE XA 213 -115.97 -83.80 -11.20
N LEU XA 214 -115.09 -84.73 -11.56
CA LEU XA 214 -115.40 -85.64 -12.66
C LEU XA 214 -116.62 -86.49 -12.31
N THR XA 215 -116.62 -87.09 -11.11
CA THR XA 215 -117.76 -87.88 -10.67
C THR XA 215 -119.00 -87.02 -10.51
N ALA XA 216 -118.84 -85.80 -9.99
CA ALA XA 216 -119.98 -84.90 -9.82
C ALA XA 216 -120.61 -84.56 -11.17
N GLN XA 217 -119.78 -84.25 -12.17
CA GLN XA 217 -120.29 -83.95 -13.51
C GLN XA 217 -120.94 -85.17 -14.13
N THR XA 218 -120.37 -86.36 -13.92
CA THR XA 218 -121.00 -87.57 -14.45
C THR XA 218 -122.37 -87.80 -13.83
N TYR XA 219 -122.48 -87.61 -12.52
CA TYR XA 219 -123.78 -87.78 -11.85
C TYR XA 219 -124.78 -86.73 -12.32
N SER XA 220 -124.35 -85.48 -12.48
CA SER XA 220 -125.24 -84.44 -12.97
C SER XA 220 -125.72 -84.76 -14.38
N MET XA 221 -124.81 -85.24 -15.23
CA MET XA 221 -125.17 -85.62 -16.60
C MET XA 221 -126.16 -86.76 -16.61
N LEU XA 222 -125.96 -87.76 -15.75
CA LEU XA 222 -126.91 -88.87 -15.66
C LEU XA 222 -128.27 -88.40 -15.16
N GLN XA 223 -128.30 -87.49 -14.19
CA GLN XA 223 -129.56 -87.01 -13.63
C GLN XA 223 -130.26 -86.01 -14.53
N HIS XA 224 -129.55 -85.41 -15.49
CA HIS XA 224 -130.16 -84.38 -16.32
C HIS XA 224 -131.21 -84.92 -17.28
N GLN XA 225 -131.23 -86.23 -17.55
CA GLN XA 225 -132.22 -86.76 -18.48
C GLN XA 225 -133.65 -86.55 -18.01
N PRO XA 226 -134.03 -86.89 -16.77
CA PRO XA 226 -135.32 -86.40 -16.27
C PRO XA 226 -135.39 -84.89 -16.16
N ARG XA 227 -134.26 -84.24 -15.86
CA ARG XA 227 -134.27 -82.80 -15.69
C ARG XA 227 -134.54 -82.07 -17.00
N GLN XA 228 -134.13 -82.65 -18.13
CA GLN XA 228 -134.45 -82.04 -19.42
C GLN XA 228 -135.95 -82.01 -19.66
N LEU XA 229 -136.62 -83.14 -19.39
CA LEU XA 229 -138.08 -83.17 -19.51
C LEU XA 229 -138.74 -82.23 -18.53
N THR XA 230 -138.22 -82.16 -17.30
CA THR XA 230 -138.79 -81.25 -16.31
C THR XA 230 -138.67 -79.80 -16.77
N ALA XA 231 -137.50 -79.41 -17.29
CA ALA XA 231 -137.30 -78.06 -17.78
C ALA XA 231 -138.21 -77.75 -18.97
N LEU XA 232 -138.36 -78.72 -19.89
CA LEU XA 232 -139.25 -78.51 -21.02
C LEU XA 232 -140.69 -78.30 -20.57
N LEU XA 233 -141.14 -79.11 -19.61
CA LEU XA 233 -142.50 -78.97 -19.08
C LEU XA 233 -142.66 -77.62 -18.37
N ASP XA 234 -141.66 -77.20 -17.60
CA ASP XA 234 -141.73 -75.91 -16.92
C ASP XA 234 -141.80 -74.77 -17.93
N GLN XA 235 -141.02 -74.84 -19.00
CA GLN XA 235 -141.07 -73.82 -20.05
C GLN XA 235 -142.44 -73.79 -20.71
N TYR XA 236 -142.99 -74.97 -21.01
CA TYR XA 236 -144.32 -75.02 -21.62
C TYR XA 236 -145.39 -74.45 -20.70
N VAL XA 237 -145.30 -74.74 -19.40
CA VAL XA 237 -146.27 -74.21 -18.45
C VAL XA 237 -146.15 -72.70 -18.33
N LYS XA 238 -144.92 -72.19 -18.21
CA LYS XA 238 -144.71 -70.76 -18.10
C LYS XA 238 -145.05 -70.01 -19.37
N GLN XA 239 -145.08 -70.70 -20.51
CA GLN XA 239 -145.52 -70.06 -21.75
C GLN XA 239 -146.96 -69.59 -21.65
N GLN XA 240 -147.83 -70.42 -21.06
CA GLN XA 240 -149.23 -70.06 -20.88
C GLN XA 240 -149.54 -69.76 -19.41
N SER YA 17 -94.59 -29.21 6.71
CA SER YA 17 -93.78 -27.98 6.76
C SER YA 17 -92.48 -28.21 7.51
N GLY YA 18 -92.55 -29.00 8.58
CA GLY YA 18 -91.36 -29.30 9.37
C GLY YA 18 -91.71 -30.20 10.53
N MET YA 19 -90.68 -30.54 11.29
CA MET YA 19 -90.79 -31.41 12.46
C MET YA 19 -90.48 -30.61 13.71
N ILE YA 20 -91.37 -30.66 14.70
CA ILE YA 20 -91.24 -29.91 15.94
C ILE YA 20 -91.35 -30.87 17.11
N ARG YA 21 -90.35 -30.86 17.98
CA ARG YA 21 -90.36 -31.61 19.22
C ARG YA 21 -90.44 -30.64 20.39
N ALA YA 22 -91.19 -31.01 21.43
CA ALA YA 22 -91.35 -30.11 22.57
C ALA YA 22 -91.57 -30.91 23.84
N ILE YA 23 -90.89 -30.52 24.90
CA ILE YA 23 -91.11 -31.07 26.23
C ILE YA 23 -92.19 -30.22 26.91
N VAL YA 24 -93.38 -30.77 27.06
CA VAL YA 24 -94.53 -30.04 27.58
C VAL YA 24 -95.06 -30.75 28.81
N ARG YA 25 -95.65 -29.97 29.71
CA ARG YA 25 -96.30 -30.50 30.89
C ARG YA 25 -97.66 -31.10 30.51
N ALA YA 26 -98.21 -31.89 31.43
CA ALA YA 26 -99.49 -32.56 31.16
C ALA YA 26 -100.62 -31.56 30.98
N GLY YA 27 -100.69 -30.55 31.85
CA GLY YA 27 -101.77 -29.59 31.78
C GLY YA 27 -101.30 -28.14 31.77
N GLN YA 28 -100.03 -27.93 32.09
CA GLN YA 28 -99.46 -26.58 32.12
C GLN YA 28 -98.92 -26.23 30.73
N ALA YA 29 -99.83 -26.20 29.77
CA ALA YA 29 -99.49 -25.87 28.39
C ALA YA 29 -99.75 -24.38 28.18
N ARG YA 30 -98.78 -23.58 28.62
CA ARG YA 30 -98.90 -22.13 28.50
C ARG YA 30 -98.60 -21.69 27.07
N PRO YA 31 -99.24 -20.61 26.62
CA PRO YA 31 -98.99 -20.12 25.25
C PRO YA 31 -97.76 -19.23 25.17
N GLY YA 32 -96.94 -19.24 26.21
CA GLY YA 32 -95.75 -18.41 26.26
C GLY YA 32 -94.51 -19.12 25.76
N PRO YA 33 -93.35 -18.52 25.99
CA PRO YA 33 -92.09 -19.13 25.57
C PRO YA 33 -91.73 -20.31 26.46
N PRO YA 34 -90.86 -21.21 26.00
CA PRO YA 34 -90.20 -21.21 24.68
C PRO YA 34 -90.95 -22.01 23.62
N LEU YA 35 -92.28 -22.06 23.74
CA LEU YA 35 -93.11 -22.84 22.82
C LEU YA 35 -94.07 -22.01 22.00
N GLY YA 36 -94.65 -20.95 22.55
CA GLY YA 36 -95.56 -20.10 21.82
C GLY YA 36 -94.97 -19.41 20.61
N PRO YA 37 -93.81 -18.74 20.79
CA PRO YA 37 -93.18 -18.06 19.65
C PRO YA 37 -92.83 -18.98 18.49
N ILE YA 38 -92.39 -20.21 18.76
CA ILE YA 38 -92.04 -21.12 17.67
C ILE YA 38 -93.26 -21.46 16.83
N LEU YA 39 -94.38 -21.79 17.50
CA LEU YA 39 -95.59 -22.12 16.76
C LEU YA 39 -96.17 -20.90 16.06
N GLY YA 40 -96.03 -19.72 16.67
CA GLY YA 40 -96.46 -18.50 15.99
C GLY YA 40 -95.65 -18.21 14.74
N GLN YA 41 -94.34 -18.43 14.80
CA GLN YA 41 -93.50 -18.29 13.61
C GLN YA 41 -93.89 -19.31 12.56
N ARG YA 42 -94.20 -20.54 12.98
CA ARG YA 42 -94.66 -21.55 12.04
C ARG YA 42 -95.95 -21.13 11.36
N GLY YA 43 -96.89 -20.56 12.11
CA GLY YA 43 -98.10 -19.98 11.55
C GLY YA 43 -99.38 -20.41 12.24
N VAL YA 44 -99.38 -21.51 12.96
CA VAL YA 44 -100.61 -21.99 13.61
C VAL YA 44 -100.83 -21.22 14.91
N SER YA 45 -102.09 -21.14 15.31
CA SER YA 45 -102.44 -20.46 16.56
C SER YA 45 -101.96 -21.28 17.76
N ILE YA 46 -101.64 -20.57 18.84
CA ILE YA 46 -101.10 -21.22 20.03
C ILE YA 46 -102.23 -21.53 21.01
N ASN YA 47 -103.30 -20.73 20.97
CA ASN YA 47 -104.43 -20.98 21.85
C ASN YA 47 -105.09 -22.31 21.52
N GLN YA 48 -105.28 -22.61 20.23
CA GLN YA 48 -105.85 -23.89 19.82
C GLN YA 48 -104.95 -25.05 20.24
N PHE YA 49 -103.64 -24.88 20.08
CA PHE YA 49 -102.71 -25.94 20.48
C PHE YA 49 -102.79 -26.19 21.97
N CYS YA 50 -102.81 -25.13 22.78
CA CYS YA 50 -102.90 -25.30 24.22
C CYS YA 50 -104.21 -25.96 24.61
N LYS YA 51 -105.32 -25.55 23.99
CA LYS YA 51 -106.61 -26.15 24.31
C LYS YA 51 -106.62 -27.63 23.96
N GLU YA 52 -106.11 -27.99 22.78
CA GLU YA 52 -106.07 -29.38 22.37
C GLU YA 52 -105.20 -30.20 23.30
N PHE YA 53 -104.04 -29.68 23.68
CA PHE YA 53 -103.15 -30.39 24.60
C PHE YA 53 -103.83 -30.61 25.95
N ASN YA 54 -104.49 -29.58 26.48
CA ASN YA 54 -105.14 -29.70 27.77
C ASN YA 54 -106.29 -30.72 27.72
N GLU YA 55 -107.10 -30.68 26.66
CA GLU YA 55 -108.21 -31.63 26.57
C GLU YA 55 -107.72 -33.05 26.33
N LYS YA 56 -106.59 -33.21 25.64
CA LYS YA 56 -106.06 -34.56 25.39
C LYS YA 56 -105.37 -35.14 26.62
N THR YA 57 -104.73 -34.31 27.44
CA THR YA 57 -104.00 -34.79 28.61
C THR YA 57 -104.68 -34.38 29.92
N LYS YA 58 -105.99 -34.13 29.87
CA LYS YA 58 -106.72 -33.80 31.10
C LYS YA 58 -106.75 -34.96 32.09
N ASP YA 59 -106.56 -36.19 31.62
CA ASP YA 59 -106.55 -37.36 32.51
C ASP YA 59 -105.15 -37.71 32.99
N ILE YA 60 -104.13 -36.95 32.61
CA ILE YA 60 -102.76 -37.18 33.03
C ILE YA 60 -102.45 -36.24 34.19
N LYS YA 61 -101.66 -36.72 35.15
CA LYS YA 61 -101.31 -35.91 36.31
C LYS YA 61 -100.56 -34.65 35.88
N GLU YA 62 -101.12 -33.50 36.22
CA GLU YA 62 -100.49 -32.23 35.89
C GLU YA 62 -99.19 -32.07 36.67
N GLY YA 63 -98.14 -31.61 35.97
CA GLY YA 63 -96.84 -31.35 36.56
C GLY YA 63 -95.72 -32.19 35.97
N ILE YA 64 -96.04 -33.39 35.49
CA ILE YA 64 -95.02 -34.27 34.93
C ILE YA 64 -94.66 -33.78 33.53
N PRO YA 65 -93.41 -33.90 33.12
CA PRO YA 65 -93.04 -33.54 31.74
C PRO YA 65 -93.21 -34.72 30.79
N LEU YA 66 -93.42 -34.39 29.52
CA LEU YA 66 -93.56 -35.42 28.50
C LEU YA 66 -93.16 -34.85 27.15
N PRO YA 67 -92.46 -35.61 26.32
CA PRO YA 67 -92.16 -35.16 24.96
C PRO YA 67 -93.37 -35.30 24.05
N THR YA 68 -93.48 -34.38 23.10
CA THR YA 68 -94.56 -34.39 22.12
C THR YA 68 -94.04 -33.90 20.79
N LYS YA 69 -94.73 -34.30 19.72
CA LYS YA 69 -94.38 -33.94 18.36
C LYS YA 69 -95.54 -33.16 17.74
N ILE YA 70 -95.22 -32.01 17.15
CA ILE YA 70 -96.21 -31.13 16.55
C ILE YA 70 -95.95 -31.11 15.04
N PHE YA 71 -96.99 -31.42 14.26
CA PHE YA 71 -96.91 -31.40 12.81
C PHE YA 71 -97.73 -30.25 12.28
N VAL YA 72 -97.09 -29.37 11.50
CA VAL YA 72 -97.73 -28.18 10.94
C VAL YA 72 -97.86 -28.37 9.44
N LYS YA 73 -99.06 -28.14 8.92
CA LYS YA 73 -99.35 -28.29 7.50
C LYS YA 73 -99.66 -26.94 6.88
N PRO YA 74 -99.44 -26.79 5.58
CA PRO YA 74 -99.86 -25.55 4.90
C PRO YA 74 -101.35 -25.35 5.01
N ASP YA 75 -101.75 -24.08 5.12
CA ASP YA 75 -103.03 -23.49 5.59
C ASP YA 75 -103.03 -23.38 7.11
N ARG YA 76 -101.90 -23.60 7.75
CA ARG YA 76 -101.73 -23.41 9.19
C ARG YA 76 -102.64 -24.35 9.99
N THR YA 77 -102.49 -25.65 9.74
CA THR YA 77 -103.17 -26.68 10.51
C THR YA 77 -102.14 -27.50 11.28
N PHE YA 78 -102.49 -27.85 12.52
CA PHE YA 78 -101.58 -28.54 13.42
C PHE YA 78 -102.21 -29.80 13.96
N GLU YA 79 -101.36 -30.79 14.26
CA GLU YA 79 -101.78 -32.01 14.94
C GLU YA 79 -100.74 -32.34 16.00
N ILE YA 80 -101.17 -33.07 17.03
CA ILE YA 80 -100.35 -33.34 18.20
C ILE YA 80 -100.18 -34.84 18.36
N LYS YA 81 -98.94 -35.27 18.61
CA LYS YA 81 -98.63 -36.65 18.95
C LYS YA 81 -97.83 -36.64 20.24
N ILE YA 82 -98.26 -37.44 21.22
CA ILE YA 82 -97.69 -37.43 22.56
C ILE YA 82 -97.16 -38.82 22.89
N GLY YA 83 -95.92 -38.86 23.38
CA GLY YA 83 -95.28 -40.10 23.79
C GLY YA 83 -95.16 -40.22 25.30
N GLN YA 84 -94.51 -41.31 25.71
CA GLN YA 84 -94.32 -41.59 27.11
C GLN YA 84 -93.33 -40.61 27.73
N PRO YA 85 -93.42 -40.36 29.04
CA PRO YA 85 -92.51 -39.41 29.68
C PRO YA 85 -91.06 -39.88 29.63
N THR YA 86 -90.18 -39.00 30.10
CA THR YA 86 -88.74 -39.23 30.03
C THR YA 86 -88.31 -40.31 31.02
N VAL YA 87 -87.35 -41.14 30.61
CA VAL YA 87 -86.77 -42.14 31.50
C VAL YA 87 -86.12 -41.48 32.71
N SER YA 88 -85.56 -40.28 32.53
CA SER YA 88 -85.02 -39.55 33.67
C SER YA 88 -86.09 -39.34 34.74
N TYR YA 89 -87.26 -38.85 34.32
CA TYR YA 89 -88.36 -38.65 35.27
C TYR YA 89 -88.84 -39.99 35.84
N PHE YA 90 -88.95 -41.02 34.99
CA PHE YA 90 -89.41 -42.31 35.47
C PHE YA 90 -88.51 -42.84 36.58
N LEU YA 91 -87.20 -42.81 36.36
CA LEU YA 91 -86.26 -43.36 37.32
C LEU YA 91 -86.16 -42.49 38.57
N LYS YA 92 -86.22 -41.16 38.41
CA LYS YA 92 -86.20 -40.30 39.58
C LYS YA 92 -87.44 -40.50 40.44
N ALA YA 93 -88.60 -40.67 39.82
CA ALA YA 93 -89.82 -40.96 40.58
C ALA YA 93 -89.73 -42.33 41.25
N ALA YA 94 -89.16 -43.32 40.56
CA ALA YA 94 -89.02 -44.65 41.16
C ALA YA 94 -88.09 -44.61 42.37
N ALA YA 95 -86.99 -43.86 42.27
CA ALA YA 95 -86.03 -43.78 43.37
C ALA YA 95 -86.46 -42.79 44.45
N GLY YA 96 -87.46 -41.96 44.18
CA GLY YA 96 -87.90 -40.99 45.16
C GLY YA 96 -87.01 -39.78 45.32
N ILE YA 97 -86.17 -39.49 44.33
CA ILE YA 97 -85.23 -38.37 44.40
C ILE YA 97 -85.73 -37.25 43.51
N GLU YA 98 -85.40 -36.01 43.90
CA GLU YA 98 -85.82 -34.83 43.16
C GLU YA 98 -84.82 -34.42 42.08
N LYS YA 99 -83.54 -34.68 42.31
CA LYS YA 99 -82.50 -34.31 41.36
C LYS YA 99 -81.43 -35.39 41.31
N GLY YA 100 -80.75 -35.48 40.18
CA GLY YA 100 -79.72 -36.48 39.98
C GLY YA 100 -78.40 -36.09 40.63
N ALA YA 101 -77.45 -37.02 40.55
CA ALA YA 101 -76.14 -36.81 41.14
C ALA YA 101 -75.23 -36.03 40.19
N ARG YA 102 -74.32 -35.27 40.78
CA ARG YA 102 -73.36 -34.49 39.98
C ARG YA 102 -72.24 -35.38 39.46
N HIS YA 103 -71.48 -36.00 40.37
CA HIS YA 103 -70.37 -36.87 40.00
C HIS YA 103 -70.91 -38.28 39.82
N THR YA 104 -71.23 -38.62 38.57
CA THR YA 104 -71.79 -39.93 38.26
C THR YA 104 -70.76 -41.02 38.51
N GLY YA 105 -71.19 -42.10 39.16
CA GLY YA 105 -70.31 -43.21 39.45
C GLY YA 105 -69.60 -43.09 40.79
N LYS YA 106 -68.96 -41.94 41.03
CA LYS YA 106 -68.28 -41.72 42.29
C LYS YA 106 -69.25 -41.57 43.45
N GLU YA 107 -70.43 -41.01 43.20
CA GLU YA 107 -71.47 -40.91 44.20
C GLU YA 107 -72.76 -41.50 43.65
N VAL YA 108 -73.61 -41.98 44.56
CA VAL YA 108 -74.87 -42.62 44.19
C VAL YA 108 -76.02 -41.84 44.83
N ALA YA 109 -77.07 -41.59 44.05
CA ALA YA 109 -78.22 -40.83 44.49
C ALA YA 109 -79.29 -41.72 45.12
N GLY YA 110 -79.61 -42.84 44.48
CA GLY YA 110 -80.62 -43.74 44.98
C GLY YA 110 -80.41 -45.17 44.56
N LEU YA 111 -81.38 -46.03 44.86
CA LEU YA 111 -81.35 -47.43 44.42
C LEU YA 111 -82.66 -47.77 43.74
N VAL YA 112 -82.58 -48.36 42.56
CA VAL YA 112 -83.75 -48.84 41.82
C VAL YA 112 -83.58 -50.34 41.57
N THR YA 113 -84.57 -51.11 41.98
CA THR YA 113 -84.53 -52.56 41.81
C THR YA 113 -84.77 -52.94 40.36
N LEU YA 114 -84.27 -54.12 39.98
CA LEU YA 114 -84.55 -54.65 38.66
C LEU YA 114 -86.05 -54.82 38.45
N LYS YA 115 -86.80 -55.04 39.53
CA LYS YA 115 -88.25 -55.11 39.43
C LYS YA 115 -88.85 -53.77 39.00
N HIS YA 116 -88.40 -52.68 39.62
CA HIS YA 116 -88.84 -51.35 39.18
C HIS YA 116 -88.40 -51.07 37.75
N VAL YA 117 -87.18 -51.52 37.39
CA VAL YA 117 -86.69 -51.34 36.03
C VAL YA 117 -87.59 -52.06 35.04
N TYR YA 118 -88.00 -53.28 35.37
CA TYR YA 118 -88.88 -54.03 34.49
C TYR YA 118 -90.25 -53.38 34.39
N GLU YA 119 -90.77 -52.84 35.50
CA GLU YA 119 -92.05 -52.14 35.44
C GLU YA 119 -91.96 -50.91 34.54
N ILE YA 120 -90.87 -50.15 34.67
CA ILE YA 120 -90.68 -48.97 33.82
C ILE YA 120 -90.56 -49.38 32.36
N ALA YA 121 -89.82 -50.45 32.09
CA ALA YA 121 -89.68 -50.94 30.72
C ALA YA 121 -91.03 -51.35 30.15
N ARG YA 122 -91.84 -52.05 30.93
CA ARG YA 122 -93.16 -52.47 30.45
C ARG YA 122 -94.06 -51.27 30.19
N VAL YA 123 -94.01 -50.26 31.07
CA VAL YA 123 -94.90 -49.12 30.89
C VAL YA 123 -94.44 -48.22 29.76
N LYS YA 124 -93.13 -48.24 29.44
CA LYS YA 124 -92.61 -47.41 28.36
C LYS YA 124 -92.46 -48.15 27.04
N ALA YA 125 -92.74 -49.45 27.00
CA ALA YA 125 -92.63 -50.18 25.74
C ALA YA 125 -93.56 -49.62 24.67
N GLN YA 126 -94.66 -48.99 25.08
CA GLN YA 126 -95.64 -48.45 24.13
C GLN YA 126 -95.32 -47.01 23.77
N ASP YA 127 -94.08 -46.79 23.33
CA ASP YA 127 -93.66 -45.52 22.78
C ASP YA 127 -93.28 -45.71 21.31
N ASP YA 128 -93.06 -44.60 20.62
CA ASP YA 128 -92.81 -44.65 19.18
C ASP YA 128 -91.53 -45.42 18.87
N ALA YA 129 -90.45 -45.15 19.61
CA ALA YA 129 -89.16 -45.77 19.31
C ALA YA 129 -89.23 -47.29 19.44
N PHE YA 130 -89.52 -47.79 20.65
CA PHE YA 130 -89.58 -49.22 20.87
C PHE YA 130 -90.79 -49.88 20.23
N ALA YA 131 -91.75 -49.10 19.73
CA ALA YA 131 -92.85 -49.68 18.97
C ALA YA 131 -92.42 -49.95 17.53
N LEU YA 132 -91.81 -48.94 16.89
CA LEU YA 132 -91.29 -49.14 15.54
C LEU YA 132 -90.15 -50.15 15.52
N GLN YA 133 -89.38 -50.24 16.60
CA GLN YA 133 -88.32 -51.24 16.73
C GLN YA 133 -88.85 -52.35 17.63
N ASP YA 134 -89.45 -53.36 17.02
CA ASP YA 134 -90.06 -54.46 17.77
C ASP YA 134 -88.98 -55.31 18.40
N VAL YA 135 -88.65 -55.03 19.66
CA VAL YA 135 -87.57 -55.73 20.36
C VAL YA 135 -88.11 -56.28 21.67
N PRO YA 136 -87.53 -57.34 22.21
CA PRO YA 136 -88.00 -57.87 23.50
C PRO YA 136 -87.74 -56.88 24.63
N LEU YA 137 -88.38 -57.17 25.77
CA LEU YA 137 -88.24 -56.31 26.94
C LEU YA 137 -86.83 -56.32 27.51
N SER YA 138 -85.99 -57.29 27.12
CA SER YA 138 -84.61 -57.31 27.60
C SER YA 138 -83.84 -56.09 27.14
N SER YA 139 -84.04 -55.69 25.88
CA SER YA 139 -83.36 -54.50 25.36
C SER YA 139 -83.81 -53.25 26.11
N VAL YA 140 -85.11 -53.14 26.38
CA VAL YA 140 -85.61 -51.97 27.10
C VAL YA 140 -85.08 -51.96 28.53
N VAL YA 141 -85.01 -53.12 29.17
CA VAL YA 141 -84.46 -53.19 30.52
C VAL YA 141 -82.99 -52.78 30.53
N ARG YA 142 -82.23 -53.24 29.54
CA ARG YA 142 -80.82 -52.83 29.44
C ARG YA 142 -80.69 -51.33 29.22
N SER YA 143 -81.57 -50.75 28.39
CA SER YA 143 -81.54 -49.31 28.18
C SER YA 143 -81.87 -48.56 29.47
N ILE YA 144 -82.83 -49.04 30.24
CA ILE YA 144 -83.16 -48.41 31.52
C ILE YA 144 -81.99 -48.52 32.49
N ILE YA 145 -81.29 -49.67 32.47
CA ILE YA 145 -80.13 -49.84 33.33
C ILE YA 145 -79.03 -48.85 32.95
N GLY YA 146 -78.79 -48.67 31.66
CA GLY YA 146 -77.81 -47.68 31.23
C GLY YA 146 -78.21 -46.26 31.62
N SER YA 147 -79.51 -45.94 31.50
CA SER YA 147 -79.99 -44.64 31.91
C SER YA 147 -79.79 -44.43 33.41
N ALA YA 148 -80.04 -45.47 34.21
CA ALA YA 148 -79.79 -45.38 35.65
C ALA YA 148 -78.31 -45.17 35.93
N ARG YA 149 -77.44 -45.87 35.19
CA ARG YA 149 -76.01 -45.67 35.35
C ARG YA 149 -75.61 -44.23 35.06
N SER YA 150 -76.18 -43.64 34.02
CA SER YA 150 -75.93 -42.22 33.74
C SER YA 150 -76.47 -41.35 34.87
N LEU YA 151 -77.66 -41.67 35.37
CA LEU YA 151 -78.28 -40.95 36.48
C LEU YA 151 -77.49 -41.06 37.78
N GLY YA 152 -76.59 -42.04 37.89
CA GLY YA 152 -75.90 -42.28 39.13
C GLY YA 152 -76.67 -43.13 40.12
N ILE YA 153 -77.75 -43.77 39.69
CA ILE YA 153 -78.55 -44.61 40.55
C ILE YA 153 -78.07 -46.05 40.42
N ARG YA 154 -77.63 -46.63 41.53
CA ARG YA 154 -77.24 -48.03 41.54
C ARG YA 154 -78.45 -48.93 41.37
N VAL YA 155 -78.24 -50.10 40.77
CA VAL YA 155 -79.29 -51.05 40.50
C VAL YA 155 -78.92 -52.34 41.21
N VAL YA 156 -79.42 -52.52 42.44
CA VAL YA 156 -79.18 -53.72 43.22
C VAL YA 156 -80.16 -54.80 42.78
N LYS YA 157 -79.75 -56.06 42.91
CA LYS YA 157 -80.58 -57.16 42.43
C LYS YA 157 -81.92 -57.20 43.17
N ASP YA 158 -81.89 -57.53 44.46
CA ASP YA 158 -83.10 -57.58 45.30
C ASP YA 158 -82.69 -57.19 46.71
N LEU YA 159 -82.77 -55.90 47.03
CA LEU YA 159 -82.48 -55.45 48.40
C LEU YA 159 -83.28 -54.18 48.66
N SER YA 160 -84.47 -54.34 49.23
CA SER YA 160 -85.24 -53.20 49.75
C SER YA 160 -86.19 -53.71 50.84
N SER YA 161 -85.74 -53.64 52.09
CA SER YA 161 -86.63 -53.80 53.24
C SER YA 161 -86.60 -52.58 54.14
N GLU YA 162 -85.42 -52.22 54.65
CA GLU YA 162 -85.21 -50.96 55.38
C GLU YA 162 -83.90 -50.30 55.00
N GLU YA 163 -82.99 -51.01 54.32
CA GLU YA 163 -81.75 -50.40 53.88
C GLU YA 163 -81.98 -49.28 52.89
N LEU YA 164 -83.14 -49.25 52.21
CA LEU YA 164 -83.47 -48.11 51.36
C LEU YA 164 -83.58 -46.85 52.20
N ALA YA 165 -84.29 -46.91 53.32
CA ALA YA 165 -84.37 -45.75 54.22
C ALA YA 165 -83.03 -45.47 54.90
N ALA YA 166 -82.28 -46.53 55.23
CA ALA YA 166 -80.97 -46.33 55.83
C ALA YA 166 -80.04 -45.57 54.89
N PHE YA 167 -80.07 -45.91 53.60
CA PHE YA 167 -79.31 -45.16 52.60
C PHE YA 167 -79.89 -43.78 52.36
N GLN YA 168 -81.22 -43.64 52.47
CA GLN YA 168 -81.85 -42.35 52.27
C GLN YA 168 -81.38 -41.34 53.31
N LYS YA 169 -81.25 -41.78 54.56
CA LYS YA 169 -80.79 -40.87 55.61
C LYS YA 169 -79.37 -40.37 55.35
N GLU YA 170 -78.47 -41.28 54.97
CA GLU YA 170 -77.09 -40.88 54.71
C GLU YA 170 -76.98 -40.05 53.43
N ARG YA 171 -77.84 -40.33 52.45
CA ARG YA 171 -77.88 -39.49 51.25
C ARG YA 171 -78.36 -38.09 51.60
N ALA YA 172 -79.35 -37.97 52.49
CA ALA YA 172 -79.81 -36.66 52.91
C ALA YA 172 -78.73 -35.89 53.65
N LEU YA 173 -77.99 -36.56 54.54
CA LEU YA 173 -76.91 -35.87 55.24
C LEU YA 173 -75.79 -35.48 54.27
N PHE YA 174 -75.49 -36.33 53.30
CA PHE YA 174 -74.50 -36.00 52.29
C PHE YA 174 -74.93 -34.81 51.45
N LEU YA 175 -76.22 -34.76 51.09
CA LEU YA 175 -76.73 -33.62 50.33
C LEU YA 175 -76.66 -32.34 51.14
N ALA YA 176 -76.96 -32.41 52.45
CA ALA YA 176 -76.83 -31.23 53.29
C ALA YA 176 -75.38 -30.77 53.36
N ALA YA 177 -74.44 -31.71 53.52
CA ALA YA 177 -73.03 -31.35 53.56
C ALA YA 177 -72.58 -30.74 52.24
N GLN YA 178 -73.06 -31.29 51.12
CA GLN YA 178 -72.71 -30.74 49.81
C GLN YA 178 -73.27 -29.34 49.64
N ARG YA 179 -74.50 -29.10 50.11
CA ARG YA 179 -75.07 -27.76 50.04
C ARG YA 179 -74.27 -26.78 50.88
N GLU YA 180 -73.86 -27.19 52.07
CA GLU YA 180 -73.02 -26.32 52.91
C GLU YA 180 -71.70 -26.02 52.22
N ALA YA 181 -71.07 -27.04 51.63
CA ALA YA 181 -69.80 -26.82 50.94
C ALA YA 181 -69.97 -25.90 49.74
N ASP YA 182 -71.07 -26.05 48.99
CA ASP YA 182 -71.33 -25.18 47.85
C ASP YA 182 -71.55 -23.75 48.30
N LEU YA 183 -72.28 -23.55 49.40
CA LEU YA 183 -72.48 -22.21 49.93
C LEU YA 183 -71.15 -21.59 50.37
N ALA YA 184 -70.30 -22.38 51.03
CA ALA YA 184 -69.00 -21.88 51.45
C ALA YA 184 -68.14 -21.51 50.25
N ALA YA 185 -68.15 -22.34 49.21
CA ALA YA 185 -67.38 -22.03 48.01
C ALA YA 185 -67.89 -20.78 47.32
N GLN YA 186 -69.21 -20.62 47.24
CA GLN YA 186 -69.78 -19.41 46.65
C GLN YA 186 -69.39 -18.17 47.44
N ALA YA 187 -69.46 -18.26 48.78
CA ALA YA 187 -69.07 -17.12 49.61
C ALA YA 187 -67.60 -16.79 49.43
N GLU YA 188 -66.73 -17.80 49.38
CA GLU YA 188 -65.31 -17.56 49.19
C GLU YA 188 -65.03 -16.92 47.83
N ALA YA 189 -65.73 -17.39 46.79
CA ALA YA 189 -65.56 -16.80 45.47
C ALA YA 189 -66.04 -15.35 45.44
N ALA YA 190 -67.16 -15.07 46.12
CA ALA YA 190 -67.67 -13.70 46.17
C ALA YA 190 -66.70 -12.78 46.91
N LYS YA 191 -66.14 -13.25 48.03
CA LYS YA 191 -65.19 -12.45 48.78
C LYS YA 191 -63.82 -12.36 48.11
N LYS YA 192 -63.53 -13.25 47.15
CA LYS YA 192 -62.25 -13.22 46.46
C LYS YA 192 -62.26 -12.16 45.36
N SER ZA 2 -0.38 -37.85 -59.33
CA SER ZA 2 0.74 -37.61 -58.44
C SER ZA 2 1.83 -36.80 -59.12
N SER ZA 3 1.99 -37.02 -60.43
CA SER ZA 3 3.05 -36.35 -61.20
C SER ZA 3 2.57 -34.99 -61.70
N PHE ZA 4 2.07 -34.18 -60.77
CA PHE ZA 4 1.63 -32.84 -61.09
C PHE ZA 4 2.82 -31.88 -61.07
N SER ZA 5 2.66 -30.76 -61.76
CA SER ZA 5 3.63 -29.69 -61.66
C SER ZA 5 3.49 -28.99 -60.31
N LYS ZA 6 4.49 -28.18 -59.97
CA LYS ZA 6 4.53 -27.58 -58.64
C LYS ZA 6 3.32 -26.70 -58.38
N ALA ZA 7 3.02 -25.77 -59.29
CA ALA ZA 7 1.91 -24.85 -59.08
C ALA ZA 7 0.56 -25.56 -59.05
N PRO ZA 8 0.20 -26.43 -60.01
CA PRO ZA 8 -1.08 -27.14 -59.90
C PRO ZA 8 -1.15 -28.06 -58.70
N GLN ZA 9 -0.04 -28.68 -58.29
CA GLN ZA 9 -0.05 -29.49 -57.08
C GLN ZA 9 -0.35 -28.63 -55.86
N GLN ZA 10 0.26 -27.46 -55.78
CA GLN ZA 10 -0.03 -26.51 -54.70
C GLN ZA 10 -1.50 -26.12 -54.70
N TRP ZA 11 -2.04 -25.79 -55.88
CA TRP ZA 11 -3.42 -25.37 -55.96
C TRP ZA 11 -4.37 -26.48 -55.53
N ALA ZA 12 -4.10 -27.72 -55.97
CA ALA ZA 12 -4.94 -28.84 -55.57
C ALA ZA 12 -4.85 -29.09 -54.08
N THR ZA 13 -3.65 -29.02 -53.51
CA THR ZA 13 -3.48 -29.31 -52.09
C THR ZA 13 -4.18 -28.26 -51.22
N PHE ZA 14 -4.06 -26.98 -51.57
CA PHE ZA 14 -4.59 -25.91 -50.74
C PHE ZA 14 -5.87 -25.30 -51.28
N ALA ZA 15 -6.57 -26.00 -52.17
CA ALA ZA 15 -7.81 -25.49 -52.72
C ALA ZA 15 -8.91 -25.44 -51.67
N ARG ZA 16 -9.77 -24.43 -51.78
CA ARG ZA 16 -10.91 -24.26 -50.89
C ARG ZA 16 -12.09 -25.10 -51.38
N VAL ZA 17 -12.84 -25.64 -50.43
CA VAL ZA 17 -13.95 -26.54 -50.71
C VAL ZA 17 -15.21 -25.95 -50.08
N TRP ZA 18 -16.33 -26.08 -50.79
CA TRP ZA 18 -17.62 -25.62 -50.31
C TRP ZA 18 -18.42 -26.81 -49.81
N TYR ZA 19 -18.84 -26.77 -48.56
CA TYR ZA 19 -19.63 -27.83 -47.94
C TYR ZA 19 -21.05 -27.34 -47.71
N LEU ZA 20 -22.01 -28.26 -47.78
CA LEU ZA 20 -23.40 -27.96 -47.50
C LEU ZA 20 -23.82 -28.63 -46.20
N LEU ZA 21 -24.74 -27.98 -45.49
CA LEU ZA 21 -25.20 -28.51 -44.20
C LEU ZA 21 -26.67 -28.14 -44.03
N ASP ZA 22 -27.54 -29.14 -43.98
CA ASP ZA 22 -28.95 -28.92 -43.73
C ASP ZA 22 -29.19 -28.82 -42.22
N GLY ZA 23 -29.80 -27.71 -41.80
CA GLY ZA 23 -30.02 -27.46 -40.39
C GLY ZA 23 -31.44 -27.72 -39.92
N LYS ZA 24 -32.22 -28.45 -40.71
CA LYS ZA 24 -33.61 -28.68 -40.37
C LYS ZA 24 -33.72 -29.69 -39.22
N MET ZA 25 -34.37 -29.27 -38.13
CA MET ZA 25 -34.56 -30.11 -36.94
C MET ZA 25 -33.22 -30.63 -36.41
N GLN ZA 26 -32.21 -29.78 -36.41
CA GLN ZA 26 -30.90 -30.13 -35.90
C GLN ZA 26 -30.50 -29.19 -34.77
N PRO ZA 27 -29.82 -29.69 -33.75
CA PRO ZA 27 -29.34 -28.82 -32.67
C PRO ZA 27 -28.31 -27.83 -33.19
N PRO ZA 28 -28.49 -26.54 -32.90
CA PRO ZA 28 -27.52 -25.56 -33.38
C PRO ZA 28 -26.11 -25.79 -32.87
N GLY ZA 29 -25.95 -26.31 -31.66
CA GLY ZA 29 -24.61 -26.60 -31.16
C GLY ZA 29 -23.92 -27.72 -31.93
N LYS ZA 30 -24.65 -28.80 -32.21
CA LYS ZA 30 -24.06 -29.89 -32.98
C LYS ZA 30 -23.80 -29.47 -34.42
N LEU ZA 31 -24.64 -28.58 -34.97
CA LEU ZA 31 -24.31 -28.00 -36.28
C LEU ZA 31 -23.05 -27.16 -36.21
N ALA ZA 32 -22.94 -26.32 -35.17
CA ALA ZA 32 -21.87 -25.35 -35.07
C ALA ZA 32 -20.52 -26.02 -34.81
N ALA ZA 33 -20.50 -27.13 -34.08
CA ALA ZA 33 -19.23 -27.80 -33.81
C ALA ZA 33 -18.58 -28.26 -35.10
N MET ZA 34 -19.33 -28.99 -35.93
CA MET ZA 34 -18.78 -29.48 -37.19
C MET ZA 34 -18.59 -28.36 -38.20
N ALA ZA 35 -19.46 -27.34 -38.20
CA ALA ZA 35 -19.24 -26.18 -39.06
C ALA ZA 35 -17.94 -25.47 -38.71
N SER ZA 36 -17.66 -25.32 -37.40
CA SER ZA 36 -16.43 -24.67 -36.99
C SER ZA 36 -15.21 -25.52 -37.31
N VAL ZA 37 -15.33 -26.84 -37.18
CA VAL ZA 37 -14.23 -27.71 -37.58
C VAL ZA 37 -13.90 -27.51 -39.05
N LYS ZA 38 -14.94 -27.50 -39.90
CA LYS ZA 38 -14.72 -27.29 -41.33
C LYS ZA 38 -14.15 -25.90 -41.60
N LEU ZA 39 -14.64 -24.89 -40.88
CA LEU ZA 39 -14.17 -23.52 -41.10
C LEU ZA 39 -12.69 -23.37 -40.75
N GLN ZA 40 -12.28 -23.94 -39.61
CA GLN ZA 40 -10.87 -23.89 -39.23
C GLN ZA 40 -10.02 -24.72 -40.16
N GLY ZA 41 -10.55 -25.81 -40.71
CA GLY ZA 41 -9.76 -26.72 -41.50
C GLY ZA 41 -9.09 -27.81 -40.71
N LEU ZA 42 -9.57 -28.09 -39.50
CA LEU ZA 42 -9.04 -29.16 -38.66
C LEU ZA 42 -9.33 -30.54 -39.21
N HIS ZA 43 -9.99 -30.65 -40.37
CA HIS ZA 43 -10.24 -31.91 -41.04
C HIS ZA 43 -9.24 -32.18 -42.15
N LYS ZA 44 -8.20 -31.36 -42.29
CA LYS ZA 44 -7.18 -31.53 -43.30
C LYS ZA 44 -5.88 -31.98 -42.64
N PRO ZA 45 -5.22 -33.02 -43.16
CA PRO ZA 45 -3.90 -33.37 -42.64
C PRO ZA 45 -2.84 -32.34 -42.94
N VAL ZA 46 -3.10 -31.39 -43.82
CA VAL ZA 46 -2.14 -30.35 -44.16
C VAL ZA 46 -2.43 -29.09 -43.36
N TYR ZA 47 -3.28 -29.22 -42.34
CA TYR ZA 47 -3.70 -28.08 -41.56
C TYR ZA 47 -2.55 -27.47 -40.77
N HIS ZA 48 -2.55 -26.15 -40.67
CA HIS ZA 48 -1.64 -25.43 -39.79
C HIS ZA 48 -2.29 -24.12 -39.40
N GLN ZA 49 -1.93 -23.63 -38.21
CA GLN ZA 49 -2.53 -22.39 -37.71
C GLN ZA 49 -2.17 -21.21 -38.61
N LEU ZA 50 -0.92 -21.14 -39.05
CA LEU ZA 50 -0.48 -20.02 -39.88
C LEU ZA 50 -1.02 -20.10 -41.30
N SER ZA 51 -1.17 -21.30 -41.85
CA SER ZA 51 -1.70 -21.45 -43.18
C SER ZA 51 -3.15 -21.01 -43.23
N ASP ZA 52 -3.59 -20.56 -44.41
CA ASP ZA 52 -4.94 -20.09 -44.62
C ASP ZA 52 -5.90 -21.20 -45.03
N CYS ZA 53 -5.61 -22.44 -44.65
CA CYS ZA 53 -6.44 -23.58 -45.00
C CYS ZA 53 -7.79 -23.46 -44.29
N GLY ZA 54 -8.82 -23.09 -45.03
CA GLY ZA 54 -10.15 -22.96 -44.49
C GLY ZA 54 -11.21 -23.04 -45.58
N ASP ZA 55 -12.22 -23.86 -45.37
CA ASP ZA 55 -13.23 -24.12 -46.38
C ASP ZA 55 -14.54 -23.42 -46.04
N HIS ZA 56 -15.36 -23.21 -47.07
CA HIS ZA 56 -16.63 -22.52 -46.90
C HIS ZA 56 -17.70 -23.51 -46.46
N VAL ZA 57 -18.58 -23.04 -45.57
CA VAL ZA 57 -19.68 -23.84 -45.06
C VAL ZA 57 -20.98 -23.09 -45.32
N VAL ZA 58 -21.93 -23.74 -45.98
CA VAL ZA 58 -23.22 -23.15 -46.32
C VAL ZA 58 -24.28 -23.94 -45.56
N ILE ZA 59 -24.94 -23.29 -44.60
CA ILE ZA 59 -25.93 -23.92 -43.75
C ILE ZA 59 -27.31 -23.42 -44.18
N MET ZA 60 -28.18 -24.35 -44.55
CA MET ZA 60 -29.55 -24.05 -44.94
C MET ZA 60 -30.52 -24.51 -43.86
N ASN ZA 61 -31.78 -24.12 -44.02
CA ASN ZA 61 -32.85 -24.43 -43.07
C ASN ZA 61 -32.49 -23.97 -41.66
N THR ZA 62 -31.88 -22.79 -41.57
CA THR ZA 62 -31.51 -22.24 -40.27
C THR ZA 62 -32.73 -21.92 -39.42
N ARG ZA 63 -33.82 -21.49 -40.05
CA ARG ZA 63 -35.03 -21.15 -39.30
C ARG ZA 63 -35.64 -22.38 -38.62
N HIS ZA 64 -35.31 -23.59 -39.07
CA HIS ZA 64 -35.91 -24.82 -38.56
C HIS ZA 64 -34.96 -25.61 -37.68
N ILE ZA 65 -34.13 -24.94 -36.89
CA ILE ZA 65 -33.26 -25.61 -35.93
C ILE ZA 65 -34.10 -26.00 -34.72
N ALA ZA 66 -33.55 -26.87 -33.87
CA ALA ZA 66 -34.26 -27.35 -32.69
C ALA ZA 66 -33.34 -27.29 -31.48
N PHE ZA 67 -33.88 -26.79 -30.37
CA PHE ZA 67 -33.17 -26.77 -29.09
C PHE ZA 67 -33.68 -27.89 -28.22
N SER ZA 68 -32.75 -28.68 -27.68
CA SER ZA 68 -33.10 -29.75 -26.75
C SER ZA 68 -33.57 -29.16 -25.42
N GLY ZA 69 -34.62 -29.74 -24.87
CA GLY ZA 69 -35.13 -29.25 -23.60
C GLY ZA 69 -35.83 -27.91 -23.75
N ASN ZA 70 -35.86 -27.16 -22.65
CA ASN ZA 70 -36.51 -25.85 -22.59
C ASN ZA 70 -35.54 -24.72 -22.90
N LYS ZA 71 -34.52 -24.97 -23.71
CA LYS ZA 71 -33.56 -23.92 -24.03
C LYS ZA 71 -34.20 -22.77 -24.80
N TRP ZA 72 -35.28 -23.05 -25.54
CA TRP ZA 72 -35.95 -22.00 -26.30
C TRP ZA 72 -36.44 -20.88 -25.39
N GLU ZA 73 -36.88 -21.21 -24.18
CA GLU ZA 73 -37.34 -20.20 -23.23
C GLU ZA 73 -36.36 -19.91 -22.11
N GLN ZA 74 -35.33 -20.75 -21.94
CA GLN ZA 74 -34.36 -20.56 -20.87
C GLN ZA 74 -33.08 -19.86 -21.31
N LYS ZA 75 -32.56 -20.21 -22.47
CA LYS ZA 75 -31.31 -19.62 -22.92
C LYS ZA 75 -31.52 -18.16 -23.31
N VAL ZA 76 -30.66 -17.28 -22.83
CA VAL ZA 76 -30.75 -15.86 -23.11
C VAL ZA 76 -29.46 -15.41 -23.76
N TYR ZA 77 -29.58 -14.33 -24.54
CA TYR ZA 77 -28.45 -13.69 -25.19
C TYR ZA 77 -28.38 -12.25 -24.73
N SER ZA 78 -27.24 -11.84 -24.21
CA SER ZA 78 -27.07 -10.53 -23.59
C SER ZA 78 -26.15 -9.66 -24.45
N SER ZA 79 -26.61 -8.46 -24.73
CA SER ZA 79 -25.85 -7.47 -25.48
C SER ZA 79 -25.88 -6.15 -24.73
N HIS ZA 80 -24.91 -5.29 -25.03
CA HIS ZA 80 -24.84 -3.97 -24.41
C HIS ZA 80 -24.49 -2.95 -25.48
N THR ZA 81 -25.37 -1.97 -25.67
CA THR ZA 81 -25.14 -0.92 -26.65
C THR ZA 81 -24.01 0.02 -26.24
N GLY ZA 82 -23.55 -0.05 -24.99
CA GLY ZA 82 -22.51 0.83 -24.51
C GLY ZA 82 -23.05 1.99 -23.72
N TYR ZA 83 -24.16 2.55 -24.17
CA TYR ZA 83 -24.79 3.66 -23.47
C TYR ZA 83 -25.38 3.18 -22.14
N PRO ZA 84 -25.42 4.04 -21.13
CA PRO ZA 84 -26.02 3.64 -19.86
C PRO ZA 84 -27.48 3.26 -20.02
N GLY ZA 85 -27.87 2.19 -19.34
CA GLY ZA 85 -29.22 1.68 -19.50
C GLY ZA 85 -29.47 0.93 -20.78
N GLY ZA 86 -28.43 0.56 -21.52
CA GLY ZA 86 -28.58 -0.11 -22.79
C GLY ZA 86 -28.14 -1.56 -22.77
N PHE ZA 87 -28.46 -2.27 -21.69
CA PHE ZA 87 -28.15 -3.68 -21.55
C PHE ZA 87 -29.41 -4.49 -21.83
N ARG ZA 88 -29.39 -5.26 -22.91
CA ARG ZA 88 -30.54 -6.05 -23.34
C ARG ZA 88 -30.26 -7.52 -23.14
N GLN ZA 89 -31.26 -8.25 -22.63
CA GLN ZA 89 -31.20 -9.70 -22.49
C GLN ZA 89 -32.41 -10.27 -23.22
N VAL ZA 90 -32.19 -10.84 -24.39
CA VAL ZA 90 -33.27 -11.33 -25.23
C VAL ZA 90 -33.31 -12.85 -25.16
N THR ZA 91 -34.51 -13.41 -25.04
CA THR ZA 91 -34.67 -14.85 -24.98
C THR ZA 91 -34.33 -15.47 -26.33
N ALA ZA 92 -33.97 -16.76 -26.30
CA ALA ZA 92 -33.58 -17.44 -27.53
C ALA ZA 92 -34.72 -17.45 -28.54
N ALA ZA 93 -35.95 -17.67 -28.07
CA ALA ZA 93 -37.10 -17.66 -28.98
C ALA ZA 93 -37.30 -16.29 -29.63
N GLN ZA 94 -37.19 -15.23 -28.84
CA GLN ZA 94 -37.35 -13.88 -29.40
C GLN ZA 94 -36.23 -13.56 -30.38
N LEU ZA 95 -35.00 -13.95 -30.07
CA LEU ZA 95 -33.89 -13.72 -30.99
C LEU ZA 95 -34.10 -14.49 -32.29
N HIS ZA 96 -34.59 -15.73 -32.20
CA HIS ZA 96 -34.86 -16.52 -33.39
C HIS ZA 96 -35.96 -15.88 -34.23
N GLN ZA 97 -37.00 -15.38 -33.58
CA GLN ZA 97 -38.08 -14.71 -34.32
C GLN ZA 97 -37.56 -13.45 -35.01
N LYS ZA 98 -36.71 -12.68 -34.33
CA LYS ZA 98 -36.17 -11.46 -34.92
C LYS ZA 98 -35.25 -11.78 -36.09
N ASP ZA 99 -34.39 -12.78 -35.94
CA ASP ZA 99 -33.41 -13.14 -36.95
C ASP ZA 99 -33.08 -14.63 -36.87
N PRO ZA 100 -33.54 -15.43 -37.84
CA PRO ZA 100 -33.24 -16.87 -37.78
C PRO ZA 100 -31.77 -17.21 -37.81
N VAL ZA 101 -30.98 -16.45 -38.56
CA VAL ZA 101 -29.55 -16.71 -38.71
C VAL ZA 101 -28.81 -16.55 -37.39
N ALA ZA 102 -29.35 -15.74 -36.48
CA ALA ZA 102 -28.59 -15.28 -35.32
C ALA ZA 102 -28.16 -16.41 -34.41
N ILE ZA 103 -29.02 -17.40 -34.18
CA ILE ZA 103 -28.71 -18.44 -33.20
C ILE ZA 103 -27.49 -19.25 -33.64
N VAL ZA 104 -27.53 -19.77 -34.87
CA VAL ZA 104 -26.41 -20.58 -35.35
C VAL ZA 104 -25.19 -19.71 -35.57
N LYS ZA 105 -25.37 -18.46 -35.99
CA LYS ZA 105 -24.23 -17.57 -36.17
C LYS ZA 105 -23.50 -17.36 -34.85
N LEU ZA 106 -24.25 -17.11 -33.77
CA LEU ZA 106 -23.65 -16.93 -32.45
C LEU ZA 106 -22.99 -18.21 -31.96
N ALA ZA 107 -23.62 -19.36 -32.21
CA ALA ZA 107 -23.03 -20.63 -31.78
C ALA ZA 107 -21.69 -20.87 -32.48
N ILE ZA 108 -21.64 -20.65 -33.80
CA ILE ZA 108 -20.40 -20.85 -34.53
C ILE ZA 108 -19.35 -19.84 -34.12
N TYR ZA 109 -19.76 -18.58 -33.89
CA TYR ZA 109 -18.83 -17.56 -33.45
C TYR ZA 109 -18.23 -17.92 -32.10
N GLY ZA 110 -19.04 -18.45 -31.18
CA GLY ZA 110 -18.53 -18.86 -29.89
C GLY ZA 110 -17.60 -20.05 -29.98
N MET ZA 111 -17.92 -21.02 -30.84
CA MET ZA 111 -17.08 -22.21 -30.95
C MET ZA 111 -15.79 -21.97 -31.73
N LEU ZA 112 -15.75 -20.94 -32.56
CA LEU ZA 112 -14.53 -20.63 -33.30
C LEU ZA 112 -13.44 -20.14 -32.35
N PRO ZA 113 -12.17 -20.26 -32.73
CA PRO ZA 113 -11.08 -19.78 -31.86
C PRO ZA 113 -11.13 -18.27 -31.70
N LYS ZA 114 -10.58 -17.81 -30.58
CA LYS ZA 114 -10.68 -16.41 -30.19
C LYS ZA 114 -9.53 -15.56 -30.68
N ASN ZA 115 -8.95 -15.90 -31.84
CA ASN ZA 115 -7.87 -15.12 -32.42
C ASN ZA 115 -8.43 -14.15 -33.45
N LEU ZA 116 -7.55 -13.45 -34.16
CA LEU ZA 116 -7.97 -12.52 -35.20
C LEU ZA 116 -8.44 -13.21 -36.47
N HIS ZA 117 -8.11 -14.49 -36.64
CA HIS ZA 117 -8.59 -15.26 -37.79
C HIS ZA 117 -10.07 -15.60 -37.67
N ARG ZA 118 -10.69 -15.37 -36.52
CA ARG ZA 118 -12.09 -15.71 -36.34
C ARG ZA 118 -12.98 -14.93 -37.29
N ARG ZA 119 -12.71 -13.63 -37.45
CA ARG ZA 119 -13.49 -12.82 -38.38
C ARG ZA 119 -13.28 -13.27 -39.82
N THR ZA 120 -12.03 -13.58 -40.19
CA THR ZA 120 -11.74 -14.00 -41.54
C THR ZA 120 -12.45 -15.31 -41.89
N MET ZA 121 -12.45 -16.27 -40.97
CA MET ZA 121 -13.12 -17.53 -41.25
C MET ZA 121 -14.63 -17.45 -41.02
N MET ZA 122 -15.11 -16.42 -40.33
CA MET ZA 122 -16.55 -16.17 -40.26
C MET ZA 122 -17.06 -15.55 -41.54
N GLN ZA 123 -16.22 -14.79 -42.24
CA GLN ZA 123 -16.59 -14.28 -43.56
C GLN ZA 123 -16.79 -15.40 -44.57
N ARG ZA 124 -16.30 -16.60 -44.29
CA ARG ZA 124 -16.45 -17.76 -45.16
C ARG ZA 124 -17.63 -18.63 -44.77
N LEU ZA 125 -18.51 -18.15 -43.90
CA LEU ZA 125 -19.69 -18.89 -43.46
C LEU ZA 125 -20.94 -18.23 -44.02
N HIS ZA 126 -21.77 -19.01 -44.71
CA HIS ZA 126 -22.98 -18.53 -45.34
C HIS ZA 126 -24.17 -19.22 -44.70
N LEU ZA 127 -25.09 -18.42 -44.15
CA LEU ZA 127 -26.25 -18.93 -43.43
C LEU ZA 127 -27.52 -18.48 -44.13
N PHE ZA 128 -28.43 -19.42 -44.37
CA PHE ZA 128 -29.67 -19.14 -45.08
C PHE ZA 128 -30.85 -19.66 -44.26
N PRO ZA 129 -31.86 -18.82 -44.01
CA PRO ZA 129 -33.00 -19.28 -43.20
C PRO ZA 129 -33.75 -20.45 -43.80
N ASP ZA 130 -33.83 -20.53 -45.13
CA ASP ZA 130 -34.55 -21.61 -45.78
C ASP ZA 130 -33.72 -22.23 -46.89
N GLU ZA 131 -34.31 -23.13 -47.68
CA GLU ZA 131 -33.60 -23.72 -48.80
C GLU ZA 131 -33.66 -22.80 -50.01
N ASP ZA 132 -33.28 -21.54 -49.84
CA ASP ZA 132 -33.25 -20.54 -50.90
C ASP ZA 132 -31.83 -20.01 -50.98
N ILE ZA 133 -30.98 -20.70 -51.74
CA ILE ZA 133 -29.57 -20.36 -51.87
C ILE ZA 133 -29.36 -19.76 -53.26
N PRO ZA 134 -28.61 -18.67 -53.39
CA PRO ZA 134 -28.33 -18.13 -54.71
C PRO ZA 134 -27.59 -19.13 -55.58
N GLU ZA 135 -27.84 -19.08 -56.89
CA GLU ZA 135 -27.24 -20.03 -57.80
C GLU ZA 135 -25.72 -19.90 -57.82
N ASP ZA 136 -25.19 -18.69 -57.58
CA ASP ZA 136 -23.74 -18.53 -57.54
C ASP ZA 136 -23.12 -19.36 -56.43
N ILE ZA 137 -23.73 -19.36 -55.24
CA ILE ZA 137 -23.25 -20.20 -54.16
C ILE ZA 137 -23.54 -21.66 -54.44
N LEU ZA 138 -24.71 -21.96 -55.03
CA LEU ZA 138 -25.09 -23.34 -55.27
C LEU ZA 138 -24.12 -24.04 -56.21
N LYS ZA 139 -23.67 -23.35 -57.25
CA LYS ZA 139 -22.73 -23.96 -58.20
C LYS ZA 139 -21.36 -24.20 -57.59
N ASN ZA 140 -21.07 -23.67 -56.42
CA ASN ZA 140 -19.77 -23.86 -55.78
C ASN ZA 140 -19.74 -25.08 -54.87
N LEU ZA 141 -20.89 -25.65 -54.52
CA LEU ZA 141 -20.92 -26.73 -53.53
C LEU ZA 141 -20.22 -27.97 -54.06
N VAL ZA 142 -19.60 -28.71 -53.15
CA VAL ZA 142 -18.89 -29.94 -53.47
C VAL ZA 142 -19.60 -31.16 -52.90
N GLU ZA 143 -19.83 -31.16 -51.58
CA GLU ZA 143 -20.52 -32.27 -50.93
C GLU ZA 143 -21.37 -31.73 -49.79
N GLU ZA 144 -22.32 -32.54 -49.36
CA GLU ZA 144 -23.21 -32.21 -48.26
C GLU ZA 144 -22.85 -33.09 -47.06
N LEU ZA 145 -22.49 -32.46 -45.96
CA LEU ZA 145 -22.13 -33.20 -44.77
C LEU ZA 145 -23.37 -33.82 -44.13
N PRO ZA 146 -23.22 -34.98 -43.48
CA PRO ZA 146 -24.37 -35.61 -42.82
C PRO ZA 146 -24.85 -34.79 -41.63
N GLN ZA 147 -26.14 -34.88 -41.37
CA GLN ZA 147 -26.73 -34.20 -40.22
C GLN ZA 147 -26.28 -34.88 -38.92
N PRO ZA 148 -25.79 -34.12 -37.94
CA PRO ZA 148 -25.29 -34.76 -36.71
C PRO ZA 148 -26.34 -35.53 -35.93
N ARG ZA 149 -27.61 -35.13 -35.99
CA ARG ZA 149 -28.67 -35.76 -35.21
C ARG ZA 149 -29.64 -36.47 -36.14
N LYS ZA 150 -29.99 -37.71 -35.80
CA LYS ZA 150 -31.00 -38.45 -36.52
C LYS ZA 150 -32.38 -38.02 -36.05
N VAL ZA 151 -33.14 -37.40 -36.94
CA VAL ZA 151 -34.47 -36.88 -36.59
C VAL ZA 151 -35.46 -38.03 -36.50
N PRO ZA 152 -36.14 -38.21 -35.37
CA PRO ZA 152 -37.15 -39.26 -35.28
C PRO ZA 152 -38.36 -38.95 -36.16
N ARG ZA 153 -39.02 -40.01 -36.58
CA ARG ZA 153 -40.22 -39.89 -37.42
C ARG ZA 153 -41.47 -39.85 -36.56
N ARG ZA 154 -42.40 -38.97 -36.94
CA ARG ZA 154 -43.66 -38.85 -36.24
C ARG ZA 154 -44.58 -40.02 -36.57
N LEU ZA 155 -45.66 -40.15 -35.79
CA LEU ZA 155 -46.48 -41.36 -35.84
C LEU ZA 155 -47.15 -41.54 -37.20
N ASP ZA 156 -47.72 -40.47 -37.76
CA ASP ZA 156 -48.38 -40.59 -39.06
C ASP ZA 156 -47.40 -40.76 -40.20
N GLU ZA 157 -46.11 -40.47 -39.98
CA GLU ZA 157 -45.09 -40.75 -40.98
C GLU ZA 157 -44.70 -42.21 -41.02
N TYR ZA 158 -45.05 -42.98 -39.99
CA TYR ZA 158 -44.73 -44.40 -39.94
C TYR ZA 158 -45.53 -45.16 -40.99
N THR ZA 159 -44.91 -46.18 -41.56
CA THR ZA 159 -45.58 -47.05 -42.52
C THR ZA 159 -46.56 -47.97 -41.81
N GLN ZA 160 -47.67 -48.27 -42.50
CA GLN ZA 160 -48.66 -49.19 -41.94
C GLN ZA 160 -48.08 -50.57 -41.69
N GLU ZA 161 -47.16 -51.01 -42.56
CA GLU ZA 161 -46.51 -52.30 -42.35
C GLU ZA 161 -45.74 -52.33 -41.04
N GLU ZA 162 -44.99 -51.27 -40.75
CA GLU ZA 162 -44.25 -51.21 -39.48
C GLU ZA 162 -45.20 -51.08 -38.30
N ILE ZA 163 -46.29 -50.33 -38.47
CA ILE ZA 163 -47.26 -50.19 -37.39
C ILE ZA 163 -47.87 -51.53 -37.02
N GLU ZA 164 -48.25 -52.33 -38.03
CA GLU ZA 164 -48.82 -53.64 -37.72
C GLU ZA 164 -47.76 -54.63 -37.27
N ALA ZA 165 -46.51 -54.44 -37.71
CA ALA ZA 165 -45.43 -55.32 -37.27
C ALA ZA 165 -45.12 -55.12 -35.78
N PHE ZA 166 -45.18 -53.88 -35.31
CA PHE ZA 166 -44.93 -53.63 -33.89
C PHE ZA 166 -46.03 -54.28 -33.05
N PRO ZA 167 -45.68 -55.07 -32.04
CA PRO ZA 167 -46.69 -55.83 -31.30
C PRO ZA 167 -47.52 -54.95 -30.37
N ARG ZA 168 -48.69 -55.47 -30.01
CA ARG ZA 168 -49.56 -54.86 -29.01
C ARG ZA 168 -49.14 -55.40 -27.64
N VAL ZA 169 -48.55 -54.54 -26.81
CA VAL ZA 169 -48.01 -54.99 -25.54
C VAL ZA 169 -49.09 -55.27 -24.51
N TRP ZA 170 -50.31 -54.80 -24.74
CA TRP ZA 170 -51.41 -55.01 -23.79
C TRP ZA 170 -52.72 -55.11 -24.55
N SER ZA 171 -53.70 -55.73 -23.90
CA SER ZA 171 -55.02 -55.93 -24.49
C SER ZA 171 -56.06 -55.10 -23.73
N PRO ZA 172 -56.52 -53.99 -24.29
CA PRO ZA 172 -57.50 -53.17 -23.58
C PRO ZA 172 -58.83 -53.90 -23.45
N PRO ZA 173 -59.57 -53.66 -22.37
CA PRO ZA 173 -60.89 -54.30 -22.22
C PRO ZA 173 -61.87 -53.76 -23.23
N GLU ZA 174 -62.85 -54.60 -23.58
CA GLU ZA 174 -63.83 -54.22 -24.59
C GLU ZA 174 -64.81 -53.18 -24.07
N ASP ZA 175 -65.14 -53.23 -22.78
CA ASP ZA 175 -66.13 -52.33 -22.22
C ASP ZA 175 -65.59 -50.93 -21.96
N TYR ZA 176 -64.27 -50.75 -21.96
CA TYR ZA 176 -63.69 -49.45 -21.70
C TYR ZA 176 -63.97 -48.48 -22.84
N ARG ZA 177 -64.18 -47.22 -22.49
CA ARG ZA 177 -64.47 -46.16 -23.46
C ARG ZA 177 -63.37 -45.12 -23.41
N LEU ZA 178 -62.80 -44.81 -24.56
CA LEU ZA 178 -61.73 -43.83 -24.65
C LEU ZA 178 -62.28 -42.42 -24.82
N ALA AB 31 -46.67 38.84 -13.26
CA ALA AB 31 -46.33 37.55 -12.69
C ALA AB 31 -46.06 37.67 -11.20
N ILE AB 32 -46.76 36.85 -10.42
CA ILE AB 32 -46.66 36.86 -8.97
C ILE AB 32 -46.09 35.53 -8.54
N GLN AB 33 -44.96 35.55 -7.82
CA GLN AB 33 -44.34 34.33 -7.32
C GLN AB 33 -44.08 34.47 -5.83
N LYS AB 34 -43.33 33.53 -5.25
CA LYS AB 34 -43.07 33.58 -3.82
C LYS AB 34 -42.31 34.84 -3.44
N MET AB 35 -42.62 35.38 -2.26
CA MET AB 35 -41.97 36.58 -1.72
C MET AB 35 -42.22 37.81 -2.59
N THR AB 36 -43.39 37.87 -3.23
CA THR AB 36 -43.77 39.02 -4.04
C THR AB 36 -44.80 39.84 -3.29
N ARG AB 37 -44.55 41.14 -3.17
CA ARG AB 37 -45.49 42.03 -2.50
C ARG AB 37 -46.62 42.41 -3.44
N VAL AB 38 -47.85 42.29 -2.96
CA VAL AB 38 -49.04 42.53 -3.76
C VAL AB 38 -49.89 43.59 -3.06
N ARG AB 39 -50.91 44.06 -3.76
CA ARG AB 39 -51.83 45.07 -3.24
C ARG AB 39 -53.24 44.51 -3.24
N VAL AB 40 -53.90 44.59 -2.08
CA VAL AB 40 -55.26 44.08 -1.93
C VAL AB 40 -56.23 45.13 -2.44
N VAL AB 41 -57.11 44.74 -3.37
CA VAL AB 41 -57.99 45.68 -4.05
C VAL AB 41 -59.36 45.78 -3.37
N ASP AB 42 -59.94 44.67 -2.95
CA ASP AB 42 -61.26 44.71 -2.35
C ASP AB 42 -61.22 45.35 -0.97
N ASN AB 43 -62.35 45.91 -0.56
CA ASN AB 43 -62.45 46.60 0.73
C ASN AB 43 -62.54 45.55 1.83
N SER AB 44 -61.42 45.29 2.49
CA SER AB 44 -61.35 44.32 3.57
C SER AB 44 -60.59 44.91 4.74
N ALA AB 45 -60.89 44.41 5.94
CA ALA AB 45 -60.16 44.86 7.11
C ALA AB 45 -58.67 44.50 7.02
N LEU AB 46 -58.38 43.28 6.55
CA LEU AB 46 -56.98 42.88 6.40
C LEU AB 46 -56.27 43.72 5.35
N GLY AB 47 -56.94 44.02 4.23
CA GLY AB 47 -56.32 44.79 3.18
C GLY AB 47 -56.32 46.29 3.40
N THR AB 48 -57.04 46.78 4.40
CA THR AB 48 -57.11 48.20 4.69
C THR AB 48 -56.32 48.61 5.93
N THR AB 49 -56.37 47.82 6.99
CA THR AB 49 -55.67 48.19 8.21
C THR AB 49 -54.17 48.20 7.97
N PRO AB 50 -53.47 49.29 8.30
CA PRO AB 50 -52.03 49.37 8.04
C PRO AB 50 -51.26 48.33 8.85
N TYR AB 51 -50.17 47.84 8.25
CA TYR AB 51 -49.28 46.89 8.89
C TYR AB 51 -47.85 47.24 8.51
N HIS AB 52 -46.92 46.88 9.40
CA HIS AB 52 -45.51 47.21 9.18
C HIS AB 52 -44.85 46.33 8.13
N ARG AB 53 -45.53 45.29 7.64
CA ARG AB 53 -45.00 44.43 6.60
C ARG AB 53 -46.02 44.35 5.46
N PRO AB 54 -45.59 44.58 4.22
CA PRO AB 54 -46.53 44.50 3.10
C PRO AB 54 -46.99 43.06 2.89
N PRO AB 55 -48.18 42.85 2.35
CA PRO AB 55 -48.65 41.48 2.11
C PRO AB 55 -47.85 40.78 1.03
N ARG AB 56 -47.12 39.75 1.41
CA ARG AB 56 -46.27 39.01 0.47
C ARG AB 56 -46.93 37.70 0.06
N CYS AB 57 -46.56 37.22 -1.11
CA CYS AB 57 -47.07 35.95 -1.62
C CYS AB 57 -46.28 34.81 -1.00
N ILE AB 58 -46.99 33.89 -0.34
CA ILE AB 58 -46.35 32.76 0.31
C ILE AB 58 -46.19 31.59 -0.65
N HIS AB 59 -47.24 31.28 -1.41
CA HIS AB 59 -47.22 30.11 -2.27
C HIS AB 59 -48.19 30.31 -3.41
N VAL AB 60 -47.81 29.87 -4.61
CA VAL AB 60 -48.64 29.92 -5.80
C VAL AB 60 -49.13 28.52 -6.11
N TYR AB 61 -50.43 28.38 -6.39
CA TYR AB 61 -51.08 27.08 -6.48
C TYR AB 61 -51.06 26.48 -7.88
N ASN AB 62 -50.09 26.84 -8.71
CA ASN AB 62 -49.86 26.18 -9.98
C ASN AB 62 -48.72 25.19 -9.86
N LYS AB 63 -48.61 24.31 -10.86
CA LYS AB 63 -47.46 23.41 -10.92
C LYS AB 63 -46.16 24.16 -11.16
N THR AB 64 -46.24 25.37 -11.68
CA THR AB 64 -45.12 26.29 -11.75
C THR AB 64 -45.22 27.30 -10.60
N GLY AB 65 -44.08 27.90 -10.27
CA GLY AB 65 -44.08 28.88 -9.21
C GLY AB 65 -44.58 30.25 -9.60
N VAL AB 66 -44.93 30.45 -10.86
CA VAL AB 66 -45.38 31.73 -11.38
C VAL AB 66 -46.91 31.77 -11.38
N GLY AB 67 -47.46 32.91 -11.03
CA GLY AB 67 -48.90 33.11 -11.00
C GLY AB 67 -49.33 34.16 -12.02
N LYS AB 68 -50.42 33.89 -12.71
CA LYS AB 68 -50.99 34.80 -13.70
C LYS AB 68 -52.38 35.22 -13.25
N VAL AB 69 -53.09 35.93 -14.13
CA VAL AB 69 -54.42 36.41 -13.80
C VAL AB 69 -55.35 35.23 -13.59
N GLY AB 70 -56.05 35.24 -12.45
CA GLY AB 70 -56.98 34.16 -12.14
C GLY AB 70 -56.37 32.97 -11.44
N ASP AB 71 -55.20 33.11 -10.85
CA ASP AB 71 -54.54 32.02 -10.13
C ASP AB 71 -54.65 32.26 -8.63
N ARG AB 72 -55.08 31.24 -7.90
CA ARG AB 72 -55.13 31.32 -6.45
C ARG AB 72 -53.73 31.25 -5.87
N ILE AB 73 -53.44 32.13 -4.91
CA ILE AB 73 -52.15 32.20 -4.26
C ILE AB 73 -52.36 32.43 -2.76
N LEU AB 74 -51.28 32.29 -2.00
CA LEU AB 74 -51.32 32.44 -0.56
C LEU AB 74 -50.57 33.69 -0.13
N LEU AB 75 -51.12 34.40 0.85
CA LEU AB 75 -50.59 35.67 1.33
C LEU AB 75 -50.34 35.60 2.82
N ALA AB 76 -49.40 36.43 3.27
CA ALA AB 76 -49.14 36.65 4.69
C ALA AB 76 -49.54 38.08 5.00
N ILE AB 77 -50.81 38.30 5.31
CA ILE AB 77 -51.34 39.61 5.65
C ILE AB 77 -51.48 39.71 7.15
N ARG AB 78 -50.87 40.75 7.73
CA ARG AB 78 -50.97 41.02 9.17
C ARG AB 78 -50.52 39.81 10.00
N GLY AB 79 -49.48 39.13 9.52
CA GLY AB 79 -48.93 38.01 10.27
C GLY AB 79 -49.78 36.76 10.27
N GLN AB 80 -50.68 36.61 9.30
CA GLN AB 80 -51.52 35.43 9.21
C GLN AB 80 -51.62 34.99 7.76
N LYS AB 81 -51.93 33.71 7.57
CA LYS AB 81 -52.04 33.14 6.24
C LYS AB 81 -53.46 33.33 5.69
N LYS AB 82 -53.55 33.73 4.43
CA LYS AB 82 -54.81 33.98 3.77
C LYS AB 82 -54.70 33.54 2.32
N LYS AB 83 -55.86 33.35 1.68
CA LYS AB 83 -55.91 32.96 0.28
C LYS AB 83 -56.41 34.13 -0.55
N ALA AB 84 -55.82 34.31 -1.73
CA ALA AB 84 -56.15 35.45 -2.57
C ALA AB 84 -56.16 35.00 -4.03
N LEU AB 85 -56.77 35.83 -4.88
CA LEU AB 85 -56.86 35.59 -6.31
C LEU AB 85 -56.14 36.71 -7.04
N ILE AB 86 -55.32 36.36 -8.02
CA ILE AB 86 -54.57 37.35 -8.79
C ILE AB 86 -55.51 38.01 -9.79
N VAL AB 87 -55.67 39.32 -9.66
CA VAL AB 87 -56.55 40.09 -10.52
C VAL AB 87 -55.78 40.72 -11.69
N GLY AB 88 -54.66 41.38 -11.39
CA GLY AB 88 -53.85 41.97 -12.44
C GLY AB 88 -52.40 42.05 -11.99
N HIS AB 89 -51.50 41.95 -12.96
CA HIS AB 89 -50.07 42.01 -12.71
C HIS AB 89 -49.41 42.93 -13.73
N ARG AB 90 -48.13 43.22 -13.51
CA ARG AB 90 -47.40 44.16 -14.34
C ARG AB 90 -46.67 43.51 -15.51
N MET AB 91 -46.59 42.19 -15.56
CA MET AB 91 -45.98 41.53 -16.70
C MET AB 91 -46.91 41.57 -17.91
N PRO AB 92 -46.42 41.90 -19.09
CA PRO AB 92 -47.26 41.83 -20.29
C PRO AB 92 -47.67 40.39 -20.59
N GLY AB 93 -48.86 40.23 -21.15
CA GLY AB 93 -49.36 38.93 -21.52
C GLY AB 93 -49.72 38.87 -22.99
N PRO AB 94 -50.75 38.10 -23.31
CA PRO AB 94 -51.22 38.06 -24.70
C PRO AB 94 -51.79 39.40 -25.13
N ARG AB 95 -51.96 39.55 -26.44
CA ARG AB 95 -52.46 40.81 -26.99
C ARG AB 95 -53.90 41.05 -26.55
N MET AB 96 -54.26 42.33 -26.45
CA MET AB 96 -55.58 42.77 -26.02
C MET AB 96 -55.89 42.33 -24.59
N THR AB 97 -54.85 42.20 -23.77
CA THR AB 97 -55.00 41.90 -22.36
C THR AB 97 -54.49 43.06 -21.53
N PRO AB 98 -55.30 43.58 -20.61
CA PRO AB 98 -54.87 44.74 -19.81
C PRO AB 98 -53.62 44.44 -19.00
N ARG AB 99 -52.76 45.45 -18.90
CA ARG AB 99 -51.52 45.37 -18.13
C ARG AB 99 -51.55 46.48 -17.09
N PHE AB 100 -51.73 46.11 -15.84
CA PHE AB 100 -51.94 47.08 -14.77
C PHE AB 100 -50.61 47.58 -14.22
N ASP AB 101 -50.70 48.63 -13.40
CA ASP AB 101 -49.52 49.26 -12.80
C ASP AB 101 -49.15 48.67 -11.46
N SER AB 102 -49.86 47.65 -10.99
CA SER AB 102 -49.55 47.03 -9.71
C SER AB 102 -50.04 45.59 -9.73
N ASN AB 103 -49.50 44.79 -8.81
CA ASN AB 103 -49.88 43.38 -8.66
C ASN AB 103 -51.10 43.31 -7.76
N ASN AB 104 -52.28 43.38 -8.38
CA ASN AB 104 -53.54 43.42 -7.65
C ASN AB 104 -53.99 42.01 -7.29
N VAL AB 105 -54.47 41.87 -6.05
CA VAL AB 105 -55.06 40.62 -5.58
C VAL AB 105 -56.34 40.93 -4.82
N VAL AB 106 -57.29 40.01 -4.89
CA VAL AB 106 -58.53 40.06 -4.13
C VAL AB 106 -58.53 38.90 -3.14
N LEU AB 107 -58.82 39.19 -1.88
CA LEU AB 107 -58.74 38.18 -0.84
C LEU AB 107 -59.90 37.20 -0.96
N LEU AB 108 -59.65 35.94 -0.61
CA LEU AB 108 -60.61 34.86 -0.73
C LEU AB 108 -60.69 34.09 0.58
N GLU AB 109 -61.69 33.23 0.70
CA GLU AB 109 -61.85 32.34 1.83
C GLU AB 109 -61.39 30.94 1.44
N ASP AB 110 -61.49 30.02 2.41
CA ASP AB 110 -61.13 28.62 2.15
C ASP AB 110 -62.08 27.97 1.15
N ASN AB 111 -63.36 28.35 1.18
CA ASN AB 111 -64.33 27.81 0.24
C ASN AB 111 -64.34 28.54 -1.09
N GLY AB 112 -63.56 29.59 -1.24
CA GLY AB 112 -63.47 30.32 -2.49
C GLY AB 112 -64.29 31.59 -2.58
N ASN AB 113 -64.89 32.04 -1.47
CA ASN AB 113 -65.68 33.26 -1.56
C ASN AB 113 -64.88 34.46 -1.09
N PRO AB 114 -65.08 35.62 -1.71
CA PRO AB 114 -64.32 36.81 -1.29
C PRO AB 114 -64.72 37.27 0.10
N VAL AB 115 -63.76 37.90 0.79
CA VAL AB 115 -64.05 38.47 2.10
C VAL AB 115 -64.54 39.91 1.99
N GLY AB 116 -64.20 40.60 0.91
CA GLY AB 116 -64.66 41.96 0.71
C GLY AB 116 -66.07 42.01 0.16
N THR AB 117 -66.56 43.25 0.02
CA THR AB 117 -67.90 43.50 -0.50
C THR AB 117 -67.90 44.10 -1.89
N ARG AB 118 -66.90 44.92 -2.21
CA ARG AB 118 -66.87 45.61 -3.49
C ARG AB 118 -65.43 45.78 -3.94
N ILE AB 119 -65.22 45.69 -5.26
CA ILE AB 119 -63.92 45.92 -5.87
C ILE AB 119 -64.02 47.17 -6.73
N LYS AB 120 -63.17 48.15 -6.45
CA LYS AB 120 -63.22 49.42 -7.18
C LYS AB 120 -62.30 49.43 -8.40
N THR AB 121 -61.12 48.82 -8.28
CA THR AB 121 -60.16 48.84 -9.38
C THR AB 121 -60.67 48.02 -10.56
N PRO AB 122 -60.27 48.39 -11.78
CA PRO AB 122 -60.70 47.61 -12.95
C PRO AB 122 -60.14 46.20 -12.92
N ILE AB 123 -60.90 45.28 -13.52
CA ILE AB 123 -60.56 43.86 -13.55
C ILE AB 123 -60.56 43.41 -15.00
N PRO AB 124 -59.65 42.52 -15.42
CA PRO AB 124 -59.68 42.04 -16.80
C PRO AB 124 -60.99 41.35 -17.12
N SER AB 125 -61.47 41.57 -18.36
CA SER AB 125 -62.71 40.95 -18.80
C SER AB 125 -62.55 39.47 -19.11
N SER AB 126 -61.31 38.97 -19.20
CA SER AB 126 -61.09 37.55 -19.44
C SER AB 126 -61.43 36.71 -18.21
N LEU AB 127 -61.51 37.32 -17.03
CA LEU AB 127 -61.86 36.59 -15.83
C LEU AB 127 -63.32 36.11 -15.85
N ARG AB 128 -64.14 36.68 -16.73
CA ARG AB 128 -65.53 36.26 -16.85
C ARG AB 128 -65.70 34.97 -17.65
N GLN AB 129 -64.64 34.53 -18.35
CA GLN AB 129 -64.73 33.26 -19.08
C GLN AB 129 -64.94 32.09 -18.13
N ARG AB 130 -64.20 32.05 -17.04
CA ARG AB 130 -64.29 30.97 -16.05
C ARG AB 130 -65.20 31.44 -14.91
N GLU AB 131 -66.47 31.65 -15.26
CA GLU AB 131 -67.46 32.13 -14.30
C GLU AB 131 -67.97 31.02 -13.39
N GLY AB 132 -67.67 29.75 -13.71
CA GLY AB 132 -68.17 28.66 -12.90
C GLY AB 132 -67.64 28.68 -11.48
N GLU AB 133 -66.39 29.11 -11.30
CA GLU AB 133 -65.75 29.13 -9.99
C GLU AB 133 -65.48 30.51 -9.44
N PHE AB 134 -65.61 31.56 -10.26
CA PHE AB 134 -65.40 32.92 -9.81
C PHE AB 134 -66.71 33.72 -9.82
N SER AB 135 -67.84 33.05 -9.61
CA SER AB 135 -69.12 33.72 -9.68
C SER AB 135 -69.24 34.81 -8.60
N LYS AB 136 -68.97 34.46 -7.35
CA LYS AB 136 -69.09 35.43 -6.27
C LYS AB 136 -67.99 36.49 -6.33
N VAL AB 137 -66.83 36.14 -6.90
CA VAL AB 137 -65.77 37.13 -7.05
C VAL AB 137 -66.15 38.17 -8.10
N LEU AB 138 -66.70 37.72 -9.23
CA LEU AB 138 -67.11 38.63 -10.28
C LEU AB 138 -68.39 39.39 -9.93
N ALA AB 139 -69.20 38.85 -9.02
CA ALA AB 139 -70.41 39.56 -8.60
C ALA AB 139 -70.09 40.87 -7.91
N ILE AB 140 -69.03 40.90 -7.08
CA ILE AB 140 -68.65 42.10 -6.37
C ILE AB 140 -67.82 43.07 -7.21
N ALA AB 141 -67.29 42.61 -8.34
CA ALA AB 141 -66.53 43.48 -9.23
C ALA AB 141 -67.46 44.49 -9.91
N GLN AB 142 -67.01 45.74 -9.98
CA GLN AB 142 -67.80 46.82 -10.54
C GLN AB 142 -67.31 47.30 -11.89
N ASN AB 143 -65.99 47.31 -12.12
CA ASN AB 143 -65.41 47.82 -13.35
C ASN AB 143 -64.61 46.73 -14.02
N PHE AB 144 -64.77 46.59 -15.34
CA PHE AB 144 -64.06 45.61 -16.13
C PHE AB 144 -63.33 46.30 -17.27
N VAL AB 145 -62.09 45.87 -17.51
CA VAL AB 145 -61.27 46.46 -18.56
C VAL AB 145 -60.59 45.37 -19.38
N GLY BB 9 71.43 -39.53 -8.09
CA GLY BB 9 70.76 -38.81 -7.03
C GLY BB 9 69.75 -37.81 -7.53
N PRO BB 10 70.18 -36.55 -7.73
CA PRO BB 10 69.27 -35.51 -8.24
C PRO BB 10 69.01 -35.65 -9.74
N ARG BB 11 68.04 -36.52 -10.07
CA ARG BB 11 67.67 -36.72 -11.47
C ARG BB 11 67.00 -35.48 -12.07
N ALA BB 12 66.55 -34.55 -11.24
CA ALA BB 12 65.98 -33.31 -11.76
C ALA BB 12 67.02 -32.50 -12.52
N LEU BB 13 68.29 -32.56 -12.09
CA LEU BB 13 69.34 -31.86 -12.82
C LEU BB 13 69.51 -32.41 -14.23
N ASP BB 14 69.44 -33.74 -14.39
CA ASP BB 14 69.51 -34.32 -15.71
C ASP BB 14 68.25 -34.05 -16.52
N LEU BB 15 67.10 -33.99 -15.85
CA LEU BB 15 65.86 -33.63 -16.54
C LEU BB 15 65.92 -32.20 -17.07
N LEU BB 16 66.59 -31.32 -16.33
CA LEU BB 16 66.68 -29.91 -16.72
C LEU BB 16 67.45 -29.71 -18.02
N ARG BB 17 68.27 -30.69 -18.43
CA ARG BB 17 69.01 -30.55 -19.68
C ARG BB 17 68.07 -30.46 -20.88
N ALA BB 18 67.03 -31.30 -20.91
CA ALA BB 18 66.09 -31.27 -22.02
C ALA BB 18 65.18 -30.05 -21.97
N LEU BB 19 64.90 -29.54 -20.78
CA LEU BB 19 64.02 -28.40 -20.64
C LEU BB 19 64.70 -27.13 -21.15
N PRO BB 20 63.91 -26.14 -21.60
CA PRO BB 20 64.52 -24.89 -22.07
C PRO BB 20 65.10 -24.07 -20.94
N ARG BB 21 65.61 -22.88 -21.28
CA ARG BB 21 66.30 -22.05 -20.31
C ARG BB 21 65.35 -21.58 -19.21
N VAL BB 22 65.82 -21.59 -17.97
CA VAL BB 22 65.07 -21.08 -16.83
C VAL BB 22 65.31 -19.57 -16.76
N SER BB 23 64.26 -18.79 -17.00
CA SER BB 23 64.37 -17.34 -17.01
C SER BB 23 63.19 -16.76 -16.23
N LEU BB 24 63.07 -15.43 -16.27
CA LEU BB 24 61.97 -14.76 -15.59
C LEU BB 24 60.65 -14.92 -16.34
N ALA BB 25 60.67 -15.37 -17.58
CA ALA BB 25 59.45 -15.53 -18.36
C ALA BB 25 58.67 -16.79 -18.01
N ASN BB 26 59.31 -17.77 -17.36
CA ASN BB 26 58.64 -19.01 -16.96
C ASN BB 26 58.96 -19.25 -15.49
N LEU BB 27 58.15 -18.65 -14.61
CA LEU BB 27 58.28 -18.83 -13.18
C LEU BB 27 56.89 -19.00 -12.59
N LYS BB 28 56.73 -19.99 -11.72
CA LYS BB 28 55.44 -20.31 -11.14
C LYS BB 28 55.62 -20.60 -9.65
N PRO BB 29 54.79 -20.02 -8.78
CA PRO BB 29 54.83 -20.38 -7.36
C PRO BB 29 54.23 -21.76 -7.14
N ASN BB 30 54.48 -22.29 -5.95
CA ASN BB 30 53.93 -23.59 -5.60
C ASN BB 30 52.41 -23.53 -5.61
N PRO BB 31 51.72 -24.56 -6.11
CA PRO BB 31 50.26 -24.55 -6.10
C PRO BB 31 49.72 -24.55 -4.68
N GLY BB 32 48.75 -23.67 -4.42
CA GLY BB 32 48.19 -23.52 -3.10
C GLY BB 32 48.96 -22.60 -2.18
N SER BB 33 50.12 -22.09 -2.62
CA SER BB 33 50.90 -21.19 -1.78
C SER BB 33 50.23 -19.83 -1.64
N ARG BB 34 49.58 -19.34 -2.69
CA ARG BB 34 48.95 -18.03 -2.70
C ARG BB 34 47.47 -18.20 -3.02
N LYS BB 35 46.63 -18.10 -1.99
CA LYS BB 35 45.19 -18.17 -2.18
C LYS BB 35 44.72 -16.90 -2.88
N PRO BB 36 44.02 -17.01 -4.01
CA PRO BB 36 43.63 -15.80 -4.74
C PRO BB 36 42.60 -14.98 -3.98
N GLU BB 37 42.83 -13.67 -3.96
CA GLU BB 37 41.88 -12.75 -3.32
C GLU BB 37 40.61 -12.64 -4.16
N ARG BB 38 39.50 -12.36 -3.48
CA ARG BB 38 38.20 -12.27 -4.13
C ARG BB 38 37.58 -10.92 -3.81
N ARG BB 39 37.08 -10.25 -4.84
CA ARG BB 39 36.52 -8.92 -4.71
C ARG BB 39 35.01 -8.94 -4.85
N PRO BB 40 34.31 -7.97 -4.26
CA PRO BB 40 32.85 -7.94 -4.39
C PRO BB 40 32.38 -7.50 -5.76
N ARG BB 41 32.75 -8.26 -6.79
CA ARG BB 41 32.34 -7.98 -8.16
C ARG BB 41 31.69 -9.21 -8.75
N GLY BB 42 30.60 -9.01 -9.49
CA GLY BB 42 29.90 -10.09 -10.14
C GLY BB 42 28.53 -10.34 -9.52
N ARG BB 43 27.88 -11.37 -10.04
CA ARG BB 43 26.54 -11.71 -9.56
C ARG BB 43 26.59 -12.37 -8.18
N ARG BB 44 27.59 -13.23 -7.95
CA ARG BB 44 27.62 -13.99 -6.71
C ARG BB 44 28.17 -13.17 -5.55
N ARG BB 45 29.28 -12.47 -5.79
CA ARG BB 45 29.95 -11.73 -4.72
C ARG BB 45 29.51 -10.28 -4.61
N GLY BB 46 28.57 -9.84 -5.45
CA GLY BB 46 27.94 -8.55 -5.29
C GLY BB 46 26.66 -8.66 -4.47
N ARG BB 47 25.84 -7.61 -4.54
CA ARG BB 47 24.52 -7.59 -3.91
C ARG BB 47 24.63 -7.84 -2.40
N LYS BB 48 25.15 -6.82 -1.72
CA LYS BB 48 25.46 -6.74 -0.29
C LYS BB 48 26.82 -7.35 0.03
N CYS BB 49 27.51 -7.95 -0.93
CA CYS BB 49 28.94 -8.25 -0.83
C CYS BB 49 29.29 -8.97 0.47
N GLY BB 50 28.49 -9.96 0.83
CA GLY BB 50 28.78 -10.73 2.02
C GLY BB 50 28.59 -10.02 3.34
N ARG BB 51 27.74 -8.99 3.38
CA ARG BB 51 27.52 -8.24 4.61
C ARG BB 51 26.17 -8.50 5.25
N GLY BB 52 25.20 -9.00 4.50
CA GLY BB 52 23.88 -9.25 5.04
C GLY BB 52 22.90 -8.14 4.73
N HIS BB 53 21.72 -8.24 5.32
CA HIS BB 53 20.68 -7.25 5.16
C HIS BB 53 20.88 -6.14 6.18
N LYS BB 54 19.88 -5.27 6.34
CA LYS BB 54 20.00 -4.11 7.21
C LYS BB 54 20.34 -4.51 8.65
N GLY BB 55 20.71 -3.52 9.43
CA GLY BB 55 21.10 -3.69 10.81
C GLY BB 55 22.41 -2.99 11.06
N GLU BB 56 23.14 -3.47 12.07
CA GLU BB 56 24.47 -2.94 12.34
C GLU BB 56 25.55 -3.68 11.57
N ARG BB 57 25.31 -4.93 11.18
CA ARG BB 57 26.35 -5.71 10.52
C ARG BB 57 26.63 -5.20 9.11
N GLN BB 58 25.59 -4.85 8.35
CA GLN BB 58 25.82 -4.39 6.98
C GLN BB 58 26.37 -2.97 6.95
N ARG BB 59 26.07 -2.16 7.97
CA ARG BB 59 26.54 -0.80 8.05
C ARG BB 59 27.83 -0.66 8.85
N GLY BB 60 28.34 -1.77 9.40
CA GLY BB 60 29.62 -1.75 10.09
C GLY BB 60 29.64 -0.93 11.36
N THR BB 61 28.61 -1.03 12.18
CA THR BB 61 28.51 -0.31 13.43
C THR BB 61 28.22 -1.26 14.58
N ARG BB 62 28.84 -2.44 14.55
CA ARG BB 62 28.65 -3.42 15.61
C ARG BB 62 29.28 -2.95 16.91
N PRO BB 63 28.79 -3.43 18.05
CA PRO BB 63 29.45 -3.13 19.32
C PRO BB 63 30.79 -3.82 19.46
N ARG BB 64 31.43 -3.65 20.61
CA ARG BB 64 32.75 -4.24 20.84
C ARG BB 64 32.64 -5.75 21.03
N LEU BB 65 33.78 -6.39 21.29
CA LEU BB 65 33.79 -7.85 21.44
C LEU BB 65 33.03 -8.28 22.68
N GLY BB 66 33.32 -7.68 23.83
CA GLY BB 66 32.74 -8.15 25.07
C GLY BB 66 31.28 -7.83 25.25
N PHE BB 67 30.72 -6.99 24.38
CA PHE BB 67 29.31 -6.61 24.50
C PHE BB 67 28.40 -7.77 24.13
N GLU BB 68 27.31 -7.92 24.90
CA GLU BB 68 26.33 -8.98 24.68
C GLU BB 68 24.94 -8.44 24.39
N GLY BB 69 24.84 -7.22 23.87
CA GLY BB 69 23.55 -6.63 23.58
C GLY BB 69 22.84 -6.00 24.76
N GLY BB 70 23.58 -5.46 25.72
CA GLY BB 70 23.02 -4.84 26.89
C GLY BB 70 22.99 -5.71 28.13
N GLN BB 71 23.07 -7.02 27.95
CA GLN BB 71 23.23 -7.93 29.08
C GLN BB 71 24.59 -7.71 29.72
N THR BB 72 24.66 -7.94 31.02
CA THR BB 72 25.93 -7.80 31.74
C THR BB 72 26.94 -8.77 31.13
N PRO BB 73 28.09 -8.29 30.67
CA PRO BB 73 29.01 -9.16 29.94
C PRO BB 73 29.59 -10.27 30.80
N PHE BB 74 29.93 -11.38 30.14
CA PHE BB 74 30.53 -12.50 30.84
C PHE BB 74 31.88 -12.11 31.45
N TYR BB 75 32.69 -11.36 30.71
CA TYR BB 75 34.00 -10.94 31.20
C TYR BB 75 33.90 -9.83 32.23
N LEU BB 76 32.69 -9.42 32.64
CA LEU BB 76 32.53 -8.41 33.67
C LEU BB 76 31.69 -8.88 34.85
N ARG BB 77 30.87 -9.91 34.70
CA ARG BB 77 30.11 -10.45 35.82
C ARG BB 77 30.90 -11.42 36.68
N ILE BB 78 32.11 -11.79 36.26
CA ILE BB 78 32.96 -12.68 37.04
C ILE BB 78 33.72 -11.84 38.07
N PRO BB 79 33.76 -12.24 39.33
CA PRO BB 79 34.46 -11.44 40.34
C PRO BB 79 35.96 -11.41 40.09
N LYS BB 80 36.56 -10.27 40.44
CA LYS BB 80 38.01 -10.12 40.32
C LYS BB 80 38.71 -10.96 41.38
N TYR BB 81 39.67 -11.77 40.94
CA TYR BB 81 40.49 -12.55 41.85
C TYR BB 81 41.94 -12.44 41.41
N GLY BB 82 42.85 -12.47 42.38
CA GLY BB 82 44.25 -12.36 42.06
C GLY BB 82 44.79 -13.60 41.38
N PHE BB 83 44.99 -13.52 40.07
CA PHE BB 83 45.59 -14.58 39.28
C PHE BB 83 46.90 -14.13 38.65
N ASN BB 84 46.89 -12.96 38.01
CA ASN BB 84 48.09 -12.33 37.48
C ASN BB 84 48.51 -11.13 38.33
N GLU BB 85 48.03 -11.06 39.56
CA GLU BB 85 48.39 -9.95 40.45
C GLU BB 85 49.87 -10.05 40.80
N GLY BB 86 50.63 -9.01 40.49
CA GLY BB 86 52.06 -9.04 40.72
C GLY BB 86 52.82 -9.95 39.79
N HIS BB 87 52.26 -10.25 38.62
CA HIS BB 87 52.94 -11.13 37.67
C HIS BB 87 54.24 -10.54 37.18
N SER BB 88 54.33 -9.21 37.09
CA SER BB 88 55.51 -8.53 36.58
C SER BB 88 56.63 -8.44 37.60
N PHE BB 89 56.45 -9.02 38.78
CA PHE BB 89 57.49 -9.01 39.80
C PHE BB 89 57.83 -10.40 40.32
N ARG BB 90 57.10 -11.42 39.89
CA ARG BB 90 57.47 -12.79 40.23
C ARG BB 90 58.76 -13.18 39.53
N HIS BB 91 59.62 -13.88 40.26
CA HIS BB 91 60.88 -14.35 39.70
C HIS BB 91 60.63 -15.52 38.76
N GLN BB 92 61.27 -15.50 37.60
CA GLN BB 92 61.13 -16.55 36.60
C GLN BB 92 62.50 -17.18 36.36
N TYR BB 93 62.52 -18.51 36.23
CA TYR BB 93 63.74 -19.26 36.03
C TYR BB 93 63.54 -20.26 34.91
N GLN BB 94 64.32 -20.12 33.84
CA GLN BB 94 64.22 -21.06 32.73
C GLN BB 94 64.71 -22.44 33.17
N PRO BB 95 63.91 -23.49 32.98
CA PRO BB 95 64.36 -24.82 33.38
C PRO BB 95 65.38 -25.40 32.42
N LEU BB 96 66.33 -26.15 32.98
CA LEU BB 96 67.34 -26.86 32.21
C LEU BB 96 67.41 -28.28 32.71
N SER BB 97 66.96 -29.22 31.90
CA SER BB 97 66.97 -30.63 32.29
C SER BB 97 68.40 -31.16 32.31
N LEU BB 98 68.64 -32.09 33.23
CA LEU BB 98 69.90 -32.83 33.18
C LEU BB 98 70.03 -33.61 31.89
N ASN BB 99 68.90 -34.07 31.33
CA ASN BB 99 68.93 -34.72 30.03
C ASN BB 99 69.41 -33.76 28.95
N ARG BB 100 68.90 -32.53 28.96
CA ARG BB 100 69.36 -31.53 27.98
C ARG BB 100 70.82 -31.18 28.19
N LEU BB 101 71.26 -31.07 29.44
CA LEU BB 101 72.66 -30.78 29.71
C LEU BB 101 73.56 -31.90 29.19
N GLN BB 102 73.16 -33.16 29.42
CA GLN BB 102 73.93 -34.28 28.90
C GLN BB 102 73.94 -34.29 27.38
N TYR BB 103 72.80 -33.95 26.76
CA TYR BB 103 72.75 -33.87 25.31
C TYR BB 103 73.71 -32.82 24.78
N LEU BB 104 73.75 -31.64 25.41
CA LEU BB 104 74.67 -30.59 25.00
C LEU BB 104 76.11 -31.03 25.16
N ILE BB 105 76.43 -31.67 26.29
CA ILE BB 105 77.80 -32.13 26.53
C ILE BB 105 78.21 -33.16 25.49
N ASP BB 106 77.31 -34.11 25.19
CA ASP BB 106 77.62 -35.16 24.22
C ASP BB 106 77.80 -34.58 22.83
N LEU BB 107 76.96 -33.61 22.44
CA LEU BB 107 77.10 -33.00 21.13
C LEU BB 107 78.21 -31.95 21.07
N GLY BB 108 78.82 -31.62 22.20
CA GLY BB 108 79.93 -30.69 22.20
C GLY BB 108 79.56 -29.23 22.29
N ARG BB 109 78.30 -28.92 22.57
CA ARG BB 109 77.89 -27.52 22.70
C ARG BB 109 78.56 -26.86 23.88
N VAL BB 110 78.67 -27.57 25.00
CA VAL BB 110 79.36 -27.08 26.19
C VAL BB 110 80.44 -28.08 26.58
N ASP BB 111 81.59 -27.55 27.00
CA ASP BB 111 82.72 -28.40 27.37
C ASP BB 111 82.71 -28.63 28.88
N PRO BB 112 82.62 -29.89 29.34
CA PRO BB 112 82.68 -30.13 30.78
C PRO BB 112 84.04 -29.83 31.40
N THR BB 113 85.09 -29.69 30.58
CA THR BB 113 86.44 -29.42 31.08
C THR BB 113 86.58 -28.02 31.68
N GLN BB 114 85.61 -27.15 31.47
CA GLN BB 114 85.62 -25.78 31.97
C GLN BB 114 84.38 -25.53 32.81
N PRO BB 115 84.43 -24.57 33.74
CA PRO BB 115 83.24 -24.27 34.56
C PRO BB 115 82.09 -23.79 33.70
N ILE BB 116 80.95 -24.47 33.81
CA ILE BB 116 79.78 -24.14 33.02
C ILE BB 116 79.05 -22.97 33.67
N ASP BB 117 78.80 -21.93 32.87
CA ASP BB 117 78.16 -20.71 33.34
C ASP BB 117 76.94 -20.41 32.48
N LEU BB 118 76.17 -19.41 32.91
CA LEU BB 118 75.04 -18.96 32.11
C LEU BB 118 75.50 -18.45 30.75
N THR BB 119 76.62 -17.74 30.71
CA THR BB 119 77.17 -17.29 29.44
C THR BB 119 77.51 -18.46 28.53
N GLN BB 120 78.11 -19.51 29.11
CA GLN BB 120 78.45 -20.69 28.31
C GLN BB 120 77.20 -21.39 27.79
N LEU BB 121 76.16 -21.49 28.63
CA LEU BB 121 74.91 -22.10 28.17
C LEU BB 121 74.28 -21.29 27.04
N VAL BB 122 74.27 -19.96 27.17
CA VAL BB 122 73.71 -19.11 26.15
C VAL BB 122 74.50 -19.24 24.84
N ASN BB 123 75.83 -19.28 24.96
CA ASN BB 123 76.67 -19.44 23.78
C ASN BB 123 76.42 -20.78 23.09
N GLY BB 124 76.23 -21.83 23.88
CA GLY BB 124 75.89 -23.13 23.34
C GLY BB 124 74.45 -23.29 22.95
N ARG BB 125 73.63 -22.26 23.17
CA ARG BB 125 72.23 -22.21 22.76
C ARG BB 125 71.37 -23.23 23.50
N GLY BB 126 71.83 -23.70 24.66
CA GLY BB 126 71.03 -24.63 25.42
C GLY BB 126 69.84 -24.00 26.11
N VAL BB 127 69.96 -22.73 26.50
CA VAL BB 127 68.88 -22.00 27.14
C VAL BB 127 68.78 -20.62 26.49
N THR BB 128 67.60 -20.01 26.64
CA THR BB 128 67.34 -18.66 26.17
C THR BB 128 66.77 -17.87 27.34
N ILE BB 129 67.47 -16.80 27.73
CA ILE BB 129 67.09 -15.99 28.88
C ILE BB 129 66.64 -14.62 28.38
N GLN BB 130 65.45 -14.20 28.82
CA GLN BB 130 64.90 -12.89 28.47
C GLN BB 130 64.76 -12.10 29.76
N PRO BB 131 65.78 -11.33 30.16
CA PRO BB 131 65.70 -10.60 31.43
C PRO BB 131 64.59 -9.57 31.47
N SER BB 132 64.20 -9.00 30.33
CA SER BB 132 63.10 -8.06 30.30
C SER BB 132 61.77 -8.73 30.67
N LYS BB 133 61.66 -10.04 30.48
CA LYS BB 133 60.47 -10.80 30.86
C LYS BB 133 60.59 -11.39 32.26
N ARG BB 134 61.35 -10.73 33.14
CA ARG BB 134 61.48 -11.08 34.55
C ARG BB 134 62.14 -12.44 34.76
N ASP BB 135 62.83 -12.98 33.75
CA ASP BB 135 63.65 -14.15 33.98
C ASP BB 135 64.82 -13.79 34.87
N TYR BB 136 65.09 -14.65 35.86
CA TYR BB 136 66.19 -14.44 36.79
C TYR BB 136 67.30 -15.47 36.61
N GLY BB 137 67.33 -16.15 35.48
CA GLY BB 137 68.38 -17.11 35.20
C GLY BB 137 67.86 -18.50 34.89
N VAL BB 138 68.64 -19.52 35.22
CA VAL BB 138 68.34 -20.90 34.87
C VAL BB 138 68.24 -21.71 36.16
N GLN BB 139 67.20 -22.52 36.25
CA GLN BB 139 67.05 -23.51 37.31
C GLN BB 139 67.33 -24.91 36.76
N LEU BB 140 67.75 -25.80 37.65
CA LEU BB 140 68.06 -27.18 37.29
C LEU BB 140 66.93 -28.09 37.72
N VAL BB 141 66.45 -28.90 36.79
CA VAL BB 141 65.41 -29.88 37.08
C VAL BB 141 66.00 -31.28 36.93
N GLU BB 142 65.27 -32.27 37.43
CA GLU BB 142 65.75 -33.64 37.52
C GLU BB 142 65.14 -34.55 36.46
N GLU BB 143 64.67 -33.98 35.35
CA GLU BB 143 63.93 -34.77 34.37
C GLU BB 143 64.80 -35.83 33.70
N GLY BB 144 66.12 -35.69 33.75
CA GLY BB 144 67.00 -36.68 33.17
C GLY BB 144 68.12 -37.13 34.10
N ALA BB 145 67.81 -37.24 35.40
CA ALA BB 145 68.82 -37.57 36.39
C ALA BB 145 69.25 -39.03 36.36
N ASP BB 146 68.44 -39.91 35.77
CA ASP BB 146 68.77 -41.34 35.78
C ASP BB 146 69.94 -41.65 34.87
N THR BB 147 70.03 -40.98 33.72
CA THR BB 147 71.06 -41.27 32.72
C THR BB 147 72.10 -40.15 32.61
N PHE BB 148 72.25 -39.34 33.66
CA PHE BB 148 73.25 -38.28 33.64
C PHE BB 148 74.60 -38.85 34.05
N LYS BB 149 75.57 -38.80 33.14
CA LYS BB 149 76.88 -39.40 33.33
C LYS BB 149 77.98 -38.40 33.01
N ALA BB 150 77.86 -37.18 33.49
CA ALA BB 150 78.84 -36.14 33.24
C ALA BB 150 79.27 -35.48 34.55
N LYS BB 151 80.54 -35.10 34.61
CA LYS BB 151 81.12 -34.43 35.77
C LYS BB 151 81.44 -32.99 35.35
N VAL BB 152 80.62 -32.05 35.80
CA VAL BB 152 80.72 -30.66 35.39
C VAL BB 152 80.70 -29.77 36.62
N ASN BB 153 81.23 -28.56 36.47
CA ASN BB 153 81.11 -27.53 37.50
C ASN BB 153 79.98 -26.59 37.09
N ILE BB 154 78.76 -27.02 37.35
CA ILE BB 154 77.58 -26.27 36.95
C ILE BB 154 77.42 -25.06 37.85
N GLU BB 155 76.82 -24.00 37.29
CA GLU BB 155 76.61 -22.75 38.01
C GLU BB 155 75.24 -22.22 37.59
N VAL BB 156 74.24 -22.42 38.43
CA VAL BB 156 72.87 -22.02 38.12
C VAL BB 156 72.38 -21.06 39.18
N GLN BB 157 71.12 -20.64 39.07
CA GLN BB 157 70.52 -19.76 40.06
C GLN BB 157 69.62 -20.50 41.04
N MET BB 158 68.91 -21.51 40.58
CA MET BB 158 68.17 -22.43 41.43
C MET BB 158 68.50 -23.85 41.01
N ALA BB 159 68.48 -24.76 41.97
CA ALA BB 159 68.80 -26.15 41.70
C ALA BB 159 67.87 -27.05 42.49
N SER BB 160 67.36 -28.08 41.85
CA SER BB 160 66.54 -29.07 42.53
C SER BB 160 67.41 -29.97 43.38
N GLU BB 161 66.82 -30.48 44.47
CA GLU BB 161 67.56 -31.35 45.38
C GLU BB 161 68.01 -32.63 44.67
N LEU BB 162 67.14 -33.22 43.87
CA LEU BB 162 67.51 -34.43 43.14
C LEU BB 162 68.54 -34.15 42.06
N ALA BB 163 68.45 -32.99 41.40
CA ALA BB 163 69.47 -32.63 40.41
C ALA BB 163 70.83 -32.45 41.07
N ILE BB 164 70.86 -31.81 42.24
CA ILE BB 164 72.10 -31.68 42.99
C ILE BB 164 72.66 -33.05 43.35
N ALA BB 165 71.79 -33.95 43.82
CA ALA BB 165 72.23 -35.29 44.17
C ALA BB 165 72.81 -36.01 42.96
N ALA BB 166 72.16 -35.89 41.81
CA ALA BB 166 72.63 -36.56 40.60
C ALA BB 166 73.99 -36.02 40.18
N ILE BB 167 74.20 -34.71 40.28
CA ILE BB 167 75.48 -34.15 39.87
C ILE BB 167 76.59 -34.56 40.84
N GLU BB 168 76.31 -34.49 42.16
CA GLU BB 168 77.32 -34.89 43.13
C GLU BB 168 77.64 -36.38 43.03
N LYS BB 169 76.69 -37.20 42.55
CA LYS BB 169 76.99 -38.62 42.37
C LYS BB 169 78.11 -38.81 41.37
N ASN BB 170 78.05 -38.12 40.24
CA ASN BB 170 79.13 -38.20 39.25
C ASN BB 170 80.36 -37.43 39.69
N GLY BB 171 80.21 -36.47 40.58
CA GLY BB 171 81.38 -35.81 41.14
C GLY BB 171 81.59 -34.40 40.66
N GLY BB 172 80.50 -33.70 40.33
CA GLY BB 172 80.57 -32.33 39.93
C GLY BB 172 80.44 -31.38 41.11
N VAL BB 173 80.23 -30.10 40.78
CA VAL BB 173 80.00 -29.07 41.78
C VAL BB 173 78.77 -28.27 41.35
N VAL BB 174 77.82 -28.12 42.27
CA VAL BB 174 76.62 -27.34 42.03
C VAL BB 174 76.68 -26.09 42.90
N THR BB 175 76.53 -24.92 42.28
CA THR BB 175 76.53 -23.66 43.00
C THR BB 175 75.38 -22.81 42.50
N THR BB 176 74.56 -22.31 43.43
CA THR BB 176 73.43 -21.46 43.09
C THR BB 176 73.78 -20.03 43.47
N ALA BB 177 73.74 -19.14 42.49
CA ALA BB 177 74.07 -17.73 42.70
C ALA BB 177 72.91 -16.85 42.28
N PHE BB 178 72.98 -15.58 42.68
CA PHE BB 178 71.95 -14.59 42.37
C PHE BB 178 72.50 -13.57 41.39
N TYR BB 179 71.67 -13.15 40.46
CA TYR BB 179 72.03 -12.11 39.49
C TYR BB 179 70.88 -11.12 39.38
N ASP BB 180 71.16 -9.85 39.66
CA ASP BB 180 70.21 -8.79 39.42
C ASP BB 180 70.00 -8.64 37.92
N PRO BB 181 68.89 -8.04 37.48
CA PRO BB 181 68.60 -7.99 36.04
C PRO BB 181 69.70 -7.38 35.19
N ARG BB 182 70.36 -6.32 35.66
CA ARG BB 182 71.42 -5.70 34.87
C ARG BB 182 72.58 -6.65 34.63
N SER BB 183 73.10 -7.24 35.71
CA SER BB 183 74.18 -8.21 35.58
C SER BB 183 73.74 -9.44 34.81
N LEU BB 184 72.46 -9.78 34.88
CA LEU BB 184 71.96 -10.93 34.13
C LEU BB 184 71.97 -10.66 32.63
N GLU BB 185 71.55 -9.46 32.22
CA GLU BB 185 71.67 -9.06 30.82
C GLU BB 185 73.12 -9.06 30.38
N ILE BB 186 74.01 -8.55 31.23
CA ILE BB 186 75.42 -8.50 30.89
C ILE BB 186 75.99 -9.91 30.70
N LEU BB 187 75.62 -10.84 31.60
CA LEU BB 187 76.07 -12.21 31.47
C LEU BB 187 75.52 -12.87 30.22
N CYS BB 188 74.23 -12.66 29.93
CA CYS BB 188 73.63 -13.28 28.77
C CYS BB 188 74.24 -12.78 27.46
N LYS BB 189 74.48 -11.47 27.37
CA LYS BB 189 75.05 -10.86 26.16
C LYS BB 189 76.25 -10.02 26.57
N PRO BB 190 77.42 -10.65 26.74
CA PRO BB 190 78.61 -9.87 27.15
C PRO BB 190 79.18 -9.02 26.04
N VAL BB 191 79.18 -9.52 24.79
CA VAL BB 191 79.74 -8.74 23.69
C VAL BB 191 79.00 -7.43 23.47
N PRO BB 192 77.66 -7.39 23.44
CA PRO BB 192 76.99 -6.08 23.38
C PRO BB 192 77.33 -5.18 24.56
N PHE BB 193 77.49 -5.73 25.76
CA PHE BB 193 77.90 -4.90 26.88
C PHE BB 193 79.31 -4.37 26.72
N PHE BB 194 80.22 -5.20 26.17
CA PHE BB 194 81.57 -4.74 25.93
C PHE BB 194 81.66 -3.69 24.84
N LEU BB 195 80.75 -3.74 23.86
CA LEU BB 195 80.65 -2.69 22.86
C LEU BB 195 79.88 -1.47 23.35
N ARG BB 196 79.16 -1.61 24.47
CA ARG BB 196 78.48 -0.48 25.09
C ARG BB 196 79.44 0.57 25.64
N GLY BB 197 80.66 0.17 26.02
CA GLY BB 197 81.64 1.13 26.50
C GLY BB 197 81.50 1.54 27.95
N GLN BB 198 80.91 0.68 28.79
CA GLN BB 198 80.73 1.01 30.19
C GLN BB 198 81.56 0.08 31.07
N PRO BB 199 82.02 0.57 32.22
CA PRO BB 199 82.73 -0.32 33.15
C PRO BB 199 81.81 -1.40 33.70
N ILE BB 200 82.41 -2.56 33.99
CA ILE BB 200 81.66 -3.69 34.52
C ILE BB 200 81.13 -3.32 35.90
N PRO BB 201 79.82 -3.44 36.13
CA PRO BB 201 79.26 -3.05 37.42
C PRO BB 201 79.35 -4.18 38.44
N LYS BB 202 79.07 -3.83 39.69
CA LYS BB 202 79.04 -4.80 40.77
C LYS BB 202 77.75 -5.61 40.73
N ARG BB 203 77.81 -6.80 41.32
CA ARG BB 203 76.67 -7.71 41.35
C ARG BB 203 75.84 -7.44 42.60
N MET BB 204 74.58 -7.06 42.40
CA MET BB 204 73.72 -6.72 43.52
C MET BB 204 73.40 -7.96 44.35
N LEU BB 205 73.30 -7.75 45.66
CA LEU BB 205 72.97 -8.83 46.57
C LEU BB 205 71.50 -9.24 46.41
N PRO BB 206 71.17 -10.50 46.72
CA PRO BB 206 69.78 -10.92 46.61
C PRO BB 206 68.91 -10.21 47.64
N PRO BB 207 67.63 -10.04 47.35
CA PRO BB 207 66.74 -9.40 48.33
C PRO BB 207 66.50 -10.30 49.53
N GLU BB 208 65.77 -9.74 50.50
CA GLU BB 208 65.52 -10.46 51.75
C GLU BB 208 64.73 -11.75 51.52
N ALA BB 209 63.94 -11.80 50.45
CA ALA BB 209 63.16 -13.00 50.17
C ALA BB 209 64.04 -14.14 49.68
N LEU BB 210 65.17 -13.82 49.07
CA LEU BB 210 66.07 -14.83 48.51
C LEU BB 210 67.35 -15.02 49.30
N VAL BB 211 67.61 -14.19 50.31
CA VAL BB 211 68.81 -14.38 51.14
C VAL BB 211 68.81 -15.73 51.84
N PRO BB 212 67.73 -16.19 52.48
CA PRO BB 212 67.77 -17.53 53.10
C PRO BB 212 68.08 -18.63 52.11
N TYR BB 213 67.58 -18.52 50.88
CA TYR BB 213 67.85 -19.55 49.89
C TYR BB 213 69.34 -19.62 49.54
N TYR BB 214 69.98 -18.46 49.39
CA TYR BB 214 71.36 -18.40 48.93
C TYR BB 214 72.37 -18.44 50.07
N THR BB 215 71.94 -18.41 51.33
CA THR BB 215 72.83 -18.52 52.46
C THR BB 215 72.74 -19.87 53.16
N ASP BB 216 72.04 -20.84 52.58
CA ASP BB 216 71.95 -22.18 53.14
C ASP BB 216 72.82 -23.14 52.34
N ALA BB 217 73.52 -24.03 53.05
CA ALA BB 217 74.36 -25.03 52.39
C ALA BB 217 73.55 -26.15 51.76
N LYS BB 218 72.29 -26.33 52.17
CA LYS BB 218 71.45 -27.36 51.56
C LYS BB 218 71.15 -27.04 50.10
N ASN BB 219 71.02 -25.77 49.77
CA ASN BB 219 70.79 -25.33 48.40
C ASN BB 219 72.09 -25.00 47.67
N ARG BB 220 73.23 -25.23 48.29
CA ARG BB 220 74.54 -24.88 47.73
C ARG BB 220 74.61 -23.40 47.37
N GLY BB 221 74.12 -22.55 48.27
CA GLY BB 221 74.11 -21.12 48.01
C GLY BB 221 75.51 -20.56 47.90
N TYR BB 222 75.68 -19.58 47.01
CA TYR BB 222 76.97 -18.96 46.81
C TYR BB 222 77.38 -18.06 47.98
N LEU BB 223 76.43 -17.64 48.80
CA LEU BB 223 76.72 -16.88 50.01
C LEU BB 223 76.72 -17.74 51.25
N ALA BB 224 76.61 -19.05 51.10
CA ALA BB 224 76.54 -19.96 52.24
C ALA BB 224 77.92 -20.20 52.82
N ASP BB 225 77.93 -20.72 54.05
CA ASP BB 225 79.18 -21.02 54.74
C ASP BB 225 79.85 -22.22 54.09
N PRO BB 226 81.08 -22.10 53.59
CA PRO BB 226 81.72 -23.26 52.97
C PRO BB 226 82.02 -24.39 53.94
N ALA BB 227 82.03 -24.12 55.24
CA ALA BB 227 82.29 -25.16 56.22
C ALA BB 227 81.16 -26.17 56.30
N ARG BB 228 79.93 -25.78 55.94
CA ARG BB 228 78.78 -26.66 56.01
C ARG BB 228 78.52 -27.40 54.70
N PHE BB 229 79.28 -27.13 53.65
CA PHE BB 229 79.11 -27.86 52.40
C PHE BB 229 79.39 -29.36 52.54
N PRO BB 230 80.49 -29.82 53.14
CA PRO BB 230 80.70 -31.27 53.25
C PRO BB 230 79.62 -31.98 54.04
N GLU BB 231 79.08 -31.35 55.08
CA GLU BB 231 78.00 -31.97 55.85
C GLU BB 231 76.77 -32.17 54.98
N ALA BB 232 76.40 -31.16 54.20
CA ALA BB 232 75.25 -31.27 53.32
C ALA BB 232 75.48 -32.33 52.24
N ARG BB 233 76.69 -32.36 51.68
CA ARG BB 233 76.99 -33.37 50.66
C ARG BB 233 76.92 -34.78 51.24
N LEU BB 234 77.43 -34.97 52.46
CA LEU BB 234 77.36 -36.29 53.09
C LEU BB 234 75.91 -36.68 53.39
N GLU BB 235 75.10 -35.73 53.86
CA GLU BB 235 73.69 -36.02 54.12
C GLU BB 235 72.98 -36.41 52.83
N LEU BB 236 73.26 -35.69 51.74
CA LEU BB 236 72.68 -36.00 50.44
C LEU BB 236 73.10 -37.40 49.98
N ALA BB 237 74.37 -37.73 50.12
CA ALA BB 237 74.86 -39.03 49.67
C ALA BB 237 74.24 -40.16 50.51
N ARG BB 238 74.11 -39.96 51.82
CA ARG BB 238 73.48 -40.96 52.65
C ARG BB 238 72.00 -41.11 52.33
N LYS BB 239 71.32 -40.00 52.02
CA LYS BB 239 69.91 -40.09 51.67
C LYS BB 239 69.70 -40.85 50.37
N TYR BB 240 70.53 -40.61 49.37
CA TYR BB 240 70.33 -41.22 48.06
C TYR BB 240 71.19 -42.45 47.82
N GLY BB 241 71.88 -42.95 48.83
CA GLY BB 241 72.54 -44.24 48.74
C GLY BB 241 73.64 -44.33 47.71
N TYR BB 242 74.52 -43.34 47.66
CA TYR BB 242 75.70 -43.40 46.81
C TYR BB 242 76.92 -42.90 47.58
N VAL BB 243 78.09 -43.38 47.19
CA VAL BB 243 79.33 -42.96 47.82
C VAL BB 243 79.73 -41.59 47.29
N LEU BB 244 80.16 -40.71 48.18
CA LEU BB 244 80.55 -39.37 47.79
C LEU BB 244 81.93 -39.40 47.15
N PRO BB 245 82.09 -38.96 45.90
CA PRO BB 245 83.39 -39.07 45.24
C PRO BB 245 84.45 -38.23 45.93
N ASP BB 246 85.69 -38.72 45.87
CA ASP BB 246 86.85 -38.01 46.43
C ASP BB 246 87.21 -36.88 45.48
N ILE BB 247 86.49 -35.76 45.62
CA ILE BB 247 86.65 -34.64 44.71
C ILE BB 247 88.00 -33.95 44.92
N THR BB 248 88.52 -33.96 46.15
CA THR BB 248 89.73 -33.22 46.46
C THR BB 248 90.93 -33.74 45.68
N LYS BB 249 91.05 -35.06 45.56
CA LYS BB 249 92.18 -35.68 44.87
C LYS BB 249 91.90 -35.95 43.40
N ASP BB 250 91.02 -35.17 42.79
CA ASP BB 250 90.75 -35.27 41.36
C ASP BB 250 91.77 -34.44 40.57
N GLU BB 251 91.97 -34.83 39.31
CA GLU BB 251 92.89 -34.09 38.46
C GLU BB 251 92.39 -32.68 38.19
N LEU BB 252 91.08 -32.52 37.99
CA LEU BB 252 90.46 -31.24 37.67
C LEU BB 252 89.91 -30.54 38.90
N PHE BB 253 90.58 -30.69 40.05
CA PHE BB 253 90.08 -30.10 41.28
C PHE BB 253 90.08 -28.58 41.20
N LYS BB 254 91.06 -27.98 40.53
CA LYS BB 254 91.08 -26.53 40.37
C LYS BB 254 89.86 -26.05 39.59
N MET BB 255 89.54 -26.73 38.48
CA MET BB 255 88.38 -26.36 37.69
C MET BB 255 87.08 -26.62 38.44
N LEU BB 256 87.05 -27.64 39.30
CA LEU BB 256 85.86 -27.92 40.07
C LEU BB 256 85.67 -26.95 41.22
N SER BB 257 86.75 -26.40 41.76
CA SER BB 257 86.68 -25.51 42.90
C SER BB 257 86.80 -24.04 42.51
N THR BB 258 86.93 -23.72 41.23
CA THR BB 258 86.93 -22.33 40.82
C THR BB 258 85.58 -21.68 41.17
N ARG BB 259 85.63 -20.43 41.61
CA ARG BB 259 84.43 -19.76 42.10
C ARG BB 259 84.45 -18.30 41.68
N LYS BB 260 83.27 -17.70 41.63
CA LYS BB 260 83.10 -16.28 41.37
C LYS BB 260 82.90 -15.55 42.68
N ASP BB 261 83.49 -14.36 42.79
CA ASP BB 261 83.20 -13.51 43.93
C ASP BB 261 81.73 -13.08 43.89
N PRO BB 262 81.09 -12.94 45.05
CA PRO BB 262 79.68 -12.55 45.06
C PRO BB 262 79.41 -11.20 44.42
N ARG BB 263 80.43 -10.35 44.28
CA ARG BB 263 80.31 -9.10 43.55
C ARG BB 263 80.91 -9.19 42.14
N GLN BB 264 81.21 -10.39 41.67
CA GLN BB 264 81.85 -10.60 40.38
C GLN BB 264 80.85 -11.20 39.40
N ILE BB 265 80.83 -10.67 38.18
CA ILE BB 265 79.94 -11.13 37.13
C ILE BB 265 80.60 -12.19 36.25
N PHE BB 266 81.81 -11.93 35.78
CA PHE BB 266 82.52 -12.83 34.89
C PHE BB 266 83.64 -13.54 35.65
N PHE BB 267 84.29 -14.48 34.95
CA PHE BB 267 85.42 -15.20 35.50
C PHE BB 267 86.70 -14.43 35.19
N GLY BB 268 87.46 -14.10 36.23
CA GLY BB 268 88.71 -13.39 36.06
C GLY BB 268 88.54 -11.88 36.03
N LEU BB 269 87.53 -11.41 35.31
CA LEU BB 269 87.28 -9.98 35.23
C LEU BB 269 86.76 -9.45 36.56
N ALA BB 270 86.95 -8.15 36.77
CA ALA BB 270 86.57 -7.50 38.02
C ALA BB 270 85.71 -6.28 37.74
N PRO BB 271 84.86 -5.90 38.68
CA PRO BB 271 84.05 -4.69 38.49
C PRO BB 271 84.92 -3.45 38.28
N GLY BB 272 84.48 -2.58 37.38
CA GLY BB 272 85.19 -1.36 37.06
C GLY BB 272 86.11 -1.45 35.87
N TRP BB 273 86.42 -2.66 35.40
CA TRP BB 273 87.28 -2.80 34.24
C TRP BB 273 86.52 -2.47 32.95
N VAL BB 274 87.24 -1.91 31.99
CA VAL BB 274 86.69 -1.59 30.68
C VAL BB 274 87.41 -2.46 29.65
N VAL BB 275 86.64 -3.27 28.93
CA VAL BB 275 87.21 -4.20 27.96
C VAL BB 275 87.17 -3.52 26.60
N ASN BB 276 88.33 -3.05 26.13
CA ASN BB 276 88.45 -2.45 24.81
C ASN BB 276 88.75 -3.58 23.83
N MET BB 277 87.72 -4.10 23.17
CA MET BB 277 87.88 -5.24 22.28
C MET BB 277 88.53 -4.88 20.96
N ALA BB 278 88.45 -3.61 20.54
CA ALA BB 278 89.10 -3.21 19.30
C ALA BB 278 90.62 -3.33 19.41
N ASP BB 279 91.19 -2.91 20.53
CA ASP BB 279 92.62 -3.02 20.78
C ASP BB 279 92.98 -4.26 21.60
N LYS BB 280 92.00 -5.08 21.97
CA LYS BB 280 92.23 -6.29 22.75
C LYS BB 280 92.95 -5.98 24.07
N LYS BB 281 92.39 -5.04 24.82
CA LYS BB 281 93.04 -4.56 26.04
C LYS BB 281 92.01 -4.36 27.14
N ILE BB 282 92.52 -4.24 28.37
CA ILE BB 282 91.70 -4.03 29.56
C ILE BB 282 92.18 -2.77 30.27
N LEU BB 283 91.26 -1.88 30.58
CA LEU BB 283 91.55 -0.66 31.32
C LEU BB 283 91.04 -0.82 32.75
N LYS BB 284 91.93 -0.62 33.72
CA LYS BB 284 91.60 -0.78 35.12
C LYS BB 284 91.68 0.56 35.84
N PRO BB 285 90.66 0.94 36.62
CA PRO BB 285 90.75 2.19 37.38
C PRO BB 285 91.77 2.09 38.50
N THR BB 286 92.36 3.24 38.84
CA THR BB 286 93.35 3.31 39.89
C THR BB 286 93.01 4.31 40.98
N ASP BB 287 91.97 5.12 40.80
CA ASP BB 287 91.57 6.07 41.83
C ASP BB 287 91.11 5.32 43.09
N GLU BB 288 91.47 5.87 44.25
CA GLU BB 288 91.11 5.23 45.51
C GLU BB 288 89.60 5.17 45.68
N ASN BB 289 88.90 6.26 45.37
CA ASN BB 289 87.45 6.29 45.51
C ASN BB 289 86.79 5.30 44.56
N LEU BB 290 87.26 5.25 43.31
CA LEU BB 290 86.69 4.31 42.34
C LEU BB 290 86.93 2.87 42.77
N LEU BB 291 88.15 2.56 43.22
CA LEU BB 291 88.44 1.20 43.65
C LEU BB 291 87.61 0.81 44.87
N LYS BB 292 87.45 1.73 45.83
CA LYS BB 292 86.62 1.45 47.00
C LYS BB 292 85.18 1.21 46.60
N TYR BB 293 84.65 2.04 45.69
CA TYR BB 293 83.28 1.86 45.24
C TYR BB 293 83.08 0.52 44.55
N TYR BB 294 84.03 0.14 43.67
CA TYR BB 294 83.88 -1.07 42.90
C TYR BB 294 84.13 -2.34 43.71
N SER BB 295 84.99 -2.28 44.74
CA SER BB 295 85.24 -3.42 45.59
C SER BB 295 84.32 -3.47 46.81
N SER BB 296 83.51 -2.44 47.05
CA SER BB 296 82.60 -2.43 48.18
C SER BB 296 81.28 -3.12 47.82
N ILE CB 9 -22.17 32.41 -32.27
CA ILE CB 9 -23.31 32.64 -33.15
C ILE CB 9 -23.34 34.10 -33.59
N SER CB 10 -22.90 34.36 -34.81
CA SER CB 10 -22.85 35.70 -35.38
C SER CB 10 -23.66 35.78 -36.66
N HIS CB 11 -24.85 35.19 -36.65
CA HIS CB 11 -25.71 35.21 -37.82
C HIS CB 11 -26.22 36.62 -38.08
N GLY CB 12 -26.18 37.04 -39.34
CA GLY CB 12 -26.67 38.36 -39.71
C GLY CB 12 -25.86 39.52 -39.16
N ARG CB 13 -24.55 39.38 -39.08
CA ARG CB 13 -23.66 40.45 -38.68
C ARG CB 13 -22.93 40.97 -39.93
N VAL CB 14 -22.91 42.29 -40.09
CA VAL CB 14 -22.35 42.89 -41.29
C VAL CB 14 -21.05 43.63 -41.03
N PHE CB 15 -20.75 43.99 -39.79
CA PHE CB 15 -19.54 44.71 -39.44
C PHE CB 15 -18.62 43.81 -38.64
N ARG CB 16 -17.36 43.73 -39.03
CA ARG CB 16 -16.37 42.95 -38.31
C ARG CB 16 -15.73 43.78 -37.22
N ARG CB 17 -15.31 43.11 -36.15
CA ARG CB 17 -14.71 43.78 -35.01
C ARG CB 17 -13.28 44.17 -35.31
N LEU CB 18 -12.96 45.47 -35.16
CA LEU CB 18 -11.63 45.97 -35.41
C LEU CB 18 -11.24 46.91 -34.27
N GLY CB 19 -9.93 47.06 -34.07
CA GLY CB 19 -9.44 47.99 -33.08
C GLY CB 19 -9.74 47.55 -31.66
N LEU CB 20 -9.96 48.53 -30.79
CA LEU CB 20 -10.24 48.29 -29.38
C LEU CB 20 -11.73 48.39 -29.05
N GLY CB 21 -12.60 48.41 -30.05
CA GLY CB 21 -14.01 48.50 -29.84
C GLY CB 21 -14.71 49.18 -31.00
N PRO CB 22 -15.99 49.50 -30.82
CA PRO CB 22 -16.72 50.20 -31.90
C PRO CB 22 -16.19 51.60 -32.18
N GLU CB 23 -15.87 52.37 -31.13
CA GLU CB 23 -15.33 53.71 -31.35
C GLU CB 23 -13.95 53.65 -32.01
N SER CB 24 -13.10 52.70 -31.58
CA SER CB 24 -11.81 52.55 -32.21
C SER CB 24 -11.94 52.11 -33.66
N ARG CB 25 -12.91 51.24 -33.95
CA ARG CB 25 -13.17 50.85 -35.33
C ARG CB 25 -13.59 52.05 -36.17
N ILE CB 26 -14.47 52.89 -35.62
CA ILE CB 26 -14.91 54.08 -36.35
C ILE CB 26 -13.74 55.01 -36.61
N HIS CB 27 -12.87 55.19 -35.61
CA HIS CB 27 -11.73 56.08 -35.79
C HIS CB 27 -10.74 55.53 -36.81
N LEU CB 28 -10.49 54.23 -36.80
CA LEU CB 28 -9.64 53.62 -37.82
C LEU CB 28 -10.25 53.79 -39.21
N LEU CB 29 -11.56 53.58 -39.32
CA LEU CB 29 -12.23 53.73 -40.61
C LEU CB 29 -12.15 55.16 -41.10
N GLN CB 30 -12.29 56.14 -40.20
CA GLN CB 30 -12.24 57.53 -40.63
C GLN CB 30 -10.82 57.96 -41.00
N ASN CB 31 -9.81 57.41 -40.31
CA ASN CB 31 -8.44 57.68 -40.74
C ASN CB 31 -8.18 57.11 -42.14
N LEU CB 32 -8.65 55.87 -42.37
CA LEU CB 32 -8.48 55.28 -43.70
C LEU CB 32 -9.24 56.07 -44.76
N LEU CB 33 -10.44 56.54 -44.43
CA LEU CB 33 -11.24 57.32 -45.37
C LEU CB 33 -10.58 58.65 -45.67
N THR CB 34 -10.02 59.31 -44.66
CA THR CB 34 -9.30 60.57 -44.90
C THR CB 34 -8.10 60.33 -45.80
N GLY CB 35 -7.33 59.27 -45.55
CA GLY CB 35 -6.22 58.96 -46.42
C GLY CB 35 -6.66 58.67 -47.85
N LEU CB 36 -7.76 57.93 -48.00
CA LEU CB 36 -8.26 57.60 -49.34
C LEU CB 36 -8.73 58.85 -50.07
N VAL CB 37 -9.43 59.75 -49.38
CA VAL CB 37 -9.91 60.96 -50.02
C VAL CB 37 -8.73 61.85 -50.40
N ARG CB 38 -7.69 61.90 -49.55
CA ARG CB 38 -6.56 62.76 -49.85
C ARG CB 38 -5.73 62.23 -51.01
N HIS CB 39 -5.44 60.93 -51.02
CA HIS CB 39 -4.48 60.38 -51.98
C HIS CB 39 -5.12 59.73 -53.19
N GLU CB 40 -6.44 59.56 -53.20
CA GLU CB 40 -7.23 58.93 -54.26
C GLU CB 40 -6.92 57.45 -54.43
N ARG CB 41 -5.95 56.91 -53.70
CA ARG CB 41 -5.61 55.49 -53.75
C ARG CB 41 -4.76 55.11 -52.54
N ILE CB 42 -5.21 54.15 -51.74
CA ILE CB 42 -4.44 53.70 -50.59
C ILE CB 42 -4.42 52.18 -50.56
N GLU CB 43 -3.48 51.64 -49.80
CA GLU CB 43 -3.36 50.20 -49.61
C GLU CB 43 -3.31 49.93 -48.11
N ALA CB 44 -3.94 48.83 -47.71
CA ALA CB 44 -4.01 48.46 -46.30
C ALA CB 44 -4.32 46.97 -46.20
N SER CB 45 -4.68 46.53 -45.00
CA SER CB 45 -5.12 45.16 -44.82
C SER CB 45 -6.40 44.91 -45.60
N TRP CB 46 -6.59 43.66 -46.02
CA TRP CB 46 -7.75 43.33 -46.85
C TRP CB 46 -9.06 43.57 -46.10
N ALA CB 47 -9.11 43.19 -44.83
CA ALA CB 47 -10.34 43.35 -44.06
C ALA CB 47 -10.67 44.81 -43.83
N ARG CB 48 -9.66 45.62 -43.49
CA ARG CB 48 -9.92 47.04 -43.24
C ARG CB 48 -10.37 47.74 -44.51
N VAL CB 49 -9.75 47.42 -45.65
CA VAL CB 49 -10.15 48.03 -46.90
C VAL CB 49 -11.56 47.56 -47.30
N ASP CB 50 -11.87 46.29 -47.07
CA ASP CB 50 -13.21 45.79 -47.35
C ASP CB 50 -14.26 46.51 -46.51
N GLU CB 51 -13.95 46.76 -45.24
CA GLU CB 51 -14.85 47.53 -44.39
C GLU CB 51 -14.97 48.97 -44.88
N LEU CB 52 -13.85 49.56 -45.32
CA LEU CB 52 -13.82 50.96 -45.71
C LEU CB 52 -14.50 51.22 -47.05
N ARG CB 53 -14.63 50.20 -47.90
CA ARG CB 53 -15.19 50.42 -49.23
C ARG CB 53 -16.61 50.95 -49.15
N GLY CB 54 -17.45 50.36 -48.30
CA GLY CB 54 -18.82 50.83 -48.18
C GLY CB 54 -18.93 52.24 -47.66
N TYR CB 55 -18.09 52.58 -46.66
CA TYR CB 55 -18.09 53.95 -46.15
C TYR CB 55 -17.62 54.94 -47.21
N ALA CB 56 -16.65 54.53 -48.04
CA ALA CB 56 -16.22 55.40 -49.13
C ALA CB 56 -17.34 55.63 -50.13
N GLU CB 57 -18.07 54.59 -50.50
CA GLU CB 57 -19.19 54.76 -51.41
C GLU CB 57 -20.26 55.67 -50.81
N LYS CB 58 -20.57 55.48 -49.53
CA LYS CB 58 -21.57 56.32 -48.89
C LYS CB 58 -21.11 57.76 -48.75
N LEU CB 59 -19.80 57.97 -48.54
CA LEU CB 59 -19.28 59.34 -48.49
C LEU CB 59 -19.37 60.02 -49.84
N ILE CB 60 -19.11 59.28 -50.91
CA ILE CB 60 -19.28 59.86 -52.25
C ILE CB 60 -20.75 60.18 -52.49
N ASP CB 61 -21.65 59.33 -52.02
CA ASP CB 61 -23.08 59.62 -52.14
C ASP CB 61 -23.45 60.89 -51.37
N TYR CB 62 -22.91 61.04 -50.15
CA TYR CB 62 -23.21 62.23 -49.37
C TYR CB 62 -22.63 63.48 -50.01
N GLY CB 63 -21.47 63.36 -50.65
CA GLY CB 63 -20.92 64.48 -51.40
C GLY CB 63 -21.78 64.86 -52.58
N LYS CB 64 -22.30 63.86 -53.30
CA LYS CB 64 -23.24 64.13 -54.39
C LYS CB 64 -24.53 64.75 -53.87
N LEU CB 65 -24.89 64.45 -52.62
CA LEU CB 65 -26.13 64.98 -52.05
C LEU CB 65 -26.16 66.51 -52.07
N GLY CB 66 -25.01 67.15 -51.94
CA GLY CB 66 -24.94 68.61 -52.05
C GLY CB 66 -24.02 69.28 -51.05
N ASP CB 67 -23.49 70.44 -51.45
CA ASP CB 67 -22.63 71.22 -50.57
C ASP CB 67 -23.44 71.96 -49.50
N THR CB 68 -24.63 72.45 -49.87
CA THR CB 68 -25.43 73.26 -48.96
C THR CB 68 -26.24 72.43 -47.98
N ASN CB 69 -26.23 71.10 -48.09
CA ASN CB 69 -26.98 70.25 -47.18
C ASN CB 69 -26.26 70.18 -45.84
N GLU CB 70 -26.95 70.55 -44.77
CA GLU CB 70 -26.32 70.59 -43.45
C GLU CB 70 -25.95 69.20 -42.96
N ARG CB 71 -26.82 68.21 -43.19
CA ARG CB 71 -26.52 66.84 -42.76
C ARG CB 71 -25.29 66.30 -43.46
N ALA CB 72 -25.21 66.48 -44.78
CA ALA CB 72 -24.06 66.01 -45.53
C ALA CB 72 -22.80 66.77 -45.11
N MET CB 73 -22.92 68.08 -44.88
CA MET CB 73 -21.77 68.86 -44.46
C MET CB 73 -21.24 68.38 -43.11
N ARG CB 74 -22.14 68.11 -42.16
CA ARG CB 74 -21.70 67.63 -40.86
C ARG CB 74 -21.10 66.23 -40.94
N MET CB 75 -21.70 65.34 -41.75
CA MET CB 75 -21.13 64.01 -41.91
C MET CB 75 -19.73 64.07 -42.52
N ALA CB 76 -19.55 64.91 -43.54
CA ALA CB 76 -18.22 65.08 -44.12
C ALA CB 76 -17.25 65.68 -43.12
N ASP CB 77 -17.72 66.66 -42.33
CA ASP CB 77 -16.87 67.28 -41.32
C ASP CB 77 -16.39 66.25 -40.30
N PHE CB 78 -17.27 65.34 -39.90
CA PHE CB 78 -16.86 64.29 -38.97
C PHE CB 78 -15.88 63.32 -39.62
N TRP CB 79 -16.21 62.84 -40.82
CA TRP CB 79 -15.47 61.72 -41.38
C TRP CB 79 -14.11 62.14 -41.93
N LEU CB 80 -14.00 63.34 -42.50
CA LEU CB 80 -12.73 63.83 -43.01
C LEU CB 80 -12.01 64.55 -41.88
N THR CB 81 -11.03 63.88 -41.27
CA THR CB 81 -10.32 64.45 -40.14
C THR CB 81 -9.53 65.69 -40.55
N GLU CB 82 -8.92 65.68 -41.73
CA GLU CB 82 -8.26 66.86 -42.26
C GLU CB 82 -9.30 67.74 -42.94
N LYS CB 83 -9.44 68.97 -42.47
CA LYS CB 83 -10.55 69.84 -42.88
C LYS CB 83 -10.33 70.46 -44.26
N ASP CB 84 -9.17 70.28 -44.87
CA ASP CB 84 -8.91 70.79 -46.21
C ASP CB 84 -9.43 69.88 -47.30
N LEU CB 85 -9.93 68.69 -46.95
CA LEU CB 85 -10.45 67.75 -47.94
C LEU CB 85 -11.94 67.86 -48.16
N ILE CB 86 -12.68 68.51 -47.27
CA ILE CB 86 -14.11 68.71 -47.48
C ILE CB 86 -14.39 69.53 -48.73
N PRO CB 87 -13.72 70.68 -48.97
CA PRO CB 87 -13.88 71.32 -50.29
C PRO CB 87 -13.49 70.40 -51.43
N LYS CB 88 -12.43 69.60 -51.25
CA LYS CB 88 -12.08 68.62 -52.28
C LYS CB 88 -13.20 67.62 -52.47
N LEU CB 89 -13.77 67.11 -51.38
CA LEU CB 89 -14.85 66.13 -51.50
C LEU CB 89 -16.03 66.71 -52.26
N PHE CB 90 -16.41 67.95 -51.95
CA PHE CB 90 -17.61 68.52 -52.54
C PHE CB 90 -17.37 69.17 -53.90
N GLN CB 91 -16.11 69.35 -54.32
CA GLN CB 91 -15.84 70.04 -55.57
C GLN CB 91 -14.96 69.27 -56.56
N VAL CB 92 -14.51 68.07 -56.22
CA VAL CB 92 -13.72 67.27 -57.15
C VAL CB 92 -14.32 65.90 -57.30
N LEU CB 93 -14.51 65.20 -56.18
CA LEU CB 93 -14.95 63.81 -56.22
C LEU CB 93 -16.41 63.70 -56.67
N ALA CB 94 -17.28 64.54 -56.13
CA ALA CB 94 -18.70 64.44 -56.46
C ALA CB 94 -19.00 64.94 -57.87
N PRO CB 95 -18.41 66.04 -58.34
CA PRO CB 95 -18.63 66.43 -59.74
C PRO CB 95 -18.27 65.35 -60.75
N ARG CB 96 -17.21 64.58 -60.51
CA ARG CB 96 -16.81 63.56 -61.48
C ARG CB 96 -17.56 62.25 -61.30
N PHE CB 97 -18.37 62.13 -60.25
CA PHE CB 97 -19.27 60.99 -60.08
C PHE CB 97 -20.69 61.53 -60.10
N GLN CB 98 -21.24 61.71 -61.30
CA GLN CB 98 -22.59 62.22 -61.45
C GLN CB 98 -23.51 61.24 -62.17
N GLY CB 99 -23.10 60.74 -63.33
CA GLY CB 99 -23.89 59.74 -64.03
C GLY CB 99 -23.82 58.37 -63.42
N GLN CB 100 -22.81 58.11 -62.59
CA GLN CB 100 -22.64 56.81 -61.97
C GLN CB 100 -23.64 56.62 -60.83
N ASN CB 101 -23.79 55.37 -60.40
CA ASN CB 101 -24.67 55.01 -59.30
C ASN CB 101 -23.91 54.47 -58.09
N GLY CB 102 -23.10 53.43 -58.28
CA GLY CB 102 -22.40 52.82 -57.17
C GLY CB 102 -20.99 52.35 -57.48
N GLY CB 103 -20.52 52.61 -58.70
CA GLY CB 103 -19.19 52.19 -59.07
C GLY CB 103 -18.15 53.27 -58.83
N TYR CB 104 -18.00 53.70 -57.58
CA TYR CB 104 -17.08 54.78 -57.24
C TYR CB 104 -15.69 54.27 -56.89
N THR CB 105 -15.60 53.11 -56.25
CA THR CB 105 -14.34 52.59 -55.73
C THR CB 105 -13.99 51.27 -56.40
N ARG CB 106 -12.69 51.02 -56.51
CA ARG CB 106 -12.16 49.78 -57.02
C ARG CB 106 -11.22 49.20 -55.96
N MET CB 107 -11.44 47.94 -55.61
CA MET CB 107 -10.67 47.25 -54.59
C MET CB 107 -10.06 45.99 -55.18
N LEU CB 108 -8.75 45.85 -55.04
CA LEU CB 108 -8.04 44.71 -55.60
C LEU CB 108 -7.04 44.16 -54.59
N GLN CB 109 -6.99 42.85 -54.46
CA GLN CB 109 -6.05 42.22 -53.55
C GLN CB 109 -4.64 42.27 -54.15
N ILE CB 110 -3.67 42.64 -53.33
CA ILE CB 110 -2.27 42.73 -53.74
C ILE CB 110 -1.48 41.69 -52.95
N PRO CB 111 -0.25 41.35 -53.34
CA PRO CB 111 0.49 40.33 -52.58
C PRO CB 111 0.73 40.74 -51.14
N ASN CB 112 0.87 39.74 -50.29
CA ASN CB 112 1.02 39.94 -48.85
C ASN CB 112 2.23 40.82 -48.54
N ARG CB 113 2.26 41.39 -47.33
CA ARG CB 113 3.36 42.26 -46.95
C ARG CB 113 4.66 41.50 -46.86
N ASN CB 114 5.76 42.23 -47.07
CA ASN CB 114 7.09 41.62 -47.12
C ASN CB 114 7.59 41.25 -45.73
N GLU CB 115 7.21 42.01 -44.71
CA GLU CB 115 7.69 41.73 -43.36
C GLU CB 115 7.00 40.47 -42.82
N GLN CB 116 7.40 40.07 -41.61
CA GLN CB 116 7.12 38.72 -41.13
C GLN CB 116 5.64 38.46 -40.89
N ASP CB 117 4.82 39.51 -40.77
CA ASP CB 117 3.42 39.30 -40.45
C ASP CB 117 2.63 38.69 -41.62
N ARG CB 118 3.05 38.95 -42.85
CA ARG CB 118 2.45 38.34 -44.03
C ARG CB 118 0.94 38.56 -44.09
N ALA CB 119 0.52 39.80 -43.83
CA ALA CB 119 -0.91 40.09 -43.83
C ALA CB 119 -1.46 40.13 -45.24
N LYS CB 120 -2.74 39.80 -45.37
CA LYS CB 120 -3.44 39.88 -46.65
C LYS CB 120 -3.80 41.33 -46.92
N MET CB 121 -3.29 41.87 -48.02
CA MET CB 121 -3.43 43.29 -48.32
C MET CB 121 -4.33 43.54 -49.53
N ALA CB 122 -5.05 44.65 -49.46
CA ALA CB 122 -5.85 45.15 -50.57
C ALA CB 122 -5.47 46.60 -50.86
N VAL CB 123 -5.80 47.03 -52.07
CA VAL CB 123 -5.65 48.41 -52.49
C VAL CB 123 -7.01 48.92 -52.94
N ILE CB 124 -7.41 50.07 -52.40
CA ILE CB 124 -8.68 50.70 -52.74
C ILE CB 124 -8.38 52.03 -53.42
N GLU CB 125 -9.24 52.39 -54.37
CA GLU CB 125 -8.94 53.52 -55.24
C GLU CB 125 -10.23 54.09 -55.81
N TYR CB 126 -10.43 55.40 -55.65
CA TYR CB 126 -11.49 56.07 -56.38
C TYR CB 126 -11.23 56.02 -57.87
N LYS CB 127 -12.28 55.72 -58.65
CA LYS CB 127 -12.13 55.58 -60.09
C LYS CB 127 -11.88 56.93 -60.75
N GLY CB 128 -11.17 56.91 -61.86
CA GLY CB 128 -10.90 58.11 -62.63
C GLY CB 128 -10.02 59.14 -61.96
N ASN CB 129 -8.91 58.72 -61.36
CA ASN CB 129 -8.00 59.62 -60.67
C ASN CB 129 -6.75 59.86 -61.51
N CYS CB 130 -5.90 60.74 -61.00
CA CYS CB 130 -4.68 61.18 -61.70
C CYS CB 130 -3.47 60.36 -61.30
N LEU CB 131 -3.58 59.03 -61.37
CA LEU CB 131 -2.51 58.14 -60.97
C LEU CB 131 -2.34 57.04 -62.02
N PRO CB 132 -1.17 56.42 -62.08
CA PRO CB 132 -0.98 55.30 -63.01
C PRO CB 132 -1.99 54.20 -62.76
N PRO CB 133 -2.56 53.63 -63.81
CA PRO CB 133 -3.56 52.57 -63.62
C PRO CB 133 -2.93 51.31 -63.03
N LEU CB 134 -3.72 50.63 -62.20
CA LEU CB 134 -3.28 49.39 -61.62
C LEU CB 134 -3.25 48.29 -62.69
N PRO CB 135 -2.43 47.26 -62.50
CA PRO CB 135 -2.43 46.14 -63.45
C PRO CB 135 -3.72 45.34 -63.37
N LEU CB 136 -4.79 45.89 -63.94
CA LEU CB 136 -6.10 45.27 -63.81
C LEU CB 136 -6.10 43.91 -64.50
N PRO CB 137 -6.81 42.93 -63.95
CA PRO CB 137 -6.93 41.63 -64.64
C PRO CB 137 -7.82 41.71 -65.85
N ARG CB 138 -7.23 41.62 -67.04
CA ARG CB 138 -7.98 41.71 -68.29
C ARG CB 138 -8.47 40.34 -68.72
N ARG CB 139 -9.67 40.30 -69.28
CA ARG CB 139 -10.22 39.06 -69.81
C ARG CB 139 -9.52 38.69 -71.12
N ASP CB 140 -9.75 37.47 -71.56
CA ASP CB 140 -9.17 37.00 -72.82
C ASP CB 140 -9.81 37.71 -74.01
N SER CB 141 -9.06 37.80 -75.10
CA SER CB 141 -9.58 38.39 -76.31
C SER CB 141 -10.47 37.40 -77.06
N ASN CB 142 -11.29 37.93 -77.96
CA ASN CB 142 -12.16 37.08 -78.78
C ASN CB 142 -11.37 36.19 -79.72
N LEU CB 143 -10.11 36.51 -79.98
CA LEU CB 143 -9.30 35.74 -80.92
C LEU CB 143 -8.84 34.40 -80.36
N THR CB 144 -9.05 34.15 -79.07
CA THR CB 144 -8.71 32.87 -78.48
C THR CB 144 -9.60 31.78 -79.07
N LEU CB 145 -9.17 30.52 -78.92
CA LEU CB 145 -9.89 29.40 -79.54
C LEU CB 145 -11.31 29.29 -78.99
N LEU CB 146 -11.44 29.25 -77.65
CA LEU CB 146 -12.76 29.10 -77.05
C LEU CB 146 -13.65 30.30 -77.33
N ASN CB 147 -13.09 31.51 -77.25
CA ASN CB 147 -13.86 32.71 -77.52
C ASN CB 147 -14.31 32.76 -78.98
N GLN CB 148 -13.48 32.29 -79.90
CA GLN CB 148 -13.86 32.25 -81.31
C GLN CB 148 -14.96 31.23 -81.55
N LEU CB 149 -14.89 30.08 -80.89
CA LEU CB 149 -15.98 29.11 -80.99
C LEU CB 149 -17.29 29.69 -80.46
N LEU CB 150 -17.22 30.38 -79.32
CA LEU CB 150 -18.41 31.02 -78.78
C LEU CB 150 -18.93 32.10 -79.72
N GLN CB 151 -18.03 32.85 -80.35
CA GLN CB 151 -18.43 33.86 -81.31
C GLN CB 151 -19.14 33.24 -82.50
N GLY CB 152 -18.64 32.11 -83.01
CA GLY CB 152 -19.32 31.43 -84.09
C GLY CB 152 -20.69 30.93 -83.69
N LEU CB 153 -20.81 30.39 -82.48
CA LEU CB 153 -22.11 29.98 -81.98
C LEU CB 153 -23.08 31.16 -81.90
N ARG CB 154 -22.59 32.31 -81.42
CA ARG CB 154 -23.41 33.51 -81.36
C ARG CB 154 -23.84 33.96 -82.76
N GLN CB 155 -22.93 33.88 -83.73
CA GLN CB 155 -23.27 34.27 -85.10
C GLN CB 155 -24.37 33.37 -85.66
N ASP CB 156 -24.27 32.06 -85.43
CA ASP CB 156 -25.33 31.18 -85.91
C ASP CB 156 -26.64 31.42 -85.18
N GLN CB 157 -26.58 31.72 -83.88
CA GLN CB 157 -27.80 32.07 -83.16
C GLN CB 157 -28.45 33.31 -83.76
N GLU CB 158 -27.66 34.33 -84.06
CA GLU CB 158 -28.20 35.56 -84.67
C GLU CB 158 -28.78 35.26 -86.05
N ALA CB 159 -28.09 34.44 -86.84
CA ALA CB 159 -28.59 34.10 -88.17
C ALA CB 159 -29.91 33.34 -88.10
N SER CB 160 -30.04 32.38 -87.18
CA SER CB 160 -31.28 31.64 -87.01
C SER CB 160 -32.37 32.49 -86.37
N SER CB 161 -32.01 33.57 -85.69
CA SER CB 161 -33.01 34.44 -85.07
C SER CB 161 -33.59 35.42 -86.09
N PRO DB 38 62.40 -75.64 34.75
CA PRO DB 38 62.17 -75.19 36.13
C PRO DB 38 61.31 -76.17 36.93
N VAL DB 39 60.87 -75.75 38.11
CA VAL DB 39 60.03 -76.61 38.95
C VAL DB 39 58.69 -76.81 38.27
N GLU DB 40 58.23 -78.06 38.24
CA GLU DB 40 56.96 -78.37 37.59
C GLU DB 40 55.78 -77.72 38.31
N ASN DB 41 55.88 -77.55 39.62
CA ASN DB 41 54.81 -76.92 40.40
C ASN DB 41 54.89 -75.41 40.41
N GLU DB 42 55.92 -74.82 39.81
CA GLU DB 42 56.13 -73.38 39.88
C GLU DB 42 55.08 -72.60 39.10
N ALA DB 43 54.28 -73.26 38.27
CA ALA DB 43 53.26 -72.56 37.50
C ALA DB 43 52.23 -71.92 38.43
N VAL DB 44 51.83 -70.69 38.10
CA VAL DB 44 51.03 -69.87 38.98
C VAL DB 44 49.65 -69.56 38.40
N ALA DB 45 49.57 -69.32 37.09
CA ALA DB 45 48.33 -68.82 36.47
C ALA DB 45 47.87 -67.57 37.20
N PRO DB 46 48.52 -66.42 36.98
CA PRO DB 46 48.30 -65.25 37.86
C PRO DB 46 46.84 -64.86 38.04
N GLU DB 47 45.97 -65.16 37.09
CA GLU DB 47 44.54 -64.91 37.25
C GLU DB 47 43.97 -65.97 38.18
N PHE DB 48 44.06 -65.70 39.48
CA PHE DB 48 43.53 -66.63 40.48
C PHE DB 48 42.03 -66.40 40.66
N THR DB 49 41.25 -67.47 40.56
CA THR DB 49 39.81 -67.41 40.72
C THR DB 49 39.41 -68.19 41.97
N ASN DB 50 38.72 -67.53 42.88
CA ASN DB 50 38.18 -68.16 44.09
C ASN DB 50 36.69 -68.33 43.89
N ARG DB 51 36.23 -69.57 43.77
CA ARG DB 51 34.83 -69.87 43.51
C ARG DB 51 34.00 -69.92 44.78
N ASN DB 52 34.59 -69.68 45.94
CA ASN DB 52 33.86 -69.76 47.19
C ASN DB 52 32.85 -68.62 47.28
N PRO DB 53 31.55 -68.92 47.39
CA PRO DB 53 30.57 -67.83 47.49
C PRO DB 53 30.67 -67.02 48.77
N ARG DB 54 31.28 -67.57 49.82
CA ARG DB 54 31.44 -66.86 51.08
C ARG DB 54 32.78 -66.14 51.18
N ASN DB 55 33.63 -66.21 50.16
CA ASN DB 55 34.96 -65.66 50.25
C ASN DB 55 34.93 -64.15 50.46
N LEU DB 56 34.22 -63.44 49.58
CA LEU DB 56 34.15 -61.99 49.69
C LEU DB 56 33.32 -61.54 50.89
N GLU DB 57 32.27 -62.31 51.23
CA GLU DB 57 31.49 -62.01 52.42
C GLU DB 57 32.34 -62.07 53.68
N LEU DB 58 33.20 -63.09 53.78
CA LEU DB 58 34.07 -63.21 54.94
C LEU DB 58 35.22 -62.21 54.91
N LEU DB 59 35.71 -61.88 53.71
CA LEU DB 59 36.73 -60.83 53.58
C LEU DB 59 36.15 -59.43 53.79
N ALA DB 60 34.82 -59.31 53.87
CA ALA DB 60 34.12 -58.04 54.08
C ALA DB 60 34.32 -57.06 52.94
N VAL DB 61 34.70 -57.56 51.76
CA VAL DB 61 34.82 -56.75 50.56
C VAL DB 61 33.72 -57.03 49.56
N ALA DB 62 32.77 -57.89 49.89
CA ALA DB 62 31.67 -58.19 49.00
C ALA DB 62 30.75 -56.98 48.86
N ARG DB 63 30.02 -56.95 47.76
CA ARG DB 63 29.14 -55.82 47.45
C ARG DB 63 27.84 -55.97 48.23
N LYS DB 64 27.71 -55.21 49.32
CA LYS DB 64 26.45 -55.15 50.02
C LYS DB 64 25.40 -54.47 49.16
N GLU DB 65 24.14 -54.87 49.35
CA GLU DB 65 23.04 -54.35 48.54
C GLU DB 65 22.53 -53.06 49.16
N ARG DB 66 23.27 -51.98 48.92
CA ARG DB 66 22.75 -50.65 49.22
C ARG DB 66 21.55 -50.36 48.33
N GLY DB 67 20.78 -49.35 48.69
CA GLY DB 67 19.55 -49.21 47.95
C GLY DB 67 18.32 -48.67 48.65
N TRP DB 68 17.32 -49.54 48.74
CA TRP DB 68 15.89 -49.23 48.79
C TRP DB 68 15.55 -47.93 49.51
N GLY DB 69 15.85 -47.85 50.81
CA GLY DB 69 15.76 -46.57 51.49
C GLY DB 69 14.35 -46.09 51.77
N THR DB 70 13.42 -46.43 50.89
CA THR DB 70 12.03 -46.00 51.03
C THR DB 70 11.13 -47.10 51.57
N VAL DB 71 11.61 -48.34 51.61
CA VAL DB 71 10.85 -49.46 52.17
C VAL DB 71 11.62 -50.02 53.36
N TRP DB 72 10.94 -50.86 54.13
CA TRP DB 72 11.50 -51.46 55.32
C TRP DB 72 11.27 -52.96 55.30
N PRO DB 73 12.22 -53.77 55.80
CA PRO DB 73 13.51 -53.39 56.38
C PRO DB 73 14.59 -53.13 55.34
N SER DB 74 15.71 -52.57 55.79
CA SER DB 74 16.83 -52.34 54.89
C SER DB 74 17.40 -53.68 54.41
N ARG DB 75 17.74 -53.74 53.12
CA ARG DB 75 18.28 -54.95 52.51
C ARG DB 75 19.79 -54.89 52.34
N GLU DB 76 20.46 -53.94 53.01
CA GLU DB 76 21.91 -53.81 52.94
C GLU DB 76 22.52 -54.69 54.02
N PHE DB 77 22.81 -55.93 53.68
CA PHE DB 77 23.42 -56.88 54.59
C PHE DB 77 23.92 -58.09 53.80
N TRP DB 78 24.51 -59.04 54.51
CA TRP DB 78 24.85 -60.34 53.97
C TRP DB 78 24.04 -61.46 54.59
N HIS DB 79 23.85 -61.45 55.90
CA HIS DB 79 22.99 -62.39 56.60
C HIS DB 79 22.06 -61.61 57.53
N ARG DB 80 20.77 -61.93 57.48
CA ARG DB 80 19.76 -61.22 58.27
C ARG DB 80 19.03 -62.20 59.16
N LEU DB 81 18.81 -61.80 60.41
CA LEU DB 81 18.04 -62.60 61.36
C LEU DB 81 16.58 -62.19 61.31
N ARG DB 82 15.71 -63.18 61.15
CA ARG DB 82 14.27 -62.96 61.10
C ARG DB 82 13.59 -63.83 62.13
N VAL DB 83 12.77 -63.22 62.99
CA VAL DB 83 12.08 -63.93 64.07
C VAL DB 83 10.58 -63.88 63.78
N ILE DB 84 9.98 -65.05 63.61
CA ILE DB 84 8.54 -65.18 63.35
C ILE DB 84 7.90 -65.74 64.60
N ARG DB 85 7.02 -64.96 65.22
CA ARG DB 85 6.33 -65.33 66.44
C ARG DB 85 4.85 -65.53 66.10
N THR DB 86 4.50 -66.75 65.71
CA THR DB 86 3.12 -67.10 65.45
C THR DB 86 2.36 -67.29 66.75
N GLN DB 87 1.10 -67.71 66.65
CA GLN DB 87 0.31 -67.92 67.85
C GLN DB 87 0.56 -69.28 68.50
N HIS DB 88 1.35 -70.14 67.87
CA HIS DB 88 1.61 -71.47 68.42
C HIS DB 88 3.09 -71.80 68.51
N HIS DB 89 3.93 -71.23 67.66
CA HIS DB 89 5.34 -71.56 67.63
C HIS DB 89 6.18 -70.32 67.36
N ILE DB 90 7.45 -70.39 67.72
CA ILE DB 90 8.42 -69.33 67.48
C ILE DB 90 9.55 -69.89 66.64
N GLU DB 91 9.89 -69.19 65.56
CA GLU DB 91 10.92 -69.64 64.64
C GLU DB 91 11.92 -68.51 64.41
N ALA DB 92 13.18 -68.86 64.23
CA ALA DB 92 14.25 -67.89 64.01
C ALA DB 92 15.10 -68.36 62.85
N LEU DB 93 15.30 -67.49 61.86
CA LEU DB 93 16.01 -67.82 60.64
C LEU DB 93 17.16 -66.84 60.43
N VAL DB 94 18.19 -67.30 59.73
CA VAL DB 94 19.18 -66.42 59.12
C VAL DB 94 19.09 -66.62 57.62
N GLU DB 95 18.95 -65.51 56.90
CA GLU DB 95 18.74 -65.55 55.45
C GLU DB 95 19.82 -64.75 54.75
N HIS DB 96 20.19 -65.23 53.56
CA HIS DB 96 21.15 -64.54 52.72
C HIS DB 96 20.46 -63.39 51.98
N ARG DB 97 21.23 -62.63 51.22
CA ARG DB 97 20.67 -61.52 50.45
C ARG DB 97 19.69 -62.01 49.40
N ASN DB 98 19.90 -63.23 48.89
CA ASN DB 98 19.01 -63.77 47.87
C ASN DB 98 17.71 -64.33 48.43
N GLY DB 99 17.57 -64.35 49.75
CA GLY DB 99 16.37 -64.87 50.39
C GLY DB 99 16.43 -66.32 50.79
N GLN DB 100 17.49 -67.03 50.42
CA GLN DB 100 17.62 -68.43 50.80
C GLN DB 100 17.78 -68.57 52.31
N VAL DB 101 17.19 -69.62 52.86
CA VAL DB 101 17.27 -69.89 54.29
C VAL DB 101 18.58 -70.62 54.56
N VAL DB 102 19.38 -70.10 55.49
CA VAL DB 102 20.72 -70.63 55.73
C VAL DB 102 20.70 -71.54 56.94
N VAL DB 103 20.37 -70.98 58.10
CA VAL DB 103 20.28 -71.72 59.35
C VAL DB 103 19.00 -71.29 60.06
N SER DB 104 18.16 -72.26 60.43
CA SER DB 104 16.90 -71.97 61.09
C SER DB 104 16.73 -72.87 62.30
N ALA DB 105 16.14 -72.32 63.35
CA ALA DB 105 15.74 -73.06 64.53
C ALA DB 105 14.30 -72.72 64.85
N SER DB 106 13.45 -73.73 65.01
CA SER DB 106 12.04 -73.51 65.24
C SER DB 106 11.57 -74.34 66.41
N THR DB 107 10.61 -73.82 67.17
CA THR DB 107 9.98 -74.60 68.22
C THR DB 107 9.11 -75.70 67.67
N ARG DB 108 8.82 -75.70 66.36
CA ARG DB 108 8.13 -76.81 65.73
C ARG DB 108 9.01 -78.06 65.66
N GLU DB 109 10.33 -77.89 65.72
CA GLU DB 109 11.25 -79.01 65.66
C GLU DB 109 11.03 -79.92 66.87
N TRP DB 110 11.15 -81.23 66.64
CA TRP DB 110 10.93 -82.17 67.74
C TRP DB 110 11.99 -82.02 68.82
N ALA DB 111 13.23 -81.72 68.44
CA ALA DB 111 14.31 -81.65 69.41
C ALA DB 111 14.04 -80.56 70.45
N ILE DB 112 13.53 -79.41 70.02
CA ILE DB 112 13.21 -78.35 70.97
C ILE DB 112 11.83 -78.59 71.59
N LYS DB 113 10.91 -79.19 70.83
CA LYS DB 113 9.55 -79.40 71.32
C LYS DB 113 9.53 -80.36 72.51
N LYS DB 114 10.32 -81.43 72.44
CA LYS DB 114 10.30 -82.42 73.52
C LYS DB 114 10.98 -81.92 74.78
N HIS DB 115 11.92 -80.99 74.65
CA HIS DB 115 12.63 -80.43 75.79
C HIS DB 115 12.02 -79.13 76.28
N LEU DB 116 11.02 -78.59 75.58
CA LEU DB 116 10.48 -77.28 75.87
C LEU DB 116 8.97 -77.35 76.07
N TYR DB 117 8.47 -76.54 76.99
CA TYR DB 117 7.04 -76.43 77.28
C TYR DB 117 6.55 -75.04 76.90
N SER DB 118 5.33 -74.97 76.37
CA SER DB 118 4.70 -73.70 76.00
C SER DB 118 5.55 -72.95 74.99
N THR DB 119 5.64 -73.51 73.79
CA THR DB 119 6.60 -73.10 72.77
C THR DB 119 6.43 -71.66 72.31
N ARG DB 120 5.49 -70.92 72.89
CA ARG DB 120 5.25 -69.53 72.53
C ARG DB 120 5.90 -68.54 73.50
N ASN DB 121 6.23 -68.94 74.72
CA ASN DB 121 6.57 -68.01 75.78
C ASN DB 121 8.02 -67.53 75.68
N VAL DB 122 8.43 -66.72 76.67
CA VAL DB 122 9.75 -66.08 76.64
C VAL DB 122 10.85 -67.11 76.82
N VAL DB 123 10.63 -68.14 77.64
CA VAL DB 123 11.65 -69.18 77.78
C VAL DB 123 11.80 -69.94 76.47
N ALA DB 124 10.71 -70.13 75.73
CA ALA DB 124 10.81 -70.70 74.39
C ALA DB 124 11.61 -69.79 73.47
N CYS DB 125 11.38 -68.48 73.56
CA CYS DB 125 12.11 -67.54 72.71
C CYS DB 125 13.61 -67.59 72.99
N GLU DB 126 14.00 -67.59 74.26
CA GLU DB 126 15.42 -67.66 74.59
C GLU DB 126 15.99 -69.02 74.23
N SER DB 127 15.19 -70.08 74.34
CA SER DB 127 15.63 -71.41 73.94
C SER DB 127 16.00 -71.44 72.46
N VAL DB 128 15.08 -70.95 71.62
CA VAL DB 128 15.34 -70.95 70.19
C VAL DB 128 16.47 -69.99 69.84
N GLY DB 129 16.61 -68.89 70.59
CA GLY DB 129 17.73 -67.99 70.36
C GLY DB 129 19.07 -68.66 70.61
N ARG DB 130 19.19 -69.37 71.74
CA ARG DB 130 20.45 -70.03 72.05
C ARG DB 130 20.74 -71.17 71.08
N VAL DB 131 19.70 -71.91 70.67
CA VAL DB 131 19.90 -72.98 69.70
C VAL DB 131 20.37 -72.41 68.36
N LEU DB 132 19.76 -71.31 67.91
CA LEU DB 132 20.20 -70.70 66.66
C LEU DB 132 21.60 -70.11 66.80
N ALA DB 133 21.95 -69.63 68.00
CA ALA DB 133 23.30 -69.11 68.21
C ALA DB 133 24.35 -70.21 68.05
N GLU DB 134 24.12 -71.36 68.69
CA GLU DB 134 25.08 -72.46 68.54
C GLU DB 134 25.10 -72.98 67.11
N ARG DB 135 23.95 -73.02 66.45
CA ARG DB 135 23.91 -73.50 65.07
C ARG DB 135 24.65 -72.55 64.14
N CYS DB 136 24.51 -71.24 64.35
CA CYS DB 136 25.26 -70.27 63.55
C CYS DB 136 26.76 -70.40 63.80
N LEU DB 137 27.16 -70.59 65.07
CA LEU DB 137 28.57 -70.79 65.36
C LEU DB 137 29.11 -72.02 64.65
N GLU DB 138 28.32 -73.11 64.63
CA GLU DB 138 28.73 -74.29 63.90
C GLU DB 138 28.83 -74.03 62.40
N ALA DB 139 27.88 -73.26 61.87
CA ALA DB 139 27.83 -72.97 60.43
C ALA DB 139 28.88 -71.97 60.00
N GLY DB 140 29.52 -71.27 60.92
CA GLY DB 140 30.55 -70.32 60.57
C GLY DB 140 30.08 -68.90 60.38
N ILE DB 141 28.86 -68.57 60.83
CA ILE DB 141 28.32 -67.22 60.73
C ILE DB 141 28.47 -66.55 62.09
N ASN DB 142 29.20 -65.44 62.12
CA ASN DB 142 29.38 -64.69 63.35
C ASN DB 142 28.64 -63.37 63.37
N PHE DB 143 28.33 -62.80 62.21
CA PHE DB 143 27.69 -61.49 62.11
C PHE DB 143 26.34 -61.61 61.42
N MET DB 144 25.32 -60.98 62.01
CA MET DB 144 24.02 -60.87 61.38
C MET DB 144 23.49 -59.46 61.60
N VAL DB 145 22.36 -59.17 60.97
CA VAL DB 145 21.61 -57.94 61.22
C VAL DB 145 20.21 -58.32 61.67
N TYR DB 146 19.69 -57.59 62.65
CA TYR DB 146 18.33 -57.77 63.12
C TYR DB 146 17.60 -56.44 63.02
N HIS DB 147 16.47 -56.43 62.33
CA HIS DB 147 15.68 -55.22 62.09
C HIS DB 147 14.26 -55.47 62.57
N PRO DB 148 14.01 -55.32 63.87
CA PRO DB 148 12.65 -55.45 64.39
C PRO DB 148 11.89 -54.13 64.36
N THR DB 149 10.57 -54.26 64.48
CA THR DB 149 9.72 -53.08 64.57
C THR DB 149 9.91 -52.40 65.92
N PRO DB 150 9.55 -51.11 66.04
CA PRO DB 150 9.73 -50.43 67.33
C PRO DB 150 8.99 -51.09 68.48
N TRP DB 151 7.79 -51.62 68.23
CA TRP DB 151 7.07 -52.31 69.30
C TRP DB 151 7.67 -53.67 69.59
N GLU DB 152 8.29 -54.31 68.60
CA GLU DB 152 8.91 -55.60 68.80
C GLU DB 152 10.24 -55.49 69.56
N ALA DB 153 10.96 -54.39 69.37
CA ALA DB 153 12.24 -54.21 70.05
C ALA DB 153 12.05 -54.05 71.55
N ALA DB 154 10.92 -53.51 71.98
CA ALA DB 154 10.61 -53.35 73.40
C ALA DB 154 10.01 -54.59 74.02
N SER DB 155 9.79 -55.65 73.24
CA SER DB 155 9.22 -56.87 73.78
C SER DB 155 10.20 -57.56 74.72
N ASP DB 156 9.65 -58.29 75.68
CA ASP DB 156 10.48 -58.97 76.67
C ASP DB 156 11.16 -60.20 76.09
N SER DB 157 10.50 -60.91 75.19
CA SER DB 157 11.05 -62.15 74.67
C SER DB 157 12.22 -61.90 73.72
N ILE DB 158 12.07 -60.94 72.80
CA ILE DB 158 13.08 -60.75 71.77
C ILE DB 158 14.31 -60.02 72.32
N LYS DB 159 14.14 -59.18 73.34
CA LYS DB 159 15.31 -58.65 74.03
C LYS DB 159 16.11 -59.78 74.65
N ARG DB 160 15.42 -60.77 75.24
CA ARG DB 160 16.10 -61.93 75.78
C ARG DB 160 16.74 -62.77 74.68
N LEU DB 161 16.11 -62.84 73.50
CA LEU DB 161 16.73 -63.55 72.38
C LEU DB 161 18.02 -62.87 71.94
N GLN DB 162 18.01 -61.54 71.85
CA GLN DB 162 19.23 -60.82 71.50
C GLN DB 162 20.32 -61.03 72.55
N HIS DB 163 19.94 -60.98 73.83
CA HIS DB 163 20.91 -61.21 74.89
C HIS DB 163 21.45 -62.64 74.82
N ALA DB 164 20.60 -63.60 74.50
CA ALA DB 164 21.03 -64.99 74.35
C ALA DB 164 22.01 -65.15 73.20
N MET DB 165 21.75 -64.48 72.07
CA MET DB 165 22.69 -64.53 70.96
C MET DB 165 24.02 -63.90 71.35
N THR DB 166 23.98 -62.76 72.04
CA THR DB 166 25.21 -62.08 72.44
C THR DB 166 26.03 -62.95 73.39
N GLU DB 167 25.37 -63.60 74.36
CA GLU DB 167 26.10 -64.46 75.28
C GLU DB 167 26.50 -65.78 74.64
N GLY DB 168 25.83 -66.19 73.56
CA GLY DB 168 26.23 -67.37 72.82
C GLY DB 168 27.35 -67.15 71.84
N GLY DB 169 27.64 -65.89 71.50
CA GLY DB 169 28.81 -65.55 70.73
C GLY DB 169 28.52 -64.92 69.38
N VAL DB 170 27.32 -65.11 68.85
CA VAL DB 170 26.96 -64.46 67.60
C VAL DB 170 26.64 -63.00 67.88
N VAL DB 171 27.26 -62.10 67.13
CA VAL DB 171 27.12 -60.67 67.34
C VAL DB 171 26.34 -60.07 66.16
N LEU DB 172 25.44 -59.14 66.46
CA LEU DB 172 24.73 -58.40 65.44
C LEU DB 172 25.65 -57.31 64.90
N ARG DB 173 25.10 -56.34 64.16
CA ARG DB 173 25.86 -55.25 63.57
C ARG DB 173 26.95 -55.80 62.63
N GLU DB 174 26.47 -56.35 61.53
CA GLU DB 174 27.36 -56.86 60.49
C GLU DB 174 28.39 -55.80 60.11
N PRO DB 175 29.67 -56.16 59.97
CA PRO DB 175 30.70 -55.14 59.76
C PRO DB 175 30.54 -54.40 58.45
N ARG DB 176 31.03 -53.16 58.43
CA ARG DB 176 30.96 -52.32 57.24
C ARG DB 176 31.81 -52.91 56.11
N ARG DB 177 31.36 -52.66 54.89
CA ARG DB 177 32.08 -53.16 53.72
C ARG DB 177 33.33 -52.31 53.46
N ILE DB 178 34.43 -52.99 53.15
CA ILE DB 178 35.67 -52.29 52.83
C ILE DB 178 35.55 -51.68 51.44
N TYR DB 179 35.86 -50.39 51.34
CA TYR DB 179 35.69 -49.62 50.11
C TYR DB 179 34.25 -49.71 49.62
N GLU DB 180 33.34 -49.22 50.45
CA GLU DB 180 31.90 -49.38 50.24
C GLU DB 180 31.39 -48.69 48.98
N ARG EB 70 -49.81 75.95 -50.71
CA ARG EB 70 -49.43 74.90 -49.79
C ARG EB 70 -49.72 73.51 -50.37
N PRO EB 71 -48.69 72.67 -50.47
CA PRO EB 71 -48.88 71.33 -51.02
C PRO EB 71 -49.44 70.34 -50.00
N GLU EB 72 -49.57 69.08 -50.40
CA GLU EB 72 -50.12 68.03 -49.56
C GLU EB 72 -49.04 66.99 -49.28
N THR EB 73 -48.87 66.63 -48.01
CA THR EB 73 -47.82 65.73 -47.59
C THR EB 73 -48.31 64.29 -47.53
N ARG EB 74 -47.40 63.35 -47.72
CA ARG EB 74 -47.72 61.94 -47.87
C ARG EB 74 -47.32 61.18 -46.62
N PHE EB 75 -48.25 60.39 -46.08
CA PHE EB 75 -48.04 59.68 -44.83
C PHE EB 75 -48.24 58.19 -45.05
N LEU EB 76 -47.21 57.40 -44.81
CA LEU EB 76 -47.25 55.95 -44.90
C LEU EB 76 -47.21 55.35 -43.51
N SER EB 77 -48.08 54.38 -43.25
CA SER EB 77 -48.14 53.76 -41.95
C SER EB 77 -46.83 53.06 -41.63
N PRO EB 78 -46.36 53.11 -40.38
CA PRO EB 78 -45.06 52.48 -40.06
C PRO EB 78 -45.03 50.99 -40.30
N GLU EB 79 -46.19 50.32 -40.29
CA GLU EB 79 -46.22 48.87 -40.46
C GLU EB 79 -45.98 48.43 -41.88
N PHE EB 80 -46.11 49.33 -42.86
CA PHE EB 80 -45.88 48.97 -44.25
C PHE EB 80 -44.40 48.83 -44.58
N ILE EB 81 -43.52 49.39 -43.75
CA ILE EB 81 -42.09 49.34 -44.01
C ILE EB 81 -41.55 47.98 -43.62
N PRO EB 82 -40.93 47.24 -44.54
CA PRO EB 82 -40.35 45.95 -44.17
C PRO EB 82 -39.13 46.13 -43.30
N PRO EB 83 -38.80 45.15 -42.46
CA PRO EB 83 -37.60 45.26 -41.62
C PRO EB 83 -36.31 45.13 -42.42
N ARG EB 84 -35.17 45.24 -41.73
CA ARG EB 84 -33.86 45.25 -42.36
C ARG EB 84 -33.37 43.85 -42.73
N GLY EB 85 -34.04 42.80 -42.28
CA GLY EB 85 -33.57 41.44 -42.49
C GLY EB 85 -33.48 40.99 -43.94
N ARG EB 86 -33.08 39.75 -44.15
CA ARG EB 86 -32.91 39.19 -45.49
C ARG EB 86 -34.12 38.38 -45.94
N THR EB 87 -35.32 38.77 -45.50
CA THR EB 87 -36.53 38.09 -45.89
C THR EB 87 -36.81 38.30 -47.38
N ASN EB 88 -37.35 37.27 -48.02
CA ASN EB 88 -37.72 37.37 -49.42
C ASN EB 88 -38.83 38.41 -49.58
N PRO EB 89 -38.76 39.27 -50.60
CA PRO EB 89 -39.79 40.30 -50.77
C PRO EB 89 -41.17 39.75 -51.08
N LEU EB 90 -41.29 38.49 -51.50
CA LEU EB 90 -42.59 37.92 -51.81
C LEU EB 90 -43.47 37.84 -50.56
N LYS EB 91 -42.87 37.48 -49.42
CA LYS EB 91 -43.63 37.45 -48.18
C LYS EB 91 -44.17 38.82 -47.84
N PHE EB 92 -43.36 39.86 -48.01
CA PHE EB 92 -43.83 41.22 -47.77
C PHE EB 92 -44.93 41.60 -48.74
N GLN EB 93 -44.79 41.20 -50.01
CA GLN EB 93 -45.84 41.48 -50.99
C GLN EB 93 -47.17 40.89 -50.56
N ILE EB 94 -47.16 39.61 -50.16
CA ILE EB 94 -48.40 38.94 -49.79
C ILE EB 94 -48.97 39.51 -48.50
N GLU EB 95 -48.10 39.80 -47.53
CA GLU EB 95 -48.58 40.39 -46.29
C GLU EB 95 -49.22 41.75 -46.53
N ARG EB 96 -48.62 42.56 -47.41
CA ARG EB 96 -49.21 43.84 -47.76
C ARG EB 96 -50.54 43.65 -48.47
N LYS EB 97 -50.65 42.65 -49.35
CA LYS EB 97 -51.92 42.40 -50.01
C LYS EB 97 -53.01 42.06 -48.99
N ASP EB 98 -52.68 41.17 -48.03
CA ASP EB 98 -53.67 40.77 -47.03
C ASP EB 98 -54.05 41.95 -46.14
N MET EB 99 -53.08 42.76 -45.73
CA MET EB 99 -53.39 43.87 -44.83
C MET EB 99 -54.13 44.99 -45.56
N LEU EB 100 -53.88 45.18 -46.85
CA LEU EB 100 -54.69 46.11 -47.63
C LEU EB 100 -56.12 45.60 -47.79
N GLU EB 101 -56.29 44.29 -48.00
CA GLU EB 101 -57.63 43.73 -48.05
C GLU EB 101 -58.37 43.94 -46.73
N ARG EB 102 -57.66 43.76 -45.61
CA ARG EB 102 -58.28 44.00 -44.30
C ARG EB 102 -58.62 45.48 -44.11
N ARG EB 103 -57.75 46.38 -44.58
CA ARG EB 103 -58.02 47.80 -44.49
C ARG EB 103 -59.20 48.22 -45.35
N LYS EB 104 -59.47 47.47 -46.43
CA LYS EB 104 -60.66 47.74 -47.22
C LYS EB 104 -61.93 47.63 -46.39
N ILE EB 105 -61.95 46.70 -45.43
CA ILE EB 105 -63.11 46.52 -44.55
C ILE EB 105 -63.04 47.44 -43.35
N LEU EB 106 -61.92 47.44 -42.64
CA LEU EB 106 -61.74 48.23 -41.43
C LEU EB 106 -60.97 49.50 -41.77
N HIS EB 107 -61.58 50.66 -41.51
CA HIS EB 107 -60.96 51.93 -41.79
C HIS EB 107 -59.96 52.24 -40.68
N ILE EB 108 -58.67 52.05 -40.97
CA ILE EB 108 -57.60 52.34 -40.03
C ILE EB 108 -57.14 53.77 -40.28
N PRO EB 109 -57.35 54.69 -39.35
CA PRO EB 109 -57.07 56.10 -39.60
C PRO EB 109 -55.60 56.44 -39.38
N GLU EB 110 -55.29 57.72 -39.53
CA GLU EB 110 -53.94 58.23 -39.35
C GLU EB 110 -53.74 58.62 -37.88
N PHE EB 111 -52.74 58.04 -37.25
CA PHE EB 111 -52.44 58.35 -35.86
C PHE EB 111 -50.97 58.10 -35.59
N TYR EB 112 -50.40 58.87 -34.67
CA TYR EB 112 -49.01 58.77 -34.27
C TYR EB 112 -48.93 58.49 -32.78
N VAL EB 113 -47.70 58.32 -32.29
CA VAL EB 113 -47.47 58.13 -30.87
C VAL EB 113 -47.78 59.44 -30.14
N GLY EB 114 -48.64 59.36 -29.14
CA GLY EB 114 -49.14 60.53 -28.45
C GLY EB 114 -50.57 60.90 -28.80
N SER EB 115 -51.12 60.32 -29.88
CA SER EB 115 -52.51 60.53 -30.21
C SER EB 115 -53.41 59.74 -29.28
N ILE EB 116 -54.63 60.23 -29.10
CA ILE EB 116 -55.61 59.60 -28.22
C ILE EB 116 -56.60 58.83 -29.08
N LEU EB 117 -56.76 57.54 -28.79
CA LEU EB 117 -57.54 56.63 -29.61
C LEU EB 117 -58.60 55.95 -28.76
N ARG EB 118 -59.74 55.69 -29.40
CA ARG EB 118 -60.79 54.85 -28.83
C ARG EB 118 -60.96 53.65 -29.74
N VAL EB 119 -60.82 52.45 -29.17
CA VAL EB 119 -60.87 51.21 -29.93
C VAL EB 119 -62.05 50.39 -29.42
N THR EB 120 -62.87 49.90 -30.34
CA THR EB 120 -64.00 49.04 -30.03
C THR EB 120 -63.65 47.61 -30.43
N THR EB 121 -63.67 46.70 -29.45
CA THR EB 121 -63.28 45.32 -29.66
C THR EB 121 -64.41 44.39 -29.26
N ALA EB 122 -64.61 43.33 -30.04
CA ALA EB 122 -65.67 42.37 -29.76
C ALA EB 122 -65.33 41.57 -28.51
N ASP EB 123 -66.09 41.80 -27.44
CA ASP EB 123 -65.88 41.11 -26.18
C ASP EB 123 -66.99 40.10 -25.97
N PRO EB 124 -66.70 38.79 -25.99
CA PRO EB 124 -67.78 37.80 -25.87
C PRO EB 124 -68.42 37.73 -24.49
N TYR EB 125 -67.76 38.25 -23.45
CA TYR EB 125 -68.23 38.08 -22.08
C TYR EB 125 -68.82 39.36 -21.49
N ALA EB 126 -68.75 40.48 -22.19
CA ALA EB 126 -69.24 41.74 -21.66
C ALA EB 126 -70.76 41.80 -21.76
N SER EB 127 -71.35 42.76 -21.04
CA SER EB 127 -72.80 42.95 -21.07
C SER EB 127 -73.27 43.27 -22.48
N ALA EB 128 -72.60 44.21 -23.14
CA ALA EB 128 -72.75 44.42 -24.57
C ALA EB 128 -71.69 43.62 -25.31
N LYS EB 129 -71.99 43.28 -26.56
CA LYS EB 129 -71.07 42.45 -27.32
C LYS EB 129 -69.77 43.15 -27.67
N THR EB 130 -69.69 44.47 -27.50
CA THR EB 130 -68.49 45.24 -27.79
C THR EB 130 -68.01 45.96 -26.53
N SER EB 131 -66.72 46.25 -26.50
CA SER EB 131 -66.10 46.99 -25.40
C SER EB 131 -65.24 48.10 -25.96
N GLN EB 132 -65.34 49.29 -25.37
CA GLN EB 132 -64.61 50.47 -25.83
C GLN EB 132 -63.49 50.79 -24.85
N PHE EB 133 -62.29 51.03 -25.38
CA PHE EB 133 -61.16 51.45 -24.57
C PHE EB 133 -60.54 52.70 -25.18
N LEU EB 134 -60.37 53.74 -24.37
CA LEU EB 134 -59.78 54.98 -24.80
C LEU EB 134 -58.45 55.20 -24.08
N GLY EB 135 -57.44 55.64 -24.82
CA GLY EB 135 -56.14 55.89 -24.21
C GLY EB 135 -55.19 56.53 -25.20
N ILE EB 136 -54.07 57.00 -24.67
CA ILE EB 136 -53.02 57.62 -25.46
C ILE EB 136 -52.07 56.53 -25.96
N CYS EB 137 -51.57 56.71 -27.19
CA CYS EB 137 -50.72 55.70 -27.82
C CYS EB 137 -49.29 55.84 -27.31
N ILE EB 138 -48.85 54.88 -26.49
CA ILE EB 138 -47.47 54.88 -26.03
C ILE EB 138 -46.52 54.57 -27.16
N GLN EB 139 -46.80 53.52 -27.93
CA GLN EB 139 -45.85 53.07 -28.93
C GLN EB 139 -46.57 52.28 -30.02
N ARG EB 140 -45.95 52.26 -31.20
CA ARG EB 140 -46.38 51.44 -32.32
C ARG EB 140 -45.19 50.61 -32.77
N SER EB 141 -45.38 49.30 -32.85
CA SER EB 141 -44.28 48.42 -33.21
C SER EB 141 -44.79 47.23 -34.00
N GLY EB 142 -43.92 46.66 -34.80
CA GLY EB 142 -44.25 45.52 -35.63
C GLY EB 142 -44.28 45.89 -37.10
N SER EB 143 -44.15 44.87 -37.94
CA SER EB 143 -44.10 45.04 -39.39
C SER EB 143 -45.18 44.18 -40.03
N GLY EB 144 -45.86 44.74 -41.01
CA GLY EB 144 -46.86 44.00 -41.76
C GLY EB 144 -48.12 43.70 -40.97
N LEU EB 145 -48.61 42.47 -41.10
CA LEU EB 145 -49.89 42.07 -40.52
C LEU EB 145 -49.86 41.98 -39.00
N GLY EB 146 -48.68 42.02 -38.38
CA GLY EB 146 -48.59 41.89 -36.94
C GLY EB 146 -48.41 43.19 -36.20
N ALA EB 147 -48.75 44.31 -36.85
CA ALA EB 147 -48.55 45.61 -36.24
C ALA EB 147 -49.39 45.76 -34.97
N THR EB 148 -48.79 46.33 -33.93
CA THR EB 148 -49.46 46.55 -32.66
C THR EB 148 -49.21 47.98 -32.20
N PHE EB 149 -50.16 48.49 -31.41
CA PHE EB 149 -50.01 49.78 -30.75
C PHE EB 149 -50.51 49.66 -29.33
N ILE EB 150 -49.85 50.38 -28.42
CA ILE EB 150 -50.16 50.30 -27.00
C ILE EB 150 -50.93 51.54 -26.57
N LEU EB 151 -52.07 51.32 -25.92
CA LEU EB 151 -52.92 52.40 -25.40
C LEU EB 151 -52.87 52.38 -23.88
N ARG EB 152 -52.65 53.55 -23.29
CA ARG EB 152 -52.50 53.70 -21.84
C ARG EB 152 -53.56 54.66 -21.31
N ASN EB 153 -54.16 54.30 -20.19
CA ASN EB 153 -55.15 55.18 -19.57
C ASN EB 153 -55.24 54.85 -18.08
N THR EB 154 -55.42 55.89 -17.27
CA THR EB 154 -55.60 55.71 -15.83
C THR EB 154 -57.08 55.63 -15.52
N ILE EB 155 -57.52 54.49 -15.00
CA ILE EB 155 -58.92 54.25 -14.70
C ILE EB 155 -59.06 54.14 -13.19
N GLU EB 156 -59.63 55.18 -12.58
CA GLU EB 156 -59.84 55.24 -11.13
C GLU EB 156 -58.54 55.00 -10.36
N GLY EB 157 -57.49 55.68 -10.79
CA GLY EB 157 -56.21 55.59 -10.12
C GLY EB 157 -55.38 54.38 -10.47
N GLN EB 158 -55.85 53.53 -11.38
CA GLN EB 158 -55.13 52.32 -11.78
C GLN EB 158 -54.75 52.45 -13.25
N GLY EB 159 -53.45 52.60 -13.52
CA GLY EB 159 -53.00 52.70 -14.89
C GLY EB 159 -53.13 51.37 -15.61
N VAL EB 160 -53.71 51.39 -16.79
CA VAL EB 160 -53.97 50.19 -17.59
C VAL EB 160 -53.38 50.42 -18.98
N GLU EB 161 -52.62 49.44 -19.45
CA GLU EB 161 -52.03 49.45 -20.79
C GLU EB 161 -52.53 48.24 -21.55
N ILE EB 162 -53.04 48.45 -22.75
CA ILE EB 162 -53.53 47.38 -23.61
C ILE EB 162 -52.80 47.46 -24.94
N CYS EB 163 -52.26 46.32 -25.39
CA CYS EB 163 -51.51 46.24 -26.65
C CYS EB 163 -52.45 45.67 -27.71
N PHE EB 164 -53.03 46.56 -28.51
CA PHE EB 164 -53.95 46.17 -29.58
C PHE EB 164 -53.18 45.80 -30.83
N GLU EB 165 -53.74 44.84 -31.58
CA GLU EB 165 -53.20 44.45 -32.88
C GLU EB 165 -54.06 45.07 -33.97
N LEU EB 166 -53.42 45.81 -34.89
CA LEU EB 166 -54.16 46.62 -35.84
C LEU EB 166 -55.06 45.77 -36.73
N TYR EB 167 -54.55 44.63 -37.22
CA TYR EB 167 -55.26 43.81 -38.18
C TYR EB 167 -55.92 42.59 -37.55
N ASN EB 168 -56.28 42.68 -36.29
CA ASN EB 168 -57.09 41.67 -35.63
C ASN EB 168 -58.54 41.82 -36.05
N PRO EB 169 -59.21 40.77 -36.50
CA PRO EB 169 -60.61 40.90 -36.92
C PRO EB 169 -61.56 41.27 -35.80
N ARG EB 170 -61.17 41.12 -34.54
CA ARG EB 170 -62.07 41.41 -33.43
C ARG EB 170 -62.27 42.90 -33.20
N ILE EB 171 -61.47 43.76 -33.82
CA ILE EB 171 -61.66 45.21 -33.65
C ILE EB 171 -62.75 45.69 -34.59
N GLN EB 172 -63.73 46.39 -34.03
CA GLN EB 172 -64.84 46.92 -34.81
C GLN EB 172 -64.53 48.31 -35.37
N GLU EB 173 -63.89 49.16 -34.57
CA GLU EB 173 -63.65 50.54 -34.99
C GLU EB 173 -62.47 51.12 -34.23
N ILE EB 174 -61.67 51.92 -34.92
CA ILE EB 174 -60.60 52.73 -34.32
C ILE EB 174 -60.91 54.18 -34.62
N GLN EB 175 -60.98 55.00 -33.57
CA GLN EB 175 -61.37 56.39 -33.71
C GLN EB 175 -60.30 57.28 -33.07
N VAL EB 176 -59.77 58.22 -33.84
CA VAL EB 176 -58.79 59.17 -33.32
C VAL EB 176 -59.57 60.33 -32.70
N VAL EB 177 -59.60 60.41 -31.38
CA VAL EB 177 -60.32 61.50 -30.73
C VAL EB 177 -59.47 62.75 -30.56
N LYS EB 178 -58.14 62.62 -30.68
CA LYS EB 178 -57.26 63.79 -30.65
C LYS EB 178 -55.98 63.40 -31.39
N LEU EB 179 -55.86 63.86 -32.63
CA LEU EB 179 -54.68 63.55 -33.45
C LEU EB 179 -53.59 64.56 -33.13
N GLU EB 180 -52.49 64.07 -32.56
CA GLU EB 180 -51.40 64.94 -32.16
C GLU EB 180 -50.09 64.15 -32.16
N LYS EB 181 -48.99 64.88 -32.20
CA LYS EB 181 -47.66 64.32 -32.05
C LYS EB 181 -47.05 64.77 -30.73
N ARG EB 182 -45.94 64.13 -30.37
CA ARG EB 182 -45.21 64.48 -29.16
C ARG EB 182 -43.73 64.61 -29.50
N LEU EB 183 -42.93 65.04 -28.52
CA LEU EB 183 -41.51 65.26 -28.73
C LEU EB 183 -40.73 63.96 -28.91
N ASP EB 184 -41.34 62.81 -28.63
CA ASP EB 184 -40.66 61.53 -28.72
C ASP EB 184 -41.49 60.56 -29.54
N ASN EB 185 -40.81 59.59 -30.14
CA ASN EB 185 -41.47 58.55 -30.92
C ASN EB 185 -41.95 57.39 -30.07
N SER EB 186 -41.69 57.40 -28.77
CA SER EB 186 -42.15 56.34 -27.88
C SER EB 186 -42.31 56.93 -26.48
N LEU EB 187 -43.56 57.05 -26.02
CA LEU EB 187 -43.85 57.64 -24.72
C LEU EB 187 -43.93 56.58 -23.63
N LEU EB 188 -42.88 55.77 -23.55
CA LEU EB 188 -42.83 54.72 -22.54
C LEU EB 188 -42.61 55.27 -21.13
N TYR EB 189 -42.15 56.51 -21.00
CA TYR EB 189 -41.88 57.11 -19.71
C TYR EB 189 -43.14 57.56 -18.98
N LEU EB 190 -44.31 57.48 -19.63
CA LEU EB 190 -45.55 57.84 -18.98
C LEU EB 190 -45.89 56.92 -17.81
N ARG EB 191 -45.30 55.72 -17.77
CA ARG EB 191 -45.46 54.86 -16.61
C ARG EB 191 -44.85 55.49 -15.37
N ASP EB 192 -43.64 56.06 -15.51
CA ASP EB 192 -42.96 56.71 -14.41
C ASP EB 192 -43.34 58.17 -14.25
N ALA EB 193 -44.09 58.72 -15.19
CA ALA EB 193 -44.56 60.10 -15.08
C ALA EB 193 -45.68 60.20 -14.05
N LEU EB 194 -46.07 61.43 -13.74
CA LEU EB 194 -47.15 61.65 -12.80
C LEU EB 194 -48.47 61.14 -13.36
N PRO EB 195 -49.40 60.72 -12.51
CA PRO EB 195 -50.67 60.15 -13.00
C PRO EB 195 -51.50 61.12 -13.80
N GLU EB 196 -51.32 62.43 -13.62
CA GLU EB 196 -52.13 63.42 -14.35
C GLU EB 196 -51.83 63.41 -15.84
N TYR EB 197 -50.68 62.89 -16.25
CA TYR EB 197 -50.30 62.83 -17.66
C TYR EB 197 -50.77 61.56 -18.34
N SER EB 198 -51.35 60.62 -17.60
CA SER EB 198 -51.93 59.41 -18.17
C SER EB 198 -53.43 59.32 -17.97
N THR EB 199 -54.02 60.19 -17.15
CA THR EB 199 -55.45 60.19 -16.92
C THR EB 199 -56.16 60.93 -18.06
N PHE EB 200 -57.07 60.24 -18.73
CA PHE EB 200 -57.83 60.82 -19.82
C PHE EB 200 -59.31 60.51 -19.62
N ASP EB 201 -60.16 61.44 -20.05
CA ASP EB 201 -61.60 61.25 -19.95
C ASP EB 201 -62.04 60.11 -20.85
N VAL EB 202 -62.69 59.10 -20.27
CA VAL EB 202 -63.14 57.96 -21.06
C VAL EB 202 -64.21 58.35 -22.07
N ASN EB 203 -64.91 59.46 -21.83
CA ASN EB 203 -66.02 59.88 -22.68
C ASN EB 203 -65.79 61.26 -23.28
N MET EB 204 -64.54 61.61 -23.60
CA MET EB 204 -64.29 62.89 -24.25
C MET EB 204 -64.81 62.87 -25.68
N LYS EB 205 -65.39 63.99 -26.10
CA LYS EB 205 -65.87 64.10 -27.47
C LYS EB 205 -64.69 64.21 -28.44
N PRO EB 206 -64.80 63.61 -29.62
CA PRO EB 206 -63.69 63.71 -30.58
C PRO EB 206 -63.43 65.15 -30.98
N ILE EB 207 -62.16 65.48 -31.15
CA ILE EB 207 -61.73 66.81 -31.57
C ILE EB 207 -61.32 66.72 -33.03
N THR EB 208 -62.15 67.29 -33.91
CA THR EB 208 -61.85 67.27 -35.33
C THR EB 208 -60.67 68.19 -35.64
N GLN EB 209 -59.91 67.82 -36.67
CA GLN EB 209 -58.75 68.58 -37.09
C GLN EB 209 -58.80 68.79 -38.59
N GLU EB 210 -58.24 69.91 -39.03
CA GLU EB 210 -58.19 70.25 -40.45
C GLU EB 210 -56.77 70.08 -40.99
N PHE EB 211 -56.68 69.84 -42.29
CA PHE EB 211 -55.42 69.41 -42.89
C PHE EB 211 -54.30 70.44 -42.70
N ASN EB 212 -54.64 71.73 -42.70
CA ASN EB 212 -53.62 72.78 -42.66
C ASN EB 212 -52.95 72.92 -41.30
N GLN EB 213 -53.29 72.08 -40.33
CA GLN EB 213 -52.62 72.09 -39.03
C GLN EB 213 -51.36 71.21 -39.01
N GLU EB 214 -51.13 70.43 -40.08
CA GLU EB 214 -49.96 69.56 -40.23
C GLU EB 214 -49.66 68.78 -38.95
N VAL EB 215 -50.71 68.23 -38.35
CA VAL EB 215 -50.66 67.39 -37.13
C VAL EB 215 -49.71 68.01 -36.10
N PRO EB 216 -50.13 69.08 -35.44
CA PRO EB 216 -49.19 69.84 -34.59
C PRO EB 216 -48.58 68.98 -33.50
N VAL EB 217 -47.30 69.23 -33.24
CA VAL EB 217 -46.56 68.50 -32.23
C VAL EB 217 -46.82 69.16 -30.88
N ASN EB 218 -47.20 68.36 -29.89
CA ASN EB 218 -47.48 68.86 -28.55
C ASN EB 218 -46.16 68.96 -27.78
N GLN EB 219 -45.64 70.19 -27.67
CA GLN EB 219 -44.39 70.43 -26.95
C GLN EB 219 -44.67 70.48 -25.45
N LEU EB 220 -45.00 69.30 -24.92
CA LEU EB 220 -45.35 69.17 -23.51
C LEU EB 220 -44.21 68.49 -22.77
N LYS EB 221 -43.71 69.15 -21.73
CA LYS EB 221 -42.71 68.57 -20.86
C LYS EB 221 -43.40 67.98 -19.64
N VAL EB 222 -42.97 66.79 -19.24
CA VAL EB 222 -43.69 65.97 -18.28
C VAL EB 222 -42.89 65.86 -16.98
N LYS EB 223 -43.55 66.14 -15.86
CA LYS EB 223 -42.96 65.91 -14.56
C LYS EB 223 -42.90 64.40 -14.28
N MET EB 224 -42.03 64.02 -13.36
CA MET EB 224 -41.76 62.62 -13.08
C MET EB 224 -41.91 62.31 -11.60
N LYS EB 225 -42.20 61.03 -11.33
CA LYS EB 225 -42.18 60.50 -9.99
C LYS EB 225 -40.74 60.38 -9.50
N PRO EB 226 -40.53 60.27 -8.19
CA PRO EB 226 -39.16 60.10 -7.68
C PRO EB 226 -38.54 58.79 -8.16
N LYS EB 227 -37.22 58.80 -8.25
CA LYS EB 227 -36.49 57.61 -8.68
C LYS EB 227 -36.69 56.48 -7.67
N PRO EB 228 -36.54 55.21 -8.11
CA PRO EB 228 -36.19 54.75 -9.45
C PRO EB 228 -37.36 54.69 -10.41
N TRP EB 229 -37.08 54.70 -11.70
CA TRP EB 229 -38.06 54.60 -12.76
C TRP EB 229 -38.02 53.21 -13.38
N SER EB 230 -38.95 52.95 -14.30
CA SER EB 230 -38.97 51.66 -14.98
C SER EB 230 -37.70 51.46 -15.80
N LYS EB 231 -37.21 52.51 -16.45
CA LYS EB 231 -35.97 52.47 -17.19
C LYS EB 231 -35.13 53.69 -16.80
N ARG EB 232 -33.91 53.72 -17.33
CA ARG EB 232 -33.00 54.86 -17.10
C ARG EB 232 -33.20 55.86 -18.23
N TRP EB 233 -34.25 56.67 -18.10
CA TRP EB 233 -34.62 57.60 -19.16
C TRP EB 233 -33.59 58.70 -19.37
N GLU EB 234 -32.74 58.96 -18.38
CA GLU EB 234 -31.70 59.96 -18.54
C GLU EB 234 -30.56 59.50 -19.43
N ARG EB 235 -30.49 58.20 -19.75
CA ARG EB 235 -29.40 57.68 -20.55
C ARG EB 235 -29.52 58.17 -21.99
N PRO EB 236 -28.38 58.40 -22.66
CA PRO EB 236 -28.44 58.89 -24.05
C PRO EB 236 -29.05 57.91 -25.03
N LYS EB 237 -29.13 56.61 -24.71
CA LYS EB 237 -29.64 55.63 -25.65
C LYS EB 237 -31.12 55.83 -25.96
N PHE EB 238 -31.85 56.54 -25.12
CA PHE EB 238 -33.26 56.77 -25.36
C PHE EB 238 -33.54 58.06 -26.11
N ASN EB 239 -32.69 59.07 -25.94
CA ASN EB 239 -32.81 60.34 -26.65
C ASN EB 239 -34.18 60.96 -26.46
N ILE EB 240 -34.50 61.28 -25.20
CA ILE EB 240 -35.82 61.72 -24.81
C ILE EB 240 -35.79 63.23 -24.55
N LYS EB 241 -36.71 63.96 -25.18
CA LYS EB 241 -36.81 65.40 -24.99
C LYS EB 241 -38.09 65.82 -24.28
N GLY EB 242 -38.93 64.87 -23.87
CA GLY EB 242 -40.21 65.19 -23.26
C GLY EB 242 -40.27 65.11 -21.76
N ILE EB 243 -39.14 65.17 -21.06
CA ILE EB 243 -39.08 65.03 -19.61
C ILE EB 243 -38.38 66.26 -19.04
N ARG EB 244 -38.94 66.85 -17.99
CA ARG EB 244 -38.31 67.96 -17.28
C ARG EB 244 -37.26 67.37 -16.35
N PHE EB 245 -36.07 67.10 -16.91
CA PHE EB 245 -35.01 66.50 -16.12
C PHE EB 245 -34.43 67.44 -15.07
N ASP EB 246 -34.55 68.77 -15.28
CA ASP EB 246 -33.94 69.72 -14.37
C ASP EB 246 -34.56 69.68 -12.97
N LEU EB 247 -35.82 69.27 -12.86
CA LEU EB 247 -36.50 69.23 -11.57
C LEU EB 247 -36.43 67.86 -10.90
N CYS EB 248 -35.77 66.88 -11.51
CA CYS EB 248 -35.78 65.54 -10.97
C CYS EB 248 -34.36 64.97 -10.84
N LEU EB 249 -33.43 65.45 -11.65
CA LEU EB 249 -32.04 65.02 -11.58
C LEU EB 249 -31.14 66.21 -11.31
N THR EB 250 -29.87 65.92 -11.08
CA THR EB 250 -28.86 66.93 -10.81
C THR EB 250 -27.80 66.95 -11.90
N GLU EB 251 -26.97 67.99 -11.87
CA GLU EB 251 -25.90 68.12 -12.85
C GLU EB 251 -24.91 66.96 -12.73
N GLU EB 252 -24.62 66.53 -11.50
CA GLU EB 252 -23.76 65.38 -11.32
C GLU EB 252 -24.37 64.11 -11.93
N GLN EB 253 -25.68 63.93 -11.74
CA GLN EB 253 -26.33 62.76 -12.33
C GLN EB 253 -26.30 62.81 -13.85
N MET EB 254 -26.49 64.00 -14.42
CA MET EB 254 -26.35 64.14 -15.87
C MET EB 254 -24.92 63.83 -16.32
N ARG EB 255 -23.92 64.27 -15.56
CA ARG EB 255 -22.54 64.00 -15.91
C ARG EB 255 -22.25 62.50 -15.91
N GLU EB 256 -22.77 61.78 -14.92
CA GLU EB 256 -22.62 60.32 -14.92
C GLU EB 256 -23.39 59.69 -16.07
N ALA EB 257 -24.59 60.19 -16.37
CA ALA EB 257 -25.39 59.59 -17.42
C ALA EB 257 -24.77 59.79 -18.80
N GLN EB 258 -24.04 60.89 -19.00
CA GLN EB 258 -23.44 61.16 -20.29
C GLN EB 258 -22.27 60.23 -20.61
N LYS EB 259 -21.81 59.43 -19.65
CA LYS EB 259 -20.73 58.49 -19.89
C LYS EB 259 -21.14 57.36 -20.83
N TRP EB 260 -22.44 57.17 -21.06
CA TRP EB 260 -22.94 56.11 -21.93
C TRP EB 260 -23.29 56.60 -23.33
N SER EB 261 -22.90 57.83 -23.67
CA SER EB 261 -23.18 58.36 -24.99
C SER EB 261 -22.30 57.69 -26.05
N GLN EB 262 -22.83 57.58 -27.25
CA GLN EB 262 -22.13 56.99 -28.40
C GLN EB 262 -22.22 57.96 -29.56
N PRO EB 263 -21.35 58.97 -29.60
CA PRO EB 263 -21.42 59.97 -30.68
C PRO EB 263 -21.19 59.40 -32.08
N TRP EB 264 -20.43 58.31 -32.21
CA TRP EB 264 -20.10 57.80 -33.54
C TRP EB 264 -21.30 57.16 -34.23
N LEU EB 265 -22.34 56.79 -33.48
CA LEU EB 265 -23.51 56.16 -34.09
C LEU EB 265 -24.26 57.14 -34.99
N GLU EB 266 -24.29 58.42 -34.63
CA GLU EB 266 -24.97 59.41 -35.44
C GLU EB 266 -24.30 59.61 -36.79
N PHE EB 267 -23.01 59.31 -36.90
CA PHE EB 267 -22.26 59.51 -38.14
C PHE EB 267 -21.72 58.20 -38.71
N ASP EB 268 -22.21 57.06 -38.24
CA ASP EB 268 -21.78 55.79 -38.79
C ASP EB 268 -22.16 55.67 -40.26
N MET EB 269 -23.36 56.13 -40.63
CA MET EB 269 -23.86 56.24 -42.00
C MET EB 269 -23.91 54.90 -42.72
N MET EB 270 -23.56 53.81 -42.02
CA MET EB 270 -23.75 52.46 -42.53
C MET EB 270 -24.84 51.70 -41.79
N ARG EB 271 -25.29 52.21 -40.64
CA ARG EB 271 -26.41 51.66 -39.92
C ARG EB 271 -27.74 52.25 -40.37
N GLU EB 272 -27.72 53.24 -41.25
CA GLU EB 272 -28.95 53.85 -41.73
C GLU EB 272 -29.67 52.91 -42.70
N TYR EB 273 -30.99 52.95 -42.66
CA TYR EB 273 -31.84 52.11 -43.50
C TYR EB 273 -32.58 53.03 -44.47
N ASP EB 274 -32.12 53.06 -45.71
CA ASP EB 274 -32.74 53.88 -46.74
C ASP EB 274 -33.83 53.07 -47.44
N THR EB 275 -35.07 53.59 -47.37
CA THR EB 275 -36.23 52.89 -47.90
C THR EB 275 -37.02 53.76 -48.87
N SER EB 276 -36.34 54.62 -49.64
CA SER EB 276 -37.04 55.46 -50.59
C SER EB 276 -37.70 54.64 -51.69
N LYS EB 277 -36.92 53.77 -52.34
CA LYS EB 277 -37.48 52.94 -53.41
C LYS EB 277 -38.50 51.95 -52.85
N ILE EB 278 -38.24 51.40 -51.67
CA ILE EB 278 -39.17 50.47 -51.07
C ILE EB 278 -40.50 51.15 -50.78
N GLU EB 279 -40.45 52.37 -50.22
CA GLU EB 279 -41.68 53.11 -49.95
C GLU EB 279 -42.41 53.49 -51.23
N ALA EB 280 -41.66 53.83 -52.29
CA ALA EB 280 -42.28 54.14 -53.57
C ALA EB 280 -43.03 52.93 -54.10
N ALA EB 281 -42.41 51.75 -54.05
CA ALA EB 281 -43.09 50.54 -54.50
C ALA EB 281 -44.29 50.22 -53.61
N ILE EB 282 -44.16 50.44 -52.30
CA ILE EB 282 -45.26 50.19 -51.38
C ILE EB 282 -46.46 51.05 -51.76
N TRP EB 283 -46.23 52.34 -51.99
CA TRP EB 283 -47.35 53.20 -52.29
C TRP EB 283 -47.89 52.96 -53.68
N ASP EB 284 -47.05 52.53 -54.62
CA ASP EB 284 -47.56 52.13 -55.93
C ASP EB 284 -48.52 50.96 -55.80
N GLU EB 285 -48.15 49.96 -54.99
CA GLU EB 285 -49.05 48.85 -54.73
C GLU EB 285 -50.33 49.31 -54.05
N ILE EB 286 -50.20 50.25 -53.11
CA ILE EB 286 -51.37 50.76 -52.40
C ILE EB 286 -52.34 51.45 -53.37
N GLU EB 287 -51.81 52.29 -54.27
CA GLU EB 287 -52.65 52.95 -55.26
C GLU EB 287 -53.27 51.94 -56.22
N ALA EB 288 -52.51 50.92 -56.61
CA ALA EB 288 -53.07 49.90 -57.49
C ALA EB 288 -54.23 49.17 -56.82
N SER EB 289 -54.07 48.86 -55.53
CA SER EB 289 -55.16 48.21 -54.78
C SER EB 289 -56.37 49.13 -54.68
N LYS EB 290 -56.15 50.42 -54.39
CA LYS EB 290 -57.27 51.35 -54.26
C LYS EB 290 -58.00 51.52 -55.58
N ASN EB 291 -57.27 51.61 -56.70
CA ASN EB 291 -57.91 51.71 -58.00
C ASN EB 291 -58.63 50.43 -58.39
N SER EB 292 -58.11 49.28 -57.93
CA SER EB 292 -58.76 48.00 -58.20
C SER EB 292 -59.84 47.72 -57.15
N LEU FB 10 47.96 3.64 -9.40
CA LEU FB 10 47.76 3.17 -10.76
C LEU FB 10 46.28 3.22 -11.15
N ARG FB 11 45.92 4.19 -11.97
CA ARG FB 11 44.54 4.34 -12.40
C ARG FB 11 44.25 3.41 -13.56
N SER FB 12 43.23 2.57 -13.41
CA SER FB 12 42.81 1.63 -14.44
C SER FB 12 41.42 2.00 -14.92
N ARG FB 13 41.25 2.08 -16.25
CA ARG FB 13 39.97 2.38 -16.86
C ARG FB 13 39.67 1.34 -17.92
N VAL FB 14 38.38 1.13 -18.18
CA VAL FB 14 37.94 0.15 -19.16
C VAL FB 14 38.04 0.75 -20.55
N THR FB 15 38.71 0.03 -21.46
CA THR FB 15 38.91 0.49 -22.83
C THR FB 15 38.13 -0.31 -23.86
N ASP FB 16 37.62 -1.49 -23.50
CA ASP FB 16 36.85 -2.33 -24.41
C ASP FB 16 35.35 -2.23 -24.17
N ARG FB 17 34.90 -1.13 -23.55
CA ARG FB 17 33.48 -0.97 -23.28
C ARG FB 17 32.67 -0.92 -24.56
N TYR FB 18 33.28 -0.46 -25.66
CA TYR FB 18 32.58 -0.47 -26.94
C TYR FB 18 32.18 -1.89 -27.33
N TRP FB 19 33.13 -2.83 -27.26
CA TRP FB 19 32.82 -4.21 -27.60
C TRP FB 19 31.92 -4.86 -26.55
N ARG FB 20 32.08 -4.49 -25.28
CA ARG FB 20 31.18 -5.01 -24.26
C ARG FB 20 29.73 -4.61 -24.53
N VAL FB 21 29.52 -3.36 -24.95
CA VAL FB 21 28.17 -2.90 -25.29
C VAL FB 21 27.67 -3.56 -26.57
N GLN FB 22 28.55 -3.69 -27.57
CA GLN FB 22 28.14 -4.25 -28.85
C GLN FB 22 27.77 -5.72 -28.74
N GLU FB 23 28.43 -6.47 -27.85
CA GLU FB 23 28.09 -7.87 -27.67
C GLU FB 23 26.64 -8.05 -27.24
N VAL FB 24 26.09 -7.09 -26.50
CA VAL FB 24 24.68 -7.14 -26.12
C VAL FB 24 23.80 -6.51 -27.20
N LEU FB 25 24.24 -5.39 -27.78
CA LEU FB 25 23.42 -4.68 -28.75
C LEU FB 25 23.24 -5.45 -30.05
N LYS FB 26 24.11 -6.42 -30.34
CA LYS FB 26 23.94 -7.20 -31.57
C LYS FB 26 22.74 -8.13 -31.51
N HIS FB 27 22.29 -8.50 -30.31
CA HIS FB 27 21.14 -9.38 -30.15
C HIS FB 27 19.82 -8.63 -30.10
N ALA FB 28 19.84 -7.30 -30.15
CA ALA FB 28 18.63 -6.50 -30.07
C ALA FB 28 18.44 -5.59 -31.27
N ARG FB 29 19.17 -5.83 -32.37
CA ARG FB 29 19.08 -4.96 -33.54
C ARG FB 29 17.70 -5.00 -34.17
N HIS FB 30 17.01 -6.14 -34.09
CA HIS FB 30 15.73 -6.34 -34.75
C HIS FB 30 14.54 -6.01 -33.85
N PHE FB 31 14.78 -5.36 -32.71
CA PHE FB 31 13.70 -5.02 -31.80
C PHE FB 31 12.98 -3.76 -32.29
N ARG FB 32 11.98 -3.32 -31.52
CA ARG FB 32 11.19 -2.15 -31.84
C ARG FB 32 11.28 -1.13 -30.72
N GLY FB 33 11.36 0.15 -31.08
CA GLY FB 33 11.42 1.20 -30.09
C GLY FB 33 12.84 1.62 -29.80
N ARG FB 34 13.11 2.01 -28.57
CA ARG FB 34 14.45 2.37 -28.14
C ARG FB 34 15.24 1.17 -27.62
N LYS FB 35 14.61 -0.01 -27.56
CA LYS FB 35 15.29 -1.20 -27.07
C LYS FB 35 16.41 -1.66 -28.00
N ASN FB 36 16.39 -1.26 -29.26
CA ASN FB 36 17.44 -1.62 -30.20
C ASN FB 36 18.63 -0.67 -30.16
N ARG FB 37 18.50 0.47 -29.47
CA ARG FB 37 19.56 1.47 -29.41
C ARG FB 37 20.11 1.63 -28.01
N CYS FB 38 19.26 1.91 -27.03
CA CYS FB 38 19.70 2.20 -25.68
C CYS FB 38 20.16 0.92 -24.98
N TYR FB 39 21.35 0.98 -24.37
CA TYR FB 39 21.90 -0.21 -23.73
C TYR FB 39 21.12 -0.59 -22.48
N ARG FB 40 20.63 0.40 -21.73
CA ARG FB 40 19.89 0.11 -20.51
C ARG FB 40 18.59 -0.63 -20.84
N LEU FB 41 17.90 -0.23 -21.90
CA LEU FB 41 16.66 -0.88 -22.30
C LEU FB 41 16.90 -2.14 -23.12
N ALA FB 42 18.12 -2.37 -23.60
CA ALA FB 42 18.42 -3.55 -24.41
C ALA FB 42 18.81 -4.75 -23.55
N VAL FB 43 19.55 -4.53 -22.46
CA VAL FB 43 19.99 -5.64 -21.63
C VAL FB 43 18.79 -6.37 -21.02
N ARG FB 44 17.78 -5.61 -20.59
CA ARG FB 44 16.59 -6.24 -20.05
C ARG FB 44 15.80 -6.97 -21.14
N ALA FB 45 15.72 -6.38 -22.34
CA ALA FB 45 14.96 -7.00 -23.41
C ALA FB 45 15.66 -8.23 -23.95
N VAL FB 46 16.99 -8.22 -24.00
CA VAL FB 46 17.74 -9.38 -24.50
C VAL FB 46 17.63 -10.55 -23.52
N THR FB 47 17.68 -10.27 -22.22
CA THR FB 47 17.53 -11.32 -21.22
C THR FB 47 16.16 -11.98 -21.32
N ARG FB 48 15.11 -11.17 -21.46
CA ARG FB 48 13.77 -11.72 -21.64
C ARG FB 48 13.69 -12.52 -22.94
N ALA FB 49 14.35 -12.05 -24.00
CA ALA FB 49 14.38 -12.79 -25.25
C ALA FB 49 15.01 -14.16 -25.07
N PHE FB 50 16.12 -14.23 -24.34
CA PHE FB 50 16.78 -15.51 -24.12
C PHE FB 50 15.95 -16.44 -23.25
N VAL FB 51 15.31 -15.91 -22.21
CA VAL FB 51 14.47 -16.74 -21.36
C VAL FB 51 13.29 -17.30 -22.15
N LYS FB 52 12.65 -16.45 -22.96
CA LYS FB 52 11.59 -16.92 -23.84
C LYS FB 52 12.12 -17.94 -24.85
N CYS FB 53 13.36 -17.76 -25.32
CA CYS FB 53 13.94 -18.73 -26.24
C CYS FB 53 14.03 -20.10 -25.61
N THR FB 54 14.51 -20.17 -24.36
CA THR FB 54 14.61 -21.47 -23.68
C THR FB 54 13.23 -22.07 -23.43
N ARG FB 55 12.29 -21.26 -22.93
CA ARG FB 55 10.95 -21.76 -22.65
C ARG FB 55 10.27 -22.26 -23.92
N ALA FB 56 10.44 -21.53 -25.03
CA ALA FB 56 9.82 -21.95 -26.28
C ALA FB 56 10.55 -23.14 -26.89
N ARG FB 57 11.84 -23.29 -26.62
CA ARG FB 57 12.53 -24.52 -27.00
C ARG FB 57 11.91 -25.72 -26.28
N ARG FB 58 11.59 -25.54 -25.00
CA ARG FB 58 10.91 -26.61 -24.27
C ARG FB 58 9.51 -26.86 -24.82
N LEU FB 59 8.79 -25.80 -25.18
CA LEU FB 59 7.40 -25.92 -25.63
C LEU FB 59 7.26 -26.30 -27.10
N LYS FB 60 8.33 -26.23 -27.88
CA LYS FB 60 8.24 -26.54 -29.30
C LYS FB 60 7.87 -28.00 -29.53
N LYS FB 61 8.42 -28.91 -28.72
CA LYS FB 61 8.09 -30.31 -28.86
C LYS FB 61 6.61 -30.56 -28.57
N ARG FB 62 6.07 -29.92 -27.53
CA ARG FB 62 4.66 -30.08 -27.21
C ARG FB 62 3.79 -29.49 -28.33
N SER FB 63 4.16 -28.33 -28.85
CA SER FB 63 3.39 -27.72 -29.93
C SER FB 63 3.38 -28.61 -31.17
N LEU FB 64 4.53 -29.16 -31.54
CA LEU FB 64 4.62 -30.00 -32.71
C LEU FB 64 3.87 -31.32 -32.51
N ARG FB 65 3.92 -31.87 -31.30
CA ARG FB 65 3.16 -33.09 -31.02
C ARG FB 65 1.66 -32.82 -31.12
N THR FB 66 1.20 -31.67 -30.61
CA THR FB 66 -0.20 -31.31 -30.74
C THR FB 66 -0.59 -31.15 -32.20
N LEU FB 67 0.28 -30.53 -33.01
CA LEU FB 67 0.00 -30.38 -34.43
C LEU FB 67 -0.10 -31.74 -35.12
N TRP FB 68 0.82 -32.64 -34.82
CA TRP FB 68 0.77 -33.98 -35.42
C TRP FB 68 -0.48 -34.72 -35.00
N ILE FB 69 -0.87 -34.60 -33.72
CA ILE FB 69 -2.09 -35.25 -33.25
C ILE FB 69 -3.30 -34.69 -33.96
N ASN FB 70 -3.34 -33.37 -34.16
CA ASN FB 70 -4.46 -32.77 -34.89
C ASN FB 70 -4.54 -33.28 -36.32
N ARG FB 71 -3.38 -33.38 -36.99
CA ARG FB 71 -3.37 -33.89 -38.36
C ARG FB 71 -3.80 -35.35 -38.42
N ILE FB 72 -3.38 -36.16 -37.45
CA ILE FB 72 -3.80 -37.56 -37.42
C ILE FB 72 -5.30 -37.66 -37.17
N THR FB 73 -5.84 -36.82 -36.28
CA THR FB 73 -7.29 -36.79 -36.09
C THR FB 73 -8.01 -36.43 -37.39
N ALA FB 74 -7.48 -35.43 -38.10
CA ALA FB 74 -8.08 -35.02 -39.36
C ALA FB 74 -8.13 -36.18 -40.35
N ALA FB 75 -6.98 -36.84 -40.55
CA ALA FB 75 -6.91 -37.93 -41.51
C ALA FB 75 -7.80 -39.10 -41.10
N SER FB 76 -7.77 -39.47 -39.82
CA SER FB 76 -8.57 -40.60 -39.35
C SER FB 76 -10.06 -40.32 -39.50
N GLN FB 77 -10.50 -39.12 -39.12
CA GLN FB 77 -11.90 -38.77 -39.30
C GLN FB 77 -12.28 -38.72 -40.78
N GLU FB 78 -11.33 -38.32 -41.63
CA GLU FB 78 -11.54 -38.41 -43.06
C GLU FB 78 -11.69 -39.84 -43.54
N HIS FB 79 -11.08 -40.81 -42.84
CA HIS FB 79 -11.25 -42.22 -43.14
C HIS FB 79 -12.35 -42.86 -42.30
N GLY FB 80 -13.19 -42.06 -41.64
CA GLY FB 80 -14.26 -42.59 -40.82
C GLY FB 80 -13.81 -43.34 -39.59
N LEU FB 81 -12.83 -42.81 -38.86
CA LEU FB 81 -12.32 -43.44 -37.66
C LEU FB 81 -11.88 -42.35 -36.69
N LYS FB 82 -12.00 -42.63 -35.40
CA LYS FB 82 -11.60 -41.68 -34.37
C LYS FB 82 -10.15 -41.90 -33.97
N TYR FB 83 -9.50 -40.82 -33.53
CA TYR FB 83 -8.09 -40.87 -33.20
C TYR FB 83 -7.76 -41.84 -32.06
N PRO FB 84 -8.45 -41.83 -30.92
CA PRO FB 84 -8.10 -42.79 -29.87
C PRO FB 84 -8.21 -44.23 -30.33
N ALA FB 85 -9.27 -44.57 -31.06
CA ALA FB 85 -9.44 -45.92 -31.57
C ALA FB 85 -8.33 -46.28 -32.53
N PHE FB 86 -8.01 -45.35 -33.44
CA PHE FB 86 -6.95 -45.60 -34.42
C PHE FB 86 -5.62 -45.87 -33.73
N ILE FB 87 -5.27 -45.04 -32.74
CA ILE FB 87 -4.00 -45.21 -32.06
C ILE FB 87 -3.96 -46.51 -31.26
N ILE FB 88 -5.02 -46.79 -30.49
CA ILE FB 88 -4.97 -47.99 -29.65
C ILE FB 88 -4.96 -49.24 -30.51
N ASN FB 89 -5.67 -49.26 -31.63
CA ASN FB 89 -5.65 -50.44 -32.48
C ASN FB 89 -4.34 -50.59 -33.22
N LEU FB 90 -3.73 -49.48 -33.64
CA LEU FB 90 -2.40 -49.56 -34.23
C LEU FB 90 -1.38 -50.09 -33.24
N ILE FB 91 -1.49 -49.69 -31.96
CA ILE FB 91 -0.61 -50.25 -30.94
C ILE FB 91 -0.89 -51.74 -30.75
N LYS FB 92 -2.17 -52.12 -30.68
CA LYS FB 92 -2.52 -53.52 -30.51
C LYS FB 92 -2.04 -54.39 -31.67
N CYS FB 93 -1.91 -53.83 -32.86
CA CYS FB 93 -1.33 -54.53 -34.00
C CYS FB 93 0.19 -54.54 -33.97
N GLN FB 94 0.80 -54.12 -32.85
CA GLN FB 94 2.26 -54.06 -32.71
C GLN FB 94 2.91 -53.23 -33.80
N VAL FB 95 2.27 -52.11 -34.17
CA VAL FB 95 2.80 -51.17 -35.14
C VAL FB 95 3.23 -49.93 -34.36
N GLU FB 96 4.52 -49.82 -34.11
CA GLU FB 96 5.05 -48.76 -33.25
C GLU FB 96 5.56 -47.59 -34.09
N LEU FB 97 4.61 -46.93 -34.75
CA LEU FB 97 4.89 -45.71 -35.51
C LEU FB 97 4.41 -44.51 -34.69
N ASN FB 98 5.31 -43.55 -34.49
CA ASN FB 98 4.99 -42.40 -33.65
C ASN FB 98 4.15 -41.40 -34.43
N ARG FB 99 3.72 -40.35 -33.73
CA ARG FB 99 2.79 -39.38 -34.31
C ARG FB 99 3.42 -38.60 -35.46
N LYS FB 100 4.72 -38.32 -35.39
CA LYS FB 100 5.38 -37.60 -36.48
C LYS FB 100 5.33 -38.41 -37.77
N VAL FB 101 5.70 -39.68 -37.70
CA VAL FB 101 5.65 -40.55 -38.88
C VAL FB 101 4.22 -40.74 -39.35
N LEU FB 102 3.28 -40.87 -38.41
CA LEU FB 102 1.89 -41.04 -38.81
C LEU FB 102 1.37 -39.82 -39.56
N ALA FB 103 1.70 -38.62 -39.09
CA ALA FB 103 1.29 -37.41 -39.80
C ALA FB 103 1.98 -37.29 -41.14
N ASP FB 104 3.26 -37.67 -41.22
CA ASP FB 104 3.95 -37.66 -42.51
C ASP FB 104 3.26 -38.59 -43.49
N LEU FB 105 2.87 -39.78 -43.04
CA LEU FB 105 2.15 -40.72 -43.90
C LEU FB 105 0.79 -40.17 -44.30
N ALA FB 106 0.10 -39.52 -43.37
CA ALA FB 106 -1.21 -38.97 -43.68
C ALA FB 106 -1.11 -37.90 -44.76
N ILE FB 107 -0.09 -37.05 -44.69
CA ILE FB 107 0.04 -35.97 -45.66
C ILE FB 107 0.54 -36.49 -47.00
N TYR FB 108 1.58 -37.34 -46.99
CA TYR FB 108 2.29 -37.70 -48.21
C TYR FB 108 2.05 -39.12 -48.70
N GLU FB 109 1.46 -39.99 -47.88
CA GLU FB 109 1.23 -41.38 -48.26
C GLU FB 109 -0.22 -41.73 -47.98
N PRO FB 110 -1.16 -41.16 -48.75
CA PRO FB 110 -2.59 -41.39 -48.45
C PRO FB 110 -3.01 -42.85 -48.54
N LYS FB 111 -2.48 -43.60 -49.51
CA LYS FB 111 -2.85 -45.02 -49.61
C LYS FB 111 -2.33 -45.80 -48.42
N THR FB 112 -1.10 -45.55 -47.99
CA THR FB 112 -0.55 -46.23 -46.83
C THR FB 112 -1.33 -45.88 -45.57
N PHE FB 113 -1.73 -44.61 -45.43
CA PHE FB 113 -2.52 -44.22 -44.27
C PHE FB 113 -3.90 -44.87 -44.30
N LYS FB 114 -4.51 -45.00 -45.48
CA LYS FB 114 -5.79 -45.69 -45.57
C LYS FB 114 -5.63 -47.17 -45.22
N SER FB 115 -4.53 -47.78 -45.63
CA SER FB 115 -4.28 -49.17 -45.25
C SER FB 115 -4.11 -49.31 -43.74
N LEU FB 116 -3.39 -48.37 -43.11
CA LEU FB 116 -3.24 -48.40 -41.67
C LEU FB 116 -4.58 -48.21 -40.97
N ALA FB 117 -5.42 -47.31 -41.48
CA ALA FB 117 -6.73 -47.10 -40.90
C ALA FB 117 -7.61 -48.34 -41.05
N ALA FB 118 -7.53 -49.02 -42.19
CA ALA FB 118 -8.26 -50.26 -42.39
C ALA FB 118 -7.78 -51.33 -41.41
N LEU FB 119 -6.47 -51.43 -41.21
CA LEU FB 119 -5.94 -52.39 -40.24
C LEU FB 119 -6.41 -52.08 -38.82
N ALA FB 120 -6.41 -50.79 -38.46
CA ALA FB 120 -6.88 -50.39 -37.13
C ALA FB 120 -8.36 -50.72 -36.95
N LYS FB 121 -9.17 -50.44 -37.97
CA LYS FB 121 -10.60 -50.75 -37.88
C LYS FB 121 -10.83 -52.26 -37.80
N ARG FB 122 -10.04 -53.05 -38.54
CA ARG FB 122 -10.15 -54.50 -38.45
C ARG FB 122 -9.80 -54.99 -37.06
N ARG FB 123 -8.73 -54.46 -36.47
CA ARG FB 123 -8.36 -54.86 -35.12
C ARG FB 123 -9.43 -54.46 -34.12
N ARG FB 124 -10.03 -53.28 -34.29
CA ARG FB 124 -11.13 -52.88 -33.42
C ARG FB 124 -12.32 -53.83 -33.54
N GLU FB 125 -12.65 -54.24 -34.77
CA GLU FB 125 -13.74 -55.18 -34.96
C GLU FB 125 -13.45 -56.52 -34.32
N GLU FB 126 -12.21 -57.01 -34.46
CA GLU FB 126 -11.83 -58.27 -33.82
C GLU FB 126 -11.91 -58.16 -32.29
N GLY FB 127 -11.46 -57.04 -31.73
CA GLY FB 127 -11.57 -56.85 -30.30
C GLY FB 127 -13.01 -56.82 -29.82
N PHE FB 128 -13.88 -56.13 -30.57
CA PHE FB 128 -15.30 -56.10 -30.21
C PHE FB 128 -15.92 -57.49 -30.30
N ALA FB 129 -15.59 -58.25 -31.34
CA ALA FB 129 -16.13 -59.60 -31.47
C ALA FB 129 -15.65 -60.49 -30.34
N ALA FB 130 -14.37 -60.40 -29.98
CA ALA FB 130 -13.85 -61.19 -28.87
C ALA FB 130 -14.53 -60.81 -27.56
N ALA FB 131 -14.72 -59.52 -27.33
CA ALA FB 131 -15.38 -59.08 -26.10
C ALA FB 131 -16.82 -59.56 -26.04
N LEU FB 132 -17.52 -59.53 -27.18
CA LEU FB 132 -18.91 -59.98 -27.20
C LEU FB 132 -19.00 -61.49 -26.99
N GLY FB 133 -18.09 -62.26 -27.61
CA GLY FB 133 -18.15 -63.70 -27.49
C GLY FB 133 -17.73 -64.22 -26.13
N ASP FB 134 -16.71 -63.59 -25.54
CA ASP FB 134 -16.08 -64.06 -24.29
C ASP FB 134 -15.63 -65.51 -24.42
N GLY FB 135 -15.13 -65.87 -25.60
CA GLY FB 135 -14.63 -67.21 -25.87
C GLY FB 135 -13.12 -67.18 -26.06
N LYS FB 136 -12.45 -68.13 -25.41
CA LYS FB 136 -10.99 -68.20 -25.51
C LYS FB 136 -10.55 -68.83 -26.83
N GLU FB 137 -11.29 -69.82 -27.32
CA GLU FB 137 -10.87 -70.54 -28.53
C GLU FB 137 -10.98 -69.71 -29.81
N PRO FB 138 -11.92 -68.76 -29.96
CA PRO FB 138 -11.88 -67.92 -31.16
C PRO FB 138 -10.84 -66.82 -31.00
N ASP FB 139 -9.84 -66.80 -31.88
CA ASP FB 139 -8.80 -65.79 -31.87
C ASP FB 139 -8.77 -65.08 -33.21
N GLY FB 140 -8.64 -63.75 -33.17
CA GLY FB 140 -8.60 -62.98 -34.38
C GLY FB 140 -7.33 -63.23 -35.18
N ILE FB 141 -7.45 -63.04 -36.50
CA ILE FB 141 -6.28 -63.21 -37.37
C ILE FB 141 -5.25 -62.13 -37.11
N PHE FB 142 -5.69 -60.90 -36.90
CA PHE FB 142 -4.81 -59.78 -36.60
C PHE FB 142 -4.67 -59.52 -35.10
N SER FB 143 -5.30 -60.34 -34.26
CA SER FB 143 -5.22 -60.19 -32.82
C SER FB 143 -4.12 -61.04 -32.20
N ARG FB 144 -3.35 -61.76 -33.00
CA ARG FB 144 -2.28 -62.60 -32.49
C ARG FB 144 -1.07 -61.75 -32.13
N VAL FB 145 -0.41 -62.12 -31.02
CA VAL FB 145 0.74 -61.37 -30.51
C VAL FB 145 2.01 -62.13 -30.85
N VAL FB 146 2.97 -61.43 -31.43
CA VAL FB 146 4.25 -62.01 -31.83
C VAL FB 146 5.30 -61.60 -30.82
N GLN FB 147 5.93 -62.59 -30.18
CA GLN FB 147 6.95 -62.33 -29.19
C GLN FB 147 8.30 -62.04 -29.87
N HIS FB 148 9.26 -61.60 -29.06
CA HIS FB 148 10.59 -61.30 -29.58
C HIS FB 148 11.28 -62.57 -30.07
N ARG FB 149 11.93 -62.48 -31.22
CA ARG FB 149 12.61 -63.62 -31.81
C ARG FB 149 14.08 -63.30 -32.09
N VAL GB 55 -40.85 -59.43 -32.48
CA VAL GB 55 -39.72 -58.77 -31.84
C VAL GB 55 -39.86 -57.27 -31.91
N PRO GB 56 -39.95 -56.62 -30.75
CA PRO GB 56 -40.07 -55.16 -30.73
C PRO GB 56 -38.83 -54.47 -31.28
N LYS GB 57 -39.05 -53.31 -31.88
CA LYS GB 57 -37.99 -52.50 -32.48
C LYS GB 57 -38.07 -51.09 -31.91
N THR GB 58 -37.42 -50.89 -30.77
CA THR GB 58 -37.35 -49.59 -30.12
C THR GB 58 -35.98 -48.95 -30.39
N SER GB 59 -35.83 -47.71 -29.93
CA SER GB 59 -34.57 -47.00 -30.14
C SER GB 59 -33.42 -47.66 -29.41
N LEU GB 60 -33.64 -48.08 -28.17
CA LEU GB 60 -32.60 -48.68 -27.35
C LEU GB 60 -32.62 -50.20 -27.37
N GLY GB 61 -33.51 -50.81 -28.15
CA GLY GB 61 -33.52 -52.26 -28.25
C GLY GB 61 -32.38 -52.83 -29.06
N SER GB 62 -31.77 -52.02 -29.91
CA SER GB 62 -30.66 -52.42 -30.76
C SER GB 62 -29.52 -51.43 -30.60
N PRO GB 63 -28.27 -51.89 -30.71
CA PRO GB 63 -27.14 -50.99 -30.51
C PRO GB 63 -27.01 -50.03 -31.68
N PRO GB 64 -26.57 -48.79 -31.42
CA PRO GB 64 -26.53 -47.75 -32.46
C PRO GB 64 -25.26 -47.76 -33.31
N TRP GB 65 -24.86 -48.95 -33.75
CA TRP GB 65 -23.72 -49.10 -34.64
C TRP GB 65 -24.01 -50.25 -35.59
N PRO GB 66 -23.47 -50.21 -36.81
CA PRO GB 66 -23.71 -51.32 -37.74
C PRO GB 66 -23.15 -52.63 -37.20
N ASP GB 67 -23.89 -53.71 -37.40
CA ASP GB 67 -23.44 -55.02 -36.96
C ASP GB 67 -22.37 -55.53 -37.90
N ILE GB 68 -21.25 -55.98 -37.33
CA ILE GB 68 -20.09 -56.40 -38.10
C ILE GB 68 -20.03 -57.92 -38.12
N VAL GB 69 -19.77 -58.49 -39.28
CA VAL GB 69 -19.59 -59.93 -39.46
C VAL GB 69 -18.20 -60.16 -40.04
N LEU GB 70 -17.47 -61.08 -39.44
CA LEU GB 70 -16.10 -61.27 -39.90
C LEU GB 70 -15.98 -62.54 -40.74
N PRO GB 71 -15.06 -62.55 -41.70
CA PRO GB 71 -14.90 -63.74 -42.54
C PRO GB 71 -14.39 -64.93 -41.75
N ASP GB 72 -14.70 -66.12 -42.25
CA ASP GB 72 -14.30 -67.34 -41.57
C ASP GB 72 -12.77 -67.47 -41.58
N PRO GB 73 -12.16 -67.98 -40.51
CA PRO GB 73 -10.69 -67.97 -40.44
C PRO GB 73 -9.98 -68.70 -41.58
N VAL GB 74 -10.53 -69.81 -42.07
CA VAL GB 74 -9.82 -70.55 -43.11
C VAL GB 74 -9.84 -69.78 -44.43
N GLU GB 75 -10.98 -69.19 -44.77
CA GLU GB 75 -11.05 -68.37 -45.97
C GLU GB 75 -10.17 -67.13 -45.82
N GLU GB 76 -10.13 -66.55 -44.62
CA GLU GB 76 -9.25 -65.41 -44.39
C GLU GB 76 -7.78 -65.79 -44.60
N THR GB 77 -7.37 -66.96 -44.08
CA THR GB 77 -6.00 -67.40 -44.26
C THR GB 77 -5.68 -67.67 -45.74
N ARG GB 78 -6.63 -68.28 -46.46
CA ARG GB 78 -6.41 -68.51 -47.89
C ARG GB 78 -6.27 -67.20 -48.66
N HIS GB 79 -7.14 -66.23 -48.36
CA HIS GB 79 -7.04 -64.93 -49.03
C HIS GB 79 -5.74 -64.23 -48.67
N HIS GB 80 -5.30 -64.35 -47.41
CA HIS GB 80 -4.02 -63.78 -47.01
C HIS GB 80 -2.87 -64.41 -47.76
N ALA GB 81 -2.92 -65.74 -47.94
CA ALA GB 81 -1.88 -66.40 -48.73
C ALA GB 81 -1.87 -65.91 -50.17
N GLU GB 82 -3.06 -65.74 -50.75
CA GLU GB 82 -3.14 -65.24 -52.13
C GLU GB 82 -2.58 -63.82 -52.23
N VAL GB 83 -2.91 -62.95 -51.28
CA VAL GB 83 -2.41 -61.58 -51.32
C VAL GB 83 -0.91 -61.55 -51.13
N VAL GB 84 -0.39 -62.35 -50.19
CA VAL GB 84 1.05 -62.42 -49.98
C VAL GB 84 1.75 -62.91 -51.23
N GLY GB 85 1.19 -63.91 -51.90
CA GLY GB 85 1.77 -64.39 -53.14
C GLY GB 85 1.79 -63.34 -54.23
N GLN GB 86 0.69 -62.57 -54.35
CA GLN GB 86 0.65 -61.52 -55.36
C GLN GB 86 1.68 -60.42 -55.07
N VAL GB 87 1.79 -60.01 -53.81
CA VAL GB 87 2.80 -59.00 -53.45
C VAL GB 87 4.20 -59.53 -53.71
N ASN GB 88 4.43 -60.80 -53.38
CA ASN GB 88 5.74 -61.41 -53.60
C ASN GB 88 6.08 -61.49 -55.09
N GLU GB 89 5.10 -61.83 -55.93
CA GLU GB 89 5.36 -61.88 -57.36
C GLU GB 89 5.61 -60.49 -57.93
N LEU GB 90 4.91 -59.47 -57.42
CA LEU GB 90 5.22 -58.10 -57.83
C LEU GB 90 6.63 -57.70 -57.45
N ILE GB 91 7.06 -58.06 -56.24
CA ILE GB 91 8.41 -57.73 -55.81
C ILE GB 91 9.43 -58.46 -56.66
N ALA GB 92 9.19 -59.75 -56.94
CA ALA GB 92 10.12 -60.52 -57.76
C ALA GB 92 10.22 -59.96 -59.18
N ALA GB 93 9.08 -59.57 -59.78
CA ALA GB 93 9.11 -58.93 -61.09
C ALA GB 93 9.73 -57.54 -61.03
N GLY GB 94 9.79 -56.94 -59.86
CA GLY GB 94 10.36 -55.61 -59.73
C GLY GB 94 9.53 -54.53 -60.38
N ARG GB 95 8.22 -54.61 -60.26
CA ARG GB 95 7.30 -53.63 -60.86
C ARG GB 95 7.09 -52.40 -59.99
N TYR GB 96 7.66 -52.38 -58.79
CA TYR GB 96 7.56 -51.20 -57.94
C TYR GB 96 8.50 -50.12 -58.46
N GLY GB 97 8.00 -48.88 -58.51
CA GLY GB 97 8.81 -47.78 -58.99
C GLY GB 97 9.79 -47.26 -57.97
N ARG GB 98 9.28 -46.65 -56.90
CA ARG GB 98 10.11 -46.07 -55.86
C ARG GB 98 9.61 -46.52 -54.49
N LEU GB 99 10.55 -46.76 -53.57
CA LEU GB 99 10.23 -47.23 -52.25
C LEU GB 99 10.59 -46.19 -51.20
N PHE GB 100 9.69 -45.98 -50.25
CA PHE GB 100 10.00 -45.23 -49.05
C PHE GB 100 10.01 -46.18 -47.86
N ALA GB 101 10.71 -45.79 -46.80
CA ALA GB 101 10.86 -46.66 -45.65
C ALA GB 101 10.86 -45.82 -44.38
N VAL GB 102 10.11 -46.27 -43.38
CA VAL GB 102 10.14 -45.70 -42.05
C VAL GB 102 11.08 -46.57 -41.21
N VAL GB 103 12.15 -45.96 -40.72
CA VAL GB 103 13.22 -46.66 -40.02
C VAL GB 103 13.42 -46.01 -38.66
N HIS GB 104 14.04 -46.76 -37.75
CA HIS GB 104 14.38 -46.27 -36.42
C HIS GB 104 15.88 -46.10 -36.34
N PHE GB 105 16.34 -44.89 -36.01
CA PHE GB 105 17.75 -44.59 -35.98
C PHE GB 105 18.02 -43.46 -35.00
N ALA GB 106 18.95 -43.69 -34.08
CA ALA GB 106 19.38 -42.67 -33.11
C ALA GB 106 18.22 -42.14 -32.28
N GLY GB 107 17.32 -43.05 -31.88
CA GLY GB 107 16.22 -42.69 -31.00
C GLY GB 107 15.04 -42.04 -31.67
N HIS GB 108 15.08 -41.85 -32.99
CA HIS GB 108 13.99 -41.22 -33.73
C HIS GB 108 13.60 -42.09 -34.90
N GLN GB 109 12.36 -41.91 -35.35
CA GLN GB 109 11.83 -42.62 -36.51
C GLN GB 109 11.80 -41.66 -37.69
N TRP GB 110 12.44 -42.06 -38.78
CA TRP GB 110 12.55 -41.25 -39.98
C TRP GB 110 11.84 -41.93 -41.14
N LYS GB 111 11.06 -41.16 -41.89
CA LYS GB 111 10.43 -41.62 -43.13
C LYS GB 111 11.30 -41.12 -44.27
N VAL GB 112 12.12 -42.01 -44.81
CA VAL GB 112 13.15 -41.62 -45.78
C VAL GB 112 12.94 -42.39 -47.08
N THR GB 113 13.33 -41.78 -48.18
CA THR GB 113 13.33 -42.41 -49.49
C THR GB 113 14.77 -42.43 -50.01
N ALA GB 114 14.93 -42.87 -51.24
CA ALA GB 114 16.26 -42.82 -51.86
C ALA GB 114 16.67 -41.37 -52.08
N GLU GB 115 17.98 -41.15 -52.14
CA GLU GB 115 18.55 -39.83 -52.40
C GLU GB 115 18.11 -38.82 -51.34
N ASP GB 116 17.97 -39.28 -50.10
CA ASP GB 116 17.42 -38.45 -49.03
C ASP GB 116 18.53 -37.94 -48.11
N LEU GB 117 18.20 -36.88 -47.36
CA LEU GB 117 19.12 -36.29 -46.39
C LEU GB 117 18.46 -36.27 -45.03
N ILE GB 118 19.19 -36.69 -43.99
CA ILE GB 118 18.71 -36.61 -42.62
C ILE GB 118 19.82 -36.09 -41.73
N LEU GB 119 19.42 -35.39 -40.66
CA LEU GB 119 20.34 -34.81 -39.70
C LEU GB 119 20.15 -35.49 -38.35
N ILE GB 120 21.22 -36.04 -37.80
CA ILE GB 120 21.21 -36.72 -36.51
C ILE GB 120 21.92 -35.83 -35.50
N GLU GB 121 21.30 -35.66 -34.33
CA GLU GB 121 21.78 -34.71 -33.34
C GLU GB 121 22.88 -35.28 -32.44
N ASN GB 122 23.54 -36.37 -32.84
CA ASN GB 122 24.66 -36.92 -32.08
C ASN GB 122 25.72 -37.43 -33.04
N GLU GB 123 26.95 -37.53 -32.53
CA GLU GB 123 28.07 -37.95 -33.35
C GLU GB 123 28.12 -39.47 -33.44
N LEU GB 124 28.43 -39.96 -34.63
CA LEU GB 124 28.57 -41.39 -34.89
C LEU GB 124 30.06 -41.77 -34.96
N ASP GB 125 30.32 -43.05 -34.72
CA ASP GB 125 31.68 -43.57 -34.73
C ASP GB 125 32.10 -44.03 -36.12
N VAL GB 126 31.93 -43.17 -37.12
CA VAL GB 126 32.29 -43.46 -38.50
C VAL GB 126 32.97 -42.23 -39.09
N ALA GB 127 33.74 -42.49 -40.15
CA ALA GB 127 34.36 -41.41 -40.92
C ALA GB 127 33.40 -40.97 -42.03
N CYS GB 128 33.64 -39.76 -42.53
CA CYS GB 128 32.81 -39.24 -43.61
C CYS GB 128 32.99 -40.07 -44.87
N GLY GB 129 31.91 -40.23 -45.62
CA GLY GB 129 31.93 -41.03 -46.83
C GLY GB 129 31.77 -42.51 -46.63
N GLU GB 130 31.52 -42.97 -45.40
CA GLU GB 130 31.34 -44.37 -45.12
C GLU GB 130 29.87 -44.77 -45.28
N ARG GB 131 29.67 -46.00 -45.76
CA ARG GB 131 28.33 -46.54 -45.95
C ARG GB 131 27.89 -47.31 -44.72
N ILE GB 132 26.61 -47.21 -44.40
CA ILE GB 132 26.04 -47.74 -43.17
C ILE GB 132 24.70 -48.38 -43.51
N ARG GB 133 24.47 -49.58 -42.98
CA ARG GB 133 23.22 -50.29 -43.17
C ARG GB 133 22.29 -50.00 -42.00
N LEU GB 134 21.15 -49.39 -42.28
CA LEU GB 134 20.15 -49.10 -41.25
C LEU GB 134 19.32 -50.36 -41.01
N GLU GB 135 19.59 -51.04 -39.91
CA GLU GB 135 19.00 -52.35 -39.65
C GLU GB 135 17.54 -52.29 -39.23
N LYS GB 136 17.14 -51.27 -38.47
CA LYS GB 136 15.78 -51.19 -37.94
C LYS GB 136 14.91 -50.49 -38.96
N VAL GB 137 14.14 -51.28 -39.70
CA VAL GB 137 13.17 -50.76 -40.68
C VAL GB 137 11.79 -51.20 -40.23
N LEU GB 138 10.95 -50.24 -39.87
CA LEU GB 138 9.61 -50.55 -39.38
C LEU GB 138 8.59 -50.63 -40.51
N LEU GB 139 8.76 -49.85 -41.56
CA LEU GB 139 7.77 -49.78 -42.62
C LEU GB 139 8.46 -49.64 -43.96
N VAL GB 140 7.92 -50.32 -44.98
CA VAL GB 140 8.33 -50.13 -46.37
C VAL GB 140 7.07 -49.91 -47.19
N GLY GB 141 7.15 -49.05 -48.19
CA GLY GB 141 5.98 -48.75 -49.00
C GLY GB 141 6.36 -48.35 -50.40
N ALA GB 142 5.46 -48.67 -51.34
CA ALA GB 142 5.60 -48.27 -52.73
C ALA GB 142 4.24 -47.75 -53.20
N ASP GB 143 4.11 -47.55 -54.50
CA ASP GB 143 2.84 -47.08 -55.06
C ASP GB 143 1.73 -48.12 -54.95
N ASN GB 144 2.08 -49.40 -54.87
CA ASN GB 144 1.08 -50.46 -54.88
C ASN GB 144 0.99 -51.27 -53.59
N PHE GB 145 2.12 -51.58 -52.94
CA PHE GB 145 2.12 -52.43 -51.77
C PHE GB 145 2.79 -51.70 -50.60
N THR GB 146 2.68 -52.32 -49.42
CA THR GB 146 3.19 -51.73 -48.19
C THR GB 146 3.39 -52.84 -47.17
N LEU GB 147 4.60 -52.90 -46.60
CA LEU GB 147 4.98 -53.94 -45.66
C LEU GB 147 5.20 -53.31 -44.29
N LEU GB 148 4.54 -53.86 -43.27
CA LEU GB 148 4.65 -53.40 -41.90
C LEU GB 148 5.39 -54.42 -41.05
N GLY GB 149 6.17 -53.92 -40.08
CA GLY GB 149 6.80 -54.81 -39.13
C GLY GB 149 5.98 -54.94 -37.85
N LYS GB 150 6.28 -55.99 -37.09
CA LYS GB 150 5.61 -56.27 -35.82
C LYS GB 150 6.66 -56.55 -34.74
N PRO GB 151 7.36 -55.52 -34.27
CA PRO GB 151 7.31 -54.12 -34.72
C PRO GB 151 8.37 -53.80 -35.77
N LEU GB 152 9.15 -54.80 -36.17
CA LEU GB 152 10.26 -54.60 -37.10
C LEU GB 152 10.16 -55.58 -38.25
N LEU GB 153 10.75 -55.20 -39.38
CA LEU GB 153 10.80 -56.05 -40.56
C LEU GB 153 12.05 -56.93 -40.52
N GLY GB 154 12.25 -57.71 -41.58
CA GLY GB 154 13.39 -58.60 -41.65
C GLY GB 154 14.60 -57.97 -42.32
N LYS GB 155 15.78 -58.29 -41.79
CA LYS GB 155 17.02 -57.83 -42.40
C LYS GB 155 17.19 -58.39 -43.80
N GLU GB 156 16.84 -59.66 -44.00
CA GLU GB 156 16.86 -60.25 -45.33
C GLU GB 156 15.75 -59.70 -46.21
N LEU GB 157 14.69 -59.16 -45.61
CA LEU GB 157 13.57 -58.64 -46.40
C LEU GB 157 13.85 -57.24 -46.93
N VAL GB 158 14.43 -56.37 -46.10
CA VAL GB 158 14.65 -54.97 -46.47
C VAL GB 158 16.08 -54.59 -46.12
N ARG GB 159 16.70 -53.78 -46.99
CA ARG GB 159 18.07 -53.31 -46.79
C ARG GB 159 18.14 -51.84 -47.17
N VAL GB 160 18.55 -50.99 -46.23
CA VAL GB 160 18.63 -49.55 -46.43
C VAL GB 160 20.07 -49.11 -46.18
N GLU GB 161 20.64 -48.37 -47.13
CA GLU GB 161 22.02 -47.90 -47.04
C GLU GB 161 22.06 -46.38 -46.99
N ALA GB 162 22.92 -45.85 -46.14
CA ALA GB 162 23.12 -44.41 -45.99
C ALA GB 162 24.61 -44.09 -45.95
N THR GB 163 25.01 -43.04 -46.64
CA THR GB 163 26.39 -42.59 -46.66
C THR GB 163 26.55 -41.39 -45.76
N VAL GB 164 27.58 -41.40 -44.92
CA VAL GB 164 27.86 -40.27 -44.04
C VAL GB 164 28.48 -39.15 -44.85
N ILE GB 165 27.93 -37.94 -44.73
CA ILE GB 165 28.37 -36.81 -45.53
C ILE GB 165 29.21 -35.86 -44.70
N GLU GB 166 28.61 -35.29 -43.66
CA GLU GB 166 29.21 -34.20 -42.90
C GLU GB 166 29.11 -34.48 -41.41
N LYS GB 167 30.21 -34.28 -40.70
CA LYS GB 167 30.27 -34.41 -39.25
C LYS GB 167 30.57 -33.01 -38.70
N THR GB 168 29.52 -32.31 -38.27
CA THR GB 168 29.67 -30.90 -37.91
C THR GB 168 29.13 -30.63 -36.52
N GLU GB 169 28.99 -29.36 -36.16
CA GLU GB 169 28.38 -28.95 -34.90
C GLU GB 169 27.29 -27.93 -35.17
N SER GB 170 26.29 -27.92 -34.31
CA SER GB 170 25.11 -27.09 -34.50
C SER GB 170 25.41 -25.63 -34.17
N TRP GB 171 24.46 -24.76 -34.51
CA TRP GB 171 24.58 -23.36 -34.20
C TRP GB 171 24.47 -23.14 -32.69
N PRO GB 172 25.10 -22.10 -32.15
CA PRO GB 172 25.05 -21.87 -30.69
C PRO GB 172 23.64 -21.59 -30.19
N LYS GB 173 23.11 -22.52 -29.39
CA LYS GB 173 21.79 -22.40 -28.80
C LYS GB 173 21.91 -21.78 -27.42
N ILE GB 174 21.04 -20.82 -27.12
CA ILE GB 174 21.10 -20.04 -25.89
C ILE GB 174 20.26 -20.73 -24.83
N ASN GB 175 20.81 -20.90 -23.62
CA ASN GB 175 20.05 -21.41 -22.50
C ASN GB 175 20.25 -20.46 -21.32
N MET GB 176 19.24 -19.65 -21.01
CA MET GB 176 19.33 -18.67 -19.96
C MET GB 176 18.21 -18.87 -18.94
N LYS GB 177 18.59 -18.97 -17.67
CA LYS GB 177 17.64 -19.03 -16.56
C LYS GB 177 17.71 -17.71 -15.80
N PHE GB 178 16.54 -17.17 -15.46
CA PHE GB 178 16.43 -15.88 -14.81
C PHE GB 178 15.34 -15.95 -13.74
N GLN GB 179 15.65 -15.42 -12.56
CA GLN GB 179 14.72 -15.39 -11.45
C GLN GB 179 14.40 -13.95 -11.08
N LYS GB 180 13.12 -13.65 -10.92
CA LYS GB 180 12.69 -12.29 -10.60
C LYS GB 180 13.16 -11.88 -9.22
N ARG GB 181 13.74 -10.68 -9.13
CA ARG GB 181 14.15 -10.03 -7.88
C ARG GB 181 14.90 -10.98 -6.94
N LYS GB 182 15.62 -11.96 -7.51
CA LYS GB 182 16.49 -12.83 -6.74
C LYS GB 182 17.93 -12.78 -7.21
N ASN GB 183 18.23 -11.96 -8.22
CA ASN GB 183 19.60 -11.81 -8.74
C ASN GB 183 20.18 -13.15 -9.17
N TYR GB 184 19.37 -13.98 -9.80
CA TYR GB 184 19.82 -15.25 -10.36
C TYR GB 184 19.69 -15.17 -11.88
N GLN GB 185 20.82 -15.04 -12.55
CA GLN GB 185 20.92 -15.18 -14.00
C GLN GB 185 21.98 -16.23 -14.31
N ARG GB 186 21.69 -17.09 -15.27
CA ARG GB 186 22.63 -18.12 -15.69
C ARG GB 186 22.53 -18.28 -17.19
N LYS GB 187 23.63 -18.03 -17.90
CA LYS GB 187 23.69 -18.08 -19.34
C LYS GB 187 24.60 -19.22 -19.77
N ARG GB 188 24.14 -20.03 -20.73
CA ARG GB 188 24.92 -21.15 -21.24
C ARG GB 188 24.76 -21.23 -22.75
N ILE GB 189 25.80 -21.75 -23.40
CA ILE GB 189 25.84 -21.90 -24.84
C ILE GB 189 25.91 -23.39 -25.12
N THR GB 190 25.01 -23.89 -25.98
CA THR GB 190 25.00 -25.29 -26.37
C THR GB 190 25.40 -25.41 -27.84
N VAL GB 191 26.38 -26.27 -28.11
CA VAL GB 191 26.84 -26.55 -29.47
C VAL GB 191 26.79 -28.06 -29.63
N ASN GB 192 25.67 -28.57 -30.12
CA ASN GB 192 25.46 -30.01 -30.21
C ASN GB 192 26.13 -30.56 -31.46
N PRO GB 193 26.99 -31.58 -31.34
CA PRO GB 193 27.52 -32.24 -32.55
C PRO GB 193 26.40 -32.89 -33.35
N GLN GB 194 26.55 -32.85 -34.68
CA GLN GB 194 25.53 -33.38 -35.58
C GLN GB 194 26.20 -34.12 -36.73
N THR GB 195 25.44 -35.02 -37.33
CA THR GB 195 25.88 -35.82 -38.46
C THR GB 195 24.84 -35.74 -39.56
N VAL GB 196 25.30 -35.81 -40.81
CA VAL GB 196 24.41 -35.78 -41.97
C VAL GB 196 24.52 -37.12 -42.68
N LEU GB 197 23.38 -37.75 -42.93
CA LEU GB 197 23.32 -39.03 -43.63
C LEU GB 197 22.52 -38.87 -44.92
N ARG GB 198 23.05 -39.41 -46.01
CA ARG GB 198 22.37 -39.45 -47.29
C ARG GB 198 21.90 -40.88 -47.53
N ILE GB 199 20.58 -41.09 -47.45
CA ILE GB 199 20.00 -42.38 -47.78
C ILE GB 199 20.11 -42.57 -49.29
N ASN GB 200 20.83 -43.62 -49.71
CA ASN GB 200 21.14 -43.83 -51.11
C ASN GB 200 20.11 -44.73 -51.79
N SER GB 201 19.91 -45.94 -51.27
CA SER GB 201 19.06 -46.92 -51.90
C SER GB 201 18.29 -47.70 -50.86
N ILE GB 202 17.10 -48.17 -51.25
CA ILE GB 202 16.25 -49.02 -50.42
C ILE GB 202 15.89 -50.24 -51.25
N GLU GB 203 16.37 -51.41 -50.85
CA GLU GB 203 16.13 -52.64 -51.59
C GLU GB 203 15.20 -53.55 -50.81
N ILE GB 204 14.38 -54.29 -51.55
CA ILE GB 204 13.50 -55.32 -51.00
C ILE GB 204 13.75 -56.62 -51.75
N ALA GB 205 13.70 -57.74 -51.02
CA ALA GB 205 13.97 -59.03 -51.59
C ALA GB 205 12.69 -59.85 -51.71
N PRO GB 206 12.63 -60.80 -52.64
CA PRO GB 206 11.43 -61.63 -52.80
C PRO GB 206 11.28 -62.72 -51.74
N CYS GB 207 12.04 -62.67 -50.65
CA CYS GB 207 11.89 -63.64 -49.55
C CYS GB 207 10.79 -63.17 -48.61
N LEU GB 208 9.56 -63.24 -49.11
CA LEU GB 208 8.38 -62.79 -48.37
C LEU GB 208 7.40 -63.97 -48.35
N CYS GB 209 7.31 -64.63 -47.20
CA CYS GB 209 6.41 -65.77 -47.05
C CYS GB 209 5.03 -65.34 -46.59
N ILE HB 45 32.05 19.33 -35.63
CA ILE HB 45 31.10 19.46 -36.72
C ILE HB 45 31.49 18.57 -37.88
N SER HB 46 30.56 18.38 -38.82
CA SER HB 46 30.78 17.54 -39.99
C SER HB 46 30.47 18.34 -41.24
N ARG HB 47 31.37 18.28 -42.22
CA ARG HB 47 31.20 18.97 -43.51
C ARG HB 47 31.54 17.97 -44.62
N LYS HB 48 30.54 17.22 -45.06
CA LYS HB 48 30.70 16.27 -46.16
C LYS HB 48 29.83 16.57 -47.36
N TRP HB 49 28.77 17.36 -47.20
CA TRP HB 49 27.95 17.75 -48.34
C TRP HB 49 28.75 18.62 -49.31
N GLU HB 50 29.67 19.44 -48.78
CA GLU HB 50 30.58 20.19 -49.65
C GLU HB 50 31.49 19.25 -50.44
N LYS HB 51 32.03 18.23 -49.77
CA LYS HB 51 33.00 17.34 -50.40
C LYS HB 51 32.35 16.36 -51.36
N LYS HB 52 31.05 16.11 -51.22
CA LYS HB 52 30.36 15.23 -52.16
C LYS HB 52 30.29 15.80 -53.57
N ASN HB 53 30.58 17.09 -53.75
CA ASN HB 53 30.52 17.74 -55.04
C ASN HB 53 31.86 17.78 -55.76
N LYS HB 54 32.92 17.22 -55.16
CA LYS HB 54 34.26 17.31 -55.73
C LYS HB 54 34.75 15.97 -56.28
N ILE HB 55 33.89 14.98 -56.39
CA ILE HB 55 34.30 13.69 -56.92
C ILE HB 55 34.33 13.75 -58.45
N VAL HB 56 35.25 13.01 -59.05
CA VAL HB 56 35.43 12.98 -60.50
C VAL HB 56 35.26 11.56 -60.97
N TYR HB 57 34.38 11.36 -61.96
CA TYR HB 57 34.14 10.04 -62.52
C TYR HB 57 35.08 9.78 -63.70
N PRO HB 58 35.44 8.52 -63.93
CA PRO HB 58 36.23 8.21 -65.12
C PRO HB 58 35.43 8.44 -66.38
N PRO HB 59 36.08 8.75 -67.50
CA PRO HB 59 35.35 8.99 -68.74
C PRO HB 59 34.53 7.78 -69.16
N GLN HB 60 33.35 8.05 -69.71
CA GLN HB 60 32.45 6.98 -70.12
C GLN HB 60 32.85 6.44 -71.49
N LEU HB 61 32.91 5.11 -71.59
CA LEU HB 61 33.21 4.48 -72.87
C LEU HB 61 32.04 4.67 -73.83
N PRO HB 62 32.32 4.69 -75.14
CA PRO HB 62 31.23 4.84 -76.12
C PRO HB 62 30.23 3.70 -76.02
N GLY HB 63 28.95 4.04 -76.18
CA GLY HB 63 27.85 3.10 -76.04
C GLY HB 63 27.19 3.13 -74.68
N GLU HB 64 27.92 3.57 -73.65
CA GLU HB 64 27.35 3.71 -72.33
C GLU HB 64 26.35 4.88 -72.32
N PRO HB 65 25.20 4.71 -71.69
CA PRO HB 65 24.25 5.84 -71.59
C PRO HB 65 24.85 6.99 -70.79
N ARG HB 66 24.45 8.20 -71.15
CA ARG HB 66 24.98 9.39 -70.51
C ARG HB 66 24.55 9.44 -69.04
N ARG HB 67 25.53 9.69 -68.16
CA ARG HB 67 25.25 9.75 -66.73
C ARG HB 67 24.64 11.10 -66.37
N PRO HB 68 23.50 11.13 -65.69
CA PRO HB 68 22.92 12.41 -65.30
C PRO HB 68 23.79 13.15 -64.30
N ALA HB 69 23.77 14.48 -64.39
CA ALA HB 69 24.56 15.31 -63.51
C ALA HB 69 23.91 15.42 -62.14
N GLU HB 70 24.74 15.37 -61.10
CA GLU HB 70 24.31 15.47 -59.72
C GLU HB 70 25.00 16.67 -59.08
N ILE HB 71 24.22 17.57 -58.48
CA ILE HB 71 24.74 18.79 -57.88
C ILE HB 71 24.26 18.86 -56.44
N TYR HB 72 25.21 18.92 -55.51
CA TYR HB 72 24.92 19.00 -54.09
C TYR HB 72 25.22 20.41 -53.59
N HIS HB 73 24.27 20.99 -52.86
CA HIS HB 73 24.45 22.30 -52.26
C HIS HB 73 23.81 22.30 -50.89
N CYS HB 74 24.22 23.24 -50.04
CA CYS HB 74 23.64 23.32 -48.71
C CYS HB 74 23.92 24.68 -48.11
N ARG HB 75 23.03 25.08 -47.20
CA ARG HB 75 23.18 26.30 -46.41
C ARG HB 75 23.31 25.90 -44.94
N ARG HB 76 24.34 26.43 -44.28
CA ARG HB 76 24.66 26.06 -42.92
C ARG HB 76 24.32 27.18 -41.95
N GLN HB 77 23.86 26.79 -40.76
CA GLN HB 77 23.56 27.71 -39.66
C GLN HB 77 22.49 28.73 -40.07
N ILE HB 78 21.30 28.22 -40.35
CA ILE HB 78 20.13 29.05 -40.62
C ILE HB 78 19.34 29.18 -39.32
N LYS HB 79 18.94 30.40 -38.99
CA LYS HB 79 18.24 30.64 -37.73
C LYS HB 79 16.91 29.92 -37.65
N TYR HB 80 16.33 29.55 -38.79
CA TYR HB 80 15.01 28.97 -38.82
C TYR HB 80 15.04 27.54 -38.28
N SER HB 81 13.89 27.06 -37.82
CA SER HB 81 13.85 25.84 -37.04
C SER HB 81 13.95 24.59 -37.90
N LYS HB 82 14.43 23.51 -37.27
CA LYS HB 82 14.73 22.27 -37.99
C LYS HB 82 13.48 21.61 -38.55
N ASP HB 83 12.46 21.40 -37.71
CA ASP HB 83 11.25 20.75 -38.19
C ASP HB 83 10.47 21.64 -39.15
N LYS HB 84 10.42 22.93 -38.85
CA LYS HB 84 9.74 23.86 -39.74
C LYS HB 84 10.38 23.89 -41.11
N MET HB 85 11.71 23.75 -41.17
CA MET HB 85 12.39 23.68 -42.47
C MET HB 85 12.23 22.31 -43.11
N TRP HB 86 12.09 21.27 -42.29
CA TRP HB 86 11.81 19.96 -42.84
C TRP HB 86 10.49 19.96 -43.57
N TYR HB 87 9.51 20.73 -43.08
CA TYR HB 87 8.21 20.78 -43.75
C TYR HB 87 8.35 21.30 -45.17
N LEU HB 88 9.10 22.38 -45.37
CA LEU HB 88 9.32 22.91 -46.71
C LEU HB 88 10.18 21.98 -47.55
N ALA HB 89 11.19 21.35 -46.93
CA ALA HB 89 12.04 20.41 -47.64
C ALA HB 89 11.23 19.23 -48.18
N LYS HB 90 10.31 18.70 -47.37
CA LYS HB 90 9.41 17.67 -47.83
C LYS HB 90 8.46 18.19 -48.89
N LEU HB 91 8.02 19.45 -48.75
CA LEU HB 91 7.10 20.03 -49.74
C LEU HB 91 7.73 20.04 -51.12
N ILE HB 92 9.00 20.41 -51.23
CA ILE HB 92 9.63 20.59 -52.54
C ILE HB 92 10.43 19.36 -52.97
N ARG HB 93 10.13 18.19 -52.41
CA ARG HB 93 10.85 16.98 -52.77
C ARG HB 93 10.28 16.37 -54.06
N GLY HB 94 11.19 16.00 -54.97
CA GLY HB 94 10.83 15.20 -56.12
C GLY HB 94 10.25 15.95 -57.30
N MET HB 95 10.07 17.26 -57.19
CA MET HB 95 9.50 18.04 -58.28
C MET HB 95 10.60 18.76 -59.05
N SER HB 96 10.21 19.32 -60.19
CA SER HB 96 11.15 20.09 -61.01
C SER HB 96 11.57 21.36 -60.26
N ILE HB 97 12.74 21.88 -60.63
CA ILE HB 97 13.27 23.04 -59.93
C ILE HB 97 12.40 24.27 -60.15
N ASP HB 98 11.84 24.41 -61.36
CA ASP HB 98 10.96 25.55 -61.63
C ASP HB 98 9.70 25.47 -60.78
N GLN HB 99 9.11 24.28 -60.67
CA GLN HB 99 7.93 24.11 -59.84
C GLN HB 99 8.25 24.36 -58.36
N ALA HB 100 9.41 23.89 -57.91
CA ALA HB 100 9.82 24.13 -56.52
C ALA HB 100 9.97 25.61 -56.25
N LEU HB 101 10.60 26.35 -57.19
CA LEU HB 101 10.73 27.79 -57.02
C LEU HB 101 9.35 28.47 -57.03
N ALA HB 102 8.45 27.99 -57.88
CA ALA HB 102 7.10 28.56 -57.92
C ALA HB 102 6.39 28.39 -56.59
N GLN HB 103 6.50 27.20 -55.99
CA GLN HB 103 5.88 26.99 -54.69
C GLN HB 103 6.53 27.83 -53.59
N LEU HB 104 7.87 27.89 -53.59
CA LEU HB 104 8.57 28.61 -52.53
C LEU HB 104 8.39 30.11 -52.63
N GLU HB 105 8.13 30.63 -53.82
CA GLU HB 105 7.93 32.08 -53.94
C GLU HB 105 6.66 32.52 -53.22
N PHE HB 106 5.60 31.72 -53.29
CA PHE HB 106 4.33 32.06 -52.67
C PHE HB 106 4.12 31.39 -51.31
N SER HB 107 5.05 30.55 -50.87
CA SER HB 107 5.01 30.07 -49.50
C SER HB 107 5.24 31.22 -48.53
N ASP HB 108 4.47 31.23 -47.43
CA ASP HB 108 4.53 32.30 -46.45
C ASP HB 108 5.57 32.06 -45.36
N LYS HB 109 6.22 30.90 -45.34
CA LYS HB 109 7.20 30.59 -44.31
C LYS HB 109 8.44 31.48 -44.45
N LYS HB 110 9.14 31.64 -43.33
CA LYS HB 110 10.40 32.38 -43.36
C LYS HB 110 11.49 31.59 -44.09
N GLY HB 111 11.49 30.26 -43.96
CA GLY HB 111 12.47 29.43 -44.63
C GLY HB 111 12.25 29.28 -46.11
N ALA HB 112 11.10 29.70 -46.63
CA ALA HB 112 10.84 29.60 -48.05
C ALA HB 112 11.83 30.43 -48.85
N GLN HB 113 12.13 31.64 -48.39
CA GLN HB 113 13.10 32.48 -49.10
C GLN HB 113 14.50 31.89 -49.03
N ILE HB 114 14.87 31.31 -47.88
CA ILE HB 114 16.18 30.69 -47.74
C ILE HB 114 16.31 29.51 -48.72
N ILE HB 115 15.27 28.68 -48.78
CA ILE HB 115 15.32 27.53 -49.69
C ILE HB 115 15.33 27.99 -51.14
N LYS HB 116 14.59 29.07 -51.45
CA LYS HB 116 14.60 29.60 -52.80
C LYS HB 116 15.99 30.10 -53.19
N GLU HB 117 16.66 30.81 -52.28
CA GLU HB 117 18.01 31.27 -52.55
C GLU HB 117 18.97 30.11 -52.74
N VAL HB 118 18.84 29.07 -51.90
CA VAL HB 118 19.70 27.89 -52.04
C VAL HB 118 19.47 27.21 -53.39
N LEU HB 119 18.21 27.08 -53.80
CA LEU HB 119 17.90 26.45 -55.08
C LEU HB 119 18.45 27.28 -56.24
N LEU HB 120 18.32 28.61 -56.17
CA LEU HB 120 18.85 29.45 -57.22
C LEU HB 120 20.36 29.35 -57.32
N GLU HB 121 21.05 29.32 -56.16
CA GLU HB 121 22.49 29.15 -56.17
C GLU HB 121 22.90 27.80 -56.74
N ALA HB 122 22.15 26.75 -56.40
CA ALA HB 122 22.45 25.43 -56.93
C ALA HB 122 22.25 25.39 -58.44
N GLN HB 123 21.19 26.04 -58.94
CA GLN HB 123 20.96 26.10 -60.38
C GLN HB 123 22.07 26.86 -61.08
N ASP HB 124 22.50 27.98 -60.51
CA ASP HB 124 23.57 28.75 -61.12
C ASP HB 124 24.87 27.96 -61.16
N MET HB 125 25.20 27.26 -60.08
CA MET HB 125 26.42 26.45 -60.06
C MET HB 125 26.31 25.29 -61.04
N ALA HB 126 25.13 24.67 -61.14
CA ALA HB 126 24.95 23.58 -62.08
C ALA HB 126 25.15 24.05 -63.51
N VAL HB 127 24.67 25.25 -63.84
CA VAL HB 127 24.87 25.78 -65.18
C VAL HB 127 26.34 26.13 -65.42
N ARG HB 128 26.97 26.79 -64.44
CA ARG HB 128 28.30 27.34 -64.68
C ARG HB 128 29.40 26.28 -64.52
N ASP HB 129 29.55 25.73 -63.31
CA ASP HB 129 30.65 24.82 -63.05
C ASP HB 129 30.45 23.48 -63.76
N HIS HB 130 29.38 22.78 -63.41
CA HIS HB 130 29.09 21.50 -64.04
C HIS HB 130 28.58 21.71 -65.46
N ASN HB 131 28.88 20.76 -66.34
CA ASN HB 131 28.47 20.83 -67.74
C ASN HB 131 27.00 20.43 -67.82
N VAL HB 132 26.13 21.38 -67.49
CA VAL HB 132 24.68 21.17 -67.50
C VAL HB 132 24.07 22.29 -68.32
N GLU HB 133 23.62 21.96 -69.52
CA GLU HB 133 22.77 22.88 -70.28
C GLU HB 133 21.33 22.71 -69.84
N PHE HB 134 20.45 23.56 -70.38
CA PHE HB 134 19.02 23.52 -70.09
C PHE HB 134 18.77 23.66 -68.58
N ARG HB 135 19.04 24.88 -68.08
CA ARG HB 135 18.94 25.18 -66.66
C ARG HB 135 17.58 24.78 -66.07
N SER HB 136 16.57 24.53 -66.90
CA SER HB 136 15.28 24.06 -66.43
C SER HB 136 15.16 22.55 -66.43
N ASN HB 137 16.23 21.83 -66.74
CA ASN HB 137 16.20 20.37 -66.83
C ASN HB 137 16.76 19.71 -65.58
N LEU HB 138 16.53 20.30 -64.41
CA LEU HB 138 16.96 19.75 -63.14
C LEU HB 138 15.75 19.49 -62.26
N TYR HB 139 15.84 18.44 -61.44
CA TYR HB 139 14.80 18.16 -60.47
C TYR HB 139 15.42 17.90 -59.10
N VAL HB 140 14.67 18.20 -58.06
CA VAL HB 140 15.15 18.11 -56.68
C VAL HB 140 15.08 16.66 -56.25
N ALA HB 141 16.20 15.94 -56.38
CA ALA HB 141 16.24 14.54 -55.97
C ALA HB 141 16.22 14.41 -54.45
N GLU HB 142 16.97 15.26 -53.75
CA GLU HB 142 17.02 15.21 -52.29
C GLU HB 142 16.83 16.60 -51.71
N SER HB 143 16.10 16.69 -50.60
CA SER HB 143 15.89 17.97 -49.92
C SER HB 143 15.65 17.65 -48.44
N THR HB 144 16.63 17.98 -47.61
CA THR HB 144 16.67 17.58 -46.21
C THR HB 144 17.01 18.78 -45.33
N SER HB 145 16.56 18.73 -44.08
CA SER HB 145 16.92 19.73 -43.09
C SER HB 145 17.42 19.03 -41.84
N GLY HB 146 18.60 19.43 -41.36
CA GLY HB 146 19.15 18.95 -40.12
C GLY HB 146 19.38 20.08 -39.13
N ARG HB 147 19.81 19.70 -37.93
CA ARG HB 147 20.06 20.66 -36.87
C ARG HB 147 21.55 20.98 -36.78
N GLY HB 148 21.86 22.23 -36.43
CA GLY HB 148 23.22 22.68 -36.26
C GLY HB 148 23.60 22.87 -34.81
N GLN HB 149 24.38 23.90 -34.56
CA GLN HB 149 24.82 24.24 -33.22
C GLN HB 149 23.88 25.26 -32.60
N TYR HB 150 23.37 24.97 -31.42
CA TYR HB 150 22.40 25.83 -30.76
C TYR HB 150 23.08 26.75 -29.75
N LEU HB 151 22.31 27.72 -29.26
CA LEU HB 151 22.77 28.65 -28.23
C LEU HB 151 21.83 28.54 -27.04
N LYS HB 152 22.41 28.45 -25.84
CA LYS HB 152 21.63 28.27 -24.62
C LYS HB 152 21.50 29.60 -23.89
N ARG HB 153 20.25 29.97 -23.57
CA ARG HB 153 19.95 31.19 -22.86
C ARG HB 153 19.01 30.86 -21.70
N ILE HB 154 18.64 31.89 -20.94
CA ILE HB 154 17.76 31.74 -19.78
C ILE HB 154 16.41 32.34 -20.12
N ARG HB 155 15.35 31.58 -19.87
CA ARG HB 155 13.98 32.06 -19.99
C ARG HB 155 13.42 32.22 -18.57
N TYR HB 156 13.13 33.46 -18.20
CA TYR HB 156 12.63 33.75 -16.87
C TYR HB 156 11.14 33.42 -16.76
N HIS HB 157 10.76 32.83 -15.63
CA HIS HB 157 9.42 32.29 -15.45
C HIS HB 157 8.62 33.05 -14.39
N GLY HB 158 9.14 33.15 -13.17
CA GLY HB 158 8.40 33.69 -12.05
C GLY HB 158 8.67 32.84 -10.83
N ARG HB 159 8.47 33.44 -9.66
CA ARG HB 159 8.85 32.83 -8.38
C ARG HB 159 10.33 32.48 -8.34
N GLY HB 160 11.15 33.23 -9.08
CA GLY HB 160 12.57 32.98 -9.09
C GLY HB 160 13.00 31.77 -9.89
N ARG HB 161 12.09 31.19 -10.67
CA ARG HB 161 12.40 30.02 -11.48
C ARG HB 161 12.82 30.45 -12.88
N PHE HB 162 13.37 29.49 -13.64
CA PHE HB 162 13.90 29.78 -14.96
C PHE HB 162 13.83 28.52 -15.81
N GLY HB 163 14.03 28.71 -17.12
CA GLY HB 163 14.11 27.59 -18.03
C GLY HB 163 15.27 27.78 -19.00
N ILE HB 164 15.62 26.70 -19.67
CA ILE HB 164 16.73 26.71 -20.62
C ILE HB 164 16.16 26.97 -22.01
N MET HB 165 16.21 28.23 -22.44
CA MET HB 165 15.80 28.61 -23.79
C MET HB 165 16.92 28.29 -24.76
N GLU HB 166 16.58 27.63 -25.86
CA GLU HB 166 17.55 27.13 -26.81
C GLU HB 166 17.36 27.86 -28.14
N LYS HB 167 18.39 28.55 -28.60
CA LYS HB 167 18.34 29.26 -29.88
C LYS HB 167 18.69 28.29 -30.99
N VAL HB 168 17.70 27.93 -31.79
CA VAL HB 168 17.85 26.83 -32.75
C VAL HB 168 18.48 27.35 -34.04
N PHE HB 169 19.32 26.52 -34.64
CA PHE HB 169 19.90 26.76 -35.96
C PHE HB 169 19.81 25.48 -36.77
N CYS HB 170 19.61 25.61 -38.08
CA CYS HB 170 19.43 24.43 -38.92
C CYS HB 170 20.29 24.55 -40.17
N HIS HB 171 20.57 23.38 -40.74
CA HIS HB 171 21.23 23.25 -42.03
C HIS HB 171 20.22 22.72 -43.04
N TYR HB 172 20.30 23.23 -44.27
CA TYR HB 172 19.44 22.78 -45.36
C TYR HB 172 20.31 22.19 -46.45
N PHE HB 173 20.09 20.91 -46.78
CA PHE HB 173 20.82 20.21 -47.82
C PHE HB 173 19.89 19.97 -49.00
N VAL HB 174 20.39 20.21 -50.22
CA VAL HB 174 19.64 19.95 -51.43
C VAL HB 174 20.55 19.25 -52.43
N LYS HB 175 19.98 18.29 -53.14
CA LYS HB 175 20.66 17.60 -54.23
C LYS HB 175 19.76 17.61 -55.44
N LEU HB 176 20.30 18.11 -56.55
CA LEU HB 176 19.58 18.25 -57.81
C LEU HB 176 20.16 17.26 -58.82
N VAL HB 177 19.29 16.66 -59.62
CA VAL HB 177 19.70 15.71 -60.66
C VAL HB 177 19.18 16.22 -62.00
N GLU HB 178 20.05 16.20 -63.00
CA GLU HB 178 19.65 16.61 -64.35
C GLU HB 178 18.69 15.59 -64.94
N GLY HB 179 17.64 16.09 -65.61
CA GLY HB 179 16.67 15.22 -66.24
C GLY HB 179 15.25 15.53 -65.79
N PRO HB 180 14.26 14.99 -66.51
CA PRO HB 180 12.88 15.20 -66.12
C PRO HB 180 12.59 14.52 -64.78
N PRO HB 181 11.67 15.06 -64.00
CA PRO HB 181 11.35 14.45 -62.71
C PRO HB 181 10.78 13.06 -62.88
N PRO HB 182 11.12 12.13 -61.99
CA PRO HB 182 10.52 10.79 -62.07
C PRO HB 182 9.03 10.85 -61.78
N PRO HB 183 8.24 9.99 -62.41
CA PRO HB 183 6.80 10.02 -62.17
C PRO HB 183 6.45 9.61 -60.74
N ARG HB 184 5.38 10.21 -60.23
CA ARG HB 184 4.91 9.87 -58.89
C ARG HB 184 4.29 8.48 -58.90
N GLU HB 185 4.49 7.76 -57.79
CA GLU HB 185 3.95 6.40 -57.69
C GLU HB 185 2.43 6.44 -57.60
N ALA HB 186 1.77 5.62 -58.40
CA ALA HB 186 0.31 5.55 -58.38
C ALA HB 186 -0.15 4.59 -57.29
N PRO HB 187 -1.34 4.82 -56.74
CA PRO HB 187 -1.88 3.87 -55.75
C PRO HB 187 -2.09 2.50 -56.38
N LYS HB 188 -1.90 1.46 -55.56
CA LYS HB 188 -2.02 0.09 -56.04
C LYS HB 188 -3.44 -0.18 -56.51
N THR HB 189 -3.57 -0.77 -57.69
CA THR HB 189 -4.87 -1.03 -58.29
C THR HB 189 -5.44 -2.36 -57.81
N ALA HB 190 -6.72 -2.59 -58.13
CA ALA HB 190 -7.39 -3.81 -57.72
C ALA HB 190 -6.76 -5.02 -58.39
N VAL HB 191 -6.38 -4.90 -59.66
CA VAL HB 191 -5.74 -6.02 -60.36
C VAL HB 191 -4.42 -6.39 -59.70
N ALA HB 192 -3.61 -5.39 -59.36
CA ALA HB 192 -2.34 -5.66 -58.69
C ALA HB 192 -2.56 -6.26 -57.31
N HIS HB 193 -3.55 -5.76 -56.56
CA HIS HB 193 -3.84 -6.32 -55.25
C HIS HB 193 -4.26 -7.78 -55.35
N ALA HB 194 -5.13 -8.10 -56.31
CA ALA HB 194 -5.55 -9.49 -56.50
C ALA HB 194 -4.38 -10.36 -56.93
N ARG HB 195 -3.50 -9.83 -57.79
CA ARG HB 195 -2.34 -10.60 -58.21
C ARG HB 195 -1.43 -10.93 -57.04
N GLU HB 196 -1.16 -9.96 -56.17
CA GLU HB 196 -0.31 -10.22 -55.01
C GLU HB 196 -0.98 -11.18 -54.04
N TYR HB 197 -2.31 -11.04 -53.85
CA TYR HB 197 -3.01 -11.97 -52.96
C TYR HB 197 -2.93 -13.40 -53.50
N ILE HB 198 -3.15 -13.57 -54.81
CA ILE HB 198 -3.08 -14.91 -55.39
C ILE HB 198 -1.67 -15.46 -55.30
N GLN HB 199 -0.66 -14.62 -55.52
CA GLN HB 199 0.72 -15.08 -55.43
C GLN HB 199 1.05 -15.52 -54.00
N GLU HB 200 0.59 -14.77 -53.00
CA GLU HB 200 0.84 -15.17 -51.62
C GLU HB 200 0.07 -16.44 -51.26
N LEU HB 201 -1.12 -16.64 -51.84
CA LEU HB 201 -1.83 -17.90 -51.62
C LEU HB 201 -1.08 -19.07 -52.24
N ARG HB 202 -0.52 -18.88 -53.44
CA ARG HB 202 0.22 -19.96 -54.09
C ARG HB 202 1.59 -20.19 -53.46
N ASN HB 203 2.14 -19.20 -52.77
CA ASN HB 203 3.43 -19.38 -52.11
C ASN HB 203 3.36 -20.26 -50.87
N ARG HB 204 2.16 -20.65 -50.44
CA ARG HB 204 2.01 -21.44 -49.23
C ARG HB 204 2.69 -22.80 -49.38
N THR HB 205 3.23 -23.29 -48.26
CA THR HB 205 3.78 -24.62 -48.18
C THR HB 205 3.25 -25.29 -46.91
N ILE HB 206 3.27 -26.62 -46.90
CA ILE HB 206 2.72 -27.37 -45.77
C ILE HB 206 3.80 -27.37 -44.69
N THR HB 207 3.66 -26.48 -43.71
CA THR HB 207 4.70 -26.30 -42.71
C THR HB 207 4.69 -27.42 -41.68
N HIS HB 208 5.87 -27.78 -41.20
CA HIS HB 208 6.04 -28.81 -40.18
C HIS HB 208 5.38 -30.12 -40.59
N ALA HB 209 5.60 -30.51 -41.84
CA ALA HB 209 4.88 -31.64 -42.43
C ALA HB 209 5.75 -32.82 -42.80
N LEU HB 210 6.85 -32.57 -43.51
CA LEU HB 210 7.66 -33.66 -44.06
C LEU HB 210 8.40 -34.41 -42.97
N ALA IB 2 56.22 69.09 -13.22
CA ALA IB 2 56.66 67.70 -13.37
C ALA IB 2 55.72 66.75 -12.66
N ARG IB 3 55.77 65.48 -13.03
CA ARG IB 3 54.92 64.45 -12.46
C ARG IB 3 55.76 63.29 -11.96
N ASN IB 4 55.18 62.51 -11.05
CA ASN IB 4 55.84 61.36 -10.43
C ASN IB 4 57.11 61.76 -9.69
N VAL IB 5 57.14 63.01 -9.19
CA VAL IB 5 58.28 63.52 -8.44
C VAL IB 5 57.77 64.11 -7.14
N LEU IB 6 58.66 64.21 -6.16
CA LEU IB 6 58.32 64.68 -4.83
C LEU IB 6 58.59 66.18 -4.75
N TYR IB 7 57.53 66.98 -4.77
CA TYR IB 7 57.67 68.43 -4.66
C TYR IB 7 58.14 68.79 -3.26
N PRO IB 8 59.13 69.68 -3.13
CA PRO IB 8 59.57 70.09 -1.79
C PRO IB 8 58.45 70.76 -1.01
N LEU IB 9 58.41 70.48 0.29
CA LEU IB 9 57.40 71.08 1.15
C LEU IB 9 57.62 72.58 1.23
N TYR IB 10 56.53 73.34 1.12
CA TYR IB 10 56.59 74.79 1.21
C TYR IB 10 56.23 75.24 2.61
N GLN IB 11 57.06 76.11 3.16
CA GLN IB 11 56.82 76.76 4.44
C GLN IB 11 57.10 78.25 4.26
N LEU IB 12 56.71 79.04 5.27
CA LEU IB 12 56.82 80.49 5.14
C LEU IB 12 58.27 80.90 4.95
N GLY IB 13 58.52 81.66 3.88
CA GLY IB 13 59.86 82.11 3.56
C GLY IB 13 60.69 81.17 2.73
N ASN IB 14 60.09 80.08 2.23
CA ASN IB 14 60.83 79.11 1.45
C ASN IB 14 61.16 79.66 0.06
N PRO IB 15 62.19 79.11 -0.60
CA PRO IB 15 62.50 79.54 -1.96
C PRO IB 15 61.41 79.17 -2.94
N GLN IB 16 61.37 79.91 -4.05
CA GLN IB 16 60.40 79.63 -5.11
C GLN IB 16 60.70 78.28 -5.74
N LEU IB 17 59.65 77.49 -5.96
CA LEU IB 17 59.80 76.15 -6.52
C LEU IB 17 60.05 76.25 -8.02
N ARG IB 18 61.15 75.67 -8.49
CA ARG IB 18 61.54 75.71 -9.89
C ARG IB 18 61.68 74.29 -10.42
N VAL IB 19 61.14 74.06 -11.61
CA VAL IB 19 61.27 72.79 -12.32
C VAL IB 19 62.07 73.05 -13.59
N PHE IB 20 63.16 72.31 -13.77
CA PHE IB 20 64.07 72.57 -14.87
C PHE IB 20 63.73 71.73 -16.10
N ARG IB 21 63.61 70.42 -15.92
CA ARG IB 21 63.23 69.51 -17.01
C ARG IB 21 61.83 69.00 -16.70
N THR IB 22 60.83 69.60 -17.34
CA THR IB 22 59.45 69.22 -17.09
C THR IB 22 59.17 67.81 -17.63
N ASN IB 23 58.32 67.09 -16.89
CA ASN IB 23 57.93 65.73 -17.26
C ASN IB 23 56.56 65.69 -17.92
N PHE IB 24 56.00 66.85 -18.27
CA PHE IB 24 54.65 66.93 -18.81
C PHE IB 24 54.70 66.96 -20.33
N PHE IB 25 53.91 66.09 -20.95
CA PHE IB 25 53.76 66.05 -22.41
C PHE IB 25 52.29 66.21 -22.76
N ILE IB 26 51.99 67.19 -23.60
CA ILE IB 26 50.63 67.51 -23.96
C ILE IB 26 50.44 67.26 -25.45
N GLN IB 27 49.18 67.13 -25.86
CA GLN IB 27 48.82 66.94 -27.25
C GLN IB 27 47.81 68.01 -27.66
N LEU IB 28 47.92 68.46 -28.89
CA LEU IB 28 46.96 69.42 -29.46
C LEU IB 28 45.96 68.64 -30.30
N VAL IB 29 44.69 68.72 -29.92
CA VAL IB 29 43.66 67.90 -30.55
C VAL IB 29 42.66 68.79 -31.26
N ARG IB 30 42.07 68.26 -32.32
CA ARG IB 30 41.00 68.97 -33.02
C ARG IB 30 39.71 68.86 -32.23
N PRO IB 31 39.04 69.97 -31.91
CA PRO IB 31 37.81 69.88 -31.14
C PRO IB 31 36.74 69.06 -31.87
N GLY IB 32 36.05 68.21 -31.11
CA GLY IB 32 34.94 67.47 -31.66
C GLY IB 32 33.64 68.26 -31.72
N THR IB 33 33.62 69.43 -31.10
CA THR IB 33 32.46 70.32 -31.07
C THR IB 33 32.89 71.69 -31.56
N ALA IB 34 31.95 72.41 -32.19
CA ALA IB 34 32.25 73.72 -32.76
C ALA IB 34 32.63 74.68 -31.63
N GLN IB 35 33.91 75.03 -31.57
CA GLN IB 35 34.47 75.96 -30.60
C GLN IB 35 34.66 77.34 -31.23
N PRO IB 36 34.72 78.39 -30.41
CA PRO IB 36 35.05 79.71 -30.95
C PRO IB 36 36.47 79.74 -31.49
N GLU IB 37 36.77 80.81 -32.23
CA GLU IB 37 38.03 80.88 -32.97
C GLU IB 37 39.24 80.95 -32.04
N ASP IB 38 39.09 81.54 -30.86
CA ASP IB 38 40.20 81.77 -29.96
C ASP IB 38 40.45 80.61 -28.99
N THR IB 39 39.72 79.51 -29.13
CA THR IB 39 39.82 78.38 -28.21
C THR IB 39 40.62 77.25 -28.85
N VAL IB 40 41.56 76.70 -28.08
CA VAL IB 40 42.46 75.64 -28.52
C VAL IB 40 42.32 74.49 -27.53
N GLN IB 41 42.19 73.27 -28.06
CA GLN IB 41 41.91 72.11 -27.23
C GLN IB 41 43.16 71.25 -27.09
N PHE IB 42 43.55 70.98 -25.84
CA PHE IB 42 44.70 70.15 -25.52
C PHE IB 42 44.26 68.94 -24.70
N ARG IB 43 44.98 67.84 -24.87
CA ARG IB 43 44.90 66.69 -23.98
C ARG IB 43 46.17 66.68 -23.15
N ILE IB 44 46.02 66.81 -21.84
CA ILE IB 44 47.14 67.05 -20.94
C ILE IB 44 47.18 65.91 -19.93
N PRO IB 45 48.35 65.67 -19.33
CA PRO IB 45 48.43 64.65 -18.28
C PRO IB 45 47.55 65.02 -17.10
N MET IB 46 47.06 63.98 -16.41
CA MET IB 46 46.09 64.17 -15.33
C MET IB 46 46.66 64.92 -14.15
N GLU IB 47 47.98 65.05 -14.05
CA GLU IB 47 48.63 65.75 -12.94
C GLU IB 47 48.86 67.22 -13.23
N MET IB 48 48.42 67.72 -14.38
CA MET IB 48 48.65 69.11 -14.76
C MET IB 48 47.48 69.99 -14.31
N THR IB 49 47.79 71.20 -13.90
CA THR IB 49 46.81 72.18 -13.47
C THR IB 49 46.72 73.31 -14.50
N ARG IB 50 45.75 74.21 -14.28
CA ARG IB 50 45.59 75.34 -15.17
C ARG IB 50 46.81 76.24 -15.17
N VAL IB 51 47.37 76.52 -13.99
CA VAL IB 51 48.56 77.36 -13.91
C VAL IB 51 49.75 76.67 -14.58
N ASP IB 52 49.86 75.36 -14.40
CA ASP IB 52 50.94 74.63 -15.04
C ASP IB 52 50.83 74.68 -16.56
N LEU IB 53 49.62 74.51 -17.09
CA LEU IB 53 49.45 74.57 -18.55
C LEU IB 53 49.69 75.99 -19.06
N ARG IB 54 49.26 77.00 -18.31
CA ARG IB 54 49.50 78.38 -18.72
C ARG IB 54 50.99 78.67 -18.80
N ASN IB 55 51.75 78.24 -17.78
CA ASN IB 55 53.20 78.42 -17.82
C ASN IB 55 53.82 77.62 -18.96
N TYR IB 56 53.35 76.40 -19.17
CA TYR IB 56 53.86 75.54 -20.23
C TYR IB 56 53.70 76.19 -21.60
N LEU IB 57 52.53 76.78 -21.86
CA LEU IB 57 52.28 77.41 -23.15
C LEU IB 57 52.97 78.77 -23.27
N GLU IB 58 53.06 79.53 -22.18
CA GLU IB 58 53.64 80.86 -22.25
C GLU IB 58 55.17 80.84 -22.32
N ARG IB 59 55.81 79.83 -21.75
CA ARG IB 59 57.26 79.80 -21.69
C ARG IB 59 57.88 78.92 -22.77
N ILE IB 60 57.43 77.68 -22.91
CA ILE IB 60 58.03 76.78 -23.88
C ILE IB 60 57.68 77.20 -25.31
N TYR IB 61 56.43 77.59 -25.54
CA TYR IB 61 55.97 77.89 -26.89
C TYR IB 61 55.71 79.37 -27.13
N ASN IB 62 55.75 80.21 -26.09
CA ASN IB 62 55.53 81.65 -26.21
C ASN IB 62 54.18 81.95 -26.87
N VAL IB 63 53.12 81.49 -26.22
CA VAL IB 63 51.75 81.63 -26.70
C VAL IB 63 51.02 82.58 -25.74
N PRO IB 64 50.47 83.70 -26.23
CA PRO IB 64 49.75 84.61 -25.34
C PRO IB 64 48.38 84.08 -24.96
N VAL IB 65 48.31 83.23 -23.94
CA VAL IB 65 47.05 82.64 -23.51
C VAL IB 65 46.33 83.62 -22.58
N ALA IB 66 45.01 83.50 -22.52
CA ALA IB 66 44.19 84.34 -21.66
C ALA IB 66 43.43 83.54 -20.61
N ALA IB 67 42.77 82.46 -21.00
CA ALA IB 67 42.00 81.64 -20.08
C ALA IB 67 42.32 80.17 -20.28
N VAL IB 68 42.21 79.40 -19.20
CA VAL IB 68 42.37 77.94 -19.26
C VAL IB 68 41.26 77.31 -18.42
N ARG IB 69 40.55 76.35 -19.02
CA ARG IB 69 39.52 75.61 -18.31
C ARG IB 69 39.72 74.12 -18.54
N THR IB 70 39.78 73.35 -17.47
CA THR IB 70 40.12 71.94 -17.54
C THR IB 70 38.95 71.07 -17.07
N ARG IB 71 38.90 69.85 -17.59
CA ARG IB 71 37.94 68.85 -17.14
C ARG IB 71 38.59 67.48 -17.26
N VAL IB 72 38.00 66.50 -16.58
CA VAL IB 72 38.49 65.13 -16.58
C VAL IB 72 37.48 64.27 -17.33
N GLN IB 73 37.92 63.68 -18.44
CA GLN IB 73 37.09 62.78 -19.23
C GLN IB 73 37.36 61.35 -18.81
N TYR IB 74 36.28 60.62 -18.51
CA TYR IB 74 36.33 59.27 -17.99
C TYR IB 74 36.31 58.26 -19.14
N GLY IB 75 37.28 57.37 -19.16
CA GLY IB 75 37.33 56.34 -20.19
C GLY IB 75 36.40 55.18 -19.88
N SER IB 76 35.84 54.60 -20.94
CA SER IB 76 34.85 53.55 -20.80
C SER IB 76 35.47 52.29 -20.19
N ASN IB 77 34.72 51.64 -19.31
CA ASN IB 77 35.13 50.40 -18.68
C ASN IB 77 34.12 49.29 -18.93
N ARG IB 78 33.38 49.39 -20.03
CA ARG IB 78 32.32 48.43 -20.33
C ARG IB 78 32.80 47.27 -21.19
N ARG IB 79 33.73 47.50 -22.10
CA ARG IB 79 34.21 46.45 -22.98
C ARG IB 79 34.85 45.32 -22.19
N ARG IB 80 34.51 44.09 -22.53
CA ARG IB 80 34.99 42.91 -21.84
C ARG IB 80 36.01 42.17 -22.68
N ASP IB 81 37.01 41.61 -22.01
CA ASP IB 81 38.02 40.80 -22.67
C ASP IB 81 37.46 39.44 -23.00
N HIS IB 82 38.28 38.57 -23.60
CA HIS IB 82 37.86 37.20 -23.85
C HIS IB 82 37.74 36.38 -22.57
N ARG IB 83 38.28 36.88 -21.45
CA ARG IB 83 38.15 36.24 -20.16
C ARG IB 83 37.04 36.87 -19.32
N ASN IB 84 36.15 37.65 -19.94
CA ASN IB 84 35.08 38.36 -19.25
C ASN IB 84 35.63 39.32 -18.20
N ILE IB 85 36.78 39.93 -18.47
CA ILE IB 85 37.40 40.92 -17.60
C ILE IB 85 37.28 42.28 -18.27
N ARG IB 86 36.79 43.27 -17.51
CA ARG IB 86 36.58 44.59 -18.05
C ARG IB 86 37.88 45.23 -18.49
N ILE IB 87 37.87 45.86 -19.66
CA ILE IB 87 39.01 46.59 -20.19
C ILE IB 87 38.68 48.07 -20.10
N LYS IB 88 39.51 48.82 -19.38
CA LYS IB 88 39.26 50.23 -19.12
C LYS IB 88 40.15 51.09 -20.02
N LYS IB 89 39.53 51.97 -20.79
CA LYS IB 89 40.28 53.00 -21.47
C LYS IB 89 40.72 54.06 -20.46
N PRO IB 90 41.97 54.51 -20.52
CA PRO IB 90 42.46 55.44 -19.50
C PRO IB 90 41.71 56.76 -19.51
N ASP IB 91 41.49 57.31 -18.32
CA ASP IB 91 40.94 58.65 -18.19
C ASP IB 91 41.96 59.67 -18.65
N TYR IB 92 41.47 60.82 -19.13
CA TYR IB 92 42.40 61.84 -19.60
C TYR IB 92 41.85 63.24 -19.30
N LYS IB 93 42.76 64.18 -19.15
CA LYS IB 93 42.40 65.56 -18.84
C LYS IB 93 42.35 66.38 -20.12
N VAL IB 94 41.25 67.10 -20.32
CA VAL IB 94 41.03 67.93 -21.50
C VAL IB 94 41.04 69.39 -21.06
N ALA IB 95 41.83 70.21 -21.74
CA ALA IB 95 41.97 71.62 -21.41
C ALA IB 95 41.60 72.47 -22.61
N TYR IB 96 40.87 73.55 -22.35
CA TYR IB 96 40.50 74.53 -23.35
C TYR IB 96 41.21 75.84 -23.01
N VAL IB 97 41.98 76.35 -23.97
CA VAL IB 97 42.81 77.53 -23.78
C VAL IB 97 42.29 78.62 -24.70
N GLN IB 98 41.88 79.74 -24.11
CA GLN IB 98 41.41 80.90 -24.86
C GLN IB 98 42.54 81.91 -24.97
N LEU IB 99 42.86 82.30 -26.20
CA LEU IB 99 43.99 83.17 -26.48
C LEU IB 99 43.66 84.62 -26.14
N ALA IB 100 44.71 85.43 -25.99
CA ALA IB 100 44.60 86.75 -25.39
C ALA IB 100 44.58 87.88 -26.41
N LEU IB 101 45.60 87.96 -27.27
CA LEU IB 101 45.82 89.12 -28.12
C LEU IB 101 44.89 89.15 -29.34
N GLY IB 102 43.80 88.39 -29.33
CA GLY IB 102 42.92 88.33 -30.48
C GLY IB 102 43.32 87.33 -31.53
N GLN IB 103 44.35 86.53 -31.28
CA GLN IB 103 44.76 85.50 -32.22
C GLN IB 103 43.69 84.42 -32.33
N THR IB 104 43.41 84.01 -33.57
CA THR IB 104 42.44 82.97 -33.84
C THR IB 104 43.17 81.74 -34.39
N PHE IB 105 42.91 80.59 -33.77
CA PHE IB 105 43.55 79.34 -34.15
C PHE IB 105 42.52 78.40 -34.76
N THR IB 106 42.82 77.90 -35.96
CA THR IB 106 42.01 76.89 -36.62
C THR IB 106 42.89 75.68 -36.89
N PHE IB 107 42.40 74.51 -36.52
CA PHE IB 107 43.19 73.29 -36.67
C PHE IB 107 43.43 73.02 -38.15
N PRO IB 108 44.68 72.83 -38.57
CA PRO IB 108 44.97 72.66 -39.99
C PRO IB 108 44.59 71.27 -40.49
N ASP IB 109 44.58 71.14 -41.82
CA ASP IB 109 44.35 69.85 -42.48
C ASP IB 109 45.71 69.17 -42.61
N LEU IB 110 46.00 68.25 -41.70
CA LEU IB 110 47.30 67.60 -41.65
C LEU IB 110 47.45 66.47 -42.66
N PHE IB 111 46.39 66.11 -43.38
CA PHE IB 111 46.43 65.06 -44.39
C PHE IB 111 45.78 65.55 -45.67
N PRO IB 112 46.43 66.47 -46.39
CA PRO IB 112 45.86 66.94 -47.66
C PRO IB 112 45.99 65.90 -48.74
N GLU IB 113 44.87 65.59 -49.39
CA GLU IB 113 44.87 64.62 -50.48
C GLU IB 113 45.67 65.15 -51.66
N ARG IB 114 46.39 64.25 -52.32
CA ARG IB 114 47.26 64.60 -53.44
C ARG IB 114 46.56 64.27 -54.76
N LYS IB 115 46.59 65.21 -55.69
CA LYS IB 115 46.00 64.97 -57.01
C LYS IB 115 46.76 63.87 -57.76
N GLY IB 116 48.09 63.88 -57.66
CA GLY IB 116 48.88 62.82 -58.30
C GLY IB 116 48.59 61.46 -57.68
N ALA IB 117 48.46 61.41 -56.35
CA ALA IB 117 48.13 60.16 -55.69
C ALA IB 117 46.74 59.67 -56.09
N SER IB 118 45.77 60.58 -56.20
CA SER IB 118 44.44 60.19 -56.65
C SER IB 118 44.47 59.66 -58.08
N VAL IB 119 45.24 60.31 -58.95
CA VAL IB 119 45.36 59.84 -60.33
C VAL IB 119 46.01 58.47 -60.39
N ASP IB 120 47.05 58.24 -59.57
CA ASP IB 120 47.69 56.93 -59.55
C ASP IB 120 46.74 55.86 -59.03
N VAL IB 121 45.95 56.19 -58.01
CA VAL IB 121 44.97 55.24 -57.49
C VAL IB 121 43.91 54.92 -58.53
N ASP IB 122 43.44 55.94 -59.26
CA ASP IB 122 42.46 55.70 -60.31
C ASP IB 122 43.04 54.83 -61.43
N VAL IB 123 44.30 55.09 -61.81
CA VAL IB 123 44.94 54.27 -62.84
C VAL IB 123 45.09 52.83 -62.37
N ARG IB 124 45.47 52.63 -61.10
CA ARG IB 124 45.60 51.28 -60.58
C ARG IB 124 44.25 50.56 -60.54
N ASP IB 125 43.19 51.27 -60.14
CA ASP IB 125 41.86 50.68 -60.12
C ASP IB 125 41.40 50.31 -61.52
N GLN IB 126 41.66 51.18 -62.50
CA GLN IB 126 41.30 50.87 -63.88
C GLN IB 126 42.07 49.67 -64.40
N VAL IB 127 43.37 49.59 -64.08
CA VAL IB 127 44.16 48.44 -64.51
C VAL IB 127 43.66 47.15 -63.87
N LEU IB 128 43.31 47.19 -62.59
CA LEU IB 128 42.77 46.00 -61.93
C LEU IB 128 41.44 45.59 -62.54
N GLU IB 129 40.58 46.57 -62.84
CA GLU IB 129 39.30 46.25 -63.47
C GLU IB 129 39.50 45.63 -64.85
N ASP IB 130 40.45 46.17 -65.63
CA ASP IB 130 40.74 45.61 -66.94
C ASP IB 130 41.29 44.19 -66.82
N GLN IB 131 42.16 43.95 -65.84
CA GLN IB 131 42.70 42.61 -65.64
C GLN IB 131 41.59 41.63 -65.26
N ARG IB 132 40.67 42.06 -64.38
CA ARG IB 132 39.55 41.20 -64.02
C ARG IB 132 38.65 40.91 -65.23
N GLN IB 133 38.41 41.93 -66.06
CA GLN IB 133 37.57 41.74 -67.23
C GLN IB 133 38.21 40.78 -68.22
N LYS IB 134 39.53 40.90 -68.43
CA LYS IB 134 40.20 40.00 -69.36
C LYS IB 134 40.37 38.60 -68.78
N HIS IB 135 40.41 38.46 -67.46
CA HIS IB 135 40.44 37.15 -66.84
C HIS IB 135 39.06 36.50 -66.72
N SER IB 136 37.99 37.27 -66.89
CA SER IB 136 36.65 36.72 -66.81
C SER IB 136 36.43 35.73 -67.95
N PRO IB 137 35.90 34.54 -67.68
CA PRO IB 137 35.71 33.55 -68.74
C PRO IB 137 34.68 33.99 -69.77
N ASP IB 138 34.88 33.52 -71.00
CA ASP IB 138 33.96 33.82 -72.08
C ASP IB 138 32.65 33.05 -71.88
N PRO IB 139 31.50 33.71 -71.81
CA PRO IB 139 30.24 32.97 -71.65
C PRO IB 139 29.97 31.98 -72.78
N ARG IB 140 30.37 32.30 -74.01
CA ARG IB 140 30.12 31.42 -75.14
C ARG IB 140 30.91 30.12 -75.08
N ARG IB 141 31.99 30.07 -74.30
CA ARG IB 141 32.77 28.84 -74.18
C ARG IB 141 32.10 27.81 -73.28
N GLY IB 142 31.27 28.24 -72.34
CA GLY IB 142 30.56 27.31 -71.48
C GLY IB 142 31.42 26.52 -70.53
N GLY IB 143 32.45 27.15 -69.96
CA GLY IB 143 33.29 26.52 -68.98
C GLY IB 143 34.49 25.77 -69.52
N VAL IB 144 34.59 25.61 -70.83
CA VAL IB 144 35.75 24.94 -71.42
C VAL IB 144 36.97 25.85 -71.29
N PRO IB 145 38.09 25.35 -70.79
CA PRO IB 145 39.26 26.21 -70.60
C PRO IB 145 39.76 26.79 -71.92
N GLY IB 146 40.18 28.05 -71.86
CA GLY IB 146 40.74 28.73 -73.02
C GLY IB 146 42.24 28.63 -73.17
N TRP IB 147 42.92 27.89 -72.29
CA TRP IB 147 44.37 27.78 -72.38
C TRP IB 147 44.79 26.93 -73.56
N PHE IB 148 44.14 25.78 -73.75
CA PHE IB 148 44.50 24.89 -74.84
C PHE IB 148 44.25 25.56 -76.19
N GLY IB 149 45.15 25.30 -77.15
CA GLY IB 149 44.96 25.81 -78.49
C GLY IB 149 43.79 25.14 -79.18
N LEU IB 150 43.96 23.85 -79.50
CA LEU IB 150 42.88 23.05 -80.07
C LEU IB 150 42.97 21.60 -79.61
MG MG JB . 3.19 -23.41 34.21
MG MG KB . 3.78 -86.38 62.58
MG MG LB . 31.90 62.45 -6.23
MG MG MB . 53.55 -27.45 12.44
MG MG NB . -12.00 -17.30 1.25
ZN ZN OB . -43.72 -53.65 -14.60
ZN ZN PB . -59.52 -23.43 2.89
MG MG QB . 21.85 6.77 -12.51
MG MG RB . 15.23 -35.77 -14.37
MG MG SB . -0.92 7.21 3.88
MG MG TB . 3.28 -5.40 4.38
MG MG UB . -34.38 42.26 -13.86
MG MG VB . 2.01 30.95 21.47
MG MG WB . -2.52 27.97 20.09
MG MG XB . 0.74 35.57 23.94
MG MG YB . -10.74 -11.83 -4.05
MG MG ZB . -5.61 -3.61 15.88
MG MG AC . -0.66 -3.14 7.40
MG MG BC . -4.52 40.15 6.25
MG MG CC . 27.41 15.47 6.43
MG MG DC . 27.40 8.07 7.68
MG MG EC . 9.71 14.08 8.40
MG MG FC . 2.86 16.56 16.16
MG MG GC . -17.09 11.57 -1.00
MG MG HC . -11.71 13.96 -8.64
MG MG IC . -3.85 0.62 -29.78
MG MG JC . -11.41 -5.70 -11.62
MG MG KC . -37.77 46.68 -14.10
MG MG LC . 8.04 2.57 1.66
MG MG MC . 5.19 7.64 -6.18
MG MG NC . 14.87 1.04 -6.17
MG MG OC . 9.39 8.17 -10.92
MG MG PC . 8.02 3.36 0.76
MG MG QC . -20.28 47.96 14.98
MG MG RC . -20.66 44.45 0.30
MG MG SC . -29.37 50.97 2.46
MG MG TC . 29.49 17.91 30.12
MG MG UC . -1.64 31.44 -27.15
MG MG VC . 2.85 29.78 -34.32
MG MG WC . 14.15 19.58 -20.16
MG MG XC . -2.38 -14.79 10.19
MG MG YC . -0.29 -10.10 12.03
MG MG ZC . 5.33 -7.93 11.04
MG MG AD . 16.45 -0.94 16.94
MG MG BD . 14.80 -8.38 14.54
MG MG CD . 16.78 -6.32 10.27
MG MG DD . -15.77 -9.17 12.81
MG MG ED . 40.27 20.01 -14.05
MG MG FD . 12.50 13.39 -12.90
MG MG GD . -8.40 51.75 15.51
MG MG HD . -9.98 48.91 20.32
MG MG ID . 26.33 3.40 17.29
MG MG JD . 36.66 1.36 -9.63
MG MG KD . -12.24 0.60 -16.05
MG MG LD . -11.25 39.74 9.18
MG MG MD . -27.05 30.98 -12.93
MG MG ND . 9.91 20.28 -30.35
MG MG OD . 14.37 22.14 -24.20
MG MG PD . 19.66 -2.23 1.04
MG MG QD . -1.01 20.26 -25.38
MG MG RD . 15.63 1.00 21.79
MG MG SD . 0.05 37.98 7.94
MG MG TD . -7.77 -12.81 -22.77
MG MG UD . 23.08 7.62 -33.92
MG MG VD . -10.72 1.02 7.98
MG MG WD . 0.23 -10.74 -31.38
MG MG XD . 0.14 11.91 -6.27
MG MG YD . -9.28 24.02 -7.70
MG MG ZD . -10.38 40.80 46.38
MG MG AE . 21.73 -33.42 29.19
MG MG BE . -0.44 -20.67 -15.84
MG MG CE . 21.74 -5.34 -8.41
MG MG DE . 19.41 -3.23 31.47
MG MG EE . -19.77 37.90 -17.51
MG MG FE . -14.59 59.15 25.09
MG MG GE . 12.52 38.45 -9.07
MG MG HE . -4.34 -1.03 22.71
MG MG IE . 8.49 9.57 5.31
MG MG JE . 35.45 72.05 -13.20
MG MG KE . -16.10 17.57 -0.90
MG MG LE . 18.13 35.07 6.72
MG MG ME . 23.21 -25.86 -6.54
MG MG NE . 18.92 10.28 23.36
MG MG OE . 6.62 -25.57 10.93
MG MG PE . 8.73 6.82 27.67
MG MG QE . 0.31 3.72 33.05
MG MG RE . 39.93 15.51 -7.95
MG MG SE . -77.26 13.56 0.36
MG MG TE . 27.36 8.12 23.15
MG MG UE . 2.71 45.80 9.85
MG MG VE . 3.60 -36.61 -23.08
MG MG WE . 27.49 3.74 -18.12
MG MG XE . 28.64 0.69 32.05
MG MG YE . 6.40 1.79 23.76
MG MG ZE . 30.02 -41.18 52.77
MG MG AF . -17.36 33.87 -24.51
MG MG BF . -11.89 31.19 -3.08
MG MG CF . -35.50 5.73 -10.72
MG MG DF . -0.81 0.96 -14.81
MG MG EF . 6.06 0.60 -9.69
MG MG FF . -63.75 -34.37 -17.15
MG MG GF . -2.82 -3.07 -5.55
MG MG HF . -30.17 9.00 -11.69
MG MG IF . 3.98 7.68 -6.02
MG MG JF . 10.76 14.03 -8.46
MG MG KF . -31.85 27.75 0.52
MG MG LF . -11.00 54.68 42.99
MG MG MF . 1.58 -12.87 -8.95
MG MG NF . -13.13 49.53 35.75
MG MG OF . -32.28 32.35 3.37
MG MG PF . -41.95 22.10 -24.83
MG MG QF . 29.72 23.03 9.00
MG MG RF . -11.34 8.36 0.29
MG MG SF . 36.34 20.32 4.48
MG MG TF . 27.25 52.14 -28.95
MG MG UF . -40.28 -6.69 -6.74
MG MG VF . -5.03 70.16 6.74
MG MG WF . 23.87 51.39 11.60
MG MG XF . 16.25 -16.24 34.05
MG MG YF . -7.53 1.74 -1.87
MG MG ZF . -22.05 25.48 29.03
MG MG AG . -49.55 2.52 -6.58
MG MG BG . 14.47 -32.57 -22.50
MG MG CG . -19.68 23.84 -52.18
MG MG DG . -24.83 46.94 -14.29
MG MG EG . -6.41 10.52 -6.95
MG MG FG . -6.33 44.79 27.09
MG MG GG . 6.26 49.11 16.92
MG MG HG . 25.49 62.48 -7.73
MG MG IG . 0.29 43.56 30.70
MG MG JG . -14.61 29.21 39.82
MG MG KG . -13.85 29.39 13.22
MG MG LG . 38.37 16.26 22.87
MG MG MG . -5.14 37.28 41.88
MG MG NG . -7.86 31.17 -6.49
MG MG OG . -30.57 39.19 35.55
MG MG PG . -46.53 36.66 14.01
MG MG QG . -8.13 63.53 13.20
MG MG RG . -11.46 58.04 6.01
MG MG SG . 26.37 17.54 24.60
MG MG TG . 19.17 51.90 9.79
MG MG UG . -25.59 48.61 2.77
MG MG VG . -22.57 48.74 6.15
MG MG WG . 29.66 42.25 -5.65
MG MG XG . 9.24 -50.86 21.51
MG MG YG . 49.10 -14.33 12.00
MG MG ZG . -6.61 16.47 -26.61
MG MG AH . 63.31 5.64 27.34
MG MG BH . -12.30 33.91 36.50
MG MG CH . -1.07 41.80 -31.30
MG MG DH . -7.94 42.41 -32.67
MG MG EH . 0.98 47.85 -28.93
MG MG FH . 20.28 -48.05 18.30
MG MG GH . -8.96 22.29 -18.23
MG MG HH . 19.42 39.21 -2.93
MG MG IH . -12.59 58.09 11.87
MG MG JH . -36.62 1.11 -37.31
MG MG KH . 8.50 -20.30 30.06
MG MG LH . -9.28 13.23 -15.69
MG MG MH . 37.14 21.79 -10.93
MG MG NH . 14.99 -8.07 32.87
MG MG OH . 23.26 13.82 21.73
MG MG PH . 22.68 9.83 22.05
MG MG QH . 40.36 -7.71 -0.55
MG MG RH . 1.75 33.48 54.93
MG MG SH . 1.97 32.88 59.29
MG MG TH . 15.26 19.74 42.87
MG MG UH . 11.12 -32.39 -8.07
MG MG VH . 24.14 48.13 -12.67
MG MG WH . 22.22 65.60 -16.65
MG MG XH . 16.35 39.37 -32.88
MG MG YH . -18.62 3.84 4.90
MG MG ZH . -14.97 4.92 10.39
MG MG AI . -11.76 46.81 14.17
MG MG BI . 39.86 4.89 42.39
MG MG CI . -4.47 47.54 -3.89
MG MG DI . -30.98 39.57 -23.39
MG MG EI . -19.86 -15.13 -23.89
MG MG FI . 16.94 21.55 28.16
MG MG GI . 16.50 23.58 31.10
MG MG HI . 47.85 -11.52 -15.48
MG MG II . -8.33 -9.59 -21.45
MG MG JI . 12.66 -22.44 1.39
MG MG KI . 20.11 -40.81 -20.65
MG MG LI . -68.58 -41.76 7.38
MG MG MI . -7.49 54.43 -2.51
MG MG NI . -64.53 -24.40 -12.36
MG MG OI . -7.49 47.40 12.36
MG MG PI . 27.38 0.49 31.90
MG MG QI . -19.04 -0.59 1.43
MG MG RI . 17.23 37.43 23.85
MG MG SI . 21.54 25.01 24.22
MG MG TI . -16.60 46.00 -10.35
MG MG UI . -39.91 -10.09 -2.10
MG MG VI . -23.58 -13.39 5.99
MG MG WI . -75.85 -52.50 17.99
MG MG XI . -57.71 -15.59 22.11
MG MG YI . 40.99 81.45 -6.34
MG MG ZI . -63.42 9.15 -13.96
MG MG AJ . 14.77 -3.77 32.57
MG MG BJ . 1.84 -3.35 -3.33
MG MG CJ . 35.86 -13.24 1.38
MG MG DJ . 1.21 16.62 6.98
MG MG EJ . 14.34 -10.14 4.14
MG MG FJ . 26.33 -16.91 15.82
MG MG GJ . -13.13 28.12 8.50
MG MG HJ . -30.40 34.17 8.28
MG MG IJ . -5.60 41.23 31.22
MG MG JJ . -80.31 7.55 -1.32
MG MG KJ . -27.55 23.81 34.93
MG MG LJ . -36.54 13.88 49.32
MG MG MJ . -5.18 27.96 38.94
P 5GP NJ . 24.56 5.46 49.27
O1P 5GP NJ . 24.46 6.93 49.57
O2P 5GP NJ . 25.20 4.64 50.37
O3P 5GP NJ . 23.31 4.85 48.69
O5' 5GP NJ . 25.61 5.36 48.08
C5' 5GP NJ . 26.13 4.11 47.66
C4' 5GP NJ . 26.38 4.10 46.17
O4' 5GP NJ . 27.07 2.86 45.81
C3' 5GP NJ . 25.13 4.15 45.29
O3' 5GP NJ . 25.41 4.89 44.10
C2' 5GP NJ . 24.90 2.69 44.94
O2' 5GP NJ . 24.16 2.47 43.76
C1' 5GP NJ . 26.33 2.18 44.81
N9 5GP NJ . 26.49 0.73 45.02
C8 5GP NJ . 27.25 -0.06 44.25
N7 5GP NJ . 27.18 -1.32 44.71
C5 5GP NJ . 26.36 -1.32 45.79
C6 5GP NJ . 25.94 -2.30 46.65
O6 5GP NJ . 26.32 -3.49 46.50
N1 5GP NJ . 25.11 -1.99 47.66
C2 5GP NJ . 24.69 -0.74 47.84
N2 5GP NJ . 23.86 -0.45 48.86
N3 5GP NJ . 25.10 0.26 47.00
C4 5GP NJ . 25.94 -0.02 45.98
P 5GP OJ . 12.59 -16.75 -1.27
O1P 5GP OJ . 13.37 -17.64 -0.33
O2P 5GP OJ . 13.36 -16.37 -2.51
O3P 5GP OJ . 11.16 -17.18 -1.51
O5' 5GP OJ . 12.45 -15.37 -0.48
C5' 5GP OJ . 13.58 -14.50 -0.34
C4' 5GP OJ . 13.56 -13.78 0.98
O4' 5GP OJ . 13.34 -14.73 2.05
C3' 5GP OJ . 14.86 -13.05 1.33
O3' 5GP OJ . 14.57 -11.90 2.11
C2' 5GP OJ . 15.60 -14.08 2.17
O2' 5GP OJ . 16.57 -13.54 3.04
C1' 5GP OJ . 14.44 -14.72 2.94
N9 5GP OJ . 14.70 -16.10 3.34
C8 5GP OJ . 14.68 -17.17 2.53
N7 5GP OJ . 14.94 -18.28 3.25
C5 5GP OJ . 15.11 -17.89 4.53
C6 5GP OJ . 15.39 -18.60 5.69
O6 5GP OJ . 15.55 -19.84 5.66
N1 5GP OJ . 15.51 -17.93 6.85
C2 5GP OJ . 15.35 -16.61 6.89
N2 5GP OJ . 15.47 -15.96 8.08
N3 5GP OJ . 15.07 -15.90 5.78
C4 5GP OJ . 14.94 -16.52 4.59
N1 SPM PJ . 6.96 35.77 -16.05
C2 SPM PJ . 7.70 35.58 -17.30
C3 SPM PJ . 8.87 36.55 -17.39
C4 SPM PJ . 8.35 37.98 -17.50
N5 SPM PJ . 9.46 38.94 -17.60
C6 SPM PJ . 10.08 38.84 -18.92
C7 SPM PJ . 9.41 39.81 -19.91
C8 SPM PJ . 10.25 39.88 -21.18
C9 SPM PJ . 11.63 40.47 -20.86
N10 SPM PJ . 12.70 39.61 -21.38
C11 SPM PJ . 14.00 40.24 -21.17
C12 SPM PJ . 15.13 39.26 -21.41
C13 SPM PJ . 16.48 39.97 -21.23
N14 SPM PJ . 17.59 39.01 -21.23
N1 SPM QJ . -20.30 36.00 -39.73
C2 SPM QJ . -20.96 37.31 -39.81
C3 SPM QJ . -19.94 38.44 -39.70
C4 SPM QJ . -19.36 38.75 -41.09
N5 SPM QJ . -18.33 39.79 -41.01
C6 SPM QJ . -17.67 39.94 -42.32
C7 SPM QJ . -18.51 40.81 -43.25
C8 SPM QJ . -18.12 40.52 -44.70
C9 SPM QJ . -18.80 41.52 -45.64
N10 SPM QJ . -20.10 41.96 -45.08
C11 SPM QJ . -20.98 42.41 -46.17
C12 SPM QJ . -21.42 41.22 -47.03
C13 SPM QJ . -22.30 41.72 -48.18
N14 SPM QJ . -22.76 40.60 -49.01
MG MG RJ . 10.96 -31.71 -6.98
ZN ZN SJ . 3.59 41.42 -64.08
PG GNP TJ . -85.42 14.23 2.89
O1G GNP TJ . -84.05 14.23 3.46
O2G GNP TJ . -86.14 15.53 3.23
O3G GNP TJ . -86.21 13.02 3.47
N3B GNP TJ . -85.34 14.06 1.18
PB GNP TJ . -86.70 14.20 0.29
O1B GNP TJ . -87.62 13.06 0.60
O2B GNP TJ . -87.38 15.50 0.62
O3A GNP TJ . -86.31 14.19 -1.31
PA GNP TJ . -85.95 15.50 -2.12
O1A GNP TJ . -87.24 16.01 -2.77
O2A GNP TJ . -85.22 16.48 -1.28
O5' GNP TJ . -85.01 14.96 -3.26
C5' GNP TJ . -83.92 14.06 -2.97
C4' GNP TJ . -83.20 13.71 -4.25
O4' GNP TJ . -84.04 12.87 -5.07
C3' GNP TJ . -82.81 14.91 -5.14
O3' GNP TJ . -81.49 14.74 -5.65
C2' GNP TJ . -83.86 14.89 -6.25
O2' GNP TJ . -83.34 15.42 -7.47
C1' GNP TJ . -84.11 13.39 -6.39
N9 GNP TJ . -85.44 13.06 -6.95
C8 GNP TJ . -86.66 13.40 -6.44
N7 GNP TJ . -87.66 12.96 -7.16
C5 GNP TJ . -87.06 12.31 -8.21
C6 GNP TJ . -87.62 11.62 -9.35
O6 GNP TJ . -88.80 11.47 -9.63
N1 GNP TJ . -86.63 11.10 -10.18
C2 GNP TJ . -85.29 11.21 -9.96
N2 GNP TJ . -84.49 10.63 -10.87
N3 GNP TJ . -84.75 11.84 -8.93
C4 GNP TJ . -85.68 12.36 -8.10
MG MG UJ . -87.04 16.93 2.04
MG MG VJ . 8.65 71.30 34.25
MG MG WJ . 13.28 64.75 31.80
MG MG XJ . 2.53 50.97 33.80
MG MG YJ . -33.67 -27.18 13.94
MG MG ZJ . -15.52 34.33 -11.37
MG MG AK . -6.04 -24.11 12.54
MG MG BK . 62.04 -17.60 27.92
MG MG CK . 25.83 -11.96 -3.63
MG MG DK . -24.10 29.38 -37.76
#